data_6ZV1
#
_entry.id   6ZV1
#
_entity_poly.entity_id   1
_entity_poly.type   'polypeptide(L)'
_entity_poly.pdbx_seq_one_letter_code
;SNAASGTFISDADDVVSAMIVKMNEAAEEDRQLNNQKKPALKKLTLLPAVVMHLKKQDLKETFIDSGVMSAIKEWLSPLP
DRSLPALKIREELLKILQELPSVSQETLKHSGIGRAVMYLYKHPKESRSNKDMAGKLINEWSRPIFGLGS
;
_entity_poly.pdbx_strand_id   A
#
# COMPACT_ATOMS: atom_id res chain seq x y z
N SER A 1 -10.59 -11.41 -32.34
CA SER A 1 -11.60 -10.94 -31.35
C SER A 1 -12.31 -12.11 -30.73
N ASN A 2 -12.80 -11.93 -29.51
CA ASN A 2 -13.50 -12.97 -28.76
C ASN A 2 -14.78 -12.35 -28.22
N ALA A 3 -15.56 -13.15 -27.51
CA ALA A 3 -16.82 -12.70 -26.92
C ALA A 3 -16.98 -13.55 -25.65
N ALA A 4 -17.87 -13.15 -24.76
CA ALA A 4 -18.09 -13.90 -23.53
C ALA A 4 -18.79 -15.23 -23.84
N SER A 5 -18.24 -16.30 -23.29
CA SER A 5 -18.80 -17.65 -23.43
C SER A 5 -18.52 -18.36 -22.12
N GLY A 6 -18.37 -17.55 -21.08
CA GLY A 6 -17.98 -18.02 -19.77
C GLY A 6 -17.37 -16.79 -19.12
N THR A 7 -16.53 -16.96 -18.11
CA THR A 7 -15.86 -15.84 -17.46
C THR A 7 -15.05 -15.05 -18.49
N PHE A 8 -15.27 -13.76 -18.56
CA PHE A 8 -14.58 -12.88 -19.52
C PHE A 8 -13.53 -12.05 -18.83
N ILE A 9 -13.50 -12.15 -17.51
CA ILE A 9 -12.53 -11.41 -16.70
C ILE A 9 -11.16 -12.02 -16.94
N SER A 10 -10.31 -11.25 -17.60
CA SER A 10 -8.92 -11.65 -17.85
C SER A 10 -8.05 -10.40 -17.97
N ASP A 11 -8.41 -9.52 -18.91
CA ASP A 11 -7.66 -8.28 -19.13
C ASP A 11 -7.55 -7.45 -17.85
N ALA A 12 -8.65 -7.40 -17.10
CA ALA A 12 -8.68 -6.62 -15.87
C ALA A 12 -7.73 -7.20 -14.82
N ASP A 13 -7.65 -8.52 -14.77
CA ASP A 13 -6.83 -9.21 -13.77
C ASP A 13 -5.35 -8.99 -14.07
N ASP A 14 -5.00 -9.08 -15.34
CA ASP A 14 -3.63 -8.85 -15.78
C ASP A 14 -3.20 -7.43 -15.42
N VAL A 15 -4.08 -6.47 -15.60
CA VAL A 15 -3.78 -5.07 -15.28
C VAL A 15 -3.58 -4.88 -13.78
N VAL A 16 -4.41 -5.52 -12.95
CA VAL A 16 -4.25 -5.40 -11.51
C VAL A 16 -2.92 -6.02 -11.09
N SER A 17 -2.62 -7.19 -11.63
CA SER A 17 -1.36 -7.86 -11.28
C SER A 17 -0.18 -7.01 -11.73
N ALA A 18 -0.26 -6.45 -12.93
CA ALA A 18 0.78 -5.56 -13.45
C ALA A 18 0.92 -4.31 -12.59
N MET A 19 -0.18 -3.83 -12.02
CA MET A 19 -0.12 -2.66 -11.13
C MET A 19 0.67 -3.00 -9.87
N ILE A 20 0.39 -4.14 -9.26
CA ILE A 20 1.15 -4.59 -8.09
C ILE A 20 2.63 -4.63 -8.43
N VAL A 21 2.94 -5.19 -9.59
CA VAL A 21 4.33 -5.29 -10.03
C VAL A 21 4.91 -3.90 -10.19
N LYS A 22 4.24 -3.00 -10.89
CA LYS A 22 4.77 -1.66 -11.13
C LYS A 22 4.99 -0.88 -9.84
N MET A 23 4.10 -1.07 -8.88
CA MET A 23 4.28 -0.47 -7.57
C MET A 23 5.57 -1.01 -6.94
N ASN A 24 5.80 -2.31 -7.04
CA ASN A 24 7.03 -2.91 -6.52
C ASN A 24 8.27 -2.36 -7.20
N GLU A 25 8.23 -2.26 -8.53
CA GLU A 25 9.38 -1.75 -9.27
C GLU A 25 9.70 -0.32 -8.86
N ALA A 26 8.68 0.50 -8.68
CA ALA A 26 8.89 1.89 -8.26
C ALA A 26 9.49 1.94 -6.85
N ALA A 27 9.12 0.99 -6.00
CA ALA A 27 9.65 0.95 -4.65
C ALA A 27 11.13 0.58 -4.69
N GLU A 28 11.47 -0.38 -5.54
CA GLU A 28 12.87 -0.81 -5.69
C GLU A 28 13.71 0.25 -6.40
N GLU A 29 13.13 0.93 -7.37
CA GLU A 29 13.84 1.98 -8.09
C GLU A 29 14.25 3.07 -7.11
N ASP A 30 13.38 3.42 -6.19
CA ASP A 30 13.70 4.44 -5.20
C ASP A 30 14.93 4.02 -4.38
N ARG A 31 15.10 2.72 -4.15
CA ARG A 31 16.28 2.23 -3.41
C ARG A 31 17.54 2.47 -4.24
N GLN A 32 17.45 2.29 -5.55
CA GLN A 32 18.61 2.43 -6.43
C GLN A 32 18.96 3.89 -6.58
N LEU A 33 17.94 4.70 -6.70
CA LEU A 33 18.12 6.15 -6.83
C LEU A 33 18.81 6.66 -5.58
N ASN A 34 18.34 6.26 -4.41
CA ASN A 34 18.99 6.58 -3.16
C ASN A 34 20.41 6.04 -3.04
N ASN A 35 20.70 4.93 -3.70
CA ASN A 35 22.03 4.32 -3.66
C ASN A 35 23.00 5.25 -4.35
N GLN A 36 22.50 5.95 -5.35
CA GLN A 36 23.28 6.92 -6.11
C GLN A 36 23.12 8.34 -5.57
N LYS A 37 22.41 8.45 -4.44
CA LYS A 37 22.13 9.74 -3.77
C LYS A 37 21.40 10.71 -4.69
N LYS A 38 20.57 10.18 -5.57
CA LYS A 38 19.75 10.98 -6.47
C LYS A 38 18.36 11.03 -5.86
N PRO A 39 17.57 12.07 -6.18
CA PRO A 39 16.21 12.09 -5.62
C PRO A 39 15.42 10.85 -6.04
N ALA A 40 14.73 10.26 -5.09
CA ALA A 40 13.95 9.06 -5.35
C ALA A 40 12.47 9.42 -5.18
N LEU A 41 11.74 9.39 -6.29
CA LEU A 41 10.35 9.83 -6.32
C LEU A 41 9.48 8.98 -7.24
N LYS A 42 9.89 7.75 -7.51
CA LYS A 42 9.12 6.91 -8.44
C LYS A 42 7.75 6.58 -7.88
N LYS A 43 7.65 6.40 -6.58
CA LYS A 43 6.34 6.18 -5.95
C LYS A 43 5.45 7.41 -6.15
N LEU A 44 6.04 8.60 -6.20
CA LEU A 44 5.28 9.84 -6.36
C LEU A 44 4.77 10.05 -7.78
N THR A 45 5.60 9.78 -8.78
CA THR A 45 5.17 9.94 -10.17
C THR A 45 4.10 8.91 -10.52
N LEU A 46 4.12 7.80 -9.81
CA LEU A 46 3.21 6.69 -10.04
C LEU A 46 1.95 6.85 -9.17
N LEU A 47 2.00 7.74 -8.19
CA LEU A 47 0.88 7.95 -7.26
C LEU A 47 -0.48 8.23 -7.92
N PRO A 48 -0.59 9.21 -8.84
CA PRO A 48 -1.94 9.37 -9.36
C PRO A 48 -2.36 8.22 -10.27
N ALA A 49 -1.37 7.53 -10.83
CA ALA A 49 -1.61 6.43 -11.71
C ALA A 49 -2.12 5.22 -10.92
N VAL A 50 -1.56 4.97 -9.74
CA VAL A 50 -2.05 3.85 -8.93
C VAL A 50 -3.45 4.15 -8.42
N VAL A 51 -3.70 5.37 -7.96
CA VAL A 51 -5.00 5.73 -7.36
C VAL A 51 -6.15 5.40 -8.32
N MET A 52 -5.96 5.71 -9.59
CA MET A 52 -6.98 5.43 -10.60
C MET A 52 -7.33 3.93 -10.64
N HIS A 53 -6.32 3.09 -10.49
CA HIS A 53 -6.51 1.64 -10.47
C HIS A 53 -6.92 1.11 -9.10
N LEU A 54 -6.37 1.67 -8.03
CA LEU A 54 -6.63 1.19 -6.67
C LEU A 54 -8.09 1.43 -6.30
N LYS A 55 -8.73 2.42 -6.93
CA LYS A 55 -10.14 2.69 -6.69
C LYS A 55 -11.10 1.72 -7.39
N LYS A 56 -10.57 0.74 -8.10
CA LYS A 56 -11.42 -0.26 -8.75
C LYS A 56 -11.85 -1.29 -7.71
N GLN A 57 -12.80 -0.87 -6.86
CA GLN A 57 -13.33 -1.71 -5.78
C GLN A 57 -13.99 -2.97 -6.34
N ASP A 58 -14.37 -2.94 -7.60
CA ASP A 58 -14.95 -4.11 -8.26
C ASP A 58 -13.94 -5.26 -8.31
N LEU A 59 -12.67 -4.90 -8.47
CA LEU A 59 -11.58 -5.88 -8.65
C LEU A 59 -10.88 -6.12 -7.32
N LYS A 60 -11.60 -5.85 -6.25
CA LYS A 60 -11.12 -6.06 -4.88
C LYS A 60 -10.47 -7.42 -4.66
N GLU A 61 -11.03 -8.46 -5.27
CA GLU A 61 -10.52 -9.82 -5.09
C GLU A 61 -9.11 -9.95 -5.64
N THR A 62 -8.89 -9.52 -6.88
CA THR A 62 -7.56 -9.63 -7.47
C THR A 62 -6.57 -8.77 -6.70
N PHE A 63 -6.98 -7.57 -6.32
CA PHE A 63 -6.06 -6.68 -5.59
C PHE A 63 -5.56 -7.30 -4.29
N ILE A 64 -6.45 -7.94 -3.57
CA ILE A 64 -6.09 -8.55 -2.30
C ILE A 64 -5.20 -9.78 -2.56
N ASP A 65 -5.57 -10.62 -3.52
CA ASP A 65 -4.81 -11.85 -3.81
C ASP A 65 -3.43 -11.58 -4.42
N SER A 66 -3.34 -10.61 -5.31
CA SER A 66 -2.06 -10.23 -5.94
C SER A 66 -1.11 -9.59 -4.92
N GLY A 67 -1.61 -9.32 -3.72
CA GLY A 67 -0.76 -8.78 -2.69
C GLY A 67 -0.54 -7.29 -2.74
N VAL A 68 -1.55 -6.52 -3.12
CA VAL A 68 -1.42 -5.05 -3.15
C VAL A 68 -1.02 -4.55 -1.78
N MET A 69 -1.44 -5.24 -0.74
CA MET A 69 -1.12 -4.88 0.62
C MET A 69 0.39 -4.85 0.86
N SER A 70 1.11 -5.72 0.17
CA SER A 70 2.56 -5.81 0.29
C SER A 70 3.21 -4.68 -0.48
N ALA A 71 2.66 -4.36 -1.64
CA ALA A 71 3.20 -3.29 -2.45
C ALA A 71 2.98 -1.93 -1.76
N ILE A 72 1.79 -1.73 -1.17
CA ILE A 72 1.50 -0.50 -0.43
C ILE A 72 2.44 -0.42 0.78
N LYS A 73 2.68 -1.56 1.43
CA LYS A 73 3.57 -1.62 2.59
C LYS A 73 4.97 -1.11 2.22
N GLU A 74 5.48 -1.48 1.05
CA GLU A 74 6.79 -0.97 0.64
C GLU A 74 6.75 0.49 0.27
N TRP A 75 5.63 0.99 -0.21
CA TRP A 75 5.52 2.40 -0.53
C TRP A 75 5.60 3.23 0.74
N LEU A 76 5.03 2.72 1.82
CA LEU A 76 5.10 3.36 3.13
C LEU A 76 6.50 3.28 3.73
N SER A 77 7.28 2.30 3.30
CA SER A 77 8.64 2.09 3.80
C SER A 77 9.63 3.10 3.23
N PRO A 78 10.24 3.95 4.08
CA PRO A 78 11.17 4.95 3.55
C PRO A 78 12.59 4.44 3.33
N LEU A 79 13.42 5.30 2.79
CA LEU A 79 14.82 5.01 2.55
C LEU A 79 15.58 5.09 3.89
N PRO A 80 16.80 4.50 3.97
CA PRO A 80 17.62 4.57 5.21
C PRO A 80 17.97 5.98 5.67
N ASP A 81 17.68 6.96 4.83
CA ASP A 81 17.89 8.38 5.13
C ASP A 81 16.89 8.87 6.19
N ARG A 82 15.82 8.10 6.38
CA ARG A 82 14.74 8.35 7.36
C ARG A 82 13.86 9.54 7.04
N SER A 83 14.08 10.18 5.90
CA SER A 83 13.21 11.23 5.45
C SER A 83 12.02 10.51 4.89
N LEU A 84 10.87 11.12 5.01
CA LEU A 84 9.62 10.51 4.56
C LEU A 84 8.94 11.30 3.43
N PRO A 85 9.53 11.29 2.21
CA PRO A 85 8.83 12.01 1.13
C PRO A 85 7.56 11.26 0.70
N ALA A 86 7.43 10.04 1.21
CA ALA A 86 6.28 9.20 0.99
C ALA A 86 5.01 9.79 1.61
N LEU A 87 5.15 10.84 2.41
CA LEU A 87 4.00 11.48 3.04
C LEU A 87 2.93 11.84 2.01
N LYS A 88 3.31 12.53 0.95
CA LYS A 88 2.35 12.98 -0.08
C LYS A 88 1.57 11.83 -0.70
N ILE A 89 2.24 10.70 -0.82
CA ILE A 89 1.67 9.50 -1.42
C ILE A 89 0.76 8.80 -0.41
N ARG A 90 1.20 8.76 0.83
CA ARG A 90 0.45 8.10 1.89
C ARG A 90 -0.89 8.75 2.11
N GLU A 91 -1.02 10.04 1.81
CA GLU A 91 -2.28 10.75 1.99
C GLU A 91 -3.39 10.05 1.20
N GLU A 92 -3.07 9.54 0.02
CA GLU A 92 -4.04 8.77 -0.76
C GLU A 92 -4.07 7.32 -0.29
N LEU A 93 -2.91 6.70 -0.13
CA LEU A 93 -2.83 5.27 0.21
C LEU A 93 -3.56 4.88 1.49
N LEU A 94 -3.54 5.73 2.50
CA LEU A 94 -4.20 5.41 3.78
C LEU A 94 -5.66 5.23 3.55
N LYS A 95 -6.19 6.09 2.70
CA LYS A 95 -7.62 6.09 2.43
C LYS A 95 -8.02 4.82 1.73
N ILE A 96 -7.24 4.43 0.74
CA ILE A 96 -7.50 3.22 -0.04
C ILE A 96 -7.49 1.98 0.85
N LEU A 97 -6.62 1.95 1.84
CA LEU A 97 -6.55 0.82 2.77
C LEU A 97 -7.86 0.65 3.56
N GLN A 98 -8.63 1.72 3.72
CA GLN A 98 -9.90 1.68 4.45
C GLN A 98 -11.05 1.34 3.50
N GLU A 99 -10.77 1.35 2.20
CA GLU A 99 -11.79 1.01 1.20
C GLU A 99 -11.85 -0.49 0.96
N LEU A 100 -10.95 -1.25 1.59
CA LEU A 100 -10.94 -2.69 1.43
C LEU A 100 -12.15 -3.31 2.11
N PRO A 101 -12.74 -4.36 1.50
CA PRO A 101 -13.96 -4.99 2.01
C PRO A 101 -13.80 -5.85 3.28
N SER A 102 -13.24 -7.03 3.11
CA SER A 102 -13.06 -7.97 4.20
C SER A 102 -11.74 -8.70 4.07
N VAL A 103 -10.69 -7.93 3.93
CA VAL A 103 -9.34 -8.48 3.83
C VAL A 103 -9.06 -9.22 5.15
N SER A 104 -8.52 -10.42 5.07
CA SER A 104 -8.28 -11.20 6.28
C SER A 104 -7.16 -10.56 7.08
N GLN A 105 -7.22 -10.72 8.40
CA GLN A 105 -6.20 -10.16 9.28
C GLN A 105 -4.86 -10.80 8.98
N GLU A 106 -4.91 -12.02 8.46
CA GLU A 106 -3.71 -12.75 8.07
C GLU A 106 -3.00 -12.01 6.95
N THR A 107 -3.75 -11.44 6.02
CA THR A 107 -3.14 -10.71 4.90
C THR A 107 -2.43 -9.48 5.45
N LEU A 108 -3.08 -8.74 6.35
CA LEU A 108 -2.48 -7.55 6.94
C LEU A 108 -1.22 -7.92 7.72
N LYS A 109 -1.26 -9.06 8.38
CA LYS A 109 -0.12 -9.56 9.16
C LYS A 109 1.04 -9.99 8.26
N HIS A 110 0.74 -10.77 7.22
CA HIS A 110 1.75 -11.31 6.32
C HIS A 110 2.40 -10.23 5.46
N SER A 111 1.60 -9.31 4.93
CA SER A 111 2.14 -8.23 4.12
C SER A 111 2.94 -7.27 4.99
N GLY A 112 2.58 -7.22 6.26
CA GLY A 112 3.25 -6.33 7.19
C GLY A 112 2.74 -4.91 7.08
N ILE A 113 1.62 -4.72 6.38
CA ILE A 113 1.06 -3.38 6.20
C ILE A 113 0.69 -2.75 7.56
N GLY A 114 0.19 -3.55 8.49
CA GLY A 114 -0.15 -3.02 9.80
C GLY A 114 1.08 -2.47 10.51
N ARG A 115 2.21 -3.14 10.34
CA ARG A 115 3.47 -2.71 10.94
C ARG A 115 3.95 -1.42 10.28
N ALA A 116 3.77 -1.32 8.97
CA ALA A 116 4.19 -0.12 8.24
C ALA A 116 3.35 1.08 8.68
N VAL A 117 2.05 0.89 8.83
CA VAL A 117 1.17 1.95 9.30
C VAL A 117 1.55 2.34 10.72
N MET A 118 1.74 1.36 11.59
CA MET A 118 2.11 1.64 12.98
C MET A 118 3.42 2.42 13.09
N TYR A 119 4.38 2.09 12.23
CA TYR A 119 5.66 2.79 12.24
C TYR A 119 5.46 4.29 12.04
N LEU A 120 4.65 4.64 11.06
CA LEU A 120 4.40 6.04 10.74
C LEU A 120 3.48 6.70 11.77
N TYR A 121 2.56 5.93 12.31
CA TYR A 121 1.64 6.41 13.32
C TYR A 121 2.38 6.85 14.58
N LYS A 122 3.43 6.12 14.93
CA LYS A 122 4.23 6.44 16.11
C LYS A 122 5.42 7.33 15.76
N HIS A 123 5.60 7.65 14.50
CA HIS A 123 6.73 8.46 14.08
C HIS A 123 6.58 9.89 14.63
N PRO A 124 7.61 10.42 15.31
CA PRO A 124 7.44 11.73 15.94
C PRO A 124 7.39 12.91 14.96
N LYS A 125 7.87 12.74 13.74
CA LYS A 125 7.86 13.82 12.75
C LYS A 125 6.52 13.98 12.06
N GLU A 126 5.67 12.98 12.15
CA GLU A 126 4.42 12.99 11.38
C GLU A 126 3.26 13.83 11.93
N SER A 127 2.47 14.36 11.00
CA SER A 127 1.36 15.27 11.33
C SER A 127 0.14 14.54 11.88
N ARG A 128 -0.68 15.23 12.66
CA ARG A 128 -1.87 14.64 13.28
C ARG A 128 -2.88 14.15 12.27
N SER A 129 -3.13 14.91 11.21
CA SER A 129 -4.12 14.54 10.21
C SER A 129 -3.80 13.21 9.53
N ASN A 130 -2.54 13.01 9.18
CA ASN A 130 -2.15 11.77 8.53
C ASN A 130 -2.20 10.62 9.54
N LYS A 131 -1.82 10.92 10.77
CA LYS A 131 -1.86 9.93 11.86
C LYS A 131 -3.27 9.49 12.18
N ASP A 132 -4.26 10.33 11.99
CA ASP A 132 -5.64 9.94 12.30
C ASP A 132 -6.05 8.72 11.50
N MET A 133 -5.83 8.76 10.20
CA MET A 133 -6.22 7.64 9.34
C MET A 133 -5.35 6.44 9.63
N ALA A 134 -4.11 6.69 10.00
CA ALA A 134 -3.21 5.60 10.37
C ALA A 134 -3.73 4.91 11.65
N GLY A 135 -4.24 5.70 12.59
CA GLY A 135 -4.78 5.17 13.82
C GLY A 135 -6.08 4.44 13.57
N LYS A 136 -6.91 5.00 12.69
CA LYS A 136 -8.18 4.35 12.31
C LYS A 136 -7.89 2.98 11.75
N LEU A 137 -6.89 2.88 10.88
CA LEU A 137 -6.51 1.61 10.28
C LEU A 137 -6.14 0.58 11.33
N ILE A 138 -5.31 0.96 12.30
CA ILE A 138 -4.93 0.04 13.38
C ILE A 138 -6.20 -0.39 14.16
N ASN A 139 -7.16 0.50 14.29
CA ASN A 139 -8.41 0.19 14.98
C ASN A 139 -9.31 -0.77 14.20
N GLU A 140 -9.49 -0.51 12.92
CA GLU A 140 -10.40 -1.30 12.09
C GLU A 140 -9.79 -2.63 11.67
N TRP A 141 -8.47 -2.68 11.57
CA TRP A 141 -7.75 -3.92 11.30
C TRP A 141 -7.57 -4.69 12.63
N SER A 142 -8.71 -5.02 13.24
CA SER A 142 -8.81 -5.79 14.50
C SER A 142 -8.19 -5.17 15.76
N ARG A 143 -9.04 -4.56 16.58
CA ARG A 143 -8.60 -4.02 17.88
C ARG A 143 -8.20 -5.23 18.74
N PRO A 144 -7.10 -5.13 19.51
CA PRO A 144 -6.70 -6.32 20.30
C PRO A 144 -7.53 -6.63 21.54
N ILE A 145 -8.35 -5.67 21.99
CA ILE A 145 -9.23 -5.80 23.18
C ILE A 145 -8.70 -6.75 24.28
N PHE A 146 -7.66 -6.32 24.98
CA PHE A 146 -7.06 -7.14 26.02
C PHE A 146 -7.99 -7.32 27.23
N GLY A 147 -8.84 -6.33 27.46
CA GLY A 147 -9.77 -6.38 28.58
C GLY A 147 -9.77 -5.03 29.29
N LEU A 148 -10.37 -4.99 30.47
CA LEU A 148 -10.41 -3.79 31.32
C LEU A 148 -10.93 -2.55 30.56
N GLY A 149 -12.08 -2.69 29.93
CA GLY A 149 -12.70 -1.62 29.20
C GLY A 149 -14.19 -1.84 29.19
N SER A 150 -14.94 -0.95 28.54
CA SER A 150 -16.38 -1.09 28.43
C SER A 150 -16.70 -2.08 27.33
N SER A 1 -16.00 -19.99 -37.67
CA SER A 1 -14.52 -20.10 -37.53
C SER A 1 -14.12 -19.66 -36.15
N ASN A 2 -12.90 -19.99 -35.71
CA ASN A 2 -12.40 -19.65 -34.37
C ASN A 2 -13.36 -20.12 -33.27
N ALA A 3 -13.82 -21.37 -33.39
CA ALA A 3 -14.78 -21.96 -32.46
C ALA A 3 -16.02 -21.06 -32.25
N ALA A 4 -16.13 -20.46 -31.07
CA ALA A 4 -17.22 -19.56 -30.73
C ALA A 4 -16.62 -18.58 -29.73
N SER A 5 -17.27 -17.44 -29.55
CA SER A 5 -16.79 -16.41 -28.64
C SER A 5 -17.02 -16.82 -27.18
N GLY A 6 -16.26 -16.21 -26.28
CA GLY A 6 -16.38 -16.47 -24.86
C GLY A 6 -15.86 -15.25 -24.14
N THR A 7 -16.02 -15.19 -22.82
CA THR A 7 -15.59 -14.03 -22.04
C THR A 7 -14.68 -14.48 -20.91
N PHE A 8 -13.78 -13.60 -20.50
CA PHE A 8 -12.80 -13.88 -19.46
C PHE A 8 -12.61 -12.59 -18.68
N ILE A 9 -11.88 -12.65 -17.57
CA ILE A 9 -11.58 -11.46 -16.77
C ILE A 9 -10.76 -10.51 -17.65
N SER A 10 -9.92 -11.11 -18.50
CA SER A 10 -9.14 -10.39 -19.50
C SER A 10 -8.25 -9.31 -18.88
N ASP A 11 -8.19 -8.16 -19.52
CA ASP A 11 -7.35 -7.03 -19.12
C ASP A 11 -7.46 -6.65 -17.65
N ALA A 12 -8.62 -6.86 -17.02
CA ALA A 12 -8.78 -6.47 -15.63
C ALA A 12 -7.80 -7.22 -14.71
N ASP A 13 -7.48 -8.46 -15.05
CA ASP A 13 -6.56 -9.26 -14.24
C ASP A 13 -5.14 -8.80 -14.50
N ASP A 14 -4.82 -8.64 -15.77
CA ASP A 14 -3.47 -8.21 -16.18
C ASP A 14 -3.13 -6.84 -15.64
N VAL A 15 -4.09 -5.92 -15.63
CA VAL A 15 -3.87 -4.58 -15.12
C VAL A 15 -3.60 -4.62 -13.62
N VAL A 16 -4.33 -5.44 -12.87
CA VAL A 16 -4.09 -5.52 -11.43
C VAL A 16 -2.70 -6.11 -11.20
N SER A 17 -2.35 -7.16 -11.94
CA SER A 17 -1.03 -7.79 -11.79
C SER A 17 0.06 -6.76 -12.12
N ALA A 18 -0.14 -6.02 -13.19
CA ALA A 18 0.80 -4.99 -13.61
C ALA A 18 0.91 -3.91 -12.55
N MET A 19 -0.19 -3.59 -11.90
CA MET A 19 -0.19 -2.57 -10.86
C MET A 19 0.72 -2.97 -9.71
N ILE A 20 0.55 -4.19 -9.20
CA ILE A 20 1.32 -4.64 -8.07
C ILE A 20 2.81 -4.71 -8.43
N VAL A 21 3.14 -5.29 -9.59
CA VAL A 21 4.55 -5.40 -9.93
C VAL A 21 5.15 -4.02 -10.14
N LYS A 22 4.47 -3.08 -10.80
CA LYS A 22 5.06 -1.76 -11.02
C LYS A 22 5.20 -0.98 -9.72
N MET A 23 4.29 -1.19 -8.79
CA MET A 23 4.43 -0.58 -7.48
C MET A 23 5.71 -1.13 -6.82
N ASN A 24 5.95 -2.43 -6.95
CA ASN A 24 7.18 -3.04 -6.40
C ASN A 24 8.42 -2.45 -7.06
N GLU A 25 8.42 -2.37 -8.37
CA GLU A 25 9.58 -1.85 -9.11
C GLU A 25 9.85 -0.41 -8.72
N ALA A 26 8.79 0.38 -8.61
CA ALA A 26 8.93 1.79 -8.23
C ALA A 26 9.57 1.92 -6.85
N ALA A 27 9.27 0.99 -5.97
CA ALA A 27 9.84 1.03 -4.63
C ALA A 27 11.34 0.73 -4.68
N GLU A 28 11.72 -0.30 -5.43
CA GLU A 28 13.13 -0.67 -5.56
C GLU A 28 13.93 0.38 -6.29
N GLU A 29 13.35 0.95 -7.32
CA GLU A 29 14.01 1.97 -8.10
C GLU A 29 14.35 3.16 -7.22
N ASP A 30 13.43 3.56 -6.35
CA ASP A 30 13.67 4.69 -5.47
C ASP A 30 14.83 4.39 -4.52
N ARG A 31 15.01 3.13 -4.13
CA ARG A 31 16.14 2.76 -3.28
C ARG A 31 17.45 2.89 -4.03
N GLN A 32 17.45 2.61 -5.33
CA GLN A 32 18.68 2.68 -6.11
C GLN A 32 19.03 4.14 -6.33
N LEU A 33 18.02 4.93 -6.61
CA LEU A 33 18.20 6.37 -6.81
C LEU A 33 18.77 6.97 -5.53
N ASN A 34 18.21 6.59 -4.39
CA ASN A 34 18.71 7.02 -3.10
C ASN A 34 20.13 6.56 -2.81
N ASN A 35 20.53 5.42 -3.37
CA ASN A 35 21.86 4.86 -3.15
C ASN A 35 22.88 5.79 -3.80
N GLN A 36 22.45 6.41 -4.89
CA GLN A 36 23.28 7.34 -5.64
C GLN A 36 23.05 8.78 -5.20
N LYS A 37 22.25 8.93 -4.14
CA LYS A 37 21.90 10.24 -3.54
C LYS A 37 21.22 11.16 -4.56
N LYS A 38 20.44 10.57 -5.44
CA LYS A 38 19.67 11.31 -6.43
C LYS A 38 18.24 11.38 -5.91
N PRO A 39 17.47 12.40 -6.33
CA PRO A 39 16.07 12.42 -5.90
C PRO A 39 15.38 11.16 -6.38
N ALA A 40 14.54 10.58 -5.51
CA ALA A 40 13.84 9.35 -5.83
C ALA A 40 12.35 9.65 -5.74
N LEU A 41 11.67 9.53 -6.87
CA LEU A 41 10.26 9.93 -6.98
C LEU A 41 9.42 8.95 -7.79
N LYS A 42 9.83 7.70 -7.89
CA LYS A 42 9.07 6.74 -8.70
C LYS A 42 7.73 6.45 -8.03
N LYS A 43 7.72 6.32 -6.72
CA LYS A 43 6.46 6.12 -6.00
C LYS A 43 5.58 7.36 -6.13
N LEU A 44 6.20 8.53 -6.26
CA LEU A 44 5.47 9.80 -6.34
C LEU A 44 4.80 9.99 -7.70
N THR A 45 5.52 9.71 -8.77
CA THR A 45 4.96 9.85 -10.13
C THR A 45 3.89 8.80 -10.38
N LEU A 46 4.00 7.67 -9.69
CA LEU A 46 3.10 6.55 -9.86
C LEU A 46 1.90 6.68 -8.91
N LEU A 47 1.99 7.63 -7.99
CA LEU A 47 0.94 7.86 -6.99
C LEU A 47 -0.47 8.08 -7.61
N PRO A 48 -0.63 9.06 -8.52
CA PRO A 48 -2.02 9.21 -8.99
C PRO A 48 -2.45 8.08 -9.92
N ALA A 49 -1.46 7.46 -10.56
CA ALA A 49 -1.71 6.40 -11.49
C ALA A 49 -2.23 5.17 -10.75
N VAL A 50 -1.66 4.85 -9.60
CA VAL A 50 -2.16 3.71 -8.85
C VAL A 50 -3.50 4.05 -8.24
N VAL A 51 -3.68 5.25 -7.68
CA VAL A 51 -4.93 5.61 -7.01
C VAL A 51 -6.13 5.38 -7.92
N MET A 52 -6.01 5.77 -9.17
CA MET A 52 -7.09 5.58 -10.14
C MET A 52 -7.49 4.10 -10.25
N HIS A 53 -6.51 3.20 -10.23
CA HIS A 53 -6.76 1.77 -10.30
C HIS A 53 -7.08 1.14 -8.93
N LEU A 54 -6.49 1.66 -7.86
CA LEU A 54 -6.65 1.08 -6.53
C LEU A 54 -8.10 1.23 -6.08
N LYS A 55 -8.78 2.23 -6.63
CA LYS A 55 -10.19 2.48 -6.32
C LYS A 55 -11.17 1.60 -7.10
N LYS A 56 -10.66 0.66 -7.89
CA LYS A 56 -11.52 -0.30 -8.60
C LYS A 56 -11.97 -1.35 -7.59
N GLN A 57 -12.91 -0.98 -6.74
CA GLN A 57 -13.41 -1.85 -5.68
C GLN A 57 -14.06 -3.10 -6.26
N ASP A 58 -14.47 -3.04 -7.51
CA ASP A 58 -15.03 -4.19 -8.22
C ASP A 58 -14.01 -5.35 -8.26
N LEU A 59 -12.74 -4.97 -8.36
CA LEU A 59 -11.63 -5.92 -8.50
C LEU A 59 -10.96 -6.17 -7.16
N LYS A 60 -11.70 -5.91 -6.10
CA LYS A 60 -11.23 -6.11 -4.72
C LYS A 60 -10.56 -7.45 -4.49
N GLU A 61 -11.12 -8.51 -5.04
CA GLU A 61 -10.58 -9.84 -4.79
C GLU A 61 -9.24 -10.01 -5.49
N THR A 62 -9.12 -9.53 -6.72
CA THR A 62 -7.88 -9.62 -7.45
C THR A 62 -6.79 -8.81 -6.76
N PHE A 63 -7.12 -7.61 -6.33
CA PHE A 63 -6.13 -6.75 -5.68
C PHE A 63 -5.64 -7.34 -4.36
N ILE A 64 -6.54 -7.90 -3.58
CA ILE A 64 -6.17 -8.47 -2.29
C ILE A 64 -5.33 -9.74 -2.50
N ASP A 65 -5.72 -10.58 -3.45
CA ASP A 65 -4.99 -11.83 -3.72
C ASP A 65 -3.61 -11.57 -4.33
N SER A 66 -3.53 -10.60 -5.24
CA SER A 66 -2.27 -10.23 -5.89
C SER A 66 -1.30 -9.61 -4.89
N GLY A 67 -1.77 -9.32 -3.69
CA GLY A 67 -0.90 -8.82 -2.66
C GLY A 67 -0.65 -7.33 -2.73
N VAL A 68 -1.64 -6.54 -3.15
CA VAL A 68 -1.48 -5.08 -3.21
C VAL A 68 -1.07 -4.54 -1.85
N MET A 69 -1.53 -5.17 -0.78
CA MET A 69 -1.20 -4.73 0.56
C MET A 69 0.30 -4.78 0.82
N SER A 70 1.00 -5.69 0.15
CA SER A 70 2.44 -5.82 0.29
C SER A 70 3.12 -4.73 -0.51
N ALA A 71 2.58 -4.44 -1.68
CA ALA A 71 3.15 -3.40 -2.54
C ALA A 71 2.97 -2.03 -1.88
N ILE A 72 1.81 -1.81 -1.26
CA ILE A 72 1.55 -0.56 -0.55
C ILE A 72 2.49 -0.47 0.64
N LYS A 73 2.70 -1.58 1.33
CA LYS A 73 3.62 -1.62 2.48
C LYS A 73 5.02 -1.17 2.06
N GLU A 74 5.50 -1.61 0.91
CA GLU A 74 6.82 -1.19 0.44
C GLU A 74 6.84 0.30 0.11
N TRP A 75 5.71 0.86 -0.29
CA TRP A 75 5.65 2.28 -0.59
C TRP A 75 5.77 3.08 0.68
N LEU A 76 5.27 2.53 1.78
CA LEU A 76 5.32 3.21 3.08
C LEU A 76 6.72 3.17 3.67
N SER A 77 7.51 2.20 3.24
CA SER A 77 8.88 2.05 3.73
C SER A 77 9.76 3.18 3.21
N PRO A 78 10.37 3.97 4.11
CA PRO A 78 11.23 5.05 3.63
C PRO A 78 12.61 4.58 3.17
N LEU A 79 13.32 5.50 2.55
CA LEU A 79 14.62 5.23 1.95
C LEU A 79 15.74 5.44 2.97
N PRO A 80 16.97 4.90 2.72
CA PRO A 80 18.12 5.07 3.63
C PRO A 80 18.52 6.51 4.00
N ASP A 81 17.92 7.50 3.34
CA ASP A 81 18.14 8.91 3.64
C ASP A 81 17.51 9.31 4.98
N ARG A 82 16.66 8.41 5.51
CA ARG A 82 15.94 8.58 6.79
C ARG A 82 14.92 9.72 6.72
N SER A 83 14.49 10.00 5.51
CA SER A 83 13.46 11.00 5.26
C SER A 83 12.28 10.20 4.74
N LEU A 84 11.09 10.76 4.85
CA LEU A 84 9.88 10.06 4.41
C LEU A 84 9.29 10.69 3.14
N PRO A 85 9.83 10.37 1.94
CA PRO A 85 9.16 10.95 0.78
C PRO A 85 7.76 10.34 0.59
N ALA A 86 7.59 9.17 1.21
CA ALA A 86 6.32 8.45 1.20
C ALA A 86 5.21 9.21 1.91
N LEU A 87 5.55 10.27 2.64
CA LEU A 87 4.55 11.03 3.39
C LEU A 87 3.46 11.56 2.47
N LYS A 88 3.84 12.13 1.33
CA LYS A 88 2.83 12.65 0.40
C LYS A 88 2.00 11.59 -0.27
N ILE A 89 2.60 10.44 -0.51
CA ILE A 89 1.91 9.36 -1.18
C ILE A 89 0.92 8.70 -0.25
N ARG A 90 1.30 8.52 1.00
CA ARG A 90 0.39 7.89 1.95
C ARG A 90 -0.84 8.72 2.27
N GLU A 91 -0.82 10.03 1.98
CA GLU A 91 -2.01 10.87 2.18
C GLU A 91 -3.18 10.23 1.41
N GLU A 92 -2.89 9.69 0.24
CA GLU A 92 -3.90 8.96 -0.55
C GLU A 92 -4.00 7.49 -0.14
N LEU A 93 -2.87 6.79 -0.04
CA LEU A 93 -2.90 5.36 0.28
C LEU A 93 -3.64 4.99 1.57
N LEU A 94 -3.59 5.83 2.59
CA LEU A 94 -4.25 5.53 3.87
C LEU A 94 -5.71 5.35 3.67
N LYS A 95 -6.23 6.15 2.77
CA LYS A 95 -7.66 6.15 2.49
C LYS A 95 -8.07 4.85 1.87
N ILE A 96 -7.33 4.44 0.85
CA ILE A 96 -7.63 3.22 0.10
C ILE A 96 -7.69 1.98 1.01
N LEU A 97 -6.79 1.88 1.97
CA LEU A 97 -6.80 0.83 2.93
C LEU A 97 -8.09 0.70 3.75
N GLN A 98 -8.84 1.78 3.90
CA GLN A 98 -10.11 1.76 4.65
C GLN A 98 -11.26 1.48 3.68
N GLU A 99 -10.99 1.56 2.38
CA GLU A 99 -11.99 1.25 1.34
C GLU A 99 -12.04 -0.26 1.09
N LEU A 100 -11.11 -1.02 1.68
CA LEU A 100 -11.10 -2.46 1.51
C LEU A 100 -12.31 -3.12 2.18
N PRO A 101 -12.85 -4.19 1.56
CA PRO A 101 -14.03 -4.87 2.10
C PRO A 101 -13.76 -5.75 3.33
N SER A 102 -13.23 -6.95 3.10
CA SER A 102 -12.97 -7.91 4.16
C SER A 102 -11.62 -8.59 3.98
N VAL A 103 -10.58 -7.77 3.89
CA VAL A 103 -9.21 -8.30 3.76
C VAL A 103 -8.94 -9.12 5.03
N SER A 104 -8.39 -10.31 4.86
CA SER A 104 -8.15 -11.19 5.99
C SER A 104 -7.04 -10.63 6.87
N GLN A 105 -7.07 -11.00 8.13
CA GLN A 105 -6.06 -10.57 9.08
C GLN A 105 -4.72 -11.16 8.66
N GLU A 106 -4.79 -12.29 7.97
CA GLU A 106 -3.59 -12.96 7.47
C GLU A 106 -2.92 -12.19 6.34
N THR A 107 -3.68 -11.57 5.44
CA THR A 107 -3.06 -10.76 4.38
C THR A 107 -2.38 -9.57 5.04
N LEU A 108 -3.06 -8.94 5.96
CA LEU A 108 -2.51 -7.78 6.67
C LEU A 108 -1.23 -8.16 7.44
N LYS A 109 -1.24 -9.36 8.02
CA LYS A 109 -0.10 -9.93 8.75
C LYS A 109 1.07 -10.22 7.82
N HIS A 110 0.79 -10.90 6.72
CA HIS A 110 1.83 -11.32 5.78
C HIS A 110 2.45 -10.14 5.04
N SER A 111 1.64 -9.19 4.63
CA SER A 111 2.15 -7.99 3.98
C SER A 111 2.91 -7.13 4.98
N GLY A 112 2.47 -7.18 6.24
CA GLY A 112 3.10 -6.36 7.27
C GLY A 112 2.65 -4.93 7.16
N ILE A 113 1.61 -4.69 6.38
CA ILE A 113 1.08 -3.34 6.15
C ILE A 113 0.65 -2.68 7.46
N GLY A 114 0.07 -3.46 8.38
CA GLY A 114 -0.35 -2.89 9.65
C GLY A 114 0.83 -2.34 10.44
N ARG A 115 1.97 -3.01 10.35
CA ARG A 115 3.18 -2.55 11.04
C ARG A 115 3.72 -1.30 10.37
N ALA A 116 3.62 -1.24 9.05
CA ALA A 116 4.10 -0.08 8.31
C ALA A 116 3.26 1.15 8.65
N VAL A 117 1.95 0.97 8.76
CA VAL A 117 1.06 2.07 9.18
C VAL A 117 1.44 2.48 10.59
N MET A 118 1.61 1.52 11.49
CA MET A 118 1.94 1.82 12.88
C MET A 118 3.26 2.56 13.03
N TYR A 119 4.27 2.20 12.23
CA TYR A 119 5.56 2.87 12.28
C TYR A 119 5.39 4.36 12.02
N LEU A 120 4.64 4.68 10.97
CA LEU A 120 4.44 6.07 10.56
C LEU A 120 3.48 6.80 11.50
N TYR A 121 2.53 6.08 12.07
CA TYR A 121 1.58 6.65 13.02
C TYR A 121 2.29 7.13 14.27
N LYS A 122 3.27 6.36 14.72
CA LYS A 122 4.04 6.73 15.91
C LYS A 122 5.18 7.67 15.57
N HIS A 123 5.46 7.84 14.28
CA HIS A 123 6.56 8.70 13.85
C HIS A 123 6.28 10.15 14.24
N PRO A 124 7.22 10.82 14.89
CA PRO A 124 6.94 12.19 15.36
C PRO A 124 6.87 13.25 14.25
N LYS A 125 7.37 12.93 13.07
CA LYS A 125 7.35 13.89 11.95
C LYS A 125 6.06 13.85 11.13
N GLU A 126 5.21 12.86 11.34
CA GLU A 126 3.99 12.73 10.54
C GLU A 126 2.90 13.75 10.93
N SER A 127 2.20 14.28 9.92
CA SER A 127 1.14 15.26 10.11
C SER A 127 -0.09 14.67 10.83
N ARG A 128 -0.84 15.53 11.51
CA ARG A 128 -2.02 15.10 12.26
C ARG A 128 -3.05 14.34 11.43
N SER A 129 -3.32 14.83 10.23
CA SER A 129 -4.34 14.22 9.37
C SER A 129 -3.96 12.80 8.98
N ASN A 130 -2.70 12.57 8.66
CA ASN A 130 -2.26 11.22 8.28
C ASN A 130 -2.33 10.30 9.48
N LYS A 131 -2.01 10.83 10.66
CA LYS A 131 -2.08 10.02 11.89
C LYS A 131 -3.50 9.64 12.23
N ASP A 132 -4.47 10.48 11.93
CA ASP A 132 -5.88 10.16 12.21
C ASP A 132 -6.29 8.91 11.46
N MET A 133 -6.03 8.89 10.17
CA MET A 133 -6.41 7.76 9.33
C MET A 133 -5.56 6.55 9.67
N ALA A 134 -4.30 6.78 9.99
CA ALA A 134 -3.41 5.69 10.39
C ALA A 134 -3.91 5.03 11.68
N GLY A 135 -4.38 5.85 12.61
CA GLY A 135 -4.90 5.34 13.87
C GLY A 135 -6.16 4.53 13.64
N LYS A 136 -7.02 4.97 12.74
CA LYS A 136 -8.25 4.25 12.43
C LYS A 136 -7.93 2.87 11.88
N LEU A 137 -6.96 2.77 11.00
CA LEU A 137 -6.56 1.47 10.47
C LEU A 137 -6.08 0.54 11.56
N ILE A 138 -5.26 1.03 12.46
CA ILE A 138 -4.78 0.22 13.58
C ILE A 138 -5.98 -0.22 14.45
N ASN A 139 -6.98 0.64 14.57
CA ASN A 139 -8.17 0.33 15.35
C ASN A 139 -9.05 -0.74 14.73
N GLU A 140 -9.19 -0.68 13.41
CA GLU A 140 -10.11 -1.55 12.70
C GLU A 140 -9.50 -2.87 12.21
N TRP A 141 -8.19 -2.88 11.98
CA TRP A 141 -7.50 -4.06 11.49
C TRP A 141 -7.07 -5.00 12.62
N SER A 142 -7.47 -6.27 12.50
CA SER A 142 -7.06 -7.34 13.44
C SER A 142 -7.25 -7.04 14.94
N ARG A 143 -8.25 -6.22 15.23
CA ARG A 143 -8.55 -5.77 16.60
C ARG A 143 -8.97 -6.86 17.59
N PRO A 144 -8.12 -7.17 18.60
CA PRO A 144 -8.59 -8.10 19.62
C PRO A 144 -9.34 -7.36 20.72
N ILE A 145 -9.89 -8.09 21.68
CA ILE A 145 -10.46 -7.45 22.87
C ILE A 145 -9.24 -7.31 23.77
N PHE A 146 -8.94 -6.09 24.21
CA PHE A 146 -7.76 -5.85 25.05
C PHE A 146 -7.84 -6.59 26.37
N GLY A 147 -9.02 -6.56 27.00
CA GLY A 147 -9.20 -7.26 28.25
C GLY A 147 -8.45 -6.59 29.38
N LEU A 148 -7.80 -7.39 30.20
CA LEU A 148 -7.01 -6.90 31.33
C LEU A 148 -5.96 -7.97 31.60
N GLY A 149 -4.90 -7.61 32.30
CA GLY A 149 -3.85 -8.56 32.61
C GLY A 149 -2.81 -7.83 33.42
N SER A 150 -1.68 -8.48 33.67
CA SER A 150 -0.57 -7.87 34.42
C SER A 150 0.33 -7.09 33.47
N SER A 1 -23.18 -11.81 -16.13
CA SER A 1 -21.73 -12.08 -15.97
C SER A 1 -21.36 -12.09 -14.50
N ASN A 2 -21.51 -13.24 -13.87
CA ASN A 2 -21.28 -13.38 -12.44
C ASN A 2 -21.16 -14.86 -12.14
N ALA A 3 -20.49 -15.19 -11.04
CA ALA A 3 -20.26 -16.58 -10.59
C ALA A 3 -19.46 -17.39 -11.63
N ALA A 4 -19.23 -18.66 -11.34
CA ALA A 4 -18.50 -19.56 -12.24
C ALA A 4 -19.39 -20.06 -13.38
N SER A 5 -20.23 -19.18 -13.92
CA SER A 5 -21.15 -19.53 -15.01
C SER A 5 -20.40 -19.55 -16.34
N GLY A 6 -19.18 -19.05 -16.31
CA GLY A 6 -18.33 -18.98 -17.49
C GLY A 6 -17.25 -18.00 -17.11
N THR A 7 -16.29 -17.72 -17.99
CA THR A 7 -15.27 -16.73 -17.69
C THR A 7 -15.84 -15.36 -18.04
N PHE A 8 -15.66 -14.41 -17.13
CA PHE A 8 -16.17 -13.05 -17.33
C PHE A 8 -15.12 -11.99 -17.02
N ILE A 9 -14.13 -12.38 -16.24
CA ILE A 9 -13.06 -11.49 -15.82
C ILE A 9 -11.78 -12.02 -16.45
N SER A 10 -10.97 -11.13 -17.01
CA SER A 10 -9.68 -11.49 -17.60
C SER A 10 -8.75 -10.29 -17.66
N ASP A 11 -9.14 -9.27 -18.43
CA ASP A 11 -8.32 -8.06 -18.59
C ASP A 11 -8.04 -7.40 -17.24
N ALA A 12 -9.05 -7.45 -16.38
CA ALA A 12 -8.97 -6.83 -15.06
C ALA A 12 -7.83 -7.42 -14.23
N ASP A 13 -7.68 -8.74 -14.30
CA ASP A 13 -6.70 -9.44 -13.48
C ASP A 13 -5.29 -9.09 -13.91
N ASP A 14 -5.09 -9.01 -15.22
CA ASP A 14 -3.77 -8.65 -15.77
C ASP A 14 -3.42 -7.22 -15.35
N VAL A 15 -4.40 -6.33 -15.36
CA VAL A 15 -4.17 -4.94 -14.97
C VAL A 15 -3.84 -4.85 -13.48
N VAL A 16 -4.52 -5.63 -12.66
CA VAL A 16 -4.24 -5.65 -11.22
C VAL A 16 -2.83 -6.17 -10.99
N SER A 17 -2.49 -7.26 -11.66
CA SER A 17 -1.15 -7.85 -11.51
C SER A 17 -0.10 -6.83 -11.92
N ALA A 18 -0.30 -6.21 -13.07
CA ALA A 18 0.63 -5.22 -13.58
C ALA A 18 0.77 -4.04 -12.62
N MET A 19 -0.32 -3.65 -11.97
CA MET A 19 -0.28 -2.54 -11.02
C MET A 19 0.58 -2.92 -9.79
N ILE A 20 0.35 -4.09 -9.23
CA ILE A 20 1.15 -4.57 -8.10
C ILE A 20 2.63 -4.58 -8.49
N VAL A 21 2.91 -5.09 -9.68
CA VAL A 21 4.27 -5.15 -10.17
C VAL A 21 4.86 -3.75 -10.28
N LYS A 22 4.19 -2.83 -10.96
CA LYS A 22 4.73 -1.48 -11.14
C LYS A 22 4.98 -0.79 -9.81
N MET A 23 4.11 -1.03 -8.83
CA MET A 23 4.32 -0.48 -7.50
C MET A 23 5.61 -1.05 -6.88
N ASN A 24 5.86 -2.34 -7.05
CA ASN A 24 7.08 -2.96 -6.52
C ASN A 24 8.33 -2.36 -7.13
N GLU A 25 8.34 -2.26 -8.45
CA GLU A 25 9.50 -1.74 -9.16
C GLU A 25 9.80 -0.32 -8.73
N ALA A 26 8.77 0.50 -8.59
CA ALA A 26 8.96 1.88 -8.15
C ALA A 26 9.56 1.93 -6.74
N ALA A 27 9.21 0.97 -5.90
CA ALA A 27 9.69 0.97 -4.53
C ALA A 27 11.18 0.63 -4.49
N GLU A 28 11.58 -0.36 -5.27
CA GLU A 28 12.98 -0.75 -5.29
C GLU A 28 13.84 0.21 -6.11
N GLU A 29 13.28 0.85 -7.14
CA GLU A 29 14.02 1.84 -7.91
C GLU A 29 14.39 3.00 -7.00
N ASP A 30 13.49 3.40 -6.12
CA ASP A 30 13.77 4.48 -5.18
C ASP A 30 15.00 4.13 -4.33
N ARG A 31 15.17 2.86 -4.01
CA ARG A 31 16.33 2.40 -3.23
C ARG A 31 17.60 2.50 -4.05
N GLN A 32 17.51 2.27 -5.35
CA GLN A 32 18.68 2.33 -6.21
C GLN A 32 19.07 3.79 -6.40
N LEU A 33 18.06 4.65 -6.52
CA LEU A 33 18.31 6.08 -6.65
C LEU A 33 18.99 6.59 -5.39
N ASN A 34 18.50 6.18 -4.24
CA ASN A 34 19.13 6.48 -2.98
C ASN A 34 20.56 5.93 -2.86
N ASN A 35 20.82 4.81 -3.51
CA ASN A 35 22.15 4.17 -3.48
C ASN A 35 23.12 5.08 -4.21
N GLN A 36 22.60 5.74 -5.24
CA GLN A 36 23.38 6.66 -6.05
C GLN A 36 23.27 8.08 -5.48
N LYS A 37 22.68 8.18 -4.29
CA LYS A 37 22.41 9.45 -3.57
C LYS A 37 21.80 10.52 -4.47
N LYS A 38 20.83 10.08 -5.26
CA LYS A 38 20.04 10.94 -6.13
C LYS A 38 18.65 10.99 -5.51
N PRO A 39 17.88 12.06 -5.77
CA PRO A 39 16.51 12.08 -5.25
C PRO A 39 15.72 10.89 -5.79
N ALA A 40 14.87 10.32 -4.95
CA ALA A 40 14.08 9.15 -5.31
C ALA A 40 12.61 9.52 -5.18
N LEU A 41 11.87 9.46 -6.29
CA LEU A 41 10.48 9.92 -6.32
C LEU A 41 9.61 9.03 -7.22
N LYS A 42 9.98 7.78 -7.37
CA LYS A 42 9.25 6.88 -8.26
C LYS A 42 7.85 6.61 -7.75
N LYS A 43 7.71 6.46 -6.45
CA LYS A 43 6.40 6.28 -5.83
C LYS A 43 5.54 7.53 -6.04
N LEU A 44 6.18 8.68 -6.10
CA LEU A 44 5.47 9.96 -6.24
C LEU A 44 4.91 10.12 -7.65
N THR A 45 5.72 9.83 -8.67
CA THR A 45 5.24 9.97 -10.06
C THR A 45 4.18 8.93 -10.40
N LEU A 46 4.20 7.82 -9.67
CA LEU A 46 3.30 6.71 -9.92
C LEU A 46 2.02 6.88 -9.08
N LEU A 47 2.07 7.75 -8.09
CA LEU A 47 0.92 7.98 -7.19
C LEU A 47 -0.40 8.34 -7.91
N PRO A 48 -0.41 9.32 -8.84
CA PRO A 48 -1.72 9.59 -9.46
C PRO A 48 -2.14 8.49 -10.44
N ALA A 49 -1.18 7.68 -10.85
CA ALA A 49 -1.44 6.58 -11.75
C ALA A 49 -2.01 5.37 -11.00
N VAL A 50 -1.53 5.09 -9.79
CA VAL A 50 -2.05 3.94 -9.04
C VAL A 50 -3.46 4.18 -8.56
N VAL A 51 -3.77 5.37 -8.07
CA VAL A 51 -5.08 5.63 -7.45
C VAL A 51 -6.24 5.32 -8.36
N MET A 52 -6.11 5.70 -9.62
CA MET A 52 -7.11 5.43 -10.64
C MET A 52 -7.43 3.93 -10.72
N HIS A 53 -6.41 3.10 -10.58
CA HIS A 53 -6.57 1.65 -10.59
C HIS A 53 -6.98 1.11 -9.21
N LEU A 54 -6.42 1.66 -8.14
CA LEU A 54 -6.70 1.18 -6.79
C LEU A 54 -8.16 1.43 -6.41
N LYS A 55 -8.79 2.39 -7.07
CA LYS A 55 -10.21 2.71 -6.83
C LYS A 55 -11.20 1.76 -7.50
N LYS A 56 -10.72 0.74 -8.20
CA LYS A 56 -11.62 -0.24 -8.84
C LYS A 56 -12.14 -1.18 -7.76
N GLN A 57 -13.21 -0.76 -7.10
CA GLN A 57 -13.78 -1.46 -5.95
C GLN A 57 -14.16 -2.91 -6.19
N ASP A 58 -14.63 -3.22 -7.39
CA ASP A 58 -15.11 -4.56 -7.70
C ASP A 58 -13.95 -5.56 -7.82
N LEU A 59 -12.76 -5.04 -8.05
CA LEU A 59 -11.56 -5.85 -8.20
C LEU A 59 -10.76 -5.87 -6.91
N LYS A 60 -11.35 -5.37 -5.83
CA LYS A 60 -10.62 -5.32 -4.56
C LYS A 60 -10.22 -6.71 -4.11
N GLU A 61 -11.02 -7.70 -4.42
CA GLU A 61 -10.67 -9.08 -4.08
C GLU A 61 -9.42 -9.52 -4.85
N THR A 62 -9.33 -9.16 -6.13
CA THR A 62 -8.17 -9.51 -6.95
C THR A 62 -6.95 -8.77 -6.42
N PHE A 63 -7.14 -7.51 -6.05
CA PHE A 63 -6.06 -6.70 -5.52
C PHE A 63 -5.48 -7.29 -4.23
N ILE A 64 -6.36 -7.80 -3.38
CA ILE A 64 -5.93 -8.37 -2.10
C ILE A 64 -5.15 -9.66 -2.37
N ASP A 65 -5.67 -10.51 -3.24
CA ASP A 65 -5.01 -11.78 -3.55
C ASP A 65 -3.66 -11.57 -4.24
N SER A 66 -3.61 -10.57 -5.11
CA SER A 66 -2.38 -10.23 -5.84
C SER A 66 -1.33 -9.59 -4.93
N GLY A 67 -1.70 -9.34 -3.68
CA GLY A 67 -0.75 -8.79 -2.73
C GLY A 67 -0.56 -7.29 -2.79
N VAL A 68 -1.59 -6.53 -3.14
CA VAL A 68 -1.48 -5.07 -3.17
C VAL A 68 -1.07 -4.56 -1.79
N MET A 69 -1.49 -5.27 -0.74
CA MET A 69 -1.17 -4.88 0.62
C MET A 69 0.34 -4.88 0.84
N SER A 70 1.05 -5.76 0.14
CA SER A 70 2.49 -5.85 0.26
C SER A 70 3.13 -4.73 -0.54
N ALA A 71 2.57 -4.45 -1.71
CA ALA A 71 3.11 -3.39 -2.56
C ALA A 71 2.90 -2.01 -1.89
N ILE A 72 1.75 -1.79 -1.26
CA ILE A 72 1.50 -0.54 -0.53
C ILE A 72 2.48 -0.47 0.64
N LYS A 73 2.71 -1.60 1.32
CA LYS A 73 3.65 -1.64 2.44
C LYS A 73 5.05 -1.22 2.00
N GLU A 74 5.46 -1.62 0.81
CA GLU A 74 6.77 -1.23 0.29
C GLU A 74 6.81 0.28 0.05
N TRP A 75 5.67 0.87 -0.29
CA TRP A 75 5.63 2.31 -0.53
C TRP A 75 5.73 3.10 0.76
N LEU A 76 5.19 2.55 1.83
CA LEU A 76 5.19 3.24 3.12
C LEU A 76 6.58 3.30 3.73
N SER A 77 7.42 2.34 3.38
CA SER A 77 8.77 2.26 3.92
C SER A 77 9.69 3.30 3.28
N PRO A 78 10.22 4.25 4.06
CA PRO A 78 11.11 5.25 3.47
C PRO A 78 12.54 4.75 3.29
N LEU A 79 13.36 5.59 2.66
CA LEU A 79 14.76 5.31 2.46
C LEU A 79 15.51 5.51 3.78
N PRO A 80 16.74 4.98 3.91
CA PRO A 80 17.48 5.18 5.17
C PRO A 80 17.99 6.61 5.40
N ASP A 81 17.61 7.53 4.50
CA ASP A 81 17.97 8.95 4.63
C ASP A 81 17.11 9.64 5.70
N ARG A 82 16.18 8.88 6.26
CA ARG A 82 15.28 9.31 7.34
C ARG A 82 14.31 10.41 6.94
N SER A 83 14.11 10.58 5.64
CA SER A 83 13.13 11.51 5.13
C SER A 83 11.91 10.67 4.85
N LEU A 84 10.76 11.32 4.74
CA LEU A 84 9.53 10.62 4.40
C LEU A 84 8.91 11.19 3.12
N PRO A 85 9.47 10.85 1.94
CA PRO A 85 8.80 11.37 0.74
C PRO A 85 7.42 10.72 0.58
N ALA A 86 7.25 9.57 1.22
CA ALA A 86 6.00 8.83 1.22
C ALA A 86 4.86 9.60 1.92
N LEU A 87 5.16 10.69 2.60
CA LEU A 87 4.14 11.47 3.30
C LEU A 87 3.03 11.90 2.35
N LYS A 88 3.39 12.45 1.20
CA LYS A 88 2.40 12.91 0.22
C LYS A 88 1.62 11.78 -0.40
N ILE A 89 2.30 10.68 -0.63
CA ILE A 89 1.68 9.52 -1.26
C ILE A 89 0.69 8.88 -0.30
N ARG A 90 1.03 8.88 0.98
CA ARG A 90 0.17 8.32 2.01
C ARG A 90 -1.17 8.99 2.13
N GLU A 91 -1.22 10.28 1.79
CA GLU A 91 -2.47 11.04 1.87
C GLU A 91 -3.55 10.31 1.06
N GLU A 92 -3.17 9.72 -0.05
CA GLU A 92 -4.09 8.89 -0.85
C GLU A 92 -4.13 7.43 -0.40
N LEU A 93 -2.98 6.79 -0.24
CA LEU A 93 -2.92 5.36 0.09
C LEU A 93 -3.69 4.94 1.33
N LEU A 94 -3.70 5.78 2.36
CA LEU A 94 -4.39 5.43 3.60
C LEU A 94 -5.85 5.25 3.35
N LYS A 95 -6.37 6.11 2.50
CA LYS A 95 -7.80 6.10 2.19
C LYS A 95 -8.18 4.79 1.52
N ILE A 96 -7.33 4.36 0.61
CA ILE A 96 -7.54 3.12 -0.13
C ILE A 96 -7.51 1.92 0.82
N LEU A 97 -6.64 1.98 1.83
CA LEU A 97 -6.54 0.90 2.80
C LEU A 97 -7.79 0.74 3.68
N GLN A 98 -8.56 1.82 3.88
CA GLN A 98 -9.76 1.76 4.73
C GLN A 98 -10.97 1.24 3.96
N GLU A 99 -10.94 1.35 2.64
CA GLU A 99 -12.10 0.96 1.84
C GLU A 99 -12.04 -0.50 1.35
N LEU A 100 -11.09 -1.26 1.86
CA LEU A 100 -11.02 -2.68 1.56
C LEU A 100 -12.22 -3.38 2.21
N PRO A 101 -12.73 -4.46 1.60
CA PRO A 101 -13.94 -5.14 2.08
C PRO A 101 -13.78 -5.94 3.38
N SER A 102 -13.12 -7.07 3.29
CA SER A 102 -12.90 -7.95 4.45
C SER A 102 -11.57 -8.66 4.39
N VAL A 103 -10.51 -7.88 4.23
CA VAL A 103 -9.16 -8.43 4.19
C VAL A 103 -8.86 -9.05 5.57
N SER A 104 -8.36 -10.27 5.58
CA SER A 104 -8.08 -10.95 6.85
C SER A 104 -6.87 -10.30 7.52
N GLN A 105 -6.87 -10.30 8.85
CA GLN A 105 -5.75 -9.76 9.62
C GLN A 105 -4.49 -10.53 9.25
N GLU A 106 -4.65 -11.79 8.87
CA GLU A 106 -3.50 -12.60 8.48
C GLU A 106 -2.83 -12.02 7.23
N THR A 107 -3.59 -11.42 6.32
CA THR A 107 -3.01 -10.81 5.14
C THR A 107 -2.21 -9.58 5.56
N LEU A 108 -2.78 -8.77 6.45
CA LEU A 108 -2.11 -7.57 6.94
C LEU A 108 -0.84 -7.93 7.72
N LYS A 109 -0.91 -9.03 8.45
CA LYS A 109 0.22 -9.58 9.20
C LYS A 109 1.33 -10.03 8.26
N HIS A 110 0.98 -10.81 7.24
CA HIS A 110 1.96 -11.36 6.31
C HIS A 110 2.57 -10.31 5.40
N SER A 111 1.75 -9.39 4.90
CA SER A 111 2.25 -8.31 4.05
C SER A 111 3.07 -7.32 4.88
N GLY A 112 2.76 -7.24 6.16
CA GLY A 112 3.45 -6.32 7.05
C GLY A 112 2.90 -4.91 6.98
N ILE A 113 1.81 -4.72 6.26
CA ILE A 113 1.20 -3.39 6.10
C ILE A 113 0.80 -2.80 7.45
N GLY A 114 0.29 -3.63 8.35
CA GLY A 114 -0.11 -3.13 9.67
C GLY A 114 1.07 -2.54 10.41
N ARG A 115 2.22 -3.21 10.32
CA ARG A 115 3.44 -2.75 10.99
C ARG A 115 3.93 -1.47 10.34
N ALA A 116 3.81 -1.37 9.02
CA ALA A 116 4.25 -0.20 8.29
C ALA A 116 3.39 1.01 8.67
N VAL A 117 2.08 0.83 8.76
CA VAL A 117 1.18 1.90 9.16
C VAL A 117 1.54 2.34 10.59
N MET A 118 1.74 1.36 11.47
CA MET A 118 2.07 1.65 12.87
C MET A 118 3.37 2.45 13.00
N TYR A 119 4.36 2.14 12.18
CA TYR A 119 5.62 2.88 12.22
C TYR A 119 5.39 4.37 11.97
N LEU A 120 4.65 4.69 10.92
CA LEU A 120 4.38 6.08 10.58
C LEU A 120 3.42 6.74 11.56
N TYR A 121 2.47 5.98 12.07
CA TYR A 121 1.52 6.49 13.06
C TYR A 121 2.25 7.01 14.29
N LYS A 122 3.29 6.32 14.71
CA LYS A 122 4.06 6.74 15.88
C LYS A 122 5.22 7.67 15.52
N HIS A 123 5.46 7.86 14.23
CA HIS A 123 6.55 8.71 13.78
C HIS A 123 6.25 10.17 14.11
N PRO A 124 7.18 10.88 14.74
CA PRO A 124 6.86 12.25 15.17
C PRO A 124 6.75 13.29 14.05
N LYS A 125 7.20 12.96 12.85
CA LYS A 125 7.12 13.89 11.71
C LYS A 125 5.85 13.74 10.87
N GLU A 126 5.04 12.72 11.10
CA GLU A 126 3.83 12.53 10.28
C GLU A 126 2.73 13.54 10.60
N SER A 127 1.98 13.93 9.57
CA SER A 127 0.91 14.92 9.70
C SER A 127 -0.29 14.35 10.48
N ARG A 128 -1.05 15.23 11.12
CA ARG A 128 -2.20 14.78 11.93
C ARG A 128 -3.24 14.05 11.08
N SER A 129 -3.49 14.53 9.88
CA SER A 129 -4.46 13.91 8.99
C SER A 129 -4.06 12.47 8.63
N ASN A 130 -2.79 12.26 8.34
CA ASN A 130 -2.32 10.93 8.00
C ASN A 130 -2.41 10.04 9.23
N LYS A 131 -2.06 10.59 10.40
CA LYS A 131 -2.11 9.83 11.64
C LYS A 131 -3.52 9.43 12.04
N ASP A 132 -4.51 10.24 11.74
CA ASP A 132 -5.89 9.90 12.07
C ASP A 132 -6.27 8.60 11.38
N MET A 133 -6.02 8.56 10.09
CA MET A 133 -6.36 7.38 9.30
C MET A 133 -5.44 6.22 9.65
N ALA A 134 -4.20 6.53 9.95
CA ALA A 134 -3.25 5.49 10.35
C ALA A 134 -3.70 4.81 11.65
N GLY A 135 -4.21 5.59 12.58
CA GLY A 135 -4.71 5.05 13.84
C GLY A 135 -5.96 4.23 13.61
N LYS A 136 -6.85 4.73 12.76
CA LYS A 136 -8.09 4.03 12.44
C LYS A 136 -7.79 2.68 11.82
N LEU A 137 -6.80 2.62 10.93
CA LEU A 137 -6.45 1.34 10.29
C LEU A 137 -6.06 0.29 11.31
N ILE A 138 -5.25 0.66 12.28
CA ILE A 138 -4.88 -0.28 13.34
C ILE A 138 -6.14 -0.72 14.11
N ASN A 139 -7.03 0.23 14.32
CA ASN A 139 -8.29 0.00 15.06
C ASN A 139 -9.34 -0.84 14.34
N GLU A 140 -9.30 -0.83 13.01
CA GLU A 140 -10.33 -1.50 12.18
C GLU A 140 -9.85 -2.81 11.55
N TRP A 141 -8.56 -2.92 11.27
CA TRP A 141 -7.98 -4.14 10.71
C TRP A 141 -7.81 -5.19 11.81
N SER A 142 -7.95 -4.74 13.05
CA SER A 142 -7.77 -5.58 14.22
C SER A 142 -8.82 -5.16 15.22
N ARG A 143 -8.78 -5.70 16.42
CA ARG A 143 -9.73 -5.30 17.46
C ARG A 143 -9.33 -3.89 17.90
N PRO A 144 -10.31 -3.07 18.34
CA PRO A 144 -9.95 -1.69 18.70
C PRO A 144 -9.04 -1.58 19.91
N ILE A 145 -8.34 -0.47 20.00
CA ILE A 145 -7.37 -0.22 21.07
C ILE A 145 -7.63 1.12 21.75
N PHE A 146 -7.17 1.22 23.00
CA PHE A 146 -7.32 2.41 23.85
C PHE A 146 -8.79 2.86 24.01
N GLY A 147 -9.19 3.94 23.35
CA GLY A 147 -10.54 4.45 23.49
C GLY A 147 -10.76 5.15 24.82
N LEU A 148 -9.67 5.38 25.54
CA LEU A 148 -9.72 6.00 26.86
C LEU A 148 -10.11 7.47 26.72
N GLY A 149 -10.94 7.95 27.63
CA GLY A 149 -11.41 9.33 27.58
C GLY A 149 -12.86 9.39 28.02
N SER A 150 -13.57 8.30 27.79
CA SER A 150 -14.96 8.15 28.22
C SER A 150 -14.97 7.78 29.69
N SER A 1 1.72 -17.73 -25.39
CA SER A 1 2.06 -19.14 -25.11
C SER A 1 0.89 -20.04 -25.40
N ASN A 2 1.07 -21.36 -25.32
CA ASN A 2 -0.03 -22.29 -25.55
C ASN A 2 -1.02 -22.12 -24.40
N ALA A 3 -2.29 -22.31 -24.67
CA ALA A 3 -3.33 -22.17 -23.64
C ALA A 3 -3.39 -23.42 -22.76
N ALA A 4 -2.48 -23.51 -21.80
CA ALA A 4 -2.46 -24.64 -20.87
C ALA A 4 -3.55 -24.45 -19.80
N SER A 5 -4.01 -23.22 -19.65
CA SER A 5 -5.04 -22.86 -18.69
C SER A 5 -5.56 -21.50 -19.15
N GLY A 6 -6.48 -20.92 -18.42
CA GLY A 6 -7.01 -19.60 -18.73
C GLY A 6 -7.72 -19.09 -17.49
N THR A 7 -8.09 -17.81 -17.46
CA THR A 7 -8.76 -17.21 -16.31
C THR A 7 -10.03 -16.53 -16.78
N PHE A 8 -10.94 -16.28 -15.86
CA PHE A 8 -12.21 -15.62 -16.20
C PHE A 8 -12.03 -14.09 -16.22
N ILE A 9 -11.23 -13.59 -15.29
CA ILE A 9 -11.02 -12.15 -15.13
C ILE A 9 -10.20 -11.60 -16.31
N SER A 10 -9.34 -12.44 -16.87
CA SER A 10 -8.56 -12.14 -18.08
C SER A 10 -7.78 -10.81 -18.05
N ASP A 11 -8.13 -9.87 -18.92
CA ASP A 11 -7.40 -8.60 -19.05
C ASP A 11 -7.31 -7.82 -17.75
N ALA A 12 -8.37 -7.83 -16.96
CA ALA A 12 -8.38 -7.08 -15.72
C ALA A 12 -7.40 -7.68 -14.69
N ASP A 13 -7.18 -8.99 -14.79
CA ASP A 13 -6.28 -9.69 -13.88
C ASP A 13 -4.86 -9.23 -14.18
N ASP A 14 -4.55 -9.13 -15.46
CA ASP A 14 -3.23 -8.68 -15.89
C ASP A 14 -2.99 -7.24 -15.45
N VAL A 15 -4.00 -6.40 -15.56
CA VAL A 15 -3.87 -5.00 -15.15
C VAL A 15 -3.62 -4.90 -13.64
N VAL A 16 -4.31 -5.71 -12.85
CA VAL A 16 -4.09 -5.70 -11.41
C VAL A 16 -2.68 -6.19 -11.11
N SER A 17 -2.27 -7.28 -11.76
CA SER A 17 -0.94 -7.82 -11.53
C SER A 17 0.13 -6.80 -11.93
N ALA A 18 -0.09 -6.14 -13.07
CA ALA A 18 0.81 -5.12 -13.56
C ALA A 18 0.90 -3.96 -12.57
N MET A 19 -0.21 -3.63 -11.94
CA MET A 19 -0.21 -2.55 -10.95
C MET A 19 0.63 -2.95 -9.74
N ILE A 20 0.41 -4.14 -9.19
CA ILE A 20 1.18 -4.60 -8.04
C ILE A 20 2.67 -4.65 -8.36
N VAL A 21 3.03 -5.22 -9.51
CA VAL A 21 4.45 -5.32 -9.82
C VAL A 21 5.04 -3.93 -10.05
N LYS A 22 4.36 -3.02 -10.74
CA LYS A 22 4.95 -1.70 -10.96
C LYS A 22 5.08 -0.92 -9.68
N MET A 23 4.15 -1.10 -8.75
CA MET A 23 4.32 -0.50 -7.43
C MET A 23 5.60 -1.06 -6.79
N ASN A 24 5.82 -2.37 -6.87
CA ASN A 24 7.03 -2.98 -6.32
C ASN A 24 8.29 -2.43 -6.99
N GLU A 25 8.29 -2.36 -8.31
CA GLU A 25 9.45 -1.88 -9.04
C GLU A 25 9.77 -0.44 -8.68
N ALA A 26 8.74 0.40 -8.57
CA ALA A 26 8.93 1.80 -8.19
C ALA A 26 9.57 1.91 -6.82
N ALA A 27 9.23 0.98 -5.92
CA ALA A 27 9.80 1.00 -4.59
C ALA A 27 11.29 0.67 -4.65
N GLU A 28 11.65 -0.37 -5.40
CA GLU A 28 13.05 -0.76 -5.53
C GLU A 28 13.85 0.29 -6.30
N GLU A 29 13.25 0.87 -7.31
CA GLU A 29 13.90 1.89 -8.10
C GLU A 29 14.26 3.08 -7.22
N ASP A 30 13.36 3.49 -6.35
CA ASP A 30 13.62 4.62 -5.45
C ASP A 30 14.81 4.30 -4.54
N ARG A 31 14.98 3.04 -4.15
CA ARG A 31 16.12 2.65 -3.32
C ARG A 31 17.41 2.74 -4.12
N GLN A 32 17.35 2.43 -5.41
CA GLN A 32 18.55 2.46 -6.24
C GLN A 32 18.93 3.89 -6.51
N LEU A 33 17.93 4.73 -6.76
CA LEU A 33 18.15 6.16 -6.99
C LEU A 33 18.78 6.76 -5.75
N ASN A 34 18.25 6.42 -4.59
CA ASN A 34 18.81 6.86 -3.32
C ASN A 34 20.24 6.37 -3.10
N ASN A 35 20.57 5.20 -3.62
CA ASN A 35 21.90 4.61 -3.46
C ASN A 35 22.90 5.47 -4.22
N GLN A 36 22.42 6.03 -5.34
CA GLN A 36 23.24 6.88 -6.18
C GLN A 36 23.10 8.36 -5.79
N LYS A 37 22.37 8.61 -4.70
CA LYS A 37 22.10 9.96 -4.18
C LYS A 37 21.44 10.86 -5.24
N LYS A 38 20.55 10.27 -6.01
CA LYS A 38 19.77 10.98 -7.02
C LYS A 38 18.36 11.10 -6.49
N PRO A 39 17.61 12.13 -6.91
CA PRO A 39 16.23 12.23 -6.41
C PRO A 39 15.42 10.98 -6.75
N ALA A 40 14.72 10.46 -5.77
CA ALA A 40 13.93 9.25 -5.94
C ALA A 40 12.46 9.65 -5.84
N LEU A 41 11.76 9.53 -6.95
CA LEU A 41 10.37 9.99 -7.08
C LEU A 41 9.48 9.01 -7.82
N LYS A 42 9.88 7.74 -7.89
CA LYS A 42 9.14 6.76 -8.65
C LYS A 42 7.78 6.49 -8.04
N LYS A 43 7.73 6.36 -6.72
CA LYS A 43 6.45 6.17 -6.03
C LYS A 43 5.58 7.42 -6.22
N LEU A 44 6.23 8.58 -6.30
CA LEU A 44 5.51 9.86 -6.42
C LEU A 44 4.88 10.04 -7.80
N THR A 45 5.63 9.73 -8.85
CA THR A 45 5.09 9.87 -10.22
C THR A 45 4.02 8.84 -10.50
N LEU A 46 4.08 7.73 -9.79
CA LEU A 46 3.17 6.62 -9.98
C LEU A 46 1.93 6.78 -9.09
N LEU A 47 2.02 7.67 -8.10
CA LEU A 47 0.94 7.90 -7.14
C LEU A 47 -0.43 8.22 -7.76
N PRO A 48 -0.55 9.20 -8.67
CA PRO A 48 -1.93 9.40 -9.16
C PRO A 48 -2.38 8.27 -10.08
N ALA A 49 -1.41 7.58 -10.66
CA ALA A 49 -1.68 6.49 -11.58
C ALA A 49 -2.21 5.27 -10.79
N VAL A 50 -1.64 4.98 -9.63
CA VAL A 50 -2.14 3.86 -8.85
C VAL A 50 -3.51 4.17 -8.31
N VAL A 51 -3.75 5.38 -7.82
CA VAL A 51 -5.02 5.74 -7.20
C VAL A 51 -6.20 5.49 -8.15
N MET A 52 -6.04 5.84 -9.41
CA MET A 52 -7.10 5.61 -10.38
C MET A 52 -7.44 4.12 -10.48
N HIS A 53 -6.43 3.26 -10.35
CA HIS A 53 -6.62 1.82 -10.39
C HIS A 53 -7.04 1.21 -9.05
N LEU A 54 -6.48 1.70 -7.96
CA LEU A 54 -6.70 1.13 -6.64
C LEU A 54 -8.13 1.31 -6.18
N LYS A 55 -8.78 2.36 -6.70
CA LYS A 55 -10.17 2.66 -6.34
C LYS A 55 -11.18 1.87 -7.18
N LYS A 56 -10.72 1.01 -8.06
CA LYS A 56 -11.64 0.17 -8.85
C LYS A 56 -12.12 -0.97 -7.97
N GLN A 57 -13.19 -0.69 -7.23
CA GLN A 57 -13.78 -1.61 -6.27
C GLN A 57 -14.20 -2.95 -6.86
N ASP A 58 -14.37 -3.01 -8.16
CA ASP A 58 -14.81 -4.24 -8.80
C ASP A 58 -13.73 -5.31 -8.73
N LEU A 59 -12.47 -4.91 -8.81
CA LEU A 59 -11.34 -5.83 -8.74
C LEU A 59 -10.70 -5.85 -7.37
N LYS A 60 -11.40 -5.37 -6.34
CA LYS A 60 -10.81 -5.30 -5.01
C LYS A 60 -10.38 -6.67 -4.50
N GLU A 61 -11.11 -7.70 -4.88
CA GLU A 61 -10.76 -9.07 -4.49
C GLU A 61 -9.46 -9.49 -5.18
N THR A 62 -9.32 -9.16 -6.45
CA THR A 62 -8.13 -9.48 -7.22
C THR A 62 -6.93 -8.73 -6.65
N PHE A 63 -7.13 -7.48 -6.28
CA PHE A 63 -6.08 -6.65 -5.70
C PHE A 63 -5.53 -7.26 -4.41
N ILE A 64 -6.42 -7.79 -3.58
CA ILE A 64 -6.02 -8.38 -2.30
C ILE A 64 -5.24 -9.66 -2.55
N ASP A 65 -5.72 -10.50 -3.45
CA ASP A 65 -5.06 -11.78 -3.74
C ASP A 65 -3.70 -11.57 -4.40
N SER A 66 -3.61 -10.57 -5.27
CA SER A 66 -2.38 -10.23 -5.97
C SER A 66 -1.34 -9.61 -5.01
N GLY A 67 -1.76 -9.33 -3.79
CA GLY A 67 -0.83 -8.83 -2.78
C GLY A 67 -0.61 -7.33 -2.78
N VAL A 68 -1.60 -6.54 -3.17
CA VAL A 68 -1.47 -5.08 -3.16
C VAL A 68 -1.07 -4.57 -1.79
N MET A 69 -1.48 -5.28 -0.75
CA MET A 69 -1.18 -4.89 0.61
C MET A 69 0.33 -4.86 0.86
N SER A 70 1.06 -5.73 0.18
CA SER A 70 2.51 -5.80 0.32
C SER A 70 3.13 -4.67 -0.49
N ALA A 71 2.58 -4.41 -1.66
CA ALA A 71 3.10 -3.36 -2.52
C ALA A 71 2.89 -1.99 -1.84
N ILE A 72 1.75 -1.78 -1.20
CA ILE A 72 1.49 -0.54 -0.47
C ILE A 72 2.47 -0.44 0.71
N LYS A 73 2.73 -1.55 1.38
CA LYS A 73 3.67 -1.57 2.51
C LYS A 73 5.06 -1.08 2.09
N GLU A 74 5.51 -1.50 0.92
CA GLU A 74 6.81 -1.06 0.42
C GLU A 74 6.81 0.44 0.12
N TRP A 75 5.66 0.99 -0.24
CA TRP A 75 5.60 2.41 -0.54
C TRP A 75 5.70 3.22 0.74
N LEU A 76 5.17 2.68 1.84
CA LEU A 76 5.21 3.36 3.13
C LEU A 76 6.59 3.31 3.75
N SER A 77 7.43 2.41 3.28
CA SER A 77 8.78 2.24 3.81
C SER A 77 9.71 3.33 3.25
N PRO A 78 10.26 4.22 4.11
CA PRO A 78 11.15 5.24 3.57
C PRO A 78 12.56 4.75 3.24
N LEU A 79 13.29 5.63 2.58
CA LEU A 79 14.64 5.35 2.10
C LEU A 79 15.68 5.62 3.20
N PRO A 80 16.92 5.12 3.05
CA PRO A 80 17.95 5.41 4.07
C PRO A 80 18.40 6.88 4.11
N ASP A 81 17.68 7.72 3.39
CA ASP A 81 17.86 9.17 3.40
C ASP A 81 17.37 9.74 4.75
N ARG A 82 16.62 8.90 5.47
CA ARG A 82 16.06 9.21 6.80
C ARG A 82 15.02 10.31 6.75
N SER A 83 14.40 10.47 5.60
CA SER A 83 13.31 11.40 5.40
C SER A 83 12.12 10.57 4.97
N LEU A 84 10.93 11.16 4.92
CA LEU A 84 9.74 10.43 4.48
C LEU A 84 9.23 11.03 3.15
N PRO A 85 9.86 10.66 2.02
CA PRO A 85 9.29 11.23 0.77
C PRO A 85 7.93 10.61 0.47
N ALA A 86 7.67 9.48 1.12
CA ALA A 86 6.42 8.75 0.98
C ALA A 86 5.25 9.48 1.63
N LEU A 87 5.52 10.58 2.32
CA LEU A 87 4.44 11.31 3.01
C LEU A 87 3.35 11.79 2.05
N LYS A 88 3.76 12.39 0.94
CA LYS A 88 2.77 12.93 -0.02
C LYS A 88 1.92 11.81 -0.60
N ILE A 89 2.54 10.65 -0.72
CA ILE A 89 1.91 9.49 -1.30
C ILE A 89 0.98 8.79 -0.32
N ARG A 90 1.40 8.70 0.93
CA ARG A 90 0.59 8.01 1.95
C ARG A 90 -0.74 8.69 2.19
N GLU A 91 -0.83 9.98 1.93
CA GLU A 91 -2.07 10.73 2.11
C GLU A 91 -3.19 10.08 1.28
N GLU A 92 -2.87 9.61 0.09
CA GLU A 92 -3.83 8.89 -0.74
C GLU A 92 -3.92 7.41 -0.34
N LEU A 93 -2.77 6.77 -0.17
CA LEU A 93 -2.73 5.34 0.16
C LEU A 93 -3.50 4.97 1.43
N LEU A 94 -3.50 5.83 2.43
CA LEU A 94 -4.19 5.52 3.69
C LEU A 94 -5.63 5.31 3.43
N LYS A 95 -6.15 6.19 2.61
CA LYS A 95 -7.58 6.19 2.30
C LYS A 95 -7.99 4.90 1.61
N ILE A 96 -7.17 4.46 0.68
CA ILE A 96 -7.42 3.23 -0.06
C ILE A 96 -7.48 2.02 0.89
N LEU A 97 -6.63 2.04 1.92
CA LEU A 97 -6.60 0.96 2.89
C LEU A 97 -7.89 0.88 3.73
N GLN A 98 -8.61 2.00 3.88
CA GLN A 98 -9.83 2.05 4.70
C GLN A 98 -11.06 1.60 3.92
N GLU A 99 -10.96 1.52 2.59
CA GLU A 99 -12.11 1.13 1.75
C GLU A 99 -12.04 -0.34 1.32
N LEU A 100 -11.04 -1.06 1.83
CA LEU A 100 -10.95 -2.49 1.58
C LEU A 100 -12.11 -3.21 2.28
N PRO A 101 -12.64 -4.28 1.66
CA PRO A 101 -13.80 -5.02 2.21
C PRO A 101 -13.51 -5.89 3.44
N SER A 102 -12.89 -7.04 3.22
CA SER A 102 -12.62 -7.99 4.29
C SER A 102 -11.30 -8.71 4.06
N VAL A 103 -10.25 -7.92 3.91
CA VAL A 103 -8.91 -8.47 3.73
C VAL A 103 -8.61 -9.29 4.99
N SER A 104 -8.08 -10.49 4.82
CA SER A 104 -7.80 -11.34 5.96
C SER A 104 -6.74 -10.69 6.81
N GLN A 105 -6.85 -10.88 8.12
CA GLN A 105 -5.87 -10.34 9.05
C GLN A 105 -4.52 -11.00 8.75
N GLU A 106 -4.56 -12.19 8.19
CA GLU A 106 -3.33 -12.89 7.82
C GLU A 106 -2.64 -12.16 6.67
N THR A 107 -3.39 -11.62 5.71
CA THR A 107 -2.80 -10.90 4.60
C THR A 107 -2.12 -9.65 5.17
N LEU A 108 -2.78 -9.02 6.12
CA LEU A 108 -2.22 -7.83 6.77
C LEU A 108 -0.93 -8.17 7.53
N LYS A 109 -0.89 -9.34 8.16
CA LYS A 109 0.31 -9.79 8.89
C LYS A 109 1.45 -10.11 7.93
N HIS A 110 1.15 -10.90 6.90
CA HIS A 110 2.16 -11.34 5.94
C HIS A 110 2.74 -10.18 5.15
N SER A 111 1.90 -9.25 4.74
CA SER A 111 2.35 -8.07 4.01
C SER A 111 3.14 -7.15 4.92
N GLY A 112 2.86 -7.22 6.22
CA GLY A 112 3.52 -6.35 7.18
C GLY A 112 2.94 -4.96 7.13
N ILE A 113 1.86 -4.79 6.38
CA ILE A 113 1.22 -3.49 6.21
C ILE A 113 0.70 -2.96 7.55
N GLY A 114 0.24 -3.86 8.42
CA GLY A 114 -0.22 -3.43 9.74
C GLY A 114 0.92 -2.77 10.51
N ARG A 115 2.09 -3.36 10.41
CA ARG A 115 3.27 -2.83 11.09
C ARG A 115 3.72 -1.52 10.43
N ALA A 116 3.57 -1.41 9.12
CA ALA A 116 3.94 -0.19 8.40
C ALA A 116 3.03 0.99 8.82
N VAL A 117 1.73 0.74 8.94
CA VAL A 117 0.81 1.79 9.38
C VAL A 117 1.19 2.17 10.82
N MET A 118 1.43 1.18 11.66
CA MET A 118 1.81 1.42 13.05
C MET A 118 3.11 2.23 13.16
N TYR A 119 4.09 1.90 12.33
CA TYR A 119 5.38 2.60 12.35
C TYR A 119 5.16 4.08 12.14
N LEU A 120 4.43 4.42 11.09
CA LEU A 120 4.19 5.81 10.78
C LEU A 120 3.23 6.46 11.78
N TYR A 121 2.32 5.69 12.32
CA TYR A 121 1.39 6.23 13.33
C TYR A 121 2.17 6.71 14.56
N LYS A 122 3.23 5.99 14.92
CA LYS A 122 4.04 6.37 16.07
C LYS A 122 5.19 7.31 15.68
N HIS A 123 5.39 7.53 14.39
CA HIS A 123 6.47 8.38 13.93
C HIS A 123 6.21 9.85 14.32
N PRO A 124 7.22 10.52 14.91
CA PRO A 124 6.98 11.90 15.36
C PRO A 124 6.94 12.96 14.26
N LYS A 125 7.38 12.63 13.06
CA LYS A 125 7.37 13.60 11.94
C LYS A 125 6.09 13.53 11.11
N GLU A 126 5.25 12.54 11.36
CA GLU A 126 4.04 12.37 10.57
C GLU A 126 2.97 13.43 10.89
N SER A 127 2.24 13.85 9.86
CA SER A 127 1.24 14.91 9.99
C SER A 127 0.01 14.46 10.77
N ARG A 128 -0.71 15.41 11.38
CA ARG A 128 -1.89 15.09 12.18
C ARG A 128 -2.98 14.39 11.38
N SER A 129 -3.21 14.83 10.16
CA SER A 129 -4.25 14.21 9.31
C SER A 129 -3.93 12.76 9.02
N ASN A 130 -2.67 12.49 8.69
CA ASN A 130 -2.27 11.12 8.41
C ASN A 130 -2.27 10.28 9.68
N LYS A 131 -2.03 10.92 10.82
CA LYS A 131 -2.06 10.24 12.11
C LYS A 131 -3.45 9.73 12.39
N ASP A 132 -4.45 10.54 12.10
CA ASP A 132 -5.84 10.17 12.37
C ASP A 132 -6.25 8.93 11.59
N MET A 133 -6.02 8.95 10.28
CA MET A 133 -6.42 7.83 9.44
C MET A 133 -5.61 6.61 9.81
N ALA A 134 -4.34 6.79 10.14
CA ALA A 134 -3.49 5.68 10.55
C ALA A 134 -4.03 5.04 11.84
N GLY A 135 -4.47 5.87 12.78
CA GLY A 135 -5.02 5.36 14.03
C GLY A 135 -6.29 4.59 13.79
N LYS A 136 -7.15 5.11 12.94
CA LYS A 136 -8.41 4.42 12.59
C LYS A 136 -8.11 3.07 12.00
N LEU A 137 -7.20 3.07 11.06
CA LEU A 137 -6.86 1.88 10.29
C LEU A 137 -6.37 0.73 11.15
N ILE A 138 -5.55 1.02 12.14
CA ILE A 138 -5.07 -0.02 13.06
C ILE A 138 -6.26 -0.59 13.82
N ASN A 139 -7.14 0.28 14.29
CA ASN A 139 -8.28 -0.11 15.11
C ASN A 139 -9.31 -0.95 14.36
N GLU A 140 -9.58 -0.54 13.14
CA GLU A 140 -10.64 -1.14 12.36
C GLU A 140 -10.23 -2.44 11.66
N TRP A 141 -8.94 -2.59 11.38
CA TRP A 141 -8.44 -3.83 10.76
C TRP A 141 -8.48 -5.01 11.73
N SER A 142 -8.10 -4.78 12.98
CA SER A 142 -8.11 -5.84 13.99
C SER A 142 -7.91 -5.28 15.40
N ARG A 143 -8.57 -5.89 16.38
CA ARG A 143 -8.41 -5.48 17.78
C ARG A 143 -8.04 -6.65 18.70
N PRO A 144 -6.87 -7.28 18.49
CA PRO A 144 -6.54 -8.38 19.40
C PRO A 144 -6.02 -7.91 20.76
N ILE A 145 -5.74 -6.62 20.87
CA ILE A 145 -5.19 -6.03 22.09
C ILE A 145 -6.00 -4.80 22.52
N PHE A 146 -7.18 -4.63 21.95
CA PHE A 146 -8.03 -3.48 22.27
C PHE A 146 -9.45 -3.99 22.50
N GLY A 147 -10.17 -3.35 23.40
CA GLY A 147 -11.53 -3.75 23.70
C GLY A 147 -12.01 -3.15 25.01
N LEU A 148 -11.73 -1.87 25.21
CA LEU A 148 -12.11 -1.19 26.44
C LEU A 148 -13.38 -0.39 26.17
N GLY A 149 -14.47 -0.79 26.79
CA GLY A 149 -15.75 -0.12 26.58
C GLY A 149 -16.49 -0.79 25.44
N SER A 150 -17.57 -0.15 25.00
CA SER A 150 -18.45 -0.67 23.94
C SER A 150 -19.06 -2.01 24.36
N SER A 1 -0.70 -18.75 -20.38
CA SER A 1 -0.79 -19.23 -21.79
C SER A 1 -1.77 -18.37 -22.57
N ASN A 2 -1.75 -18.44 -23.89
CA ASN A 2 -2.66 -17.62 -24.72
C ASN A 2 -3.97 -18.34 -24.99
N ALA A 3 -4.10 -19.58 -24.52
CA ALA A 3 -5.33 -20.33 -24.68
C ALA A 3 -6.38 -19.66 -23.80
N ALA A 4 -7.62 -19.64 -24.27
CA ALA A 4 -8.77 -19.04 -23.57
C ALA A 4 -8.59 -17.55 -23.24
N SER A 5 -7.73 -16.86 -23.99
CA SER A 5 -7.57 -15.42 -23.82
C SER A 5 -8.70 -14.72 -24.58
N GLY A 6 -9.07 -13.51 -24.15
CA GLY A 6 -10.11 -12.76 -24.83
C GLY A 6 -11.52 -13.07 -24.37
N THR A 7 -11.65 -13.69 -23.20
CA THR A 7 -12.95 -14.01 -22.63
C THR A 7 -12.83 -13.89 -21.11
N PHE A 8 -13.99 -13.73 -20.46
CA PHE A 8 -14.09 -13.55 -19.00
C PHE A 8 -13.31 -12.32 -18.52
N ILE A 9 -13.11 -12.22 -17.21
CA ILE A 9 -12.38 -11.09 -16.65
C ILE A 9 -10.89 -11.44 -16.71
N SER A 10 -10.28 -11.16 -17.86
CA SER A 10 -8.85 -11.44 -18.05
C SER A 10 -8.05 -10.16 -18.16
N ASP A 11 -8.52 -9.21 -18.96
CA ASP A 11 -7.83 -7.92 -19.14
C ASP A 11 -7.62 -7.20 -17.82
N ALA A 12 -8.64 -7.23 -16.96
CA ALA A 12 -8.55 -6.53 -15.68
C ALA A 12 -7.55 -7.20 -14.74
N ASP A 13 -7.46 -8.52 -14.81
CA ASP A 13 -6.55 -9.28 -13.95
C ASP A 13 -5.11 -8.94 -14.31
N ASP A 14 -4.86 -8.83 -15.60
CA ASP A 14 -3.52 -8.47 -16.09
C ASP A 14 -3.16 -7.05 -15.61
N VAL A 15 -4.14 -6.15 -15.64
CA VAL A 15 -3.91 -4.78 -15.16
C VAL A 15 -3.64 -4.74 -13.65
N VAL A 16 -4.35 -5.53 -12.87
CA VAL A 16 -4.10 -5.58 -11.43
C VAL A 16 -2.71 -6.15 -11.18
N SER A 17 -2.36 -7.21 -11.89
CA SER A 17 -1.05 -7.82 -11.73
C SER A 17 0.05 -6.83 -12.13
N ALA A 18 -0.17 -6.11 -13.22
CA ALA A 18 0.76 -5.10 -13.69
C ALA A 18 0.91 -3.99 -12.64
N MET A 19 -0.19 -3.64 -11.99
CA MET A 19 -0.15 -2.59 -10.96
C MET A 19 0.74 -3.02 -9.80
N ILE A 20 0.54 -4.21 -9.27
CA ILE A 20 1.33 -4.69 -8.14
C ILE A 20 2.80 -4.77 -8.51
N VAL A 21 3.14 -5.35 -9.65
CA VAL A 21 4.55 -5.48 -10.00
C VAL A 21 5.17 -4.10 -10.23
N LYS A 22 4.48 -3.16 -10.86
CA LYS A 22 5.08 -1.85 -11.09
C LYS A 22 5.20 -1.05 -9.82
N MET A 23 4.28 -1.24 -8.89
CA MET A 23 4.41 -0.61 -7.58
C MET A 23 5.69 -1.14 -6.91
N ASN A 24 5.94 -2.44 -7.03
CA ASN A 24 7.17 -3.01 -6.48
C ASN A 24 8.40 -2.43 -7.13
N GLU A 25 8.40 -2.33 -8.45
CA GLU A 25 9.55 -1.78 -9.17
C GLU A 25 9.79 -0.33 -8.77
N ALA A 26 8.72 0.43 -8.57
CA ALA A 26 8.84 1.82 -8.17
C ALA A 26 9.49 1.94 -6.78
N ALA A 27 9.19 0.98 -5.92
CA ALA A 27 9.77 0.98 -4.58
C ALA A 27 11.25 0.64 -4.64
N GLU A 28 11.62 -0.32 -5.48
CA GLU A 28 13.01 -0.72 -5.64
C GLU A 28 13.84 0.32 -6.36
N GLU A 29 13.24 0.97 -7.36
CA GLU A 29 13.94 2.03 -8.08
C GLU A 29 14.32 3.13 -7.10
N ASP A 30 13.44 3.44 -6.17
CA ASP A 30 13.72 4.46 -5.18
C ASP A 30 14.95 4.08 -4.34
N ARG A 31 15.17 2.79 -4.10
CA ARG A 31 16.35 2.35 -3.34
C ARG A 31 17.61 2.65 -4.13
N GLN A 32 17.55 2.50 -5.45
CA GLN A 32 18.71 2.71 -6.29
C GLN A 32 18.99 4.18 -6.39
N LEU A 33 17.94 4.95 -6.54
CA LEU A 33 18.05 6.41 -6.61
C LEU A 33 18.70 6.94 -5.35
N ASN A 34 18.25 6.46 -4.20
CA ASN A 34 18.87 6.77 -2.94
C ASN A 34 20.33 6.32 -2.82
N ASN A 35 20.70 5.25 -3.52
CA ASN A 35 22.04 4.69 -3.46
C ASN A 35 22.96 5.70 -4.15
N GLN A 36 22.41 6.34 -5.17
CA GLN A 36 23.13 7.35 -5.91
C GLN A 36 23.00 8.73 -5.28
N LYS A 37 22.29 8.80 -4.15
CA LYS A 37 22.01 10.05 -3.42
C LYS A 37 21.24 11.06 -4.28
N LYS A 38 20.38 10.54 -5.14
CA LYS A 38 19.51 11.35 -5.99
C LYS A 38 18.13 11.32 -5.36
N PRO A 39 17.31 12.36 -5.59
CA PRO A 39 15.93 12.27 -5.07
C PRO A 39 15.21 11.07 -5.64
N ALA A 40 14.56 10.30 -4.77
CA ALA A 40 13.85 9.11 -5.18
C ALA A 40 12.35 9.42 -5.18
N LEU A 41 11.74 9.35 -6.35
CA LEU A 41 10.35 9.79 -6.52
C LEU A 41 9.51 8.88 -7.43
N LYS A 42 9.88 7.62 -7.58
CA LYS A 42 9.13 6.74 -8.49
C LYS A 42 7.74 6.45 -7.95
N LYS A 43 7.63 6.34 -6.64
CA LYS A 43 6.32 6.16 -6.00
C LYS A 43 5.46 7.40 -6.22
N LEU A 44 6.07 8.56 -6.32
CA LEU A 44 5.34 9.82 -6.47
C LEU A 44 4.74 9.97 -7.87
N THR A 45 5.53 9.68 -8.89
CA THR A 45 5.03 9.80 -10.27
C THR A 45 3.94 8.76 -10.53
N LEU A 46 4.04 7.65 -9.82
CA LEU A 46 3.13 6.54 -10.00
C LEU A 46 1.91 6.67 -9.07
N LEU A 47 1.96 7.59 -8.13
CA LEU A 47 0.89 7.79 -7.15
C LEU A 47 -0.50 8.06 -7.78
N PRO A 48 -0.63 9.05 -8.69
CA PRO A 48 -2.01 9.22 -9.17
C PRO A 48 -2.43 8.10 -10.11
N ALA A 49 -1.44 7.45 -10.72
CA ALA A 49 -1.69 6.37 -11.64
C ALA A 49 -2.21 5.15 -10.89
N VAL A 50 -1.64 4.85 -9.73
CA VAL A 50 -2.15 3.72 -8.96
C VAL A 50 -3.51 4.05 -8.40
N VAL A 51 -3.71 5.26 -7.87
CA VAL A 51 -4.97 5.62 -7.22
C VAL A 51 -6.16 5.40 -8.14
N MET A 52 -6.02 5.78 -9.40
CA MET A 52 -7.07 5.58 -10.38
C MET A 52 -7.49 4.11 -10.46
N HIS A 53 -6.51 3.21 -10.36
CA HIS A 53 -6.78 1.78 -10.39
C HIS A 53 -7.12 1.18 -9.02
N LEU A 54 -6.51 1.68 -7.95
CA LEU A 54 -6.68 1.12 -6.61
C LEU A 54 -8.12 1.29 -6.18
N LYS A 55 -8.77 2.30 -6.72
CA LYS A 55 -10.17 2.58 -6.42
C LYS A 55 -11.18 1.80 -7.27
N LYS A 56 -10.72 0.83 -8.06
CA LYS A 56 -11.65 -0.06 -8.79
C LYS A 56 -12.35 -1.00 -7.80
N GLN A 57 -13.44 -0.49 -7.24
CA GLN A 57 -14.28 -1.18 -6.26
C GLN A 57 -14.81 -2.53 -6.72
N ASP A 58 -14.78 -2.79 -8.02
CA ASP A 58 -15.23 -4.07 -8.55
C ASP A 58 -14.19 -5.17 -8.32
N LEU A 59 -12.91 -4.79 -8.34
CA LEU A 59 -11.79 -5.74 -8.37
C LEU A 59 -11.06 -5.86 -7.05
N LYS A 60 -11.72 -5.50 -5.96
CA LYS A 60 -11.09 -5.54 -4.63
C LYS A 60 -10.44 -6.87 -4.31
N GLU A 61 -11.13 -7.98 -4.54
CA GLU A 61 -10.56 -9.29 -4.21
C GLU A 61 -9.31 -9.59 -5.02
N THR A 62 -9.29 -9.18 -6.28
CA THR A 62 -8.12 -9.41 -7.11
C THR A 62 -6.93 -8.65 -6.55
N PHE A 63 -7.16 -7.41 -6.16
CA PHE A 63 -6.10 -6.59 -5.58
C PHE A 63 -5.61 -7.18 -4.26
N ILE A 64 -6.52 -7.70 -3.46
CA ILE A 64 -6.18 -8.28 -2.16
C ILE A 64 -5.34 -9.55 -2.38
N ASP A 65 -5.77 -10.42 -3.28
CA ASP A 65 -5.07 -11.68 -3.54
C ASP A 65 -3.72 -11.46 -4.21
N SER A 66 -3.64 -10.47 -5.09
CA SER A 66 -2.39 -10.12 -5.78
C SER A 66 -1.37 -9.52 -4.83
N GLY A 67 -1.77 -9.28 -3.58
CA GLY A 67 -0.84 -8.77 -2.60
C GLY A 67 -0.58 -7.28 -2.71
N VAL A 68 -1.58 -6.51 -3.12
CA VAL A 68 -1.41 -5.05 -3.21
C VAL A 68 -1.00 -4.50 -1.86
N MET A 69 -1.47 -5.14 -0.79
CA MET A 69 -1.16 -4.71 0.56
C MET A 69 0.34 -4.76 0.83
N SER A 70 1.04 -5.66 0.16
CA SER A 70 2.50 -5.79 0.31
C SER A 70 3.18 -4.68 -0.48
N ALA A 71 2.64 -4.38 -1.65
CA ALA A 71 3.23 -3.34 -2.48
C ALA A 71 3.01 -1.96 -1.82
N ILE A 72 1.84 -1.75 -1.23
CA ILE A 72 1.55 -0.52 -0.49
C ILE A 72 2.47 -0.44 0.72
N LYS A 73 2.70 -1.57 1.38
CA LYS A 73 3.62 -1.60 2.53
C LYS A 73 5.02 -1.13 2.11
N GLU A 74 5.49 -1.54 0.95
CA GLU A 74 6.79 -1.10 0.46
C GLU A 74 6.78 0.40 0.15
N TRP A 75 5.64 0.92 -0.27
CA TRP A 75 5.55 2.34 -0.57
C TRP A 75 5.61 3.16 0.72
N LEU A 76 5.02 2.65 1.78
CA LEU A 76 5.05 3.31 3.08
C LEU A 76 6.44 3.28 3.68
N SER A 77 7.24 2.29 3.32
CA SER A 77 8.58 2.15 3.87
C SER A 77 9.55 3.15 3.23
N PRO A 78 10.11 4.07 4.03
CA PRO A 78 11.05 5.04 3.44
C PRO A 78 12.44 4.48 3.19
N LEU A 79 13.29 5.32 2.62
CA LEU A 79 14.66 4.98 2.32
C LEU A 79 15.51 5.02 3.60
N PRO A 80 16.72 4.41 3.59
CA PRO A 80 17.60 4.48 4.77
C PRO A 80 18.14 5.91 5.03
N ASP A 81 17.75 6.84 4.19
CA ASP A 81 18.06 8.26 4.32
C ASP A 81 17.23 8.86 5.47
N ARG A 82 16.24 8.09 5.93
CA ARG A 82 15.35 8.40 7.06
C ARG A 82 14.39 9.56 6.82
N SER A 83 14.45 10.16 5.64
CA SER A 83 13.51 11.17 5.26
C SER A 83 12.30 10.43 4.78
N LEU A 84 11.18 11.13 4.79
CA LEU A 84 9.91 10.55 4.37
C LEU A 84 9.34 11.29 3.14
N PRO A 85 9.98 11.14 1.96
CA PRO A 85 9.39 11.84 0.80
C PRO A 85 8.07 11.22 0.36
N ALA A 86 7.81 10.03 0.88
CA ALA A 86 6.59 9.30 0.59
C ALA A 86 5.38 9.90 1.30
N LEU A 87 5.59 10.99 2.04
CA LEU A 87 4.51 11.64 2.79
C LEU A 87 3.31 11.95 1.90
N LYS A 88 3.57 12.47 0.70
CA LYS A 88 2.49 12.85 -0.21
C LYS A 88 1.70 11.67 -0.73
N ILE A 89 2.37 10.54 -0.83
CA ILE A 89 1.77 9.32 -1.32
C ILE A 89 0.87 8.71 -0.24
N ARG A 90 1.29 8.80 1.01
CA ARG A 90 0.50 8.28 2.14
C ARG A 90 -0.88 8.90 2.21
N GLU A 91 -0.96 10.17 1.84
CA GLU A 91 -2.19 10.94 1.94
C GLU A 91 -3.32 10.21 1.19
N GLU A 92 -3.00 9.60 0.07
CA GLU A 92 -3.96 8.78 -0.67
C GLU A 92 -4.02 7.33 -0.19
N LEU A 93 -2.86 6.70 -0.04
CA LEU A 93 -2.80 5.28 0.31
C LEU A 93 -3.52 4.88 1.58
N LEU A 94 -3.48 5.73 2.61
CA LEU A 94 -4.15 5.40 3.89
C LEU A 94 -5.61 5.24 3.69
N LYS A 95 -6.13 6.07 2.81
CA LYS A 95 -7.57 6.08 2.55
C LYS A 95 -8.00 4.80 1.89
N ILE A 96 -7.28 4.39 0.86
CA ILE A 96 -7.61 3.19 0.10
C ILE A 96 -7.70 1.95 0.99
N LEU A 97 -6.79 1.80 1.94
CA LEU A 97 -6.82 0.74 2.90
C LEU A 97 -8.11 0.65 3.72
N GLN A 98 -8.83 1.74 3.89
CA GLN A 98 -10.08 1.75 4.66
C GLN A 98 -11.26 1.49 3.72
N GLU A 99 -11.01 1.54 2.41
CA GLU A 99 -12.03 1.24 1.41
C GLU A 99 -12.13 -0.28 1.20
N LEU A 100 -11.17 -1.04 1.73
CA LEU A 100 -11.17 -2.49 1.57
C LEU A 100 -12.38 -3.14 2.26
N PRO A 101 -12.93 -4.22 1.65
CA PRO A 101 -14.13 -4.87 2.18
C PRO A 101 -13.91 -5.70 3.45
N SER A 102 -13.26 -6.84 3.30
CA SER A 102 -13.00 -7.74 4.41
C SER A 102 -11.69 -8.50 4.27
N VAL A 103 -10.61 -7.76 4.07
CA VAL A 103 -9.28 -8.36 3.94
C VAL A 103 -8.98 -9.12 5.24
N SER A 104 -8.46 -10.33 5.12
CA SER A 104 -8.15 -11.15 6.27
C SER A 104 -6.97 -10.59 7.03
N GLN A 105 -6.93 -10.81 8.34
CA GLN A 105 -5.83 -10.35 9.17
C GLN A 105 -4.55 -10.99 8.66
N GLU A 106 -4.65 -12.21 8.16
CA GLU A 106 -3.50 -12.92 7.64
C GLU A 106 -2.85 -12.21 6.46
N THR A 107 -3.64 -11.59 5.59
CA THR A 107 -3.07 -10.87 4.44
C THR A 107 -2.30 -9.68 4.98
N LEU A 108 -2.91 -8.97 5.93
CA LEU A 108 -2.28 -7.80 6.53
C LEU A 108 -1.00 -8.19 7.29
N LYS A 109 -1.04 -9.35 7.93
CA LYS A 109 0.11 -9.91 8.66
C LYS A 109 1.24 -10.26 7.70
N HIS A 110 0.92 -10.95 6.62
CA HIS A 110 1.92 -11.38 5.64
C HIS A 110 2.52 -10.18 4.93
N SER A 111 1.69 -9.21 4.59
CA SER A 111 2.15 -8.01 3.93
C SER A 111 3.00 -7.15 4.86
N GLY A 112 2.68 -7.18 6.14
CA GLY A 112 3.38 -6.35 7.11
C GLY A 112 2.86 -4.93 7.08
N ILE A 113 1.79 -4.70 6.35
CA ILE A 113 1.20 -3.36 6.19
C ILE A 113 0.77 -2.78 7.53
N GLY A 114 0.25 -3.60 8.43
CA GLY A 114 -0.17 -3.10 9.73
C GLY A 114 1.01 -2.51 10.49
N ARG A 115 2.18 -3.12 10.36
CA ARG A 115 3.39 -2.64 11.03
C ARG A 115 3.85 -1.35 10.37
N ALA A 116 3.71 -1.26 9.06
CA ALA A 116 4.11 -0.05 8.33
C ALA A 116 3.23 1.14 8.77
N VAL A 117 1.94 0.92 8.92
CA VAL A 117 1.03 1.96 9.39
C VAL A 117 1.41 2.36 10.81
N MET A 118 1.63 1.38 11.67
CA MET A 118 1.98 1.65 13.07
C MET A 118 3.29 2.44 13.19
N TYR A 119 4.26 2.11 12.35
CA TYR A 119 5.54 2.83 12.34
C TYR A 119 5.31 4.31 12.13
N LEU A 120 4.48 4.63 11.15
CA LEU A 120 4.22 6.02 10.79
C LEU A 120 3.34 6.73 11.80
N TYR A 121 2.40 5.98 12.37
CA TYR A 121 1.49 6.53 13.37
C TYR A 121 2.25 7.08 14.56
N LYS A 122 3.29 6.36 14.98
CA LYS A 122 4.10 6.79 16.11
C LYS A 122 5.25 7.70 15.70
N HIS A 123 5.51 7.80 14.41
CA HIS A 123 6.62 8.61 13.91
C HIS A 123 6.37 10.09 14.20
N PRO A 124 7.35 10.78 14.82
CA PRO A 124 7.08 12.17 15.21
C PRO A 124 7.01 13.18 14.06
N LYS A 125 7.51 12.80 12.88
CA LYS A 125 7.49 13.71 11.72
C LYS A 125 6.24 13.60 10.84
N GLU A 126 5.40 12.60 11.07
CA GLU A 126 4.21 12.42 10.23
C GLU A 126 3.12 13.44 10.54
N SER A 127 2.34 13.79 9.53
CA SER A 127 1.29 14.80 9.65
C SER A 127 0.11 14.28 10.47
N ARG A 128 -0.63 15.20 11.10
CA ARG A 128 -1.77 14.80 11.92
C ARG A 128 -2.84 14.10 11.08
N SER A 129 -3.05 14.57 9.86
CA SER A 129 -4.05 13.97 8.98
C SER A 129 -3.71 12.52 8.68
N ASN A 130 -2.44 12.25 8.39
CA ASN A 130 -2.02 10.89 8.09
C ASN A 130 -2.15 10.03 9.33
N LYS A 131 -1.82 10.59 10.49
CA LYS A 131 -1.91 9.85 11.75
C LYS A 131 -3.33 9.50 12.14
N ASP A 132 -4.29 10.36 11.83
CA ASP A 132 -5.68 10.08 12.17
C ASP A 132 -6.12 8.79 11.48
N MET A 133 -5.87 8.71 10.19
CA MET A 133 -6.27 7.55 9.41
C MET A 133 -5.42 6.34 9.77
N ALA A 134 -4.17 6.60 10.12
CA ALA A 134 -3.28 5.53 10.57
C ALA A 134 -3.82 4.91 11.86
N GLY A 135 -4.30 5.74 12.77
CA GLY A 135 -4.85 5.26 14.02
C GLY A 135 -6.10 4.44 13.78
N LYS A 136 -6.94 4.90 12.87
CA LYS A 136 -8.16 4.16 12.51
C LYS A 136 -7.80 2.76 12.02
N LEU A 137 -6.86 2.69 11.09
CA LEU A 137 -6.48 1.40 10.50
C LEU A 137 -5.98 0.39 11.51
N ILE A 138 -5.18 0.84 12.46
CA ILE A 138 -4.67 -0.08 13.49
C ILE A 138 -5.83 -0.73 14.27
N ASN A 139 -6.88 0.05 14.53
CA ASN A 139 -8.01 -0.47 15.29
C ASN A 139 -9.01 -1.29 14.46
N GLU A 140 -9.36 -0.80 13.27
CA GLU A 140 -10.39 -1.43 12.45
C GLU A 140 -9.93 -2.69 11.72
N TRP A 141 -8.63 -2.90 11.63
CA TRP A 141 -8.08 -4.11 11.01
C TRP A 141 -8.05 -5.29 12.01
N SER A 142 -8.94 -5.26 12.99
CA SER A 142 -9.04 -6.30 14.01
C SER A 142 -10.44 -6.90 13.99
N ARG A 143 -10.57 -8.16 14.38
CA ARG A 143 -11.87 -8.85 14.39
C ARG A 143 -12.18 -9.46 15.76
N PRO A 144 -12.55 -8.63 16.75
CA PRO A 144 -12.87 -9.21 18.06
C PRO A 144 -14.20 -9.95 18.05
N ILE A 145 -14.37 -10.87 18.99
CA ILE A 145 -15.60 -11.65 19.12
C ILE A 145 -16.02 -11.68 20.59
N PHE A 146 -17.27 -12.03 20.85
CA PHE A 146 -17.78 -12.12 22.21
C PHE A 146 -17.44 -13.49 22.81
N GLY A 147 -16.15 -13.76 22.93
CA GLY A 147 -15.69 -15.04 23.46
C GLY A 147 -15.55 -15.07 24.97
N LEU A 148 -16.28 -14.21 25.65
CA LEU A 148 -16.25 -14.13 27.11
C LEU A 148 -17.24 -15.12 27.70
N GLY A 149 -17.06 -15.47 28.97
CA GLY A 149 -17.96 -16.40 29.63
C GLY A 149 -17.29 -17.02 30.84
N SER A 150 -15.96 -16.95 30.84
CA SER A 150 -15.13 -17.42 31.94
C SER A 150 -13.91 -16.52 31.80
N SER A 1 -17.72 -10.87 -23.77
CA SER A 1 -18.66 -9.71 -23.86
C SER A 1 -18.27 -8.66 -22.84
N ASN A 2 -18.59 -7.39 -23.10
CA ASN A 2 -18.22 -6.32 -22.16
C ASN A 2 -18.98 -6.49 -20.85
N ALA A 3 -18.27 -6.30 -19.74
CA ALA A 3 -18.83 -6.39 -18.39
C ALA A 3 -19.56 -7.70 -18.09
N ALA A 4 -19.19 -8.78 -18.76
CA ALA A 4 -19.83 -10.08 -18.56
C ALA A 4 -19.57 -10.60 -17.14
N SER A 5 -18.42 -10.20 -16.59
CA SER A 5 -18.02 -10.53 -15.22
C SER A 5 -17.93 -12.04 -14.92
N GLY A 6 -17.72 -12.39 -13.65
CA GLY A 6 -17.61 -13.79 -13.28
C GLY A 6 -16.41 -14.43 -13.96
N THR A 7 -16.62 -15.59 -14.57
CA THR A 7 -15.54 -16.32 -15.24
C THR A 7 -14.95 -15.60 -16.48
N PHE A 8 -15.53 -14.47 -16.86
CA PHE A 8 -15.04 -13.70 -18.00
C PHE A 8 -13.97 -12.70 -17.58
N ILE A 9 -13.72 -12.62 -16.29
CA ILE A 9 -12.68 -11.73 -15.77
C ILE A 9 -11.32 -12.42 -16.01
N SER A 10 -10.50 -11.79 -16.83
CA SER A 10 -9.15 -12.28 -17.10
C SER A 10 -8.24 -11.09 -17.39
N ASP A 11 -8.66 -10.23 -18.32
CA ASP A 11 -7.90 -9.03 -18.68
C ASP A 11 -7.62 -8.17 -17.45
N ALA A 12 -8.61 -8.08 -16.58
CA ALA A 12 -8.50 -7.25 -15.39
C ALA A 12 -7.50 -7.83 -14.38
N ASP A 13 -7.35 -9.15 -14.36
CA ASP A 13 -6.43 -9.79 -13.41
C ASP A 13 -5.01 -9.41 -13.79
N ASP A 14 -4.73 -9.45 -15.09
CA ASP A 14 -3.40 -9.07 -15.60
C ASP A 14 -3.12 -7.61 -15.27
N VAL A 15 -4.14 -6.77 -15.37
CA VAL A 15 -3.98 -5.33 -15.05
C VAL A 15 -3.73 -5.13 -13.55
N VAL A 16 -4.41 -5.88 -12.70
CA VAL A 16 -4.19 -5.77 -11.27
C VAL A 16 -2.77 -6.26 -10.95
N SER A 17 -2.38 -7.38 -11.54
CA SER A 17 -1.03 -7.92 -11.33
C SER A 17 0.01 -6.92 -11.82
N ALA A 18 -0.24 -6.31 -12.96
CA ALA A 18 0.66 -5.30 -13.51
C ALA A 18 0.76 -4.12 -12.55
N MET A 19 -0.33 -3.72 -11.93
CA MET A 19 -0.28 -2.63 -10.98
C MET A 19 0.59 -3.00 -9.78
N ILE A 20 0.40 -4.18 -9.21
CA ILE A 20 1.21 -4.62 -8.07
C ILE A 20 2.70 -4.65 -8.45
N VAL A 21 3.05 -5.21 -9.60
CA VAL A 21 4.46 -5.26 -9.96
C VAL A 21 4.98 -3.85 -10.27
N LYS A 22 4.22 -2.99 -10.92
CA LYS A 22 4.69 -1.63 -11.20
C LYS A 22 4.95 -0.87 -9.91
N MET A 23 4.10 -1.09 -8.91
CA MET A 23 4.32 -0.47 -7.61
C MET A 23 5.63 -1.01 -7.02
N ASN A 24 5.90 -2.30 -7.17
CA ASN A 24 7.16 -2.88 -6.68
C ASN A 24 8.37 -2.23 -7.34
N GLU A 25 8.32 -2.07 -8.65
CA GLU A 25 9.45 -1.48 -9.37
C GLU A 25 9.70 -0.07 -8.87
N ALA A 26 8.63 0.70 -8.68
CA ALA A 26 8.77 2.07 -8.20
C ALA A 26 9.35 2.11 -6.79
N ALA A 27 9.03 1.11 -5.98
CA ALA A 27 9.50 1.08 -4.62
C ALA A 27 11.00 0.81 -4.61
N GLU A 28 11.43 -0.15 -5.40
CA GLU A 28 12.84 -0.49 -5.45
C GLU A 28 13.68 0.50 -6.24
N GLU A 29 13.11 1.15 -7.23
CA GLU A 29 13.82 2.17 -7.99
C GLU A 29 14.24 3.27 -7.04
N ASP A 30 13.34 3.64 -6.13
CA ASP A 30 13.63 4.67 -5.16
C ASP A 30 14.78 4.25 -4.26
N ARG A 31 14.90 2.96 -3.99
CA ARG A 31 15.99 2.43 -3.17
C ARG A 31 17.31 2.52 -3.94
N GLN A 32 17.27 2.38 -5.27
CA GLN A 32 18.48 2.46 -6.08
C GLN A 32 18.92 3.90 -6.17
N LEU A 33 17.94 4.76 -6.37
CA LEU A 33 18.18 6.20 -6.47
C LEU A 33 18.81 6.70 -5.18
N ASN A 34 18.24 6.33 -4.05
CA ASN A 34 18.83 6.65 -2.77
C ASN A 34 20.22 6.07 -2.55
N ASN A 35 20.53 4.94 -3.18
CA ASN A 35 21.83 4.29 -3.03
C ASN A 35 22.88 5.19 -3.65
N GLN A 36 22.46 5.94 -4.66
CA GLN A 36 23.33 6.87 -5.37
C GLN A 36 23.17 8.29 -4.86
N LYS A 37 22.40 8.44 -3.78
CA LYS A 37 22.11 9.73 -3.13
C LYS A 37 21.47 10.72 -4.11
N LYS A 38 20.64 10.19 -5.00
CA LYS A 38 19.89 11.01 -5.96
C LYS A 38 18.46 11.07 -5.45
N PRO A 39 17.71 12.14 -5.81
CA PRO A 39 16.32 12.19 -5.37
C PRO A 39 15.55 10.98 -5.85
N ALA A 40 14.69 10.46 -4.98
CA ALA A 40 13.92 9.27 -5.27
C ALA A 40 12.43 9.60 -5.16
N LEU A 41 11.75 9.56 -6.30
CA LEU A 41 10.35 9.98 -6.40
C LEU A 41 9.53 9.09 -7.35
N LYS A 42 9.91 7.83 -7.53
CA LYS A 42 9.18 6.97 -8.46
C LYS A 42 7.79 6.67 -7.92
N LYS A 43 7.68 6.51 -6.62
CA LYS A 43 6.37 6.29 -6.00
C LYS A 43 5.50 7.54 -6.22
N LEU A 44 6.12 8.70 -6.30
CA LEU A 44 5.39 9.96 -6.47
C LEU A 44 4.83 10.11 -7.88
N THR A 45 5.64 9.83 -8.89
CA THR A 45 5.18 9.95 -10.28
C THR A 45 4.11 8.92 -10.61
N LEU A 46 4.11 7.83 -9.87
CA LEU A 46 3.21 6.72 -10.08
C LEU A 46 1.95 6.88 -9.21
N LEU A 47 2.01 7.81 -8.27
CA LEU A 47 0.91 8.03 -7.31
C LEU A 47 -0.47 8.27 -7.97
N PRO A 48 -0.61 9.21 -8.91
CA PRO A 48 -1.98 9.35 -9.41
C PRO A 48 -2.39 8.19 -10.31
N ALA A 49 -1.39 7.53 -10.87
CA ALA A 49 -1.61 6.41 -11.76
C ALA A 49 -2.12 5.20 -10.96
N VAL A 50 -1.57 4.95 -9.77
CA VAL A 50 -2.05 3.84 -8.97
C VAL A 50 -3.45 4.14 -8.45
N VAL A 51 -3.71 5.37 -8.01
CA VAL A 51 -5.00 5.73 -7.43
C VAL A 51 -6.14 5.40 -8.39
N MET A 52 -5.95 5.71 -9.66
CA MET A 52 -6.97 5.41 -10.67
C MET A 52 -7.31 3.90 -10.71
N HIS A 53 -6.30 3.06 -10.56
CA HIS A 53 -6.49 1.61 -10.55
C HIS A 53 -6.92 1.08 -9.19
N LEU A 54 -6.40 1.66 -8.11
CA LEU A 54 -6.69 1.19 -6.76
C LEU A 54 -8.16 1.47 -6.42
N LYS A 55 -8.76 2.42 -7.14
CA LYS A 55 -10.17 2.76 -6.98
C LYS A 55 -11.14 1.76 -7.62
N LYS A 56 -10.64 0.70 -8.24
CA LYS A 56 -11.50 -0.31 -8.84
C LYS A 56 -12.04 -1.22 -7.75
N GLN A 57 -13.11 -0.75 -7.11
CA GLN A 57 -13.77 -1.48 -6.03
C GLN A 57 -14.31 -2.83 -6.49
N ASP A 58 -14.50 -2.97 -7.79
CA ASP A 58 -15.02 -4.20 -8.38
C ASP A 58 -13.94 -5.29 -8.40
N LEU A 59 -12.70 -4.86 -8.24
CA LEU A 59 -11.54 -5.77 -8.28
C LEU A 59 -10.83 -5.78 -6.95
N LYS A 60 -11.49 -5.31 -5.90
CA LYS A 60 -10.87 -5.26 -4.57
C LYS A 60 -10.46 -6.65 -4.11
N GLU A 61 -11.20 -7.66 -4.50
CA GLU A 61 -10.86 -9.04 -4.16
C GLU A 61 -9.56 -9.44 -4.84
N THR A 62 -9.43 -9.11 -6.12
CA THR A 62 -8.24 -9.40 -6.91
C THR A 62 -7.03 -8.68 -6.33
N PHE A 63 -7.21 -7.43 -5.96
CA PHE A 63 -6.13 -6.63 -5.39
C PHE A 63 -5.61 -7.21 -4.08
N ILE A 64 -6.50 -7.73 -3.25
CA ILE A 64 -6.11 -8.31 -1.98
C ILE A 64 -5.30 -9.58 -2.24
N ASP A 65 -5.80 -10.44 -3.12
CA ASP A 65 -5.13 -11.71 -3.41
C ASP A 65 -3.78 -11.50 -4.11
N SER A 66 -3.71 -10.51 -4.99
CA SER A 66 -2.47 -10.18 -5.70
C SER A 66 -1.43 -9.56 -4.79
N GLY A 67 -1.80 -9.32 -3.54
CA GLY A 67 -0.85 -8.79 -2.58
C GLY A 67 -0.60 -7.30 -2.67
N VAL A 68 -1.60 -6.52 -3.04
CA VAL A 68 -1.45 -5.05 -3.10
C VAL A 68 -1.01 -4.54 -1.74
N MET A 69 -1.41 -5.22 -0.68
CA MET A 69 -1.06 -4.84 0.67
C MET A 69 0.44 -4.84 0.87
N SER A 70 1.15 -5.71 0.16
CA SER A 70 2.60 -5.81 0.25
C SER A 70 3.24 -4.68 -0.53
N ALA A 71 2.65 -4.35 -1.67
CA ALA A 71 3.17 -3.28 -2.49
C ALA A 71 2.96 -1.92 -1.81
N ILE A 72 1.80 -1.73 -1.20
CA ILE A 72 1.53 -0.49 -0.45
C ILE A 72 2.48 -0.44 0.75
N LYS A 73 2.74 -1.58 1.37
CA LYS A 73 3.68 -1.64 2.50
C LYS A 73 5.07 -1.17 2.08
N GLU A 74 5.54 -1.58 0.91
CA GLU A 74 6.85 -1.13 0.43
C GLU A 74 6.82 0.36 0.11
N TRP A 75 5.68 0.89 -0.27
CA TRP A 75 5.58 2.32 -0.54
C TRP A 75 5.65 3.12 0.75
N LEU A 76 5.02 2.64 1.80
CA LEU A 76 5.06 3.29 3.11
C LEU A 76 6.46 3.21 3.73
N SER A 77 7.21 2.19 3.36
CA SER A 77 8.57 2.02 3.87
C SER A 77 9.51 3.06 3.26
N PRO A 78 10.13 3.91 4.10
CA PRO A 78 11.04 4.90 3.53
C PRO A 78 12.42 4.33 3.23
N LEU A 79 13.23 5.13 2.57
CA LEU A 79 14.58 4.76 2.22
C LEU A 79 15.49 4.85 3.46
N PRO A 80 16.70 4.25 3.43
CA PRO A 80 17.57 4.32 4.62
C PRO A 80 18.07 5.72 4.98
N ASP A 81 17.74 6.69 4.15
CA ASP A 81 18.03 8.11 4.39
C ASP A 81 17.16 8.64 5.55
N ARG A 82 16.15 7.84 5.92
CA ARG A 82 15.20 8.11 7.02
C ARG A 82 14.25 9.27 6.77
N SER A 83 14.34 9.89 5.62
CA SER A 83 13.42 10.91 5.22
C SER A 83 12.23 10.16 4.67
N LEU A 84 11.07 10.79 4.72
CA LEU A 84 9.84 10.18 4.23
C LEU A 84 9.33 10.87 2.96
N PRO A 85 9.93 10.58 1.78
CA PRO A 85 9.31 11.22 0.60
C PRO A 85 7.95 10.60 0.30
N ALA A 86 7.71 9.44 0.90
CA ALA A 86 6.45 8.72 0.79
C ALA A 86 5.30 9.45 1.52
N LEU A 87 5.62 10.53 2.21
CA LEU A 87 4.62 11.27 2.97
C LEU A 87 3.48 11.75 2.08
N LYS A 88 3.80 12.31 0.92
CA LYS A 88 2.77 12.83 0.01
C LYS A 88 1.92 11.73 -0.59
N ILE A 89 2.52 10.58 -0.76
CA ILE A 89 1.86 9.45 -1.39
C ILE A 89 0.94 8.74 -0.42
N ARG A 90 1.37 8.58 0.83
CA ARG A 90 0.53 7.90 1.80
C ARG A 90 -0.74 8.67 2.14
N GLU A 91 -0.77 9.96 1.89
CA GLU A 91 -1.96 10.77 2.09
C GLU A 91 -3.12 10.15 1.30
N GLU A 92 -2.82 9.64 0.10
CA GLU A 92 -3.81 8.93 -0.70
C GLU A 92 -3.94 7.46 -0.29
N LEU A 93 -2.81 6.76 -0.17
CA LEU A 93 -2.81 5.33 0.15
C LEU A 93 -3.53 4.96 1.43
N LEU A 94 -3.51 5.83 2.44
CA LEU A 94 -4.18 5.54 3.71
C LEU A 94 -5.64 5.35 3.48
N LYS A 95 -6.15 6.19 2.63
CA LYS A 95 -7.59 6.20 2.34
C LYS A 95 -7.98 4.91 1.68
N ILE A 96 -7.20 4.50 0.68
CA ILE A 96 -7.47 3.28 -0.08
C ILE A 96 -7.46 2.04 0.83
N LEU A 97 -6.60 2.03 1.82
CA LEU A 97 -6.52 0.93 2.77
C LEU A 97 -7.81 0.74 3.57
N GLN A 98 -8.59 1.81 3.74
CA GLN A 98 -9.86 1.75 4.49
C GLN A 98 -11.01 1.33 3.56
N GLU A 99 -10.75 1.34 2.26
CA GLU A 99 -11.78 0.97 1.27
C GLU A 99 -11.85 -0.55 1.08
N LEU A 100 -10.96 -1.27 1.75
CA LEU A 100 -10.96 -2.71 1.70
C LEU A 100 -12.17 -3.23 2.49
N PRO A 101 -12.71 -4.40 2.10
CA PRO A 101 -13.92 -4.93 2.75
C PRO A 101 -13.67 -5.51 4.15
N SER A 102 -13.03 -6.66 4.19
CA SER A 102 -12.71 -7.34 5.43
C SER A 102 -11.44 -8.16 5.23
N VAL A 103 -10.39 -7.47 4.84
CA VAL A 103 -9.11 -8.11 4.57
C VAL A 103 -8.67 -8.89 5.81
N SER A 104 -8.29 -10.14 5.61
CA SER A 104 -7.93 -11.01 6.72
C SER A 104 -6.70 -10.47 7.44
N GLN A 105 -6.62 -10.73 8.74
CA GLN A 105 -5.49 -10.28 9.54
C GLN A 105 -4.22 -10.93 9.02
N GLU A 106 -4.36 -12.14 8.51
CA GLU A 106 -3.21 -12.87 7.99
C GLU A 106 -2.58 -12.11 6.82
N THR A 107 -3.39 -11.46 5.98
CA THR A 107 -2.85 -10.69 4.87
C THR A 107 -2.08 -9.51 5.43
N LEU A 108 -2.64 -8.81 6.40
CA LEU A 108 -1.98 -7.68 7.03
C LEU A 108 -0.67 -8.09 7.71
N LYS A 109 -0.68 -9.28 8.30
CA LYS A 109 0.48 -9.85 8.97
C LYS A 109 1.58 -10.22 7.96
N HIS A 110 1.20 -10.95 6.93
CA HIS A 110 2.15 -11.44 5.93
C HIS A 110 2.74 -10.33 5.08
N SER A 111 1.92 -9.38 4.66
CA SER A 111 2.40 -8.24 3.88
C SER A 111 3.22 -7.32 4.76
N GLY A 112 2.90 -7.29 6.04
CA GLY A 112 3.58 -6.40 6.97
C GLY A 112 2.99 -5.01 6.95
N ILE A 113 1.89 -4.81 6.24
CA ILE A 113 1.25 -3.49 6.15
C ILE A 113 0.76 -3.04 7.53
N GLY A 114 0.36 -3.98 8.38
CA GLY A 114 -0.08 -3.63 9.72
C GLY A 114 1.05 -2.97 10.48
N ARG A 115 2.25 -3.50 10.31
CA ARG A 115 3.42 -2.94 10.97
C ARG A 115 3.79 -1.61 10.32
N ALA A 116 3.60 -1.50 9.02
CA ALA A 116 3.93 -0.27 8.28
C ALA A 116 3.04 0.92 8.70
N VAL A 117 1.73 0.72 8.80
CA VAL A 117 0.85 1.82 9.22
C VAL A 117 1.17 2.19 10.67
N MET A 118 1.45 1.19 11.51
CA MET A 118 1.77 1.46 12.91
C MET A 118 3.09 2.20 13.07
N TYR A 119 4.07 1.85 12.24
CA TYR A 119 5.37 2.52 12.27
C TYR A 119 5.19 4.02 12.04
N LEU A 120 4.40 4.36 11.04
CA LEU A 120 4.19 5.76 10.70
C LEU A 120 3.28 6.45 11.71
N TYR A 121 2.30 5.73 12.23
CA TYR A 121 1.40 6.29 13.25
C TYR A 121 2.20 6.74 14.48
N LYS A 122 3.24 5.99 14.82
CA LYS A 122 4.09 6.34 15.97
C LYS A 122 5.30 7.20 15.57
N HIS A 123 5.50 7.41 14.27
CA HIS A 123 6.63 8.18 13.78
C HIS A 123 6.51 9.65 14.20
N PRO A 124 7.57 10.24 14.76
CA PRO A 124 7.42 11.61 15.26
C PRO A 124 7.36 12.71 14.19
N LYS A 125 7.77 12.41 12.96
CA LYS A 125 7.74 13.40 11.88
C LYS A 125 6.45 13.35 11.07
N GLU A 126 5.60 12.38 11.34
CA GLU A 126 4.39 12.20 10.53
C GLU A 126 3.32 13.28 10.79
N SER A 127 2.58 13.62 9.74
CA SER A 127 1.58 14.69 9.81
C SER A 127 0.35 14.25 10.61
N ARG A 128 -0.34 15.22 11.21
CA ARG A 128 -1.52 14.91 12.03
C ARG A 128 -2.61 14.24 11.21
N SER A 129 -2.85 14.73 10.00
CA SER A 129 -3.89 14.18 9.15
C SER A 129 -3.62 12.72 8.80
N ASN A 130 -2.38 12.39 8.50
CA ASN A 130 -2.04 11.01 8.17
C ASN A 130 -2.19 10.12 9.39
N LYS A 131 -1.82 10.64 10.55
CA LYS A 131 -1.96 9.87 11.78
C LYS A 131 -3.41 9.63 12.17
N ASP A 132 -4.28 10.56 11.85
CA ASP A 132 -5.70 10.38 12.15
C ASP A 132 -6.24 9.16 11.43
N MET A 133 -6.00 9.11 10.12
CA MET A 133 -6.48 7.98 9.33
C MET A 133 -5.73 6.72 9.70
N ALA A 134 -4.44 6.85 10.02
CA ALA A 134 -3.64 5.71 10.43
C ALA A 134 -4.19 5.09 11.71
N GLY A 135 -4.61 5.91 12.65
CA GLY A 135 -5.17 5.41 13.90
C GLY A 135 -6.47 4.66 13.67
N LYS A 136 -7.30 5.18 12.77
CA LYS A 136 -8.58 4.55 12.45
C LYS A 136 -8.32 3.21 11.77
N LEU A 137 -7.33 3.21 10.89
CA LEU A 137 -6.97 2.03 10.13
C LEU A 137 -6.47 0.90 11.04
N ILE A 138 -5.79 1.27 12.12
CA ILE A 138 -5.31 0.28 13.10
C ILE A 138 -6.52 -0.24 13.90
N ASN A 139 -7.52 0.61 14.11
CA ASN A 139 -8.71 0.24 14.88
C ASN A 139 -9.57 -0.78 14.15
N GLU A 140 -9.74 -0.55 12.86
CA GLU A 140 -10.64 -1.33 12.02
C GLU A 140 -10.02 -2.63 11.50
N TRP A 141 -8.70 -2.68 11.42
CA TRP A 141 -8.02 -3.89 10.98
C TRP A 141 -7.93 -4.83 12.18
N SER A 142 -8.05 -6.13 11.90
CA SER A 142 -7.97 -7.23 12.89
C SER A 142 -9.29 -7.39 13.65
N ARG A 143 -9.32 -8.35 14.56
CA ARG A 143 -10.52 -8.66 15.36
C ARG A 143 -11.80 -8.82 14.51
N PRO A 144 -11.77 -9.72 13.50
CA PRO A 144 -13.02 -9.83 12.75
C PRO A 144 -14.13 -10.45 13.58
N ILE A 145 -15.36 -10.12 13.25
CA ILE A 145 -16.53 -10.66 13.94
C ILE A 145 -16.99 -11.85 13.10
N PHE A 146 -17.18 -12.99 13.76
CA PHE A 146 -17.59 -14.24 13.12
C PHE A 146 -16.51 -14.70 12.12
N GLY A 147 -16.86 -15.67 11.28
CA GLY A 147 -15.94 -16.17 10.26
C GLY A 147 -16.43 -15.79 8.88
N LEU A 148 -17.62 -16.28 8.54
CA LEU A 148 -18.29 -15.96 7.29
C LEU A 148 -19.76 -16.10 7.62
N GLY A 149 -20.56 -15.09 7.29
CA GLY A 149 -21.98 -15.13 7.63
C GLY A 149 -22.19 -14.68 9.07
N SER A 150 -23.23 -15.20 9.70
CA SER A 150 -23.56 -14.89 11.09
C SER A 150 -24.39 -16.05 11.58
N SER A 1 0.85 -24.72 -18.41
CA SER A 1 0.56 -23.99 -19.68
C SER A 1 -0.26 -22.77 -19.39
N ASN A 2 -0.12 -21.72 -20.21
CA ASN A 2 -0.86 -20.48 -20.00
C ASN A 2 -2.36 -20.68 -20.20
N ALA A 3 -2.71 -21.63 -21.06
CA ALA A 3 -4.09 -22.02 -21.42
C ALA A 3 -4.90 -20.95 -22.18
N ALA A 4 -4.91 -19.71 -21.69
CA ALA A 4 -5.62 -18.59 -22.30
C ALA A 4 -7.13 -18.89 -22.50
N SER A 5 -7.67 -19.69 -21.59
CA SER A 5 -9.08 -20.08 -21.65
C SER A 5 -9.46 -20.56 -20.25
N GLY A 6 -10.75 -20.50 -19.94
CA GLY A 6 -11.24 -20.94 -18.64
C GLY A 6 -12.14 -19.89 -18.01
N THR A 7 -11.75 -18.63 -18.16
CA THR A 7 -12.51 -17.51 -17.63
C THR A 7 -12.79 -16.53 -18.75
N PHE A 8 -13.78 -15.66 -18.55
CA PHE A 8 -14.09 -14.61 -19.53
C PHE A 8 -13.24 -13.39 -19.20
N ILE A 9 -12.93 -13.24 -17.92
CA ILE A 9 -12.13 -12.12 -17.44
C ILE A 9 -10.68 -12.56 -17.42
N SER A 10 -9.81 -11.74 -18.00
CA SER A 10 -8.37 -11.99 -18.03
C SER A 10 -7.64 -10.65 -18.04
N ASP A 11 -8.04 -9.79 -18.95
CA ASP A 11 -7.41 -8.48 -19.14
C ASP A 11 -7.38 -7.66 -17.86
N ALA A 12 -8.47 -7.69 -17.10
CA ALA A 12 -8.56 -6.90 -15.89
C ALA A 12 -7.57 -7.40 -14.84
N ASP A 13 -7.44 -8.71 -14.74
CA ASP A 13 -6.59 -9.31 -13.73
C ASP A 13 -5.12 -9.10 -14.08
N ASP A 14 -4.82 -9.11 -15.37
CA ASP A 14 -3.47 -8.82 -15.83
C ASP A 14 -3.11 -7.38 -15.48
N VAL A 15 -4.07 -6.48 -15.62
CA VAL A 15 -3.85 -5.06 -15.27
C VAL A 15 -3.64 -4.91 -13.76
N VAL A 16 -4.40 -5.63 -12.95
CA VAL A 16 -4.22 -5.58 -11.50
C VAL A 16 -2.83 -6.10 -11.15
N SER A 17 -2.44 -7.21 -11.75
CA SER A 17 -1.13 -7.81 -11.49
C SER A 17 -0.02 -6.86 -11.95
N ALA A 18 -0.24 -6.22 -13.09
CA ALA A 18 0.70 -5.24 -13.62
C ALA A 18 0.83 -4.07 -12.66
N MET A 19 -0.27 -3.68 -12.02
CA MET A 19 -0.22 -2.58 -11.06
C MET A 19 0.60 -2.98 -9.84
N ILE A 20 0.35 -4.14 -9.26
CA ILE A 20 1.11 -4.60 -8.09
C ILE A 20 2.60 -4.64 -8.43
N VAL A 21 2.97 -5.22 -9.56
CA VAL A 21 4.38 -5.28 -9.89
C VAL A 21 4.92 -3.87 -10.14
N LYS A 22 4.21 -3.00 -10.84
CA LYS A 22 4.75 -1.65 -11.10
C LYS A 22 4.98 -0.89 -9.81
N MET A 23 4.10 -1.08 -8.85
CA MET A 23 4.29 -0.48 -7.54
C MET A 23 5.58 -1.03 -6.92
N ASN A 24 5.82 -2.33 -7.03
CA ASN A 24 7.05 -2.93 -6.50
C ASN A 24 8.31 -2.36 -7.16
N GLU A 25 8.30 -2.29 -8.48
CA GLU A 25 9.45 -1.80 -9.23
C GLU A 25 9.75 -0.37 -8.83
N ALA A 26 8.70 0.43 -8.67
CA ALA A 26 8.84 1.82 -8.27
C ALA A 26 9.41 1.96 -6.86
N ALA A 27 9.07 1.01 -5.99
CA ALA A 27 9.52 1.09 -4.61
C ALA A 27 11.00 0.81 -4.53
N GLU A 28 11.45 -0.21 -5.25
CA GLU A 28 12.85 -0.56 -5.23
C GLU A 28 13.69 0.41 -6.04
N GLU A 29 13.11 1.02 -7.06
CA GLU A 29 13.84 2.00 -7.86
C GLU A 29 14.21 3.18 -7.00
N ASP A 30 13.30 3.61 -6.13
CA ASP A 30 13.59 4.71 -5.25
C ASP A 30 14.75 4.34 -4.32
N ARG A 31 14.86 3.07 -3.96
CA ARG A 31 15.98 2.59 -3.14
C ARG A 31 17.29 2.60 -3.93
N GLN A 32 17.22 2.37 -5.25
CA GLN A 32 18.42 2.38 -6.09
C GLN A 32 18.88 3.80 -6.26
N LEU A 33 17.92 4.68 -6.49
CA LEU A 33 18.21 6.11 -6.67
C LEU A 33 18.84 6.63 -5.40
N ASN A 34 18.30 6.25 -4.24
CA ASN A 34 18.87 6.61 -2.96
C ASN A 34 20.29 6.08 -2.76
N ASN A 35 20.61 4.96 -3.39
CA ASN A 35 21.93 4.33 -3.25
C ASN A 35 22.95 5.22 -3.94
N GLN A 36 22.50 5.88 -4.99
CA GLN A 36 23.35 6.77 -5.77
C GLN A 36 23.20 8.21 -5.29
N LYS A 37 22.43 8.39 -4.21
CA LYS A 37 22.13 9.70 -3.60
C LYS A 37 21.46 10.65 -4.60
N LYS A 38 20.65 10.07 -5.48
CA LYS A 38 19.89 10.82 -6.47
C LYS A 38 18.49 11.02 -5.90
N PRO A 39 17.80 12.10 -6.30
CA PRO A 39 16.41 12.23 -5.84
C PRO A 39 15.59 11.02 -6.29
N ALA A 40 14.73 10.53 -5.41
CA ALA A 40 13.95 9.34 -5.69
C ALA A 40 12.46 9.67 -5.60
N LEU A 41 11.76 9.53 -6.71
CA LEU A 41 10.35 9.94 -6.83
C LEU A 41 9.50 8.97 -7.68
N LYS A 42 9.88 7.71 -7.82
CA LYS A 42 9.12 6.79 -8.65
C LYS A 42 7.76 6.52 -8.03
N LYS A 43 7.70 6.40 -6.72
CA LYS A 43 6.40 6.24 -6.04
C LYS A 43 5.53 7.48 -6.25
N LEU A 44 6.17 8.64 -6.37
CA LEU A 44 5.45 9.91 -6.51
C LEU A 44 4.86 10.07 -7.91
N THR A 45 5.64 9.77 -8.94
CA THR A 45 5.14 9.91 -10.32
C THR A 45 4.06 8.88 -10.61
N LEU A 46 4.08 7.79 -9.88
CA LEU A 46 3.16 6.69 -10.07
C LEU A 46 1.92 6.87 -9.17
N LEU A 47 1.99 7.81 -8.25
CA LEU A 47 0.91 8.06 -7.28
C LEU A 47 -0.47 8.29 -7.92
N PRO A 48 -0.61 9.24 -8.86
CA PRO A 48 -1.99 9.39 -9.34
C PRO A 48 -2.43 8.23 -10.24
N ALA A 49 -1.44 7.55 -10.80
CA ALA A 49 -1.69 6.42 -11.67
C ALA A 49 -2.20 5.24 -10.85
N VAL A 50 -1.64 4.99 -9.68
CA VAL A 50 -2.12 3.88 -8.86
C VAL A 50 -3.50 4.17 -8.33
N VAL A 51 -3.75 5.39 -7.85
CA VAL A 51 -5.04 5.72 -7.22
C VAL A 51 -6.23 5.38 -8.11
N MET A 52 -6.11 5.68 -9.40
CA MET A 52 -7.17 5.40 -10.35
C MET A 52 -7.48 3.89 -10.40
N HIS A 53 -6.44 3.07 -10.32
CA HIS A 53 -6.59 1.62 -10.33
C HIS A 53 -6.93 1.04 -8.95
N LEU A 54 -6.35 1.59 -7.90
CA LEU A 54 -6.51 1.05 -6.55
C LEU A 54 -7.95 1.18 -6.05
N LYS A 55 -8.68 2.12 -6.64
CA LYS A 55 -10.08 2.35 -6.28
C LYS A 55 -11.04 1.43 -7.00
N LYS A 56 -10.53 0.50 -7.80
CA LYS A 56 -11.38 -0.49 -8.46
C LYS A 56 -11.81 -1.57 -7.48
N GLN A 57 -12.80 -1.23 -6.68
CA GLN A 57 -13.40 -2.16 -5.71
C GLN A 57 -14.06 -3.29 -6.49
N ASP A 58 -14.35 -3.05 -7.76
CA ASP A 58 -14.90 -4.08 -8.64
C ASP A 58 -13.94 -5.27 -8.72
N LEU A 59 -12.65 -4.99 -8.58
CA LEU A 59 -11.58 -5.97 -8.71
C LEU A 59 -10.90 -6.23 -7.37
N LYS A 60 -11.62 -5.94 -6.29
CA LYS A 60 -11.09 -6.11 -4.94
C LYS A 60 -10.52 -7.49 -4.68
N GLU A 61 -11.12 -8.52 -5.25
CA GLU A 61 -10.65 -9.89 -5.03
C GLU A 61 -9.26 -10.06 -5.61
N THR A 62 -9.05 -9.63 -6.85
CA THR A 62 -7.75 -9.76 -7.48
C THR A 62 -6.72 -8.91 -6.77
N PHE A 63 -7.09 -7.70 -6.37
CA PHE A 63 -6.13 -6.81 -5.71
C PHE A 63 -5.62 -7.37 -4.39
N ILE A 64 -6.50 -7.97 -3.60
CA ILE A 64 -6.10 -8.50 -2.30
C ILE A 64 -5.22 -9.74 -2.53
N ASP A 65 -5.62 -10.63 -3.42
CA ASP A 65 -4.87 -11.87 -3.67
C ASP A 65 -3.51 -11.61 -4.32
N SER A 66 -3.46 -10.63 -5.21
CA SER A 66 -2.21 -10.24 -5.90
C SER A 66 -1.22 -9.62 -4.92
N GLY A 67 -1.67 -9.34 -3.71
CA GLY A 67 -0.78 -8.82 -2.69
C GLY A 67 -0.56 -7.32 -2.73
N VAL A 68 -1.57 -6.55 -3.12
CA VAL A 68 -1.45 -5.09 -3.14
C VAL A 68 -1.04 -4.57 -1.77
N MET A 69 -1.45 -5.26 -0.73
CA MET A 69 -1.12 -4.87 0.64
C MET A 69 0.38 -4.84 0.86
N SER A 70 1.11 -5.71 0.17
CA SER A 70 2.56 -5.79 0.29
C SER A 70 3.19 -4.66 -0.49
N ALA A 71 2.63 -4.35 -1.66
CA ALA A 71 3.16 -3.29 -2.48
C ALA A 71 2.93 -1.93 -1.79
N ILE A 72 1.77 -1.76 -1.16
CA ILE A 72 1.47 -0.52 -0.42
C ILE A 72 2.42 -0.42 0.78
N LYS A 73 2.69 -1.55 1.42
CA LYS A 73 3.61 -1.58 2.57
C LYS A 73 4.99 -1.07 2.15
N GLU A 74 5.48 -1.49 0.99
CA GLU A 74 6.79 -1.03 0.52
C GLU A 74 6.74 0.47 0.20
N TRP A 75 5.60 0.98 -0.19
CA TRP A 75 5.49 2.40 -0.48
C TRP A 75 5.52 3.23 0.78
N LEU A 76 4.91 2.74 1.85
CA LEU A 76 4.92 3.44 3.13
C LEU A 76 6.31 3.43 3.75
N SER A 77 7.09 2.42 3.40
CA SER A 77 8.45 2.29 3.94
C SER A 77 9.39 3.34 3.33
N PRO A 78 10.09 4.10 4.19
CA PRO A 78 11.02 5.11 3.68
C PRO A 78 12.38 4.56 3.27
N LEU A 79 13.22 5.45 2.77
CA LEU A 79 14.55 5.10 2.28
C LEU A 79 15.56 5.15 3.44
N PRO A 80 16.76 4.53 3.29
CA PRO A 80 17.74 4.58 4.38
C PRO A 80 18.32 5.98 4.67
N ASP A 81 17.91 6.95 3.86
CA ASP A 81 18.25 8.36 4.03
C ASP A 81 17.52 8.94 5.27
N ARG A 82 16.59 8.14 5.81
CA ARG A 82 15.80 8.44 7.01
C ARG A 82 14.80 9.57 6.83
N SER A 83 14.74 10.16 5.65
CA SER A 83 13.73 11.11 5.31
C SER A 83 12.55 10.28 4.87
N LEU A 84 11.40 10.91 4.86
CA LEU A 84 10.17 10.25 4.44
C LEU A 84 9.64 10.89 3.14
N PRO A 85 10.29 10.63 1.98
CA PRO A 85 9.77 11.30 0.77
C PRO A 85 8.43 10.74 0.30
N ALA A 86 8.07 9.57 0.81
CA ALA A 86 6.84 8.90 0.46
C ALA A 86 5.65 9.51 1.19
N LEU A 87 5.91 10.56 1.97
CA LEU A 87 4.88 11.18 2.78
C LEU A 87 3.68 11.65 1.97
N LYS A 88 3.95 12.28 0.84
CA LYS A 88 2.88 12.84 -0.01
C LYS A 88 1.96 11.76 -0.56
N ILE A 89 2.52 10.58 -0.75
CA ILE A 89 1.80 9.48 -1.35
C ILE A 89 0.89 8.80 -0.33
N ARG A 90 1.33 8.76 0.92
CA ARG A 90 0.56 8.13 1.99
C ARG A 90 -0.78 8.81 2.18
N GLU A 91 -0.83 10.08 1.88
CA GLU A 91 -2.05 10.88 2.05
C GLU A 91 -3.20 10.23 1.27
N GLU A 92 -2.88 9.69 0.11
CA GLU A 92 -3.87 8.92 -0.67
C GLU A 92 -3.94 7.45 -0.24
N LEU A 93 -2.79 6.80 -0.10
CA LEU A 93 -2.75 5.36 0.23
C LEU A 93 -3.46 4.97 1.52
N LEU A 94 -3.44 5.82 2.54
CA LEU A 94 -4.11 5.50 3.80
C LEU A 94 -5.57 5.32 3.55
N LYS A 95 -6.08 6.19 2.70
CA LYS A 95 -7.52 6.18 2.38
C LYS A 95 -7.90 4.92 1.64
N ILE A 96 -7.03 4.51 0.72
CA ILE A 96 -7.26 3.30 -0.06
C ILE A 96 -7.27 2.08 0.87
N LEU A 97 -6.44 2.09 1.89
CA LEU A 97 -6.39 0.99 2.83
C LEU A 97 -7.67 0.85 3.67
N GLN A 98 -8.43 1.94 3.85
CA GLN A 98 -9.66 1.89 4.66
C GLN A 98 -10.87 1.44 3.82
N GLU A 99 -10.79 1.58 2.50
CA GLU A 99 -11.93 1.20 1.64
C GLU A 99 -11.85 -0.26 1.21
N LEU A 100 -10.85 -0.97 1.72
CA LEU A 100 -10.74 -2.40 1.45
C LEU A 100 -11.87 -3.12 2.22
N PRO A 101 -12.46 -4.16 1.60
CA PRO A 101 -13.61 -4.86 2.18
C PRO A 101 -13.33 -5.82 3.34
N SER A 102 -12.77 -6.97 3.03
CA SER A 102 -12.51 -8.01 4.04
C SER A 102 -11.18 -8.70 3.86
N VAL A 103 -10.13 -7.91 3.84
CA VAL A 103 -8.77 -8.45 3.76
C VAL A 103 -8.54 -9.20 5.07
N SER A 104 -8.03 -10.42 4.99
CA SER A 104 -7.85 -11.22 6.19
C SER A 104 -6.73 -10.64 7.05
N GLN A 105 -6.82 -10.85 8.35
CA GLN A 105 -5.81 -10.36 9.27
C GLN A 105 -4.46 -10.99 8.96
N GLU A 106 -4.50 -12.19 8.38
CA GLU A 106 -3.28 -12.88 7.99
C GLU A 106 -2.62 -12.19 6.80
N THR A 107 -3.39 -11.63 5.88
CA THR A 107 -2.79 -10.94 4.75
C THR A 107 -2.15 -9.67 5.28
N LEU A 108 -2.83 -9.00 6.20
CA LEU A 108 -2.29 -7.78 6.81
C LEU A 108 -1.00 -8.10 7.58
N LYS A 109 -0.96 -9.26 8.21
CA LYS A 109 0.21 -9.73 8.96
C LYS A 109 1.36 -10.07 8.01
N HIS A 110 1.08 -10.85 6.98
CA HIS A 110 2.09 -11.33 6.05
C HIS A 110 2.68 -10.21 5.19
N SER A 111 1.83 -9.30 4.73
CA SER A 111 2.30 -8.16 3.96
C SER A 111 3.09 -7.21 4.85
N GLY A 112 2.75 -7.20 6.13
CA GLY A 112 3.39 -6.32 7.08
C GLY A 112 2.83 -4.91 7.03
N ILE A 113 1.73 -4.72 6.31
CA ILE A 113 1.11 -3.41 6.18
C ILE A 113 0.66 -2.87 7.53
N GLY A 114 0.20 -3.75 8.41
CA GLY A 114 -0.22 -3.32 9.73
C GLY A 114 0.94 -2.68 10.49
N ARG A 115 2.13 -3.26 10.34
CA ARG A 115 3.32 -2.72 10.99
C ARG A 115 3.75 -1.43 10.31
N ALA A 116 3.59 -1.34 9.00
CA ALA A 116 3.96 -0.13 8.27
C ALA A 116 3.11 1.06 8.72
N VAL A 117 1.82 0.84 8.90
CA VAL A 117 0.93 1.90 9.39
C VAL A 117 1.30 2.24 10.83
N MET A 118 1.53 1.22 11.65
CA MET A 118 1.90 1.45 13.06
C MET A 118 3.20 2.25 13.18
N TYR A 119 4.16 1.96 12.32
CA TYR A 119 5.45 2.68 12.31
C TYR A 119 5.22 4.16 12.14
N LEU A 120 4.39 4.50 11.17
CA LEU A 120 4.14 5.90 10.85
C LEU A 120 3.25 6.58 11.88
N TYR A 121 2.30 5.83 12.42
CA TYR A 121 1.40 6.36 13.44
C TYR A 121 2.19 6.84 14.66
N LYS A 122 3.26 6.15 14.98
CA LYS A 122 4.11 6.53 16.12
C LYS A 122 5.29 7.39 15.71
N HIS A 123 5.51 7.57 14.42
CA HIS A 123 6.64 8.35 13.94
C HIS A 123 6.50 9.83 14.29
N PRO A 124 7.53 10.44 14.89
CA PRO A 124 7.38 11.84 15.31
C PRO A 124 7.35 12.87 14.17
N LYS A 125 7.75 12.47 12.97
CA LYS A 125 7.74 13.39 11.81
C LYS A 125 6.46 13.30 10.97
N GLU A 126 5.54 12.41 11.32
CA GLU A 126 4.32 12.26 10.53
C GLU A 126 3.28 13.34 10.84
N SER A 127 2.46 13.66 9.85
CA SER A 127 1.47 14.73 9.99
C SER A 127 0.26 14.29 10.80
N ARG A 128 -0.40 15.23 11.46
CA ARG A 128 -1.58 14.89 12.28
C ARG A 128 -2.69 14.26 11.43
N SER A 129 -2.82 14.71 10.19
CA SER A 129 -3.86 14.18 9.30
C SER A 129 -3.59 12.71 8.95
N ASN A 130 -2.35 12.40 8.62
CA ASN A 130 -2.00 11.03 8.28
C ASN A 130 -2.14 10.14 9.50
N LYS A 131 -1.76 10.66 10.66
CA LYS A 131 -1.86 9.88 11.90
C LYS A 131 -3.30 9.58 12.28
N ASP A 132 -4.23 10.46 11.96
CA ASP A 132 -5.62 10.20 12.27
C ASP A 132 -6.10 8.96 11.53
N MET A 133 -5.80 8.90 10.25
CA MET A 133 -6.22 7.79 9.42
C MET A 133 -5.41 6.54 9.76
N ALA A 134 -4.14 6.74 10.11
CA ALA A 134 -3.29 5.63 10.53
C ALA A 134 -3.88 4.99 11.81
N GLY A 135 -4.36 5.82 12.72
CA GLY A 135 -4.96 5.33 13.94
C GLY A 135 -6.25 4.59 13.65
N LYS A 136 -7.04 5.10 12.72
CA LYS A 136 -8.28 4.44 12.32
C LYS A 136 -7.99 3.08 11.75
N LEU A 137 -6.99 2.97 10.90
CA LEU A 137 -6.63 1.69 10.28
C LEU A 137 -6.28 0.61 11.27
N ILE A 138 -5.53 0.97 12.29
CA ILE A 138 -5.16 0.02 13.34
C ILE A 138 -6.43 -0.54 14.03
N ASN A 139 -7.48 0.28 14.11
CA ASN A 139 -8.74 -0.12 14.76
C ASN A 139 -9.72 -0.85 13.84
N GLU A 140 -9.91 -0.34 12.62
CA GLU A 140 -10.90 -0.91 11.70
C GLU A 140 -10.43 -2.24 11.10
N TRP A 141 -9.12 -2.46 11.08
CA TRP A 141 -8.57 -3.76 10.69
C TRP A 141 -8.67 -4.71 11.90
N SER A 142 -9.92 -4.94 12.31
CA SER A 142 -10.32 -5.78 13.46
C SER A 142 -9.90 -5.25 14.84
N ARG A 143 -10.70 -5.63 15.83
CA ARG A 143 -10.52 -5.27 17.26
C ARG A 143 -10.55 -3.75 17.52
N PRO A 144 -11.64 -3.07 17.13
CA PRO A 144 -11.61 -1.63 17.44
C PRO A 144 -11.77 -1.35 18.93
N ILE A 145 -11.10 -0.30 19.39
CA ILE A 145 -11.19 0.15 20.77
C ILE A 145 -12.56 0.80 20.96
N PHE A 146 -13.07 1.39 19.89
CA PHE A 146 -14.40 1.99 19.93
C PHE A 146 -15.44 0.87 19.93
N GLY A 147 -16.35 0.89 20.90
CA GLY A 147 -17.41 -0.09 20.98
C GLY A 147 -17.00 -1.41 21.64
N LEU A 148 -15.79 -1.88 21.34
CA LEU A 148 -15.24 -3.14 21.87
C LEU A 148 -16.12 -4.36 21.52
N GLY A 149 -16.93 -4.22 20.48
CA GLY A 149 -17.81 -5.31 20.06
C GLY A 149 -19.14 -5.34 20.81
N SER A 150 -19.54 -4.19 21.33
CA SER A 150 -20.81 -4.03 22.03
C SER A 150 -21.42 -2.71 21.59
N SER A 1 -2.74 -12.10 -14.87
CA SER A 1 -2.27 -13.48 -14.58
C SER A 1 -3.07 -14.49 -15.41
N ASN A 2 -3.89 -15.33 -14.77
CA ASN A 2 -4.74 -16.34 -15.44
C ASN A 2 -4.18 -16.94 -16.74
N ALA A 3 -3.01 -17.56 -16.66
CA ALA A 3 -2.33 -18.13 -17.82
C ALA A 3 -3.10 -19.31 -18.47
N ALA A 4 -4.08 -19.85 -17.76
CA ALA A 4 -4.87 -20.94 -18.31
C ALA A 4 -5.78 -20.38 -19.42
N SER A 5 -5.70 -20.94 -20.61
CA SER A 5 -6.51 -20.48 -21.73
C SER A 5 -7.94 -20.99 -21.60
N GLY A 6 -8.91 -20.08 -21.59
CA GLY A 6 -10.31 -20.49 -21.50
C GLY A 6 -11.28 -19.32 -21.43
N THR A 7 -10.97 -18.25 -22.14
CA THR A 7 -11.79 -17.01 -22.15
C THR A 7 -12.22 -16.55 -20.75
N PHE A 8 -11.29 -16.63 -19.81
CA PHE A 8 -11.53 -16.19 -18.44
C PHE A 8 -11.29 -14.69 -18.39
N ILE A 9 -11.56 -14.07 -17.25
CA ILE A 9 -11.29 -12.65 -17.08
C ILE A 9 -9.77 -12.50 -17.19
N SER A 10 -9.32 -11.81 -18.23
CA SER A 10 -7.89 -11.66 -18.48
C SER A 10 -7.45 -10.21 -18.48
N ASP A 11 -8.18 -9.36 -19.19
CA ASP A 11 -7.84 -7.94 -19.32
C ASP A 11 -7.65 -7.25 -17.98
N ALA A 12 -8.67 -7.35 -17.12
CA ALA A 12 -8.62 -6.70 -15.82
C ALA A 12 -7.59 -7.38 -14.90
N ASP A 13 -7.49 -8.69 -15.04
CA ASP A 13 -6.59 -9.48 -14.20
C ASP A 13 -5.13 -9.09 -14.45
N ASP A 14 -4.80 -8.90 -15.71
CA ASP A 14 -3.45 -8.48 -16.08
C ASP A 14 -3.19 -7.05 -15.64
N VAL A 15 -4.18 -6.18 -15.73
CA VAL A 15 -4.00 -4.79 -15.30
C VAL A 15 -3.72 -4.73 -13.80
N VAL A 16 -4.44 -5.50 -12.99
CA VAL A 16 -4.19 -5.52 -11.55
C VAL A 16 -2.80 -6.09 -11.29
N SER A 17 -2.47 -7.17 -11.97
CA SER A 17 -1.17 -7.81 -11.79
C SER A 17 -0.04 -6.83 -12.16
N ALA A 18 -0.25 -6.09 -13.24
CA ALA A 18 0.72 -5.11 -13.70
C ALA A 18 0.84 -3.98 -12.69
N MET A 19 -0.26 -3.59 -12.07
CA MET A 19 -0.23 -2.52 -11.08
C MET A 19 0.62 -2.92 -9.87
N ILE A 20 0.38 -4.11 -9.33
CA ILE A 20 1.17 -4.58 -8.17
C ILE A 20 2.65 -4.64 -8.52
N VAL A 21 3.00 -5.21 -9.67
CA VAL A 21 4.42 -5.31 -9.99
C VAL A 21 5.01 -3.91 -10.21
N LYS A 22 4.31 -2.99 -10.87
CA LYS A 22 4.88 -1.66 -11.08
C LYS A 22 5.03 -0.89 -9.78
N MET A 23 4.13 -1.08 -8.85
CA MET A 23 4.29 -0.49 -7.53
C MET A 23 5.57 -1.04 -6.90
N ASN A 24 5.80 -2.35 -7.03
CA ASN A 24 7.01 -2.97 -6.49
C ASN A 24 8.27 -2.41 -7.16
N GLU A 25 8.25 -2.30 -8.47
CA GLU A 25 9.40 -1.79 -9.20
C GLU A 25 9.72 -0.36 -8.78
N ALA A 26 8.68 0.45 -8.61
CA ALA A 26 8.86 1.84 -8.20
C ALA A 26 9.50 1.91 -6.80
N ALA A 27 9.16 0.97 -5.95
CA ALA A 27 9.72 0.95 -4.60
C ALA A 27 11.19 0.59 -4.66
N GLU A 28 11.53 -0.44 -5.43
CA GLU A 28 12.91 -0.89 -5.54
C GLU A 28 13.76 0.15 -6.25
N GLU A 29 13.19 0.80 -7.25
CA GLU A 29 13.91 1.84 -7.97
C GLU A 29 14.29 2.98 -7.04
N ASP A 30 13.39 3.39 -6.17
CA ASP A 30 13.68 4.47 -5.26
C ASP A 30 14.82 4.09 -4.32
N ARG A 31 14.91 2.82 -3.95
CA ARG A 31 16.02 2.34 -3.12
C ARG A 31 17.33 2.39 -3.89
N GLN A 32 17.28 2.09 -5.18
CA GLN A 32 18.50 2.04 -6.00
C GLN A 32 18.98 3.45 -6.25
N LEU A 33 18.04 4.34 -6.52
CA LEU A 33 18.36 5.74 -6.74
C LEU A 33 19.00 6.30 -5.48
N ASN A 34 18.39 6.04 -4.33
CA ASN A 34 18.94 6.45 -3.06
C ASN A 34 20.31 5.84 -2.74
N ASN A 35 20.58 4.65 -3.27
CA ASN A 35 21.86 3.97 -3.05
C ASN A 35 22.98 4.80 -3.68
N GLN A 36 22.63 5.51 -4.74
CA GLN A 36 23.58 6.35 -5.46
C GLN A 36 23.37 7.81 -5.11
N LYS A 37 22.53 8.03 -4.09
CA LYS A 37 22.18 9.35 -3.55
C LYS A 37 21.57 10.28 -4.61
N LYS A 38 20.84 9.67 -5.53
CA LYS A 38 20.12 10.39 -6.56
C LYS A 38 18.72 10.62 -6.03
N PRO A 39 18.05 11.69 -6.49
CA PRO A 39 16.66 11.88 -6.05
C PRO A 39 15.82 10.67 -6.42
N ALA A 40 14.93 10.27 -5.51
CA ALA A 40 14.10 9.10 -5.72
C ALA A 40 12.63 9.46 -5.52
N LEU A 41 11.87 9.39 -6.60
CA LEU A 41 10.46 9.80 -6.61
C LEU A 41 9.58 8.90 -7.51
N LYS A 42 9.98 7.65 -7.72
CA LYS A 42 9.20 6.77 -8.59
C LYS A 42 7.84 6.49 -7.99
N LYS A 43 7.76 6.36 -6.67
CA LYS A 43 6.46 6.17 -6.00
C LYS A 43 5.59 7.42 -6.19
N LEU A 44 6.22 8.59 -6.29
CA LEU A 44 5.48 9.86 -6.40
C LEU A 44 4.87 10.02 -7.79
N THR A 45 5.64 9.75 -8.83
CA THR A 45 5.13 9.90 -10.20
C THR A 45 4.04 8.87 -10.50
N LEU A 46 4.08 7.76 -9.78
CA LEU A 46 3.15 6.66 -9.98
C LEU A 46 1.93 6.82 -9.07
N LEU A 47 2.01 7.73 -8.11
CA LEU A 47 0.93 7.95 -7.13
C LEU A 47 -0.46 8.22 -7.75
N PRO A 48 -0.59 9.20 -8.68
CA PRO A 48 -1.98 9.37 -9.14
C PRO A 48 -2.42 8.22 -10.05
N ALA A 49 -1.44 7.56 -10.64
CA ALA A 49 -1.70 6.45 -11.54
C ALA A 49 -2.21 5.24 -10.75
N VAL A 50 -1.64 4.96 -9.59
CA VAL A 50 -2.12 3.83 -8.80
C VAL A 50 -3.52 4.13 -8.29
N VAL A 51 -3.77 5.35 -7.82
CA VAL A 51 -5.07 5.70 -7.23
C VAL A 51 -6.22 5.43 -8.20
N MET A 52 -6.01 5.76 -9.47
CA MET A 52 -7.04 5.51 -10.48
C MET A 52 -7.41 4.02 -10.54
N HIS A 53 -6.41 3.16 -10.40
CA HIS A 53 -6.62 1.71 -10.41
C HIS A 53 -7.04 1.14 -9.05
N LEU A 54 -6.49 1.68 -7.97
CA LEU A 54 -6.73 1.13 -6.62
C LEU A 54 -8.18 1.33 -6.21
N LYS A 55 -8.84 2.31 -6.80
CA LYS A 55 -10.25 2.60 -6.50
C LYS A 55 -11.23 1.68 -7.24
N LYS A 56 -10.72 0.74 -8.01
CA LYS A 56 -11.58 -0.25 -8.69
C LYS A 56 -12.01 -1.31 -7.68
N GLN A 57 -13.01 -0.97 -6.89
CA GLN A 57 -13.56 -1.87 -5.87
C GLN A 57 -14.14 -3.13 -6.52
N ASP A 58 -14.44 -3.05 -7.81
CA ASP A 58 -14.96 -4.17 -8.57
C ASP A 58 -13.94 -5.30 -8.63
N LEU A 59 -12.67 -4.92 -8.49
CA LEU A 59 -11.54 -5.85 -8.61
C LEU A 59 -10.89 -6.08 -7.25
N LYS A 60 -11.63 -5.79 -6.20
CA LYS A 60 -11.13 -5.93 -4.81
C LYS A 60 -10.44 -7.26 -4.55
N GLU A 61 -11.01 -8.34 -5.03
CA GLU A 61 -10.46 -9.66 -4.77
C GLU A 61 -9.16 -9.88 -5.52
N THR A 62 -9.09 -9.39 -6.75
CA THR A 62 -7.87 -9.54 -7.53
C THR A 62 -6.75 -8.76 -6.86
N PHE A 63 -7.06 -7.57 -6.37
CA PHE A 63 -6.06 -6.74 -5.70
C PHE A 63 -5.55 -7.37 -4.42
N ILE A 64 -6.44 -7.96 -3.63
CA ILE A 64 -6.04 -8.58 -2.37
C ILE A 64 -5.20 -9.81 -2.66
N ASP A 65 -5.64 -10.64 -3.61
CA ASP A 65 -4.91 -11.87 -3.96
C ASP A 65 -3.53 -11.57 -4.56
N SER A 66 -3.47 -10.53 -5.38
CA SER A 66 -2.20 -10.11 -6.02
C SER A 66 -1.23 -9.52 -5.00
N GLY A 67 -1.69 -9.32 -3.77
CA GLY A 67 -0.81 -8.82 -2.74
C GLY A 67 -0.59 -7.32 -2.77
N VAL A 68 -1.60 -6.55 -3.15
CA VAL A 68 -1.48 -5.09 -3.17
C VAL A 68 -1.06 -4.56 -1.80
N MET A 69 -1.48 -5.26 -0.75
CA MET A 69 -1.14 -4.87 0.62
C MET A 69 0.36 -4.85 0.84
N SER A 70 1.08 -5.71 0.13
CA SER A 70 2.53 -5.79 0.26
C SER A 70 3.16 -4.65 -0.52
N ALA A 71 2.59 -4.35 -1.68
CA ALA A 71 3.13 -3.28 -2.49
C ALA A 71 2.90 -1.92 -1.80
N ILE A 72 1.74 -1.74 -1.17
CA ILE A 72 1.46 -0.51 -0.41
C ILE A 72 2.42 -0.43 0.78
N LYS A 73 2.69 -1.57 1.41
CA LYS A 73 3.64 -1.60 2.55
C LYS A 73 5.02 -1.11 2.13
N GLU A 74 5.48 -1.52 0.96
CA GLU A 74 6.79 -1.08 0.49
C GLU A 74 6.78 0.41 0.18
N TRP A 75 5.63 0.93 -0.23
CA TRP A 75 5.54 2.36 -0.53
C TRP A 75 5.62 3.20 0.74
N LEU A 76 5.04 2.72 1.83
CA LEU A 76 5.08 3.41 3.11
C LEU A 76 6.50 3.40 3.70
N SER A 77 7.28 2.40 3.35
CA SER A 77 8.63 2.26 3.88
C SER A 77 9.56 3.34 3.29
N PRO A 78 10.18 4.17 4.16
CA PRO A 78 11.07 5.22 3.64
C PRO A 78 12.48 4.73 3.30
N LEU A 79 13.25 5.67 2.75
CA LEU A 79 14.62 5.40 2.31
C LEU A 79 15.59 5.68 3.46
N PRO A 80 16.84 5.15 3.39
CA PRO A 80 17.82 5.42 4.46
C PRO A 80 18.30 6.89 4.53
N ASP A 81 17.72 7.73 3.68
CA ASP A 81 17.96 9.17 3.66
C ASP A 81 17.35 9.83 4.91
N ARG A 82 16.59 9.04 5.66
CA ARG A 82 15.92 9.42 6.92
C ARG A 82 14.79 10.43 6.73
N SER A 83 14.50 10.77 5.48
CA SER A 83 13.39 11.60 5.12
C SER A 83 12.26 10.67 4.74
N LEU A 84 11.07 11.21 4.71
CA LEU A 84 9.88 10.43 4.31
C LEU A 84 9.31 11.02 3.00
N PRO A 85 9.92 10.71 1.84
CA PRO A 85 9.30 11.27 0.62
C PRO A 85 7.94 10.64 0.33
N ALA A 86 7.72 9.49 0.96
CA ALA A 86 6.47 8.75 0.84
C ALA A 86 5.32 9.47 1.53
N LEU A 87 5.61 10.51 2.30
CA LEU A 87 4.59 11.19 3.08
C LEU A 87 3.41 11.66 2.23
N LYS A 88 3.69 12.28 1.09
CA LYS A 88 2.63 12.81 0.22
C LYS A 88 1.79 11.71 -0.42
N ILE A 89 2.42 10.58 -0.65
CA ILE A 89 1.79 9.44 -1.28
C ILE A 89 0.88 8.74 -0.30
N ARG A 90 1.30 8.66 0.95
CA ARG A 90 0.51 8.04 2.00
C ARG A 90 -0.85 8.67 2.16
N GLU A 91 -0.94 9.97 1.89
CA GLU A 91 -2.19 10.70 2.07
C GLU A 91 -3.31 10.05 1.27
N GLU A 92 -3.00 9.55 0.08
CA GLU A 92 -3.97 8.80 -0.71
C GLU A 92 -4.04 7.34 -0.26
N LEU A 93 -2.88 6.70 -0.10
CA LEU A 93 -2.83 5.27 0.25
C LEU A 93 -3.56 4.90 1.55
N LEU A 94 -3.52 5.79 2.55
CA LEU A 94 -4.18 5.51 3.83
C LEU A 94 -5.62 5.31 3.63
N LYS A 95 -6.16 6.14 2.76
CA LYS A 95 -7.60 6.13 2.49
C LYS A 95 -8.01 4.83 1.86
N ILE A 96 -7.27 4.42 0.84
CA ILE A 96 -7.56 3.19 0.11
C ILE A 96 -7.53 1.97 1.03
N LEU A 97 -6.65 1.98 2.02
CA LEU A 97 -6.58 0.88 2.99
C LEU A 97 -7.87 0.77 3.83
N GLN A 98 -8.61 1.86 3.98
CA GLN A 98 -9.88 1.84 4.75
C GLN A 98 -11.02 1.45 3.80
N GLU A 99 -10.76 1.47 2.49
CA GLU A 99 -11.76 1.10 1.49
C GLU A 99 -11.78 -0.42 1.29
N LEU A 100 -10.88 -1.15 1.93
CA LEU A 100 -10.84 -2.60 1.78
C LEU A 100 -12.09 -3.26 2.38
N PRO A 101 -12.58 -4.33 1.72
CA PRO A 101 -13.82 -4.99 2.16
C PRO A 101 -13.69 -5.86 3.40
N SER A 102 -12.96 -6.96 3.25
CA SER A 102 -12.77 -7.93 4.33
C SER A 102 -11.43 -8.63 4.18
N VAL A 103 -10.37 -7.85 4.11
CA VAL A 103 -9.02 -8.41 3.99
C VAL A 103 -8.73 -9.18 5.28
N SER A 104 -8.13 -10.36 5.16
CA SER A 104 -7.86 -11.18 6.33
C SER A 104 -6.67 -10.63 7.10
N GLN A 105 -6.59 -10.94 8.38
CA GLN A 105 -5.51 -10.46 9.22
C GLN A 105 -4.22 -11.13 8.78
N GLU A 106 -4.35 -12.31 8.20
CA GLU A 106 -3.22 -13.04 7.66
C GLU A 106 -2.56 -12.21 6.57
N THR A 107 -3.35 -11.57 5.70
CA THR A 107 -2.76 -10.75 4.64
C THR A 107 -2.02 -9.59 5.27
N LEU A 108 -2.65 -8.92 6.22
CA LEU A 108 -2.05 -7.79 6.91
C LEU A 108 -0.75 -8.18 7.62
N LYS A 109 -0.73 -9.38 8.18
CA LYS A 109 0.45 -9.91 8.87
C LYS A 109 1.56 -10.28 7.89
N HIS A 110 1.21 -10.96 6.81
CA HIS A 110 2.20 -11.39 5.81
C HIS A 110 2.81 -10.22 5.07
N SER A 111 1.97 -9.25 4.69
CA SER A 111 2.48 -8.06 4.02
C SER A 111 3.25 -7.18 5.00
N GLY A 112 2.87 -7.24 6.26
CA GLY A 112 3.51 -6.42 7.28
C GLY A 112 2.99 -5.00 7.23
N ILE A 113 1.91 -4.80 6.48
CA ILE A 113 1.31 -3.47 6.30
C ILE A 113 0.84 -2.91 7.65
N GLY A 114 0.40 -3.77 8.56
CA GLY A 114 -0.03 -3.30 9.87
C GLY A 114 1.11 -2.59 10.60
N ARG A 115 2.31 -3.16 10.51
CA ARG A 115 3.47 -2.56 11.16
C ARG A 115 3.88 -1.28 10.43
N ALA A 116 3.71 -1.25 9.11
CA ALA A 116 4.05 -0.06 8.35
C ALA A 116 3.16 1.12 8.76
N VAL A 117 1.85 0.88 8.87
CA VAL A 117 0.93 1.94 9.30
C VAL A 117 1.33 2.40 10.70
N MET A 118 1.59 1.45 11.59
CA MET A 118 1.95 1.77 12.97
C MET A 118 3.25 2.56 13.08
N TYR A 119 4.24 2.25 12.25
CA TYR A 119 5.51 2.97 12.28
C TYR A 119 5.28 4.45 12.00
N LEU A 120 4.53 4.75 10.97
CA LEU A 120 4.30 6.15 10.58
C LEU A 120 3.33 6.82 11.54
N TYR A 121 2.39 6.07 12.07
CA TYR A 121 1.42 6.60 13.04
C TYR A 121 2.14 7.11 14.29
N LYS A 122 3.16 6.40 14.73
CA LYS A 122 3.92 6.81 15.92
C LYS A 122 5.09 7.74 15.56
N HIS A 123 5.36 7.94 14.28
CA HIS A 123 6.46 8.78 13.86
C HIS A 123 6.21 10.24 14.28
N PRO A 124 7.19 10.89 14.91
CA PRO A 124 6.95 12.25 15.41
C PRO A 124 6.89 13.33 14.33
N LYS A 125 7.25 13.01 13.11
CA LYS A 125 7.21 13.99 12.00
C LYS A 125 5.93 13.92 11.19
N GLU A 126 5.08 12.94 11.47
CA GLU A 126 3.84 12.75 10.70
C GLU A 126 2.72 13.74 11.08
N SER A 127 1.93 14.15 10.10
CA SER A 127 0.87 15.13 10.27
C SER A 127 -0.36 14.57 11.00
N ARG A 128 -1.01 15.40 11.82
CA ARG A 128 -2.16 14.95 12.61
C ARG A 128 -3.29 14.32 11.78
N SER A 129 -3.62 14.94 10.65
CA SER A 129 -4.72 14.43 9.83
C SER A 129 -4.46 13.03 9.29
N ASN A 130 -3.23 12.78 8.85
CA ASN A 130 -2.87 11.47 8.31
C ASN A 130 -2.76 10.46 9.45
N LYS A 131 -2.30 10.91 10.60
CA LYS A 131 -2.24 10.04 11.79
C LYS A 131 -3.62 9.62 12.22
N ASP A 132 -4.60 10.49 12.05
CA ASP A 132 -5.97 10.17 12.44
C ASP A 132 -6.48 8.97 11.65
N MET A 133 -6.21 8.97 10.35
CA MET A 133 -6.63 7.86 9.52
C MET A 133 -5.81 6.63 9.86
N ALA A 134 -4.52 6.82 10.09
CA ALA A 134 -3.63 5.72 10.45
C ALA A 134 -4.07 5.04 11.76
N GLY A 135 -4.50 5.83 12.74
CA GLY A 135 -4.96 5.28 13.99
C GLY A 135 -6.23 4.46 13.82
N LYS A 136 -7.15 4.95 13.00
CA LYS A 136 -8.39 4.22 12.73
C LYS A 136 -8.05 2.91 12.07
N LEU A 137 -7.14 3.00 11.11
CA LEU A 137 -6.75 1.86 10.31
C LEU A 137 -6.15 0.72 11.13
N ILE A 138 -5.38 1.05 12.15
CA ILE A 138 -4.84 0.03 13.05
C ILE A 138 -6.00 -0.63 13.79
N ASN A 139 -6.92 0.18 14.31
CA ASN A 139 -8.04 -0.33 15.10
C ASN A 139 -9.06 -1.16 14.30
N GLU A 140 -9.39 -0.73 13.10
CA GLU A 140 -10.38 -1.45 12.29
C GLU A 140 -9.84 -2.79 11.81
N TRP A 141 -8.51 -2.86 11.61
CA TRP A 141 -7.88 -4.12 11.25
C TRP A 141 -7.74 -4.97 12.53
N SER A 142 -6.99 -4.46 13.49
CA SER A 142 -6.72 -5.16 14.74
C SER A 142 -7.75 -4.81 15.79
N ARG A 143 -8.96 -5.29 15.56
CA ARG A 143 -10.09 -5.05 16.47
C ARG A 143 -9.90 -5.60 17.90
N PRO A 144 -9.36 -6.83 18.08
CA PRO A 144 -9.22 -7.20 19.49
C PRO A 144 -8.05 -6.48 20.17
N ILE A 145 -8.23 -6.15 21.44
CA ILE A 145 -7.18 -5.50 22.22
C ILE A 145 -6.12 -6.56 22.53
N PHE A 146 -4.85 -6.23 22.32
CA PHE A 146 -3.75 -7.15 22.60
C PHE A 146 -2.62 -6.41 23.29
N GLY A 147 -2.06 -7.03 24.33
CA GLY A 147 -0.98 -6.42 25.09
C GLY A 147 -1.47 -6.01 26.45
N LEU A 148 -0.62 -5.31 27.21
CA LEU A 148 -0.98 -4.85 28.56
C LEU A 148 -1.17 -3.35 28.50
N GLY A 149 -2.07 -2.84 29.31
CA GLY A 149 -2.37 -1.42 29.34
C GLY A 149 -3.38 -1.20 30.44
N SER A 150 -3.96 -0.01 30.48
CA SER A 150 -5.00 0.33 31.46
C SER A 150 -6.35 0.24 30.80
N SER A 1 4.80 -23.07 -17.79
CA SER A 1 4.14 -21.80 -18.18
C SER A 1 5.04 -21.00 -19.08
N ASN A 2 4.49 -20.01 -19.79
CA ASN A 2 5.26 -19.14 -20.70
C ASN A 2 6.11 -19.95 -21.70
N ALA A 3 5.49 -20.96 -22.31
CA ALA A 3 6.17 -21.83 -23.27
C ALA A 3 5.21 -22.19 -24.40
N ALA A 4 4.30 -21.28 -24.67
CA ALA A 4 3.28 -21.45 -25.70
C ALA A 4 2.88 -20.03 -26.11
N SER A 5 2.39 -19.86 -27.32
CA SER A 5 1.99 -18.55 -27.81
C SER A 5 0.51 -18.28 -27.51
N GLY A 6 0.17 -17.02 -27.32
CA GLY A 6 -1.22 -16.64 -27.08
C GLY A 6 -1.37 -15.91 -25.76
N THR A 7 -2.59 -15.60 -25.38
CA THR A 7 -2.90 -14.94 -24.12
C THR A 7 -3.76 -15.90 -23.33
N PHE A 8 -3.89 -15.65 -22.03
CA PHE A 8 -4.65 -16.55 -21.15
C PHE A 8 -5.11 -15.81 -19.89
N ILE A 9 -4.25 -14.94 -19.39
CA ILE A 9 -4.57 -14.14 -18.21
C ILE A 9 -5.68 -13.16 -18.62
N SER A 10 -6.71 -13.05 -17.79
CA SER A 10 -7.81 -12.14 -18.06
C SER A 10 -7.31 -10.70 -18.02
N ASP A 11 -7.89 -9.83 -18.83
CA ASP A 11 -7.45 -8.42 -18.89
C ASP A 11 -7.47 -7.75 -17.52
N ALA A 12 -8.51 -8.02 -16.73
CA ALA A 12 -8.62 -7.42 -15.41
C ALA A 12 -7.50 -7.89 -14.48
N ASP A 13 -7.21 -9.18 -14.54
CA ASP A 13 -6.18 -9.77 -13.69
C ASP A 13 -4.80 -9.28 -14.09
N ASP A 14 -4.58 -9.17 -15.39
CA ASP A 14 -3.29 -8.69 -15.89
C ASP A 14 -3.03 -7.27 -15.45
N VAL A 15 -4.04 -6.41 -15.53
CA VAL A 15 -3.89 -5.01 -15.12
C VAL A 15 -3.62 -4.92 -13.62
N VAL A 16 -4.31 -5.72 -12.82
CA VAL A 16 -4.08 -5.70 -11.37
C VAL A 16 -2.67 -6.22 -11.07
N SER A 17 -2.27 -7.30 -11.72
CA SER A 17 -0.94 -7.87 -11.49
C SER A 17 0.13 -6.87 -11.93
N ALA A 18 -0.08 -6.23 -13.07
CA ALA A 18 0.82 -5.23 -13.59
C ALA A 18 0.92 -4.07 -12.61
N MET A 19 -0.19 -3.71 -11.99
CA MET A 19 -0.18 -2.61 -11.02
C MET A 19 0.64 -2.98 -9.79
N ILE A 20 0.43 -4.16 -9.21
CA ILE A 20 1.19 -4.58 -8.04
C ILE A 20 2.68 -4.64 -8.36
N VAL A 21 3.05 -5.22 -9.49
CA VAL A 21 4.46 -5.32 -9.81
C VAL A 21 5.03 -3.92 -10.07
N LYS A 22 4.33 -3.03 -10.77
CA LYS A 22 4.88 -1.69 -11.02
C LYS A 22 5.05 -0.92 -9.73
N MET A 23 4.14 -1.10 -8.80
CA MET A 23 4.30 -0.50 -7.48
C MET A 23 5.60 -1.03 -6.85
N ASN A 24 5.85 -2.33 -6.94
CA ASN A 24 7.10 -2.91 -6.41
C ASN A 24 8.34 -2.32 -7.09
N GLU A 25 8.33 -2.24 -8.41
CA GLU A 25 9.48 -1.73 -9.14
C GLU A 25 9.75 -0.28 -8.75
N ALA A 26 8.70 0.52 -8.64
CA ALA A 26 8.84 1.92 -8.24
C ALA A 26 9.45 2.04 -6.85
N ALA A 27 9.11 1.10 -5.97
CA ALA A 27 9.64 1.12 -4.62
C ALA A 27 11.13 0.81 -4.63
N GLU A 28 11.53 -0.19 -5.41
CA GLU A 28 12.94 -0.58 -5.51
C GLU A 28 13.76 0.48 -6.25
N GLU A 29 13.17 1.09 -7.25
CA GLU A 29 13.85 2.11 -8.02
C GLU A 29 14.21 3.28 -7.14
N ASP A 30 13.29 3.70 -6.28
CA ASP A 30 13.57 4.78 -5.37
C ASP A 30 14.73 4.44 -4.45
N ARG A 31 14.85 3.17 -4.08
CA ARG A 31 15.96 2.71 -3.24
C ARG A 31 17.28 2.73 -4.01
N GLN A 32 17.25 2.48 -5.31
CA GLN A 32 18.46 2.48 -6.12
C GLN A 32 18.89 3.91 -6.30
N LEU A 33 17.93 4.79 -6.54
CA LEU A 33 18.21 6.20 -6.69
C LEU A 33 18.82 6.72 -5.39
N ASN A 34 18.26 6.33 -4.27
CA ASN A 34 18.80 6.66 -2.97
C ASN A 34 20.20 6.10 -2.71
N ASN A 35 20.51 4.96 -3.32
CA ASN A 35 21.79 4.30 -3.14
C ASN A 35 22.86 5.20 -3.74
N GLN A 36 22.48 5.86 -4.81
CA GLN A 36 23.36 6.79 -5.51
C GLN A 36 23.18 8.23 -5.03
N LYS A 37 22.36 8.41 -3.99
CA LYS A 37 22.05 9.73 -3.39
C LYS A 37 21.43 10.70 -4.39
N LYS A 38 20.64 10.16 -5.30
CA LYS A 38 19.89 10.94 -6.29
C LYS A 38 18.48 11.13 -5.77
N PRO A 39 17.78 12.18 -6.21
CA PRO A 39 16.38 12.30 -5.79
C PRO A 39 15.59 11.08 -6.25
N ALA A 40 14.65 10.64 -5.42
CA ALA A 40 13.86 9.44 -5.72
C ALA A 40 12.38 9.76 -5.58
N LEU A 41 11.65 9.65 -6.69
CA LEU A 41 10.23 10.02 -6.73
C LEU A 41 9.39 9.09 -7.62
N LYS A 42 9.82 7.85 -7.80
CA LYS A 42 9.09 6.93 -8.68
C LYS A 42 7.72 6.64 -8.13
N LYS A 43 7.61 6.46 -6.82
CA LYS A 43 6.30 6.24 -6.20
C LYS A 43 5.40 7.47 -6.41
N LEU A 44 6.00 8.64 -6.45
CA LEU A 44 5.25 9.90 -6.57
C LEU A 44 4.71 10.14 -7.97
N THR A 45 5.51 9.83 -8.98
CA THR A 45 5.07 10.02 -10.37
C THR A 45 4.00 8.98 -10.72
N LEU A 46 4.00 7.89 -9.97
CA LEU A 46 3.02 6.83 -10.15
C LEU A 46 1.76 7.09 -9.34
N LEU A 47 1.84 7.99 -8.39
CA LEU A 47 0.73 8.25 -7.47
C LEU A 47 -0.62 8.46 -8.20
N PRO A 48 -0.71 9.40 -9.16
CA PRO A 48 -2.06 9.53 -9.74
C PRO A 48 -2.45 8.34 -10.62
N ALA A 49 -1.45 7.64 -11.13
CA ALA A 49 -1.66 6.50 -11.99
C ALA A 49 -2.18 5.32 -11.18
N VAL A 50 -1.61 5.07 -10.00
CA VAL A 50 -2.05 3.95 -9.18
C VAL A 50 -3.38 4.28 -8.54
N VAL A 51 -3.60 5.50 -8.09
CA VAL A 51 -4.88 5.87 -7.43
C VAL A 51 -6.07 5.53 -8.31
N MET A 52 -5.95 5.81 -9.60
CA MET A 52 -7.02 5.52 -10.54
C MET A 52 -7.36 4.03 -10.52
N HIS A 53 -6.33 3.19 -10.42
CA HIS A 53 -6.53 1.74 -10.39
C HIS A 53 -6.85 1.20 -9.00
N LEU A 54 -6.25 1.76 -7.97
CA LEU A 54 -6.38 1.23 -6.61
C LEU A 54 -7.80 1.36 -6.10
N LYS A 55 -8.51 2.36 -6.59
CA LYS A 55 -9.90 2.60 -6.21
C LYS A 55 -10.89 1.81 -7.04
N LYS A 56 -10.41 0.95 -7.94
CA LYS A 56 -11.30 0.06 -8.69
C LYS A 56 -11.71 -1.09 -7.79
N GLN A 57 -12.62 -0.82 -6.87
CA GLN A 57 -13.13 -1.82 -5.93
C GLN A 57 -13.80 -2.98 -6.65
N ASP A 58 -14.10 -2.82 -7.93
CA ASP A 58 -14.67 -3.91 -8.72
C ASP A 58 -13.73 -5.14 -8.63
N LEU A 59 -12.42 -4.91 -8.72
CA LEU A 59 -11.43 -5.96 -8.62
C LEU A 59 -10.82 -6.05 -7.21
N LYS A 60 -11.57 -5.68 -6.18
CA LYS A 60 -11.03 -5.64 -4.82
C LYS A 60 -10.41 -6.95 -4.36
N GLU A 61 -11.05 -8.08 -4.63
CA GLU A 61 -10.50 -9.36 -4.21
C GLU A 61 -9.24 -9.70 -5.00
N THR A 62 -9.21 -9.35 -6.28
CA THR A 62 -8.04 -9.60 -7.11
C THR A 62 -6.86 -8.80 -6.57
N PHE A 63 -7.10 -7.55 -6.19
CA PHE A 63 -6.06 -6.70 -5.64
C PHE A 63 -5.49 -7.29 -4.34
N ILE A 64 -6.37 -7.83 -3.51
CA ILE A 64 -5.95 -8.41 -2.24
C ILE A 64 -5.12 -9.67 -2.49
N ASP A 65 -5.58 -10.54 -3.36
CA ASP A 65 -4.87 -11.81 -3.64
C ASP A 65 -3.53 -11.56 -4.34
N SER A 66 -3.49 -10.55 -5.21
CA SER A 66 -2.26 -10.18 -5.91
C SER A 66 -1.25 -9.55 -4.97
N GLY A 67 -1.65 -9.28 -3.73
CA GLY A 67 -0.74 -8.75 -2.75
C GLY A 67 -0.57 -7.25 -2.77
N VAL A 68 -1.60 -6.50 -3.13
CA VAL A 68 -1.52 -5.03 -3.11
C VAL A 68 -1.12 -4.56 -1.72
N MET A 69 -1.54 -5.29 -0.70
CA MET A 69 -1.24 -4.94 0.68
C MET A 69 0.27 -4.93 0.92
N SER A 70 0.99 -5.78 0.19
CA SER A 70 2.44 -5.86 0.32
C SER A 70 3.06 -4.70 -0.43
N ALA A 71 2.52 -4.40 -1.61
CA ALA A 71 3.06 -3.34 -2.42
C ALA A 71 2.83 -1.96 -1.75
N ILE A 72 1.67 -1.78 -1.11
CA ILE A 72 1.40 -0.54 -0.38
C ILE A 72 2.35 -0.47 0.82
N LYS A 73 2.61 -1.60 1.45
CA LYS A 73 3.57 -1.65 2.58
C LYS A 73 4.95 -1.20 2.12
N GLU A 74 5.39 -1.62 0.94
CA GLU A 74 6.69 -1.20 0.42
C GLU A 74 6.71 0.30 0.15
N TRP A 75 5.55 0.86 -0.22
CA TRP A 75 5.47 2.29 -0.48
C TRP A 75 5.50 3.09 0.80
N LEU A 76 4.90 2.57 1.86
CA LEU A 76 4.90 3.25 3.14
C LEU A 76 6.28 3.26 3.76
N SER A 77 7.09 2.28 3.41
CA SER A 77 8.44 2.20 3.93
C SER A 77 9.31 3.28 3.29
N PRO A 78 9.93 4.15 4.12
CA PRO A 78 10.81 5.16 3.55
C PRO A 78 12.16 4.59 3.14
N LEU A 79 13.01 5.46 2.63
CA LEU A 79 14.33 5.11 2.13
C LEU A 79 15.33 5.18 3.30
N PRO A 80 16.55 4.58 3.16
CA PRO A 80 17.53 4.65 4.26
C PRO A 80 18.07 6.06 4.55
N ASP A 81 17.57 7.05 3.82
CA ASP A 81 17.88 8.46 4.06
C ASP A 81 17.16 8.96 5.33
N ARG A 82 16.24 8.13 5.82
CA ARG A 82 15.46 8.38 7.05
C ARG A 82 14.49 9.56 6.95
N SER A 83 14.34 10.09 5.75
CA SER A 83 13.36 11.11 5.47
C SER A 83 12.14 10.31 5.03
N LEU A 84 11.01 10.98 4.87
CA LEU A 84 9.79 10.33 4.40
C LEU A 84 9.35 10.95 3.07
N PRO A 85 10.02 10.62 1.94
CA PRO A 85 9.53 11.22 0.70
C PRO A 85 8.17 10.66 0.30
N ALA A 86 7.82 9.53 0.89
CA ALA A 86 6.56 8.86 0.67
C ALA A 86 5.41 9.57 1.42
N LEU A 87 5.72 10.68 2.08
CA LEU A 87 4.71 11.44 2.83
C LEU A 87 3.55 11.83 1.94
N LYS A 88 3.85 12.37 0.76
CA LYS A 88 2.79 12.85 -0.13
C LYS A 88 1.96 11.72 -0.69
N ILE A 89 2.57 10.56 -0.84
CA ILE A 89 1.89 9.41 -1.41
C ILE A 89 1.04 8.72 -0.37
N ARG A 90 1.54 8.57 0.85
CA ARG A 90 0.78 7.86 1.86
C ARG A 90 -0.54 8.54 2.20
N GLU A 91 -0.67 9.84 1.91
CA GLU A 91 -1.93 10.56 2.15
C GLU A 91 -3.10 9.84 1.46
N GLU A 92 -2.92 9.42 0.21
CA GLU A 92 -3.97 8.67 -0.48
C GLU A 92 -3.90 7.18 -0.15
N LEU A 93 -2.70 6.61 -0.02
CA LEU A 93 -2.60 5.18 0.30
C LEU A 93 -3.32 4.81 1.60
N LEU A 94 -3.24 5.66 2.62
CA LEU A 94 -3.91 5.38 3.90
C LEU A 94 -5.37 5.28 3.68
N LYS A 95 -5.84 6.15 2.81
CA LYS A 95 -7.27 6.19 2.49
C LYS A 95 -7.72 4.94 1.79
N ILE A 96 -6.97 4.51 0.78
CA ILE A 96 -7.32 3.31 0.01
C ILE A 96 -7.38 2.08 0.91
N LEU A 97 -6.50 2.00 1.88
CA LEU A 97 -6.48 0.89 2.83
C LEU A 97 -7.78 0.78 3.63
N GLN A 98 -8.50 1.87 3.80
CA GLN A 98 -9.78 1.87 4.53
C GLN A 98 -10.95 1.53 3.61
N GLU A 99 -10.70 1.48 2.31
CA GLU A 99 -11.74 1.17 1.31
C GLU A 99 -11.84 -0.34 1.06
N LEU A 100 -10.93 -1.11 1.64
CA LEU A 100 -10.92 -2.55 1.46
C LEU A 100 -12.12 -3.23 2.15
N PRO A 101 -12.62 -4.34 1.57
CA PRO A 101 -13.79 -5.03 2.12
C PRO A 101 -13.54 -5.84 3.39
N SER A 102 -12.89 -6.98 3.24
CA SER A 102 -12.61 -7.89 4.35
C SER A 102 -11.30 -8.62 4.15
N VAL A 103 -10.24 -7.85 3.99
CA VAL A 103 -8.90 -8.42 3.84
C VAL A 103 -8.60 -9.25 5.09
N SER A 104 -8.09 -10.45 4.90
CA SER A 104 -7.82 -11.36 6.02
C SER A 104 -6.72 -10.80 6.91
N GLN A 105 -6.81 -11.14 8.19
CA GLN A 105 -5.79 -10.74 9.16
C GLN A 105 -4.46 -11.32 8.72
N GLU A 106 -4.50 -12.47 8.09
CA GLU A 106 -3.29 -13.12 7.60
C GLU A 106 -2.65 -12.29 6.51
N THR A 107 -3.42 -11.69 5.62
CA THR A 107 -2.82 -10.89 4.56
C THR A 107 -2.17 -9.67 5.18
N LEU A 108 -2.87 -9.06 6.14
CA LEU A 108 -2.34 -7.89 6.83
C LEU A 108 -1.04 -8.23 7.57
N LYS A 109 -1.01 -9.42 8.15
CA LYS A 109 0.15 -9.94 8.88
C LYS A 109 1.31 -10.28 7.95
N HIS A 110 1.01 -11.00 6.88
CA HIS A 110 2.02 -11.46 5.92
C HIS A 110 2.65 -10.30 5.18
N SER A 111 1.84 -9.35 4.75
CA SER A 111 2.36 -8.16 4.08
C SER A 111 3.09 -7.28 5.07
N GLY A 112 2.65 -7.31 6.33
CA GLY A 112 3.24 -6.47 7.34
C GLY A 112 2.76 -5.05 7.22
N ILE A 113 1.67 -4.86 6.48
CA ILE A 113 1.11 -3.53 6.24
C ILE A 113 0.68 -2.87 7.55
N GLY A 114 0.12 -3.66 8.48
CA GLY A 114 -0.27 -3.10 9.76
C GLY A 114 0.93 -2.56 10.52
N ARG A 115 2.06 -3.23 10.37
CA ARG A 115 3.30 -2.81 11.04
C ARG A 115 3.80 -1.52 10.42
N ALA A 116 3.65 -1.39 9.10
CA ALA A 116 4.07 -0.19 8.40
C ALA A 116 3.21 1.02 8.82
N VAL A 117 1.91 0.81 8.94
CA VAL A 117 1.02 1.88 9.40
C VAL A 117 1.38 2.27 10.83
N MET A 118 1.60 1.28 11.68
CA MET A 118 1.96 1.54 13.08
C MET A 118 3.28 2.30 13.18
N TYR A 119 4.24 1.99 12.32
CA TYR A 119 5.52 2.68 12.31
C TYR A 119 5.32 4.18 12.11
N LEU A 120 4.51 4.52 11.12
CA LEU A 120 4.30 5.92 10.77
C LEU A 120 3.42 6.61 11.80
N TYR A 121 2.49 5.88 12.37
CA TYR A 121 1.60 6.42 13.39
C TYR A 121 2.39 6.96 14.58
N LYS A 122 3.50 6.31 14.92
CA LYS A 122 4.32 6.75 16.04
C LYS A 122 5.51 7.60 15.58
N HIS A 123 5.73 7.69 14.28
CA HIS A 123 6.83 8.45 13.72
C HIS A 123 6.67 9.94 14.04
N PRO A 124 7.72 10.59 14.55
CA PRO A 124 7.55 12.00 14.95
C PRO A 124 7.41 13.01 13.82
N LYS A 125 7.84 12.64 12.61
CA LYS A 125 7.72 13.55 11.45
C LYS A 125 6.43 13.35 10.66
N GLU A 126 5.61 12.38 11.04
CA GLU A 126 4.39 12.10 10.28
C GLU A 126 3.31 13.17 10.53
N SER A 127 2.56 13.53 9.49
CA SER A 127 1.57 14.61 9.58
C SER A 127 0.36 14.21 10.42
N ARG A 128 -0.33 15.21 10.97
CA ARG A 128 -1.50 14.94 11.83
C ARG A 128 -2.59 14.18 11.09
N SER A 129 -2.90 14.59 9.88
CA SER A 129 -3.95 13.95 9.10
C SER A 129 -3.61 12.49 8.80
N ASN A 130 -2.36 12.23 8.47
CA ASN A 130 -1.95 10.86 8.17
C ASN A 130 -1.99 10.01 9.43
N LYS A 131 -1.62 10.60 10.57
CA LYS A 131 -1.68 9.86 11.84
C LYS A 131 -3.10 9.52 12.23
N ASP A 132 -4.05 10.39 11.93
CA ASP A 132 -5.45 10.10 12.26
C ASP A 132 -5.90 8.85 11.55
N MET A 133 -5.66 8.80 10.26
CA MET A 133 -6.09 7.67 9.45
C MET A 133 -5.27 6.44 9.78
N ALA A 134 -4.03 6.63 10.15
CA ALA A 134 -3.19 5.53 10.59
C ALA A 134 -3.74 4.93 11.88
N GLY A 135 -4.17 5.79 12.79
CA GLY A 135 -4.75 5.35 14.04
C GLY A 135 -6.03 4.59 13.80
N LYS A 136 -6.85 5.09 12.89
CA LYS A 136 -8.09 4.39 12.51
C LYS A 136 -7.77 3.02 11.98
N LEU A 137 -6.82 2.94 11.06
CA LEU A 137 -6.48 1.68 10.41
C LEU A 137 -6.05 0.60 11.38
N ILE A 138 -5.25 0.98 12.37
CA ILE A 138 -4.79 0.03 13.39
C ILE A 138 -6.00 -0.58 14.12
N ASN A 139 -7.08 0.18 14.25
CA ASN A 139 -8.28 -0.29 14.94
C ASN A 139 -9.34 -0.95 14.04
N GLU A 140 -9.63 -0.35 12.90
CA GLU A 140 -10.71 -0.83 12.02
C GLU A 140 -10.34 -2.14 11.34
N TRP A 141 -9.05 -2.45 11.30
CA TRP A 141 -8.59 -3.75 10.81
C TRP A 141 -8.77 -4.79 11.94
N SER A 142 -10.03 -5.01 12.29
CA SER A 142 -10.47 -5.97 13.31
C SER A 142 -9.69 -5.97 14.63
N ARG A 143 -9.46 -4.79 15.20
CA ARG A 143 -8.76 -4.68 16.48
C ARG A 143 -9.62 -3.91 17.49
N PRO A 144 -10.43 -4.63 18.29
CA PRO A 144 -11.27 -3.90 19.25
C PRO A 144 -10.49 -3.32 20.43
N ILE A 145 -11.07 -2.31 21.06
CA ILE A 145 -10.50 -1.68 22.25
C ILE A 145 -11.67 -1.46 23.19
N PHE A 146 -11.39 -1.14 24.45
CA PHE A 146 -12.44 -0.91 25.44
C PHE A 146 -11.90 0.11 26.43
N GLY A 147 -12.78 0.67 27.24
CA GLY A 147 -12.41 1.69 28.20
C GLY A 147 -13.66 2.07 28.96
N LEU A 148 -13.62 3.16 29.71
CA LEU A 148 -14.80 3.62 30.45
C LEU A 148 -15.89 4.04 29.45
N GLY A 149 -17.12 3.63 29.73
CA GLY A 149 -18.25 3.99 28.89
C GLY A 149 -19.49 3.62 29.67
N SER A 150 -20.66 3.85 29.09
CA SER A 150 -21.94 3.54 29.72
C SER A 150 -22.91 3.30 28.59
N SER A 1 4.29 -31.29 -15.62
CA SER A 1 3.60 -29.98 -15.49
C SER A 1 4.53 -28.85 -15.90
N ASN A 2 5.42 -28.44 -15.01
CA ASN A 2 6.52 -27.50 -15.30
C ASN A 2 6.07 -26.15 -15.87
N ALA A 3 4.82 -25.77 -15.62
CA ALA A 3 4.24 -24.52 -16.14
C ALA A 3 4.42 -24.38 -17.66
N ALA A 4 4.41 -25.50 -18.38
CA ALA A 4 4.63 -25.51 -19.82
C ALA A 4 3.50 -24.81 -20.62
N SER A 5 2.31 -24.76 -20.03
CA SER A 5 1.15 -24.12 -20.67
C SER A 5 0.17 -23.79 -19.56
N GLY A 6 -0.77 -22.90 -19.84
CA GLY A 6 -1.76 -22.51 -18.86
C GLY A 6 -2.76 -21.58 -19.54
N THR A 7 -3.66 -20.99 -18.76
CA THR A 7 -4.64 -20.06 -19.29
C THR A 7 -4.71 -18.92 -18.29
N PHE A 8 -4.80 -17.68 -18.78
CA PHE A 8 -4.85 -16.51 -17.90
C PHE A 8 -6.27 -16.32 -17.38
N ILE A 9 -6.42 -15.51 -16.35
CA ILE A 9 -7.72 -15.30 -15.71
C ILE A 9 -8.56 -14.30 -16.50
N SER A 10 -8.09 -13.07 -16.66
CA SER A 10 -8.82 -12.05 -17.41
C SER A 10 -7.89 -10.87 -17.67
N ASP A 11 -8.31 -9.95 -18.54
CA ASP A 11 -7.54 -8.74 -18.80
C ASP A 11 -7.44 -7.91 -17.53
N ALA A 12 -8.53 -7.88 -16.76
CA ALA A 12 -8.57 -7.11 -15.52
C ALA A 12 -7.58 -7.65 -14.50
N ASP A 13 -7.45 -8.97 -14.47
CA ASP A 13 -6.54 -9.64 -13.54
C ASP A 13 -5.10 -9.26 -13.86
N ASP A 14 -4.78 -9.25 -15.15
CA ASP A 14 -3.44 -8.90 -15.61
C ASP A 14 -3.15 -7.44 -15.27
N VAL A 15 -4.12 -6.56 -15.47
CA VAL A 15 -3.97 -5.13 -15.14
C VAL A 15 -3.74 -4.93 -13.64
N VAL A 16 -4.45 -5.67 -12.81
CA VAL A 16 -4.26 -5.57 -11.36
C VAL A 16 -2.84 -6.02 -11.03
N SER A 17 -2.42 -7.13 -11.61
CA SER A 17 -1.08 -7.65 -11.35
C SER A 17 -0.01 -6.68 -11.85
N ALA A 18 -0.25 -6.10 -13.02
CA ALA A 18 0.67 -5.14 -13.61
C ALA A 18 0.81 -3.90 -12.72
N MET A 19 -0.27 -3.50 -12.08
CA MET A 19 -0.23 -2.34 -11.20
C MET A 19 0.62 -2.68 -9.98
N ILE A 20 0.35 -3.82 -9.38
CA ILE A 20 1.05 -4.25 -8.18
C ILE A 20 2.55 -4.43 -8.44
N VAL A 21 2.92 -5.04 -9.57
CA VAL A 21 4.33 -5.20 -9.86
C VAL A 21 4.97 -3.83 -10.12
N LYS A 22 4.28 -2.91 -10.78
CA LYS A 22 4.88 -1.58 -11.02
C LYS A 22 5.05 -0.82 -9.73
N MET A 23 4.13 -0.99 -8.79
CA MET A 23 4.30 -0.41 -7.47
C MET A 23 5.58 -0.99 -6.84
N ASN A 24 5.76 -2.29 -6.95
CA ASN A 24 6.97 -2.93 -6.41
C ASN A 24 8.24 -2.39 -7.05
N GLU A 25 8.23 -2.24 -8.37
CA GLU A 25 9.39 -1.72 -9.08
C GLU A 25 9.72 -0.32 -8.63
N ALA A 26 8.70 0.53 -8.50
CA ALA A 26 8.91 1.90 -8.08
C ALA A 26 9.55 1.96 -6.69
N ALA A 27 9.22 1.01 -5.83
CA ALA A 27 9.78 0.96 -4.50
C ALA A 27 11.27 0.62 -4.57
N GLU A 28 11.62 -0.36 -5.39
CA GLU A 28 13.02 -0.77 -5.55
C GLU A 28 13.83 0.30 -6.26
N GLU A 29 13.22 0.96 -7.23
CA GLU A 29 13.89 2.02 -7.98
C GLU A 29 14.26 3.15 -7.04
N ASP A 30 13.36 3.50 -6.13
CA ASP A 30 13.64 4.56 -5.18
C ASP A 30 14.83 4.18 -4.29
N ARG A 31 14.98 2.90 -4.00
CA ARG A 31 16.13 2.41 -3.22
C ARG A 31 17.41 2.50 -4.03
N GLN A 32 17.33 2.28 -5.33
CA GLN A 32 18.50 2.34 -6.20
C GLN A 32 18.93 3.79 -6.27
N LEU A 33 17.97 4.68 -6.40
CA LEU A 33 18.24 6.11 -6.47
C LEU A 33 18.90 6.57 -5.18
N ASN A 34 18.33 6.20 -4.05
CA ASN A 34 18.90 6.51 -2.76
C ASN A 34 20.30 5.95 -2.53
N ASN A 35 20.63 4.84 -3.17
CA ASN A 35 21.94 4.21 -3.01
C ASN A 35 23.01 5.14 -3.57
N GLN A 36 22.61 5.93 -4.55
CA GLN A 36 23.50 6.85 -5.23
C GLN A 36 23.26 8.27 -4.71
N LYS A 37 22.42 8.36 -3.68
CA LYS A 37 22.04 9.61 -2.99
C LYS A 37 21.37 10.60 -3.93
N LYS A 38 20.66 10.06 -4.91
CA LYS A 38 19.91 10.85 -5.87
C LYS A 38 18.49 10.95 -5.36
N PRO A 39 17.77 12.03 -5.72
CA PRO A 39 16.37 12.11 -5.28
C PRO A 39 15.58 10.91 -5.79
N ALA A 40 14.71 10.37 -4.94
CA ALA A 40 13.92 9.21 -5.28
C ALA A 40 12.43 9.58 -5.22
N LEU A 41 11.79 9.53 -6.37
CA LEU A 41 10.39 10.00 -6.53
C LEU A 41 9.55 9.09 -7.43
N LYS A 42 9.94 7.83 -7.58
CA LYS A 42 9.22 6.93 -8.47
C LYS A 42 7.82 6.63 -7.95
N LYS A 43 7.69 6.49 -6.66
CA LYS A 43 6.37 6.30 -6.04
C LYS A 43 5.50 7.53 -6.25
N LEU A 44 6.13 8.70 -6.34
CA LEU A 44 5.41 9.97 -6.47
C LEU A 44 4.81 10.12 -7.88
N THR A 45 5.59 9.84 -8.91
CA THR A 45 5.08 9.97 -10.28
C THR A 45 4.02 8.92 -10.59
N LEU A 46 4.06 7.83 -9.85
CA LEU A 46 3.16 6.72 -10.06
C LEU A 46 1.91 6.88 -9.18
N LEU A 47 1.96 7.81 -8.24
CA LEU A 47 0.85 8.03 -7.30
C LEU A 47 -0.53 8.24 -7.97
N PRO A 48 -0.67 9.19 -8.92
CA PRO A 48 -2.04 9.32 -9.42
C PRO A 48 -2.45 8.14 -10.29
N ALA A 49 -1.46 7.45 -10.84
CA ALA A 49 -1.67 6.32 -11.70
C ALA A 49 -2.18 5.14 -10.86
N VAL A 50 -1.62 4.93 -9.68
CA VAL A 50 -2.10 3.84 -8.85
C VAL A 50 -3.50 4.13 -8.35
N VAL A 51 -3.75 5.36 -7.90
CA VAL A 51 -5.06 5.72 -7.32
C VAL A 51 -6.20 5.40 -8.28
N MET A 52 -6.01 5.70 -9.55
CA MET A 52 -7.02 5.40 -10.57
C MET A 52 -7.37 3.91 -10.61
N HIS A 53 -6.36 3.06 -10.45
CA HIS A 53 -6.55 1.61 -10.43
C HIS A 53 -6.97 1.07 -9.07
N LEU A 54 -6.42 1.63 -7.99
CA LEU A 54 -6.66 1.13 -6.65
C LEU A 54 -8.13 1.37 -6.24
N LYS A 55 -8.78 2.32 -6.88
CA LYS A 55 -10.20 2.62 -6.60
C LYS A 55 -11.17 1.67 -7.32
N LYS A 56 -10.67 0.67 -8.03
CA LYS A 56 -11.54 -0.31 -8.70
C LYS A 56 -12.08 -1.30 -7.66
N GLN A 57 -13.08 -0.87 -6.92
CA GLN A 57 -13.71 -1.68 -5.87
C GLN A 57 -14.30 -2.97 -6.42
N ASP A 58 -14.54 -3.02 -7.72
CA ASP A 58 -15.10 -4.21 -8.35
C ASP A 58 -14.07 -5.35 -8.34
N LEU A 59 -12.80 -4.97 -8.32
CA LEU A 59 -11.68 -5.92 -8.39
C LEU A 59 -11.03 -6.08 -7.03
N LYS A 60 -11.78 -5.73 -6.00
CA LYS A 60 -11.33 -5.83 -4.60
C LYS A 60 -10.65 -7.17 -4.27
N GLU A 61 -11.25 -8.27 -4.68
CA GLU A 61 -10.69 -9.58 -4.34
C GLU A 61 -9.39 -9.83 -5.09
N THR A 62 -9.31 -9.42 -6.34
CA THR A 62 -8.11 -9.62 -7.14
C THR A 62 -6.95 -8.84 -6.54
N PHE A 63 -7.22 -7.61 -6.13
CA PHE A 63 -6.18 -6.76 -5.55
C PHE A 63 -5.64 -7.34 -4.26
N ILE A 64 -6.51 -7.89 -3.43
CA ILE A 64 -6.09 -8.45 -2.15
C ILE A 64 -5.26 -9.71 -2.40
N ASP A 65 -5.75 -10.60 -3.26
CA ASP A 65 -5.06 -11.87 -3.52
C ASP A 65 -3.71 -11.67 -4.23
N SER A 66 -3.66 -10.72 -5.15
CA SER A 66 -2.43 -10.42 -5.89
C SER A 66 -1.40 -9.67 -5.02
N GLY A 67 -1.74 -9.43 -3.76
CA GLY A 67 -0.79 -8.85 -2.83
C GLY A 67 -0.58 -7.35 -2.87
N VAL A 68 -1.60 -6.57 -3.22
CA VAL A 68 -1.45 -5.11 -3.22
C VAL A 68 -1.03 -4.62 -1.84
N MET A 69 -1.47 -5.32 -0.80
CA MET A 69 -1.14 -4.94 0.58
C MET A 69 0.37 -4.96 0.81
N SER A 70 1.07 -5.83 0.09
CA SER A 70 2.52 -5.93 0.22
C SER A 70 3.17 -4.78 -0.54
N ALA A 71 2.62 -4.44 -1.69
CA ALA A 71 3.17 -3.37 -2.50
C ALA A 71 2.96 -2.02 -1.80
N ILE A 72 1.79 -1.83 -1.19
CA ILE A 72 1.51 -0.60 -0.44
C ILE A 72 2.48 -0.52 0.74
N LYS A 73 2.75 -1.63 1.39
CA LYS A 73 3.71 -1.64 2.52
C LYS A 73 5.06 -1.11 2.07
N GLU A 74 5.53 -1.55 0.92
CA GLU A 74 6.82 -1.10 0.40
C GLU A 74 6.80 0.40 0.11
N TRP A 75 5.65 0.95 -0.23
CA TRP A 75 5.54 2.37 -0.48
C TRP A 75 5.59 3.16 0.81
N LEU A 76 5.03 2.59 1.87
CA LEU A 76 5.02 3.26 3.18
C LEU A 76 6.41 3.27 3.79
N SER A 77 7.23 2.30 3.39
CA SER A 77 8.59 2.19 3.90
C SER A 77 9.52 3.22 3.23
N PRO A 78 10.11 4.13 4.03
CA PRO A 78 11.06 5.06 3.41
C PRO A 78 12.43 4.44 3.17
N LEU A 79 13.29 5.24 2.55
CA LEU A 79 14.64 4.86 2.24
C LEU A 79 15.52 5.01 3.50
N PRO A 80 16.72 4.37 3.55
CA PRO A 80 17.56 4.49 4.75
C PRO A 80 18.12 5.90 5.02
N ASP A 81 17.88 6.82 4.11
CA ASP A 81 18.26 8.23 4.27
C ASP A 81 17.39 8.91 5.35
N ARG A 82 16.38 8.18 5.82
CA ARG A 82 15.43 8.61 6.87
C ARG A 82 14.56 9.78 6.44
N SER A 83 14.56 10.07 5.16
CA SER A 83 13.71 11.07 4.59
C SER A 83 12.45 10.35 4.15
N LEU A 84 11.34 11.04 4.23
CA LEU A 84 10.04 10.47 3.84
C LEU A 84 9.41 11.24 2.67
N PRO A 85 9.92 11.06 1.43
CA PRO A 85 9.23 11.74 0.32
C PRO A 85 7.86 11.12 0.06
N ALA A 86 7.65 9.97 0.69
CA ALA A 86 6.42 9.21 0.61
C ALA A 86 5.27 9.93 1.32
N LEU A 87 5.55 11.06 1.97
CA LEU A 87 4.51 11.80 2.70
C LEU A 87 3.31 12.09 1.81
N LYS A 88 3.57 12.60 0.61
CA LYS A 88 2.46 12.95 -0.29
C LYS A 88 1.69 11.75 -0.78
N ILE A 89 2.39 10.64 -0.89
CA ILE A 89 1.79 9.41 -1.38
C ILE A 89 0.93 8.78 -0.29
N ARG A 90 1.40 8.85 0.96
CA ARG A 90 0.68 8.30 2.10
C ARG A 90 -0.70 8.92 2.26
N GLU A 91 -0.84 10.18 1.89
CA GLU A 91 -2.12 10.88 2.01
C GLU A 91 -3.22 10.11 1.28
N GLU A 92 -2.90 9.58 0.10
CA GLU A 92 -3.87 8.76 -0.66
C GLU A 92 -3.86 7.29 -0.24
N LEU A 93 -2.68 6.71 -0.05
CA LEU A 93 -2.60 5.29 0.33
C LEU A 93 -3.34 4.95 1.62
N LEU A 94 -3.31 5.84 2.61
CA LEU A 94 -4.02 5.59 3.87
C LEU A 94 -5.47 5.45 3.61
N LYS A 95 -5.92 6.28 2.69
CA LYS A 95 -7.35 6.31 2.35
C LYS A 95 -7.77 5.00 1.73
N ILE A 96 -7.02 4.55 0.74
CA ILE A 96 -7.32 3.31 0.02
C ILE A 96 -7.35 2.10 0.94
N LEU A 97 -6.46 2.09 1.93
CA LEU A 97 -6.41 1.00 2.89
C LEU A 97 -7.72 0.86 3.71
N GLN A 98 -8.47 1.94 3.85
CA GLN A 98 -9.76 1.93 4.59
C GLN A 98 -10.91 1.51 3.66
N GLU A 99 -10.64 1.48 2.36
CA GLU A 99 -11.66 1.13 1.36
C GLU A 99 -11.76 -0.38 1.17
N LEU A 100 -10.87 -1.12 1.83
CA LEU A 100 -10.87 -2.57 1.72
C LEU A 100 -12.06 -3.20 2.47
N PRO A 101 -12.63 -4.29 1.92
CA PRO A 101 -13.79 -4.96 2.55
C PRO A 101 -13.47 -5.80 3.81
N SER A 102 -13.00 -7.02 3.61
CA SER A 102 -12.72 -7.94 4.72
C SER A 102 -11.38 -8.64 4.54
N VAL A 103 -10.32 -7.86 4.38
CA VAL A 103 -8.98 -8.41 4.23
C VAL A 103 -8.66 -9.16 5.54
N SER A 104 -8.13 -10.37 5.43
CA SER A 104 -7.83 -11.16 6.61
C SER A 104 -6.69 -10.52 7.38
N GLN A 105 -6.71 -10.68 8.70
CA GLN A 105 -5.65 -10.15 9.55
C GLN A 105 -4.36 -10.87 9.18
N GLU A 106 -4.49 -12.09 8.67
CA GLU A 106 -3.34 -12.85 8.24
C GLU A 106 -2.69 -12.20 7.02
N THR A 107 -3.49 -11.64 6.12
CA THR A 107 -2.94 -10.99 4.93
C THR A 107 -2.17 -9.76 5.40
N LEU A 108 -2.78 -9.03 6.32
CA LEU A 108 -2.15 -7.83 6.88
C LEU A 108 -0.83 -8.17 7.59
N LYS A 109 -0.78 -9.32 8.25
CA LYS A 109 0.44 -9.80 8.91
C LYS A 109 1.50 -10.24 7.90
N HIS A 110 1.11 -11.00 6.89
CA HIS A 110 2.05 -11.50 5.89
C HIS A 110 2.66 -10.36 5.09
N SER A 111 1.82 -9.40 4.69
CA SER A 111 2.30 -8.23 3.96
C SER A 111 3.08 -7.30 4.87
N GLY A 112 2.85 -7.41 6.17
CA GLY A 112 3.55 -6.56 7.13
C GLY A 112 3.02 -5.13 7.11
N ILE A 113 1.93 -4.92 6.39
CA ILE A 113 1.34 -3.59 6.24
C ILE A 113 0.87 -3.05 7.60
N GLY A 114 0.44 -3.95 8.49
CA GLY A 114 0.04 -3.53 9.83
C GLY A 114 1.18 -2.86 10.58
N ARG A 115 2.38 -3.39 10.40
CA ARG A 115 3.57 -2.85 11.06
C ARG A 115 3.91 -1.50 10.42
N ALA A 116 3.72 -1.41 9.12
CA ALA A 116 4.05 -0.21 8.37
C ALA A 116 3.16 0.99 8.74
N VAL A 117 1.84 0.78 8.86
CA VAL A 117 0.95 1.89 9.25
C VAL A 117 1.27 2.30 10.69
N MET A 118 1.54 1.34 11.56
CA MET A 118 1.86 1.67 12.96
C MET A 118 3.15 2.47 13.04
N TYR A 119 4.13 2.13 12.22
CA TYR A 119 5.41 2.83 12.21
C TYR A 119 5.20 4.31 11.92
N LEU A 120 4.41 4.62 10.92
CA LEU A 120 4.19 6.02 10.52
C LEU A 120 3.31 6.74 11.53
N TYR A 121 2.33 6.05 12.08
CA TYR A 121 1.44 6.60 13.08
C TYR A 121 2.22 7.09 14.30
N LYS A 122 3.28 6.37 14.66
CA LYS A 122 4.11 6.77 15.79
C LYS A 122 5.24 7.70 15.37
N HIS A 123 5.53 7.76 14.08
CA HIS A 123 6.61 8.60 13.57
C HIS A 123 6.31 10.09 13.84
N PRO A 124 7.23 10.82 14.48
CA PRO A 124 6.89 12.20 14.85
C PRO A 124 6.77 13.18 13.67
N LYS A 125 7.31 12.83 12.51
CA LYS A 125 7.22 13.70 11.34
C LYS A 125 5.90 13.57 10.57
N GLU A 126 5.07 12.58 10.85
CA GLU A 126 3.82 12.45 10.11
C GLU A 126 2.79 13.52 10.54
N SER A 127 2.11 14.10 9.57
CA SER A 127 1.13 15.15 9.81
C SER A 127 -0.08 14.59 10.58
N ARG A 128 -0.72 15.46 11.36
CA ARG A 128 -1.88 15.05 12.16
C ARG A 128 -2.99 14.43 11.31
N SER A 129 -3.24 14.98 10.14
CA SER A 129 -4.30 14.46 9.26
C SER A 129 -4.03 13.01 8.85
N ASN A 130 -2.79 12.69 8.54
CA ASN A 130 -2.45 11.33 8.14
C ASN A 130 -2.52 10.40 9.36
N LYS A 131 -2.09 10.89 10.51
CA LYS A 131 -2.13 10.09 11.73
C LYS A 131 -3.56 9.78 12.14
N ASP A 132 -4.48 10.68 11.85
CA ASP A 132 -5.88 10.48 12.18
C ASP A 132 -6.41 9.23 11.49
N MET A 133 -6.10 9.09 10.21
CA MET A 133 -6.54 7.95 9.43
C MET A 133 -5.75 6.72 9.83
N ALA A 134 -4.46 6.89 10.08
CA ALA A 134 -3.61 5.78 10.47
C ALA A 134 -4.09 5.14 11.77
N GLY A 135 -4.51 5.95 12.72
CA GLY A 135 -5.02 5.44 13.99
C GLY A 135 -6.30 4.64 13.81
N LYS A 136 -7.16 5.10 12.92
CA LYS A 136 -8.43 4.40 12.65
C LYS A 136 -8.15 3.09 11.98
N LEU A 137 -7.22 3.12 11.04
CA LEU A 137 -6.89 1.98 10.22
C LEU A 137 -6.42 0.79 11.05
N ILE A 138 -5.61 1.06 12.06
CA ILE A 138 -5.13 0.00 12.95
C ILE A 138 -6.31 -0.63 13.70
N ASN A 139 -7.23 0.20 14.16
CA ASN A 139 -8.37 -0.25 14.97
C ASN A 139 -9.46 -1.00 14.20
N GLU A 140 -9.65 -0.67 12.93
CA GLU A 140 -10.67 -1.34 12.13
C GLU A 140 -10.12 -2.64 11.55
N TRP A 141 -8.82 -2.68 11.27
CA TRP A 141 -8.18 -3.89 10.78
C TRP A 141 -8.12 -4.96 11.86
N SER A 142 -7.94 -4.52 13.10
CA SER A 142 -7.88 -5.43 14.22
C SER A 142 -8.35 -4.70 15.46
N ARG A 143 -9.20 -5.34 16.25
CA ARG A 143 -9.70 -4.71 17.47
C ARG A 143 -8.47 -4.45 18.35
N PRO A 144 -8.40 -3.28 19.02
CA PRO A 144 -7.16 -2.99 19.74
C PRO A 144 -6.86 -3.92 20.90
N ILE A 145 -5.62 -4.35 20.96
CA ILE A 145 -5.10 -5.20 22.03
C ILE A 145 -3.59 -4.95 21.98
N PHE A 146 -2.92 -5.04 23.11
CA PHE A 146 -1.47 -4.82 23.16
C PHE A 146 -0.76 -5.90 23.97
N GLY A 147 -1.51 -6.91 24.40
CA GLY A 147 -0.93 -7.96 25.23
C GLY A 147 -0.93 -7.49 26.67
N LEU A 148 0.02 -7.96 27.46
CA LEU A 148 0.15 -7.54 28.85
C LEU A 148 1.13 -6.39 28.87
N GLY A 149 0.91 -5.42 29.75
CA GLY A 149 1.78 -4.26 29.83
C GLY A 149 1.23 -3.31 30.86
N SER A 150 1.87 -2.15 30.99
CA SER A 150 1.50 -1.11 31.97
C SER A 150 1.70 -1.63 33.39
N SER A 1 2.35 -17.38 -27.38
CA SER A 1 1.93 -18.38 -28.40
C SER A 1 0.94 -17.75 -29.36
N ASN A 2 0.58 -18.44 -30.43
CA ASN A 2 -0.39 -17.90 -31.40
C ASN A 2 -1.77 -18.50 -31.16
N ALA A 3 -2.06 -18.80 -29.91
CA ALA A 3 -3.33 -19.38 -29.49
C ALA A 3 -3.40 -19.16 -27.98
N ALA A 4 -4.60 -19.08 -27.45
CA ALA A 4 -4.83 -18.90 -26.02
C ALA A 4 -6.24 -19.44 -25.75
N SER A 5 -6.52 -19.82 -24.51
CA SER A 5 -7.82 -20.33 -24.12
C SER A 5 -7.93 -20.20 -22.61
N GLY A 6 -9.15 -20.10 -22.09
CA GLY A 6 -9.34 -19.96 -20.65
C GLY A 6 -9.32 -18.49 -20.27
N THR A 7 -9.17 -18.22 -18.97
CA THR A 7 -9.10 -16.85 -18.41
C THR A 7 -10.05 -15.84 -19.08
N PHE A 8 -11.35 -16.04 -18.89
CA PHE A 8 -12.37 -15.17 -19.48
C PHE A 8 -12.20 -13.71 -19.08
N ILE A 9 -11.69 -13.47 -17.88
CA ILE A 9 -11.42 -12.12 -17.41
C ILE A 9 -9.90 -11.98 -17.36
N SER A 10 -9.29 -11.68 -18.49
CA SER A 10 -7.84 -11.53 -18.56
C SER A 10 -7.41 -10.08 -18.49
N ASP A 11 -8.13 -9.21 -19.18
CA ASP A 11 -7.76 -7.79 -19.24
C ASP A 11 -7.63 -7.15 -17.87
N ALA A 12 -8.58 -7.42 -17.00
CA ALA A 12 -8.57 -6.82 -15.66
C ALA A 12 -7.47 -7.47 -14.81
N ASP A 13 -7.28 -8.76 -15.00
CA ASP A 13 -6.31 -9.51 -14.19
C ASP A 13 -4.89 -9.02 -14.49
N ASP A 14 -4.61 -8.85 -15.77
CA ASP A 14 -3.32 -8.35 -16.23
C ASP A 14 -3.08 -6.94 -15.70
N VAL A 15 -4.11 -6.10 -15.71
CA VAL A 15 -3.98 -4.72 -15.22
C VAL A 15 -3.70 -4.69 -13.73
N VAL A 16 -4.38 -5.50 -12.95
CA VAL A 16 -4.15 -5.53 -11.50
C VAL A 16 -2.74 -6.05 -11.24
N SER A 17 -2.37 -7.11 -11.94
CA SER A 17 -1.04 -7.71 -11.75
C SER A 17 0.05 -6.72 -12.14
N ALA A 18 -0.18 -6.00 -13.24
CA ALA A 18 0.76 -5.00 -13.70
C ALA A 18 0.87 -3.88 -12.67
N MET A 19 -0.24 -3.52 -12.04
CA MET A 19 -0.22 -2.46 -11.05
C MET A 19 0.62 -2.88 -9.84
N ILE A 20 0.41 -4.09 -9.31
CA ILE A 20 1.19 -4.56 -8.18
C ILE A 20 2.67 -4.62 -8.52
N VAL A 21 3.03 -5.19 -9.68
CA VAL A 21 4.44 -5.29 -10.00
C VAL A 21 5.05 -3.91 -10.22
N LYS A 22 4.36 -2.99 -10.89
CA LYS A 22 4.95 -1.66 -11.11
C LYS A 22 5.08 -0.89 -9.82
N MET A 23 4.15 -1.08 -8.90
CA MET A 23 4.30 -0.49 -7.57
C MET A 23 5.59 -1.06 -6.94
N ASN A 24 5.81 -2.35 -7.02
CA ASN A 24 7.02 -2.96 -6.47
C ASN A 24 8.29 -2.39 -7.09
N GLU A 25 8.31 -2.28 -8.40
CA GLU A 25 9.48 -1.75 -9.09
C GLU A 25 9.77 -0.33 -8.66
N ALA A 26 8.73 0.49 -8.53
CA ALA A 26 8.91 1.87 -8.10
C ALA A 26 9.48 1.96 -6.69
N ALA A 27 9.10 1.02 -5.84
CA ALA A 27 9.59 0.99 -4.47
C ALA A 27 11.07 0.64 -4.43
N GLU A 28 11.49 -0.30 -5.25
CA GLU A 28 12.88 -0.75 -5.28
C GLU A 28 13.76 0.28 -5.96
N GLU A 29 13.23 0.90 -7.00
CA GLU A 29 14.00 1.91 -7.75
C GLU A 29 14.31 3.09 -6.86
N ASP A 30 13.37 3.52 -6.03
CA ASP A 30 13.61 4.63 -5.13
C ASP A 30 14.78 4.32 -4.20
N ARG A 31 14.97 3.04 -3.85
CA ARG A 31 16.09 2.62 -3.03
C ARG A 31 17.40 2.71 -3.82
N GLN A 32 17.37 2.40 -5.11
CA GLN A 32 18.57 2.46 -5.95
C GLN A 32 18.93 3.90 -6.17
N LEU A 33 17.93 4.73 -6.40
CA LEU A 33 18.14 6.15 -6.62
C LEU A 33 18.78 6.75 -5.37
N ASN A 34 18.25 6.42 -4.21
CA ASN A 34 18.86 6.84 -2.96
C ASN A 34 20.28 6.30 -2.76
N ASN A 35 20.55 5.11 -3.29
CA ASN A 35 21.86 4.47 -3.17
C ASN A 35 22.85 5.28 -3.98
N GLN A 36 22.37 5.83 -5.09
CA GLN A 36 23.18 6.65 -5.97
C GLN A 36 23.12 8.13 -5.58
N LYS A 37 22.45 8.41 -4.46
CA LYS A 37 22.27 9.78 -3.93
C LYS A 37 21.58 10.70 -4.95
N LYS A 38 20.62 10.13 -5.68
CA LYS A 38 19.81 10.87 -6.64
C LYS A 38 18.42 11.01 -6.05
N PRO A 39 17.67 12.04 -6.43
CA PRO A 39 16.30 12.13 -5.90
C PRO A 39 15.47 10.90 -6.26
N ALA A 40 14.73 10.39 -5.30
CA ALA A 40 13.93 9.19 -5.51
C ALA A 40 12.46 9.57 -5.41
N LEU A 41 11.78 9.50 -6.55
CA LEU A 41 10.38 9.94 -6.68
C LEU A 41 9.52 9.02 -7.55
N LYS A 42 9.93 7.78 -7.78
CA LYS A 42 9.15 6.86 -8.61
C LYS A 42 7.79 6.60 -8.01
N LYS A 43 7.73 6.42 -6.71
CA LYS A 43 6.45 6.21 -6.04
C LYS A 43 5.57 7.45 -6.14
N LEU A 44 6.19 8.62 -6.19
CA LEU A 44 5.45 9.88 -6.31
C LEU A 44 4.85 10.05 -7.71
N THR A 45 5.64 9.79 -8.75
CA THR A 45 5.13 9.94 -10.13
C THR A 45 4.09 8.88 -10.46
N LEU A 46 4.14 7.76 -9.76
CA LEU A 46 3.24 6.66 -10.01
C LEU A 46 1.99 6.79 -9.14
N LEU A 47 2.05 7.65 -8.14
CA LEU A 47 0.92 7.87 -7.22
C LEU A 47 -0.40 8.29 -7.90
N PRO A 48 -0.39 9.30 -8.80
CA PRO A 48 -1.70 9.60 -9.41
C PRO A 48 -2.16 8.53 -10.38
N ALA A 49 -1.23 7.69 -10.81
CA ALA A 49 -1.53 6.59 -11.70
C ALA A 49 -2.11 5.39 -10.92
N VAL A 50 -1.57 5.09 -9.75
CA VAL A 50 -2.07 3.94 -8.99
C VAL A 50 -3.48 4.18 -8.48
N VAL A 51 -3.79 5.38 -8.00
CA VAL A 51 -5.11 5.62 -7.40
C VAL A 51 -6.24 5.28 -8.35
N MET A 52 -6.08 5.64 -9.60
CA MET A 52 -7.04 5.33 -10.64
C MET A 52 -7.39 3.83 -10.67
N HIS A 53 -6.38 2.99 -10.49
CA HIS A 53 -6.61 1.53 -10.43
C HIS A 53 -6.97 1.05 -9.02
N LEU A 54 -6.39 1.65 -7.99
CA LEU A 54 -6.63 1.21 -6.61
C LEU A 54 -8.07 1.51 -6.17
N LYS A 55 -8.72 2.45 -6.84
CA LYS A 55 -10.12 2.79 -6.54
C LYS A 55 -11.10 1.79 -7.16
N LYS A 56 -10.60 0.77 -7.85
CA LYS A 56 -11.44 -0.28 -8.41
C LYS A 56 -11.91 -1.23 -7.33
N GLN A 57 -12.89 -0.77 -6.56
CA GLN A 57 -13.49 -1.54 -5.48
C GLN A 57 -14.17 -2.78 -6.03
N ASP A 58 -14.48 -2.77 -7.32
CA ASP A 58 -15.07 -3.92 -8.00
C ASP A 58 -14.06 -5.07 -8.12
N LEU A 59 -12.77 -4.74 -8.28
CA LEU A 59 -11.71 -5.75 -8.47
C LEU A 59 -11.02 -6.10 -7.16
N LYS A 60 -11.72 -5.83 -6.07
CA LYS A 60 -11.21 -6.07 -4.71
C LYS A 60 -10.54 -7.42 -4.51
N GLU A 61 -11.14 -8.49 -5.00
CA GLU A 61 -10.58 -9.82 -4.79
C GLU A 61 -9.24 -9.98 -5.48
N THR A 62 -9.12 -9.50 -6.71
CA THR A 62 -7.88 -9.63 -7.45
C THR A 62 -6.79 -8.82 -6.78
N PHE A 63 -7.12 -7.63 -6.32
CA PHE A 63 -6.14 -6.77 -5.67
C PHE A 63 -5.63 -7.37 -4.37
N ILE A 64 -6.51 -7.96 -3.58
CA ILE A 64 -6.12 -8.54 -2.30
C ILE A 64 -5.26 -9.77 -2.57
N ASP A 65 -5.68 -10.63 -3.49
CA ASP A 65 -4.94 -11.86 -3.78
C ASP A 65 -3.58 -11.58 -4.42
N SER A 66 -3.50 -10.54 -5.26
CA SER A 66 -2.24 -10.13 -5.89
C SER A 66 -1.29 -9.53 -4.88
N GLY A 67 -1.74 -9.35 -3.64
CA GLY A 67 -0.87 -8.83 -2.61
C GLY A 67 -0.63 -7.34 -2.69
N VAL A 68 -1.64 -6.56 -3.11
CA VAL A 68 -1.49 -5.11 -3.17
C VAL A 68 -1.07 -4.56 -1.81
N MET A 69 -1.52 -5.21 -0.74
CA MET A 69 -1.19 -4.79 0.61
C MET A 69 0.32 -4.83 0.85
N SER A 70 1.00 -5.74 0.17
CA SER A 70 2.46 -5.87 0.29
C SER A 70 3.13 -4.77 -0.50
N ALA A 71 2.58 -4.47 -1.67
CA ALA A 71 3.16 -3.43 -2.52
C ALA A 71 2.96 -2.06 -1.85
N ILE A 72 1.80 -1.84 -1.23
CA ILE A 72 1.53 -0.60 -0.50
C ILE A 72 2.46 -0.53 0.70
N LYS A 73 2.69 -1.65 1.38
CA LYS A 73 3.61 -1.68 2.53
C LYS A 73 5.00 -1.21 2.10
N GLU A 74 5.45 -1.62 0.93
CA GLU A 74 6.76 -1.19 0.43
C GLU A 74 6.75 0.30 0.12
N TRP A 75 5.60 0.84 -0.26
CA TRP A 75 5.50 2.26 -0.54
C TRP A 75 5.57 3.07 0.73
N LEU A 76 5.11 2.49 1.84
CA LEU A 76 5.12 3.18 3.13
C LEU A 76 6.54 3.28 3.67
N SER A 77 7.40 2.36 3.24
CA SER A 77 8.78 2.33 3.70
C SER A 77 9.61 3.46 3.09
N PRO A 78 10.17 4.36 3.93
CA PRO A 78 11.05 5.36 3.38
C PRO A 78 12.45 4.80 3.11
N LEU A 79 13.29 5.62 2.51
CA LEU A 79 14.66 5.25 2.21
C LEU A 79 15.54 5.43 3.45
N PRO A 80 16.78 4.88 3.46
CA PRO A 80 17.69 5.06 4.61
C PRO A 80 18.03 6.49 5.01
N ASP A 81 17.61 7.45 4.19
CA ASP A 81 17.78 8.89 4.45
C ASP A 81 16.83 9.35 5.57
N ARG A 82 15.86 8.48 5.89
CA ARG A 82 14.88 8.67 6.98
C ARG A 82 13.87 9.80 6.75
N SER A 83 13.98 10.49 5.63
CA SER A 83 13.01 11.48 5.27
C SER A 83 11.89 10.67 4.70
N LEU A 84 10.70 11.23 4.75
CA LEU A 84 9.51 10.53 4.26
C LEU A 84 8.97 11.17 2.98
N PRO A 85 9.56 10.86 1.80
CA PRO A 85 8.90 11.42 0.60
C PRO A 85 7.55 10.72 0.39
N ALA A 86 7.41 9.57 1.04
CA ALA A 86 6.19 8.78 1.03
C ALA A 86 5.04 9.51 1.72
N LEU A 87 5.31 10.60 2.43
CA LEU A 87 4.27 11.32 3.15
C LEU A 87 3.14 11.74 2.22
N LYS A 88 3.46 12.34 1.08
CA LYS A 88 2.45 12.78 0.13
C LYS A 88 1.69 11.65 -0.52
N ILE A 89 2.38 10.55 -0.75
CA ILE A 89 1.80 9.39 -1.37
C ILE A 89 0.83 8.74 -0.39
N ARG A 90 1.24 8.73 0.87
CA ARG A 90 0.43 8.16 1.94
C ARG A 90 -0.90 8.86 2.12
N GLU A 91 -0.96 10.13 1.76
CA GLU A 91 -2.20 10.89 1.91
C GLU A 91 -3.32 10.13 1.20
N GLU A 92 -3.06 9.59 0.01
CA GLU A 92 -4.03 8.75 -0.67
C GLU A 92 -4.03 7.29 -0.24
N LEU A 93 -2.86 6.70 -0.12
CA LEU A 93 -2.75 5.28 0.23
C LEU A 93 -3.46 4.89 1.53
N LEU A 94 -3.46 5.76 2.54
CA LEU A 94 -4.11 5.45 3.82
C LEU A 94 -5.55 5.24 3.62
N LYS A 95 -6.09 6.05 2.74
CA LYS A 95 -7.52 6.07 2.47
C LYS A 95 -7.95 4.77 1.87
N ILE A 96 -7.19 4.31 0.88
CA ILE A 96 -7.51 3.09 0.15
C ILE A 96 -7.58 1.87 1.08
N LEU A 97 -6.68 1.75 2.02
CA LEU A 97 -6.71 0.72 3.02
C LEU A 97 -8.00 0.68 3.86
N GLN A 98 -8.69 1.81 3.99
CA GLN A 98 -9.94 1.87 4.75
C GLN A 98 -11.12 1.49 3.83
N GLU A 99 -10.85 1.41 2.53
CA GLU A 99 -11.88 1.06 1.53
C GLU A 99 -11.96 -0.45 1.32
N LEU A 100 -11.03 -1.20 1.90
CA LEU A 100 -11.00 -2.64 1.72
C LEU A 100 -12.24 -3.31 2.33
N PRO A 101 -12.76 -4.37 1.68
CA PRO A 101 -13.98 -5.04 2.16
C PRO A 101 -13.79 -5.88 3.41
N SER A 102 -13.09 -6.99 3.27
CA SER A 102 -12.84 -7.92 4.37
C SER A 102 -11.51 -8.64 4.16
N VAL A 103 -10.45 -7.86 4.05
CA VAL A 103 -9.11 -8.40 3.89
C VAL A 103 -8.82 -9.25 5.14
N SER A 104 -8.28 -10.45 4.93
CA SER A 104 -8.03 -11.33 6.06
C SER A 104 -6.90 -10.77 6.92
N GLN A 105 -6.94 -11.08 8.20
CA GLN A 105 -5.91 -10.62 9.11
C GLN A 105 -4.58 -11.19 8.67
N GLU A 106 -4.61 -12.38 8.09
CA GLU A 106 -3.40 -13.03 7.61
C GLU A 106 -2.74 -12.21 6.50
N THR A 107 -3.53 -11.62 5.60
CA THR A 107 -2.94 -10.82 4.51
C THR A 107 -2.23 -9.63 5.13
N LEU A 108 -2.89 -8.99 6.08
CA LEU A 108 -2.33 -7.82 6.76
C LEU A 108 -1.04 -8.17 7.50
N LYS A 109 -0.97 -9.36 8.08
CA LYS A 109 0.23 -9.83 8.78
C LYS A 109 1.35 -10.21 7.80
N HIS A 110 1.03 -10.94 6.75
CA HIS A 110 2.02 -11.39 5.77
C HIS A 110 2.64 -10.20 5.04
N SER A 111 1.80 -9.25 4.65
CA SER A 111 2.31 -8.05 4.00
C SER A 111 3.10 -7.22 4.99
N GLY A 112 2.72 -7.27 6.25
CA GLY A 112 3.39 -6.48 7.27
C GLY A 112 2.91 -5.04 7.22
N ILE A 113 1.83 -4.82 6.48
CA ILE A 113 1.26 -3.49 6.29
C ILE A 113 0.82 -2.89 7.63
N GLY A 114 0.29 -3.71 8.53
CA GLY A 114 -0.12 -3.21 9.84
C GLY A 114 1.05 -2.61 10.59
N ARG A 115 2.19 -3.28 10.53
CA ARG A 115 3.41 -2.81 11.20
C ARG A 115 3.87 -1.51 10.57
N ALA A 116 3.74 -1.40 9.25
CA ALA A 116 4.14 -0.20 8.54
C ALA A 116 3.24 1.00 8.93
N VAL A 117 1.93 0.79 9.03
CA VAL A 117 1.03 1.88 9.44
C VAL A 117 1.43 2.33 10.85
N MET A 118 1.67 1.38 11.74
CA MET A 118 2.05 1.69 13.12
C MET A 118 3.37 2.47 13.17
N TYR A 119 4.33 2.12 12.34
CA TYR A 119 5.62 2.82 12.32
C TYR A 119 5.42 4.30 12.03
N LEU A 120 4.63 4.61 11.01
CA LEU A 120 4.41 6.01 10.63
C LEU A 120 3.49 6.73 11.59
N TYR A 121 2.60 6.00 12.24
CA TYR A 121 1.70 6.59 13.23
C TYR A 121 2.52 7.13 14.40
N LYS A 122 3.56 6.41 14.77
CA LYS A 122 4.44 6.85 15.86
C LYS A 122 5.53 7.81 15.37
N HIS A 123 5.78 7.86 14.08
CA HIS A 123 6.82 8.69 13.51
C HIS A 123 6.55 10.18 13.76
N PRO A 124 7.53 10.92 14.29
CA PRO A 124 7.24 12.33 14.65
C PRO A 124 7.10 13.29 13.47
N LYS A 125 7.58 12.90 12.29
CA LYS A 125 7.47 13.76 11.10
C LYS A 125 6.19 13.52 10.30
N GLU A 126 5.42 12.52 10.66
CA GLU A 126 4.18 12.22 9.92
C GLU A 126 3.12 13.29 10.21
N SER A 127 2.44 13.75 9.17
CA SER A 127 1.43 14.81 9.31
C SER A 127 0.24 14.36 10.16
N ARG A 128 -0.36 15.29 10.89
CA ARG A 128 -1.49 14.96 11.77
C ARG A 128 -2.68 14.36 11.03
N SER A 129 -2.96 14.83 9.82
CA SER A 129 -4.08 14.30 9.06
C SER A 129 -3.85 12.84 8.69
N ASN A 130 -2.62 12.51 8.33
CA ASN A 130 -2.28 11.14 7.99
C ASN A 130 -2.32 10.27 9.23
N LYS A 131 -1.91 10.82 10.36
CA LYS A 131 -1.94 10.07 11.61
C LYS A 131 -3.35 9.75 12.05
N ASP A 132 -4.30 10.63 11.75
CA ASP A 132 -5.69 10.40 12.12
C ASP A 132 -6.19 9.12 11.42
N MET A 133 -5.98 9.04 10.11
CA MET A 133 -6.43 7.89 9.36
C MET A 133 -5.61 6.66 9.74
N ALA A 134 -4.34 6.86 10.03
CA ALA A 134 -3.48 5.76 10.45
C ALA A 134 -3.94 5.18 11.78
N GLY A 135 -4.35 6.04 12.70
CA GLY A 135 -4.83 5.60 14.00
C GLY A 135 -6.09 4.78 13.86
N LYS A 136 -6.98 5.22 12.98
CA LYS A 136 -8.21 4.48 12.71
C LYS A 136 -7.86 3.12 12.18
N LEU A 137 -6.99 3.13 11.18
CA LEU A 137 -6.62 1.94 10.45
C LEU A 137 -6.03 0.84 11.33
N ILE A 138 -5.24 1.21 12.32
CA ILE A 138 -4.69 0.24 13.27
C ILE A 138 -5.82 -0.43 14.05
N ASN A 139 -6.85 0.35 14.40
CA ASN A 139 -7.96 -0.16 15.20
C ASN A 139 -8.98 -0.98 14.42
N GLU A 140 -9.32 -0.55 13.21
CA GLU A 140 -10.33 -1.25 12.40
C GLU A 140 -9.78 -2.56 11.82
N TRP A 141 -8.46 -2.69 11.78
CA TRP A 141 -7.82 -3.93 11.33
C TRP A 141 -7.75 -4.94 12.49
N SER A 142 -8.83 -4.97 13.25
CA SER A 142 -9.06 -5.86 14.40
C SER A 142 -8.15 -5.62 15.61
N ARG A 143 -8.62 -6.10 16.75
CA ARG A 143 -7.95 -5.93 18.06
C ARG A 143 -7.62 -4.43 18.31
N PRO A 144 -8.65 -3.59 18.42
CA PRO A 144 -8.34 -2.16 18.63
C PRO A 144 -7.64 -1.88 19.94
N ILE A 145 -6.94 -0.76 19.99
CA ILE A 145 -6.21 -0.35 21.19
C ILE A 145 -7.25 0.04 22.25
N PHE A 146 -7.10 -0.50 23.44
CA PHE A 146 -8.02 -0.22 24.53
C PHE A 146 -7.67 1.15 25.14
N GLY A 147 -8.67 1.86 25.63
CA GLY A 147 -8.43 3.17 26.22
C GLY A 147 -7.74 3.06 27.57
N LEU A 148 -7.07 4.14 27.97
CA LEU A 148 -6.34 4.21 29.25
C LEU A 148 -5.33 3.06 29.39
N GLY A 149 -4.51 2.89 28.37
CA GLY A 149 -3.46 1.88 28.37
C GLY A 149 -2.11 2.54 28.28
N SER A 150 -1.05 1.76 28.33
CA SER A 150 0.32 2.27 28.24
C SER A 150 0.74 2.46 26.79
N SER A 1 7.90 -18.69 -24.95
CA SER A 1 6.96 -18.19 -23.91
C SER A 1 6.07 -17.11 -24.49
N ASN A 2 4.87 -16.99 -23.97
CA ASN A 2 3.88 -16.01 -24.43
C ASN A 2 2.96 -15.82 -23.24
N ALA A 3 2.21 -14.72 -23.21
CA ALA A 3 1.32 -14.42 -22.08
C ALA A 3 0.15 -15.42 -21.99
N ALA A 4 -0.23 -15.94 -23.15
CA ALA A 4 -1.34 -16.90 -23.34
C ALA A 4 -2.74 -16.30 -23.09
N SER A 5 -2.94 -15.65 -21.95
CA SER A 5 -4.21 -15.00 -21.59
C SER A 5 -5.43 -15.91 -21.85
N GLY A 6 -5.30 -17.18 -21.48
CA GLY A 6 -6.33 -18.16 -21.73
C GLY A 6 -7.46 -18.20 -20.73
N THR A 7 -7.83 -17.05 -20.19
CA THR A 7 -8.88 -16.95 -19.19
C THR A 7 -9.89 -15.89 -19.62
N PHE A 8 -11.13 -16.02 -19.18
CA PHE A 8 -12.14 -15.01 -19.48
C PHE A 8 -11.88 -13.80 -18.61
N ILE A 9 -11.32 -14.04 -17.44
CA ILE A 9 -10.91 -12.98 -16.54
C ILE A 9 -9.42 -12.83 -16.80
N SER A 10 -9.10 -12.05 -17.83
CA SER A 10 -7.71 -11.80 -18.22
C SER A 10 -7.40 -10.32 -18.12
N ASP A 11 -8.18 -9.51 -18.80
CA ASP A 11 -7.97 -8.05 -18.82
C ASP A 11 -7.89 -7.47 -17.40
N ALA A 12 -8.77 -7.92 -16.52
CA ALA A 12 -8.80 -7.39 -15.16
C ALA A 12 -7.58 -7.88 -14.37
N ASP A 13 -7.24 -9.15 -14.50
CA ASP A 13 -6.17 -9.74 -13.70
C ASP A 13 -4.81 -9.23 -14.14
N ASP A 14 -4.61 -9.11 -15.44
CA ASP A 14 -3.35 -8.61 -15.99
C ASP A 14 -3.11 -7.19 -15.51
N VAL A 15 -4.15 -6.37 -15.48
CA VAL A 15 -4.02 -4.98 -15.04
C VAL A 15 -3.73 -4.89 -13.54
N VAL A 16 -4.41 -5.69 -12.73
CA VAL A 16 -4.16 -5.67 -11.29
C VAL A 16 -2.73 -6.15 -11.03
N SER A 17 -2.33 -7.23 -11.67
CA SER A 17 -0.99 -7.77 -11.48
C SER A 17 0.06 -6.78 -11.96
N ALA A 18 -0.20 -6.13 -13.08
CA ALA A 18 0.70 -5.11 -13.60
C ALA A 18 0.82 -3.96 -12.62
N MET A 19 -0.27 -3.62 -11.94
CA MET A 19 -0.23 -2.54 -10.97
C MET A 19 0.65 -2.92 -9.78
N ILE A 20 0.43 -4.11 -9.21
CA ILE A 20 1.23 -4.56 -8.09
C ILE A 20 2.71 -4.61 -8.46
N VAL A 21 3.06 -5.18 -9.61
CA VAL A 21 4.46 -5.26 -9.97
C VAL A 21 5.04 -3.86 -10.22
N LYS A 22 4.32 -2.96 -10.87
CA LYS A 22 4.88 -1.62 -11.10
C LYS A 22 5.05 -0.85 -9.80
N MET A 23 4.17 -1.06 -8.84
CA MET A 23 4.36 -0.47 -7.53
C MET A 23 5.65 -1.03 -6.92
N ASN A 24 5.88 -2.33 -7.04
CA ASN A 24 7.11 -2.94 -6.55
C ASN A 24 8.33 -2.35 -7.22
N GLU A 25 8.29 -2.21 -8.54
CA GLU A 25 9.41 -1.68 -9.29
C GLU A 25 9.73 -0.25 -8.85
N ALA A 26 8.70 0.54 -8.60
CA ALA A 26 8.89 1.91 -8.17
C ALA A 26 9.57 1.96 -6.80
N ALA A 27 9.22 1.01 -5.94
CA ALA A 27 9.82 0.96 -4.61
C ALA A 27 11.30 0.54 -4.72
N GLU A 28 11.59 -0.44 -5.56
CA GLU A 28 12.95 -0.92 -5.74
C GLU A 28 13.82 0.13 -6.42
N GLU A 29 13.27 0.81 -7.40
CA GLU A 29 14.02 1.84 -8.12
C GLU A 29 14.34 3.02 -7.21
N ASP A 30 13.45 3.37 -6.29
CA ASP A 30 13.72 4.44 -5.37
C ASP A 30 14.92 4.08 -4.49
N ARG A 31 15.12 2.80 -4.22
CA ARG A 31 16.31 2.36 -3.46
C ARG A 31 17.56 2.56 -4.31
N GLN A 32 17.45 2.32 -5.61
CA GLN A 32 18.61 2.43 -6.50
C GLN A 32 18.99 3.89 -6.62
N LEU A 33 17.98 4.74 -6.76
CA LEU A 33 18.20 6.18 -6.88
C LEU A 33 18.86 6.69 -5.61
N ASN A 34 18.34 6.32 -4.45
CA ASN A 34 18.94 6.67 -3.19
C ASN A 34 20.37 6.17 -3.02
N ASN A 35 20.70 5.06 -3.65
CA ASN A 35 22.04 4.46 -3.53
C ASN A 35 23.05 5.40 -4.17
N GLN A 36 22.60 6.14 -5.16
CA GLN A 36 23.45 7.07 -5.89
C GLN A 36 23.18 8.51 -5.45
N LYS A 37 22.39 8.63 -4.39
CA LYS A 37 22.01 9.93 -3.78
C LYS A 37 21.27 10.80 -4.81
N LYS A 38 20.57 10.16 -5.72
CA LYS A 38 19.76 10.85 -6.73
C LYS A 38 18.37 10.96 -6.13
N PRO A 39 17.61 12.01 -6.49
CA PRO A 39 16.26 12.08 -5.94
C PRO A 39 15.44 10.85 -6.32
N ALA A 40 14.80 10.25 -5.33
CA ALA A 40 14.00 9.06 -5.54
C ALA A 40 12.53 9.43 -5.42
N LEU A 41 11.83 9.39 -6.55
CA LEU A 41 10.45 9.84 -6.66
C LEU A 41 9.59 8.94 -7.55
N LYS A 42 9.97 7.68 -7.73
CA LYS A 42 9.21 6.78 -8.58
C LYS A 42 7.82 6.54 -8.01
N LYS A 43 7.73 6.41 -6.69
CA LYS A 43 6.43 6.24 -6.04
C LYS A 43 5.57 7.49 -6.24
N LEU A 44 6.21 8.65 -6.34
CA LEU A 44 5.51 9.93 -6.48
C LEU A 44 4.92 10.08 -7.89
N THR A 45 5.69 9.78 -8.92
CA THR A 45 5.20 9.91 -10.30
C THR A 45 4.13 8.87 -10.62
N LEU A 46 4.16 7.77 -9.88
CA LEU A 46 3.26 6.67 -10.10
C LEU A 46 2.01 6.83 -9.22
N LEU A 47 2.06 7.75 -8.28
CA LEU A 47 0.96 7.99 -7.34
C LEU A 47 -0.42 8.20 -8.02
N PRO A 48 -0.56 9.15 -8.97
CA PRO A 48 -1.93 9.28 -9.47
C PRO A 48 -2.34 8.11 -10.36
N ALA A 49 -1.34 7.45 -10.90
CA ALA A 49 -1.55 6.32 -11.79
C ALA A 49 -2.06 5.13 -10.97
N VAL A 50 -1.53 4.91 -9.78
CA VAL A 50 -2.02 3.81 -8.97
C VAL A 50 -3.42 4.12 -8.47
N VAL A 51 -3.66 5.35 -8.02
CA VAL A 51 -4.96 5.71 -7.44
C VAL A 51 -6.10 5.43 -8.40
N MET A 52 -5.93 5.76 -9.66
CA MET A 52 -6.97 5.49 -10.67
C MET A 52 -7.36 4.00 -10.68
N HIS A 53 -6.37 3.14 -10.50
CA HIS A 53 -6.62 1.69 -10.43
C HIS A 53 -7.03 1.21 -9.03
N LEU A 54 -6.47 1.80 -7.99
CA LEU A 54 -6.71 1.33 -6.62
C LEU A 54 -8.15 1.65 -6.18
N LYS A 55 -8.78 2.61 -6.84
CA LYS A 55 -10.18 2.95 -6.53
C LYS A 55 -11.18 1.98 -7.14
N LYS A 56 -10.72 0.97 -7.85
CA LYS A 56 -11.60 -0.04 -8.42
C LYS A 56 -11.98 -1.05 -7.34
N GLN A 57 -12.91 -0.64 -6.47
CA GLN A 57 -13.38 -1.51 -5.39
C GLN A 57 -14.04 -2.77 -5.93
N ASP A 58 -14.45 -2.74 -7.19
CA ASP A 58 -15.04 -3.92 -7.85
C ASP A 58 -14.04 -5.08 -7.86
N LEU A 59 -12.76 -4.74 -7.94
CA LEU A 59 -11.67 -5.71 -8.06
C LEU A 59 -11.01 -5.98 -6.72
N LYS A 60 -11.72 -5.66 -5.65
CA LYS A 60 -11.21 -5.84 -4.28
C LYS A 60 -10.54 -7.19 -4.03
N GLU A 61 -11.14 -8.26 -4.49
CA GLU A 61 -10.60 -9.59 -4.23
C GLU A 61 -9.30 -9.81 -5.00
N THR A 62 -9.25 -9.36 -6.25
CA THR A 62 -8.06 -9.52 -7.07
C THR A 62 -6.91 -8.72 -6.46
N PHE A 63 -7.21 -7.51 -6.01
CA PHE A 63 -6.19 -6.66 -5.43
C PHE A 63 -5.61 -7.24 -4.14
N ILE A 64 -6.47 -7.81 -3.30
CA ILE A 64 -6.00 -8.37 -2.03
C ILE A 64 -5.16 -9.61 -2.32
N ASP A 65 -5.63 -10.49 -3.20
CA ASP A 65 -4.91 -11.73 -3.52
C ASP A 65 -3.58 -11.47 -4.23
N SER A 66 -3.56 -10.50 -5.13
CA SER A 66 -2.35 -10.14 -5.87
C SER A 66 -1.31 -9.50 -4.95
N GLY A 67 -1.70 -9.22 -3.72
CA GLY A 67 -0.77 -8.69 -2.75
C GLY A 67 -0.59 -7.19 -2.78
N VAL A 68 -1.62 -6.43 -3.13
CA VAL A 68 -1.52 -4.97 -3.14
C VAL A 68 -1.12 -4.47 -1.76
N MET A 69 -1.52 -5.19 -0.73
CA MET A 69 -1.20 -4.83 0.64
C MET A 69 0.32 -4.81 0.85
N SER A 70 1.03 -5.69 0.16
CA SER A 70 2.48 -5.79 0.28
C SER A 70 3.13 -4.67 -0.50
N ALA A 71 2.55 -4.37 -1.65
CA ALA A 71 3.10 -3.31 -2.49
C ALA A 71 2.88 -1.94 -1.82
N ILE A 72 1.72 -1.74 -1.20
CA ILE A 72 1.44 -0.51 -0.47
C ILE A 72 2.41 -0.42 0.71
N LYS A 73 2.64 -1.54 1.38
CA LYS A 73 3.57 -1.57 2.53
C LYS A 73 4.96 -1.07 2.13
N GLU A 74 5.45 -1.49 0.97
CA GLU A 74 6.77 -1.02 0.52
C GLU A 74 6.74 0.47 0.21
N TRP A 75 5.60 0.99 -0.19
CA TRP A 75 5.50 2.41 -0.49
C TRP A 75 5.49 3.23 0.79
N LEU A 76 4.94 2.67 1.86
CA LEU A 76 4.89 3.37 3.14
C LEU A 76 6.28 3.44 3.75
N SER A 77 7.12 2.48 3.38
CA SER A 77 8.47 2.38 3.92
C SER A 77 9.42 3.41 3.29
N PRO A 78 10.08 4.23 4.12
CA PRO A 78 11.07 5.17 3.58
C PRO A 78 12.44 4.55 3.35
N LEU A 79 13.30 5.31 2.70
CA LEU A 79 14.67 4.88 2.44
C LEU A 79 15.47 4.97 3.75
N PRO A 80 16.62 4.26 3.84
CA PRO A 80 17.45 4.35 5.06
C PRO A 80 18.11 5.72 5.26
N ASP A 81 17.82 6.64 4.35
CA ASP A 81 18.26 8.03 4.39
C ASP A 81 17.55 8.78 5.52
N ARG A 82 16.56 8.12 6.12
CA ARG A 82 15.74 8.62 7.25
C ARG A 82 14.82 9.76 6.86
N SER A 83 14.81 10.12 5.59
CA SER A 83 13.90 11.11 5.07
C SER A 83 12.65 10.35 4.70
N LEU A 84 11.53 11.05 4.72
CA LEU A 84 10.23 10.46 4.36
C LEU A 84 9.68 11.11 3.06
N PRO A 85 10.30 10.86 1.89
CA PRO A 85 9.74 11.52 0.70
C PRO A 85 8.40 10.91 0.26
N ALA A 86 8.10 9.74 0.80
CA ALA A 86 6.88 9.02 0.48
C ALA A 86 5.68 9.61 1.22
N LEU A 87 5.92 10.67 1.98
CA LEU A 87 4.87 11.29 2.79
C LEU A 87 3.65 11.68 1.97
N LYS A 88 3.90 12.33 0.84
CA LYS A 88 2.81 12.83 -0.01
C LYS A 88 1.95 11.72 -0.56
N ILE A 89 2.55 10.56 -0.74
CA ILE A 89 1.87 9.41 -1.31
C ILE A 89 0.99 8.73 -0.26
N ARG A 90 1.46 8.70 0.98
CA ARG A 90 0.70 8.07 2.08
C ARG A 90 -0.65 8.71 2.27
N GLU A 91 -0.73 10.01 1.99
CA GLU A 91 -1.96 10.77 2.15
C GLU A 91 -3.07 10.14 1.32
N GLU A 92 -2.74 9.59 0.17
CA GLU A 92 -3.69 8.87 -0.66
C GLU A 92 -3.80 7.39 -0.29
N LEU A 93 -2.66 6.73 -0.11
CA LEU A 93 -2.63 5.29 0.19
C LEU A 93 -3.39 4.88 1.45
N LEU A 94 -3.37 5.71 2.48
CA LEU A 94 -4.05 5.39 3.74
C LEU A 94 -5.50 5.25 3.49
N LYS A 95 -5.99 6.16 2.66
CA LYS A 95 -7.42 6.22 2.36
C LYS A 95 -7.87 4.93 1.72
N ILE A 96 -7.09 4.48 0.75
CA ILE A 96 -7.42 3.27 -0.01
C ILE A 96 -7.44 2.02 0.88
N LEU A 97 -6.56 1.94 1.86
CA LEU A 97 -6.54 0.81 2.77
C LEU A 97 -7.85 0.68 3.57
N GLN A 98 -8.56 1.80 3.77
CA GLN A 98 -9.84 1.80 4.52
C GLN A 98 -10.98 1.39 3.58
N GLU A 99 -10.71 1.32 2.29
CA GLU A 99 -11.72 0.97 1.28
C GLU A 99 -11.77 -0.54 1.07
N LEU A 100 -10.88 -1.27 1.73
CA LEU A 100 -10.87 -2.71 1.65
C LEU A 100 -12.00 -3.27 2.52
N PRO A 101 -12.62 -4.38 2.11
CA PRO A 101 -13.78 -4.92 2.82
C PRO A 101 -13.51 -5.57 4.19
N SER A 102 -12.92 -6.75 4.16
CA SER A 102 -12.62 -7.51 5.37
C SER A 102 -11.40 -8.37 5.12
N VAL A 103 -10.31 -7.71 4.80
CA VAL A 103 -9.05 -8.41 4.52
C VAL A 103 -8.63 -9.18 5.78
N SER A 104 -8.24 -10.43 5.59
CA SER A 104 -7.86 -11.31 6.69
C SER A 104 -6.63 -10.79 7.42
N GLN A 105 -6.55 -11.08 8.71
CA GLN A 105 -5.42 -10.65 9.52
C GLN A 105 -4.15 -11.33 9.00
N GLU A 106 -4.31 -12.50 8.41
CA GLU A 106 -3.19 -13.22 7.83
C GLU A 106 -2.58 -12.45 6.66
N THR A 107 -3.38 -11.83 5.82
CA THR A 107 -2.86 -11.05 4.69
C THR A 107 -2.12 -9.85 5.25
N LEU A 108 -2.75 -9.19 6.21
CA LEU A 108 -2.17 -8.02 6.85
C LEU A 108 -0.84 -8.37 7.52
N LYS A 109 -0.76 -9.57 8.08
CA LYS A 109 0.45 -10.08 8.72
C LYS A 109 1.54 -10.41 7.69
N HIS A 110 1.18 -11.11 6.63
CA HIS A 110 2.14 -11.51 5.60
C HIS A 110 2.74 -10.30 4.90
N SER A 111 1.89 -9.32 4.58
CA SER A 111 2.37 -8.10 3.96
C SER A 111 3.17 -7.26 4.93
N GLY A 112 2.85 -7.35 6.21
CA GLY A 112 3.52 -6.55 7.22
C GLY A 112 3.00 -5.13 7.19
N ILE A 113 1.91 -4.92 6.47
CA ILE A 113 1.31 -3.61 6.30
C ILE A 113 0.82 -3.06 7.65
N GLY A 114 0.40 -3.94 8.55
CA GLY A 114 -0.01 -3.51 9.88
C GLY A 114 1.13 -2.84 10.62
N ARG A 115 2.33 -3.39 10.49
CA ARG A 115 3.51 -2.82 11.13
C ARG A 115 3.85 -1.48 10.46
N ALA A 116 3.69 -1.43 9.15
CA ALA A 116 4.01 -0.22 8.40
C ALA A 116 3.10 0.97 8.77
N VAL A 117 1.79 0.75 8.89
CA VAL A 117 0.90 1.84 9.28
C VAL A 117 1.19 2.25 10.73
N MET A 118 1.52 1.29 11.59
CA MET A 118 1.83 1.59 12.99
C MET A 118 3.10 2.43 13.11
N TYR A 119 4.09 2.15 12.29
CA TYR A 119 5.35 2.90 12.30
C TYR A 119 5.07 4.38 12.08
N LEU A 120 4.25 4.67 11.11
CA LEU A 120 3.92 6.05 10.75
C LEU A 120 3.00 6.68 11.77
N TYR A 121 2.06 5.91 12.29
CA TYR A 121 1.12 6.40 13.29
C TYR A 121 1.86 6.92 14.53
N LYS A 122 2.94 6.25 14.90
CA LYS A 122 3.74 6.68 16.05
C LYS A 122 4.90 7.59 15.68
N HIS A 123 5.12 7.81 14.39
CA HIS A 123 6.23 8.64 13.95
C HIS A 123 5.98 10.10 14.34
N PRO A 124 6.94 10.74 15.02
CA PRO A 124 6.66 12.10 15.50
C PRO A 124 6.61 13.17 14.40
N LYS A 125 7.11 12.86 13.21
CA LYS A 125 7.09 13.82 12.10
C LYS A 125 5.90 13.65 11.15
N GLU A 126 5.05 12.67 11.41
CA GLU A 126 3.91 12.40 10.51
C GLU A 126 2.76 13.38 10.73
N SER A 127 2.06 13.68 9.65
CA SER A 127 0.96 14.65 9.65
C SER A 127 -0.23 14.17 10.47
N ARG A 128 -0.93 15.11 11.11
CA ARG A 128 -2.08 14.75 11.95
C ARG A 128 -3.15 14.04 11.13
N SER A 129 -3.38 14.49 9.91
CA SER A 129 -4.38 13.87 9.05
C SER A 129 -4.04 12.43 8.71
N ASN A 130 -2.76 12.16 8.50
CA ASN A 130 -2.33 10.80 8.19
C ASN A 130 -2.53 9.92 9.41
N LYS A 131 -2.20 10.45 10.59
CA LYS A 131 -2.36 9.70 11.84
C LYS A 131 -3.82 9.46 12.16
N ASP A 132 -4.69 10.38 11.77
CA ASP A 132 -6.12 10.25 12.00
C ASP A 132 -6.63 8.98 11.34
N MET A 133 -6.26 8.79 10.08
CA MET A 133 -6.67 7.61 9.33
C MET A 133 -5.90 6.39 9.79
N ALA A 134 -4.62 6.56 10.11
CA ALA A 134 -3.79 5.46 10.56
C ALA A 134 -4.33 4.82 11.85
N GLY A 135 -4.81 5.64 12.77
CA GLY A 135 -5.35 5.14 14.01
C GLY A 135 -6.59 4.29 13.79
N LYS A 136 -7.42 4.71 12.84
CA LYS A 136 -8.65 3.97 12.52
C LYS A 136 -8.28 2.67 11.86
N LEU A 137 -7.31 2.75 10.96
CA LEU A 137 -6.88 1.61 10.18
C LEU A 137 -6.35 0.47 11.04
N ILE A 138 -5.68 0.81 12.13
CA ILE A 138 -5.18 -0.23 13.05
C ILE A 138 -6.38 -0.86 13.77
N ASN A 139 -7.36 -0.05 14.16
CA ASN A 139 -8.52 -0.55 14.89
C ASN A 139 -9.41 -1.45 14.03
N GLU A 140 -9.66 -1.04 12.80
CA GLU A 140 -10.54 -1.80 11.93
C GLU A 140 -9.88 -3.10 11.48
N TRP A 141 -8.56 -3.10 11.39
CA TRP A 141 -7.81 -4.30 11.02
C TRP A 141 -7.67 -5.26 12.21
N SER A 142 -7.75 -4.74 13.43
CA SER A 142 -7.64 -5.58 14.62
C SER A 142 -8.41 -4.99 15.79
N ARG A 143 -9.42 -5.74 16.25
CA ARG A 143 -10.33 -5.34 17.34
C ARG A 143 -11.07 -4.02 17.01
N PRO A 144 -12.09 -4.10 16.14
CA PRO A 144 -12.84 -2.87 15.83
C PRO A 144 -13.65 -2.36 17.01
N ILE A 145 -14.14 -1.12 16.85
CA ILE A 145 -14.90 -0.37 17.88
C ILE A 145 -13.94 0.15 18.95
N PHE A 146 -13.83 1.47 19.05
CA PHE A 146 -12.95 2.09 20.01
C PHE A 146 -13.52 1.99 21.42
N GLY A 147 -12.78 1.35 22.32
CA GLY A 147 -13.19 1.25 23.71
C GLY A 147 -12.72 2.44 24.51
N LEU A 148 -12.85 3.63 23.93
CA LEU A 148 -12.39 4.87 24.57
C LEU A 148 -13.52 5.54 25.34
N GLY A 149 -14.74 5.04 25.13
CA GLY A 149 -15.90 5.60 25.78
C GLY A 149 -17.10 4.91 25.18
N SER A 150 -18.30 5.34 25.54
CA SER A 150 -19.55 4.79 25.01
C SER A 150 -20.56 5.90 25.13
N SER A 1 -9.15 -13.45 -3.53
CA SER A 1 -10.56 -13.77 -3.85
C SER A 1 -11.00 -15.02 -3.14
N ASN A 2 -12.29 -15.33 -3.15
CA ASN A 2 -12.79 -16.58 -2.57
C ASN A 2 -12.66 -17.63 -3.66
N ALA A 3 -11.41 -18.01 -3.94
CA ALA A 3 -11.00 -18.83 -5.09
C ALA A 3 -11.29 -18.00 -6.35
N ALA A 4 -11.00 -18.55 -7.52
CA ALA A 4 -11.23 -17.83 -8.77
C ALA A 4 -11.57 -18.83 -9.86
N SER A 5 -12.49 -18.46 -10.73
CA SER A 5 -12.89 -19.29 -11.87
C SER A 5 -13.55 -18.36 -12.89
N GLY A 6 -13.31 -18.63 -14.17
CA GLY A 6 -13.92 -17.83 -15.21
C GLY A 6 -13.13 -17.95 -16.49
N THR A 7 -13.66 -17.42 -17.58
CA THR A 7 -12.97 -17.47 -18.88
C THR A 7 -13.14 -16.14 -19.65
N PHE A 8 -13.75 -15.16 -19.00
CA PHE A 8 -14.01 -13.86 -19.63
C PHE A 8 -13.29 -12.72 -18.93
N ILE A 9 -12.89 -12.95 -17.69
CA ILE A 9 -12.19 -11.93 -16.91
C ILE A 9 -10.73 -12.33 -16.88
N SER A 10 -9.94 -11.72 -17.75
CA SER A 10 -8.50 -11.97 -17.80
C SER A 10 -7.73 -10.67 -17.79
N ASP A 11 -8.05 -9.77 -18.72
CA ASP A 11 -7.38 -8.48 -18.82
C ASP A 11 -7.42 -7.71 -17.50
N ALA A 12 -8.53 -7.79 -16.79
CA ALA A 12 -8.67 -7.08 -15.52
C ALA A 12 -7.67 -7.61 -14.49
N ASP A 13 -7.46 -8.91 -14.46
CA ASP A 13 -6.56 -9.52 -13.49
C ASP A 13 -5.12 -9.19 -13.88
N ASP A 14 -4.84 -9.23 -15.17
CA ASP A 14 -3.51 -8.87 -15.67
C ASP A 14 -3.18 -7.43 -15.29
N VAL A 15 -4.16 -6.53 -15.40
CA VAL A 15 -3.96 -5.13 -15.03
C VAL A 15 -3.71 -4.99 -13.53
N VAL A 16 -4.43 -5.73 -12.72
CA VAL A 16 -4.23 -5.68 -11.27
C VAL A 16 -2.83 -6.20 -10.95
N SER A 17 -2.46 -7.31 -11.55
CA SER A 17 -1.15 -7.90 -11.32
C SER A 17 -0.07 -6.93 -11.75
N ALA A 18 -0.22 -6.35 -12.92
CA ALA A 18 0.73 -5.39 -13.46
C ALA A 18 0.84 -4.17 -12.53
N MET A 19 -0.25 -3.76 -11.92
CA MET A 19 -0.22 -2.63 -11.00
C MET A 19 0.62 -2.96 -9.78
N ILE A 20 0.40 -4.14 -9.18
CA ILE A 20 1.19 -4.59 -8.04
C ILE A 20 2.67 -4.61 -8.44
N VAL A 21 2.97 -5.14 -9.62
CA VAL A 21 4.34 -5.22 -10.09
C VAL A 21 4.92 -3.81 -10.24
N LYS A 22 4.21 -2.90 -10.90
CA LYS A 22 4.72 -1.54 -11.10
C LYS A 22 4.97 -0.83 -9.79
N MET A 23 4.09 -1.04 -8.82
CA MET A 23 4.30 -0.45 -7.51
C MET A 23 5.58 -1.02 -6.88
N ASN A 24 5.79 -2.32 -7.00
CA ASN A 24 7.02 -2.94 -6.48
C ASN A 24 8.27 -2.40 -7.15
N GLU A 25 8.23 -2.29 -8.47
CA GLU A 25 9.39 -1.79 -9.22
C GLU A 25 9.71 -0.37 -8.82
N ALA A 26 8.68 0.46 -8.63
CA ALA A 26 8.89 1.84 -8.21
C ALA A 26 9.54 1.90 -6.84
N ALA A 27 9.15 0.97 -5.97
CA ALA A 27 9.71 0.94 -4.62
C ALA A 27 11.19 0.53 -4.68
N GLU A 28 11.52 -0.45 -5.50
CA GLU A 28 12.89 -0.92 -5.64
C GLU A 28 13.76 0.14 -6.32
N GLU A 29 13.23 0.79 -7.33
CA GLU A 29 13.97 1.83 -8.03
C GLU A 29 14.34 2.95 -7.07
N ASP A 30 13.41 3.33 -6.20
CA ASP A 30 13.67 4.40 -5.25
C ASP A 30 14.85 4.03 -4.33
N ARG A 31 15.02 2.74 -4.02
CA ARG A 31 16.16 2.30 -3.22
C ARG A 31 17.46 2.47 -3.99
N GLN A 32 17.44 2.22 -5.28
CA GLN A 32 18.65 2.29 -6.11
C GLN A 32 19.04 3.73 -6.26
N LEU A 33 18.04 4.56 -6.47
CA LEU A 33 18.25 5.99 -6.60
C LEU A 33 18.85 6.53 -5.31
N ASN A 34 18.28 6.13 -4.18
CA ASN A 34 18.82 6.50 -2.89
C ASN A 34 20.23 6.00 -2.63
N ASN A 35 20.59 4.87 -3.23
CA ASN A 35 21.91 4.27 -3.07
C ASN A 35 22.94 5.22 -3.66
N GLN A 36 22.53 5.88 -4.72
CA GLN A 36 23.39 6.82 -5.43
C GLN A 36 23.13 8.26 -4.97
N LYS A 37 22.28 8.39 -3.95
CA LYS A 37 21.89 9.69 -3.37
C LYS A 37 21.26 10.62 -4.41
N LYS A 38 20.54 10.02 -5.34
CA LYS A 38 19.84 10.74 -6.40
C LYS A 38 18.41 10.88 -5.90
N PRO A 39 17.70 11.94 -6.33
CA PRO A 39 16.30 12.04 -5.90
C PRO A 39 15.49 10.82 -6.32
N ALA A 40 14.79 10.24 -5.37
CA ALA A 40 13.98 9.05 -5.64
C ALA A 40 12.52 9.47 -5.58
N LEU A 41 11.87 9.42 -6.73
CA LEU A 41 10.51 9.94 -6.89
C LEU A 41 9.57 8.99 -7.64
N LYS A 42 9.92 7.72 -7.77
CA LYS A 42 9.12 6.79 -8.54
C LYS A 42 7.74 6.57 -7.93
N LYS A 43 7.66 6.46 -6.61
CA LYS A 43 6.36 6.31 -5.95
C LYS A 43 5.52 7.57 -6.18
N LEU A 44 6.19 8.72 -6.30
CA LEU A 44 5.50 10.00 -6.47
C LEU A 44 4.90 10.14 -7.86
N THR A 45 5.66 9.82 -8.89
CA THR A 45 5.17 9.94 -10.27
C THR A 45 4.10 8.90 -10.59
N LEU A 46 4.12 7.81 -9.85
CA LEU A 46 3.22 6.70 -10.07
C LEU A 46 1.96 6.86 -9.19
N LEU A 47 2.01 7.81 -8.27
CA LEU A 47 0.90 8.04 -7.32
C LEU A 47 -0.47 8.21 -8.00
N PRO A 48 -0.63 9.14 -8.97
CA PRO A 48 -2.01 9.25 -9.48
C PRO A 48 -2.40 8.07 -10.36
N ALA A 49 -1.39 7.42 -10.91
CA ALA A 49 -1.59 6.29 -11.79
C ALA A 49 -2.10 5.09 -10.97
N VAL A 50 -1.56 4.88 -9.77
CA VAL A 50 -2.05 3.77 -8.96
C VAL A 50 -3.45 4.08 -8.46
N VAL A 51 -3.70 5.29 -8.00
CA VAL A 51 -5.00 5.65 -7.42
C VAL A 51 -6.16 5.34 -8.36
N MET A 52 -5.98 5.64 -9.63
CA MET A 52 -7.01 5.36 -10.63
C MET A 52 -7.37 3.86 -10.66
N HIS A 53 -6.37 3.02 -10.51
CA HIS A 53 -6.56 1.57 -10.49
C HIS A 53 -6.95 1.02 -9.11
N LEU A 54 -6.38 1.57 -8.06
CA LEU A 54 -6.58 1.05 -6.70
C LEU A 54 -8.02 1.23 -6.25
N LYS A 55 -8.69 2.22 -6.81
CA LYS A 55 -10.10 2.51 -6.48
C LYS A 55 -11.10 1.67 -7.29
N LYS A 56 -10.61 0.72 -8.06
CA LYS A 56 -11.50 -0.22 -8.78
C LYS A 56 -12.02 -1.24 -7.77
N GLN A 57 -13.02 -0.84 -7.00
CA GLN A 57 -13.60 -1.70 -5.96
C GLN A 57 -14.18 -2.99 -6.54
N ASP A 58 -14.47 -3.00 -7.83
CA ASP A 58 -14.98 -4.21 -8.48
C ASP A 58 -13.94 -5.32 -8.42
N LEU A 59 -12.67 -4.92 -8.36
CA LEU A 59 -11.54 -5.84 -8.38
C LEU A 59 -10.84 -5.86 -7.03
N LYS A 60 -11.51 -5.37 -5.99
CA LYS A 60 -10.91 -5.30 -4.65
C LYS A 60 -10.39 -6.64 -4.16
N GLU A 61 -11.11 -7.72 -4.46
CA GLU A 61 -10.66 -9.04 -4.02
C GLU A 61 -9.43 -9.52 -4.79
N THR A 62 -9.32 -9.12 -6.06
CA THR A 62 -8.16 -9.48 -6.87
C THR A 62 -6.95 -8.73 -6.33
N PHE A 63 -7.14 -7.46 -6.01
CA PHE A 63 -6.05 -6.65 -5.47
C PHE A 63 -5.50 -7.25 -4.19
N ILE A 64 -6.39 -7.78 -3.36
CA ILE A 64 -5.98 -8.41 -2.10
C ILE A 64 -5.17 -9.69 -2.41
N ASP A 65 -5.65 -10.50 -3.34
CA ASP A 65 -4.96 -11.76 -3.69
C ASP A 65 -3.59 -11.52 -4.32
N SER A 66 -3.53 -10.54 -5.21
CA SER A 66 -2.29 -10.18 -5.90
C SER A 66 -1.27 -9.56 -4.93
N GLY A 67 -1.69 -9.27 -3.72
CA GLY A 67 -0.78 -8.74 -2.72
C GLY A 67 -0.57 -7.24 -2.76
N VAL A 68 -1.59 -6.47 -3.11
CA VAL A 68 -1.47 -5.01 -3.13
C VAL A 68 -1.04 -4.50 -1.76
N MET A 69 -1.45 -5.19 -0.70
CA MET A 69 -1.12 -4.80 0.65
C MET A 69 0.39 -4.78 0.86
N SER A 70 1.10 -5.64 0.15
CA SER A 70 2.56 -5.72 0.25
C SER A 70 3.17 -4.59 -0.53
N ALA A 71 2.60 -4.29 -1.68
CA ALA A 71 3.11 -3.23 -2.52
C ALA A 71 2.89 -1.86 -1.85
N ILE A 72 1.73 -1.68 -1.21
CA ILE A 72 1.45 -0.43 -0.49
C ILE A 72 2.41 -0.35 0.69
N LYS A 73 2.65 -1.46 1.37
CA LYS A 73 3.58 -1.48 2.51
C LYS A 73 4.97 -1.00 2.10
N GLU A 74 5.43 -1.41 0.93
CA GLU A 74 6.74 -0.97 0.44
C GLU A 74 6.73 0.52 0.16
N TRP A 75 5.58 1.08 -0.21
CA TRP A 75 5.49 2.50 -0.47
C TRP A 75 5.49 3.28 0.83
N LEU A 76 4.92 2.72 1.89
CA LEU A 76 4.88 3.39 3.19
C LEU A 76 6.27 3.42 3.79
N SER A 77 7.09 2.46 3.40
CA SER A 77 8.43 2.32 3.93
C SER A 77 9.38 3.39 3.37
N PRO A 78 10.04 4.15 4.24
CA PRO A 78 10.99 5.15 3.75
C PRO A 78 12.35 4.57 3.38
N LEU A 79 13.19 5.42 2.85
CA LEU A 79 14.52 5.05 2.37
C LEU A 79 15.54 5.21 3.50
N PRO A 80 16.74 4.61 3.38
CA PRO A 80 17.74 4.74 4.46
C PRO A 80 18.30 6.16 4.67
N ASP A 81 17.84 7.10 3.84
CA ASP A 81 18.16 8.52 3.99
C ASP A 81 17.44 9.10 5.22
N ARG A 82 16.56 8.29 5.81
CA ARG A 82 15.79 8.59 7.03
C ARG A 82 14.73 9.68 6.86
N SER A 83 14.64 10.23 5.65
CA SER A 83 13.60 11.16 5.31
C SER A 83 12.40 10.35 4.93
N LEU A 84 11.25 10.98 4.96
CA LEU A 84 10.00 10.34 4.59
C LEU A 84 9.41 11.01 3.32
N PRO A 85 10.05 10.84 2.14
CA PRO A 85 9.48 11.53 0.98
C PRO A 85 8.15 10.95 0.53
N ALA A 86 7.86 9.75 0.99
CA ALA A 86 6.64 9.04 0.64
C ALA A 86 5.43 9.65 1.35
N LEU A 87 5.64 10.65 2.18
CA LEU A 87 4.56 11.25 2.95
C LEU A 87 3.42 11.75 2.08
N LYS A 88 3.76 12.40 0.98
CA LYS A 88 2.76 12.94 0.05
C LYS A 88 1.89 11.86 -0.57
N ILE A 89 2.47 10.68 -0.73
CA ILE A 89 1.78 9.56 -1.36
C ILE A 89 0.87 8.87 -0.34
N ARG A 90 1.31 8.83 0.91
CA ARG A 90 0.53 8.17 1.98
C ARG A 90 -0.84 8.77 2.15
N GLU A 91 -0.98 10.06 1.86
CA GLU A 91 -2.25 10.76 2.03
C GLU A 91 -3.36 10.01 1.27
N GLU A 92 -3.06 9.57 0.05
CA GLU A 92 -4.01 8.79 -0.75
C GLU A 92 -3.99 7.30 -0.38
N LEU A 93 -2.80 6.73 -0.20
CA LEU A 93 -2.70 5.30 0.12
C LEU A 93 -3.47 4.89 1.37
N LEU A 94 -3.47 5.73 2.39
CA LEU A 94 -4.20 5.42 3.63
C LEU A 94 -5.65 5.29 3.34
N LYS A 95 -6.11 6.16 2.48
CA LYS A 95 -7.55 6.20 2.13
C LYS A 95 -7.96 4.91 1.47
N ILE A 96 -7.14 4.45 0.54
CA ILE A 96 -7.39 3.21 -0.19
C ILE A 96 -7.39 2.01 0.77
N LEU A 97 -6.54 2.05 1.78
CA LEU A 97 -6.49 0.97 2.76
C LEU A 97 -7.81 0.86 3.55
N GLN A 98 -8.55 1.95 3.66
CA GLN A 98 -9.82 1.95 4.43
C GLN A 98 -11.02 1.55 3.58
N GLU A 99 -10.88 1.50 2.25
CA GLU A 99 -12.00 1.12 1.39
C GLU A 99 -11.98 -0.37 1.04
N LEU A 100 -11.03 -1.09 1.63
CA LEU A 100 -10.96 -2.53 1.48
C LEU A 100 -12.16 -3.17 2.23
N PRO A 101 -12.66 -4.31 1.75
CA PRO A 101 -13.85 -4.96 2.32
C PRO A 101 -13.65 -5.66 3.67
N SER A 102 -13.02 -6.82 3.65
CA SER A 102 -12.81 -7.62 4.84
C SER A 102 -11.50 -8.39 4.75
N VAL A 103 -10.42 -7.69 4.50
CA VAL A 103 -9.10 -8.30 4.39
C VAL A 103 -8.74 -8.89 5.77
N SER A 104 -8.27 -10.13 5.79
CA SER A 104 -7.96 -10.79 7.05
C SER A 104 -6.63 -10.28 7.61
N GLN A 105 -6.48 -10.41 8.92
CA GLN A 105 -5.25 -10.00 9.59
C GLN A 105 -4.06 -10.81 9.08
N GLU A 106 -4.30 -11.99 8.54
CA GLU A 106 -3.21 -12.80 8.00
C GLU A 106 -2.56 -12.09 6.81
N THR A 107 -3.37 -11.47 5.95
CA THR A 107 -2.82 -10.75 4.81
C THR A 107 -2.04 -9.55 5.33
N LEU A 108 -2.60 -8.84 6.29
CA LEU A 108 -1.95 -7.67 6.86
C LEU A 108 -0.64 -8.03 7.56
N LYS A 109 -0.61 -9.19 8.19
CA LYS A 109 0.59 -9.71 8.86
C LYS A 109 1.65 -10.09 7.84
N HIS A 110 1.27 -10.82 6.81
CA HIS A 110 2.20 -11.30 5.80
C HIS A 110 2.76 -10.16 4.95
N SER A 111 1.91 -9.23 4.57
CA SER A 111 2.35 -8.07 3.80
C SER A 111 3.18 -7.14 4.68
N GLY A 112 2.85 -7.13 5.97
CA GLY A 112 3.53 -6.26 6.91
C GLY A 112 2.91 -4.87 6.90
N ILE A 113 1.79 -4.69 6.21
CA ILE A 113 1.14 -3.38 6.13
C ILE A 113 0.71 -2.88 7.51
N GLY A 114 0.29 -3.80 8.38
CA GLY A 114 -0.12 -3.40 9.72
C GLY A 114 1.06 -2.84 10.49
N ARG A 115 2.23 -3.43 10.29
CA ARG A 115 3.45 -2.97 10.96
C ARG A 115 3.87 -1.63 10.36
N ALA A 116 3.71 -1.50 9.05
CA ALA A 116 4.12 -0.28 8.35
C ALA A 116 3.25 0.93 8.75
N VAL A 117 1.95 0.75 8.84
CA VAL A 117 1.09 1.87 9.25
C VAL A 117 1.35 2.21 10.71
N MET A 118 1.61 1.20 11.53
CA MET A 118 1.87 1.44 12.95
C MET A 118 3.20 2.16 13.13
N TYR A 119 4.19 1.85 12.30
CA TYR A 119 5.48 2.54 12.35
C TYR A 119 5.27 4.04 12.22
N LEU A 120 4.45 4.42 11.25
CA LEU A 120 4.19 5.82 10.98
C LEU A 120 3.29 6.44 12.03
N TYR A 121 2.43 5.64 12.64
CA TYR A 121 1.56 6.14 13.69
C TYR A 121 2.37 6.52 14.92
N LYS A 122 3.43 5.75 15.21
CA LYS A 122 4.32 6.07 16.33
C LYS A 122 5.31 7.16 15.93
N HIS A 123 5.48 7.36 14.63
CA HIS A 123 6.46 8.33 14.13
C HIS A 123 6.02 9.78 14.38
N PRO A 124 6.82 10.57 15.12
CA PRO A 124 6.35 11.92 15.43
C PRO A 124 6.30 12.89 14.25
N LYS A 125 7.04 12.60 13.18
CA LYS A 125 7.05 13.48 12.00
C LYS A 125 5.88 13.25 11.05
N GLU A 126 5.10 12.20 11.25
CA GLU A 126 3.97 11.92 10.37
C GLU A 126 2.87 12.98 10.58
N SER A 127 2.28 13.45 9.49
CA SER A 127 1.29 14.54 9.53
C SER A 127 0.05 14.16 10.35
N ARG A 128 -0.63 15.17 10.91
CA ARG A 128 -1.80 14.94 11.75
C ARG A 128 -2.93 14.22 11.02
N SER A 129 -3.18 14.59 9.77
CA SER A 129 -4.23 13.95 8.99
C SER A 129 -3.93 12.48 8.77
N ASN A 130 -2.69 12.17 8.45
CA ASN A 130 -2.29 10.79 8.22
C ASN A 130 -2.37 10.02 9.52
N LYS A 131 -2.07 10.69 10.63
CA LYS A 131 -2.10 10.07 11.95
C LYS A 131 -3.48 9.57 12.28
N ASP A 132 -4.50 10.34 11.96
CA ASP A 132 -5.88 9.94 12.26
C ASP A 132 -6.22 8.66 11.52
N MET A 133 -5.97 8.64 10.23
CA MET A 133 -6.33 7.48 9.41
C MET A 133 -5.48 6.28 9.77
N ALA A 134 -4.23 6.53 10.12
CA ALA A 134 -3.34 5.47 10.56
C ALA A 134 -3.90 4.83 11.83
N GLY A 135 -4.40 5.66 12.75
CA GLY A 135 -4.98 5.16 13.98
C GLY A 135 -6.23 4.34 13.73
N LYS A 136 -7.05 4.75 12.76
CA LYS A 136 -8.26 4.01 12.43
C LYS A 136 -7.90 2.63 11.89
N LEU A 137 -6.95 2.58 10.97
CA LEU A 137 -6.52 1.32 10.36
C LEU A 137 -6.02 0.31 11.38
N ILE A 138 -5.29 0.80 12.37
CA ILE A 138 -4.78 -0.06 13.44
C ILE A 138 -5.94 -0.73 14.18
N ASN A 139 -7.09 -0.06 14.25
CA ASN A 139 -8.26 -0.60 14.96
C ASN A 139 -9.24 -1.39 14.09
N GLU A 140 -9.58 -0.86 12.93
CA GLU A 140 -10.62 -1.42 12.07
C GLU A 140 -10.26 -2.68 11.30
N TRP A 141 -8.97 -2.96 11.17
CA TRP A 141 -8.53 -4.13 10.40
C TRP A 141 -8.74 -5.44 11.17
N SER A 142 -9.98 -5.94 11.12
CA SER A 142 -10.47 -7.17 11.77
C SER A 142 -10.64 -7.04 13.29
N ARG A 143 -9.70 -6.37 13.95
CA ARG A 143 -9.72 -6.11 15.40
C ARG A 143 -8.53 -5.22 15.64
N PRO A 144 -8.49 -4.49 16.78
CA PRO A 144 -7.28 -3.68 16.93
C PRO A 144 -5.99 -4.50 17.05
N ILE A 145 -4.93 -3.99 16.45
CA ILE A 145 -3.62 -4.63 16.54
C ILE A 145 -3.14 -4.39 17.97
N PHE A 146 -2.86 -5.47 18.68
CA PHE A 146 -2.41 -5.39 20.06
C PHE A 146 -1.01 -5.96 20.18
N GLY A 147 -0.22 -5.38 21.06
CA GLY A 147 1.12 -5.88 21.34
C GLY A 147 1.38 -5.52 22.77
N LEU A 148 2.23 -6.28 23.45
CA LEU A 148 2.55 -6.01 24.85
C LEU A 148 3.78 -5.10 24.90
N GLY A 149 3.58 -3.85 24.48
CA GLY A 149 4.69 -2.91 24.43
C GLY A 149 4.20 -1.52 24.06
N SER A 150 5.15 -0.61 23.83
CA SER A 150 4.84 0.79 23.50
C SER A 150 4.35 0.99 22.07
N SER A 1 -4.68 -15.19 -15.05
CA SER A 1 -5.74 -16.24 -14.85
C SER A 1 -5.43 -17.49 -15.67
N ASN A 2 -5.67 -17.42 -16.98
CA ASN A 2 -5.33 -18.51 -17.93
C ASN A 2 -6.04 -19.83 -17.61
N ALA A 3 -7.20 -19.76 -16.97
CA ALA A 3 -7.96 -20.95 -16.58
C ALA A 3 -8.56 -21.73 -17.77
N ALA A 4 -8.55 -21.10 -18.95
CA ALA A 4 -9.07 -21.66 -20.22
C ALA A 4 -10.58 -22.00 -20.25
N SER A 5 -11.22 -22.02 -19.09
CA SER A 5 -12.65 -22.32 -18.99
C SER A 5 -13.49 -21.04 -19.11
N GLY A 6 -12.88 -20.01 -19.68
CA GLY A 6 -13.53 -18.71 -19.79
C GLY A 6 -13.12 -17.84 -18.63
N THR A 7 -13.35 -16.54 -18.74
CA THR A 7 -13.02 -15.59 -17.68
C THR A 7 -14.11 -14.53 -17.63
N PHE A 8 -14.22 -13.85 -16.50
CA PHE A 8 -15.16 -12.73 -16.36
C PHE A 8 -14.36 -11.45 -16.10
N ILE A 9 -13.47 -11.51 -15.13
CA ILE A 9 -12.57 -10.39 -14.80
C ILE A 9 -11.70 -10.12 -16.02
N SER A 10 -11.29 -11.21 -16.67
CA SER A 10 -10.56 -11.16 -17.93
C SER A 10 -9.34 -10.24 -17.89
N ASP A 11 -9.26 -9.27 -18.79
CA ASP A 11 -8.12 -8.37 -18.91
C ASP A 11 -7.76 -7.65 -17.62
N ALA A 12 -8.75 -7.39 -16.78
CA ALA A 12 -8.51 -6.65 -15.54
C ALA A 12 -7.62 -7.45 -14.58
N ASP A 13 -7.60 -8.77 -14.72
CA ASP A 13 -6.77 -9.62 -13.84
C ASP A 13 -5.31 -9.29 -14.09
N ASP A 14 -4.94 -9.22 -15.36
CA ASP A 14 -3.57 -8.92 -15.76
C ASP A 14 -3.24 -7.47 -15.44
N VAL A 15 -4.22 -6.58 -15.54
CA VAL A 15 -4.01 -5.17 -15.20
C VAL A 15 -3.72 -5.02 -13.70
N VAL A 16 -4.45 -5.73 -12.85
CA VAL A 16 -4.21 -5.67 -11.42
C VAL A 16 -2.82 -6.23 -11.13
N SER A 17 -2.48 -7.35 -11.75
CA SER A 17 -1.16 -7.95 -11.55
C SER A 17 -0.07 -6.96 -11.97
N ALA A 18 -0.28 -6.31 -13.11
CA ALA A 18 0.66 -5.32 -13.61
C ALA A 18 0.77 -4.16 -12.62
N MET A 19 -0.33 -3.75 -12.03
CA MET A 19 -0.33 -2.68 -11.06
C MET A 19 0.57 -2.98 -9.88
N ILE A 20 0.43 -4.16 -9.30
CA ILE A 20 1.22 -4.53 -8.13
C ILE A 20 2.70 -4.64 -8.48
N VAL A 21 3.02 -5.31 -9.58
CA VAL A 21 4.43 -5.47 -9.91
C VAL A 21 5.05 -4.10 -10.20
N LYS A 22 4.35 -3.20 -10.88
CA LYS A 22 4.93 -1.87 -11.16
C LYS A 22 5.15 -1.08 -9.89
N MET A 23 4.24 -1.23 -8.93
CA MET A 23 4.41 -0.59 -7.63
C MET A 23 5.70 -1.11 -6.99
N ASN A 24 5.97 -2.40 -7.10
CA ASN A 24 7.20 -2.98 -6.55
C ASN A 24 8.44 -2.39 -7.19
N GLU A 25 8.45 -2.28 -8.51
CA GLU A 25 9.62 -1.77 -9.21
C GLU A 25 9.88 -0.32 -8.81
N ALA A 26 8.83 0.48 -8.72
CA ALA A 26 8.96 1.88 -8.33
C ALA A 26 9.51 1.99 -6.91
N ALA A 27 9.15 1.03 -6.06
CA ALA A 27 9.62 1.05 -4.68
C ALA A 27 11.11 0.80 -4.62
N GLU A 28 11.57 -0.21 -5.37
CA GLU A 28 12.99 -0.56 -5.39
C GLU A 28 13.81 0.49 -6.10
N GLU A 29 13.25 1.07 -7.15
CA GLU A 29 13.96 2.08 -7.93
C GLU A 29 14.32 3.24 -7.05
N ASP A 30 13.37 3.72 -6.25
CA ASP A 30 13.63 4.83 -5.37
C ASP A 30 14.76 4.52 -4.40
N ARG A 31 14.87 3.27 -3.97
CA ARG A 31 15.95 2.86 -3.07
C ARG A 31 17.29 2.85 -3.77
N GLN A 32 17.31 2.52 -5.05
CA GLN A 32 18.57 2.46 -5.80
C GLN A 32 19.01 3.88 -6.06
N LEU A 33 18.06 4.71 -6.43
CA LEU A 33 18.33 6.11 -6.70
C LEU A 33 18.89 6.77 -5.44
N ASN A 34 18.24 6.53 -4.32
CA ASN A 34 18.71 7.03 -3.04
C ASN A 34 20.09 6.51 -2.64
N ASN A 35 20.45 5.31 -3.10
CA ASN A 35 21.74 4.70 -2.78
C ASN A 35 22.84 5.56 -3.40
N GLN A 36 22.53 6.14 -4.54
CA GLN A 36 23.47 6.98 -5.28
C GLN A 36 23.22 8.45 -4.96
N LYS A 37 22.36 8.70 -3.98
CA LYS A 37 21.97 10.06 -3.54
C LYS A 37 21.38 10.88 -4.69
N LYS A 38 20.68 10.20 -5.58
CA LYS A 38 19.99 10.83 -6.71
C LYS A 38 18.56 11.03 -6.27
N PRO A 39 17.87 12.06 -6.81
CA PRO A 39 16.47 12.21 -6.43
C PRO A 39 15.66 10.97 -6.75
N ALA A 40 14.77 10.59 -5.84
CA ALA A 40 13.96 9.40 -6.00
C ALA A 40 12.50 9.77 -5.81
N LEU A 41 11.72 9.63 -6.88
CA LEU A 41 10.32 10.05 -6.90
C LEU A 41 9.43 9.10 -7.71
N LYS A 42 9.84 7.85 -7.89
CA LYS A 42 9.06 6.93 -8.69
C LYS A 42 7.73 6.65 -8.04
N LYS A 43 7.69 6.43 -6.73
CA LYS A 43 6.41 6.23 -6.04
C LYS A 43 5.54 7.49 -6.15
N LEU A 44 6.17 8.65 -6.16
CA LEU A 44 5.45 9.93 -6.20
C LEU A 44 4.79 10.14 -7.56
N THR A 45 5.51 9.88 -8.64
CA THR A 45 4.96 10.08 -9.98
C THR A 45 3.93 8.99 -10.32
N LEU A 46 4.02 7.85 -9.66
CA LEU A 46 3.10 6.74 -9.90
C LEU A 46 1.88 6.88 -9.01
N LEU A 47 1.95 7.77 -8.03
CA LEU A 47 0.88 7.96 -7.05
C LEU A 47 -0.50 8.15 -7.71
N PRO A 48 -0.67 9.12 -8.62
CA PRO A 48 -2.04 9.25 -9.13
C PRO A 48 -2.41 8.14 -10.11
N ALA A 49 -1.39 7.56 -10.73
CA ALA A 49 -1.59 6.53 -11.73
C ALA A 49 -2.12 5.27 -11.05
N VAL A 50 -1.56 4.91 -9.90
CA VAL A 50 -2.05 3.75 -9.19
C VAL A 50 -3.35 4.07 -8.51
N VAL A 51 -3.48 5.25 -7.89
CA VAL A 51 -4.71 5.60 -7.15
C VAL A 51 -5.96 5.39 -7.97
N MET A 52 -5.91 5.81 -9.22
CA MET A 52 -7.05 5.64 -10.11
C MET A 52 -7.46 4.15 -10.20
N HIS A 53 -6.49 3.27 -10.31
CA HIS A 53 -6.77 1.84 -10.37
C HIS A 53 -7.01 1.22 -9.00
N LEU A 54 -6.36 1.74 -7.97
CA LEU A 54 -6.43 1.16 -6.63
C LEU A 54 -7.83 1.30 -6.06
N LYS A 55 -8.54 2.32 -6.54
CA LYS A 55 -9.89 2.60 -6.08
C LYS A 55 -10.97 1.73 -6.71
N LYS A 56 -10.59 0.82 -7.60
CA LYS A 56 -11.52 -0.18 -8.13
C LYS A 56 -12.13 -1.00 -7.00
N GLN A 57 -13.38 -0.71 -6.67
CA GLN A 57 -14.09 -1.43 -5.61
C GLN A 57 -14.41 -2.81 -6.17
N ASP A 58 -14.70 -2.80 -7.46
CA ASP A 58 -15.05 -3.97 -8.25
C ASP A 58 -13.94 -5.01 -8.35
N LEU A 59 -12.71 -4.57 -8.15
CA LEU A 59 -11.55 -5.49 -8.22
C LEU A 59 -10.78 -5.59 -6.92
N LYS A 60 -11.38 -5.15 -5.82
CA LYS A 60 -10.67 -5.20 -4.52
C LYS A 60 -10.23 -6.61 -4.17
N GLU A 61 -11.03 -7.60 -4.48
CA GLU A 61 -10.65 -8.99 -4.18
C GLU A 61 -9.38 -9.38 -4.97
N THR A 62 -9.32 -8.98 -6.24
CA THR A 62 -8.17 -9.28 -7.08
C THR A 62 -6.94 -8.55 -6.55
N PHE A 63 -7.13 -7.32 -6.12
CA PHE A 63 -6.03 -6.53 -5.57
C PHE A 63 -5.47 -7.15 -4.30
N ILE A 64 -6.35 -7.68 -3.44
CA ILE A 64 -5.91 -8.29 -2.20
C ILE A 64 -5.11 -9.55 -2.50
N ASP A 65 -5.62 -10.39 -3.39
CA ASP A 65 -4.96 -11.65 -3.74
C ASP A 65 -3.62 -11.41 -4.45
N SER A 66 -3.59 -10.39 -5.31
CA SER A 66 -2.37 -10.03 -6.04
C SER A 66 -1.30 -9.43 -5.10
N GLY A 67 -1.67 -9.17 -3.85
CA GLY A 67 -0.71 -8.67 -2.89
C GLY A 67 -0.54 -7.16 -2.87
N VAL A 68 -1.58 -6.41 -3.18
CA VAL A 68 -1.50 -4.93 -3.14
C VAL A 68 -1.09 -4.48 -1.75
N MET A 69 -1.52 -5.22 -0.74
CA MET A 69 -1.23 -4.91 0.64
C MET A 69 0.28 -4.88 0.87
N SER A 70 1.00 -5.73 0.17
CA SER A 70 2.45 -5.83 0.30
C SER A 70 3.08 -4.68 -0.46
N ALA A 71 2.55 -4.39 -1.64
CA ALA A 71 3.12 -3.33 -2.45
C ALA A 71 2.91 -1.95 -1.78
N ILE A 72 1.76 -1.75 -1.14
CA ILE A 72 1.50 -0.51 -0.40
C ILE A 72 2.47 -0.44 0.77
N LYS A 73 2.68 -1.58 1.44
CA LYS A 73 3.63 -1.63 2.57
C LYS A 73 5.04 -1.21 2.11
N GLU A 74 5.47 -1.65 0.94
CA GLU A 74 6.77 -1.28 0.41
C GLU A 74 6.84 0.23 0.14
N TRP A 75 5.71 0.81 -0.23
CA TRP A 75 5.67 2.25 -0.49
C TRP A 75 5.75 3.06 0.79
N LEU A 76 5.16 2.56 1.87
CA LEU A 76 5.18 3.24 3.16
C LEU A 76 6.58 3.21 3.75
N SER A 77 7.38 2.23 3.38
CA SER A 77 8.75 2.15 3.84
C SER A 77 9.57 3.30 3.24
N PRO A 78 10.19 4.13 4.09
CA PRO A 78 11.00 5.23 3.56
C PRO A 78 12.35 4.77 3.04
N LEU A 79 13.15 5.73 2.61
CA LEU A 79 14.46 5.49 2.01
C LEU A 79 15.53 5.76 3.08
N PRO A 80 16.80 5.30 2.88
CA PRO A 80 17.84 5.58 3.88
C PRO A 80 18.25 7.05 4.02
N ASP A 81 17.51 7.94 3.36
CA ASP A 81 17.69 9.39 3.44
C ASP A 81 17.13 9.89 4.78
N ARG A 82 16.46 8.98 5.50
CA ARG A 82 15.90 9.19 6.84
C ARG A 82 14.70 10.14 6.86
N SER A 83 14.33 10.64 5.70
CA SER A 83 13.13 11.43 5.54
C SER A 83 12.06 10.46 5.12
N LEU A 84 10.82 10.92 5.14
CA LEU A 84 9.68 10.11 4.73
C LEU A 84 9.06 10.69 3.45
N PRO A 85 9.62 10.38 2.26
CA PRO A 85 8.98 10.94 1.06
C PRO A 85 7.60 10.31 0.81
N ALA A 86 7.35 9.20 1.49
CA ALA A 86 6.10 8.48 1.39
C ALA A 86 4.94 9.28 1.97
N LEU A 87 5.22 10.31 2.74
CA LEU A 87 4.17 11.11 3.38
C LEU A 87 3.10 11.58 2.39
N LYS A 88 3.53 12.17 1.28
CA LYS A 88 2.59 12.68 0.28
C LYS A 88 1.80 11.59 -0.41
N ILE A 89 2.40 10.43 -0.53
CA ILE A 89 1.78 9.33 -1.23
C ILE A 89 0.76 8.65 -0.30
N ARG A 90 1.12 8.56 0.97
CA ARG A 90 0.26 7.98 2.00
C ARG A 90 -1.06 8.70 2.10
N GLU A 91 -1.07 9.98 1.80
CA GLU A 91 -2.29 10.79 1.87
C GLU A 91 -3.42 10.09 1.11
N GLU A 92 -3.18 9.67 -0.13
CA GLU A 92 -4.16 8.86 -0.84
C GLU A 92 -4.13 7.38 -0.52
N LEU A 93 -2.94 6.80 -0.54
CA LEU A 93 -2.81 5.34 -0.36
C LEU A 93 -3.40 4.79 0.92
N LEU A 94 -3.31 5.55 1.99
CA LEU A 94 -3.78 5.04 3.25
C LEU A 94 -5.31 5.01 3.27
N LYS A 95 -5.94 5.90 2.52
CA LYS A 95 -7.40 5.88 2.38
C LYS A 95 -7.82 4.63 1.64
N ILE A 96 -7.05 4.23 0.64
CA ILE A 96 -7.35 3.04 -0.16
C ILE A 96 -7.37 1.80 0.73
N LEU A 97 -6.51 1.76 1.73
CA LEU A 97 -6.48 0.65 2.68
C LEU A 97 -7.79 0.57 3.49
N GLN A 98 -8.50 1.68 3.63
CA GLN A 98 -9.78 1.71 4.36
C GLN A 98 -10.94 1.28 3.46
N GLU A 99 -10.68 1.22 2.16
CA GLU A 99 -11.68 0.80 1.18
C GLU A 99 -11.75 -0.73 1.04
N LEU A 100 -10.90 -1.46 1.74
CA LEU A 100 -10.89 -2.91 1.62
C LEU A 100 -12.13 -3.53 2.30
N PRO A 101 -12.71 -4.57 1.69
CA PRO A 101 -13.90 -5.23 2.24
C PRO A 101 -13.65 -6.06 3.49
N SER A 102 -13.01 -7.20 3.31
CA SER A 102 -12.71 -8.12 4.39
C SER A 102 -11.38 -8.84 4.20
N VAL A 103 -10.34 -8.06 4.04
CA VAL A 103 -8.98 -8.60 3.93
C VAL A 103 -8.73 -9.34 5.26
N SER A 104 -8.23 -10.57 5.18
CA SER A 104 -8.02 -11.35 6.39
C SER A 104 -6.92 -10.72 7.23
N GLN A 105 -7.02 -10.89 8.54
CA GLN A 105 -6.01 -10.37 9.46
C GLN A 105 -4.67 -10.97 9.08
N GLU A 106 -4.68 -12.20 8.61
CA GLU A 106 -3.45 -12.86 8.22
C GLU A 106 -2.78 -12.21 7.00
N THR A 107 -3.54 -11.68 6.06
CA THR A 107 -2.94 -11.02 4.90
C THR A 107 -2.24 -9.76 5.39
N LEU A 108 -2.89 -9.05 6.31
CA LEU A 108 -2.30 -7.83 6.88
C LEU A 108 -1.02 -8.15 7.65
N LYS A 109 -1.04 -9.29 8.32
CA LYS A 109 0.09 -9.81 9.09
C LYS A 109 1.25 -10.19 8.17
N HIS A 110 0.95 -10.94 7.12
CA HIS A 110 1.98 -11.41 6.17
C HIS A 110 2.56 -10.28 5.35
N SER A 111 1.71 -9.37 4.90
CA SER A 111 2.16 -8.22 4.12
C SER A 111 3.00 -7.30 4.99
N GLY A 112 2.71 -7.31 6.29
CA GLY A 112 3.42 -6.44 7.22
C GLY A 112 2.87 -5.02 7.17
N ILE A 113 1.77 -4.83 6.45
CA ILE A 113 1.16 -3.51 6.31
C ILE A 113 0.68 -2.98 7.65
N GLY A 114 0.23 -3.87 8.54
CA GLY A 114 -0.20 -3.44 9.87
C GLY A 114 0.97 -2.84 10.63
N ARG A 115 2.15 -3.44 10.47
CA ARG A 115 3.35 -2.94 11.12
C ARG A 115 3.78 -1.62 10.47
N ALA A 116 3.62 -1.53 9.16
CA ALA A 116 4.00 -0.32 8.43
C ALA A 116 3.17 0.89 8.87
N VAL A 117 1.85 0.74 8.98
CA VAL A 117 1.03 1.87 9.40
C VAL A 117 1.35 2.22 10.87
N MET A 118 1.64 1.21 11.69
CA MET A 118 1.99 1.46 13.09
C MET A 118 3.30 2.24 13.20
N TYR A 119 4.27 1.88 12.38
CA TYR A 119 5.58 2.56 12.37
C TYR A 119 5.38 4.04 12.14
N LEU A 120 4.61 4.37 11.12
CA LEU A 120 4.39 5.76 10.75
C LEU A 120 3.48 6.48 11.73
N TYR A 121 2.48 5.79 12.27
CA TYR A 121 1.57 6.38 13.22
C TYR A 121 2.32 6.88 14.45
N LYS A 122 3.36 6.17 14.86
CA LYS A 122 4.16 6.58 16.01
C LYS A 122 5.31 7.51 15.60
N HIS A 123 5.66 7.54 14.32
CA HIS A 123 6.76 8.36 13.83
C HIS A 123 6.49 9.84 14.04
N PRO A 124 7.44 10.58 14.62
CA PRO A 124 7.16 11.99 14.93
C PRO A 124 7.11 12.94 13.72
N LYS A 125 7.60 12.49 12.58
CA LYS A 125 7.59 13.34 11.36
C LYS A 125 6.26 13.29 10.60
N GLU A 126 5.42 12.31 10.88
CA GLU A 126 4.14 12.19 10.15
C GLU A 126 3.15 13.28 10.55
N SER A 127 2.48 13.83 9.55
CA SER A 127 1.53 14.93 9.75
C SER A 127 0.29 14.49 10.54
N ARG A 128 -0.32 15.41 11.27
CA ARG A 128 -1.49 15.10 12.10
C ARG A 128 -2.64 14.49 11.29
N SER A 129 -2.91 15.02 10.11
CA SER A 129 -3.99 14.50 9.26
C SER A 129 -3.69 13.08 8.81
N ASN A 130 -2.43 12.83 8.49
CA ASN A 130 -2.00 11.51 8.05
C ASN A 130 -2.14 10.53 9.21
N LYS A 131 -1.77 10.97 10.41
CA LYS A 131 -1.89 10.14 11.61
C LYS A 131 -3.32 9.84 12.00
N ASP A 132 -4.23 10.76 11.73
CA ASP A 132 -5.65 10.54 12.07
C ASP A 132 -6.16 9.31 11.35
N MET A 133 -5.93 9.27 10.06
CA MET A 133 -6.39 8.14 9.26
C MET A 133 -5.56 6.89 9.59
N ALA A 134 -4.28 7.08 9.89
CA ALA A 134 -3.41 5.95 10.26
C ALA A 134 -3.88 5.27 11.55
N GLY A 135 -4.32 6.07 12.51
CA GLY A 135 -4.82 5.52 13.76
C GLY A 135 -6.12 4.81 13.56
N LYS A 136 -6.96 5.34 12.69
CA LYS A 136 -8.25 4.71 12.38
C LYS A 136 -8.00 3.37 11.73
N LEU A 137 -7.02 3.30 10.84
CA LEU A 137 -6.66 2.06 10.17
C LEU A 137 -6.29 0.96 11.15
N ILE A 138 -5.54 1.31 12.17
CA ILE A 138 -5.13 0.33 13.17
C ILE A 138 -6.40 -0.20 13.86
N ASN A 139 -7.29 0.70 14.25
CA ASN A 139 -8.51 0.32 14.93
C ASN A 139 -9.51 -0.46 14.06
N GLU A 140 -9.70 -0.05 12.81
CA GLU A 140 -10.67 -0.71 11.94
C GLU A 140 -10.19 -2.09 11.47
N TRP A 141 -8.88 -2.26 11.34
CA TRP A 141 -8.31 -3.56 10.95
C TRP A 141 -8.22 -4.48 12.17
N SER A 142 -7.70 -3.95 13.27
CA SER A 142 -7.48 -4.72 14.50
C SER A 142 -8.42 -4.20 15.57
N ARG A 143 -9.71 -4.50 15.39
CA ARG A 143 -10.76 -4.01 16.28
C ARG A 143 -10.54 -4.51 17.71
N PRO A 144 -10.44 -3.58 18.68
CA PRO A 144 -10.17 -4.04 20.05
C PRO A 144 -11.36 -4.72 20.71
N ILE A 145 -11.07 -5.58 21.68
CA ILE A 145 -12.11 -6.29 22.43
C ILE A 145 -12.06 -5.76 23.85
N PHE A 146 -13.17 -5.25 24.34
CA PHE A 146 -13.25 -4.70 25.69
C PHE A 146 -13.13 -5.80 26.75
N GLY A 147 -13.76 -6.93 26.49
CA GLY A 147 -13.81 -8.02 27.44
C GLY A 147 -15.21 -8.06 27.99
N LEU A 148 -15.40 -8.58 29.19
CA LEU A 148 -16.73 -8.62 29.80
C LEU A 148 -17.05 -7.20 30.28
N GLY A 149 -18.31 -6.80 30.12
CA GLY A 149 -18.73 -5.47 30.49
C GLY A 149 -20.23 -5.38 30.35
N SER A 150 -20.76 -4.17 30.37
CA SER A 150 -22.20 -3.94 30.24
C SER A 150 -22.39 -2.90 29.15
N SER A 1 -4.79 -17.67 -11.61
CA SER A 1 -3.77 -18.74 -11.79
C SER A 1 -4.45 -20.11 -11.90
N ASN A 2 -3.83 -21.18 -11.40
CA ASN A 2 -4.42 -22.54 -11.39
C ASN A 2 -4.94 -23.03 -12.76
N ALA A 3 -4.14 -22.79 -13.80
CA ALA A 3 -4.43 -23.14 -15.21
C ALA A 3 -5.59 -22.35 -15.85
N ALA A 4 -6.67 -22.11 -15.10
CA ALA A 4 -7.80 -21.33 -15.58
C ALA A 4 -8.38 -20.62 -14.35
N SER A 5 -8.86 -19.40 -14.54
CA SER A 5 -9.42 -18.61 -13.44
C SER A 5 -10.41 -17.63 -14.03
N GLY A 6 -11.39 -17.24 -13.23
CA GLY A 6 -12.40 -16.29 -13.68
C GLY A 6 -13.50 -16.95 -14.49
N THR A 7 -14.59 -16.23 -14.70
CA THR A 7 -15.72 -16.73 -15.49
C THR A 7 -15.97 -15.84 -16.70
N PHE A 8 -15.41 -14.62 -16.66
CA PHE A 8 -15.56 -13.63 -17.73
C PHE A 8 -14.38 -12.69 -17.67
N ILE A 9 -14.21 -12.05 -16.52
CA ILE A 9 -13.14 -11.08 -16.30
C ILE A 9 -11.80 -11.81 -16.30
N SER A 10 -10.87 -11.28 -17.07
CA SER A 10 -9.52 -11.82 -17.18
C SER A 10 -8.56 -10.67 -17.52
N ASP A 11 -9.07 -9.73 -18.29
CA ASP A 11 -8.34 -8.51 -18.65
C ASP A 11 -7.91 -7.74 -17.42
N ALA A 12 -8.83 -7.58 -16.47
CA ALA A 12 -8.54 -6.83 -15.26
C ALA A 12 -7.60 -7.60 -14.33
N ASP A 13 -7.55 -8.92 -14.46
CA ASP A 13 -6.67 -9.74 -13.63
C ASP A 13 -5.23 -9.37 -13.96
N ASP A 14 -4.96 -9.19 -15.25
CA ASP A 14 -3.64 -8.79 -15.72
C ASP A 14 -3.33 -7.36 -15.30
N VAL A 15 -4.31 -6.46 -15.44
CA VAL A 15 -4.10 -5.06 -15.08
C VAL A 15 -3.79 -4.92 -13.58
N VAL A 16 -4.50 -5.65 -12.74
CA VAL A 16 -4.23 -5.60 -11.30
C VAL A 16 -2.84 -6.17 -11.02
N SER A 17 -2.51 -7.28 -11.65
CA SER A 17 -1.20 -7.89 -11.44
C SER A 17 -0.09 -6.94 -11.89
N ALA A 18 -0.32 -6.28 -13.02
CA ALA A 18 0.63 -5.30 -13.54
C ALA A 18 0.75 -4.14 -12.55
N MET A 19 -0.37 -3.74 -11.96
CA MET A 19 -0.36 -2.66 -10.98
C MET A 19 0.58 -2.97 -9.83
N ILE A 20 0.45 -4.16 -9.27
CA ILE A 20 1.26 -4.54 -8.12
C ILE A 20 2.74 -4.60 -8.50
N VAL A 21 3.09 -5.20 -9.62
CA VAL A 21 4.51 -5.29 -9.98
C VAL A 21 5.07 -3.88 -10.26
N LYS A 22 4.29 -3.01 -10.91
CA LYS A 22 4.78 -1.65 -11.18
C LYS A 22 5.01 -0.90 -9.89
N MET A 23 4.15 -1.13 -8.90
CA MET A 23 4.33 -0.50 -7.59
C MET A 23 5.62 -1.02 -6.95
N ASN A 24 5.84 -2.32 -7.01
CA ASN A 24 7.04 -2.92 -6.44
C ASN A 24 8.32 -2.39 -7.09
N GLU A 25 8.31 -2.29 -8.41
CA GLU A 25 9.47 -1.78 -9.12
C GLU A 25 9.76 -0.34 -8.75
N ALA A 26 8.73 0.48 -8.65
CA ALA A 26 8.91 1.87 -8.28
C ALA A 26 9.49 1.99 -6.87
N ALA A 27 9.14 1.05 -6.00
CA ALA A 27 9.64 1.05 -4.64
C ALA A 27 11.14 0.75 -4.63
N GLU A 28 11.55 -0.26 -5.38
CA GLU A 28 12.96 -0.66 -5.44
C GLU A 28 13.79 0.39 -6.16
N GLU A 29 13.22 0.99 -7.19
CA GLU A 29 13.93 2.01 -7.95
C GLU A 29 14.28 3.18 -7.06
N ASP A 30 13.34 3.61 -6.24
CA ASP A 30 13.59 4.73 -5.34
C ASP A 30 14.71 4.41 -4.37
N ARG A 31 14.85 3.15 -3.99
CA ARG A 31 15.93 2.72 -3.10
C ARG A 31 17.26 2.78 -3.83
N GLN A 32 17.28 2.43 -5.10
CA GLN A 32 18.52 2.42 -5.88
C GLN A 32 18.95 3.85 -6.10
N LEU A 33 17.99 4.70 -6.41
CA LEU A 33 18.25 6.13 -6.61
C LEU A 33 18.82 6.72 -5.34
N ASN A 34 18.19 6.43 -4.20
CA ASN A 34 18.69 6.87 -2.92
C ASN A 34 20.08 6.31 -2.56
N ASN A 35 20.38 5.11 -3.05
CA ASN A 35 21.66 4.47 -2.78
C ASN A 35 22.76 5.29 -3.42
N GLN A 36 22.42 5.92 -4.54
CA GLN A 36 23.35 6.74 -5.29
C GLN A 36 23.18 8.23 -4.98
N LYS A 37 22.38 8.51 -3.95
CA LYS A 37 22.11 9.88 -3.47
C LYS A 37 21.51 10.75 -4.57
N LYS A 38 20.69 10.13 -5.41
CA LYS A 38 19.97 10.84 -6.47
C LYS A 38 18.54 11.01 -6.01
N PRO A 39 17.83 12.04 -6.51
CA PRO A 39 16.43 12.17 -6.11
C PRO A 39 15.63 10.92 -6.49
N ALA A 40 14.74 10.50 -5.60
CA ALA A 40 13.95 9.31 -5.82
C ALA A 40 12.47 9.69 -5.76
N LEU A 41 11.80 9.56 -6.88
CA LEU A 41 10.40 10.00 -7.04
C LEU A 41 9.54 9.03 -7.84
N LYS A 42 9.96 7.78 -7.97
CA LYS A 42 9.19 6.82 -8.77
C LYS A 42 7.85 6.51 -8.15
N LYS A 43 7.78 6.37 -6.83
CA LYS A 43 6.48 6.16 -6.17
C LYS A 43 5.61 7.39 -6.36
N LEU A 44 6.22 8.56 -6.43
CA LEU A 44 5.49 9.82 -6.55
C LEU A 44 4.88 10.00 -7.93
N THR A 45 5.65 9.71 -8.97
CA THR A 45 5.16 9.87 -10.34
C THR A 45 4.10 8.82 -10.65
N LEU A 46 4.12 7.72 -9.91
CA LEU A 46 3.16 6.65 -10.09
C LEU A 46 1.95 6.84 -9.19
N LEU A 47 2.05 7.75 -8.23
CA LEU A 47 0.99 7.96 -7.24
C LEU A 47 -0.39 8.21 -7.88
N PRO A 48 -0.53 9.19 -8.79
CA PRO A 48 -1.91 9.35 -9.27
C PRO A 48 -2.34 8.22 -10.21
N ALA A 49 -1.35 7.58 -10.82
CA ALA A 49 -1.60 6.50 -11.76
C ALA A 49 -2.14 5.29 -11.02
N VAL A 50 -1.57 4.96 -9.87
CA VAL A 50 -2.05 3.82 -9.12
C VAL A 50 -3.35 4.16 -8.42
N VAL A 51 -3.49 5.36 -7.87
CA VAL A 51 -4.73 5.73 -7.15
C VAL A 51 -5.96 5.51 -8.00
N MET A 52 -5.88 5.88 -9.28
CA MET A 52 -7.00 5.68 -10.18
C MET A 52 -7.43 4.20 -10.25
N HIS A 53 -6.45 3.31 -10.23
CA HIS A 53 -6.73 1.86 -10.26
C HIS A 53 -6.99 1.27 -8.88
N LEU A 54 -6.31 1.76 -7.86
CA LEU A 54 -6.40 1.19 -6.50
C LEU A 54 -7.80 1.35 -5.92
N LYS A 55 -8.49 2.38 -6.38
CA LYS A 55 -9.85 2.67 -5.91
C LYS A 55 -10.93 1.93 -6.69
N LYS A 56 -10.53 1.03 -7.60
CA LYS A 56 -11.50 0.18 -8.30
C LYS A 56 -11.91 -0.94 -7.37
N GLN A 57 -12.83 -0.62 -6.48
CA GLN A 57 -13.34 -1.53 -5.47
C GLN A 57 -13.98 -2.77 -6.08
N ASP A 58 -14.35 -2.71 -7.35
CA ASP A 58 -14.92 -3.85 -8.04
C ASP A 58 -13.97 -5.07 -7.98
N LEU A 59 -12.68 -4.84 -8.20
CA LEU A 59 -11.67 -5.88 -8.22
C LEU A 59 -11.06 -6.06 -6.85
N LYS A 60 -11.84 -5.80 -5.80
CA LYS A 60 -11.32 -5.91 -4.43
C LYS A 60 -10.64 -7.23 -4.15
N GLU A 61 -11.23 -8.33 -4.60
CA GLU A 61 -10.68 -9.65 -4.35
C GLU A 61 -9.36 -9.85 -5.10
N THR A 62 -9.29 -9.36 -6.33
CA THR A 62 -8.09 -9.50 -7.13
C THR A 62 -6.95 -8.71 -6.50
N PHE A 63 -7.24 -7.49 -6.04
CA PHE A 63 -6.22 -6.67 -5.42
C PHE A 63 -5.70 -7.27 -4.11
N ILE A 64 -6.58 -7.89 -3.35
CA ILE A 64 -6.18 -8.53 -2.09
C ILE A 64 -5.32 -9.77 -2.39
N ASP A 65 -5.75 -10.61 -3.33
CA ASP A 65 -5.02 -11.85 -3.66
C ASP A 65 -3.66 -11.57 -4.31
N SER A 66 -3.60 -10.56 -5.16
CA SER A 66 -2.35 -10.18 -5.83
C SER A 66 -1.35 -9.54 -4.88
N GLY A 67 -1.76 -9.33 -3.64
CA GLY A 67 -0.86 -8.80 -2.64
C GLY A 67 -0.63 -7.31 -2.70
N VAL A 68 -1.64 -6.53 -3.07
CA VAL A 68 -1.49 -5.07 -3.10
C VAL A 68 -1.07 -4.56 -1.74
N MET A 69 -1.48 -5.25 -0.69
CA MET A 69 -1.13 -4.86 0.68
C MET A 69 0.39 -4.83 0.86
N SER A 70 1.09 -5.69 0.16
CA SER A 70 2.54 -5.77 0.27
C SER A 70 3.15 -4.63 -0.52
N ALA A 71 2.60 -4.36 -1.70
CA ALA A 71 3.14 -3.29 -2.53
C ALA A 71 2.90 -1.92 -1.87
N ILE A 72 1.77 -1.75 -1.20
CA ILE A 72 1.48 -0.51 -0.47
C ILE A 72 2.45 -0.41 0.71
N LYS A 73 2.71 -1.53 1.37
CA LYS A 73 3.66 -1.55 2.50
C LYS A 73 5.06 -1.12 2.04
N GLU A 74 5.47 -1.56 0.86
CA GLU A 74 6.78 -1.18 0.32
C GLU A 74 6.81 0.32 0.05
N TRP A 75 5.67 0.89 -0.33
CA TRP A 75 5.60 2.33 -0.58
C TRP A 75 5.64 3.15 0.71
N LEU A 76 5.02 2.65 1.77
CA LEU A 76 5.00 3.35 3.04
C LEU A 76 6.37 3.37 3.69
N SER A 77 7.18 2.39 3.36
CA SER A 77 8.53 2.27 3.91
C SER A 77 9.43 3.37 3.32
N PRO A 78 10.03 4.21 4.17
CA PRO A 78 10.91 5.25 3.63
C PRO A 78 12.28 4.73 3.21
N LEU A 79 13.09 5.66 2.71
CA LEU A 79 14.42 5.36 2.17
C LEU A 79 15.47 5.52 3.29
N PRO A 80 16.70 4.99 3.10
CA PRO A 80 17.73 5.14 4.15
C PRO A 80 18.22 6.58 4.38
N ASP A 81 17.63 7.52 3.66
CA ASP A 81 17.87 8.96 3.86
C ASP A 81 17.25 9.42 5.19
N ARG A 82 16.41 8.55 5.77
CA ARG A 82 15.73 8.75 7.06
C ARG A 82 14.69 9.87 7.03
N SER A 83 14.39 10.34 5.84
CA SER A 83 13.33 11.29 5.60
C SER A 83 12.14 10.49 5.12
N LEU A 84 10.98 11.11 5.10
CA LEU A 84 9.76 10.45 4.62
C LEU A 84 9.26 11.12 3.32
N PRO A 85 9.92 10.87 2.18
CA PRO A 85 9.38 11.50 0.96
C PRO A 85 8.05 10.90 0.53
N ALA A 86 7.77 9.73 1.09
CA ALA A 86 6.52 9.01 0.84
C ALA A 86 5.35 9.66 1.59
N LEU A 87 5.61 10.80 2.25
CA LEU A 87 4.57 11.53 2.97
C LEU A 87 3.42 11.90 2.03
N LYS A 88 3.76 12.45 0.86
CA LYS A 88 2.72 12.90 -0.08
C LYS A 88 1.93 11.75 -0.65
N ILE A 89 2.61 10.63 -0.83
CA ILE A 89 2.02 9.45 -1.41
C ILE A 89 1.11 8.75 -0.42
N ARG A 90 1.55 8.64 0.83
CA ARG A 90 0.75 7.93 1.83
C ARG A 90 -0.56 8.62 2.17
N GLU A 91 -0.65 9.92 1.90
CA GLU A 91 -1.90 10.64 2.13
C GLU A 91 -3.03 9.96 1.35
N GLU A 92 -2.75 9.55 0.12
CA GLU A 92 -3.74 8.85 -0.70
C GLU A 92 -3.77 7.35 -0.36
N LEU A 93 -2.62 6.73 -0.18
CA LEU A 93 -2.59 5.29 0.10
C LEU A 93 -3.35 4.89 1.36
N LEU A 94 -3.32 5.72 2.39
CA LEU A 94 -4.03 5.42 3.64
C LEU A 94 -5.48 5.33 3.37
N LYS A 95 -5.92 6.22 2.51
CA LYS A 95 -7.35 6.31 2.17
C LYS A 95 -7.80 5.00 1.57
N ILE A 96 -7.04 4.53 0.59
CA ILE A 96 -7.35 3.30 -0.13
C ILE A 96 -7.38 2.09 0.81
N LEU A 97 -6.50 2.05 1.80
CA LEU A 97 -6.47 0.96 2.76
C LEU A 97 -7.78 0.87 3.57
N GLN A 98 -8.49 1.98 3.70
CA GLN A 98 -9.77 2.02 4.43
C GLN A 98 -10.92 1.61 3.50
N GLU A 99 -10.65 1.51 2.21
CA GLU A 99 -11.68 1.14 1.22
C GLU A 99 -11.75 -0.37 1.04
N LEU A 100 -10.83 -1.10 1.69
CA LEU A 100 -10.83 -2.55 1.60
C LEU A 100 -12.01 -3.13 2.37
N PRO A 101 -12.62 -4.22 1.87
CA PRO A 101 -13.80 -4.82 2.51
C PRO A 101 -13.52 -5.58 3.80
N SER A 102 -12.88 -6.73 3.65
CA SER A 102 -12.58 -7.61 4.78
C SER A 102 -11.29 -8.37 4.53
N VAL A 103 -10.22 -7.62 4.30
CA VAL A 103 -8.90 -8.24 4.08
C VAL A 103 -8.56 -9.01 5.35
N SER A 104 -8.16 -10.26 5.18
CA SER A 104 -7.90 -11.12 6.31
C SER A 104 -6.68 -10.64 7.10
N GLN A 105 -6.69 -10.91 8.39
CA GLN A 105 -5.57 -10.52 9.25
C GLN A 105 -4.29 -11.17 8.74
N GLU A 106 -4.40 -12.34 8.14
CA GLU A 106 -3.23 -13.02 7.61
C GLU A 106 -2.59 -12.25 6.46
N THR A 107 -3.36 -11.62 5.59
CA THR A 107 -2.79 -10.86 4.50
C THR A 107 -2.05 -9.67 5.09
N LEU A 108 -2.66 -9.04 6.08
CA LEU A 108 -2.04 -7.90 6.76
C LEU A 108 -0.76 -8.32 7.50
N LYS A 109 -0.79 -9.51 8.08
CA LYS A 109 0.35 -10.11 8.79
C LYS A 109 1.49 -10.42 7.83
N HIS A 110 1.17 -11.05 6.71
CA HIS A 110 2.17 -11.47 5.71
C HIS A 110 2.79 -10.29 4.99
N SER A 111 1.97 -9.32 4.60
CA SER A 111 2.47 -8.13 3.92
C SER A 111 3.25 -7.25 4.89
N GLY A 112 2.87 -7.29 6.16
CA GLY A 112 3.51 -6.45 7.15
C GLY A 112 2.96 -5.04 7.10
N ILE A 113 1.88 -4.83 6.36
CA ILE A 113 1.27 -3.51 6.22
C ILE A 113 0.82 -2.98 7.58
N GLY A 114 0.36 -3.85 8.47
CA GLY A 114 -0.06 -3.42 9.79
C GLY A 114 1.09 -2.78 10.55
N ARG A 115 2.29 -3.33 10.36
CA ARG A 115 3.49 -2.80 11.01
C ARG A 115 3.82 -1.45 10.43
N ALA A 116 3.66 -1.31 9.12
CA ALA A 116 3.96 -0.06 8.43
C ALA A 116 3.00 1.06 8.88
N VAL A 117 1.72 0.77 9.01
CA VAL A 117 0.76 1.78 9.46
C VAL A 117 1.10 2.19 10.90
N MET A 118 1.37 1.21 11.76
CA MET A 118 1.71 1.52 13.15
C MET A 118 3.01 2.31 13.27
N TYR A 119 3.99 2.00 12.41
CA TYR A 119 5.26 2.71 12.40
C TYR A 119 5.01 4.20 12.19
N LEU A 120 4.20 4.51 11.19
CA LEU A 120 3.93 5.90 10.84
C LEU A 120 3.02 6.59 11.84
N TYR A 121 2.08 5.83 12.40
CA TYR A 121 1.17 6.37 13.40
C TYR A 121 1.94 6.90 14.61
N LYS A 122 2.98 6.20 15.00
CA LYS A 122 3.80 6.60 16.15
C LYS A 122 4.96 7.51 15.74
N HIS A 123 5.21 7.67 14.45
CA HIS A 123 6.34 8.45 13.98
C HIS A 123 6.16 9.94 14.32
N PRO A 124 7.15 10.56 14.96
CA PRO A 124 6.96 11.96 15.36
C PRO A 124 6.98 12.98 14.22
N LYS A 125 7.44 12.57 13.05
CA LYS A 125 7.49 13.46 11.89
C LYS A 125 6.28 13.35 10.96
N GLU A 126 5.34 12.45 11.27
CA GLU A 126 4.20 12.25 10.39
C GLU A 126 3.08 13.28 10.55
N SER A 127 2.35 13.50 9.46
CA SER A 127 1.26 14.47 9.43
C SER A 127 0.10 14.02 10.31
N ARG A 128 -0.55 14.96 10.99
CA ARG A 128 -1.68 14.62 11.86
C ARG A 128 -2.83 14.00 11.06
N SER A 129 -2.97 14.39 9.81
CA SER A 129 -4.05 13.87 8.97
C SER A 129 -3.80 12.41 8.66
N ASN A 130 -2.54 12.08 8.42
CA ASN A 130 -2.18 10.70 8.13
C ASN A 130 -2.35 9.85 9.37
N LYS A 131 -2.00 10.40 10.53
CA LYS A 131 -2.14 9.68 11.79
C LYS A 131 -3.59 9.43 12.14
N ASP A 132 -4.46 10.36 11.80
CA ASP A 132 -5.89 10.21 12.08
C ASP A 132 -6.41 8.95 11.39
N MET A 133 -6.11 8.82 10.10
CA MET A 133 -6.57 7.66 9.35
C MET A 133 -5.82 6.41 9.79
N ALA A 134 -4.54 6.55 10.07
CA ALA A 134 -3.72 5.43 10.52
C ALA A 134 -4.26 4.83 11.83
N GLY A 135 -4.67 5.69 12.75
CA GLY A 135 -5.21 5.21 14.02
C GLY A 135 -6.47 4.39 13.82
N LYS A 136 -7.32 4.83 12.91
CA LYS A 136 -8.56 4.10 12.60
C LYS A 136 -8.21 2.77 11.97
N LEU A 137 -7.28 2.83 11.02
CA LEU A 137 -6.89 1.67 10.22
C LEU A 137 -6.39 0.50 11.05
N ILE A 138 -5.60 0.80 12.08
CA ILE A 138 -5.09 -0.24 12.96
C ILE A 138 -6.26 -0.93 13.72
N ASN A 139 -7.31 -0.17 13.97
CA ASN A 139 -8.46 -0.69 14.73
C ASN A 139 -9.45 -1.47 13.88
N GLU A 140 -9.76 -0.94 12.71
CA GLU A 140 -10.79 -1.51 11.85
C GLU A 140 -10.32 -2.76 11.11
N TRP A 141 -9.01 -2.98 11.10
CA TRP A 141 -8.42 -4.18 10.52
C TRP A 141 -8.48 -5.38 11.49
N SER A 142 -9.50 -5.36 12.35
CA SER A 142 -9.75 -6.38 13.40
C SER A 142 -8.77 -6.34 14.57
N ARG A 143 -9.25 -6.75 15.73
CA ARG A 143 -8.47 -6.73 16.98
C ARG A 143 -8.43 -8.03 17.80
N PRO A 144 -9.58 -8.70 18.03
CA PRO A 144 -9.42 -9.86 18.91
C PRO A 144 -8.81 -11.08 18.23
N ILE A 145 -8.30 -11.99 19.06
CA ILE A 145 -7.74 -13.26 18.61
C ILE A 145 -8.29 -14.29 19.59
N PHE A 146 -8.31 -15.56 19.20
CA PHE A 146 -8.79 -16.62 20.08
C PHE A 146 -8.14 -17.93 19.65
N GLY A 147 -7.67 -18.70 20.63
CA GLY A 147 -7.05 -19.99 20.34
C GLY A 147 -5.92 -19.88 19.34
N LEU A 148 -5.84 -20.88 18.46
CA LEU A 148 -4.86 -20.87 17.37
C LEU A 148 -5.46 -20.02 16.24
N GLY A 149 -6.78 -20.06 16.15
CA GLY A 149 -7.53 -19.32 15.16
C GLY A 149 -8.94 -19.88 15.24
N SER A 150 -9.88 -19.25 14.55
CA SER A 150 -11.30 -19.65 14.54
C SER A 150 -11.89 -19.65 15.96
N SER A 1 0.28 -18.30 -13.11
CA SER A 1 0.45 -19.48 -12.22
C SER A 1 -0.87 -19.82 -11.56
N ASN A 2 -1.36 -18.93 -10.70
CA ASN A 2 -2.70 -19.07 -10.15
C ASN A 2 -3.64 -18.78 -11.32
N ALA A 3 -4.90 -19.16 -11.19
CA ALA A 3 -5.88 -18.87 -12.23
C ALA A 3 -6.14 -17.36 -12.20
N ALA A 4 -6.48 -16.80 -13.35
CA ALA A 4 -6.77 -15.38 -13.48
C ALA A 4 -7.63 -15.28 -14.74
N SER A 5 -8.29 -14.13 -14.91
CA SER A 5 -9.16 -13.84 -16.06
C SER A 5 -10.43 -14.71 -16.04
N GLY A 6 -11.35 -14.42 -16.95
CA GLY A 6 -12.61 -15.14 -17.00
C GLY A 6 -13.41 -14.75 -18.23
N THR A 7 -14.70 -15.01 -18.20
CA THR A 7 -15.59 -14.73 -19.33
C THR A 7 -15.99 -13.25 -19.44
N PHE A 8 -15.47 -12.41 -18.57
CA PHE A 8 -15.78 -10.98 -18.60
C PHE A 8 -14.59 -10.15 -18.13
N ILE A 9 -14.16 -10.37 -16.90
CA ILE A 9 -13.00 -9.67 -16.37
C ILE A 9 -11.77 -10.31 -17.01
N SER A 10 -10.95 -9.50 -17.67
CA SER A 10 -9.73 -10.01 -18.30
C SER A 10 -8.69 -8.92 -18.37
N ASP A 11 -9.05 -7.81 -19.01
CA ASP A 11 -8.16 -6.66 -19.14
C ASP A 11 -7.83 -6.09 -17.76
N ALA A 12 -8.86 -6.04 -16.93
CA ALA A 12 -8.73 -5.47 -15.61
C ALA A 12 -7.86 -6.35 -14.70
N ASP A 13 -7.86 -7.66 -14.93
CA ASP A 13 -7.04 -8.56 -14.12
C ASP A 13 -5.57 -8.32 -14.45
N ASP A 14 -5.29 -8.08 -15.72
CA ASP A 14 -3.93 -7.77 -16.15
C ASP A 14 -3.52 -6.43 -15.56
N VAL A 15 -4.44 -5.47 -15.55
CA VAL A 15 -4.17 -4.14 -14.97
C VAL A 15 -3.83 -4.27 -13.49
N VAL A 16 -4.55 -5.10 -12.75
CA VAL A 16 -4.24 -5.29 -11.33
C VAL A 16 -2.86 -5.91 -11.20
N SER A 17 -2.58 -6.92 -12.00
CA SER A 17 -1.30 -7.63 -11.92
C SER A 17 -0.15 -6.68 -12.25
N ALA A 18 -0.35 -5.88 -13.29
CA ALA A 18 0.64 -4.92 -13.72
C ALA A 18 0.82 -3.84 -12.65
N MET A 19 -0.26 -3.47 -11.99
CA MET A 19 -0.19 -2.43 -10.98
C MET A 19 0.67 -2.89 -9.80
N ILE A 20 0.44 -4.09 -9.28
CA ILE A 20 1.24 -4.59 -8.16
C ILE A 20 2.71 -4.66 -8.56
N VAL A 21 3.02 -5.23 -9.71
CA VAL A 21 4.42 -5.35 -10.08
C VAL A 21 5.04 -3.97 -10.29
N LYS A 22 4.35 -3.03 -10.91
CA LYS A 22 4.95 -1.71 -11.12
C LYS A 22 5.10 -0.93 -9.84
N MET A 23 4.18 -1.11 -8.90
CA MET A 23 4.35 -0.51 -7.58
C MET A 23 5.64 -1.06 -6.97
N ASN A 24 5.88 -2.36 -7.10
CA ASN A 24 7.10 -2.98 -6.58
C ASN A 24 8.35 -2.43 -7.24
N GLU A 25 8.33 -2.31 -8.57
CA GLU A 25 9.50 -1.80 -9.29
C GLU A 25 9.81 -0.37 -8.85
N ALA A 26 8.77 0.44 -8.69
CA ALA A 26 8.96 1.82 -8.26
C ALA A 26 9.55 1.88 -6.84
N ALA A 27 9.15 0.94 -5.99
CA ALA A 27 9.65 0.91 -4.63
C ALA A 27 11.13 0.57 -4.61
N GLU A 28 11.53 -0.39 -5.43
CA GLU A 28 12.93 -0.81 -5.50
C GLU A 28 13.80 0.20 -6.24
N GLU A 29 13.26 0.81 -7.28
CA GLU A 29 13.99 1.83 -8.00
C GLU A 29 14.34 2.98 -7.06
N ASP A 30 13.44 3.36 -6.17
CA ASP A 30 13.72 4.39 -5.20
C ASP A 30 14.96 4.04 -4.36
N ARG A 31 15.14 2.76 -4.06
CA ARG A 31 16.30 2.31 -3.28
C ARG A 31 17.58 2.53 -4.08
N GLN A 32 17.51 2.31 -5.38
CA GLN A 32 18.70 2.40 -6.24
C GLN A 32 19.05 3.85 -6.40
N LEU A 33 18.02 4.65 -6.60
CA LEU A 33 18.20 6.09 -6.75
C LEU A 33 18.86 6.65 -5.51
N ASN A 34 18.36 6.29 -4.34
CA ASN A 34 18.98 6.65 -3.10
C ASN A 34 20.40 6.12 -2.92
N ASN A 35 20.69 4.97 -3.51
CA ASN A 35 22.01 4.33 -3.41
C ASN A 35 22.99 5.22 -4.17
N GLN A 36 22.49 5.79 -5.25
CA GLN A 36 23.29 6.70 -6.07
C GLN A 36 23.21 8.15 -5.61
N LYS A 37 22.54 8.38 -4.47
CA LYS A 37 22.32 9.72 -3.90
C LYS A 37 21.61 10.65 -4.89
N LYS A 38 20.68 10.09 -5.65
CA LYS A 38 19.85 10.85 -6.58
C LYS A 38 18.47 10.93 -5.95
N PRO A 39 17.69 11.96 -6.27
CA PRO A 39 16.34 12.00 -5.70
C PRO A 39 15.53 10.78 -6.13
N ALA A 40 14.75 10.24 -5.21
CA ALA A 40 13.94 9.05 -5.47
C ALA A 40 12.48 9.44 -5.28
N LEU A 41 11.72 9.37 -6.37
CA LEU A 41 10.32 9.83 -6.38
C LEU A 41 9.47 8.95 -7.28
N LYS A 42 9.87 7.70 -7.44
CA LYS A 42 9.17 6.80 -8.34
C LYS A 42 7.77 6.50 -7.84
N LYS A 43 7.64 6.36 -6.54
CA LYS A 43 6.32 6.15 -5.94
C LYS A 43 5.46 7.40 -6.10
N LEU A 44 6.08 8.57 -6.15
CA LEU A 44 5.36 9.84 -6.26
C LEU A 44 4.80 10.04 -7.66
N THR A 45 5.61 9.77 -8.68
CA THR A 45 5.14 9.93 -10.07
C THR A 45 4.07 8.91 -10.40
N LEU A 46 4.11 7.79 -9.70
CA LEU A 46 3.21 6.68 -9.95
C LEU A 46 1.96 6.81 -9.06
N LEU A 47 2.01 7.69 -8.07
CA LEU A 47 0.92 7.89 -7.13
C LEU A 47 -0.45 8.20 -7.76
N PRO A 48 -0.56 9.19 -8.66
CA PRO A 48 -1.92 9.40 -9.15
C PRO A 48 -2.36 8.28 -10.11
N ALA A 49 -1.38 7.60 -10.67
CA ALA A 49 -1.62 6.52 -11.60
C ALA A 49 -2.15 5.29 -10.83
N VAL A 50 -1.58 5.00 -9.66
CA VAL A 50 -2.06 3.86 -8.89
C VAL A 50 -3.46 4.15 -8.37
N VAL A 51 -3.71 5.35 -7.89
CA VAL A 51 -5.00 5.71 -7.29
C VAL A 51 -6.17 5.40 -8.23
N MET A 52 -5.98 5.70 -9.50
CA MET A 52 -7.01 5.42 -10.50
C MET A 52 -7.40 3.93 -10.49
N HIS A 53 -6.40 3.06 -10.38
CA HIS A 53 -6.64 1.63 -10.34
C HIS A 53 -6.96 1.06 -8.96
N LEU A 54 -6.35 1.63 -7.91
CA LEU A 54 -6.50 1.08 -6.56
C LEU A 54 -7.92 1.25 -6.05
N LYS A 55 -8.63 2.24 -6.56
CA LYS A 55 -10.01 2.50 -6.18
C LYS A 55 -11.02 1.65 -6.93
N LYS A 56 -10.54 0.71 -7.74
CA LYS A 56 -11.43 -0.25 -8.40
C LYS A 56 -11.89 -1.28 -7.38
N GLN A 57 -12.84 -0.89 -6.54
CA GLN A 57 -13.41 -1.77 -5.52
C GLN A 57 -14.07 -2.98 -6.17
N ASP A 58 -14.40 -2.84 -7.45
CA ASP A 58 -14.98 -3.93 -8.23
C ASP A 58 -14.03 -5.14 -8.33
N LEU A 59 -12.73 -4.85 -8.30
CA LEU A 59 -11.68 -5.87 -8.48
C LEU A 59 -11.00 -6.19 -7.17
N LYS A 60 -11.73 -5.94 -6.08
CA LYS A 60 -11.21 -6.15 -4.72
C LYS A 60 -10.49 -7.47 -4.51
N GLU A 61 -11.06 -8.56 -4.97
CA GLU A 61 -10.44 -9.87 -4.73
C GLU A 61 -9.14 -10.03 -5.49
N THR A 62 -9.08 -9.55 -6.73
CA THR A 62 -7.85 -9.68 -7.52
C THR A 62 -6.76 -8.88 -6.83
N PHE A 63 -7.08 -7.69 -6.35
CA PHE A 63 -6.08 -6.84 -5.68
C PHE A 63 -5.55 -7.48 -4.40
N ILE A 64 -6.43 -8.09 -3.63
CA ILE A 64 -6.04 -8.69 -2.36
C ILE A 64 -5.18 -9.94 -2.64
N ASP A 65 -5.57 -10.77 -3.61
CA ASP A 65 -4.79 -11.97 -3.95
C ASP A 65 -3.43 -11.61 -4.54
N SER A 66 -3.40 -10.57 -5.35
CA SER A 66 -2.15 -10.10 -5.98
C SER A 66 -1.20 -9.52 -4.95
N GLY A 67 -1.66 -9.34 -3.72
CA GLY A 67 -0.80 -8.84 -2.68
C GLY A 67 -0.58 -7.35 -2.71
N VAL A 68 -1.58 -6.57 -3.12
CA VAL A 68 -1.46 -5.11 -3.14
C VAL A 68 -1.05 -4.60 -1.76
N MET A 69 -1.49 -5.27 -0.71
CA MET A 69 -1.15 -4.88 0.65
C MET A 69 0.37 -4.87 0.88
N SER A 70 1.08 -5.75 0.19
CA SER A 70 2.53 -5.85 0.32
C SER A 70 3.18 -4.73 -0.47
N ALA A 71 2.62 -4.42 -1.62
CA ALA A 71 3.17 -3.36 -2.45
C ALA A 71 2.93 -1.99 -1.76
N ILE A 72 1.76 -1.82 -1.14
CA ILE A 72 1.46 -0.59 -0.40
C ILE A 72 2.41 -0.51 0.79
N LYS A 73 2.65 -1.64 1.44
CA LYS A 73 3.56 -1.68 2.60
C LYS A 73 4.94 -1.15 2.21
N GLU A 74 5.46 -1.53 1.06
CA GLU A 74 6.77 -1.05 0.65
C GLU A 74 6.72 0.42 0.27
N TRP A 75 5.59 0.90 -0.21
CA TRP A 75 5.46 2.29 -0.53
C TRP A 75 5.54 3.15 0.73
N LEU A 76 5.00 2.63 1.83
CA LEU A 76 5.05 3.32 3.11
C LEU A 76 6.48 3.34 3.67
N SER A 77 7.29 2.37 3.29
CA SER A 77 8.67 2.27 3.78
C SER A 77 9.58 3.35 3.17
N PRO A 78 10.11 4.27 4.00
CA PRO A 78 10.98 5.30 3.44
C PRO A 78 12.41 4.82 3.21
N LEU A 79 13.19 5.68 2.57
CA LEU A 79 14.61 5.44 2.35
C LEU A 79 15.37 5.66 3.67
N PRO A 80 16.62 5.15 3.78
CA PRO A 80 17.42 5.36 5.00
C PRO A 80 17.86 6.82 5.24
N ASP A 81 17.34 7.73 4.43
CA ASP A 81 17.58 9.17 4.56
C ASP A 81 16.77 9.72 5.74
N ARG A 82 15.90 8.88 6.29
CA ARG A 82 15.05 9.19 7.47
C ARG A 82 14.07 10.33 7.21
N SER A 83 13.85 10.62 5.93
CA SER A 83 12.84 11.57 5.52
C SER A 83 11.76 10.71 4.94
N LEU A 84 10.56 11.24 4.87
CA LEU A 84 9.41 10.46 4.37
C LEU A 84 8.88 11.05 3.07
N PRO A 85 9.49 10.69 1.91
CA PRO A 85 8.85 11.21 0.70
C PRO A 85 7.48 10.55 0.50
N ALA A 86 7.31 9.41 1.17
CA ALA A 86 6.07 8.67 1.16
C ALA A 86 4.93 9.42 1.84
N LEU A 87 5.22 10.53 2.52
CA LEU A 87 4.19 11.28 3.22
C LEU A 87 3.08 11.69 2.26
N LYS A 88 3.44 12.28 1.13
CA LYS A 88 2.45 12.73 0.15
C LYS A 88 1.70 11.59 -0.50
N ILE A 89 2.38 10.49 -0.70
CA ILE A 89 1.80 9.33 -1.34
C ILE A 89 0.79 8.70 -0.37
N ARG A 90 1.17 8.67 0.90
CA ARG A 90 0.32 8.11 1.94
C ARG A 90 -0.99 8.84 2.11
N GLU A 91 -1.04 10.11 1.74
CA GLU A 91 -2.28 10.89 1.86
C GLU A 91 -3.38 10.15 1.10
N GLU A 92 -3.04 9.61 -0.07
CA GLU A 92 -3.97 8.80 -0.83
C GLU A 92 -4.02 7.34 -0.35
N LEU A 93 -2.87 6.71 -0.17
CA LEU A 93 -2.82 5.28 0.18
C LEU A 93 -3.54 4.91 1.46
N LEU A 94 -3.55 5.80 2.45
CA LEU A 94 -4.23 5.49 3.71
C LEU A 94 -5.66 5.27 3.44
N LYS A 95 -6.18 6.11 2.59
CA LYS A 95 -7.62 6.08 2.27
C LYS A 95 -7.98 4.78 1.59
N ILE A 96 -7.13 4.37 0.66
CA ILE A 96 -7.32 3.13 -0.07
C ILE A 96 -7.33 1.93 0.90
N LEU A 97 -6.49 1.98 1.91
CA LEU A 97 -6.43 0.92 2.90
C LEU A 97 -7.71 0.82 3.76
N GLN A 98 -8.47 1.90 3.90
CA GLN A 98 -9.69 1.89 4.73
C GLN A 98 -10.91 1.41 3.93
N GLU A 99 -10.81 1.42 2.60
CA GLU A 99 -11.94 1.03 1.75
C GLU A 99 -11.90 -0.43 1.30
N LEU A 100 -10.90 -1.16 1.78
CA LEU A 100 -10.82 -2.59 1.51
C LEU A 100 -12.00 -3.28 2.20
N PRO A 101 -12.55 -4.35 1.58
CA PRO A 101 -13.73 -5.04 2.13
C PRO A 101 -13.48 -5.88 3.37
N SER A 102 -12.81 -7.01 3.18
CA SER A 102 -12.53 -7.95 4.26
C SER A 102 -11.20 -8.64 4.03
N VAL A 103 -10.16 -7.84 3.92
CA VAL A 103 -8.81 -8.35 3.77
C VAL A 103 -8.53 -9.20 5.01
N SER A 104 -8.01 -10.40 4.80
CA SER A 104 -7.77 -11.31 5.91
C SER A 104 -6.72 -10.73 6.84
N GLN A 105 -6.83 -11.07 8.12
CA GLN A 105 -5.87 -10.63 9.12
C GLN A 105 -4.53 -11.22 8.75
N GLU A 106 -4.56 -12.38 8.12
CA GLU A 106 -3.35 -13.04 7.67
C GLU A 106 -2.68 -12.27 6.54
N THR A 107 -3.45 -11.63 5.66
CA THR A 107 -2.85 -10.86 4.57
C THR A 107 -2.18 -9.64 5.18
N LEU A 108 -2.85 -9.01 6.14
CA LEU A 108 -2.29 -7.84 6.82
C LEU A 108 -1.00 -8.22 7.57
N LYS A 109 -1.00 -9.41 8.15
CA LYS A 109 0.16 -9.98 8.87
C LYS A 109 1.31 -10.28 7.91
N HIS A 110 1.03 -10.99 6.84
CA HIS A 110 2.06 -11.41 5.89
C HIS A 110 2.66 -10.25 5.10
N SER A 111 1.82 -9.31 4.68
CA SER A 111 2.32 -8.14 3.96
C SER A 111 3.12 -7.26 4.90
N GLY A 112 2.76 -7.29 6.19
CA GLY A 112 3.43 -6.45 7.17
C GLY A 112 2.90 -5.04 7.15
N ILE A 113 1.80 -4.82 6.43
CA ILE A 113 1.20 -3.49 6.31
C ILE A 113 0.75 -2.96 7.68
N GLY A 114 0.33 -3.86 8.56
CA GLY A 114 -0.08 -3.44 9.91
C GLY A 114 1.08 -2.80 10.65
N ARG A 115 2.27 -3.38 10.49
CA ARG A 115 3.47 -2.85 11.14
C ARG A 115 3.84 -1.52 10.50
N ALA A 116 3.67 -1.43 9.18
CA ALA A 116 4.02 -0.23 8.44
C ALA A 116 3.15 0.98 8.85
N VAL A 117 1.83 0.82 8.92
CA VAL A 117 0.98 1.95 9.31
C VAL A 117 1.31 2.37 10.75
N MET A 118 1.59 1.40 11.62
CA MET A 118 1.93 1.70 13.00
C MET A 118 3.22 2.50 13.12
N TYR A 119 4.20 2.17 12.28
CA TYR A 119 5.48 2.88 12.28
C TYR A 119 5.27 4.36 12.00
N LEU A 120 4.56 4.66 10.92
CA LEU A 120 4.35 6.04 10.51
C LEU A 120 3.39 6.80 11.43
N TYR A 121 2.47 6.09 12.06
CA TYR A 121 1.53 6.70 12.99
C TYR A 121 2.29 7.36 14.15
N LYS A 122 3.25 6.66 14.73
CA LYS A 122 4.06 7.23 15.80
C LYS A 122 5.17 8.16 15.30
N HIS A 123 5.51 8.09 14.02
CA HIS A 123 6.61 8.89 13.49
C HIS A 123 6.31 10.39 13.61
N PRO A 124 7.24 11.19 14.17
CA PRO A 124 6.92 12.60 14.41
C PRO A 124 6.84 13.49 13.16
N LYS A 125 7.47 13.05 12.06
CA LYS A 125 7.43 13.81 10.80
C LYS A 125 6.10 13.71 10.08
N GLU A 126 5.35 12.66 10.39
CA GLU A 126 4.06 12.40 9.75
C GLU A 126 3.01 13.48 10.10
N SER A 127 2.25 13.92 9.11
CA SER A 127 1.25 14.97 9.29
C SER A 127 0.06 14.53 10.14
N ARG A 128 -0.58 15.47 10.83
CA ARG A 128 -1.72 15.14 11.70
C ARG A 128 -2.86 14.47 10.93
N SER A 129 -3.14 14.95 9.73
CA SER A 129 -4.22 14.38 8.92
C SER A 129 -3.95 12.92 8.58
N ASN A 130 -2.70 12.61 8.24
CA ASN A 130 -2.34 11.25 7.91
C ASN A 130 -2.39 10.39 9.15
N LYS A 131 -1.98 10.94 10.29
CA LYS A 131 -2.01 10.20 11.55
C LYS A 131 -3.43 9.88 11.97
N ASP A 132 -4.37 10.75 11.64
CA ASP A 132 -5.77 10.51 11.98
C ASP A 132 -6.26 9.24 11.34
N MET A 133 -6.05 9.11 10.03
CA MET A 133 -6.50 7.95 9.31
C MET A 133 -5.66 6.74 9.71
N ALA A 134 -4.38 6.96 9.96
CA ALA A 134 -3.49 5.88 10.39
C ALA A 134 -3.96 5.29 11.71
N GLY A 135 -4.38 6.14 12.63
CA GLY A 135 -4.87 5.68 13.92
C GLY A 135 -6.11 4.83 13.77
N LYS A 136 -7.02 5.23 12.90
CA LYS A 136 -8.24 4.46 12.65
C LYS A 136 -7.87 3.12 12.08
N LEU A 137 -6.99 3.16 11.10
CA LEU A 137 -6.60 1.99 10.34
C LEU A 137 -6.00 0.88 11.20
N ILE A 138 -5.28 1.26 12.24
CA ILE A 138 -4.69 0.26 13.15
C ILE A 138 -5.81 -0.41 13.98
N ASN A 139 -6.85 0.32 14.31
CA ASN A 139 -7.92 -0.20 15.15
C ASN A 139 -9.03 -0.93 14.38
N GLU A 140 -9.30 -0.51 13.15
CA GLU A 140 -10.34 -1.14 12.36
C GLU A 140 -9.83 -2.42 11.70
N TRP A 141 -8.52 -2.55 11.58
CA TRP A 141 -7.93 -3.77 11.08
C TRP A 141 -7.90 -4.78 12.23
N SER A 142 -8.61 -5.89 12.02
CA SER A 142 -8.72 -7.01 12.97
C SER A 142 -9.57 -6.73 14.22
N ARG A 143 -9.16 -5.77 15.05
CA ARG A 143 -9.91 -5.42 16.27
C ARG A 143 -9.36 -4.13 16.88
N PRO A 144 -10.20 -3.36 17.60
CA PRO A 144 -9.63 -2.17 18.23
C PRO A 144 -8.68 -2.54 19.35
N ILE A 145 -7.71 -1.67 19.63
CA ILE A 145 -6.72 -1.93 20.68
C ILE A 145 -7.42 -1.88 22.03
N PHE A 146 -8.24 -0.86 22.23
CA PHE A 146 -8.95 -0.65 23.48
C PHE A 146 -10.18 0.20 23.16
N GLY A 147 -11.24 0.03 23.94
CA GLY A 147 -12.44 0.81 23.72
C GLY A 147 -13.05 0.50 22.37
N LEU A 148 -13.52 1.54 21.68
CA LEU A 148 -14.10 1.37 20.35
C LEU A 148 -13.04 1.64 19.29
N GLY A 149 -11.80 1.80 19.72
CA GLY A 149 -10.72 2.14 18.81
C GLY A 149 -10.58 3.63 18.71
N SER A 150 -11.30 4.31 19.59
CA SER A 150 -11.30 5.76 19.72
C SER A 150 -11.53 5.98 21.19
N SER A 1 0.95 -24.20 -24.67
CA SER A 1 1.02 -22.72 -24.59
C SER A 1 -0.03 -22.10 -25.49
N ASN A 2 -0.22 -20.80 -25.39
CA ASN A 2 -1.22 -20.08 -26.18
C ASN A 2 -0.69 -18.67 -26.34
N ALA A 3 -1.30 -17.90 -27.23
CA ALA A 3 -0.92 -16.52 -27.46
C ALA A 3 -2.16 -15.85 -28.04
N ALA A 4 -2.30 -14.55 -27.82
CA ALA A 4 -3.41 -13.76 -28.34
C ALA A 4 -4.80 -14.34 -28.02
N SER A 5 -4.94 -14.96 -26.87
CA SER A 5 -6.21 -15.55 -26.45
C SER A 5 -6.29 -15.57 -24.93
N GLY A 6 -7.51 -15.51 -24.42
CA GLY A 6 -7.76 -15.55 -22.99
C GLY A 6 -9.24 -15.80 -22.86
N THR A 7 -9.72 -16.11 -21.66
CA THR A 7 -11.13 -16.41 -21.44
C THR A 7 -11.57 -15.85 -20.10
N PHE A 8 -12.88 -15.67 -19.93
CA PHE A 8 -13.46 -15.17 -18.68
C PHE A 8 -12.83 -13.83 -18.27
N ILE A 9 -12.56 -13.65 -17.00
CA ILE A 9 -11.95 -12.43 -16.50
C ILE A 9 -10.44 -12.60 -16.59
N SER A 10 -9.82 -11.98 -17.58
CA SER A 10 -8.36 -12.05 -17.76
C SER A 10 -7.77 -10.65 -17.65
N ASP A 11 -8.18 -9.77 -18.55
CA ASP A 11 -7.64 -8.41 -18.65
C ASP A 11 -7.64 -7.65 -17.33
N ALA A 12 -8.68 -7.83 -16.53
CA ALA A 12 -8.77 -7.11 -15.26
C ALA A 12 -7.66 -7.59 -14.31
N ASP A 13 -7.43 -8.89 -14.25
CA ASP A 13 -6.43 -9.47 -13.36
C ASP A 13 -5.04 -9.11 -13.87
N ASP A 14 -4.86 -9.18 -15.18
CA ASP A 14 -3.58 -8.85 -15.80
C ASP A 14 -3.17 -7.44 -15.39
N VAL A 15 -4.12 -6.51 -15.41
CA VAL A 15 -3.86 -5.13 -15.02
C VAL A 15 -3.62 -4.99 -13.52
N VAL A 16 -4.38 -5.70 -12.69
CA VAL A 16 -4.19 -5.62 -11.24
C VAL A 16 -2.83 -6.19 -10.87
N SER A 17 -2.47 -7.33 -11.44
CA SER A 17 -1.19 -7.97 -11.14
C SER A 17 -0.06 -7.08 -11.63
N ALA A 18 -0.20 -6.51 -12.81
CA ALA A 18 0.80 -5.60 -13.36
C ALA A 18 0.92 -4.35 -12.47
N MET A 19 -0.18 -3.91 -11.87
CA MET A 19 -0.16 -2.76 -10.98
C MET A 19 0.69 -3.08 -9.75
N ILE A 20 0.47 -4.23 -9.14
CA ILE A 20 1.27 -4.67 -7.99
C ILE A 20 2.75 -4.68 -8.38
N VAL A 21 3.04 -5.23 -9.55
CA VAL A 21 4.42 -5.32 -10.02
C VAL A 21 5.01 -3.92 -10.19
N LYS A 22 4.32 -3.03 -10.87
CA LYS A 22 4.85 -1.68 -11.09
C LYS A 22 5.02 -0.90 -9.81
N MET A 23 4.13 -1.12 -8.85
CA MET A 23 4.30 -0.51 -7.54
C MET A 23 5.61 -1.03 -6.92
N ASN A 24 5.86 -2.34 -7.01
CA ASN A 24 7.11 -2.90 -6.48
C ASN A 24 8.34 -2.32 -7.18
N GLU A 25 8.30 -2.21 -8.50
CA GLU A 25 9.44 -1.66 -9.25
C GLU A 25 9.71 -0.21 -8.85
N ALA A 26 8.67 0.58 -8.65
CA ALA A 26 8.84 1.96 -8.24
C ALA A 26 9.50 2.03 -6.85
N ALA A 27 9.18 1.08 -6.00
CA ALA A 27 9.77 1.04 -4.66
C ALA A 27 11.25 0.65 -4.75
N GLU A 28 11.58 -0.29 -5.63
CA GLU A 28 12.96 -0.73 -5.81
C GLU A 28 13.81 0.37 -6.43
N GLU A 29 13.27 1.05 -7.42
CA GLU A 29 14.01 2.11 -8.08
C GLU A 29 14.33 3.24 -7.11
N ASP A 30 13.41 3.56 -6.20
CA ASP A 30 13.64 4.59 -5.21
C ASP A 30 14.87 4.25 -4.35
N ARG A 31 15.09 2.97 -4.08
CA ARG A 31 16.25 2.54 -3.30
C ARG A 31 17.53 2.79 -4.08
N GLN A 32 17.47 2.64 -5.39
CA GLN A 32 18.66 2.78 -6.23
C GLN A 32 18.98 4.24 -6.33
N LEU A 33 17.96 5.04 -6.49
CA LEU A 33 18.12 6.49 -6.58
C LEU A 33 18.77 6.99 -5.29
N ASN A 34 18.25 6.55 -4.16
CA ASN A 34 18.83 6.87 -2.88
C ASN A 34 20.27 6.40 -2.70
N ASN A 35 20.64 5.32 -3.38
CA ASN A 35 22.00 4.77 -3.28
C ASN A 35 22.98 5.77 -3.87
N GLN A 36 22.51 6.50 -4.87
CA GLN A 36 23.33 7.50 -5.55
C GLN A 36 23.07 8.88 -4.96
N LYS A 37 22.30 8.91 -3.86
CA LYS A 37 21.90 10.13 -3.15
C LYS A 37 21.14 11.10 -4.07
N LYS A 38 20.39 10.54 -5.00
CA LYS A 38 19.58 11.31 -5.93
C LYS A 38 18.17 11.31 -5.36
N PRO A 39 17.38 12.35 -5.65
CA PRO A 39 16.00 12.31 -5.15
C PRO A 39 15.27 11.09 -5.69
N ALA A 40 14.54 10.43 -4.82
CA ALA A 40 13.81 9.23 -5.19
C ALA A 40 12.32 9.55 -5.07
N LEU A 41 11.64 9.53 -6.21
CA LEU A 41 10.24 9.96 -6.28
C LEU A 41 9.45 9.12 -7.27
N LYS A 42 9.85 7.87 -7.48
CA LYS A 42 9.19 7.01 -8.44
C LYS A 42 7.77 6.71 -8.01
N LYS A 43 7.57 6.55 -6.71
CA LYS A 43 6.24 6.34 -6.16
C LYS A 43 5.36 7.57 -6.40
N LEU A 44 5.98 8.75 -6.44
CA LEU A 44 5.26 10.02 -6.62
C LEU A 44 4.76 10.18 -8.05
N THR A 45 5.59 9.86 -9.03
CA THR A 45 5.19 10.00 -10.43
C THR A 45 4.14 8.95 -10.79
N LEU A 46 4.12 7.87 -10.04
CA LEU A 46 3.14 6.80 -10.24
C LEU A 46 1.87 7.07 -9.44
N LEU A 47 1.92 8.02 -8.53
CA LEU A 47 0.79 8.29 -7.63
C LEU A 47 -0.55 8.48 -8.38
N PRO A 48 -0.63 9.37 -9.39
CA PRO A 48 -1.95 9.51 -10.01
C PRO A 48 -2.33 8.30 -10.87
N ALA A 49 -1.33 7.56 -11.31
CA ALA A 49 -1.52 6.41 -12.15
C ALA A 49 -2.08 5.23 -11.32
N VAL A 50 -1.52 5.02 -10.13
CA VAL A 50 -1.97 3.91 -9.30
C VAL A 50 -3.31 4.18 -8.66
N VAL A 51 -3.56 5.39 -8.18
CA VAL A 51 -4.83 5.65 -7.46
C VAL A 51 -6.04 5.35 -8.30
N MET A 52 -5.98 5.75 -9.56
CA MET A 52 -7.04 5.47 -10.53
C MET A 52 -7.38 3.97 -10.56
N HIS A 53 -6.36 3.14 -10.45
CA HIS A 53 -6.56 1.69 -10.41
C HIS A 53 -6.93 1.21 -9.01
N LEU A 54 -6.26 1.74 -7.99
CA LEU A 54 -6.45 1.29 -6.60
C LEU A 54 -7.88 1.57 -6.12
N LYS A 55 -8.50 2.61 -6.67
CA LYS A 55 -9.87 3.01 -6.31
C LYS A 55 -10.95 2.08 -6.84
N LYS A 56 -10.63 1.20 -7.76
CA LYS A 56 -11.65 0.33 -8.36
C LYS A 56 -12.16 -0.64 -7.30
N GLN A 57 -13.40 -0.44 -6.89
CA GLN A 57 -14.03 -1.24 -5.84
C GLN A 57 -14.23 -2.71 -6.22
N ASP A 58 -14.50 -2.96 -7.49
CA ASP A 58 -14.88 -4.28 -7.96
C ASP A 58 -13.74 -5.29 -7.92
N LEU A 59 -12.52 -4.86 -8.19
CA LEU A 59 -11.39 -5.75 -8.21
C LEU A 59 -10.69 -5.72 -6.88
N LYS A 60 -11.35 -5.24 -5.83
CA LYS A 60 -10.68 -5.14 -4.54
C LYS A 60 -10.28 -6.52 -4.07
N GLU A 61 -11.08 -7.54 -4.36
CA GLU A 61 -10.74 -8.91 -3.98
C GLU A 61 -9.48 -9.37 -4.73
N THR A 62 -9.38 -9.03 -6.01
CA THR A 62 -8.21 -9.37 -6.81
C THR A 62 -6.99 -8.64 -6.27
N PHE A 63 -7.16 -7.37 -5.91
CA PHE A 63 -6.08 -6.57 -5.35
C PHE A 63 -5.57 -7.17 -4.05
N ILE A 64 -6.47 -7.70 -3.24
CA ILE A 64 -6.10 -8.32 -1.97
C ILE A 64 -5.31 -9.59 -2.22
N ASP A 65 -5.80 -10.45 -3.11
CA ASP A 65 -5.14 -11.73 -3.38
C ASP A 65 -3.78 -11.58 -4.07
N SER A 66 -3.69 -10.61 -4.98
CA SER A 66 -2.45 -10.32 -5.71
C SER A 66 -1.42 -9.64 -4.82
N GLY A 67 -1.80 -9.32 -3.59
CA GLY A 67 -0.86 -8.77 -2.64
C GLY A 67 -0.62 -7.27 -2.71
N VAL A 68 -1.63 -6.48 -3.08
CA VAL A 68 -1.48 -5.02 -3.09
C VAL A 68 -1.05 -4.53 -1.73
N MET A 69 -1.47 -5.24 -0.68
CA MET A 69 -1.12 -4.86 0.69
C MET A 69 0.39 -4.85 0.89
N SER A 70 1.10 -5.73 0.18
CA SER A 70 2.54 -5.82 0.29
C SER A 70 3.18 -4.70 -0.50
N ALA A 71 2.60 -4.38 -1.65
CA ALA A 71 3.13 -3.32 -2.49
C ALA A 71 2.90 -1.95 -1.81
N ILE A 72 1.76 -1.76 -1.17
CA ILE A 72 1.47 -0.54 -0.43
C ILE A 72 2.44 -0.47 0.76
N LYS A 73 2.69 -1.60 1.42
CA LYS A 73 3.64 -1.64 2.54
C LYS A 73 5.03 -1.15 2.10
N GLU A 74 5.48 -1.54 0.93
CA GLU A 74 6.77 -1.08 0.43
C GLU A 74 6.76 0.42 0.13
N TRP A 75 5.61 0.95 -0.25
CA TRP A 75 5.51 2.37 -0.51
C TRP A 75 5.54 3.18 0.78
N LEU A 76 4.97 2.62 1.84
CA LEU A 76 4.98 3.24 3.16
C LEU A 76 6.38 3.24 3.74
N SER A 77 7.19 2.28 3.33
CA SER A 77 8.55 2.14 3.82
C SER A 77 9.49 3.18 3.20
N PRO A 78 10.12 4.04 4.02
CA PRO A 78 11.06 5.01 3.46
C PRO A 78 12.45 4.44 3.20
N LEU A 79 13.28 5.23 2.54
CA LEU A 79 14.63 4.85 2.19
C LEU A 79 15.56 4.99 3.41
N PRO A 80 16.80 4.43 3.36
CA PRO A 80 17.71 4.58 4.51
C PRO A 80 18.18 6.02 4.78
N ASP A 81 17.76 6.95 3.93
CA ASP A 81 17.98 8.39 4.11
C ASP A 81 17.13 8.90 5.28
N ARG A 82 16.18 8.06 5.70
CA ARG A 82 15.28 8.28 6.86
C ARG A 82 14.27 9.40 6.70
N SER A 83 14.27 10.07 5.57
CA SER A 83 13.27 11.08 5.30
C SER A 83 12.09 10.31 4.76
N LEU A 84 10.95 10.96 4.77
CA LEU A 84 9.73 10.35 4.26
C LEU A 84 9.25 11.09 2.98
N PRO A 85 9.96 10.94 1.84
CA PRO A 85 9.42 11.64 0.67
C PRO A 85 8.11 11.00 0.19
N ALA A 86 7.88 9.79 0.67
CA ALA A 86 6.68 9.05 0.36
C ALA A 86 5.46 9.65 1.06
N LEU A 87 5.67 10.63 1.93
CA LEU A 87 4.59 11.27 2.69
C LEU A 87 3.42 11.67 1.80
N LYS A 88 3.71 12.33 0.69
CA LYS A 88 2.65 12.83 -0.19
C LYS A 88 1.82 11.74 -0.81
N ILE A 89 2.43 10.59 -1.03
CA ILE A 89 1.72 9.46 -1.61
C ILE A 89 0.87 8.78 -0.56
N ARG A 90 1.40 8.69 0.66
CA ARG A 90 0.70 8.01 1.75
C ARG A 90 -0.59 8.73 2.12
N GLU A 91 -0.66 10.03 1.86
CA GLU A 91 -1.87 10.82 2.11
C GLU A 91 -3.04 10.15 1.37
N GLU A 92 -2.80 9.65 0.17
CA GLU A 92 -3.79 8.89 -0.58
C GLU A 92 -3.87 7.42 -0.15
N LEU A 93 -2.72 6.76 -0.03
CA LEU A 93 -2.69 5.33 0.29
C LEU A 93 -3.39 4.93 1.57
N LEU A 94 -3.34 5.77 2.60
CA LEU A 94 -4.01 5.46 3.87
C LEU A 94 -5.47 5.28 3.64
N LYS A 95 -5.96 6.14 2.77
CA LYS A 95 -7.40 6.16 2.44
C LYS A 95 -7.79 4.91 1.68
N ILE A 96 -6.95 4.52 0.72
CA ILE A 96 -7.21 3.33 -0.10
C ILE A 96 -7.28 2.07 0.77
N LEU A 97 -6.45 2.02 1.79
CA LEU A 97 -6.46 0.89 2.73
C LEU A 97 -7.80 0.74 3.47
N GLN A 98 -8.54 1.84 3.63
CA GLN A 98 -9.83 1.80 4.34
C GLN A 98 -10.97 1.43 3.37
N GLU A 99 -10.67 1.42 2.08
CA GLU A 99 -11.65 1.04 1.06
C GLU A 99 -11.74 -0.48 0.89
N LEU A 100 -10.90 -1.22 1.60
CA LEU A 100 -10.91 -2.66 1.49
C LEU A 100 -12.16 -3.24 2.18
N PRO A 101 -12.79 -4.27 1.59
CA PRO A 101 -14.03 -4.83 2.13
C PRO A 101 -13.86 -5.61 3.43
N SER A 102 -13.23 -6.76 3.33
CA SER A 102 -12.99 -7.63 4.48
C SER A 102 -11.69 -8.39 4.35
N VAL A 103 -10.62 -7.64 4.15
CA VAL A 103 -9.29 -8.25 4.03
C VAL A 103 -8.96 -8.91 5.38
N SER A 104 -8.49 -10.14 5.34
CA SER A 104 -8.21 -10.88 6.55
C SER A 104 -6.97 -10.36 7.26
N GLN A 105 -6.91 -10.57 8.55
CA GLN A 105 -5.76 -10.16 9.34
C GLN A 105 -4.54 -10.93 8.87
N GLU A 106 -4.76 -12.12 8.31
CA GLU A 106 -3.68 -12.91 7.75
C GLU A 106 -2.96 -12.16 6.64
N THR A 107 -3.70 -11.50 5.76
CA THR A 107 -3.07 -10.76 4.67
C THR A 107 -2.31 -9.57 5.26
N LEU A 108 -2.91 -8.86 6.21
CA LEU A 108 -2.27 -7.72 6.84
C LEU A 108 -0.99 -8.12 7.59
N LYS A 109 -1.04 -9.30 8.20
CA LYS A 109 0.08 -9.89 8.92
C LYS A 109 1.21 -10.30 7.97
N HIS A 110 0.85 -10.98 6.90
CA HIS A 110 1.83 -11.49 5.93
C HIS A 110 2.49 -10.37 5.13
N SER A 111 1.69 -9.39 4.70
CA SER A 111 2.23 -8.26 3.95
C SER A 111 3.03 -7.33 4.85
N GLY A 112 2.70 -7.34 6.13
CA GLY A 112 3.36 -6.47 7.08
C GLY A 112 2.80 -5.05 7.03
N ILE A 113 1.70 -4.86 6.31
CA ILE A 113 1.09 -3.54 6.18
C ILE A 113 0.65 -2.99 7.54
N GLY A 114 0.18 -3.86 8.43
CA GLY A 114 -0.22 -3.41 9.75
C GLY A 114 0.96 -2.80 10.48
N ARG A 115 2.12 -3.44 10.37
CA ARG A 115 3.32 -2.95 11.02
C ARG A 115 3.82 -1.67 10.34
N ALA A 116 3.63 -1.56 9.04
CA ALA A 116 4.03 -0.37 8.31
C ALA A 116 3.20 0.84 8.76
N VAL A 117 1.90 0.64 8.92
CA VAL A 117 1.02 1.71 9.42
C VAL A 117 1.42 2.03 10.85
N MET A 118 1.66 1.01 11.66
CA MET A 118 2.05 1.22 13.05
C MET A 118 3.34 2.02 13.17
N TYR A 119 4.31 1.76 12.29
CA TYR A 119 5.58 2.49 12.30
C TYR A 119 5.32 3.98 12.12
N LEU A 120 4.48 4.32 11.16
CA LEU A 120 4.19 5.71 10.85
C LEU A 120 3.31 6.34 11.93
N TYR A 121 2.44 5.54 12.52
CA TYR A 121 1.57 6.00 13.60
C TYR A 121 2.37 6.41 14.84
N LYS A 122 3.56 5.86 14.98
CA LYS A 122 4.46 6.23 16.09
C LYS A 122 5.53 7.22 15.65
N HIS A 123 5.48 7.64 14.39
CA HIS A 123 6.53 8.50 13.85
C HIS A 123 6.27 9.97 14.25
N PRO A 124 7.29 10.66 14.79
CA PRO A 124 7.07 12.04 15.23
C PRO A 124 6.97 13.06 14.10
N LYS A 125 7.23 12.65 12.86
CA LYS A 125 7.12 13.56 11.71
C LYS A 125 5.83 13.33 10.93
N GLU A 126 4.99 12.41 11.39
CA GLU A 126 3.74 12.11 10.69
C GLU A 126 2.74 13.26 10.81
N SER A 127 2.11 13.62 9.70
CA SER A 127 1.11 14.69 9.68
C SER A 127 -0.08 14.29 10.55
N ARG A 128 -0.67 15.23 11.28
CA ARG A 128 -1.78 14.90 12.19
C ARG A 128 -2.92 14.18 11.48
N SER A 129 -3.30 14.64 10.30
CA SER A 129 -4.39 13.99 9.54
C SER A 129 -4.02 12.56 9.16
N ASN A 130 -2.80 12.35 8.72
CA ASN A 130 -2.36 11.01 8.32
C ASN A 130 -2.32 10.10 9.54
N LYS A 131 -1.89 10.64 10.67
CA LYS A 131 -1.82 9.89 11.91
C LYS A 131 -3.21 9.46 12.33
N ASP A 132 -4.19 10.31 12.11
CA ASP A 132 -5.57 9.98 12.46
C ASP A 132 -6.04 8.78 11.63
N MET A 133 -5.81 8.81 10.33
CA MET A 133 -6.25 7.71 9.47
C MET A 133 -5.46 6.44 9.77
N ALA A 134 -4.19 6.61 10.13
CA ALA A 134 -3.37 5.47 10.53
C ALA A 134 -4.00 4.84 11.79
N GLY A 135 -4.49 5.69 12.67
CA GLY A 135 -5.17 5.23 13.88
C GLY A 135 -6.46 4.52 13.55
N LYS A 136 -7.19 4.97 12.53
CA LYS A 136 -8.42 4.30 12.11
C LYS A 136 -8.09 2.90 11.63
N LEU A 137 -7.06 2.78 10.80
CA LEU A 137 -6.67 1.48 10.28
C LEU A 137 -6.34 0.49 11.37
N ILE A 138 -5.57 0.94 12.35
CA ILE A 138 -5.24 0.09 13.51
C ILE A 138 -6.53 -0.33 14.25
N ASN A 139 -7.55 0.51 14.23
CA ASN A 139 -8.83 0.18 14.88
C ASN A 139 -9.71 -0.78 14.05
N GLU A 140 -9.88 -0.47 12.77
CA GLU A 140 -10.78 -1.24 11.89
C GLU A 140 -10.22 -2.59 11.46
N TRP A 141 -8.90 -2.71 11.37
CA TRP A 141 -8.26 -3.99 11.00
C TRP A 141 -8.18 -4.93 12.22
N SER A 142 -9.30 -5.06 12.93
CA SER A 142 -9.44 -5.92 14.13
C SER A 142 -8.47 -5.56 15.27
N ARG A 143 -8.70 -4.40 15.88
CA ARG A 143 -7.90 -3.95 17.01
C ARG A 143 -7.90 -4.95 18.17
N PRO A 144 -6.71 -5.36 18.66
CA PRO A 144 -6.75 -6.26 19.81
C PRO A 144 -7.25 -5.57 21.09
N ILE A 145 -7.91 -6.33 21.94
CA ILE A 145 -8.47 -5.81 23.19
C ILE A 145 -7.50 -6.20 24.31
N PHE A 146 -7.01 -5.20 25.04
CA PHE A 146 -6.05 -5.41 26.14
C PHE A 146 -4.82 -6.23 25.74
N GLY A 147 -4.33 -6.00 24.53
CA GLY A 147 -3.12 -6.68 24.07
C GLY A 147 -1.90 -6.21 24.85
N LEU A 148 -2.05 -5.04 25.48
CA LEU A 148 -1.05 -4.45 26.36
C LEU A 148 -1.89 -3.78 27.43
N GLY A 149 -1.47 -3.84 28.67
CA GLY A 149 -2.21 -3.23 29.76
C GLY A 149 -2.07 -4.12 30.99
N SER A 150 -2.79 -3.75 32.06
CA SER A 150 -2.75 -4.47 33.34
C SER A 150 -1.32 -4.52 33.89
N SER A 1 -1.87 -21.34 -23.14
CA SER A 1 -0.72 -21.97 -23.86
C SER A 1 0.50 -22.04 -22.96
N ASN A 2 0.87 -20.90 -22.38
CA ASN A 2 1.99 -20.80 -21.47
C ASN A 2 1.51 -19.75 -20.50
N ALA A 3 2.12 -19.67 -19.33
CA ALA A 3 1.71 -18.73 -18.27
C ALA A 3 0.24 -18.97 -17.91
N ALA A 4 -0.42 -17.96 -17.35
CA ALA A 4 -1.82 -18.08 -16.99
C ALA A 4 -2.66 -18.15 -18.27
N SER A 5 -3.74 -18.91 -18.23
CA SER A 5 -4.64 -19.03 -19.37
C SER A 5 -6.02 -19.39 -18.82
N GLY A 6 -7.07 -18.96 -19.51
CA GLY A 6 -8.42 -19.30 -19.09
C GLY A 6 -9.03 -18.35 -18.07
N THR A 7 -8.31 -17.30 -17.70
CA THR A 7 -8.83 -16.32 -16.76
C THR A 7 -10.05 -15.64 -17.37
N PHE A 8 -11.18 -15.71 -16.70
CA PHE A 8 -12.43 -15.15 -17.22
C PHE A 8 -12.45 -13.62 -17.23
N ILE A 9 -11.67 -13.03 -16.34
CA ILE A 9 -11.59 -11.56 -16.20
C ILE A 9 -10.17 -11.16 -16.60
N SER A 10 -9.68 -11.74 -17.69
CA SER A 10 -8.29 -11.56 -18.09
C SER A 10 -7.86 -10.11 -18.29
N ASP A 11 -8.72 -9.30 -18.89
CA ASP A 11 -8.41 -7.89 -19.14
C ASP A 11 -8.06 -7.14 -17.86
N ALA A 12 -8.89 -7.30 -16.84
CA ALA A 12 -8.66 -6.61 -15.58
C ALA A 12 -7.56 -7.29 -14.76
N ASP A 13 -7.50 -8.61 -14.87
CA ASP A 13 -6.53 -9.40 -14.09
C ASP A 13 -5.10 -8.99 -14.42
N ASP A 14 -4.84 -8.82 -15.70
CA ASP A 14 -3.50 -8.41 -16.16
C ASP A 14 -3.19 -7.03 -15.61
N VAL A 15 -4.16 -6.12 -15.66
CA VAL A 15 -3.95 -4.75 -15.18
C VAL A 15 -3.68 -4.72 -13.67
N VAL A 16 -4.40 -5.53 -12.90
CA VAL A 16 -4.18 -5.56 -11.45
C VAL A 16 -2.78 -6.12 -11.19
N SER A 17 -2.44 -7.20 -11.87
CA SER A 17 -1.12 -7.82 -11.68
C SER A 17 0.00 -6.86 -12.09
N ALA A 18 -0.22 -6.16 -13.20
CA ALA A 18 0.74 -5.19 -13.69
C ALA A 18 0.88 -4.05 -12.67
N MET A 19 -0.22 -3.67 -12.05
CA MET A 19 -0.17 -2.59 -11.07
C MET A 19 0.69 -3.00 -9.86
N ILE A 20 0.49 -4.19 -9.31
CA ILE A 20 1.30 -4.64 -8.18
C ILE A 20 2.77 -4.71 -8.56
N VAL A 21 3.11 -5.33 -9.68
CA VAL A 21 4.50 -5.47 -10.03
C VAL A 21 5.13 -4.09 -10.29
N LYS A 22 4.43 -3.19 -10.95
CA LYS A 22 5.03 -1.87 -11.23
C LYS A 22 5.16 -1.03 -9.98
N MET A 23 4.22 -1.16 -9.05
CA MET A 23 4.38 -0.51 -7.75
C MET A 23 5.67 -1.04 -7.12
N ASN A 24 5.91 -2.34 -7.17
CA ASN A 24 7.12 -2.92 -6.61
C ASN A 24 8.39 -2.38 -7.26
N GLU A 25 8.42 -2.33 -8.58
CA GLU A 25 9.60 -1.84 -9.28
C GLU A 25 9.88 -0.40 -8.90
N ALA A 26 8.84 0.42 -8.83
CA ALA A 26 8.98 1.83 -8.47
C ALA A 26 9.50 1.97 -7.04
N ALA A 27 9.09 1.07 -6.17
CA ALA A 27 9.52 1.12 -4.79
C ALA A 27 11.02 0.88 -4.70
N GLU A 28 11.49 -0.15 -5.38
CA GLU A 28 12.91 -0.50 -5.36
C GLU A 28 13.75 0.51 -6.09
N GLU A 29 13.21 1.04 -7.18
CA GLU A 29 13.92 2.05 -7.94
C GLU A 29 14.26 3.23 -7.06
N ASP A 30 13.29 3.72 -6.29
CA ASP A 30 13.52 4.84 -5.41
C ASP A 30 14.60 4.53 -4.39
N ARG A 31 14.69 3.29 -3.93
CA ARG A 31 15.73 2.89 -2.99
C ARG A 31 17.10 2.93 -3.66
N GLN A 32 17.16 2.56 -4.94
CA GLN A 32 18.43 2.51 -5.67
C GLN A 32 18.86 3.93 -5.99
N LEU A 33 17.91 4.75 -6.36
CA LEU A 33 18.18 6.15 -6.69
C LEU A 33 18.74 6.82 -5.45
N ASN A 34 18.11 6.60 -4.31
CA ASN A 34 18.59 7.10 -3.04
C ASN A 34 19.97 6.54 -2.66
N ASN A 35 20.25 5.32 -3.08
CA ASN A 35 21.51 4.64 -2.76
C ASN A 35 22.64 5.35 -3.49
N GLN A 36 22.30 5.97 -4.60
CA GLN A 36 23.24 6.71 -5.41
C GLN A 36 23.07 8.23 -5.26
N LYS A 37 22.27 8.63 -4.27
CA LYS A 37 22.01 10.05 -3.95
C LYS A 37 21.46 10.82 -5.15
N LYS A 38 20.60 10.16 -5.91
CA LYS A 38 19.91 10.78 -7.04
C LYS A 38 18.48 11.00 -6.57
N PRO A 39 17.78 12.00 -7.12
CA PRO A 39 16.39 12.18 -6.70
C PRO A 39 15.57 10.93 -6.97
N ALA A 40 14.70 10.57 -6.04
CA ALA A 40 13.87 9.39 -6.17
C ALA A 40 12.41 9.80 -6.05
N LEU A 41 11.67 9.59 -7.13
CA LEU A 41 10.27 10.03 -7.21
C LEU A 41 9.38 9.03 -7.95
N LYS A 42 9.81 7.79 -8.10
CA LYS A 42 9.03 6.81 -8.84
C LYS A 42 7.73 6.50 -8.13
N LYS A 43 7.74 6.36 -6.82
CA LYS A 43 6.48 6.16 -6.08
C LYS A 43 5.63 7.41 -6.21
N LEU A 44 6.25 8.58 -6.19
CA LEU A 44 5.51 9.85 -6.23
C LEU A 44 4.80 10.06 -7.57
N THR A 45 5.51 9.84 -8.67
CA THR A 45 4.92 10.03 -10.00
C THR A 45 3.87 8.98 -10.29
N LEU A 46 4.01 7.82 -9.66
CA LEU A 46 3.14 6.70 -9.91
C LEU A 46 1.93 6.76 -8.98
N LEU A 47 2.02 7.56 -7.94
CA LEU A 47 0.94 7.68 -6.95
C LEU A 47 -0.45 8.03 -7.52
N PRO A 48 -0.58 9.09 -8.34
CA PRO A 48 -1.96 9.31 -8.80
C PRO A 48 -2.39 8.25 -9.81
N ALA A 49 -1.42 7.60 -10.44
CA ALA A 49 -1.69 6.57 -11.41
C ALA A 49 -2.19 5.32 -10.71
N VAL A 50 -1.60 4.97 -9.56
CA VAL A 50 -2.06 3.80 -8.83
C VAL A 50 -3.42 4.09 -8.23
N VAL A 51 -3.63 5.27 -7.68
CA VAL A 51 -4.90 5.61 -7.01
C VAL A 51 -6.09 5.36 -7.92
N MET A 52 -5.98 5.76 -9.18
CA MET A 52 -7.05 5.53 -10.15
C MET A 52 -7.38 4.04 -10.26
N HIS A 53 -6.36 3.20 -10.21
CA HIS A 53 -6.55 1.75 -10.27
C HIS A 53 -6.94 1.13 -8.94
N LEU A 54 -6.36 1.63 -7.85
CA LEU A 54 -6.56 1.03 -6.53
C LEU A 54 -7.99 1.21 -6.05
N LYS A 55 -8.62 2.28 -6.52
CA LYS A 55 -10.00 2.56 -6.16
C LYS A 55 -11.02 1.85 -7.03
N LYS A 56 -10.57 1.00 -7.94
CA LYS A 56 -11.48 0.13 -8.70
C LYS A 56 -11.84 -1.03 -7.77
N GLN A 57 -12.68 -0.72 -6.80
CA GLN A 57 -13.08 -1.64 -5.73
C GLN A 57 -13.69 -2.94 -6.21
N ASP A 58 -14.19 -2.99 -7.44
CA ASP A 58 -14.82 -4.21 -7.95
C ASP A 58 -13.85 -5.40 -8.03
N LEU A 59 -12.58 -5.16 -8.38
CA LEU A 59 -11.58 -6.21 -8.51
C LEU A 59 -10.96 -6.49 -7.16
N LYS A 60 -11.76 -6.35 -6.11
CA LYS A 60 -11.28 -6.46 -4.75
C LYS A 60 -10.51 -7.73 -4.46
N GLU A 61 -11.05 -8.88 -4.86
CA GLU A 61 -10.40 -10.13 -4.54
C GLU A 61 -9.05 -10.23 -5.24
N THR A 62 -8.97 -9.77 -6.48
CA THR A 62 -7.72 -9.84 -7.22
C THR A 62 -6.67 -8.94 -6.60
N PHE A 63 -7.06 -7.72 -6.21
CA PHE A 63 -6.11 -6.81 -5.61
C PHE A 63 -5.58 -7.36 -4.29
N ILE A 64 -6.47 -7.93 -3.50
CA ILE A 64 -6.11 -8.46 -2.19
C ILE A 64 -5.20 -9.69 -2.36
N ASP A 65 -5.54 -10.58 -3.29
CA ASP A 65 -4.75 -11.81 -3.51
C ASP A 65 -3.40 -11.54 -4.20
N SER A 66 -3.38 -10.58 -5.12
CA SER A 66 -2.15 -10.22 -5.85
C SER A 66 -1.14 -9.57 -4.90
N GLY A 67 -1.57 -9.29 -3.68
CA GLY A 67 -0.66 -8.75 -2.69
C GLY A 67 -0.47 -7.25 -2.77
N VAL A 68 -1.50 -6.51 -3.17
CA VAL A 68 -1.40 -5.06 -3.23
C VAL A 68 -1.02 -4.52 -1.85
N MET A 69 -1.49 -5.19 -0.81
CA MET A 69 -1.20 -4.78 0.56
C MET A 69 0.31 -4.79 0.83
N SER A 70 1.03 -5.69 0.16
CA SER A 70 2.47 -5.80 0.33
C SER A 70 3.15 -4.69 -0.46
N ALA A 71 2.64 -4.39 -1.63
CA ALA A 71 3.22 -3.34 -2.45
C ALA A 71 2.98 -1.96 -1.78
N ILE A 72 1.81 -1.77 -1.18
CA ILE A 72 1.50 -0.54 -0.46
C ILE A 72 2.43 -0.45 0.76
N LYS A 73 2.66 -1.56 1.41
CA LYS A 73 3.55 -1.60 2.58
C LYS A 73 4.96 -1.12 2.21
N GLU A 74 5.47 -1.53 1.07
CA GLU A 74 6.80 -1.08 0.65
C GLU A 74 6.77 0.38 0.24
N TRP A 75 5.65 0.86 -0.26
CA TRP A 75 5.54 2.26 -0.62
C TRP A 75 5.59 3.16 0.61
N LEU A 76 5.00 2.71 1.71
CA LEU A 76 5.01 3.44 2.97
C LEU A 76 6.40 3.45 3.60
N SER A 77 7.20 2.44 3.27
CA SER A 77 8.55 2.34 3.80
C SER A 77 9.42 3.47 3.22
N PRO A 78 10.10 4.24 4.09
CA PRO A 78 10.97 5.31 3.60
C PRO A 78 12.29 4.81 3.04
N LEU A 79 13.07 5.75 2.53
CA LEU A 79 14.32 5.46 1.84
C LEU A 79 15.51 5.56 2.81
N PRO A 80 16.70 5.06 2.42
CA PRO A 80 17.91 5.17 3.28
C PRO A 80 18.32 6.59 3.72
N ASP A 81 17.69 7.61 3.16
CA ASP A 81 17.95 9.01 3.55
C ASP A 81 17.31 9.36 4.90
N ARG A 82 16.60 8.39 5.48
CA ARG A 82 15.99 8.49 6.82
C ARG A 82 14.98 9.62 6.90
N SER A 83 14.42 9.97 5.75
CA SER A 83 13.42 11.00 5.63
C SER A 83 12.21 10.26 5.10
N LEU A 84 11.04 10.88 5.12
CA LEU A 84 9.84 10.21 4.62
C LEU A 84 9.32 10.85 3.33
N PRO A 85 9.94 10.56 2.17
CA PRO A 85 9.30 11.13 0.97
C PRO A 85 7.96 10.44 0.71
N ALA A 86 7.80 9.27 1.31
CA ALA A 86 6.58 8.49 1.24
C ALA A 86 5.43 9.17 1.99
N LEU A 87 5.71 10.23 2.73
CA LEU A 87 4.68 10.91 3.51
C LEU A 87 3.53 11.36 2.61
N LYS A 88 3.84 12.00 1.49
CA LYS A 88 2.80 12.46 0.57
C LYS A 88 2.04 11.34 -0.09
N ILE A 89 2.73 10.26 -0.39
CA ILE A 89 2.13 9.13 -1.07
C ILE A 89 1.17 8.42 -0.12
N ARG A 90 1.58 8.28 1.13
CA ARG A 90 0.73 7.60 2.11
C ARG A 90 -0.55 8.36 2.39
N GLU A 91 -0.58 9.67 2.16
CA GLU A 91 -1.82 10.43 2.35
C GLU A 91 -2.94 9.81 1.53
N GLU A 92 -2.65 9.39 0.31
CA GLU A 92 -3.65 8.71 -0.50
C GLU A 92 -3.76 7.23 -0.18
N LEU A 93 -2.62 6.54 -0.19
CA LEU A 93 -2.63 5.09 -0.03
C LEU A 93 -3.21 4.58 1.27
N LEU A 94 -3.10 5.36 2.35
CA LEU A 94 -3.59 4.90 3.62
C LEU A 94 -5.12 4.90 3.64
N LYS A 95 -5.72 5.78 2.85
CA LYS A 95 -7.18 5.81 2.73
C LYS A 95 -7.70 4.59 2.02
N ILE A 96 -6.98 4.15 1.00
CA ILE A 96 -7.40 3.01 0.18
C ILE A 96 -7.59 1.75 1.02
N LEU A 97 -6.73 1.52 1.99
CA LEU A 97 -6.87 0.45 2.91
C LEU A 97 -8.18 0.41 3.69
N GLN A 98 -8.81 1.57 3.87
CA GLN A 98 -10.08 1.69 4.58
C GLN A 98 -11.25 1.42 3.62
N GLU A 99 -10.93 1.34 2.34
CA GLU A 99 -11.93 1.07 1.30
C GLU A 99 -12.04 -0.44 1.00
N LEU A 100 -11.14 -1.24 1.57
CA LEU A 100 -11.16 -2.67 1.34
C LEU A 100 -12.38 -3.33 1.99
N PRO A 101 -12.94 -4.36 1.34
CA PRO A 101 -14.14 -5.02 1.86
C PRO A 101 -13.92 -5.91 3.08
N SER A 102 -13.24 -7.01 2.85
CA SER A 102 -12.96 -7.98 3.90
C SER A 102 -11.62 -8.67 3.69
N VAL A 103 -10.59 -7.87 3.60
CA VAL A 103 -9.23 -8.40 3.50
C VAL A 103 -9.00 -9.19 4.78
N SER A 104 -8.46 -10.39 4.65
CA SER A 104 -8.27 -11.22 5.84
C SER A 104 -7.21 -10.56 6.71
N GLN A 105 -7.31 -10.75 8.02
CA GLN A 105 -6.33 -10.20 8.93
C GLN A 105 -4.99 -10.87 8.65
N GLU A 106 -5.04 -12.08 8.13
CA GLU A 106 -3.83 -12.80 7.75
C GLU A 106 -3.08 -12.09 6.63
N THR A 107 -3.79 -11.52 5.66
CA THR A 107 -3.13 -10.80 4.56
C THR A 107 -2.45 -9.57 5.14
N LEU A 108 -3.15 -8.88 6.03
CA LEU A 108 -2.59 -7.69 6.67
C LEU A 108 -1.36 -8.03 7.51
N LYS A 109 -1.41 -9.17 8.18
CA LYS A 109 -0.30 -9.66 9.02
C LYS A 109 0.91 -10.02 8.17
N HIS A 110 0.67 -10.77 7.10
CA HIS A 110 1.73 -11.26 6.23
C HIS A 110 2.37 -10.15 5.38
N SER A 111 1.56 -9.26 4.83
CA SER A 111 2.08 -8.14 4.06
C SER A 111 2.84 -7.20 4.98
N GLY A 112 2.37 -7.13 6.22
CA GLY A 112 2.99 -6.27 7.21
C GLY A 112 2.51 -4.85 7.07
N ILE A 113 1.43 -4.64 6.32
CA ILE A 113 0.89 -3.29 6.12
C ILE A 113 0.45 -2.66 7.45
N GLY A 114 -0.10 -3.46 8.36
CA GLY A 114 -0.49 -2.93 9.65
C GLY A 114 0.74 -2.42 10.39
N ARG A 115 1.83 -3.15 10.26
CA ARG A 115 3.09 -2.78 10.91
C ARG A 115 3.62 -1.48 10.32
N ALA A 116 3.44 -1.31 9.01
CA ALA A 116 3.88 -0.09 8.34
C ALA A 116 3.08 1.13 8.82
N VAL A 117 1.77 0.97 8.98
CA VAL A 117 0.94 2.07 9.50
C VAL A 117 1.39 2.39 10.90
N MET A 118 1.63 1.38 11.73
CA MET A 118 2.09 1.62 13.10
C MET A 118 3.45 2.30 13.12
N TYR A 119 4.36 1.93 12.22
CA TYR A 119 5.67 2.57 12.15
C TYR A 119 5.51 4.07 11.95
N LEU A 120 4.70 4.44 10.97
CA LEU A 120 4.51 5.84 10.63
C LEU A 120 3.69 6.56 11.69
N TYR A 121 2.76 5.86 12.32
CA TYR A 121 1.95 6.46 13.37
C TYR A 121 2.81 6.83 14.59
N LYS A 122 3.78 6.00 14.92
CA LYS A 122 4.67 6.29 16.05
C LYS A 122 5.78 7.27 15.66
N HIS A 123 5.82 7.60 14.39
CA HIS A 123 6.86 8.48 13.86
C HIS A 123 6.58 9.95 14.23
N PRO A 124 7.58 10.65 14.79
CA PRO A 124 7.33 12.04 15.21
C PRO A 124 7.22 13.06 14.08
N LYS A 125 7.45 12.64 12.84
CA LYS A 125 7.32 13.54 11.68
C LYS A 125 5.99 13.29 10.95
N GLU A 126 5.18 12.39 11.44
CA GLU A 126 3.88 12.10 10.84
C GLU A 126 2.96 13.33 10.86
N SER A 127 2.30 13.61 9.74
CA SER A 127 1.41 14.77 9.64
C SER A 127 0.13 14.50 10.41
N ARG A 128 -0.54 15.56 10.88
CA ARG A 128 -1.78 15.37 11.65
C ARG A 128 -2.86 14.66 10.86
N SER A 129 -2.95 14.93 9.57
CA SER A 129 -3.93 14.27 8.71
C SER A 129 -3.67 12.77 8.66
N ASN A 130 -2.42 12.40 8.45
CA ASN A 130 -2.07 10.98 8.39
C ASN A 130 -2.25 10.32 9.75
N LYS A 131 -1.96 11.05 10.83
CA LYS A 131 -2.12 10.52 12.19
C LYS A 131 -3.55 10.07 12.43
N ASP A 132 -4.50 10.88 11.99
CA ASP A 132 -5.92 10.59 12.19
C ASP A 132 -6.34 9.32 11.48
N MET A 133 -6.01 9.25 10.21
CA MET A 133 -6.40 8.09 9.40
C MET A 133 -5.63 6.84 9.82
N ALA A 134 -4.38 7.02 10.22
CA ALA A 134 -3.56 5.90 10.68
C ALA A 134 -4.14 5.34 11.97
N GLY A 135 -4.59 6.22 12.86
CA GLY A 135 -5.20 5.80 14.10
C GLY A 135 -6.46 5.01 13.81
N LYS A 136 -7.21 5.43 12.81
CA LYS A 136 -8.43 4.72 12.41
C LYS A 136 -8.08 3.35 11.86
N LEU A 137 -7.06 3.26 11.01
CA LEU A 137 -6.66 1.96 10.48
C LEU A 137 -6.24 1.01 11.58
N ILE A 138 -5.49 1.51 12.54
CA ILE A 138 -5.09 0.68 13.69
C ILE A 138 -6.35 0.23 14.44
N ASN A 139 -7.37 1.08 14.51
CA ASN A 139 -8.61 0.73 15.20
C ASN A 139 -9.45 -0.32 14.50
N GLU A 140 -9.57 -0.16 13.20
CA GLU A 140 -10.47 -0.97 12.40
C GLU A 140 -9.86 -2.31 12.00
N TRP A 141 -8.53 -2.37 11.96
CA TRP A 141 -7.82 -3.62 11.72
C TRP A 141 -7.69 -4.31 13.09
N SER A 142 -7.35 -5.60 13.11
CA SER A 142 -7.29 -6.36 14.37
C SER A 142 -6.28 -5.81 15.37
N ARG A 143 -6.70 -5.78 16.64
CA ARG A 143 -5.87 -5.29 17.75
C ARG A 143 -5.74 -6.32 18.88
N PRO A 144 -4.73 -7.19 18.82
CA PRO A 144 -4.56 -8.09 19.96
C PRO A 144 -4.25 -7.33 21.25
N ILE A 145 -4.60 -7.89 22.40
CA ILE A 145 -4.30 -7.25 23.67
C ILE A 145 -2.77 -7.24 23.84
N PHE A 146 -2.23 -6.15 24.38
CA PHE A 146 -0.78 -6.03 24.58
C PHE A 146 -0.44 -5.01 25.67
N GLY A 147 -1.13 -3.88 25.69
CA GLY A 147 -0.86 -2.85 26.68
C GLY A 147 0.29 -1.95 26.28
N LEU A 148 0.63 -1.96 25.00
CA LEU A 148 1.71 -1.12 24.47
C LEU A 148 1.32 0.36 24.62
N GLY A 149 2.30 1.19 24.98
CA GLY A 149 2.03 2.61 25.17
C GLY A 149 1.59 3.33 23.90
N SER A 150 0.76 4.34 24.10
CA SER A 150 0.19 5.14 23.02
C SER A 150 1.24 5.95 22.26
N SER A 1 1.43 -15.44 -25.31
CA SER A 1 1.21 -14.21 -24.51
C SER A 1 0.45 -14.55 -23.25
N ASN A 2 0.39 -13.62 -22.29
CA ASN A 2 -0.39 -13.87 -21.09
C ASN A 2 -1.86 -13.77 -21.47
N ALA A 3 -2.71 -14.51 -20.77
CA ALA A 3 -4.14 -14.45 -20.97
C ALA A 3 -4.82 -14.07 -19.65
N ALA A 4 -4.03 -14.06 -18.58
CA ALA A 4 -4.50 -13.80 -17.22
C ALA A 4 -5.60 -14.82 -16.88
N SER A 5 -6.54 -14.44 -16.02
CA SER A 5 -7.69 -15.29 -15.67
C SER A 5 -8.48 -15.71 -16.93
N GLY A 6 -8.41 -14.88 -17.96
CA GLY A 6 -9.08 -15.20 -19.21
C GLY A 6 -10.58 -15.02 -19.11
N THR A 7 -11.30 -15.94 -19.74
CA THR A 7 -12.76 -15.93 -19.80
C THR A 7 -13.32 -14.56 -20.21
N PHE A 8 -14.04 -13.89 -19.31
CA PHE A 8 -14.62 -12.58 -19.59
C PHE A 8 -13.79 -11.47 -18.96
N ILE A 9 -13.07 -11.80 -17.89
CA ILE A 9 -12.28 -10.82 -17.15
C ILE A 9 -10.79 -11.15 -17.29
N SER A 10 -10.21 -10.69 -18.39
CA SER A 10 -8.79 -10.93 -18.65
C SER A 10 -7.97 -9.64 -18.50
N ASP A 11 -8.38 -8.60 -19.22
CA ASP A 11 -7.66 -7.33 -19.21
C ASP A 11 -7.54 -6.73 -17.81
N ALA A 12 -8.63 -6.77 -17.05
CA ALA A 12 -8.62 -6.18 -15.71
C ALA A 12 -7.66 -6.94 -14.80
N ASP A 13 -7.63 -8.25 -14.95
CA ASP A 13 -6.80 -9.11 -14.10
C ASP A 13 -5.32 -8.84 -14.38
N ASP A 14 -4.99 -8.68 -15.65
CA ASP A 14 -3.62 -8.37 -16.05
C ASP A 14 -3.23 -7.00 -15.51
N VAL A 15 -4.13 -6.02 -15.61
CA VAL A 15 -3.87 -4.67 -15.12
C VAL A 15 -3.64 -4.65 -13.61
N VAL A 16 -4.44 -5.39 -12.85
CA VAL A 16 -4.24 -5.43 -11.39
C VAL A 16 -2.88 -6.03 -11.10
N SER A 17 -2.56 -7.12 -11.78
CA SER A 17 -1.29 -7.80 -11.55
C SER A 17 -0.13 -6.88 -11.89
N ALA A 18 -0.22 -6.23 -13.04
CA ALA A 18 0.79 -5.31 -13.51
C ALA A 18 0.91 -4.11 -12.58
N MET A 19 -0.18 -3.68 -11.97
CA MET A 19 -0.15 -2.55 -11.05
C MET A 19 0.68 -2.93 -9.82
N ILE A 20 0.43 -4.09 -9.24
CA ILE A 20 1.21 -4.56 -8.10
C ILE A 20 2.67 -4.61 -8.48
N VAL A 21 2.96 -5.14 -9.66
CA VAL A 21 4.32 -5.26 -10.12
C VAL A 21 4.94 -3.88 -10.25
N LYS A 22 4.30 -2.96 -10.94
CA LYS A 22 4.88 -1.62 -11.15
C LYS A 22 5.10 -0.90 -9.84
N MET A 23 4.19 -1.08 -8.90
CA MET A 23 4.38 -0.51 -7.57
C MET A 23 5.66 -1.08 -6.93
N ASN A 24 5.90 -2.38 -7.06
CA ASN A 24 7.12 -2.98 -6.52
C ASN A 24 8.38 -2.40 -7.14
N GLU A 25 8.39 -2.34 -8.46
CA GLU A 25 9.56 -1.83 -9.19
C GLU A 25 9.83 -0.38 -8.80
N ALA A 26 8.77 0.40 -8.69
CA ALA A 26 8.89 1.80 -8.30
C ALA A 26 9.45 1.93 -6.88
N ALA A 27 9.11 0.98 -6.02
CA ALA A 27 9.53 1.03 -4.64
C ALA A 27 11.01 0.71 -4.54
N GLU A 28 11.46 -0.30 -5.28
CA GLU A 28 12.86 -0.70 -5.24
C GLU A 28 13.75 0.28 -6.00
N GLU A 29 13.26 0.88 -7.08
CA GLU A 29 14.03 1.85 -7.84
C GLU A 29 14.40 3.02 -6.94
N ASP A 30 13.44 3.51 -6.18
CA ASP A 30 13.67 4.61 -5.28
C ASP A 30 14.77 4.30 -4.27
N ARG A 31 14.95 3.04 -3.89
CA ARG A 31 16.02 2.69 -2.95
C ARG A 31 17.37 2.90 -3.62
N GLN A 32 17.47 2.53 -4.89
CA GLN A 32 18.75 2.56 -5.62
C GLN A 32 19.11 3.99 -5.94
N LEU A 33 18.11 4.73 -6.35
CA LEU A 33 18.29 6.14 -6.69
C LEU A 33 18.79 6.88 -5.46
N ASN A 34 18.15 6.64 -4.32
CA ASN A 34 18.58 7.20 -3.06
C ASN A 34 19.96 6.72 -2.60
N ASN A 35 20.33 5.51 -3.00
CA ASN A 35 21.61 4.93 -2.63
C ASN A 35 22.72 5.72 -3.32
N GLN A 36 22.39 6.22 -4.51
CA GLN A 36 23.32 7.04 -5.29
C GLN A 36 23.14 8.53 -5.00
N LYS A 37 22.30 8.84 -4.00
CA LYS A 37 22.01 10.22 -3.57
C LYS A 37 21.40 11.04 -4.71
N LYS A 38 20.63 10.37 -5.56
CA LYS A 38 19.92 11.02 -6.65
C LYS A 38 18.45 11.12 -6.23
N PRO A 39 17.71 12.10 -6.76
CA PRO A 39 16.30 12.16 -6.37
C PRO A 39 15.55 10.88 -6.71
N ALA A 40 14.70 10.45 -5.79
CA ALA A 40 13.94 9.23 -5.96
C ALA A 40 12.47 9.59 -5.82
N LEU A 41 11.73 9.44 -6.90
CA LEU A 41 10.33 9.86 -6.98
C LEU A 41 9.46 8.89 -7.77
N LYS A 42 9.88 7.65 -7.94
CA LYS A 42 9.11 6.71 -8.74
C LYS A 42 7.76 6.44 -8.08
N LYS A 43 7.73 6.33 -6.77
CA LYS A 43 6.44 6.18 -6.06
C LYS A 43 5.57 7.43 -6.22
N LEU A 44 6.20 8.59 -6.28
CA LEU A 44 5.47 9.86 -6.37
C LEU A 44 4.84 10.05 -7.75
N THR A 45 5.59 9.77 -8.81
CA THR A 45 5.07 9.92 -10.17
C THR A 45 4.00 8.89 -10.45
N LEU A 46 4.08 7.76 -9.76
CA LEU A 46 3.18 6.65 -9.96
C LEU A 46 1.94 6.79 -9.06
N LEU A 47 2.03 7.66 -8.07
CA LEU A 47 0.95 7.87 -7.10
C LEU A 47 -0.42 8.20 -7.73
N PRO A 48 -0.53 9.20 -8.62
CA PRO A 48 -1.89 9.41 -9.12
C PRO A 48 -2.34 8.30 -10.07
N ALA A 49 -1.36 7.62 -10.66
CA ALA A 49 -1.62 6.54 -11.58
C ALA A 49 -2.15 5.31 -10.82
N VAL A 50 -1.58 5.02 -9.65
CA VAL A 50 -2.08 3.87 -8.88
C VAL A 50 -3.46 4.16 -8.37
N VAL A 51 -3.72 5.37 -7.89
CA VAL A 51 -5.02 5.73 -7.30
C VAL A 51 -6.16 5.41 -8.27
N MET A 52 -5.96 5.71 -9.54
CA MET A 52 -6.95 5.42 -10.57
C MET A 52 -7.32 3.94 -10.59
N HIS A 53 -6.33 3.07 -10.45
CA HIS A 53 -6.56 1.62 -10.42
C HIS A 53 -6.91 1.07 -9.04
N LEU A 54 -6.33 1.61 -7.97
CA LEU A 54 -6.49 1.07 -6.63
C LEU A 54 -7.91 1.21 -6.14
N LYS A 55 -8.63 2.19 -6.67
CA LYS A 55 -10.01 2.42 -6.29
C LYS A 55 -11.01 1.61 -7.11
N LYS A 56 -10.52 0.67 -7.90
CA LYS A 56 -11.41 -0.27 -8.61
C LYS A 56 -11.90 -1.31 -7.61
N GLN A 57 -12.85 -0.88 -6.80
CA GLN A 57 -13.49 -1.71 -5.77
C GLN A 57 -14.20 -2.88 -6.44
N ASP A 58 -14.49 -2.75 -7.72
CA ASP A 58 -15.11 -3.81 -8.51
C ASP A 58 -14.20 -5.06 -8.51
N LEU A 59 -12.90 -4.84 -8.35
CA LEU A 59 -11.88 -5.89 -8.42
C LEU A 59 -11.20 -6.10 -7.07
N LYS A 60 -11.91 -5.78 -6.01
CA LYS A 60 -11.39 -5.88 -4.64
C LYS A 60 -10.70 -7.19 -4.30
N GLU A 61 -11.28 -8.31 -4.70
CA GLU A 61 -10.70 -9.60 -4.35
C GLU A 61 -9.39 -9.81 -5.08
N THR A 62 -9.32 -9.38 -6.33
CA THR A 62 -8.11 -9.55 -7.11
C THR A 62 -6.97 -8.75 -6.50
N PHE A 63 -7.27 -7.52 -6.08
CA PHE A 63 -6.25 -6.68 -5.46
C PHE A 63 -5.72 -7.27 -4.16
N ILE A 64 -6.61 -7.84 -3.36
CA ILE A 64 -6.21 -8.42 -2.08
C ILE A 64 -5.36 -9.67 -2.33
N ASP A 65 -5.78 -10.53 -3.26
CA ASP A 65 -5.07 -11.78 -3.55
C ASP A 65 -3.72 -11.55 -4.22
N SER A 66 -3.64 -10.56 -5.10
CA SER A 66 -2.39 -10.22 -5.81
C SER A 66 -1.38 -9.56 -4.87
N GLY A 67 -1.78 -9.33 -3.63
CA GLY A 67 -0.85 -8.81 -2.65
C GLY A 67 -0.60 -7.32 -2.72
N VAL A 68 -1.59 -6.54 -3.12
CA VAL A 68 -1.44 -5.08 -3.17
C VAL A 68 -1.01 -4.55 -1.81
N MET A 69 -1.47 -5.19 -0.74
CA MET A 69 -1.11 -4.78 0.61
C MET A 69 0.40 -4.81 0.83
N SER A 70 1.09 -5.71 0.15
CA SER A 70 2.54 -5.83 0.27
C SER A 70 3.20 -4.73 -0.53
N ALA A 71 2.66 -4.43 -1.71
CA ALA A 71 3.23 -3.39 -2.53
C ALA A 71 3.01 -2.01 -1.87
N ILE A 72 1.86 -1.80 -1.25
CA ILE A 72 1.59 -0.57 -0.52
C ILE A 72 2.53 -0.49 0.67
N LYS A 73 2.75 -1.61 1.35
CA LYS A 73 3.67 -1.64 2.50
C LYS A 73 5.07 -1.18 2.09
N GLU A 74 5.52 -1.57 0.91
CA GLU A 74 6.83 -1.13 0.43
C GLU A 74 6.83 0.37 0.16
N TRP A 75 5.68 0.92 -0.22
CA TRP A 75 5.59 2.35 -0.49
C TRP A 75 5.65 3.12 0.81
N LEU A 76 5.12 2.54 1.88
CA LEU A 76 5.10 3.20 3.18
C LEU A 76 6.48 3.23 3.80
N SER A 77 7.33 2.30 3.42
CA SER A 77 8.69 2.25 3.95
C SER A 77 9.53 3.36 3.31
N PRO A 78 10.14 4.24 4.13
CA PRO A 78 10.96 5.32 3.57
C PRO A 78 12.32 4.87 3.06
N LEU A 79 13.10 5.83 2.58
CA LEU A 79 14.39 5.57 1.97
C LEU A 79 15.51 5.76 3.01
N PRO A 80 16.75 5.28 2.72
CA PRO A 80 17.84 5.48 3.71
C PRO A 80 18.28 6.94 3.92
N ASP A 81 17.59 7.88 3.28
CA ASP A 81 17.78 9.32 3.48
C ASP A 81 17.16 9.73 4.82
N ARG A 82 16.44 8.78 5.43
CA ARG A 82 15.80 8.92 6.76
C ARG A 82 14.64 9.92 6.80
N SER A 83 14.36 10.56 5.68
CA SER A 83 13.23 11.43 5.55
C SER A 83 12.09 10.54 5.13
N LEU A 84 10.90 11.10 5.07
CA LEU A 84 9.71 10.36 4.65
C LEU A 84 9.13 10.98 3.37
N PRO A 85 9.71 10.68 2.19
CA PRO A 85 9.10 11.26 0.98
C PRO A 85 7.74 10.63 0.69
N ALA A 86 7.47 9.52 1.37
CA ALA A 86 6.23 8.80 1.24
C ALA A 86 5.07 9.56 1.89
N LEU A 87 5.36 10.65 2.59
CA LEU A 87 4.32 11.42 3.28
C LEU A 87 3.19 11.81 2.33
N LYS A 88 3.53 12.36 1.16
CA LYS A 88 2.51 12.77 0.21
C LYS A 88 1.75 11.64 -0.41
N ILE A 89 2.46 10.56 -0.67
CA ILE A 89 1.87 9.39 -1.29
C ILE A 89 0.90 8.75 -0.30
N ARG A 90 1.28 8.76 0.97
CA ARG A 90 0.46 8.19 2.03
C ARG A 90 -0.88 8.87 2.16
N GLU A 91 -0.96 10.15 1.80
CA GLU A 91 -2.21 10.90 1.91
C GLU A 91 -3.30 10.16 1.14
N GLU A 92 -2.96 9.62 -0.02
CA GLU A 92 -3.91 8.82 -0.79
C GLU A 92 -3.98 7.36 -0.31
N LEU A 93 -2.82 6.73 -0.14
CA LEU A 93 -2.77 5.31 0.22
C LEU A 93 -3.53 4.94 1.49
N LEU A 94 -3.49 5.80 2.51
CA LEU A 94 -4.19 5.51 3.76
C LEU A 94 -5.63 5.33 3.52
N LYS A 95 -6.12 6.15 2.64
CA LYS A 95 -7.56 6.17 2.33
C LYS A 95 -7.99 4.91 1.66
N ILE A 96 -7.19 4.46 0.70
CA ILE A 96 -7.51 3.25 -0.07
C ILE A 96 -7.63 2.03 0.87
N LEU A 97 -6.72 1.90 1.83
CA LEU A 97 -6.79 0.87 2.82
C LEU A 97 -8.07 0.84 3.68
N GLN A 98 -8.76 1.97 3.82
CA GLN A 98 -10.00 2.02 4.62
C GLN A 98 -11.16 1.55 3.73
N GLU A 99 -10.93 1.44 2.43
CA GLU A 99 -11.97 1.03 1.48
C GLU A 99 -11.99 -0.49 1.32
N LEU A 100 -11.01 -1.19 1.89
CA LEU A 100 -10.96 -2.64 1.77
C LEU A 100 -12.14 -3.27 2.52
N PRO A 101 -12.76 -4.32 1.93
CA PRO A 101 -13.95 -4.93 2.53
C PRO A 101 -13.70 -5.74 3.81
N SER A 102 -13.03 -6.86 3.64
CA SER A 102 -12.72 -7.76 4.75
C SER A 102 -11.40 -8.48 4.51
N VAL A 103 -10.37 -7.70 4.30
CA VAL A 103 -9.03 -8.26 4.14
C VAL A 103 -8.71 -8.94 5.47
N SER A 104 -8.23 -10.17 5.41
CA SER A 104 -7.96 -10.93 6.61
C SER A 104 -6.77 -10.37 7.35
N GLN A 105 -6.76 -10.58 8.66
CA GLN A 105 -5.63 -10.17 9.49
C GLN A 105 -4.39 -10.91 9.01
N GLU A 106 -4.58 -12.08 8.42
CA GLU A 106 -3.46 -12.85 7.89
C GLU A 106 -2.80 -12.12 6.71
N THR A 107 -3.58 -11.54 5.80
CA THR A 107 -3.00 -10.83 4.67
C THR A 107 -2.28 -9.60 5.21
N LEU A 108 -2.91 -8.91 6.15
CA LEU A 108 -2.31 -7.73 6.76
C LEU A 108 -1.01 -8.07 7.50
N LYS A 109 -0.97 -9.23 8.13
CA LYS A 109 0.22 -9.74 8.82
C LYS A 109 1.32 -10.11 7.84
N HIS A 110 0.98 -10.91 6.85
CA HIS A 110 1.96 -11.41 5.88
C HIS A 110 2.56 -10.28 5.04
N SER A 111 1.74 -9.34 4.63
CA SER A 111 2.24 -8.19 3.87
C SER A 111 3.07 -7.28 4.77
N GLY A 112 2.76 -7.29 6.05
CA GLY A 112 3.46 -6.43 7.00
C GLY A 112 2.91 -5.02 7.01
N ILE A 113 1.81 -4.80 6.30
CA ILE A 113 1.20 -3.47 6.20
C ILE A 113 0.74 -2.99 7.59
N GLY A 114 0.32 -3.90 8.45
CA GLY A 114 -0.10 -3.52 9.80
C GLY A 114 1.05 -2.89 10.56
N ARG A 115 2.23 -3.49 10.44
CA ARG A 115 3.42 -2.97 11.10
C ARG A 115 3.82 -1.63 10.47
N ALA A 116 3.65 -1.53 9.16
CA ALA A 116 4.00 -0.31 8.43
C ALA A 116 3.12 0.89 8.83
N VAL A 117 1.80 0.74 8.87
CA VAL A 117 0.94 1.87 9.27
C VAL A 117 1.24 2.24 10.72
N MET A 118 1.53 1.26 11.56
CA MET A 118 1.86 1.52 12.96
C MET A 118 3.17 2.32 13.09
N TYR A 119 4.16 1.96 12.28
CA TYR A 119 5.46 2.65 12.32
C TYR A 119 5.27 4.15 12.08
N LEU A 120 4.49 4.48 11.06
CA LEU A 120 4.28 5.87 10.69
C LEU A 120 3.34 6.58 11.66
N TYR A 121 2.38 5.86 12.20
CA TYR A 121 1.45 6.43 13.18
C TYR A 121 2.22 6.94 14.39
N LYS A 122 3.28 6.24 14.77
CA LYS A 122 4.10 6.64 15.91
C LYS A 122 5.24 7.58 15.52
N HIS A 123 5.55 7.67 14.24
CA HIS A 123 6.66 8.49 13.77
C HIS A 123 6.42 9.98 14.05
N PRO A 124 7.41 10.66 14.64
CA PRO A 124 7.17 12.06 15.02
C PRO A 124 7.18 13.07 13.86
N LYS A 125 7.39 12.59 12.64
CA LYS A 125 7.42 13.47 11.45
C LYS A 125 6.17 13.39 10.58
N GLU A 126 5.28 12.44 10.87
CA GLU A 126 4.05 12.30 10.07
C GLU A 126 3.04 13.39 10.41
N SER A 127 2.30 13.83 9.42
CA SER A 127 1.29 14.88 9.59
C SER A 127 0.11 14.36 10.42
N ARG A 128 -0.54 15.26 11.15
CA ARG A 128 -1.68 14.86 11.98
C ARG A 128 -2.80 14.27 11.14
N SER A 129 -3.03 14.80 9.95
CA SER A 129 -4.06 14.28 9.06
C SER A 129 -3.79 12.82 8.71
N ASN A 130 -2.56 12.51 8.36
CA ASN A 130 -2.20 11.15 8.02
C ASN A 130 -2.31 10.25 9.25
N LYS A 131 -1.92 10.78 10.40
CA LYS A 131 -1.99 10.01 11.65
C LYS A 131 -3.42 9.72 12.06
N ASP A 132 -4.34 10.62 11.76
CA ASP A 132 -5.75 10.42 12.10
C ASP A 132 -6.26 9.17 11.41
N MET A 133 -6.03 9.08 10.11
CA MET A 133 -6.50 7.94 9.35
C MET A 133 -5.70 6.69 9.74
N ALA A 134 -4.41 6.86 10.00
CA ALA A 134 -3.56 5.75 10.40
C ALA A 134 -4.02 5.12 11.72
N GLY A 135 -4.43 5.94 12.67
CA GLY A 135 -4.89 5.44 13.95
C GLY A 135 -6.17 4.63 13.81
N LYS A 136 -7.04 5.09 12.93
CA LYS A 136 -8.30 4.38 12.68
C LYS A 136 -8.00 3.06 12.02
N LEU A 137 -7.08 3.09 11.06
CA LEU A 137 -6.71 1.92 10.30
C LEU A 137 -6.20 0.77 11.17
N ILE A 138 -5.49 1.10 12.23
CA ILE A 138 -4.99 0.07 13.14
C ILE A 138 -6.19 -0.54 13.92
N ASN A 139 -7.15 0.31 14.27
CA ASN A 139 -8.32 -0.13 15.04
C ASN A 139 -9.27 -1.01 14.24
N GLU A 140 -9.53 -0.57 13.02
CA GLU A 140 -10.52 -1.19 12.16
C GLU A 140 -10.02 -2.49 11.53
N TRP A 141 -8.70 -2.69 11.55
CA TRP A 141 -8.10 -3.94 11.11
C TRP A 141 -8.13 -4.97 12.26
N SER A 142 -9.01 -4.67 13.22
CA SER A 142 -9.33 -5.47 14.41
C SER A 142 -8.34 -5.34 15.56
N ARG A 143 -8.89 -5.04 16.73
CA ARG A 143 -8.14 -4.93 17.97
C ARG A 143 -8.82 -5.86 18.99
N PRO A 144 -8.54 -7.17 18.90
CA PRO A 144 -9.23 -8.09 19.82
C PRO A 144 -8.72 -8.01 21.26
N ILE A 145 -9.48 -8.60 22.17
CA ILE A 145 -9.15 -8.65 23.61
C ILE A 145 -8.92 -7.23 24.14
N PHE A 146 -9.85 -6.34 23.83
CA PHE A 146 -9.78 -4.96 24.31
C PHE A 146 -11.19 -4.52 24.69
N GLY A 147 -11.32 -3.90 25.85
CA GLY A 147 -12.61 -3.40 26.30
C GLY A 147 -12.38 -2.70 27.62
N LEU A 148 -13.41 -2.04 28.15
CA LEU A 148 -13.34 -1.30 29.43
C LEU A 148 -12.14 -0.32 29.47
N GLY A 149 -11.88 0.31 28.33
CA GLY A 149 -10.78 1.26 28.23
C GLY A 149 -11.10 2.32 27.21
N SER A 150 -11.73 3.40 27.65
CA SER A 150 -12.12 4.51 26.79
C SER A 150 -12.16 5.74 27.68
N SER A 1 3.43 -14.21 -32.84
CA SER A 1 2.55 -14.27 -34.04
C SER A 1 2.21 -15.71 -34.37
N ASN A 2 1.19 -15.93 -35.18
CA ASN A 2 0.72 -17.26 -35.59
C ASN A 2 0.39 -18.15 -34.37
N ALA A 3 -0.13 -17.52 -33.33
CA ALA A 3 -0.49 -18.19 -32.08
C ALA A 3 -1.51 -17.28 -31.42
N ALA A 4 -2.24 -17.79 -30.44
CA ALA A 4 -3.25 -17.01 -29.73
C ALA A 4 -3.31 -17.51 -28.29
N SER A 5 -3.82 -16.67 -27.40
CA SER A 5 -3.95 -16.99 -25.98
C SER A 5 -4.92 -15.93 -25.47
N GLY A 6 -5.13 -15.85 -24.15
CA GLY A 6 -6.01 -14.83 -23.59
C GLY A 6 -7.47 -15.23 -23.47
N THR A 7 -7.72 -16.52 -23.32
CA THR A 7 -9.08 -17.01 -23.16
C THR A 7 -9.60 -16.67 -21.76
N PHE A 8 -10.92 -16.59 -21.63
CA PHE A 8 -11.59 -16.26 -20.35
C PHE A 8 -11.16 -14.88 -19.86
N ILE A 9 -10.93 -14.71 -18.57
CA ILE A 9 -10.51 -13.42 -18.03
C ILE A 9 -9.00 -13.37 -18.25
N SER A 10 -8.55 -12.36 -18.97
CA SER A 10 -7.12 -12.18 -19.25
C SER A 10 -6.69 -10.71 -19.23
N ASP A 11 -7.65 -9.80 -19.32
CA ASP A 11 -7.34 -8.37 -19.34
C ASP A 11 -7.24 -7.75 -17.93
N ALA A 12 -8.31 -7.86 -17.16
CA ALA A 12 -8.39 -7.19 -15.87
C ALA A 12 -7.36 -7.70 -14.85
N ASP A 13 -7.14 -8.99 -14.85
CA ASP A 13 -6.22 -9.60 -13.89
C ASP A 13 -4.79 -9.24 -14.21
N ASP A 14 -4.45 -9.18 -15.50
CA ASP A 14 -3.10 -8.79 -15.88
C ASP A 14 -2.84 -7.35 -15.48
N VAL A 15 -3.81 -6.47 -15.69
CA VAL A 15 -3.66 -5.06 -15.31
C VAL A 15 -3.48 -4.92 -13.80
N VAL A 16 -4.23 -5.67 -13.01
CA VAL A 16 -4.07 -5.60 -11.55
C VAL A 16 -2.70 -6.15 -11.16
N SER A 17 -2.31 -7.27 -11.76
CA SER A 17 -1.01 -7.87 -11.46
C SER A 17 0.10 -6.89 -11.82
N ALA A 18 -0.01 -6.30 -13.01
CA ALA A 18 0.97 -5.33 -13.49
C ALA A 18 1.02 -4.13 -12.56
N MET A 19 -0.12 -3.71 -12.02
CA MET A 19 -0.13 -2.59 -11.08
C MET A 19 0.67 -2.95 -9.83
N ILE A 20 0.43 -4.12 -9.25
CA ILE A 20 1.18 -4.55 -8.08
C ILE A 20 2.68 -4.60 -8.41
N VAL A 21 3.01 -5.16 -9.56
CA VAL A 21 4.39 -5.28 -9.99
C VAL A 21 5.01 -3.90 -10.13
N LYS A 22 4.37 -3.00 -10.85
CA LYS A 22 4.95 -1.67 -11.05
C LYS A 22 5.06 -0.87 -9.76
N MET A 23 4.14 -1.07 -8.85
CA MET A 23 4.27 -0.46 -7.54
C MET A 23 5.55 -0.99 -6.89
N ASN A 24 5.77 -2.28 -6.94
CA ASN A 24 6.99 -2.88 -6.38
C ASN A 24 8.25 -2.34 -7.06
N GLU A 25 8.25 -2.28 -8.37
CA GLU A 25 9.40 -1.78 -9.11
C GLU A 25 9.72 -0.34 -8.75
N ALA A 26 8.69 0.49 -8.63
CA ALA A 26 8.89 1.89 -8.25
C ALA A 26 9.48 1.99 -6.84
N ALA A 27 9.07 1.08 -5.96
CA ALA A 27 9.57 1.08 -4.60
C ALA A 27 11.05 0.72 -4.58
N GLU A 28 11.44 -0.23 -5.42
CA GLU A 28 12.84 -0.65 -5.53
C GLU A 28 13.70 0.37 -6.27
N GLU A 29 13.14 0.97 -7.31
CA GLU A 29 13.85 1.99 -8.07
C GLU A 29 14.23 3.13 -7.12
N ASP A 30 13.30 3.52 -6.25
CA ASP A 30 13.58 4.57 -5.28
C ASP A 30 14.75 4.20 -4.36
N ARG A 31 14.92 2.93 -4.03
CA ARG A 31 16.05 2.51 -3.18
C ARG A 31 17.35 2.69 -3.96
N GLN A 32 17.32 2.39 -5.24
CA GLN A 32 18.52 2.42 -6.06
C GLN A 32 18.88 3.87 -6.31
N LEU A 33 17.90 4.70 -6.56
CA LEU A 33 18.14 6.12 -6.77
C LEU A 33 18.76 6.71 -5.51
N ASN A 34 18.20 6.36 -4.36
CA ASN A 34 18.74 6.78 -3.08
C ASN A 34 20.17 6.28 -2.83
N ASN A 35 20.52 5.14 -3.40
CA ASN A 35 21.85 4.55 -3.23
C ASN A 35 22.88 5.44 -3.91
N GLN A 36 22.45 6.10 -4.97
CA GLN A 36 23.30 6.99 -5.74
C GLN A 36 23.05 8.45 -5.35
N LYS A 37 22.25 8.64 -4.28
CA LYS A 37 21.88 9.97 -3.76
C LYS A 37 21.18 10.83 -4.83
N LYS A 38 20.45 10.16 -5.70
CA LYS A 38 19.68 10.83 -6.75
C LYS A 38 18.28 11.00 -6.20
N PRO A 39 17.54 12.04 -6.63
CA PRO A 39 16.17 12.16 -6.13
C PRO A 39 15.36 10.92 -6.46
N ALA A 40 14.65 10.41 -5.47
CA ALA A 40 13.85 9.20 -5.64
C ALA A 40 12.39 9.57 -5.43
N LEU A 41 11.66 9.54 -6.54
CA LEU A 41 10.27 9.98 -6.59
C LEU A 41 9.42 9.07 -7.48
N LYS A 42 9.83 7.82 -7.65
CA LYS A 42 9.11 6.91 -8.52
C LYS A 42 7.73 6.60 -7.96
N LYS A 43 7.63 6.46 -6.66
CA LYS A 43 6.32 6.26 -6.02
C LYS A 43 5.45 7.50 -6.23
N LEU A 44 6.07 8.67 -6.33
CA LEU A 44 5.35 9.94 -6.47
C LEU A 44 4.79 10.10 -7.89
N THR A 45 5.59 9.80 -8.90
CA THR A 45 5.13 9.93 -10.30
C THR A 45 4.05 8.88 -10.60
N LEU A 46 4.09 7.79 -9.87
CA LEU A 46 3.17 6.68 -10.08
C LEU A 46 1.93 6.85 -9.20
N LEU A 47 1.98 7.78 -8.26
CA LEU A 47 0.88 8.01 -7.31
C LEU A 47 -0.49 8.26 -7.96
N PRO A 48 -0.61 9.21 -8.91
CA PRO A 48 -1.98 9.35 -9.41
C PRO A 48 -2.39 8.18 -10.32
N ALA A 49 -1.39 7.52 -10.88
CA ALA A 49 -1.61 6.40 -11.77
C ALA A 49 -2.12 5.19 -10.97
N VAL A 50 -1.57 4.96 -9.78
CA VAL A 50 -2.06 3.83 -8.98
C VAL A 50 -3.46 4.13 -8.49
N VAL A 51 -3.74 5.33 -8.03
CA VAL A 51 -5.04 5.67 -7.44
C VAL A 51 -6.17 5.35 -8.42
N MET A 52 -5.99 5.69 -9.68
CA MET A 52 -6.99 5.40 -10.69
C MET A 52 -7.35 3.91 -10.73
N HIS A 53 -6.35 3.05 -10.54
CA HIS A 53 -6.55 1.60 -10.50
C HIS A 53 -6.95 1.09 -9.12
N LEU A 54 -6.40 1.67 -8.05
CA LEU A 54 -6.63 1.18 -6.69
C LEU A 54 -8.08 1.40 -6.26
N LYS A 55 -8.76 2.33 -6.92
CA LYS A 55 -10.18 2.59 -6.63
C LYS A 55 -11.13 1.65 -7.36
N LYS A 56 -10.61 0.69 -8.10
CA LYS A 56 -11.46 -0.29 -8.79
C LYS A 56 -11.93 -1.35 -7.78
N GLN A 57 -12.93 -0.99 -6.98
CA GLN A 57 -13.50 -1.88 -5.97
C GLN A 57 -14.10 -3.14 -6.59
N ASP A 58 -14.41 -3.10 -7.87
CA ASP A 58 -14.93 -4.27 -8.58
C ASP A 58 -13.88 -5.39 -8.59
N LEU A 59 -12.63 -4.99 -8.64
CA LEU A 59 -11.50 -5.91 -8.74
C LEU A 59 -10.85 -6.13 -7.38
N LYS A 60 -11.63 -5.86 -6.33
CA LYS A 60 -11.16 -6.00 -4.94
C LYS A 60 -10.49 -7.33 -4.67
N GLU A 61 -11.04 -8.40 -5.20
CA GLU A 61 -10.50 -9.73 -4.91
C GLU A 61 -9.17 -9.91 -5.60
N THR A 62 -9.04 -9.44 -6.82
CA THR A 62 -7.79 -9.57 -7.55
C THR A 62 -6.70 -8.77 -6.86
N PHE A 63 -7.03 -7.57 -6.39
CA PHE A 63 -6.05 -6.73 -5.72
C PHE A 63 -5.56 -7.35 -4.41
N ILE A 64 -6.48 -7.93 -3.65
CA ILE A 64 -6.10 -8.53 -2.36
C ILE A 64 -5.25 -9.76 -2.61
N ASP A 65 -5.65 -10.61 -3.55
CA ASP A 65 -4.91 -11.84 -3.85
C ASP A 65 -3.53 -11.58 -4.46
N SER A 66 -3.46 -10.58 -5.34
CA SER A 66 -2.19 -10.19 -5.98
C SER A 66 -1.22 -9.57 -4.97
N GLY A 67 -1.71 -9.31 -3.76
CA GLY A 67 -0.84 -8.80 -2.72
C GLY A 67 -0.62 -7.30 -2.74
N VAL A 68 -1.63 -6.53 -3.12
CA VAL A 68 -1.51 -5.06 -3.12
C VAL A 68 -1.10 -4.56 -1.74
N MET A 69 -1.51 -5.26 -0.70
CA MET A 69 -1.18 -4.89 0.68
C MET A 69 0.33 -4.87 0.90
N SER A 70 1.04 -5.73 0.17
CA SER A 70 2.49 -5.81 0.30
C SER A 70 3.12 -4.68 -0.49
N ALA A 71 2.56 -4.36 -1.63
CA ALA A 71 3.08 -3.28 -2.46
C ALA A 71 2.85 -1.92 -1.77
N ILE A 72 1.68 -1.74 -1.15
CA ILE A 72 1.40 -0.51 -0.41
C ILE A 72 2.33 -0.45 0.81
N LYS A 73 2.58 -1.59 1.44
CA LYS A 73 3.51 -1.65 2.58
C LYS A 73 4.90 -1.17 2.14
N GLU A 74 5.33 -1.56 0.95
CA GLU A 74 6.62 -1.11 0.44
C GLU A 74 6.62 0.39 0.15
N TRP A 75 5.47 0.93 -0.21
CA TRP A 75 5.38 2.35 -0.46
C TRP A 75 5.44 3.15 0.84
N LEU A 76 4.88 2.61 1.93
CA LEU A 76 4.95 3.25 3.24
C LEU A 76 6.36 3.23 3.80
N SER A 77 7.15 2.26 3.37
CA SER A 77 8.52 2.12 3.83
C SER A 77 9.40 3.25 3.28
N PRO A 78 10.04 4.04 4.16
CA PRO A 78 10.91 5.11 3.66
C PRO A 78 12.28 4.63 3.21
N LEU A 79 13.08 5.57 2.75
CA LEU A 79 14.39 5.28 2.19
C LEU A 79 15.50 5.44 3.26
N PRO A 80 16.71 4.89 3.03
CA PRO A 80 17.86 5.08 3.94
C PRO A 80 18.26 6.53 4.24
N ASP A 81 17.61 7.47 3.56
CA ASP A 81 17.79 8.90 3.77
C ASP A 81 17.17 9.35 5.11
N ARG A 82 16.38 8.46 5.71
CA ARG A 82 15.72 8.67 7.01
C ARG A 82 14.68 9.78 6.97
N SER A 83 14.18 10.04 5.78
CA SER A 83 13.13 11.03 5.57
C SER A 83 11.94 10.23 5.05
N LEU A 84 10.77 10.84 5.06
CA LEU A 84 9.56 10.15 4.57
C LEU A 84 9.04 10.82 3.28
N PRO A 85 9.69 10.60 2.12
CA PRO A 85 9.12 11.25 0.94
C PRO A 85 7.77 10.62 0.57
N ALA A 86 7.54 9.43 1.09
CA ALA A 86 6.31 8.70 0.89
C ALA A 86 5.11 9.37 1.55
N LEU A 87 5.35 10.38 2.40
CA LEU A 87 4.26 11.04 3.13
C LEU A 87 3.18 11.58 2.18
N LYS A 88 3.59 12.24 1.11
CA LYS A 88 2.64 12.80 0.15
C LYS A 88 1.80 11.75 -0.54
N ILE A 89 2.42 10.62 -0.82
CA ILE A 89 1.76 9.50 -1.48
C ILE A 89 0.79 8.85 -0.52
N ARG A 90 1.18 8.77 0.74
CA ARG A 90 0.33 8.17 1.76
C ARG A 90 -0.95 8.95 2.02
N GLU A 91 -0.97 10.23 1.68
CA GLU A 91 -2.16 11.05 1.83
C GLU A 91 -3.29 10.36 1.07
N GLU A 92 -2.97 9.73 -0.06
CA GLU A 92 -3.92 8.90 -0.79
C GLU A 92 -3.96 7.44 -0.32
N LEU A 93 -2.80 6.80 -0.19
CA LEU A 93 -2.76 5.36 0.17
C LEU A 93 -3.46 4.99 1.47
N LEU A 94 -3.39 5.85 2.48
CA LEU A 94 -4.02 5.54 3.77
C LEU A 94 -5.47 5.38 3.58
N LYS A 95 -6.00 6.22 2.73
CA LYS A 95 -7.44 6.24 2.47
C LYS A 95 -7.85 4.94 1.83
N ILE A 96 -7.15 4.56 0.78
CA ILE A 96 -7.45 3.34 0.03
C ILE A 96 -7.44 2.10 0.92
N LEU A 97 -6.54 2.06 1.89
CA LEU A 97 -6.47 0.93 2.82
C LEU A 97 -7.75 0.78 3.65
N GLN A 98 -8.50 1.88 3.83
CA GLN A 98 -9.76 1.86 4.59
C GLN A 98 -10.94 1.49 3.69
N GLU A 99 -10.71 1.46 2.38
CA GLU A 99 -11.76 1.15 1.40
C GLU A 99 -11.80 -0.34 1.08
N LEU A 100 -10.90 -1.10 1.70
CA LEU A 100 -10.86 -2.54 1.49
C LEU A 100 -12.03 -3.23 2.21
N PRO A 101 -12.61 -4.28 1.59
CA PRO A 101 -13.79 -4.96 2.15
C PRO A 101 -13.52 -5.88 3.35
N SER A 102 -13.01 -7.08 3.08
CA SER A 102 -12.77 -8.08 4.12
C SER A 102 -11.44 -8.78 3.93
N VAL A 103 -10.39 -7.98 3.83
CA VAL A 103 -9.04 -8.52 3.69
C VAL A 103 -8.74 -9.31 4.98
N SER A 104 -8.19 -10.51 4.82
CA SER A 104 -7.92 -11.36 5.98
C SER A 104 -6.88 -10.71 6.87
N GLN A 105 -6.98 -10.97 8.16
CA GLN A 105 -6.04 -10.44 9.14
C GLN A 105 -4.67 -11.02 8.84
N GLU A 106 -4.67 -12.22 8.27
CA GLU A 106 -3.44 -12.86 7.89
C GLU A 106 -2.76 -12.09 6.78
N THR A 107 -3.51 -11.50 5.85
CA THR A 107 -2.90 -10.74 4.78
C THR A 107 -2.22 -9.51 5.40
N LEU A 108 -2.88 -8.84 6.33
CA LEU A 108 -2.29 -7.68 6.99
C LEU A 108 -1.04 -8.08 7.78
N LYS A 109 -1.09 -9.25 8.41
CA LYS A 109 0.03 -9.79 9.19
C LYS A 109 1.21 -10.20 8.30
N HIS A 110 0.91 -10.85 7.19
CA HIS A 110 1.92 -11.36 6.28
C HIS A 110 2.57 -10.28 5.44
N SER A 111 1.76 -9.35 4.90
CA SER A 111 2.30 -8.25 4.11
C SER A 111 3.08 -7.32 5.03
N GLY A 112 2.66 -7.25 6.29
CA GLY A 112 3.30 -6.38 7.25
C GLY A 112 2.78 -4.97 7.16
N ILE A 113 1.68 -4.76 6.44
CA ILE A 113 1.10 -3.43 6.29
C ILE A 113 0.71 -2.86 7.67
N GLY A 114 0.25 -3.72 8.57
CA GLY A 114 -0.11 -3.27 9.89
C GLY A 114 1.09 -2.75 10.65
N ARG A 115 2.24 -3.37 10.45
CA ARG A 115 3.47 -2.93 11.11
C ARG A 115 3.94 -1.62 10.48
N ALA A 116 3.79 -1.52 9.17
CA ALA A 116 4.21 -0.34 8.43
C ALA A 116 3.41 0.89 8.87
N VAL A 117 2.09 0.75 8.98
CA VAL A 117 1.27 1.89 9.39
C VAL A 117 1.55 2.23 10.86
N MET A 118 1.84 1.23 11.68
CA MET A 118 2.13 1.46 13.10
C MET A 118 3.44 2.23 13.25
N TYR A 119 4.44 1.90 12.44
CA TYR A 119 5.73 2.59 12.47
C TYR A 119 5.52 4.09 12.25
N LEU A 120 4.72 4.39 11.25
CA LEU A 120 4.48 5.76 10.85
C LEU A 120 3.58 6.49 11.84
N TYR A 121 2.59 5.79 12.38
CA TYR A 121 1.69 6.36 13.38
C TYR A 121 2.46 6.84 14.61
N LYS A 122 3.57 6.19 14.93
CA LYS A 122 4.39 6.58 16.07
C LYS A 122 5.56 7.48 15.67
N HIS A 123 5.73 7.73 14.38
CA HIS A 123 6.84 8.54 13.90
C HIS A 123 6.73 9.99 14.41
N PRO A 124 7.80 10.54 15.00
CA PRO A 124 7.70 11.90 15.56
C PRO A 124 7.70 13.04 14.54
N LYS A 125 7.98 12.73 13.27
CA LYS A 125 8.01 13.77 12.23
C LYS A 125 6.71 13.85 11.45
N GLU A 126 5.80 12.91 11.69
CA GLU A 126 4.57 12.84 10.91
C GLU A 126 3.46 13.82 11.34
N SER A 127 2.81 14.41 10.34
CA SER A 127 1.72 15.35 10.57
C SER A 127 0.47 14.66 11.13
N ARG A 128 -0.32 15.40 11.90
CA ARG A 128 -1.52 14.84 12.54
C ARG A 128 -2.48 14.24 11.53
N SER A 129 -2.68 14.88 10.39
CA SER A 129 -3.62 14.36 9.39
C SER A 129 -3.27 12.96 8.90
N ASN A 130 -1.98 12.68 8.72
CA ASN A 130 -1.57 11.35 8.28
C ASN A 130 -1.79 10.36 9.43
N LYS A 131 -1.44 10.78 10.63
CA LYS A 131 -1.61 9.94 11.83
C LYS A 131 -3.05 9.63 12.13
N ASP A 132 -3.94 10.56 11.80
CA ASP A 132 -5.36 10.39 12.08
C ASP A 132 -5.88 9.11 11.40
N MET A 133 -5.58 8.98 10.11
CA MET A 133 -6.03 7.82 9.36
C MET A 133 -5.18 6.60 9.70
N ALA A 134 -3.91 6.84 10.00
CA ALA A 134 -3.01 5.75 10.39
C ALA A 134 -3.52 5.07 11.68
N GLY A 135 -4.00 5.87 12.61
CA GLY A 135 -4.53 5.34 13.86
C GLY A 135 -5.83 4.59 13.64
N LYS A 136 -6.67 5.09 12.74
CA LYS A 136 -7.93 4.43 12.43
C LYS A 136 -7.65 3.05 11.89
N LEU A 137 -6.69 2.94 10.98
CA LEU A 137 -6.35 1.65 10.38
C LEU A 137 -5.98 0.59 11.40
N ILE A 138 -5.26 1.00 12.44
CA ILE A 138 -4.85 0.07 13.50
C ILE A 138 -6.09 -0.45 14.26
N ASN A 139 -7.13 0.39 14.35
CA ASN A 139 -8.35 0.02 15.08
C ASN A 139 -9.40 -0.70 14.22
N GLU A 140 -9.45 -0.41 12.93
CA GLU A 140 -10.45 -1.01 12.03
C GLU A 140 -10.00 -2.36 11.46
N TRP A 141 -8.70 -2.54 11.24
CA TRP A 141 -8.21 -3.81 10.75
C TRP A 141 -8.35 -4.78 11.91
N SER A 142 -8.80 -6.00 11.60
CA SER A 142 -9.02 -7.06 12.60
C SER A 142 -10.15 -6.73 13.58
N ARG A 143 -11.07 -5.87 13.18
CA ARG A 143 -12.24 -5.52 13.99
C ARG A 143 -13.52 -6.12 13.40
N PRO A 144 -13.85 -7.38 13.74
CA PRO A 144 -15.12 -7.85 13.18
C PRO A 144 -16.28 -7.10 13.84
N ILE A 145 -17.30 -6.78 13.06
CA ILE A 145 -18.44 -6.04 13.59
C ILE A 145 -19.52 -7.05 14.01
N PHE A 146 -20.17 -6.76 15.13
CA PHE A 146 -21.20 -7.64 15.67
C PHE A 146 -22.13 -6.77 16.50
N GLY A 147 -23.31 -7.29 16.84
CA GLY A 147 -24.24 -6.55 17.68
C GLY A 147 -24.94 -5.39 16.97
N LEU A 148 -24.94 -5.43 15.65
CA LEU A 148 -25.56 -4.38 14.81
C LEU A 148 -25.02 -2.98 15.17
N GLY A 149 -23.70 -2.88 15.25
CA GLY A 149 -23.05 -1.61 15.52
C GLY A 149 -22.32 -1.14 14.29
N SER A 150 -21.43 -0.18 14.46
CA SER A 150 -20.60 0.34 13.37
C SER A 150 -19.24 0.61 13.97
N SER A 1 1.18 -22.18 -12.50
CA SER A 1 1.62 -23.32 -13.35
C SER A 1 1.15 -23.12 -14.77
N ASN A 2 1.53 -24.00 -15.70
CA ASN A 2 1.06 -23.87 -17.08
C ASN A 2 -0.33 -24.50 -17.20
N ALA A 3 -1.34 -23.71 -16.85
CA ALA A 3 -2.72 -24.17 -16.90
C ALA A 3 -3.33 -24.06 -18.30
N ALA A 4 -2.63 -23.36 -19.20
CA ALA A 4 -3.11 -23.11 -20.57
C ALA A 4 -4.53 -22.52 -20.57
N SER A 5 -4.80 -21.66 -19.59
CA SER A 5 -6.12 -21.07 -19.44
C SER A 5 -6.38 -20.02 -20.51
N GLY A 6 -7.65 -19.91 -20.91
CA GLY A 6 -8.03 -18.90 -21.88
C GLY A 6 -8.01 -17.51 -21.28
N THR A 7 -7.95 -17.45 -19.95
CA THR A 7 -7.86 -16.20 -19.18
C THR A 7 -8.77 -15.10 -19.73
N PHE A 8 -10.07 -15.37 -19.72
CA PHE A 8 -11.07 -14.47 -20.27
C PHE A 8 -11.14 -13.11 -19.60
N ILE A 9 -10.60 -13.04 -18.39
CA ILE A 9 -10.61 -11.81 -17.59
C ILE A 9 -9.26 -11.07 -17.67
N SER A 10 -8.44 -11.38 -18.69
CA SER A 10 -7.11 -10.77 -18.81
C SER A 10 -7.13 -9.24 -18.73
N ASP A 11 -8.13 -8.62 -19.34
CA ASP A 11 -8.23 -7.16 -19.34
C ASP A 11 -8.17 -6.59 -17.92
N ALA A 12 -8.86 -7.24 -16.99
CA ALA A 12 -8.80 -6.84 -15.59
C ALA A 12 -7.58 -7.40 -14.87
N ASP A 13 -7.42 -8.71 -14.95
CA ASP A 13 -6.43 -9.44 -14.15
C ASP A 13 -4.99 -9.06 -14.42
N ASP A 14 -4.65 -8.91 -15.69
CA ASP A 14 -3.26 -8.58 -16.04
C ASP A 14 -2.97 -7.16 -15.61
N VAL A 15 -3.97 -6.29 -15.66
CA VAL A 15 -3.77 -4.90 -15.24
C VAL A 15 -3.58 -4.83 -13.73
N VAL A 16 -4.34 -5.62 -12.97
CA VAL A 16 -4.17 -5.64 -11.50
C VAL A 16 -2.77 -6.18 -11.20
N SER A 17 -2.39 -7.25 -11.87
CA SER A 17 -1.08 -7.85 -11.65
C SER A 17 0.03 -6.87 -12.02
N ALA A 18 -0.16 -6.16 -13.12
CA ALA A 18 0.79 -5.16 -13.58
C ALA A 18 0.90 -4.04 -12.56
N MET A 19 -0.22 -3.68 -11.94
CA MET A 19 -0.23 -2.63 -10.94
C MET A 19 0.66 -2.98 -9.76
N ILE A 20 0.49 -4.19 -9.23
CA ILE A 20 1.27 -4.60 -8.07
C ILE A 20 2.74 -4.66 -8.40
N VAL A 21 3.09 -5.26 -9.54
CA VAL A 21 4.50 -5.36 -9.86
C VAL A 21 5.08 -3.97 -10.12
N LYS A 22 4.39 -3.09 -10.82
CA LYS A 22 4.94 -1.74 -11.08
C LYS A 22 5.13 -0.97 -9.80
N MET A 23 4.24 -1.16 -8.86
CA MET A 23 4.40 -0.54 -7.54
C MET A 23 5.70 -1.06 -6.90
N ASN A 24 5.98 -2.35 -7.03
CA ASN A 24 7.22 -2.91 -6.50
C ASN A 24 8.46 -2.33 -7.17
N GLU A 25 8.43 -2.24 -8.49
CA GLU A 25 9.58 -1.73 -9.23
C GLU A 25 9.84 -0.30 -8.86
N ALA A 26 8.80 0.51 -8.75
CA ALA A 26 8.95 1.92 -8.37
C ALA A 26 9.53 2.01 -6.95
N ALA A 27 9.16 1.08 -6.09
CA ALA A 27 9.66 1.10 -4.72
C ALA A 27 11.16 0.82 -4.69
N GLU A 28 11.58 -0.19 -5.44
CA GLU A 28 13.00 -0.56 -5.50
C GLU A 28 13.81 0.47 -6.24
N GLU A 29 13.25 1.04 -7.29
CA GLU A 29 13.96 2.03 -8.09
C GLU A 29 14.30 3.24 -7.23
N ASP A 30 13.36 3.69 -6.42
CA ASP A 30 13.61 4.81 -5.53
C ASP A 30 14.81 4.52 -4.62
N ARG A 31 14.93 3.27 -4.20
CA ARG A 31 16.05 2.85 -3.34
C ARG A 31 17.37 2.84 -4.11
N GLN A 32 17.34 2.52 -5.40
CA GLN A 32 18.55 2.48 -6.21
C GLN A 32 18.99 3.90 -6.46
N LEU A 33 18.01 4.74 -6.75
CA LEU A 33 18.28 6.15 -7.00
C LEU A 33 18.89 6.76 -5.75
N ASN A 34 18.32 6.47 -4.59
CA ASN A 34 18.86 6.89 -3.32
C ASN A 34 20.26 6.33 -3.03
N ASN A 35 20.56 5.16 -3.58
CA ASN A 35 21.84 4.50 -3.35
C ASN A 35 22.92 5.34 -4.03
N GLN A 36 22.53 5.93 -5.14
CA GLN A 36 23.42 6.78 -5.91
C GLN A 36 23.26 8.27 -5.57
N LYS A 37 22.44 8.54 -4.56
CA LYS A 37 22.16 9.91 -4.06
C LYS A 37 21.51 10.79 -5.14
N LYS A 38 20.73 10.16 -6.00
CA LYS A 38 19.98 10.86 -7.04
C LYS A 38 18.58 11.08 -6.52
N PRO A 39 17.87 12.10 -7.02
CA PRO A 39 16.48 12.26 -6.57
C PRO A 39 15.67 11.02 -6.92
N ALA A 40 14.76 10.63 -6.03
CA ALA A 40 13.94 9.45 -6.22
C ALA A 40 12.48 9.85 -6.02
N LEU A 41 11.68 9.66 -7.06
CA LEU A 41 10.28 10.10 -7.05
C LEU A 41 9.38 9.11 -7.78
N LYS A 42 9.80 7.87 -7.88
CA LYS A 42 9.08 6.88 -8.65
C LYS A 42 7.73 6.59 -8.04
N LYS A 43 7.66 6.41 -6.73
CA LYS A 43 6.38 6.19 -6.06
C LYS A 43 5.51 7.43 -6.18
N LEU A 44 6.14 8.60 -6.18
CA LEU A 44 5.42 9.88 -6.22
C LEU A 44 4.77 10.10 -7.58
N THR A 45 5.48 9.84 -8.66
CA THR A 45 4.93 10.04 -10.00
C THR A 45 3.89 8.97 -10.33
N LEU A 46 3.99 7.83 -9.66
CA LEU A 46 3.03 6.75 -9.86
C LEU A 46 1.82 6.91 -8.96
N LEU A 47 1.93 7.79 -7.98
CA LEU A 47 0.88 7.98 -6.98
C LEU A 47 -0.51 8.23 -7.60
N PRO A 48 -0.66 9.22 -8.50
CA PRO A 48 -2.02 9.37 -9.01
C PRO A 48 -2.41 8.28 -10.00
N ALA A 49 -1.41 7.67 -10.61
CA ALA A 49 -1.63 6.64 -11.60
C ALA A 49 -2.16 5.38 -10.92
N VAL A 50 -1.57 5.01 -9.79
CA VAL A 50 -2.06 3.84 -9.08
C VAL A 50 -3.37 4.17 -8.40
N VAL A 51 -3.53 5.36 -7.83
CA VAL A 51 -4.78 5.71 -7.13
C VAL A 51 -5.99 5.44 -8.01
N MET A 52 -5.91 5.83 -9.27
CA MET A 52 -6.99 5.59 -10.21
C MET A 52 -7.32 4.09 -10.33
N HIS A 53 -6.31 3.25 -10.38
CA HIS A 53 -6.52 1.81 -10.47
C HIS A 53 -6.82 1.17 -9.11
N LEU A 54 -6.27 1.72 -8.04
CA LEU A 54 -6.47 1.19 -6.70
C LEU A 54 -7.93 1.38 -6.30
N LYS A 55 -8.57 2.36 -6.92
CA LYS A 55 -9.99 2.66 -6.70
C LYS A 55 -10.93 1.70 -7.43
N LYS A 56 -10.40 0.75 -8.18
CA LYS A 56 -11.23 -0.25 -8.86
C LYS A 56 -11.67 -1.30 -7.86
N GLN A 57 -12.64 -0.92 -7.05
CA GLN A 57 -13.21 -1.77 -6.02
C GLN A 57 -13.85 -3.00 -6.65
N ASP A 58 -14.16 -2.94 -7.94
CA ASP A 58 -14.73 -4.07 -8.67
C ASP A 58 -13.84 -5.31 -8.52
N LEU A 59 -12.54 -5.14 -8.72
CA LEU A 59 -11.58 -6.23 -8.65
C LEU A 59 -10.99 -6.36 -7.25
N LYS A 60 -11.79 -6.07 -6.24
CA LYS A 60 -11.30 -6.07 -4.86
C LYS A 60 -10.55 -7.31 -4.46
N GLU A 61 -11.09 -8.48 -4.76
CA GLU A 61 -10.45 -9.73 -4.35
C GLU A 61 -9.17 -9.96 -5.13
N THR A 62 -9.14 -9.61 -6.40
CA THR A 62 -7.95 -9.79 -7.22
C THR A 62 -6.82 -8.92 -6.65
N PHE A 63 -7.14 -7.69 -6.29
CA PHE A 63 -6.14 -6.78 -5.72
C PHE A 63 -5.59 -7.31 -4.40
N ILE A 64 -6.48 -7.83 -3.56
CA ILE A 64 -6.08 -8.34 -2.26
C ILE A 64 -5.21 -9.59 -2.43
N ASP A 65 -5.62 -10.51 -3.31
CA ASP A 65 -4.88 -11.76 -3.53
C ASP A 65 -3.53 -11.51 -4.21
N SER A 66 -3.49 -10.54 -5.11
CA SER A 66 -2.25 -10.17 -5.80
C SER A 66 -1.25 -9.54 -4.84
N GLY A 67 -1.67 -9.30 -3.61
CA GLY A 67 -0.77 -8.76 -2.61
C GLY A 67 -0.58 -7.27 -2.71
N VAL A 68 -1.60 -6.52 -3.10
CA VAL A 68 -1.48 -5.06 -3.18
C VAL A 68 -1.08 -4.52 -1.81
N MET A 69 -1.53 -5.15 -0.74
CA MET A 69 -1.21 -4.71 0.62
C MET A 69 0.30 -4.77 0.86
N SER A 70 0.98 -5.69 0.19
CA SER A 70 2.42 -5.83 0.33
C SER A 70 3.11 -4.76 -0.50
N ALA A 71 2.59 -4.48 -1.69
CA ALA A 71 3.18 -3.46 -2.53
C ALA A 71 3.02 -2.06 -1.90
N ILE A 72 1.85 -1.83 -1.30
CA ILE A 72 1.60 -0.58 -0.56
C ILE A 72 2.54 -0.52 0.64
N LYS A 73 2.74 -1.64 1.31
CA LYS A 73 3.65 -1.69 2.46
C LYS A 73 5.07 -1.29 2.05
N GLU A 74 5.51 -1.72 0.87
CA GLU A 74 6.84 -1.32 0.38
C GLU A 74 6.90 0.18 0.12
N TRP A 75 5.76 0.78 -0.23
CA TRP A 75 5.74 2.21 -0.48
C TRP A 75 5.86 2.98 0.82
N LEU A 76 5.28 2.43 1.88
CA LEU A 76 5.31 3.09 3.19
C LEU A 76 6.69 3.07 3.80
N SER A 77 7.51 2.12 3.37
CA SER A 77 8.89 2.01 3.85
C SER A 77 9.72 3.13 3.22
N PRO A 78 10.31 4.01 4.03
CA PRO A 78 11.11 5.09 3.47
C PRO A 78 12.51 4.67 3.00
N LEU A 79 13.24 5.64 2.48
CA LEU A 79 14.57 5.41 1.92
C LEU A 79 15.61 5.59 3.05
N PRO A 80 16.86 5.09 2.86
CA PRO A 80 17.88 5.26 3.91
C PRO A 80 18.36 6.71 4.13
N ASP A 81 17.69 7.64 3.47
CA ASP A 81 17.93 9.08 3.65
C ASP A 81 17.29 9.51 4.98
N ARG A 82 16.50 8.60 5.56
CA ARG A 82 15.84 8.79 6.87
C ARG A 82 14.80 9.90 6.87
N SER A 83 14.33 10.23 5.68
CA SER A 83 13.26 11.18 5.49
C SER A 83 12.12 10.35 4.94
N LEU A 84 10.90 10.86 5.00
CA LEU A 84 9.74 10.13 4.50
C LEU A 84 9.19 10.74 3.20
N PRO A 85 9.78 10.42 2.03
CA PRO A 85 9.14 10.98 0.83
C PRO A 85 7.77 10.35 0.59
N ALA A 86 7.56 9.21 1.23
CA ALA A 86 6.32 8.47 1.17
C ALA A 86 5.16 9.19 1.85
N LEU A 87 5.45 10.27 2.57
CA LEU A 87 4.41 10.99 3.29
C LEU A 87 3.31 11.50 2.35
N LYS A 88 3.69 12.12 1.24
CA LYS A 88 2.67 12.65 0.31
C LYS A 88 1.87 11.55 -0.36
N ILE A 89 2.50 10.41 -0.52
CA ILE A 89 1.88 9.28 -1.19
C ILE A 89 0.93 8.56 -0.25
N ARG A 90 1.34 8.38 0.99
CA ARG A 90 0.50 7.67 1.94
C ARG A 90 -0.78 8.41 2.27
N GLU A 91 -0.81 9.72 2.06
CA GLU A 91 -2.01 10.52 2.25
C GLU A 91 -3.15 9.91 1.44
N GLU A 92 -2.85 9.46 0.22
CA GLU A 92 -3.83 8.76 -0.58
C GLU A 92 -3.93 7.27 -0.24
N LEU A 93 -2.80 6.61 -0.09
CA LEU A 93 -2.81 5.17 0.21
C LEU A 93 -3.59 4.78 1.47
N LEU A 94 -3.58 5.62 2.49
CA LEU A 94 -4.32 5.32 3.72
C LEU A 94 -5.75 5.13 3.41
N LYS A 95 -6.23 6.03 2.57
CA LYS A 95 -7.66 6.08 2.22
C LYS A 95 -8.06 4.78 1.56
N ILE A 96 -7.21 4.29 0.69
CA ILE A 96 -7.45 3.05 -0.01
C ILE A 96 -7.55 1.87 0.99
N LEU A 97 -6.67 1.79 1.97
CA LEU A 97 -6.75 0.83 3.00
C LEU A 97 -8.02 0.91 3.88
N GLN A 98 -8.65 2.08 3.98
CA GLN A 98 -9.87 2.22 4.80
C GLN A 98 -11.08 1.65 4.07
N GLU A 99 -11.02 1.60 2.74
CA GLU A 99 -12.16 1.17 1.92
C GLU A 99 -12.08 -0.28 1.44
N LEU A 100 -11.12 -1.02 1.98
CA LEU A 100 -11.02 -2.44 1.73
C LEU A 100 -12.31 -3.12 2.23
N PRO A 101 -12.81 -4.13 1.51
CA PRO A 101 -14.07 -4.79 1.88
C PRO A 101 -13.99 -5.68 3.13
N SER A 102 -13.37 -6.84 2.98
CA SER A 102 -13.25 -7.80 4.05
C SER A 102 -11.93 -8.55 3.96
N VAL A 103 -10.86 -7.78 3.92
CA VAL A 103 -9.51 -8.35 3.87
C VAL A 103 -9.32 -9.15 5.18
N SER A 104 -8.75 -10.35 5.10
CA SER A 104 -8.54 -11.13 6.31
C SER A 104 -7.50 -10.39 7.13
N GLN A 105 -7.58 -10.49 8.44
CA GLN A 105 -6.64 -9.80 9.32
C GLN A 105 -5.25 -10.38 9.11
N GLU A 106 -5.19 -11.63 8.69
CA GLU A 106 -3.92 -12.27 8.42
C GLU A 106 -3.19 -11.60 7.27
N THR A 107 -3.92 -11.13 6.27
CA THR A 107 -3.27 -10.46 5.14
C THR A 107 -2.53 -9.24 5.64
N LEU A 108 -3.14 -8.47 6.54
CA LEU A 108 -2.50 -7.27 7.05
C LEU A 108 -1.26 -7.62 7.89
N LYS A 109 -1.32 -8.73 8.62
CA LYS A 109 -0.18 -9.21 9.43
C LYS A 109 0.95 -9.68 8.52
N HIS A 110 0.59 -10.49 7.54
CA HIS A 110 1.54 -11.15 6.65
C HIS A 110 2.23 -10.17 5.71
N SER A 111 1.47 -9.29 5.07
CA SER A 111 2.05 -8.30 4.18
C SER A 111 2.90 -7.32 4.98
N GLY A 112 2.54 -7.16 6.24
CA GLY A 112 3.26 -6.25 7.11
C GLY A 112 2.75 -4.83 7.00
N ILE A 113 1.66 -4.63 6.25
CA ILE A 113 1.08 -3.29 6.13
C ILE A 113 0.62 -2.82 7.51
N GLY A 114 0.18 -3.74 8.36
CA GLY A 114 -0.23 -3.37 9.71
C GLY A 114 0.94 -2.84 10.52
N ARG A 115 2.12 -3.38 10.27
CA ARG A 115 3.34 -2.93 10.96
C ARG A 115 3.73 -1.56 10.43
N ALA A 116 3.60 -1.39 9.12
CA ALA A 116 4.00 -0.16 8.46
C ALA A 116 3.11 1.04 8.86
N VAL A 117 1.80 0.87 8.91
CA VAL A 117 0.92 1.98 9.32
C VAL A 117 1.22 2.32 10.79
N MET A 118 1.54 1.32 11.60
CA MET A 118 1.85 1.55 13.00
C MET A 118 3.14 2.34 13.16
N TYR A 119 4.15 2.03 12.36
CA TYR A 119 5.43 2.74 12.40
C TYR A 119 5.21 4.23 12.15
N LEU A 120 4.43 4.53 11.12
CA LEU A 120 4.20 5.91 10.71
C LEU A 120 3.27 6.65 11.67
N TYR A 121 2.31 5.95 12.24
CA TYR A 121 1.38 6.54 13.21
C TYR A 121 2.14 7.09 14.43
N LYS A 122 3.06 6.31 14.97
CA LYS A 122 3.86 6.76 16.09
C LYS A 122 5.01 7.68 15.68
N HIS A 123 5.26 7.83 14.39
CA HIS A 123 6.36 8.67 13.92
C HIS A 123 6.13 10.12 14.32
N PRO A 124 7.12 10.76 14.97
CA PRO A 124 6.88 12.12 15.47
C PRO A 124 6.84 13.21 14.39
N LYS A 125 7.26 12.91 13.18
CA LYS A 125 7.26 13.88 12.09
C LYS A 125 6.00 13.81 11.22
N GLU A 126 5.14 12.83 11.45
CA GLU A 126 3.94 12.68 10.62
C GLU A 126 2.83 13.68 11.00
N SER A 127 2.18 14.25 9.99
CA SER A 127 1.11 15.24 10.18
C SER A 127 -0.15 14.60 10.77
N ARG A 128 -0.95 15.43 11.45
CA ARG A 128 -2.17 14.93 12.12
C ARG A 128 -3.15 14.25 11.19
N SER A 129 -3.31 14.76 9.97
CA SER A 129 -4.26 14.19 9.01
C SER A 129 -3.91 12.74 8.68
N ASN A 130 -2.63 12.47 8.49
CA ASN A 130 -2.18 11.11 8.20
C ASN A 130 -2.39 10.24 9.42
N LYS A 131 -2.08 10.78 10.60
CA LYS A 131 -2.21 10.02 11.84
C LYS A 131 -3.63 9.66 12.17
N ASP A 132 -4.58 10.52 11.83
CA ASP A 132 -5.99 10.26 12.12
C ASP A 132 -6.44 8.97 11.44
N MET A 133 -6.17 8.87 10.15
CA MET A 133 -6.56 7.70 9.39
C MET A 133 -5.73 6.51 9.83
N ALA A 134 -4.46 6.76 10.10
CA ALA A 134 -3.56 5.69 10.55
C ALA A 134 -4.04 5.06 11.86
N GLY A 135 -4.49 5.88 12.80
CA GLY A 135 -4.95 5.39 14.08
C GLY A 135 -6.19 4.52 13.93
N LYS A 136 -7.11 4.93 13.06
CA LYS A 136 -8.31 4.14 12.80
C LYS A 136 -7.91 2.81 12.24
N LEU A 137 -7.07 2.88 11.23
CA LEU A 137 -6.68 1.72 10.46
C LEU A 137 -5.99 0.64 11.27
N ILE A 138 -5.16 1.02 12.22
CA ILE A 138 -4.52 0.03 13.09
C ILE A 138 -5.59 -0.68 13.89
N ASN A 139 -6.49 0.10 14.47
CA ASN A 139 -7.50 -0.42 15.37
C ASN A 139 -8.51 -1.31 14.67
N GLU A 140 -8.97 -0.89 13.51
CA GLU A 140 -9.97 -1.65 12.75
C GLU A 140 -9.37 -2.88 12.06
N TRP A 141 -8.07 -2.90 11.87
CA TRP A 141 -7.41 -4.08 11.31
C TRP A 141 -7.15 -5.13 12.39
N SER A 142 -6.49 -4.75 13.48
CA SER A 142 -6.17 -5.73 14.52
C SER A 142 -5.68 -5.12 15.82
N ARG A 143 -6.16 -5.69 16.94
CA ARG A 143 -5.71 -5.31 18.30
C ARG A 143 -5.80 -3.81 18.62
N PRO A 144 -7.02 -3.27 18.78
CA PRO A 144 -7.11 -1.84 19.13
C PRO A 144 -6.64 -1.51 20.55
N ILE A 145 -6.64 -2.51 21.42
CA ILE A 145 -6.26 -2.36 22.85
C ILE A 145 -7.14 -1.25 23.46
N PHE A 146 -8.38 -1.22 23.02
CA PHE A 146 -9.37 -0.25 23.49
C PHE A 146 -10.68 -0.99 23.58
N GLY A 147 -11.33 -0.91 24.73
CA GLY A 147 -12.58 -1.62 24.94
C GLY A 147 -13.77 -0.73 25.26
N LEU A 148 -13.60 0.58 25.11
CA LEU A 148 -14.65 1.56 25.41
C LEU A 148 -15.23 1.36 26.83
N GLY A 149 -14.33 1.32 27.80
CA GLY A 149 -14.73 1.15 29.18
C GLY A 149 -15.02 2.49 29.83
N SER A 150 -15.17 2.47 31.15
CA SER A 150 -15.46 3.67 31.94
C SER A 150 -14.76 3.44 33.27
N SER A 1 -3.66 -15.41 -7.56
CA SER A 1 -4.29 -15.75 -8.87
C SER A 1 -3.45 -16.77 -9.59
N ASN A 2 -4.06 -17.48 -10.54
CA ASN A 2 -3.36 -18.48 -11.35
C ASN A 2 -3.38 -18.05 -12.82
N ALA A 3 -3.82 -16.82 -13.05
CA ALA A 3 -3.98 -16.22 -14.38
C ALA A 3 -5.08 -16.96 -15.17
N ALA A 4 -5.32 -16.51 -16.40
CA ALA A 4 -6.33 -17.09 -17.26
C ALA A 4 -5.88 -16.95 -18.71
N SER A 5 -6.61 -17.59 -19.62
CA SER A 5 -6.29 -17.54 -21.04
C SER A 5 -7.60 -17.60 -21.82
N GLY A 6 -7.61 -17.07 -23.04
CA GLY A 6 -8.79 -17.16 -23.87
C GLY A 6 -9.76 -16.01 -23.66
N THR A 7 -11.03 -16.25 -23.97
CA THR A 7 -12.09 -15.23 -23.85
C THR A 7 -12.61 -15.06 -22.42
N PHE A 8 -11.95 -15.71 -21.46
CA PHE A 8 -12.33 -15.63 -20.06
C PHE A 8 -11.78 -14.33 -19.48
N ILE A 9 -12.17 -14.00 -18.26
CA ILE A 9 -11.68 -12.79 -17.61
C ILE A 9 -10.18 -12.95 -17.38
N SER A 10 -9.41 -12.12 -18.05
CA SER A 10 -7.95 -12.11 -17.89
C SER A 10 -7.48 -10.67 -17.79
N ASP A 11 -8.01 -9.80 -18.66
CA ASP A 11 -7.61 -8.39 -18.69
C ASP A 11 -7.65 -7.72 -17.32
N ALA A 12 -8.70 -7.96 -16.56
CA ALA A 12 -8.83 -7.35 -15.25
C ALA A 12 -7.77 -7.88 -14.29
N ASP A 13 -7.52 -9.18 -14.35
CA ASP A 13 -6.56 -9.82 -13.46
C ASP A 13 -5.15 -9.35 -13.78
N ASP A 14 -4.85 -9.33 -15.08
CA ASP A 14 -3.54 -8.93 -15.59
C ASP A 14 -3.22 -7.47 -15.27
N VAL A 15 -4.20 -6.59 -15.41
CA VAL A 15 -3.97 -5.16 -15.11
C VAL A 15 -3.71 -4.98 -13.63
N VAL A 16 -4.45 -5.68 -12.78
CA VAL A 16 -4.23 -5.58 -11.34
C VAL A 16 -2.86 -6.16 -11.00
N SER A 17 -2.51 -7.30 -11.58
CA SER A 17 -1.20 -7.92 -11.34
C SER A 17 -0.09 -6.96 -11.76
N ALA A 18 -0.27 -6.33 -12.93
CA ALA A 18 0.68 -5.36 -13.43
C ALA A 18 0.79 -4.19 -12.46
N MET A 19 -0.32 -3.76 -11.89
CA MET A 19 -0.32 -2.67 -10.94
C MET A 19 0.59 -2.98 -9.77
N ILE A 20 0.44 -4.17 -9.19
CA ILE A 20 1.22 -4.56 -8.04
C ILE A 20 2.70 -4.66 -8.40
N VAL A 21 3.05 -5.28 -9.51
CA VAL A 21 4.46 -5.41 -9.85
C VAL A 21 5.07 -4.03 -10.14
N LYS A 22 4.35 -3.15 -10.83
CA LYS A 22 4.92 -1.82 -11.11
C LYS A 22 5.10 -1.02 -9.83
N MET A 23 4.22 -1.20 -8.86
CA MET A 23 4.38 -0.57 -7.56
C MET A 23 5.67 -1.11 -6.90
N ASN A 24 5.90 -2.41 -7.00
CA ASN A 24 7.12 -3.00 -6.45
C ASN A 24 8.37 -2.42 -7.09
N GLU A 25 8.34 -2.33 -8.42
CA GLU A 25 9.50 -1.80 -9.14
C GLU A 25 9.78 -0.37 -8.73
N ALA A 26 8.75 0.44 -8.58
CA ALA A 26 8.92 1.83 -8.20
C ALA A 26 9.52 1.94 -6.80
N ALA A 27 9.19 1.01 -5.92
CA ALA A 27 9.72 1.02 -4.57
C ALA A 27 11.22 0.75 -4.57
N GLU A 28 11.64 -0.24 -5.35
CA GLU A 28 13.06 -0.60 -5.43
C GLU A 28 13.87 0.39 -6.23
N GLU A 29 13.27 0.93 -7.26
CA GLU A 29 13.92 1.99 -8.05
C GLU A 29 14.28 3.16 -7.15
N ASP A 30 13.38 3.50 -6.23
CA ASP A 30 13.65 4.58 -5.29
C ASP A 30 14.88 4.26 -4.41
N ARG A 31 15.12 2.98 -4.13
CA ARG A 31 16.31 2.60 -3.35
C ARG A 31 17.56 2.91 -4.15
N GLN A 32 17.50 2.66 -5.45
CA GLN A 32 18.67 2.82 -6.31
C GLN A 32 18.94 4.29 -6.49
N LEU A 33 17.87 5.03 -6.68
CA LEU A 33 17.97 6.48 -6.85
C LEU A 33 18.60 7.09 -5.61
N ASN A 34 18.12 6.72 -4.44
CA ASN A 34 18.72 7.14 -3.19
C ASN A 34 20.18 6.71 -3.01
N ASN A 35 20.56 5.59 -3.59
CA ASN A 35 21.92 5.06 -3.48
C ASN A 35 22.85 6.01 -4.21
N GLN A 36 22.33 6.59 -5.28
CA GLN A 36 23.10 7.53 -6.10
C GLN A 36 22.84 8.96 -5.66
N LYS A 37 22.10 9.11 -4.56
CA LYS A 37 21.73 10.41 -3.97
C LYS A 37 20.95 11.28 -4.95
N LYS A 38 20.17 10.63 -5.79
CA LYS A 38 19.32 11.30 -6.77
C LYS A 38 17.92 11.33 -6.17
N PRO A 39 17.10 12.32 -6.54
CA PRO A 39 15.75 12.34 -5.98
C PRO A 39 14.96 11.08 -6.31
N ALA A 40 14.60 10.33 -5.29
CA ALA A 40 13.82 9.11 -5.47
C ALA A 40 12.35 9.47 -5.43
N LEU A 41 11.73 9.44 -6.59
CA LEU A 41 10.35 9.89 -6.75
C LEU A 41 9.49 8.96 -7.60
N LYS A 42 9.89 7.72 -7.78
CA LYS A 42 9.12 6.81 -8.63
C LYS A 42 7.77 6.50 -8.04
N LYS A 43 7.68 6.34 -6.74
CA LYS A 43 6.37 6.12 -6.10
C LYS A 43 5.48 7.36 -6.29
N LEU A 44 6.10 8.53 -6.34
CA LEU A 44 5.38 9.80 -6.44
C LEU A 44 4.81 10.03 -7.85
N THR A 45 5.59 9.73 -8.87
CA THR A 45 5.13 9.94 -10.25
C THR A 45 4.06 8.91 -10.60
N LEU A 46 4.06 7.79 -9.87
CA LEU A 46 3.08 6.73 -10.06
C LEU A 46 1.87 6.94 -9.18
N LEU A 47 1.96 7.87 -8.25
CA LEU A 47 0.90 8.10 -7.27
C LEU A 47 -0.49 8.29 -7.92
N PRO A 48 -0.64 9.22 -8.87
CA PRO A 48 -2.02 9.33 -9.38
C PRO A 48 -2.41 8.16 -10.29
N ALA A 49 -1.42 7.54 -10.90
CA ALA A 49 -1.64 6.45 -11.82
C ALA A 49 -2.16 5.24 -11.06
N VAL A 50 -1.58 4.95 -9.90
CA VAL A 50 -2.05 3.82 -9.12
C VAL A 50 -3.35 4.16 -8.42
N VAL A 51 -3.50 5.35 -7.87
CA VAL A 51 -4.73 5.71 -7.14
C VAL A 51 -5.97 5.47 -7.98
N MET A 52 -5.91 5.85 -9.24
CA MET A 52 -7.04 5.65 -10.15
C MET A 52 -7.43 4.17 -10.22
N HIS A 53 -6.44 3.28 -10.25
CA HIS A 53 -6.72 1.85 -10.30
C HIS A 53 -6.99 1.25 -8.91
N LEU A 54 -6.33 1.76 -7.88
CA LEU A 54 -6.43 1.21 -6.53
C LEU A 54 -7.87 1.38 -6.02
N LYS A 55 -8.53 2.40 -6.53
CA LYS A 55 -9.91 2.70 -6.16
C LYS A 55 -10.97 1.88 -6.90
N LYS A 56 -10.58 0.95 -7.76
CA LYS A 56 -11.55 0.08 -8.43
C LYS A 56 -12.19 -0.84 -7.39
N GLN A 57 -13.39 -0.47 -6.95
CA GLN A 57 -14.10 -1.21 -5.92
C GLN A 57 -14.40 -2.63 -6.37
N ASP A 58 -14.74 -2.76 -7.64
CA ASP A 58 -15.10 -4.04 -8.24
C ASP A 58 -13.96 -5.03 -8.27
N LEU A 59 -12.73 -4.52 -8.23
CA LEU A 59 -11.54 -5.36 -8.33
C LEU A 59 -10.80 -5.44 -7.02
N LYS A 60 -11.45 -5.02 -5.94
CA LYS A 60 -10.80 -5.05 -4.63
C LYS A 60 -10.37 -6.46 -4.27
N GLU A 61 -11.16 -7.46 -4.64
CA GLU A 61 -10.78 -8.84 -4.37
C GLU A 61 -9.50 -9.21 -5.12
N THR A 62 -9.40 -8.79 -6.37
CA THR A 62 -8.22 -9.06 -7.19
C THR A 62 -7.00 -8.39 -6.59
N PHE A 63 -7.17 -7.17 -6.11
CA PHE A 63 -6.06 -6.43 -5.50
C PHE A 63 -5.57 -7.12 -4.22
N ILE A 64 -6.49 -7.66 -3.44
CA ILE A 64 -6.12 -8.33 -2.20
C ILE A 64 -5.37 -9.63 -2.55
N ASP A 65 -5.89 -10.38 -3.50
CA ASP A 65 -5.28 -11.65 -3.94
C ASP A 65 -3.90 -11.42 -4.58
N SER A 66 -3.76 -10.34 -5.34
CA SER A 66 -2.49 -10.00 -5.98
C SER A 66 -1.47 -9.47 -4.98
N GLY A 67 -1.88 -9.29 -3.73
CA GLY A 67 -0.95 -8.84 -2.71
C GLY A 67 -0.66 -7.36 -2.69
N VAL A 68 -1.63 -6.53 -3.06
CA VAL A 68 -1.45 -5.07 -3.06
C VAL A 68 -1.01 -4.57 -1.70
N MET A 69 -1.43 -5.27 -0.65
CA MET A 69 -1.08 -4.88 0.72
C MET A 69 0.43 -4.87 0.91
N SER A 70 1.14 -5.74 0.19
CA SER A 70 2.60 -5.81 0.31
C SER A 70 3.23 -4.68 -0.48
N ALA A 71 2.66 -4.37 -1.64
CA ALA A 71 3.20 -3.31 -2.46
C ALA A 71 2.98 -1.95 -1.78
N ILE A 72 1.83 -1.77 -1.14
CA ILE A 72 1.55 -0.54 -0.39
C ILE A 72 2.50 -0.47 0.81
N LYS A 73 2.75 -1.60 1.44
CA LYS A 73 3.69 -1.66 2.58
C LYS A 73 5.07 -1.18 2.16
N GLU A 74 5.53 -1.59 0.99
CA GLU A 74 6.82 -1.14 0.49
C GLU A 74 6.81 0.35 0.16
N TRP A 75 5.66 0.87 -0.25
CA TRP A 75 5.56 2.29 -0.53
C TRP A 75 5.65 3.13 0.73
N LEU A 76 5.03 2.66 1.81
CA LEU A 76 5.07 3.34 3.10
C LEU A 76 6.46 3.30 3.70
N SER A 77 7.23 2.28 3.34
CA SER A 77 8.58 2.12 3.87
C SER A 77 9.52 3.18 3.27
N PRO A 78 10.09 4.06 4.10
CA PRO A 78 10.98 5.08 3.55
C PRO A 78 12.40 4.59 3.29
N LEU A 79 13.23 5.50 2.82
CA LEU A 79 14.63 5.23 2.53
C LEU A 79 15.43 5.28 3.84
N PRO A 80 16.66 4.72 3.87
CA PRO A 80 17.46 4.77 5.11
C PRO A 80 17.92 6.17 5.51
N ASP A 81 17.60 7.16 4.67
CA ASP A 81 17.87 8.58 4.95
C ASP A 81 16.95 9.08 6.07
N ARG A 82 15.96 8.26 6.42
CA ARG A 82 14.98 8.50 7.48
C ARG A 82 14.02 9.65 7.20
N SER A 83 14.15 10.26 6.04
CA SER A 83 13.22 11.26 5.58
C SER A 83 12.11 10.44 4.97
N LEU A 84 10.93 11.03 4.91
CA LEU A 84 9.76 10.34 4.36
C LEU A 84 9.32 10.97 3.04
N PRO A 85 9.96 10.63 1.91
CA PRO A 85 9.40 11.20 0.67
C PRO A 85 8.04 10.55 0.36
N ALA A 86 7.80 9.40 0.98
CA ALA A 86 6.56 8.67 0.87
C ALA A 86 5.40 9.40 1.56
N LEU A 87 5.70 10.47 2.28
CA LEU A 87 4.69 11.21 3.04
C LEU A 87 3.55 11.68 2.14
N LYS A 88 3.88 12.26 1.00
CA LYS A 88 2.82 12.77 0.11
C LYS A 88 2.00 11.67 -0.52
N ILE A 89 2.63 10.54 -0.76
CA ILE A 89 1.95 9.42 -1.40
C ILE A 89 1.01 8.73 -0.41
N ARG A 90 1.44 8.56 0.82
CA ARG A 90 0.61 7.88 1.80
C ARG A 90 -0.64 8.66 2.18
N GLU A 91 -0.67 9.96 1.93
CA GLU A 91 -1.88 10.77 2.18
C GLU A 91 -3.03 10.13 1.38
N GLU A 92 -2.73 9.67 0.17
CA GLU A 92 -3.71 8.99 -0.67
C GLU A 92 -3.85 7.51 -0.30
N LEU A 93 -2.72 6.83 -0.12
CA LEU A 93 -2.75 5.38 0.17
C LEU A 93 -3.52 5.00 1.43
N LEU A 94 -3.50 5.85 2.44
CA LEU A 94 -4.20 5.57 3.70
C LEU A 94 -5.64 5.40 3.41
N LYS A 95 -6.12 6.29 2.58
CA LYS A 95 -7.55 6.33 2.23
C LYS A 95 -7.95 5.04 1.55
N ILE A 96 -7.13 4.59 0.61
CA ILE A 96 -7.40 3.37 -0.16
C ILE A 96 -7.45 2.14 0.75
N LEU A 97 -6.61 2.10 1.77
CA LEU A 97 -6.60 0.99 2.70
C LEU A 97 -7.91 0.88 3.51
N GLN A 98 -8.63 1.99 3.68
CA GLN A 98 -9.91 1.98 4.42
C GLN A 98 -11.04 1.51 3.48
N GLU A 99 -10.76 1.45 2.19
CA GLU A 99 -11.76 1.01 1.20
C GLU A 99 -11.81 -0.52 1.06
N LEU A 100 -10.92 -1.23 1.74
CA LEU A 100 -10.88 -2.68 1.62
C LEU A 100 -12.12 -3.32 2.27
N PRO A 101 -12.73 -4.32 1.59
CA PRO A 101 -13.93 -4.98 2.11
C PRO A 101 -13.69 -5.91 3.29
N SER A 102 -13.02 -7.01 3.03
CA SER A 102 -12.72 -8.03 4.03
C SER A 102 -11.40 -8.74 3.77
N VAL A 103 -10.34 -7.95 3.69
CA VAL A 103 -8.99 -8.49 3.49
C VAL A 103 -8.72 -9.46 4.66
N SER A 104 -8.15 -10.62 4.36
CA SER A 104 -7.91 -11.61 5.41
C SER A 104 -6.93 -11.03 6.42
N GLN A 105 -7.11 -11.43 7.67
CA GLN A 105 -6.26 -10.94 8.74
C GLN A 105 -4.85 -11.46 8.51
N GLU A 106 -4.75 -12.59 7.83
CA GLU A 106 -3.47 -13.17 7.50
C GLU A 106 -2.76 -12.34 6.44
N THR A 107 -3.50 -11.78 5.48
CA THR A 107 -2.88 -10.98 4.42
C THR A 107 -2.24 -9.75 5.06
N LEU A 108 -2.95 -9.15 6.00
CA LEU A 108 -2.44 -7.98 6.71
C LEU A 108 -1.15 -8.30 7.48
N LYS A 109 -1.10 -9.48 8.06
CA LYS A 109 0.08 -9.92 8.83
C LYS A 109 1.25 -10.30 7.93
N HIS A 110 0.98 -11.05 6.87
CA HIS A 110 2.00 -11.53 5.94
C HIS A 110 2.65 -10.39 5.18
N SER A 111 1.84 -9.45 4.71
CA SER A 111 2.37 -8.30 3.98
C SER A 111 3.11 -7.37 4.93
N GLY A 112 2.72 -7.39 6.20
CA GLY A 112 3.34 -6.51 7.18
C GLY A 112 2.80 -5.10 7.07
N ILE A 113 1.73 -4.91 6.33
CA ILE A 113 1.15 -3.58 6.14
C ILE A 113 0.71 -2.99 7.48
N GLY A 114 0.24 -3.84 8.39
CA GLY A 114 -0.18 -3.35 9.70
C GLY A 114 0.99 -2.75 10.46
N ARG A 115 2.18 -3.32 10.25
CA ARG A 115 3.39 -2.83 10.91
C ARG A 115 3.80 -1.50 10.28
N ALA A 116 3.63 -1.39 8.97
CA ALA A 116 3.99 -0.18 8.24
C ALA A 116 3.12 1.02 8.66
N VAL A 117 1.82 0.84 8.75
CA VAL A 117 0.94 1.94 9.16
C VAL A 117 1.25 2.31 10.61
N MET A 118 1.55 1.31 11.44
CA MET A 118 1.86 1.56 12.85
C MET A 118 3.17 2.35 13.01
N TYR A 119 4.17 2.03 12.20
CA TYR A 119 5.46 2.73 12.26
C TYR A 119 5.25 4.22 12.02
N LEU A 120 4.49 4.55 10.98
CA LEU A 120 4.26 5.94 10.61
C LEU A 120 3.31 6.63 11.57
N TYR A 121 2.36 5.89 12.13
CA TYR A 121 1.43 6.44 13.11
C TYR A 121 2.17 6.95 14.34
N LYS A 122 3.24 6.25 14.72
CA LYS A 122 4.04 6.65 15.88
C LYS A 122 5.19 7.60 15.49
N HIS A 123 5.45 7.74 14.19
CA HIS A 123 6.54 8.58 13.72
C HIS A 123 6.31 10.04 14.12
N PRO A 124 7.33 10.70 14.71
CA PRO A 124 7.10 12.07 15.19
C PRO A 124 7.01 13.15 14.11
N LYS A 125 7.46 12.86 12.90
CA LYS A 125 7.39 13.83 11.79
C LYS A 125 6.10 13.67 10.98
N GLU A 126 5.32 12.65 11.28
CA GLU A 126 4.10 12.37 10.52
C GLU A 126 3.00 13.42 10.81
N SER A 127 2.30 13.83 9.77
CA SER A 127 1.27 14.87 9.90
C SER A 127 0.07 14.39 10.71
N ARG A 128 -0.60 15.31 11.39
CA ARG A 128 -1.74 14.97 12.24
C ARG A 128 -2.88 14.32 11.45
N SER A 129 -3.13 14.84 10.25
CA SER A 129 -4.20 14.30 9.41
C SER A 129 -3.94 12.85 9.03
N ASN A 130 -2.70 12.52 8.69
CA ASN A 130 -2.36 11.15 8.32
C ASN A 130 -2.43 10.25 9.54
N LYS A 131 -2.11 10.76 10.71
CA LYS A 131 -2.18 9.96 11.93
C LYS A 131 -3.62 9.62 12.28
N ASP A 132 -4.56 10.49 11.96
CA ASP A 132 -5.98 10.21 12.23
C ASP A 132 -6.42 8.96 11.47
N MET A 133 -6.17 8.96 10.17
CA MET A 133 -6.58 7.83 9.34
C MET A 133 -5.78 6.60 9.73
N ALA A 134 -4.50 6.79 10.04
CA ALA A 134 -3.65 5.68 10.44
C ALA A 134 -4.17 5.02 11.73
N GLY A 135 -4.61 5.82 12.70
CA GLY A 135 -5.13 5.28 13.94
C GLY A 135 -6.40 4.50 13.72
N LYS A 136 -7.26 4.98 12.83
CA LYS A 136 -8.52 4.29 12.52
C LYS A 136 -8.21 2.97 11.83
N LEU A 137 -7.25 3.00 10.93
CA LEU A 137 -6.86 1.83 10.18
C LEU A 137 -6.29 0.72 11.07
N ILE A 138 -5.62 1.11 12.15
CA ILE A 138 -5.10 0.15 13.13
C ILE A 138 -6.28 -0.44 13.94
N ASN A 139 -7.35 0.32 14.09
CA ASN A 139 -8.52 -0.13 14.85
C ASN A 139 -9.36 -1.16 14.12
N GLU A 140 -9.42 -1.03 12.81
CA GLU A 140 -10.29 -1.85 11.98
C GLU A 140 -9.60 -3.10 11.42
N TRP A 141 -8.27 -3.09 11.45
CA TRP A 141 -7.47 -4.23 11.00
C TRP A 141 -7.19 -5.15 12.19
N SER A 142 -6.44 -6.24 11.94
CA SER A 142 -6.00 -7.13 13.01
C SER A 142 -5.17 -6.29 13.99
N ARG A 143 -5.71 -6.09 15.18
CA ARG A 143 -5.09 -5.24 16.19
C ARG A 143 -3.72 -5.80 16.61
N PRO A 144 -2.68 -4.95 16.66
CA PRO A 144 -1.39 -5.51 17.07
C PRO A 144 -1.37 -5.91 18.54
N ILE A 145 -0.50 -6.87 18.85
CA ILE A 145 -0.33 -7.36 20.21
C ILE A 145 0.99 -6.83 20.73
N PHE A 146 1.18 -6.90 22.04
CA PHE A 146 2.37 -6.39 22.69
C PHE A 146 2.87 -7.44 23.67
N GLY A 147 4.12 -7.34 24.09
CA GLY A 147 4.69 -8.28 25.03
C GLY A 147 6.09 -7.82 25.34
N LEU A 148 6.82 -8.55 26.17
CA LEU A 148 8.18 -8.20 26.53
C LEU A 148 9.08 -8.38 25.30
N GLY A 149 9.95 -7.41 25.05
CA GLY A 149 10.85 -7.47 23.90
C GLY A 149 12.24 -7.89 24.34
N SER A 150 12.28 -8.83 25.27
CA SER A 150 13.51 -9.30 25.93
C SER A 150 14.17 -8.12 26.65
N SER A 1 3.12 -1.59 -31.03
CA SER A 1 2.60 -2.71 -30.20
C SER A 1 1.33 -3.28 -30.81
N ASN A 2 0.22 -2.56 -30.73
CA ASN A 2 -1.08 -3.00 -31.29
C ASN A 2 -1.51 -4.37 -30.74
N ALA A 3 -1.43 -4.52 -29.43
CA ALA A 3 -1.87 -5.75 -28.78
C ALA A 3 -3.39 -5.82 -28.95
N ALA A 4 -3.93 -7.04 -29.08
CA ALA A 4 -5.37 -7.21 -29.28
C ALA A 4 -6.18 -6.72 -28.08
N SER A 5 -5.63 -6.95 -26.88
CA SER A 5 -6.29 -6.61 -25.61
C SER A 5 -7.58 -7.43 -25.43
N GLY A 6 -8.30 -7.18 -24.36
CA GLY A 6 -9.53 -7.90 -24.10
C GLY A 6 -10.21 -7.33 -22.87
N THR A 7 -11.33 -7.93 -22.49
CA THR A 7 -12.10 -7.51 -21.32
C THR A 7 -12.47 -8.74 -20.50
N PHE A 8 -11.65 -9.76 -20.59
CA PHE A 8 -11.89 -11.01 -19.88
C PHE A 8 -11.35 -10.86 -18.47
N ILE A 9 -11.64 -11.84 -17.61
CA ILE A 9 -11.13 -11.81 -16.23
C ILE A 9 -9.61 -11.76 -16.29
N SER A 10 -9.03 -12.51 -17.22
CA SER A 10 -7.57 -12.55 -17.37
C SER A 10 -6.95 -11.20 -17.69
N ASP A 11 -7.66 -10.36 -18.43
CA ASP A 11 -7.12 -9.04 -18.78
C ASP A 11 -7.13 -8.16 -17.54
N ALA A 12 -8.20 -8.27 -16.75
CA ALA A 12 -8.31 -7.50 -15.53
C ALA A 12 -7.26 -7.98 -14.53
N ASP A 13 -7.04 -9.29 -14.48
CA ASP A 13 -6.07 -9.89 -13.58
C ASP A 13 -4.67 -9.42 -13.92
N ASP A 14 -4.36 -9.38 -15.21
CA ASP A 14 -3.04 -8.91 -15.66
C ASP A 14 -2.84 -7.46 -15.29
N VAL A 15 -3.85 -6.63 -15.49
CA VAL A 15 -3.73 -5.20 -15.15
C VAL A 15 -3.51 -5.03 -13.66
N VAL A 16 -4.24 -5.77 -12.83
CA VAL A 16 -4.09 -5.67 -11.38
C VAL A 16 -2.71 -6.17 -10.98
N SER A 17 -2.30 -7.30 -11.54
CA SER A 17 -0.99 -7.86 -11.22
C SER A 17 0.12 -6.91 -11.65
N ALA A 18 -0.02 -6.34 -12.84
CA ALA A 18 0.95 -5.38 -13.35
C ALA A 18 0.99 -4.15 -12.44
N MET A 19 -0.16 -3.75 -11.91
CA MET A 19 -0.22 -2.64 -10.97
C MET A 19 0.66 -2.92 -9.77
N ILE A 20 0.48 -4.11 -9.18
CA ILE A 20 1.26 -4.52 -8.02
C ILE A 20 2.74 -4.57 -8.37
N VAL A 21 3.06 -5.15 -9.52
CA VAL A 21 4.44 -5.27 -9.94
C VAL A 21 5.05 -3.89 -10.10
N LYS A 22 4.38 -2.99 -10.80
CA LYS A 22 4.92 -1.64 -11.00
C LYS A 22 5.04 -0.87 -9.71
N MET A 23 4.15 -1.10 -8.78
CA MET A 23 4.28 -0.50 -7.45
C MET A 23 5.56 -1.03 -6.80
N ASN A 24 5.82 -2.32 -6.90
CA ASN A 24 7.05 -2.90 -6.35
C ASN A 24 8.29 -2.33 -7.02
N GLU A 25 8.27 -2.23 -8.34
CA GLU A 25 9.41 -1.69 -9.08
C GLU A 25 9.66 -0.24 -8.71
N ALA A 26 8.60 0.53 -8.53
CA ALA A 26 8.74 1.93 -8.13
C ALA A 26 9.39 2.04 -6.76
N ALA A 27 9.11 1.08 -5.89
CA ALA A 27 9.70 1.07 -4.57
C ALA A 27 11.18 0.74 -4.64
N GLU A 28 11.52 -0.25 -5.46
CA GLU A 28 12.91 -0.68 -5.62
C GLU A 28 13.74 0.37 -6.33
N GLU A 29 13.17 1.02 -7.33
CA GLU A 29 13.87 2.07 -8.04
C GLU A 29 14.25 3.17 -7.08
N ASP A 30 13.36 3.53 -6.17
CA ASP A 30 13.65 4.56 -5.19
C ASP A 30 14.84 4.17 -4.31
N ARG A 31 15.04 2.88 -4.04
CA ARG A 31 16.20 2.42 -3.27
C ARG A 31 17.47 2.68 -4.05
N GLN A 32 17.43 2.45 -5.36
CA GLN A 32 18.63 2.56 -6.18
C GLN A 32 18.97 4.01 -6.38
N LEU A 33 17.95 4.83 -6.58
CA LEU A 33 18.13 6.27 -6.76
C LEU A 33 18.78 6.83 -5.50
N ASN A 34 18.29 6.42 -4.35
CA ASN A 34 18.87 6.79 -3.08
C ASN A 34 20.30 6.29 -2.89
N ASN A 35 20.62 5.16 -3.50
CA ASN A 35 21.95 4.56 -3.39
C ASN A 35 22.94 5.47 -4.12
N GLN A 36 22.44 6.09 -5.18
CA GLN A 36 23.23 7.03 -5.98
C GLN A 36 23.10 8.46 -5.46
N LYS A 37 22.40 8.63 -4.34
CA LYS A 37 22.14 9.94 -3.71
C LYS A 37 21.43 10.91 -4.66
N LYS A 38 20.56 10.36 -5.50
CA LYS A 38 19.76 11.16 -6.42
C LYS A 38 18.34 11.19 -5.86
N PRO A 39 17.57 12.23 -6.19
CA PRO A 39 16.18 12.24 -5.69
C PRO A 39 15.42 11.00 -6.14
N ALA A 40 14.64 10.44 -5.24
CA ALA A 40 13.88 9.23 -5.53
C ALA A 40 12.39 9.55 -5.38
N LEU A 41 11.68 9.48 -6.50
CA LEU A 41 10.27 9.89 -6.55
C LEU A 41 9.44 8.98 -7.47
N LYS A 42 9.84 7.73 -7.63
CA LYS A 42 9.11 6.84 -8.53
C LYS A 42 7.71 6.59 -8.01
N LYS A 43 7.58 6.43 -6.70
CA LYS A 43 6.27 6.26 -6.07
C LYS A 43 5.39 7.49 -6.30
N LEU A 44 6.02 8.66 -6.40
CA LEU A 44 5.29 9.92 -6.55
C LEU A 44 4.71 10.07 -7.96
N THR A 45 5.49 9.72 -8.98
CA THR A 45 5.01 9.86 -10.35
C THR A 45 3.94 8.79 -10.64
N LEU A 46 4.01 7.69 -9.90
CA LEU A 46 3.04 6.61 -10.05
C LEU A 46 1.82 6.83 -9.17
N LEU A 47 1.90 7.77 -8.25
CA LEU A 47 0.82 8.03 -7.29
C LEU A 47 -0.55 8.25 -7.96
N PRO A 48 -0.66 9.20 -8.92
CA PRO A 48 -2.02 9.34 -9.45
C PRO A 48 -2.42 8.17 -10.36
N ALA A 49 -1.43 7.51 -10.92
CA ALA A 49 -1.67 6.40 -11.83
C ALA A 49 -2.21 5.21 -11.06
N VAL A 50 -1.64 4.91 -9.90
CA VAL A 50 -2.13 3.78 -9.12
C VAL A 50 -3.45 4.14 -8.50
N VAL A 51 -3.63 5.34 -7.97
CA VAL A 51 -4.90 5.71 -7.30
C VAL A 51 -6.08 5.43 -8.21
N MET A 52 -5.96 5.78 -9.48
CA MET A 52 -7.03 5.54 -10.44
C MET A 52 -7.41 4.05 -10.51
N HIS A 53 -6.41 3.17 -10.46
CA HIS A 53 -6.65 1.73 -10.49
C HIS A 53 -6.99 1.16 -9.11
N LEU A 54 -6.41 1.70 -8.05
CA LEU A 54 -6.62 1.22 -6.70
C LEU A 54 -8.08 1.44 -6.30
N LYS A 55 -8.74 2.37 -6.96
CA LYS A 55 -10.14 2.70 -6.73
C LYS A 55 -11.15 1.72 -7.36
N LYS A 56 -10.66 0.72 -8.08
CA LYS A 56 -11.56 -0.24 -8.73
C LYS A 56 -12.08 -1.26 -7.71
N GLN A 57 -13.18 -0.92 -7.05
CA GLN A 57 -13.78 -1.78 -6.04
C GLN A 57 -14.28 -3.09 -6.66
N ASP A 58 -14.47 -3.09 -7.97
CA ASP A 58 -14.95 -4.27 -8.67
C ASP A 58 -13.84 -5.32 -8.74
N LEU A 59 -12.61 -4.88 -8.50
CA LEU A 59 -11.43 -5.74 -8.56
C LEU A 59 -10.75 -5.80 -7.20
N LYS A 60 -11.46 -5.39 -6.16
CA LYS A 60 -10.91 -5.38 -4.79
C LYS A 60 -10.41 -6.76 -4.39
N GLU A 61 -11.10 -7.79 -4.83
CA GLU A 61 -10.71 -9.16 -4.52
C GLU A 61 -9.40 -9.51 -5.22
N THR A 62 -9.26 -9.11 -6.47
CA THR A 62 -8.04 -9.37 -7.24
C THR A 62 -6.87 -8.63 -6.61
N PHE A 63 -7.09 -7.39 -6.22
CA PHE A 63 -6.04 -6.59 -5.61
C PHE A 63 -5.54 -7.21 -4.31
N ILE A 64 -6.44 -7.79 -3.53
CA ILE A 64 -6.05 -8.41 -2.27
C ILE A 64 -5.24 -9.67 -2.56
N ASP A 65 -5.68 -10.48 -3.50
CA ASP A 65 -5.00 -11.74 -3.83
C ASP A 65 -3.62 -11.49 -4.46
N SER A 66 -3.54 -10.52 -5.37
CA SER A 66 -2.28 -10.15 -6.01
C SER A 66 -1.29 -9.53 -5.02
N GLY A 67 -1.74 -9.26 -3.80
CA GLY A 67 -0.85 -8.76 -2.79
C GLY A 67 -0.64 -7.26 -2.77
N VAL A 68 -1.66 -6.48 -3.12
CA VAL A 68 -1.52 -5.01 -3.10
C VAL A 68 -1.09 -4.53 -1.73
N MET A 69 -1.49 -5.25 -0.68
CA MET A 69 -1.15 -4.88 0.68
C MET A 69 0.36 -4.87 0.88
N SER A 70 1.06 -5.75 0.16
CA SER A 70 2.51 -5.85 0.27
C SER A 70 3.15 -4.71 -0.52
N ALA A 71 2.56 -4.39 -1.65
CA ALA A 71 3.09 -3.33 -2.49
C ALA A 71 2.89 -1.96 -1.81
N ILE A 72 1.74 -1.74 -1.19
CA ILE A 72 1.48 -0.51 -0.44
C ILE A 72 2.45 -0.46 0.75
N LYS A 73 2.69 -1.59 1.38
CA LYS A 73 3.64 -1.67 2.50
C LYS A 73 5.03 -1.21 2.06
N GLU A 74 5.46 -1.60 0.87
CA GLU A 74 6.77 -1.17 0.36
C GLU A 74 6.78 0.33 0.07
N TRP A 75 5.65 0.88 -0.30
CA TRP A 75 5.58 2.33 -0.55
C TRP A 75 5.70 3.10 0.75
N LEU A 76 5.15 2.54 1.82
CA LEU A 76 5.22 3.15 3.14
C LEU A 76 6.64 3.11 3.70
N SER A 77 7.44 2.15 3.26
CA SER A 77 8.82 2.03 3.74
C SER A 77 9.69 3.17 3.20
N PRO A 78 10.27 4.00 4.10
CA PRO A 78 11.15 5.07 3.61
C PRO A 78 12.56 4.59 3.27
N LEU A 79 13.38 5.53 2.86
CA LEU A 79 14.75 5.27 2.41
C LEU A 79 15.73 5.50 3.56
N PRO A 80 16.98 4.98 3.47
CA PRO A 80 17.98 5.21 4.53
C PRO A 80 18.44 6.68 4.63
N ASP A 81 17.82 7.53 3.84
CA ASP A 81 18.02 8.98 3.88
C ASP A 81 17.40 9.55 5.17
N ARG A 82 16.59 8.72 5.83
CA ARG A 82 15.91 9.00 7.10
C ARG A 82 14.75 9.98 6.99
N SER A 83 14.50 10.47 5.79
CA SER A 83 13.38 11.33 5.53
C SER A 83 12.24 10.46 5.05
N LEU A 84 11.05 11.03 5.03
CA LEU A 84 9.87 10.33 4.51
C LEU A 84 9.36 11.07 3.27
N PRO A 85 10.05 10.96 2.11
CA PRO A 85 9.57 11.73 0.95
C PRO A 85 8.26 11.21 0.39
N ALA A 86 7.88 10.01 0.80
CA ALA A 86 6.65 9.40 0.37
C ALA A 86 5.46 9.91 1.16
N LEU A 87 5.66 10.96 1.96
CA LEU A 87 4.59 11.52 2.78
C LEU A 87 3.37 11.90 1.93
N LYS A 88 3.63 12.51 0.78
CA LYS A 88 2.52 12.95 -0.09
C LYS A 88 1.69 11.78 -0.60
N ILE A 89 2.37 10.69 -0.87
CA ILE A 89 1.75 9.49 -1.39
C ILE A 89 0.88 8.83 -0.31
N ARG A 90 1.35 8.86 0.93
CA ARG A 90 0.61 8.28 2.05
C ARG A 90 -0.77 8.89 2.19
N GLU A 91 -0.91 10.16 1.84
CA GLU A 91 -2.18 10.86 1.98
C GLU A 91 -3.29 10.14 1.23
N GLU A 92 -2.98 9.63 0.04
CA GLU A 92 -3.94 8.85 -0.73
C GLU A 92 -4.00 7.40 -0.28
N LEU A 93 -2.85 6.78 -0.08
CA LEU A 93 -2.76 5.36 0.27
C LEU A 93 -3.53 4.98 1.53
N LEU A 94 -3.50 5.83 2.55
CA LEU A 94 -4.17 5.53 3.82
C LEU A 94 -5.63 5.36 3.59
N LYS A 95 -6.14 6.21 2.72
CA LYS A 95 -7.57 6.22 2.43
C LYS A 95 -7.98 4.93 1.75
N ILE A 96 -7.23 4.56 0.73
CA ILE A 96 -7.51 3.35 -0.05
C ILE A 96 -7.51 2.09 0.83
N LEU A 97 -6.62 2.05 1.81
CA LEU A 97 -6.54 0.92 2.73
C LEU A 97 -7.84 0.74 3.54
N GLN A 98 -8.61 1.82 3.72
CA GLN A 98 -9.88 1.75 4.46
C GLN A 98 -11.03 1.37 3.54
N GLU A 99 -10.79 1.36 2.23
CA GLU A 99 -11.84 1.04 1.25
C GLU A 99 -11.90 -0.47 1.00
N LEU A 100 -10.97 -1.21 1.59
CA LEU A 100 -10.95 -2.65 1.45
C LEU A 100 -12.18 -3.26 2.15
N PRO A 101 -12.73 -4.36 1.60
CA PRO A 101 -13.94 -4.97 2.15
C PRO A 101 -13.75 -5.69 3.49
N SER A 102 -13.05 -6.80 3.44
CA SER A 102 -12.78 -7.62 4.62
C SER A 102 -11.47 -8.36 4.44
N VAL A 103 -10.40 -7.62 4.20
CA VAL A 103 -9.08 -8.23 4.03
C VAL A 103 -8.77 -8.97 5.33
N SER A 104 -8.35 -10.23 5.21
CA SER A 104 -8.09 -11.04 6.38
C SER A 104 -6.91 -10.51 7.16
N GLN A 105 -6.93 -10.74 8.46
CA GLN A 105 -5.84 -10.29 9.33
C GLN A 105 -4.56 -11.00 8.94
N GLU A 106 -4.68 -12.19 8.37
CA GLU A 106 -3.50 -12.91 7.90
C GLU A 106 -2.83 -12.20 6.72
N THR A 107 -3.60 -11.60 5.83
CA THR A 107 -3.01 -10.89 4.70
C THR A 107 -2.27 -9.68 5.25
N LEU A 108 -2.88 -9.00 6.20
CA LEU A 108 -2.27 -7.83 6.83
C LEU A 108 -0.99 -8.21 7.58
N LYS A 109 -1.02 -9.37 8.22
CA LYS A 109 0.11 -9.93 8.97
C LYS A 109 1.25 -10.32 8.04
N HIS A 110 0.91 -10.99 6.95
CA HIS A 110 1.90 -11.50 6.00
C HIS A 110 2.55 -10.38 5.21
N SER A 111 1.75 -9.42 4.75
CA SER A 111 2.29 -8.28 4.00
C SER A 111 3.07 -7.36 4.94
N GLY A 112 2.65 -7.31 6.19
CA GLY A 112 3.31 -6.46 7.17
C GLY A 112 2.78 -5.03 7.10
N ILE A 113 1.71 -4.81 6.35
CA ILE A 113 1.13 -3.47 6.19
C ILE A 113 0.67 -2.89 7.54
N GLY A 114 0.17 -3.75 8.43
CA GLY A 114 -0.26 -3.26 9.73
C GLY A 114 0.92 -2.73 10.54
N ARG A 115 2.08 -3.34 10.34
CA ARG A 115 3.29 -2.92 11.03
C ARG A 115 3.77 -1.61 10.42
N ALA A 116 3.66 -1.52 9.11
CA ALA A 116 4.09 -0.33 8.38
C ALA A 116 3.26 0.91 8.76
N VAL A 117 1.95 0.77 8.89
CA VAL A 117 1.12 1.91 9.27
C VAL A 117 1.38 2.28 10.74
N MET A 118 1.63 1.29 11.59
CA MET A 118 1.90 1.55 13.00
C MET A 118 3.23 2.27 13.19
N TYR A 119 4.21 1.93 12.37
CA TYR A 119 5.50 2.61 12.39
C TYR A 119 5.30 4.11 12.20
N LEU A 120 4.45 4.46 11.26
CA LEU A 120 4.17 5.86 10.95
C LEU A 120 3.32 6.51 12.01
N TYR A 121 2.43 5.74 12.62
CA TYR A 121 1.55 6.24 13.67
C TYR A 121 2.35 6.64 14.91
N LYS A 122 3.48 6.00 15.12
CA LYS A 122 4.37 6.32 16.25
C LYS A 122 5.57 7.15 15.80
N HIS A 123 5.54 7.68 14.58
CA HIS A 123 6.70 8.39 14.04
C HIS A 123 6.76 9.84 14.50
N PRO A 124 7.94 10.33 14.95
CA PRO A 124 8.10 11.72 15.40
C PRO A 124 8.26 12.72 14.24
N LYS A 125 8.01 12.26 13.03
CA LYS A 125 8.03 13.12 11.82
C LYS A 125 6.77 12.91 10.99
N GLU A 126 5.73 12.40 11.63
CA GLU A 126 4.44 12.19 10.95
C GLU A 126 3.73 13.55 10.73
N SER A 127 2.54 13.51 10.16
CA SER A 127 1.74 14.72 9.99
C SER A 127 0.35 14.40 10.51
N ARG A 128 -0.35 15.40 11.03
CA ARG A 128 -1.65 15.20 11.70
C ARG A 128 -2.67 14.40 10.92
N SER A 129 -2.94 14.78 9.68
CA SER A 129 -3.94 14.10 8.87
C SER A 129 -3.56 12.64 8.61
N ASN A 130 -2.28 12.39 8.40
CA ASN A 130 -1.84 11.02 8.15
C ASN A 130 -1.97 10.19 9.42
N LYS A 131 -1.68 10.79 10.56
CA LYS A 131 -1.75 10.08 11.84
C LYS A 131 -3.17 9.66 12.17
N ASP A 132 -4.14 10.50 11.87
CA ASP A 132 -5.54 10.18 12.15
C ASP A 132 -5.98 8.91 11.43
N MET A 133 -5.75 8.87 10.13
CA MET A 133 -6.17 7.74 9.33
C MET A 133 -5.33 6.52 9.65
N ALA A 134 -4.08 6.75 10.01
CA ALA A 134 -3.20 5.65 10.42
C ALA A 134 -3.74 4.99 11.70
N GLY A 135 -4.20 5.79 12.65
CA GLY A 135 -4.74 5.26 13.89
C GLY A 135 -6.05 4.54 13.65
N LYS A 136 -6.87 5.10 12.76
CA LYS A 136 -8.14 4.48 12.39
C LYS A 136 -7.89 3.11 11.82
N LEU A 137 -6.94 3.01 10.91
CA LEU A 137 -6.61 1.74 10.27
C LEU A 137 -6.21 0.67 11.26
N ILE A 138 -5.42 1.02 12.26
CA ILE A 138 -5.00 0.05 13.25
C ILE A 138 -6.23 -0.51 13.96
N ASN A 139 -7.14 0.37 14.37
CA ASN A 139 -8.35 -0.03 15.08
C ASN A 139 -9.28 -0.90 14.28
N GLU A 140 -9.52 -0.48 13.05
CA GLU A 140 -10.54 -1.11 12.23
C GLU A 140 -10.07 -2.41 11.58
N TRP A 141 -8.77 -2.56 11.38
CA TRP A 141 -8.23 -3.81 10.85
C TRP A 141 -8.21 -4.90 11.92
N SER A 142 -7.97 -4.53 13.18
CA SER A 142 -7.97 -5.49 14.29
C SER A 142 -8.06 -4.76 15.62
N ARG A 143 -8.99 -5.17 16.48
CA ARG A 143 -9.18 -4.50 17.78
C ARG A 143 -9.43 -5.44 18.96
N PRO A 144 -8.38 -6.17 19.40
CA PRO A 144 -8.59 -6.99 20.61
C PRO A 144 -8.68 -6.11 21.85
N ILE A 145 -9.34 -6.62 22.89
CA ILE A 145 -9.47 -5.85 24.13
C ILE A 145 -8.17 -5.94 24.94
N PHE A 146 -7.98 -4.99 25.83
CA PHE A 146 -6.80 -4.95 26.70
C PHE A 146 -7.25 -4.16 27.92
N GLY A 147 -6.50 -4.24 29.02
CA GLY A 147 -6.87 -3.53 30.24
C GLY A 147 -6.42 -2.08 30.20
N LEU A 148 -5.14 -1.87 29.94
CA LEU A 148 -4.56 -0.54 29.84
C LEU A 148 -3.37 -0.66 28.88
N GLY A 149 -3.20 0.30 28.00
CA GLY A 149 -2.11 0.26 27.04
C GLY A 149 -2.31 1.38 26.03
N SER A 150 -1.39 1.51 25.08
CA SER A 150 -1.46 2.54 24.03
C SER A 150 -0.56 2.10 22.89
N SER A 1 -26.25 -24.41 -23.34
CA SER A 1 -25.43 -24.77 -24.52
C SER A 1 -23.96 -24.64 -24.19
N ASN A 2 -23.09 -24.63 -25.20
CA ASN A 2 -21.66 -24.49 -24.97
C ASN A 2 -21.23 -23.01 -25.00
N ALA A 3 -22.20 -22.11 -25.12
CA ALA A 3 -21.92 -20.68 -25.13
C ALA A 3 -21.58 -20.23 -23.70
N ALA A 4 -20.76 -19.19 -23.60
CA ALA A 4 -20.34 -18.64 -22.32
C ALA A 4 -20.13 -17.15 -22.55
N SER A 5 -19.90 -16.39 -21.50
CA SER A 5 -19.71 -14.94 -21.61
C SER A 5 -18.39 -14.58 -22.31
N GLY A 6 -17.44 -15.51 -22.31
CA GLY A 6 -16.15 -15.27 -22.94
C GLY A 6 -15.17 -14.61 -21.98
N THR A 7 -14.01 -14.25 -22.50
CA THR A 7 -12.96 -13.62 -21.70
C THR A 7 -13.33 -12.16 -21.43
N PHE A 8 -13.32 -11.77 -20.17
CA PHE A 8 -13.62 -10.37 -19.79
C PHE A 8 -12.80 -9.92 -18.59
N ILE A 9 -12.98 -10.59 -17.46
CA ILE A 9 -12.30 -10.21 -16.21
C ILE A 9 -10.78 -10.26 -16.37
N SER A 10 -10.29 -11.21 -17.15
CA SER A 10 -8.85 -11.41 -17.34
C SER A 10 -8.07 -10.17 -17.78
N ASP A 11 -8.71 -9.25 -18.50
CA ASP A 11 -8.02 -8.03 -18.93
C ASP A 11 -7.69 -7.22 -17.69
N ALA A 12 -8.70 -6.97 -16.88
CA ALA A 12 -8.56 -6.19 -15.68
C ALA A 12 -7.67 -6.91 -14.66
N ASP A 13 -7.72 -8.23 -14.66
CA ASP A 13 -6.94 -9.04 -13.73
C ASP A 13 -5.44 -8.87 -14.00
N ASP A 14 -5.09 -8.86 -15.28
CA ASP A 14 -3.69 -8.64 -15.68
C ASP A 14 -3.28 -7.23 -15.31
N VAL A 15 -4.17 -6.28 -15.52
CA VAL A 15 -3.89 -4.88 -15.18
C VAL A 15 -3.67 -4.72 -13.67
N VAL A 16 -4.42 -5.43 -12.85
CA VAL A 16 -4.23 -5.40 -11.41
C VAL A 16 -2.87 -5.99 -11.07
N SER A 17 -2.55 -7.12 -11.66
CA SER A 17 -1.28 -7.78 -11.37
C SER A 17 -0.13 -6.89 -11.80
N ALA A 18 -0.25 -6.30 -12.98
CA ALA A 18 0.75 -5.38 -13.51
C ALA A 18 0.88 -4.17 -12.60
N MET A 19 -0.22 -3.69 -12.03
CA MET A 19 -0.17 -2.57 -11.11
C MET A 19 0.67 -2.93 -9.87
N ILE A 20 0.41 -4.08 -9.28
CA ILE A 20 1.20 -4.54 -8.13
C ILE A 20 2.68 -4.60 -8.52
N VAL A 21 2.94 -5.15 -9.69
CA VAL A 21 4.31 -5.29 -10.16
C VAL A 21 4.96 -3.92 -10.33
N LYS A 22 4.30 -3.00 -11.02
CA LYS A 22 4.90 -1.67 -11.24
C LYS A 22 5.09 -0.93 -9.93
N MET A 23 4.19 -1.09 -8.99
CA MET A 23 4.36 -0.50 -7.67
C MET A 23 5.65 -1.07 -7.04
N ASN A 24 5.84 -2.38 -7.12
CA ASN A 24 7.05 -3.01 -6.57
C ASN A 24 8.31 -2.46 -7.21
N GLU A 25 8.34 -2.40 -8.52
CA GLU A 25 9.52 -1.89 -9.22
C GLU A 25 9.82 -0.46 -8.83
N ALA A 26 8.79 0.37 -8.72
CA ALA A 26 8.96 1.77 -8.32
C ALA A 26 9.48 1.87 -6.89
N ALA A 27 9.06 0.95 -6.04
CA ALA A 27 9.48 0.96 -4.65
C ALA A 27 10.99 0.74 -4.55
N GLU A 28 11.48 -0.24 -5.29
CA GLU A 28 12.89 -0.59 -5.27
C GLU A 28 13.76 0.41 -6.01
N GLU A 29 13.27 0.92 -7.12
CA GLU A 29 14.01 1.91 -7.88
C GLU A 29 14.35 3.12 -7.03
N ASP A 30 13.41 3.58 -6.22
CA ASP A 30 13.66 4.70 -5.35
C ASP A 30 14.80 4.42 -4.38
N ARG A 31 14.96 3.16 -3.97
CA ARG A 31 16.05 2.77 -3.07
C ARG A 31 17.38 2.84 -3.82
N GLN A 32 17.37 2.55 -5.12
CA GLN A 32 18.60 2.57 -5.91
C GLN A 32 19.01 4.01 -6.14
N LEU A 33 18.01 4.83 -6.45
CA LEU A 33 18.25 6.25 -6.69
C LEU A 33 18.82 6.89 -5.42
N ASN A 34 18.23 6.56 -4.28
CA ASN A 34 18.73 7.01 -3.00
C ASN A 34 20.13 6.48 -2.69
N ASN A 35 20.47 5.31 -3.22
CA ASN A 35 21.77 4.68 -2.98
C ASN A 35 22.81 5.55 -3.66
N GLN A 36 22.43 6.14 -4.77
CA GLN A 36 23.29 7.04 -5.52
C GLN A 36 23.16 8.50 -5.09
N LYS A 37 22.37 8.74 -4.05
CA LYS A 37 22.09 10.09 -3.51
C LYS A 37 21.45 10.98 -4.56
N LYS A 38 20.62 10.38 -5.41
CA LYS A 38 19.86 11.12 -6.42
C LYS A 38 18.43 11.21 -5.92
N PRO A 39 17.69 12.24 -6.33
CA PRO A 39 16.28 12.29 -5.92
C PRO A 39 15.54 11.05 -6.39
N ALA A 40 14.63 10.55 -5.57
CA ALA A 40 13.88 9.35 -5.89
C ALA A 40 12.40 9.66 -5.78
N LEU A 41 11.69 9.53 -6.89
CA LEU A 41 10.28 9.93 -6.97
C LEU A 41 9.41 8.94 -7.74
N LYS A 42 9.86 7.70 -7.92
CA LYS A 42 9.09 6.74 -8.70
C LYS A 42 7.76 6.41 -8.05
N LYS A 43 7.72 6.28 -6.72
CA LYS A 43 6.42 6.07 -6.04
C LYS A 43 5.57 7.32 -6.19
N LEU A 44 6.19 8.50 -6.16
CA LEU A 44 5.46 9.76 -6.21
C LEU A 44 4.80 9.99 -7.58
N THR A 45 5.54 9.77 -8.65
CA THR A 45 5.01 9.97 -10.01
C THR A 45 3.95 8.93 -10.34
N LEU A 46 4.05 7.78 -9.68
CA LEU A 46 3.17 6.66 -9.96
C LEU A 46 1.93 6.74 -9.06
N LEU A 47 2.01 7.55 -8.01
CA LEU A 47 0.90 7.69 -7.06
C LEU A 47 -0.47 8.07 -7.67
N PRO A 48 -0.54 9.12 -8.50
CA PRO A 48 -1.89 9.39 -9.01
C PRO A 48 -2.34 8.33 -10.02
N ALA A 49 -1.36 7.64 -10.60
CA ALA A 49 -1.63 6.60 -11.55
C ALA A 49 -2.16 5.35 -10.83
N VAL A 50 -1.59 5.00 -9.68
CA VAL A 50 -2.09 3.85 -8.94
C VAL A 50 -3.47 4.15 -8.42
N VAL A 51 -3.70 5.35 -7.93
CA VAL A 51 -5.01 5.72 -7.35
C VAL A 51 -6.16 5.38 -8.26
N MET A 52 -6.05 5.74 -9.53
CA MET A 52 -7.12 5.45 -10.49
C MET A 52 -7.40 3.94 -10.58
N HIS A 53 -6.35 3.13 -10.49
CA HIS A 53 -6.50 1.68 -10.54
C HIS A 53 -6.94 1.11 -9.18
N LEU A 54 -6.44 1.68 -8.10
CA LEU A 54 -6.75 1.19 -6.75
C LEU A 54 -8.22 1.48 -6.43
N LYS A 55 -8.81 2.42 -7.16
CA LYS A 55 -10.23 2.74 -7.01
C LYS A 55 -11.16 1.71 -7.64
N LYS A 56 -10.60 0.74 -8.36
CA LYS A 56 -11.40 -0.33 -8.97
C LYS A 56 -11.77 -1.35 -7.90
N GLN A 57 -12.69 -0.96 -7.04
CA GLN A 57 -13.19 -1.78 -5.94
C GLN A 57 -13.84 -3.05 -6.46
N ASP A 58 -14.23 -3.04 -7.72
CA ASP A 58 -14.85 -4.17 -8.39
C ASP A 58 -13.94 -5.39 -8.37
N LEU A 59 -12.63 -5.13 -8.41
CA LEU A 59 -11.59 -6.17 -8.54
C LEU A 59 -10.90 -6.42 -7.21
N LYS A 60 -11.63 -6.16 -6.14
CA LYS A 60 -11.12 -6.32 -4.77
C LYS A 60 -10.39 -7.61 -4.50
N GLU A 61 -10.93 -8.73 -4.97
CA GLU A 61 -10.33 -10.03 -4.71
C GLU A 61 -8.94 -10.14 -5.33
N THR A 62 -8.80 -9.71 -6.58
CA THR A 62 -7.51 -9.79 -7.24
C THR A 62 -6.52 -8.87 -6.56
N PHE A 63 -6.95 -7.68 -6.19
CA PHE A 63 -6.05 -6.74 -5.53
C PHE A 63 -5.51 -7.32 -4.21
N ILE A 64 -6.39 -7.92 -3.45
CA ILE A 64 -6.02 -8.46 -2.15
C ILE A 64 -5.08 -9.66 -2.33
N ASP A 65 -5.42 -10.56 -3.26
CA ASP A 65 -4.62 -11.78 -3.47
C ASP A 65 -3.28 -11.53 -4.18
N SER A 66 -3.26 -10.62 -5.14
CA SER A 66 -2.05 -10.27 -5.88
C SER A 66 -1.04 -9.56 -4.97
N GLY A 67 -1.48 -9.22 -3.77
CA GLY A 67 -0.57 -8.63 -2.80
C GLY A 67 -0.45 -7.13 -2.88
N VAL A 68 -1.51 -6.41 -3.23
CA VAL A 68 -1.46 -4.94 -3.24
C VAL A 68 -1.09 -4.49 -1.85
N MET A 69 -1.53 -5.22 -0.84
CA MET A 69 -1.23 -4.89 0.55
C MET A 69 0.28 -4.86 0.80
N SER A 70 1.00 -5.73 0.11
CA SER A 70 2.45 -5.81 0.26
C SER A 70 3.09 -4.68 -0.51
N ALA A 71 2.57 -4.40 -1.69
CA ALA A 71 3.12 -3.34 -2.51
C ALA A 71 2.88 -1.97 -1.83
N ILE A 72 1.71 -1.77 -1.24
CA ILE A 72 1.41 -0.54 -0.49
C ILE A 72 2.35 -0.48 0.70
N LYS A 73 2.60 -1.60 1.36
CA LYS A 73 3.49 -1.64 2.52
C LYS A 73 4.86 -1.08 2.17
N GLU A 74 5.43 -1.51 1.06
CA GLU A 74 6.73 -1.02 0.65
C GLU A 74 6.69 0.45 0.27
N TRP A 75 5.54 0.92 -0.20
CA TRP A 75 5.40 2.31 -0.54
C TRP A 75 5.37 3.18 0.70
N LEU A 76 5.10 2.59 1.86
CA LEU A 76 5.11 3.33 3.12
C LEU A 76 6.52 3.43 3.67
N SER A 77 7.37 2.51 3.24
CA SER A 77 8.75 2.45 3.71
C SER A 77 9.58 3.62 3.20
N PRO A 78 10.19 4.40 4.12
CA PRO A 78 11.07 5.46 3.66
C PRO A 78 12.42 4.93 3.21
N LEU A 79 13.20 5.81 2.61
CA LEU A 79 14.49 5.46 2.03
C LEU A 79 15.61 5.66 3.07
N PRO A 80 16.83 5.12 2.83
CA PRO A 80 17.97 5.32 3.75
C PRO A 80 18.35 6.77 4.08
N ASP A 81 17.73 7.73 3.40
CA ASP A 81 17.92 9.16 3.64
C ASP A 81 17.19 9.59 4.92
N ARG A 82 16.36 8.68 5.44
CA ARG A 82 15.61 8.83 6.70
C ARG A 82 14.49 9.88 6.65
N SER A 83 14.34 10.53 5.52
CA SER A 83 13.22 11.41 5.30
C SER A 83 12.13 10.49 4.83
N LEU A 84 10.91 10.95 4.93
CA LEU A 84 9.74 10.18 4.48
C LEU A 84 9.20 10.73 3.16
N PRO A 85 9.77 10.34 2.00
CA PRO A 85 9.12 10.86 0.79
C PRO A 85 7.74 10.24 0.61
N ALA A 86 7.54 9.12 1.28
CA ALA A 86 6.29 8.38 1.30
C ALA A 86 5.18 9.16 2.01
N LEU A 87 5.52 10.26 2.66
CA LEU A 87 4.51 11.03 3.40
C LEU A 87 3.40 11.47 2.48
N LYS A 88 3.74 12.04 1.33
CA LYS A 88 2.72 12.48 0.38
C LYS A 88 1.96 11.36 -0.27
N ILE A 89 2.64 10.26 -0.51
CA ILE A 89 2.03 9.14 -1.17
C ILE A 89 1.03 8.45 -0.25
N ARG A 90 1.40 8.30 1.01
CA ARG A 90 0.51 7.65 1.95
C ARG A 90 -0.74 8.47 2.26
N GLU A 91 -0.72 9.77 1.99
CA GLU A 91 -1.94 10.58 2.16
C GLU A 91 -3.06 9.92 1.35
N GLU A 92 -2.76 9.47 0.14
CA GLU A 92 -3.74 8.75 -0.66
C GLU A 92 -3.83 7.27 -0.31
N LEU A 93 -2.70 6.58 -0.31
CA LEU A 93 -2.71 5.12 -0.14
C LEU A 93 -3.28 4.64 1.18
N LEU A 94 -3.14 5.42 2.24
CA LEU A 94 -3.61 4.99 3.53
C LEU A 94 -5.13 5.04 3.58
N LYS A 95 -5.74 5.93 2.81
CA LYS A 95 -7.20 5.97 2.71
C LYS A 95 -7.69 4.68 2.06
N ILE A 96 -7.04 4.29 0.97
CA ILE A 96 -7.41 3.09 0.21
C ILE A 96 -7.37 1.84 1.10
N LEU A 97 -6.45 1.81 2.03
CA LEU A 97 -6.34 0.69 2.97
C LEU A 97 -7.60 0.51 3.82
N GLN A 98 -8.36 1.58 4.00
CA GLN A 98 -9.61 1.53 4.77
C GLN A 98 -10.81 1.23 3.86
N GLU A 99 -10.59 1.27 2.55
CA GLU A 99 -11.66 1.03 1.58
C GLU A 99 -11.78 -0.44 1.23
N LEU A 100 -10.85 -1.26 1.69
CA LEU A 100 -10.87 -2.68 1.42
C LEU A 100 -12.08 -3.32 2.10
N PRO A 101 -12.69 -4.33 1.46
CA PRO A 101 -13.91 -4.95 1.99
C PRO A 101 -13.69 -5.83 3.22
N SER A 102 -13.05 -6.95 2.98
CA SER A 102 -12.78 -7.93 4.03
C SER A 102 -11.46 -8.62 3.81
N VAL A 103 -10.41 -7.82 3.72
CA VAL A 103 -9.05 -8.35 3.57
C VAL A 103 -8.80 -9.19 4.82
N SER A 104 -8.31 -10.40 4.62
CA SER A 104 -8.10 -11.32 5.71
C SER A 104 -7.04 -10.78 6.65
N GLN A 105 -7.16 -11.13 7.93
CA GLN A 105 -6.19 -10.70 8.94
C GLN A 105 -4.86 -11.32 8.57
N GLU A 106 -4.91 -12.49 7.95
CA GLU A 106 -3.72 -13.17 7.46
C GLU A 106 -2.99 -12.34 6.41
N THR A 107 -3.72 -11.67 5.53
CA THR A 107 -3.09 -10.89 4.48
C THR A 107 -2.44 -9.67 5.11
N LEU A 108 -3.13 -9.04 6.05
CA LEU A 108 -2.60 -7.87 6.76
C LEU A 108 -1.33 -8.26 7.53
N LYS A 109 -1.34 -9.45 8.09
CA LYS A 109 -0.18 -9.98 8.84
C LYS A 109 1.00 -10.29 7.91
N HIS A 110 0.74 -11.02 6.84
CA HIS A 110 1.79 -11.44 5.91
C HIS A 110 2.40 -10.27 5.15
N SER A 111 1.58 -9.34 4.71
CA SER A 111 2.08 -8.16 4.01
C SER A 111 2.84 -7.27 4.98
N GLY A 112 2.48 -7.35 6.26
CA GLY A 112 3.13 -6.54 7.27
C GLY A 112 2.64 -5.11 7.24
N ILE A 113 1.58 -4.85 6.50
CA ILE A 113 1.06 -3.51 6.32
C ILE A 113 0.66 -2.86 7.65
N GLY A 114 0.10 -3.64 8.58
CA GLY A 114 -0.27 -3.11 9.87
C GLY A 114 0.92 -2.54 10.61
N ARG A 115 2.05 -3.22 10.51
CA ARG A 115 3.28 -2.79 11.19
C ARG A 115 3.79 -1.48 10.59
N ALA A 116 3.65 -1.34 9.28
CA ALA A 116 4.10 -0.12 8.60
C ALA A 116 3.23 1.08 9.02
N VAL A 117 1.94 0.87 9.17
CA VAL A 117 1.05 1.95 9.64
C VAL A 117 1.47 2.33 11.05
N MET A 118 1.71 1.34 11.90
CA MET A 118 2.13 1.62 13.27
C MET A 118 3.44 2.41 13.30
N TYR A 119 4.38 2.06 12.43
CA TYR A 119 5.66 2.76 12.36
C TYR A 119 5.42 4.25 12.10
N LEU A 120 4.66 4.55 11.06
CA LEU A 120 4.40 5.93 10.69
C LEU A 120 3.52 6.66 11.69
N TYR A 121 2.59 5.95 12.30
CA TYR A 121 1.70 6.56 13.28
C TYR A 121 2.48 7.13 14.47
N LYS A 122 3.44 6.37 14.98
CA LYS A 122 4.29 6.85 16.05
C LYS A 122 5.39 7.81 15.58
N HIS A 123 5.57 7.96 14.28
CA HIS A 123 6.64 8.79 13.75
C HIS A 123 6.36 10.27 14.02
N PRO A 124 7.35 11.01 14.52
CA PRO A 124 7.12 12.43 14.87
C PRO A 124 7.08 13.38 13.66
N LYS A 125 7.20 12.82 12.46
CA LYS A 125 7.14 13.63 11.23
C LYS A 125 5.88 13.34 10.41
N GLU A 126 5.02 12.48 10.94
CA GLU A 126 3.75 12.15 10.28
C GLU A 126 2.86 13.41 10.28
N SER A 127 2.17 13.67 9.18
CA SER A 127 1.30 14.85 9.08
C SER A 127 0.06 14.65 9.95
N ARG A 128 -0.57 15.74 10.39
CA ARG A 128 -1.73 15.63 11.28
C ARG A 128 -2.87 14.81 10.67
N SER A 129 -3.08 14.94 9.37
CA SER A 129 -4.16 14.21 8.71
C SER A 129 -3.84 12.72 8.66
N ASN A 130 -2.60 12.40 8.32
CA ASN A 130 -2.20 11.01 8.23
C ASN A 130 -2.23 10.38 9.61
N LYS A 131 -1.94 11.18 10.64
CA LYS A 131 -1.96 10.69 12.02
C LYS A 131 -3.31 10.11 12.36
N ASP A 132 -4.36 10.83 12.03
CA ASP A 132 -5.72 10.40 12.35
C ASP A 132 -6.09 9.12 11.62
N MET A 133 -5.88 9.11 10.32
CA MET A 133 -6.24 7.95 9.50
C MET A 133 -5.39 6.74 9.87
N ALA A 134 -4.14 6.97 10.25
CA ALA A 134 -3.26 5.89 10.68
C ALA A 134 -3.77 5.29 11.99
N GLY A 135 -4.22 6.16 12.89
CA GLY A 135 -4.76 5.68 14.16
C GLY A 135 -6.00 4.85 13.89
N LYS A 136 -6.83 5.32 12.98
CA LYS A 136 -8.02 4.61 12.57
C LYS A 136 -7.70 3.22 12.05
N LEU A 137 -6.74 3.11 11.15
CA LEU A 137 -6.39 1.80 10.58
C LEU A 137 -5.96 0.79 11.63
N ILE A 138 -5.20 1.24 12.62
CA ILE A 138 -4.75 0.38 13.71
C ILE A 138 -5.95 -0.16 14.50
N ASN A 139 -7.02 0.63 14.57
CA ASN A 139 -8.21 0.25 15.31
C ASN A 139 -9.22 -0.55 14.48
N GLU A 140 -9.44 -0.15 13.23
CA GLU A 140 -10.47 -0.77 12.37
C GLU A 140 -10.04 -2.06 11.68
N TRP A 141 -8.74 -2.30 11.57
CA TRP A 141 -8.28 -3.55 11.01
C TRP A 141 -8.36 -4.59 12.13
N SER A 142 -9.12 -5.66 11.85
CA SER A 142 -9.40 -6.72 12.84
C SER A 142 -10.22 -6.09 13.97
N ARG A 143 -10.08 -6.59 15.19
CA ARG A 143 -10.78 -6.01 16.36
C ARG A 143 -12.29 -5.76 16.15
N PRO A 144 -13.05 -6.78 15.72
CA PRO A 144 -14.46 -6.42 15.51
C PRO A 144 -15.18 -6.09 16.82
N ILE A 145 -16.10 -5.14 16.74
CA ILE A 145 -16.89 -4.73 17.89
C ILE A 145 -18.20 -5.54 17.94
N PHE A 146 -18.31 -6.49 17.01
CA PHE A 146 -19.47 -7.35 16.91
C PHE A 146 -19.09 -8.73 17.40
N GLY A 147 -19.97 -9.35 18.17
CA GLY A 147 -19.72 -10.68 18.71
C GLY A 147 -20.98 -11.11 19.44
N LEU A 148 -20.94 -12.28 20.05
CA LEU A 148 -22.10 -12.78 20.78
C LEU A 148 -22.30 -11.96 22.06
N GLY A 149 -23.55 -11.58 22.32
CA GLY A 149 -23.89 -10.82 23.50
C GLY A 149 -25.41 -10.80 23.58
N SER A 150 -25.94 -10.16 24.62
CA SER A 150 -27.39 -10.07 24.86
C SER A 150 -28.05 -11.45 24.92
N SER A 1 -1.96 -21.60 -21.48
CA SER A 1 -1.03 -20.45 -21.28
C SER A 1 0.03 -20.43 -22.37
N ASN A 2 1.04 -21.29 -22.26
CA ASN A 2 2.09 -21.39 -23.26
C ASN A 2 1.50 -21.95 -24.55
N ALA A 3 2.23 -21.78 -25.65
CA ALA A 3 1.82 -22.28 -26.98
C ALA A 3 0.40 -21.83 -27.39
N ALA A 4 0.02 -20.64 -26.94
CA ALA A 4 -1.29 -20.04 -27.24
C ALA A 4 -2.47 -20.94 -26.81
N SER A 5 -2.23 -21.87 -25.90
CA SER A 5 -3.26 -22.80 -25.44
C SER A 5 -4.12 -22.15 -24.35
N GLY A 6 -4.81 -21.08 -24.72
CA GLY A 6 -5.67 -20.36 -23.80
C GLY A 6 -4.87 -19.60 -22.74
N THR A 7 -5.57 -18.92 -21.85
CA THR A 7 -4.94 -18.20 -20.73
C THR A 7 -5.80 -18.47 -19.52
N PHE A 8 -5.25 -18.21 -18.34
CA PHE A 8 -6.01 -18.32 -17.09
C PHE A 8 -6.12 -16.93 -16.48
N ILE A 9 -5.11 -16.11 -16.76
CA ILE A 9 -5.09 -14.72 -16.33
C ILE A 9 -6.09 -14.01 -17.23
N SER A 10 -7.00 -13.29 -16.63
CA SER A 10 -8.02 -12.54 -17.37
C SER A 10 -7.51 -11.13 -17.63
N ASP A 11 -8.15 -10.39 -18.53
CA ASP A 11 -7.72 -9.03 -18.87
C ASP A 11 -7.61 -8.12 -17.64
N ALA A 12 -8.60 -8.19 -16.76
CA ALA A 12 -8.59 -7.37 -15.55
C ALA A 12 -7.53 -7.85 -14.57
N ASP A 13 -7.32 -9.16 -14.52
CA ASP A 13 -6.36 -9.77 -13.61
C ASP A 13 -4.95 -9.35 -13.99
N ASP A 14 -4.69 -9.27 -15.28
CA ASP A 14 -3.38 -8.85 -15.79
C ASP A 14 -3.11 -7.41 -15.36
N VAL A 15 -4.12 -6.56 -15.44
CA VAL A 15 -3.96 -5.15 -15.05
C VAL A 15 -3.70 -5.04 -13.56
N VAL A 16 -4.38 -5.83 -12.74
CA VAL A 16 -4.15 -5.79 -11.30
C VAL A 16 -2.74 -6.29 -11.02
N SER A 17 -2.34 -7.39 -11.65
CA SER A 17 -1.01 -7.96 -11.44
C SER A 17 0.07 -6.96 -11.87
N ALA A 18 -0.16 -6.32 -13.01
CA ALA A 18 0.75 -5.32 -13.52
C ALA A 18 0.86 -4.17 -12.53
N MET A 19 -0.26 -3.76 -11.96
CA MET A 19 -0.22 -2.66 -10.99
C MET A 19 0.64 -3.03 -9.78
N ILE A 20 0.44 -4.20 -9.20
CA ILE A 20 1.24 -4.63 -8.06
C ILE A 20 2.73 -4.70 -8.41
N VAL A 21 3.08 -5.33 -9.53
CA VAL A 21 4.48 -5.46 -9.86
C VAL A 21 5.10 -4.09 -10.17
N LYS A 22 4.40 -3.20 -10.86
CA LYS A 22 4.99 -1.88 -11.16
C LYS A 22 5.15 -1.06 -9.90
N MET A 23 4.23 -1.18 -8.95
CA MET A 23 4.39 -0.52 -7.67
C MET A 23 5.67 -1.05 -7.00
N ASN A 24 5.91 -2.36 -7.06
CA ASN A 24 7.13 -2.93 -6.48
C ASN A 24 8.40 -2.37 -7.10
N GLU A 25 8.42 -2.29 -8.42
CA GLU A 25 9.61 -1.77 -9.11
C GLU A 25 9.85 -0.31 -8.71
N ALA A 26 8.79 0.48 -8.60
CA ALA A 26 8.93 1.87 -8.19
C ALA A 26 9.48 1.97 -6.78
N ALA A 27 9.13 1.02 -5.93
CA ALA A 27 9.56 1.05 -4.55
C ALA A 27 11.06 0.79 -4.47
N GLU A 28 11.53 -0.17 -5.24
CA GLU A 28 12.96 -0.46 -5.25
C GLU A 28 13.74 0.58 -6.04
N GLU A 29 13.13 1.19 -7.05
CA GLU A 29 13.83 2.18 -7.87
C GLU A 29 14.22 3.33 -7.01
N ASP A 30 13.33 3.78 -6.13
CA ASP A 30 13.67 4.87 -5.24
C ASP A 30 14.89 4.51 -4.41
N ARG A 31 14.99 3.26 -4.00
CA ARG A 31 16.14 2.78 -3.22
C ARG A 31 17.41 2.71 -4.05
N GLN A 32 17.28 2.43 -5.34
CA GLN A 32 18.42 2.33 -6.23
C GLN A 32 18.89 3.75 -6.47
N LEU A 33 17.95 4.65 -6.63
CA LEU A 33 18.25 6.07 -6.84
C LEU A 33 18.97 6.61 -5.60
N ASN A 34 18.43 6.37 -4.42
CA ASN A 34 19.09 6.73 -3.19
C ASN A 34 20.49 6.12 -3.02
N ASN A 35 20.72 4.95 -3.62
CA ASN A 35 21.99 4.25 -3.50
C ASN A 35 23.07 5.08 -4.19
N GLN A 36 22.66 5.79 -5.22
CA GLN A 36 23.56 6.61 -6.01
C GLN A 36 23.40 8.09 -5.64
N LYS A 37 22.64 8.33 -4.56
CA LYS A 37 22.37 9.69 -4.03
C LYS A 37 21.67 10.56 -5.08
N LYS A 38 20.87 9.92 -5.92
CA LYS A 38 20.09 10.61 -6.95
C LYS A 38 18.70 10.86 -6.38
N PRO A 39 18.01 11.91 -6.86
CA PRO A 39 16.65 12.12 -6.37
C PRO A 39 15.77 10.91 -6.68
N ALA A 40 14.88 10.56 -5.76
CA ALA A 40 14.03 9.40 -5.91
C ALA A 40 12.56 9.79 -5.74
N LEU A 41 11.79 9.61 -6.82
CA LEU A 41 10.38 10.02 -6.87
C LEU A 41 9.52 9.05 -7.71
N LYS A 42 9.92 7.80 -7.84
CA LYS A 42 9.18 6.86 -8.68
C LYS A 42 7.81 6.56 -8.09
N LYS A 43 7.71 6.47 -6.77
CA LYS A 43 6.40 6.30 -6.14
C LYS A 43 5.54 7.54 -6.35
N LEU A 44 6.18 8.70 -6.44
CA LEU A 44 5.45 9.97 -6.59
C LEU A 44 4.84 10.10 -7.97
N THR A 45 5.61 9.80 -9.01
CA THR A 45 5.09 9.91 -10.38
C THR A 45 4.01 8.86 -10.65
N LEU A 46 4.07 7.77 -9.90
CA LEU A 46 3.18 6.66 -10.10
C LEU A 46 1.95 6.80 -9.21
N LEU A 47 1.99 7.74 -8.28
CA LEU A 47 0.90 7.96 -7.31
C LEU A 47 -0.49 8.14 -7.97
N PRO A 48 -0.65 9.08 -8.92
CA PRO A 48 -2.03 9.21 -9.42
C PRO A 48 -2.41 8.06 -10.33
N ALA A 49 -1.40 7.41 -10.88
CA ALA A 49 -1.59 6.31 -11.78
C ALA A 49 -2.08 5.10 -10.98
N VAL A 50 -1.52 4.86 -9.80
CA VAL A 50 -2.00 3.75 -8.99
C VAL A 50 -3.40 4.07 -8.48
N VAL A 51 -3.63 5.29 -7.99
CA VAL A 51 -4.94 5.66 -7.40
C VAL A 51 -6.06 5.35 -8.36
N MET A 52 -5.91 5.71 -9.61
CA MET A 52 -6.95 5.43 -10.61
C MET A 52 -7.31 3.94 -10.63
N HIS A 53 -6.30 3.09 -10.52
CA HIS A 53 -6.52 1.65 -10.47
C HIS A 53 -6.94 1.15 -9.09
N LEU A 54 -6.46 1.77 -8.02
CA LEU A 54 -6.70 1.31 -6.67
C LEU A 54 -8.16 1.57 -6.30
N LYS A 55 -8.79 2.49 -7.01
CA LYS A 55 -10.21 2.81 -6.80
C LYS A 55 -11.13 1.82 -7.52
N LYS A 56 -10.57 0.85 -8.22
CA LYS A 56 -11.38 -0.15 -8.91
C LYS A 56 -11.88 -1.19 -7.92
N GLN A 57 -12.94 -0.84 -7.22
CA GLN A 57 -13.59 -1.70 -6.25
C GLN A 57 -14.10 -2.98 -6.92
N ASP A 58 -14.24 -2.93 -8.23
CA ASP A 58 -14.72 -4.07 -9.00
C ASP A 58 -13.80 -5.27 -8.77
N LEU A 59 -12.48 -5.04 -8.77
CA LEU A 59 -11.49 -6.07 -8.54
C LEU A 59 -10.87 -6.03 -7.14
N LYS A 60 -11.61 -5.53 -6.14
CA LYS A 60 -11.05 -5.38 -4.78
C LYS A 60 -10.43 -6.68 -4.23
N GLU A 61 -11.07 -7.81 -4.45
CA GLU A 61 -10.58 -9.09 -3.94
C GLU A 61 -9.33 -9.50 -4.69
N THR A 62 -9.30 -9.27 -6.00
CA THR A 62 -8.14 -9.59 -6.80
C THR A 62 -6.94 -8.77 -6.34
N PHE A 63 -7.17 -7.49 -6.06
CA PHE A 63 -6.11 -6.63 -5.57
C PHE A 63 -5.53 -7.14 -4.25
N ILE A 64 -6.41 -7.59 -3.37
CA ILE A 64 -5.99 -8.09 -2.07
C ILE A 64 -5.15 -9.36 -2.24
N ASP A 65 -5.62 -10.29 -3.06
CA ASP A 65 -4.92 -11.56 -3.27
C ASP A 65 -3.61 -11.40 -4.03
N SER A 66 -3.59 -10.47 -4.98
CA SER A 66 -2.40 -10.17 -5.77
C SER A 66 -1.32 -9.51 -4.92
N GLY A 67 -1.68 -9.14 -3.70
CA GLY A 67 -0.70 -8.58 -2.78
C GLY A 67 -0.54 -7.08 -2.85
N VAL A 68 -1.60 -6.34 -3.17
CA VAL A 68 -1.53 -4.87 -3.17
C VAL A 68 -1.13 -4.40 -1.79
N MET A 69 -1.56 -5.13 -0.78
CA MET A 69 -1.24 -4.81 0.61
C MET A 69 0.26 -4.81 0.84
N SER A 70 0.98 -5.66 0.11
CA SER A 70 2.43 -5.77 0.24
C SER A 70 3.06 -4.62 -0.49
N ALA A 71 2.52 -4.31 -1.66
CA ALA A 71 3.06 -3.24 -2.48
C ALA A 71 2.85 -1.87 -1.81
N ILE A 72 1.68 -1.67 -1.20
CA ILE A 72 1.42 -0.44 -0.45
C ILE A 72 2.38 -0.37 0.71
N LYS A 73 2.59 -1.50 1.40
CA LYS A 73 3.53 -1.55 2.54
C LYS A 73 4.92 -1.11 2.12
N GLU A 74 5.37 -1.56 0.95
CA GLU A 74 6.69 -1.16 0.45
C GLU A 74 6.71 0.34 0.14
N TRP A 75 5.58 0.91 -0.23
CA TRP A 75 5.51 2.34 -0.51
C TRP A 75 5.57 3.16 0.76
N LEU A 76 5.02 2.62 1.85
CA LEU A 76 5.01 3.34 3.13
C LEU A 76 6.41 3.38 3.72
N SER A 77 7.22 2.39 3.34
CA SER A 77 8.59 2.28 3.82
C SER A 77 9.49 3.29 3.10
N PRO A 78 10.12 4.22 3.86
CA PRO A 78 10.99 5.20 3.21
C PRO A 78 12.40 4.69 2.93
N LEU A 79 13.25 5.56 2.41
CA LEU A 79 14.64 5.25 2.14
C LEU A 79 15.42 5.12 3.45
N PRO A 80 16.63 4.52 3.41
CA PRO A 80 17.46 4.45 4.64
C PRO A 80 17.97 5.83 5.08
N ASP A 81 17.63 6.85 4.31
CA ASP A 81 17.91 8.25 4.61
C ASP A 81 16.95 8.74 5.71
N ARG A 82 15.90 7.95 5.94
CA ARG A 82 14.90 8.16 7.01
C ARG A 82 13.99 9.37 6.84
N SER A 83 14.16 10.12 5.76
CA SER A 83 13.27 11.21 5.46
C SER A 83 12.09 10.52 4.84
N LEU A 84 10.97 11.19 4.92
CA LEU A 84 9.71 10.65 4.39
C LEU A 84 9.18 11.46 3.19
N PRO A 85 9.87 11.41 2.01
CA PRO A 85 9.30 12.15 0.87
C PRO A 85 8.05 11.48 0.33
N ALA A 86 7.80 10.28 0.82
CA ALA A 86 6.65 9.48 0.44
C ALA A 86 5.40 10.01 1.13
N LEU A 87 5.53 11.09 1.88
CA LEU A 87 4.41 11.67 2.62
C LEU A 87 3.22 11.92 1.72
N LYS A 88 3.48 12.54 0.56
CA LYS A 88 2.38 12.92 -0.35
C LYS A 88 1.63 11.70 -0.86
N ILE A 89 2.35 10.60 -0.96
CA ILE A 89 1.78 9.37 -1.48
C ILE A 89 0.94 8.67 -0.42
N ARG A 90 1.43 8.65 0.81
CA ARG A 90 0.72 7.97 1.90
C ARG A 90 -0.60 8.62 2.17
N GLU A 91 -0.67 9.92 1.96
CA GLU A 91 -1.88 10.68 2.17
C GLU A 91 -3.04 10.07 1.37
N GLU A 92 -2.79 9.65 0.13
CA GLU A 92 -3.80 8.91 -0.62
C GLU A 92 -3.86 7.42 -0.31
N LEU A 93 -2.70 6.76 -0.32
CA LEU A 93 -2.68 5.31 -0.14
C LEU A 93 -3.24 4.81 1.18
N LEU A 94 -3.07 5.55 2.26
CA LEU A 94 -3.54 5.08 3.53
C LEU A 94 -5.05 5.16 3.61
N LYS A 95 -5.66 6.09 2.87
CA LYS A 95 -7.11 6.14 2.74
C LYS A 95 -7.59 4.85 2.08
N ILE A 96 -6.94 4.46 1.00
CA ILE A 96 -7.31 3.26 0.25
C ILE A 96 -7.31 2.01 1.14
N LEU A 97 -6.39 1.97 2.09
CA LEU A 97 -6.32 0.86 3.04
C LEU A 97 -7.60 0.73 3.90
N GLN A 98 -8.32 1.82 4.08
CA GLN A 98 -9.56 1.82 4.88
C GLN A 98 -10.76 1.48 3.99
N GLU A 99 -10.55 1.54 2.67
CA GLU A 99 -11.61 1.26 1.69
C GLU A 99 -11.75 -0.23 1.41
N LEU A 100 -10.81 -1.03 1.91
CA LEU A 100 -10.83 -2.46 1.69
C LEU A 100 -11.97 -3.11 2.47
N PRO A 101 -12.63 -4.13 1.90
CA PRO A 101 -13.76 -4.81 2.56
C PRO A 101 -13.37 -5.76 3.70
N SER A 102 -12.93 -6.96 3.35
CA SER A 102 -12.59 -8.00 4.32
C SER A 102 -11.28 -8.67 4.02
N VAL A 103 -10.24 -7.88 3.92
CA VAL A 103 -8.88 -8.40 3.70
C VAL A 103 -8.60 -9.28 4.92
N SER A 104 -8.09 -10.48 4.68
CA SER A 104 -7.86 -11.42 5.76
C SER A 104 -6.72 -10.93 6.64
N GLN A 105 -6.76 -11.33 7.91
CA GLN A 105 -5.70 -11.00 8.84
C GLN A 105 -4.40 -11.60 8.34
N GLU A 106 -4.50 -12.73 7.65
CA GLU A 106 -3.32 -13.37 7.11
C GLU A 106 -2.64 -12.50 6.05
N THR A 107 -3.41 -11.79 5.23
CA THR A 107 -2.81 -10.95 4.20
C THR A 107 -2.14 -9.77 4.90
N LEU A 108 -2.85 -9.16 5.85
CA LEU A 108 -2.29 -8.04 6.62
C LEU A 108 -1.00 -8.45 7.34
N LYS A 109 -0.99 -9.66 7.87
CA LYS A 109 0.18 -10.21 8.56
C LYS A 109 1.34 -10.47 7.60
N HIS A 110 1.06 -11.15 6.50
CA HIS A 110 2.11 -11.51 5.54
C HIS A 110 2.71 -10.28 4.87
N SER A 111 1.86 -9.31 4.52
CA SER A 111 2.34 -8.07 3.94
C SER A 111 3.10 -7.27 4.98
N GLY A 112 2.70 -7.38 6.24
CA GLY A 112 3.32 -6.61 7.31
C GLY A 112 2.82 -5.18 7.29
N ILE A 113 1.76 -4.95 6.53
CA ILE A 113 1.19 -3.61 6.35
C ILE A 113 0.71 -3.04 7.70
N GLY A 114 0.20 -3.87 8.58
CA GLY A 114 -0.22 -3.39 9.90
C GLY A 114 0.93 -2.73 10.65
N ARG A 115 2.10 -3.35 10.56
CA ARG A 115 3.29 -2.80 11.22
C ARG A 115 3.73 -1.52 10.52
N ALA A 116 3.57 -1.45 9.21
CA ALA A 116 3.94 -0.25 8.46
C ALA A 116 3.05 0.94 8.87
N VAL A 117 1.75 0.72 9.07
CA VAL A 117 0.85 1.78 9.53
C VAL A 117 1.28 2.20 10.93
N MET A 118 1.51 1.23 11.80
CA MET A 118 1.91 1.52 13.17
C MET A 118 3.23 2.28 13.26
N TYR A 119 4.16 1.97 12.35
CA TYR A 119 5.46 2.66 12.30
C TYR A 119 5.24 4.16 12.15
N LEU A 120 4.38 4.53 11.22
CA LEU A 120 4.11 5.93 10.93
C LEU A 120 3.28 6.57 12.04
N TYR A 121 2.38 5.80 12.61
CA TYR A 121 1.53 6.28 13.69
C TYR A 121 2.37 6.74 14.88
N LYS A 122 3.47 6.05 15.14
CA LYS A 122 4.38 6.43 16.22
C LYS A 122 5.45 7.41 15.76
N HIS A 123 5.67 7.50 14.45
CA HIS A 123 6.71 8.37 13.90
C HIS A 123 6.43 9.85 14.22
N PRO A 124 7.40 10.56 14.79
CA PRO A 124 7.12 11.95 15.19
C PRO A 124 6.98 12.92 14.02
N LYS A 125 7.48 12.56 12.85
CA LYS A 125 7.40 13.42 11.67
C LYS A 125 6.18 13.15 10.78
N GLU A 126 5.29 12.23 11.16
CA GLU A 126 4.10 11.94 10.35
C GLU A 126 3.03 13.00 10.65
N SER A 127 2.30 13.42 9.64
CA SER A 127 1.30 14.48 9.78
C SER A 127 0.11 14.02 10.64
N ARG A 128 -0.54 14.96 11.31
CA ARG A 128 -1.68 14.62 12.17
C ARG A 128 -2.81 13.99 11.37
N SER A 129 -3.03 14.47 10.16
CA SER A 129 -4.08 13.93 9.30
C SER A 129 -3.83 12.46 9.02
N ASN A 130 -2.59 12.13 8.66
CA ASN A 130 -2.25 10.75 8.37
C ASN A 130 -2.34 9.90 9.62
N LYS A 131 -1.98 10.46 10.77
CA LYS A 131 -2.06 9.71 12.03
C LYS A 131 -3.49 9.43 12.43
N ASP A 132 -4.41 10.33 12.14
CA ASP A 132 -5.81 10.10 12.48
C ASP A 132 -6.30 8.86 11.73
N MET A 133 -6.05 8.84 10.42
CA MET A 133 -6.46 7.71 9.60
C MET A 133 -5.71 6.45 10.04
N ALA A 134 -4.44 6.60 10.38
CA ALA A 134 -3.63 5.46 10.83
C ALA A 134 -4.20 4.87 12.13
N GLY A 135 -4.65 5.73 13.04
CA GLY A 135 -5.21 5.27 14.29
C GLY A 135 -6.47 4.46 14.08
N LYS A 136 -7.27 4.86 13.09
CA LYS A 136 -8.49 4.11 12.77
C LYS A 136 -8.08 2.77 12.21
N LEU A 137 -7.16 2.82 11.26
CA LEU A 137 -6.74 1.67 10.49
C LEU A 137 -6.22 0.52 11.34
N ILE A 138 -5.46 0.83 12.38
CA ILE A 138 -4.92 -0.18 13.29
C ILE A 138 -6.07 -0.93 14.01
N ASN A 139 -7.16 -0.23 14.31
CA ASN A 139 -8.27 -0.82 15.05
C ASN A 139 -9.38 -1.41 14.19
N GLU A 140 -9.58 -0.88 12.99
CA GLU A 140 -10.63 -1.39 12.11
C GLU A 140 -10.15 -2.63 11.37
N TRP A 141 -8.83 -2.83 11.32
CA TRP A 141 -8.24 -4.07 10.82
C TRP A 141 -8.24 -5.07 12.00
N SER A 142 -9.40 -5.17 12.64
CA SER A 142 -9.67 -5.98 13.84
C SER A 142 -9.03 -5.43 15.11
N ARG A 143 -9.59 -5.83 16.24
CA ARG A 143 -9.17 -5.37 17.56
C ARG A 143 -9.41 -6.54 18.50
N PRO A 144 -8.84 -6.52 19.73
CA PRO A 144 -9.21 -7.65 20.59
C PRO A 144 -10.72 -7.64 20.86
N ILE A 145 -11.31 -8.83 20.95
CA ILE A 145 -12.76 -8.98 21.11
C ILE A 145 -13.28 -8.21 22.33
N PHE A 146 -12.55 -8.30 23.42
CA PHE A 146 -12.94 -7.66 24.68
C PHE A 146 -12.90 -6.13 24.64
N GLY A 147 -12.21 -5.57 23.65
CA GLY A 147 -12.07 -4.13 23.56
C GLY A 147 -11.05 -3.59 24.56
N LEU A 148 -10.33 -4.51 25.18
CA LEU A 148 -9.31 -4.16 26.17
C LEU A 148 -8.18 -3.41 25.48
N GLY A 149 -7.80 -2.26 26.04
CA GLY A 149 -6.73 -1.46 25.47
C GLY A 149 -5.37 -1.79 26.07
N SER A 150 -5.38 -2.09 27.35
CA SER A 150 -4.17 -2.45 28.10
C SER A 150 -4.71 -3.21 29.30
N SER A 1 -1.84 -18.40 -31.90
CA SER A 1 -1.78 -16.95 -31.58
C SER A 1 -1.43 -16.74 -30.13
N ASN A 2 -2.38 -17.06 -29.23
CA ASN A 2 -2.17 -16.97 -27.78
C ASN A 2 -1.84 -15.51 -27.44
N ALA A 3 -0.99 -15.29 -26.46
CA ALA A 3 -0.57 -13.93 -26.02
C ALA A 3 -1.73 -13.03 -25.59
N ALA A 4 -2.81 -13.63 -25.12
CA ALA A 4 -3.97 -12.91 -24.61
C ALA A 4 -4.65 -13.84 -23.61
N SER A 5 -5.14 -13.29 -22.51
CA SER A 5 -5.78 -14.09 -21.46
C SER A 5 -7.23 -14.44 -21.79
N GLY A 6 -7.91 -13.60 -22.55
CA GLY A 6 -9.27 -13.87 -22.95
C GLY A 6 -10.27 -13.60 -21.84
N THR A 7 -11.47 -14.18 -21.96
CA THR A 7 -12.55 -13.99 -20.98
C THR A 7 -12.92 -12.49 -20.95
N PHE A 8 -13.35 -11.97 -19.80
CA PHE A 8 -13.73 -10.55 -19.69
C PHE A 8 -13.12 -9.90 -18.45
N ILE A 9 -13.11 -10.65 -17.34
CA ILE A 9 -12.56 -10.14 -16.08
C ILE A 9 -11.05 -10.02 -16.21
N SER A 10 -10.45 -10.94 -16.95
CA SER A 10 -9.00 -11.00 -17.10
C SER A 10 -8.37 -9.72 -17.63
N ASP A 11 -9.09 -8.97 -18.46
CA ASP A 11 -8.55 -7.72 -19.00
C ASP A 11 -8.23 -6.78 -17.84
N ALA A 12 -9.11 -6.73 -16.85
CA ALA A 12 -8.90 -5.92 -15.67
C ALA A 12 -7.91 -6.59 -14.70
N ASP A 13 -8.02 -7.90 -14.58
CA ASP A 13 -7.20 -8.68 -13.64
C ASP A 13 -5.71 -8.58 -13.95
N ASP A 14 -5.36 -8.65 -15.23
CA ASP A 14 -3.97 -8.54 -15.66
C ASP A 14 -3.42 -7.18 -15.29
N VAL A 15 -4.26 -6.16 -15.40
CA VAL A 15 -3.85 -4.80 -15.04
C VAL A 15 -3.64 -4.71 -13.53
N VAL A 16 -4.43 -5.40 -12.74
CA VAL A 16 -4.23 -5.40 -11.29
C VAL A 16 -2.89 -6.05 -10.97
N SER A 17 -2.62 -7.19 -11.58
CA SER A 17 -1.36 -7.88 -11.31
C SER A 17 -0.18 -7.00 -11.74
N ALA A 18 -0.28 -6.41 -12.92
CA ALA A 18 0.74 -5.51 -13.43
C ALA A 18 0.89 -4.27 -12.54
N MET A 19 -0.19 -3.84 -11.92
CA MET A 19 -0.15 -2.69 -11.02
C MET A 19 0.69 -3.03 -9.80
N ILE A 20 0.44 -4.18 -9.19
CA ILE A 20 1.24 -4.63 -8.05
C ILE A 20 2.71 -4.68 -8.45
N VAL A 21 2.98 -5.20 -9.62
CA VAL A 21 4.36 -5.29 -10.12
C VAL A 21 4.96 -3.90 -10.27
N LYS A 22 4.28 -2.99 -10.96
CA LYS A 22 4.84 -1.65 -11.16
C LYS A 22 5.03 -0.90 -9.86
N MET A 23 4.15 -1.13 -8.90
CA MET A 23 4.34 -0.56 -7.57
C MET A 23 5.64 -1.11 -6.96
N ASN A 24 5.89 -2.40 -7.09
CA ASN A 24 7.13 -2.99 -6.57
C ASN A 24 8.36 -2.39 -7.23
N GLU A 25 8.33 -2.29 -8.55
CA GLU A 25 9.47 -1.74 -9.29
C GLU A 25 9.75 -0.30 -8.87
N ALA A 26 8.69 0.49 -8.70
CA ALA A 26 8.86 1.87 -8.26
C ALA A 26 9.47 1.95 -6.85
N ALA A 27 9.15 0.96 -6.01
CA ALA A 27 9.63 0.98 -4.65
C ALA A 27 11.12 0.70 -4.63
N GLU A 28 11.56 -0.26 -5.44
CA GLU A 28 12.97 -0.60 -5.49
C GLU A 28 13.78 0.38 -6.34
N GLU A 29 13.19 0.99 -7.35
CA GLU A 29 13.90 1.99 -8.16
C GLU A 29 14.28 3.16 -7.27
N ASP A 30 13.40 3.55 -6.36
CA ASP A 30 13.70 4.62 -5.42
C ASP A 30 14.96 4.28 -4.62
N ARG A 31 15.16 3.01 -4.31
CA ARG A 31 16.35 2.56 -3.57
C ARG A 31 17.60 2.65 -4.42
N GLN A 32 17.47 2.45 -5.72
CA GLN A 32 18.60 2.53 -6.63
C GLN A 32 19.00 3.98 -6.73
N LEU A 33 17.98 4.81 -6.85
CA LEU A 33 18.18 6.26 -6.95
C LEU A 33 18.87 6.76 -5.68
N ASN A 34 18.38 6.36 -4.52
CA ASN A 34 19.03 6.68 -3.27
C ASN A 34 20.48 6.18 -3.15
N ASN A 35 20.80 5.09 -3.83
CA ASN A 35 22.14 4.52 -3.77
C ASN A 35 23.11 5.49 -4.43
N GLN A 36 22.61 6.20 -5.43
CA GLN A 36 23.41 7.16 -6.18
C GLN A 36 23.16 8.57 -5.67
N LYS A 37 22.40 8.66 -4.58
CA LYS A 37 22.02 9.94 -3.92
C LYS A 37 21.26 10.85 -4.90
N LYS A 38 20.53 10.24 -5.81
CA LYS A 38 19.71 10.95 -6.78
C LYS A 38 18.32 11.07 -6.19
N PRO A 39 17.56 12.12 -6.56
CA PRO A 39 16.20 12.20 -6.03
C PRO A 39 15.39 10.97 -6.40
N ALA A 40 14.69 10.41 -5.43
CA ALA A 40 13.90 9.21 -5.64
C ALA A 40 12.42 9.60 -5.50
N LEU A 41 11.73 9.55 -6.63
CA LEU A 41 10.35 10.03 -6.74
C LEU A 41 9.47 9.09 -7.57
N LYS A 42 9.85 7.83 -7.68
CA LYS A 42 9.14 6.90 -8.54
C LYS A 42 7.75 6.63 -8.02
N LYS A 43 7.62 6.46 -6.72
CA LYS A 43 6.31 6.27 -6.09
C LYS A 43 5.45 7.52 -6.27
N LEU A 44 6.11 8.68 -6.32
CA LEU A 44 5.43 9.97 -6.42
C LEU A 44 4.81 10.18 -7.79
N THR A 45 5.55 9.86 -8.85
CA THR A 45 5.04 10.05 -10.21
C THR A 45 3.97 9.02 -10.54
N LEU A 46 3.98 7.93 -9.81
CA LEU A 46 3.01 6.85 -9.99
C LEU A 46 1.79 7.07 -9.13
N LEU A 47 1.88 8.00 -8.19
CA LEU A 47 0.80 8.23 -7.22
C LEU A 47 -0.58 8.38 -7.90
N PRO A 48 -0.75 9.29 -8.86
CA PRO A 48 -2.12 9.37 -9.38
C PRO A 48 -2.49 8.21 -10.29
N ALA A 49 -1.48 7.60 -10.88
CA ALA A 49 -1.66 6.51 -11.81
C ALA A 49 -2.15 5.27 -11.05
N VAL A 50 -1.57 5.00 -9.90
CA VAL A 50 -2.01 3.85 -9.12
C VAL A 50 -3.35 4.13 -8.47
N VAL A 51 -3.55 5.32 -7.93
CA VAL A 51 -4.80 5.64 -7.21
C VAL A 51 -6.03 5.39 -8.08
N MET A 52 -5.94 5.77 -9.34
CA MET A 52 -7.03 5.55 -10.28
C MET A 52 -7.42 4.06 -10.35
N HIS A 53 -6.42 3.19 -10.31
CA HIS A 53 -6.65 1.75 -10.32
C HIS A 53 -6.96 1.21 -8.92
N LEU A 54 -6.34 1.76 -7.89
CA LEU A 54 -6.49 1.27 -6.53
C LEU A 54 -7.93 1.47 -6.02
N LYS A 55 -8.63 2.43 -6.60
CA LYS A 55 -10.03 2.70 -6.25
C LYS A 55 -11.04 1.77 -6.91
N LYS A 56 -10.60 0.80 -7.69
CA LYS A 56 -11.52 -0.14 -8.34
C LYS A 56 -12.14 -1.12 -7.35
N GLN A 57 -13.28 -0.72 -6.80
CA GLN A 57 -14.04 -1.53 -5.86
C GLN A 57 -14.60 -2.77 -6.56
N ASP A 58 -14.59 -2.77 -7.88
CA ASP A 58 -14.99 -3.94 -8.64
C ASP A 58 -13.96 -5.08 -8.44
N LEU A 59 -12.69 -4.70 -8.29
CA LEU A 59 -11.56 -5.63 -8.31
C LEU A 59 -10.82 -5.79 -6.99
N LYS A 60 -11.44 -5.39 -5.89
CA LYS A 60 -10.78 -5.47 -4.57
C LYS A 60 -10.20 -6.83 -4.25
N GLU A 61 -10.92 -7.89 -4.56
CA GLU A 61 -10.45 -9.24 -4.26
C GLU A 61 -9.15 -9.56 -5.01
N THR A 62 -9.04 -9.14 -6.27
CA THR A 62 -7.83 -9.39 -7.03
C THR A 62 -6.68 -8.61 -6.40
N PHE A 63 -6.94 -7.38 -6.01
CA PHE A 63 -5.91 -6.55 -5.38
C PHE A 63 -5.44 -7.19 -4.07
N ILE A 64 -6.38 -7.74 -3.31
CA ILE A 64 -6.06 -8.35 -2.02
C ILE A 64 -5.23 -9.61 -2.24
N ASP A 65 -5.63 -10.46 -3.17
CA ASP A 65 -4.93 -11.72 -3.43
C ASP A 65 -3.57 -11.51 -4.10
N SER A 66 -3.49 -10.53 -4.99
CA SER A 66 -2.23 -10.20 -5.68
C SER A 66 -1.22 -9.57 -4.72
N GLY A 67 -1.67 -9.30 -3.50
CA GLY A 67 -0.76 -8.75 -2.51
C GLY A 67 -0.51 -7.27 -2.63
N VAL A 68 -1.51 -6.50 -3.02
CA VAL A 68 -1.35 -5.03 -3.09
C VAL A 68 -0.93 -4.51 -1.74
N MET A 69 -1.38 -5.15 -0.68
CA MET A 69 -1.04 -4.74 0.67
C MET A 69 0.48 -4.79 0.90
N SER A 70 1.15 -5.70 0.21
CA SER A 70 2.60 -5.82 0.32
C SER A 70 3.27 -4.72 -0.48
N ALA A 71 2.73 -4.42 -1.65
CA ALA A 71 3.29 -3.36 -2.47
C ALA A 71 3.09 -1.99 -1.81
N ILE A 72 1.93 -1.78 -1.19
CA ILE A 72 1.65 -0.55 -0.47
C ILE A 72 2.59 -0.47 0.75
N LYS A 73 2.80 -1.60 1.41
CA LYS A 73 3.72 -1.66 2.55
C LYS A 73 5.13 -1.23 2.11
N GLU A 74 5.56 -1.64 0.93
CA GLU A 74 6.87 -1.26 0.41
C GLU A 74 6.91 0.23 0.10
N TRP A 75 5.77 0.81 -0.26
CA TRP A 75 5.71 2.24 -0.53
C TRP A 75 5.79 3.05 0.76
N LEU A 76 5.19 2.55 1.82
CA LEU A 76 5.21 3.21 3.12
C LEU A 76 6.62 3.12 3.72
N SER A 77 7.37 2.11 3.32
CA SER A 77 8.74 1.92 3.79
C SER A 77 9.67 2.95 3.14
N PRO A 78 10.33 3.80 3.95
CA PRO A 78 11.23 4.78 3.37
C PRO A 78 12.63 4.27 3.06
N LEU A 79 13.44 5.13 2.47
CA LEU A 79 14.82 4.84 2.16
C LEU A 79 15.66 4.81 3.45
N PRO A 80 16.86 4.20 3.42
CA PRO A 80 17.71 4.17 4.63
C PRO A 80 18.27 5.55 5.01
N ASP A 81 17.90 6.56 4.23
CA ASP A 81 18.23 7.96 4.49
C ASP A 81 17.38 8.48 5.67
N ARG A 82 16.36 7.69 6.01
CA ARG A 82 15.43 7.97 7.13
C ARG A 82 14.55 9.20 6.93
N SER A 83 14.59 9.76 5.73
CA SER A 83 13.69 10.82 5.37
C SER A 83 12.46 10.08 4.90
N LEU A 84 11.34 10.78 4.89
CA LEU A 84 10.07 10.17 4.48
C LEU A 84 9.44 10.89 3.27
N PRO A 85 10.04 10.75 2.07
CA PRO A 85 9.40 11.42 0.92
C PRO A 85 8.06 10.79 0.55
N ALA A 86 7.83 9.59 1.07
CA ALA A 86 6.60 8.85 0.85
C ALA A 86 5.39 9.52 1.51
N LEU A 87 5.62 10.57 2.29
CA LEU A 87 4.53 11.25 3.00
C LEU A 87 3.43 11.71 2.07
N LYS A 88 3.78 12.30 0.94
CA LYS A 88 2.76 12.81 0.00
C LYS A 88 1.93 11.70 -0.60
N ILE A 89 2.53 10.53 -0.73
CA ILE A 89 1.84 9.38 -1.31
C ILE A 89 0.93 8.73 -0.27
N ARG A 90 1.39 8.71 0.97
CA ARG A 90 0.64 8.09 2.07
C ARG A 90 -0.73 8.71 2.29
N GLU A 91 -0.88 9.98 1.94
CA GLU A 91 -2.15 10.69 2.12
C GLU A 91 -3.26 9.95 1.40
N GLU A 92 -2.97 9.47 0.19
CA GLU A 92 -3.93 8.69 -0.58
C GLU A 92 -3.92 7.23 -0.16
N LEU A 93 -2.74 6.65 0.03
CA LEU A 93 -2.65 5.23 0.38
C LEU A 93 -3.39 4.87 1.65
N LEU A 94 -3.40 5.74 2.65
CA LEU A 94 -4.12 5.47 3.90
C LEU A 94 -5.57 5.31 3.63
N LYS A 95 -6.02 6.12 2.70
CA LYS A 95 -7.45 6.16 2.34
C LYS A 95 -7.87 4.87 1.71
N ILE A 96 -7.09 4.43 0.73
CA ILE A 96 -7.40 3.22 -0.03
C ILE A 96 -7.57 2.01 0.90
N LEU A 97 -6.70 1.85 1.88
CA LEU A 97 -6.78 0.81 2.85
C LEU A 97 -8.07 0.77 3.68
N GLN A 98 -8.75 1.91 3.83
CA GLN A 98 -10.02 1.95 4.59
C GLN A 98 -11.17 1.54 3.68
N GLU A 99 -10.91 1.46 2.38
CA GLU A 99 -11.95 1.11 1.41
C GLU A 99 -11.97 -0.40 1.12
N LEU A 100 -11.07 -1.16 1.74
CA LEU A 100 -11.04 -2.59 1.55
C LEU A 100 -12.25 -3.24 2.22
N PRO A 101 -12.85 -4.26 1.59
CA PRO A 101 -14.04 -4.94 2.13
C PRO A 101 -13.77 -5.89 3.30
N SER A 102 -13.21 -7.05 2.98
CA SER A 102 -12.92 -8.08 3.97
C SER A 102 -11.55 -8.68 3.74
N VAL A 103 -10.55 -7.82 3.71
CA VAL A 103 -9.17 -8.28 3.54
C VAL A 103 -8.88 -9.17 4.75
N SER A 104 -8.35 -10.36 4.50
CA SER A 104 -8.10 -11.28 5.58
C SER A 104 -7.01 -10.71 6.48
N GLN A 105 -7.08 -11.03 7.76
CA GLN A 105 -6.04 -10.61 8.70
C GLN A 105 -4.75 -11.30 8.28
N GLU A 106 -4.89 -12.44 7.63
CA GLU A 106 -3.75 -13.17 7.09
C GLU A 106 -2.98 -12.32 6.07
N THR A 107 -3.68 -11.59 5.21
CA THR A 107 -3.04 -10.77 4.19
C THR A 107 -2.34 -9.61 4.86
N LEU A 108 -3.01 -8.99 5.80
CA LEU A 108 -2.45 -7.86 6.55
C LEU A 108 -1.19 -8.30 7.33
N LYS A 109 -1.23 -9.52 7.86
CA LYS A 109 -0.10 -10.11 8.60
C LYS A 109 1.07 -10.38 7.67
N HIS A 110 0.81 -11.07 6.56
CA HIS A 110 1.87 -11.46 5.64
C HIS A 110 2.54 -10.27 4.97
N SER A 111 1.74 -9.30 4.56
CA SER A 111 2.30 -8.10 3.95
C SER A 111 3.06 -7.28 4.98
N GLY A 112 2.60 -7.31 6.22
CA GLY A 112 3.21 -6.53 7.27
C GLY A 112 2.74 -5.09 7.21
N ILE A 113 1.68 -4.84 6.44
CA ILE A 113 1.12 -3.50 6.28
C ILE A 113 0.66 -2.92 7.63
N GLY A 114 0.15 -3.77 8.52
CA GLY A 114 -0.28 -3.29 9.84
C GLY A 114 0.88 -2.64 10.58
N ARG A 115 2.03 -3.28 10.49
CA ARG A 115 3.25 -2.77 11.13
C ARG A 115 3.69 -1.47 10.45
N ALA A 116 3.49 -1.39 9.14
CA ALA A 116 3.86 -0.19 8.40
C ALA A 116 2.97 1.01 8.80
N VAL A 117 1.67 0.80 8.95
CA VAL A 117 0.76 1.88 9.40
C VAL A 117 1.17 2.29 10.81
N MET A 118 1.39 1.31 11.68
CA MET A 118 1.77 1.59 13.07
C MET A 118 3.06 2.41 13.15
N TYR A 119 4.04 2.07 12.33
CA TYR A 119 5.32 2.78 12.32
C TYR A 119 5.12 4.27 12.08
N LEU A 120 4.34 4.59 11.06
CA LEU A 120 4.12 5.98 10.68
C LEU A 120 3.20 6.71 11.66
N TYR A 121 2.20 5.99 12.16
CA TYR A 121 1.25 6.55 13.12
C TYR A 121 1.96 7.02 14.38
N LYS A 122 3.01 6.31 14.78
CA LYS A 122 3.77 6.71 15.96
C LYS A 122 4.91 7.68 15.58
N HIS A 123 5.27 7.74 14.32
CA HIS A 123 6.35 8.60 13.86
C HIS A 123 5.97 10.07 14.09
N PRO A 124 6.85 10.85 14.75
CA PRO A 124 6.47 12.23 15.07
C PRO A 124 6.44 13.20 13.87
N LYS A 125 6.86 12.73 12.70
CA LYS A 125 6.87 13.57 11.50
C LYS A 125 5.62 13.40 10.63
N GLU A 126 4.76 12.44 10.90
CA GLU A 126 3.55 12.29 10.09
C GLU A 126 2.51 13.35 10.49
N SER A 127 1.83 13.91 9.49
CA SER A 127 0.83 14.95 9.69
C SER A 127 -0.36 14.42 10.50
N ARG A 128 -1.01 15.30 11.25
CA ARG A 128 -2.16 14.90 12.09
C ARG A 128 -3.27 14.30 11.25
N SER A 129 -3.53 14.86 10.07
CA SER A 129 -4.57 14.33 9.19
C SER A 129 -4.31 12.89 8.80
N ASN A 130 -3.06 12.57 8.47
CA ASN A 130 -2.70 11.21 8.09
C ASN A 130 -2.83 10.30 9.30
N LYS A 131 -2.40 10.77 10.45
CA LYS A 131 -2.47 9.98 11.68
C LYS A 131 -3.90 9.69 12.08
N ASP A 132 -4.82 10.60 11.79
CA ASP A 132 -6.23 10.39 12.12
C ASP A 132 -6.74 9.15 11.41
N MET A 133 -6.39 9.02 10.14
CA MET A 133 -6.81 7.88 9.35
C MET A 133 -6.02 6.65 9.76
N ALA A 134 -4.74 6.82 10.03
CA ALA A 134 -3.88 5.70 10.45
C ALA A 134 -4.38 5.08 11.75
N GLY A 135 -4.81 5.91 12.68
CA GLY A 135 -5.32 5.41 13.96
C GLY A 135 -6.57 4.60 13.78
N LYS A 136 -7.43 5.02 12.85
CA LYS A 136 -8.66 4.29 12.57
C LYS A 136 -8.31 2.97 11.94
N LEU A 137 -7.38 3.03 11.00
CA LEU A 137 -6.97 1.87 10.23
C LEU A 137 -6.42 0.74 11.08
N ILE A 138 -5.68 1.08 12.11
CA ILE A 138 -5.17 0.09 13.06
C ILE A 138 -6.33 -0.56 13.82
N ASN A 139 -7.35 0.22 14.15
CA ASN A 139 -8.47 -0.27 14.95
C ASN A 139 -9.51 -1.06 14.16
N GLU A 140 -9.68 -0.75 12.89
CA GLU A 140 -10.68 -1.42 12.06
C GLU A 140 -10.16 -2.73 11.46
N TRP A 141 -8.85 -2.90 11.47
CA TRP A 141 -8.22 -4.12 10.96
C TRP A 141 -8.21 -5.21 12.04
N SER A 142 -9.44 -5.65 12.35
CA SER A 142 -9.82 -6.70 13.33
C SER A 142 -10.71 -5.98 14.36
N ARG A 143 -10.85 -6.54 15.54
CA ARG A 143 -11.63 -5.92 16.60
C ARG A 143 -11.06 -6.38 17.94
N PRO A 144 -10.90 -5.47 18.92
CA PRO A 144 -10.38 -5.98 20.19
C PRO A 144 -11.40 -6.87 20.91
N ILE A 145 -10.89 -7.76 21.75
CA ILE A 145 -11.71 -8.67 22.54
C ILE A 145 -10.87 -9.15 23.74
N PHE A 146 -9.60 -9.41 23.48
CA PHE A 146 -8.64 -9.77 24.52
C PHE A 146 -7.38 -8.98 24.21
N GLY A 147 -6.65 -8.59 25.24
CA GLY A 147 -5.44 -7.81 25.06
C GLY A 147 -5.36 -6.74 26.13
N LEU A 148 -4.43 -5.81 25.99
CA LEU A 148 -4.30 -4.73 26.96
C LEU A 148 -5.23 -3.60 26.53
N GLY A 149 -6.25 -3.34 27.33
CA GLY A 149 -7.20 -2.28 27.02
C GLY A 149 -8.20 -2.68 25.96
N SER A 150 -8.45 -3.98 25.83
CA SER A 150 -9.41 -4.49 24.88
C SER A 150 -10.81 -4.45 25.47
N SER A 1 9.91 -12.17 -17.69
CA SER A 1 10.20 -13.45 -18.39
C SER A 1 9.29 -13.60 -19.59
N ASN A 2 9.32 -14.75 -20.25
CA ASN A 2 8.40 -14.99 -21.37
C ASN A 2 7.00 -15.10 -20.77
N ALA A 3 5.98 -14.82 -21.56
CA ALA A 3 4.60 -14.93 -21.10
C ALA A 3 4.31 -16.41 -20.81
N ALA A 4 3.50 -16.67 -19.79
CA ALA A 4 3.16 -18.04 -19.40
C ALA A 4 2.17 -18.67 -20.39
N SER A 5 1.45 -17.82 -21.11
CA SER A 5 0.46 -18.27 -22.08
C SER A 5 0.41 -17.20 -23.17
N GLY A 6 -0.24 -17.50 -24.28
CA GLY A 6 -0.35 -16.54 -25.37
C GLY A 6 -1.49 -15.55 -25.17
N THR A 7 -2.01 -15.47 -23.96
CA THR A 7 -3.13 -14.59 -23.64
C THR A 7 -2.82 -13.89 -22.31
N PHE A 8 -3.52 -12.79 -22.06
CA PHE A 8 -3.40 -12.05 -20.81
C PHE A 8 -4.29 -12.72 -19.78
N ILE A 9 -4.17 -12.31 -18.53
CA ILE A 9 -5.03 -12.84 -17.46
C ILE A 9 -6.34 -12.06 -17.55
N SER A 10 -7.23 -12.51 -18.42
CA SER A 10 -8.50 -11.81 -18.69
C SER A 10 -8.14 -10.37 -19.09
N ASP A 11 -8.97 -9.40 -18.73
CA ASP A 11 -8.66 -7.99 -18.99
C ASP A 11 -8.26 -7.26 -17.70
N ALA A 12 -9.15 -7.23 -16.72
CA ALA A 12 -8.91 -6.48 -15.48
C ALA A 12 -7.91 -7.14 -14.54
N ASP A 13 -7.89 -8.46 -14.49
CA ASP A 13 -7.00 -9.17 -13.58
C ASP A 13 -5.54 -8.95 -13.97
N ASP A 14 -5.29 -8.94 -15.27
CA ASP A 14 -3.94 -8.67 -15.79
C ASP A 14 -3.50 -7.27 -15.38
N VAL A 15 -4.43 -6.32 -15.43
CA VAL A 15 -4.13 -4.94 -15.03
C VAL A 15 -3.83 -4.87 -13.53
N VAL A 16 -4.56 -5.62 -12.71
CA VAL A 16 -4.30 -5.64 -11.27
C VAL A 16 -2.91 -6.23 -11.04
N SER A 17 -2.60 -7.33 -11.72
CA SER A 17 -1.31 -7.98 -11.57
C SER A 17 -0.18 -7.04 -12.03
N ALA A 18 -0.41 -6.35 -13.13
CA ALA A 18 0.54 -5.39 -13.66
C ALA A 18 0.73 -4.23 -12.68
N MET A 19 -0.35 -3.82 -12.03
CA MET A 19 -0.27 -2.74 -11.07
C MET A 19 0.63 -3.10 -9.88
N ILE A 20 0.43 -4.28 -9.29
CA ILE A 20 1.26 -4.69 -8.17
C ILE A 20 2.72 -4.79 -8.58
N VAL A 21 3.02 -5.41 -9.72
CA VAL A 21 4.41 -5.55 -10.10
C VAL A 21 5.04 -4.18 -10.38
N LYS A 22 4.33 -3.25 -11.01
CA LYS A 22 4.92 -1.93 -11.29
C LYS A 22 5.07 -1.08 -10.04
N MET A 23 4.15 -1.23 -9.10
CA MET A 23 4.31 -0.60 -7.80
C MET A 23 5.63 -1.07 -7.16
N ASN A 24 5.95 -2.35 -7.29
CA ASN A 24 7.20 -2.89 -6.76
C ASN A 24 8.41 -2.24 -7.42
N GLU A 25 8.40 -2.13 -8.73
CA GLU A 25 9.55 -1.54 -9.44
C GLU A 25 9.76 -0.11 -9.01
N ALA A 26 8.68 0.64 -8.83
CA ALA A 26 8.78 2.03 -8.40
C ALA A 26 9.36 2.13 -6.99
N ALA A 27 9.02 1.17 -6.14
CA ALA A 27 9.53 1.16 -4.77
C ALA A 27 11.03 0.90 -4.77
N GLU A 28 11.46 -0.06 -5.59
CA GLU A 28 12.87 -0.44 -5.64
C GLU A 28 13.71 0.64 -6.28
N GLU A 29 13.18 1.26 -7.32
CA GLU A 29 13.88 2.33 -7.99
C GLU A 29 14.22 3.44 -7.03
N ASP A 30 13.27 3.81 -6.18
CA ASP A 30 13.52 4.85 -5.21
C ASP A 30 14.67 4.49 -4.26
N ARG A 31 14.86 3.21 -3.96
CA ARG A 31 16.00 2.81 -3.11
C ARG A 31 17.29 3.00 -3.90
N GLN A 32 17.29 2.72 -5.19
CA GLN A 32 18.51 2.80 -6.00
C GLN A 32 18.92 4.24 -6.15
N LEU A 33 17.94 5.08 -6.41
CA LEU A 33 18.17 6.50 -6.58
C LEU A 33 18.76 7.07 -5.30
N ASN A 34 18.15 6.71 -4.18
CA ASN A 34 18.66 7.10 -2.88
C ASN A 34 20.06 6.56 -2.58
N ASN A 35 20.41 5.43 -3.15
CA ASN A 35 21.73 4.80 -2.94
C ASN A 35 22.79 5.71 -3.55
N GLN A 36 22.41 6.40 -4.61
CA GLN A 36 23.31 7.32 -5.30
C GLN A 36 23.08 8.75 -4.85
N LYS A 37 22.25 8.88 -3.81
CA LYS A 37 21.89 10.17 -3.17
C LYS A 37 21.21 11.13 -4.16
N LYS A 38 20.47 10.55 -5.09
CA LYS A 38 19.70 11.32 -6.05
C LYS A 38 18.27 11.41 -5.53
N PRO A 39 17.54 12.46 -5.91
CA PRO A 39 16.12 12.50 -5.51
C PRO A 39 15.39 11.28 -6.06
N ALA A 40 14.49 10.72 -5.28
CA ALA A 40 13.76 9.52 -5.66
C ALA A 40 12.27 9.80 -5.56
N LEU A 41 11.57 9.70 -6.69
CA LEU A 41 10.15 10.06 -6.76
C LEU A 41 9.32 9.11 -7.61
N LYS A 42 9.75 7.87 -7.82
CA LYS A 42 9.01 6.97 -8.70
C LYS A 42 7.68 6.65 -8.06
N LYS A 43 7.66 6.38 -6.77
CA LYS A 43 6.38 6.15 -6.08
C LYS A 43 5.52 7.40 -6.07
N LEU A 44 6.14 8.56 -6.07
CA LEU A 44 5.39 9.82 -6.03
C LEU A 44 4.73 10.13 -7.38
N THR A 45 5.45 9.93 -8.47
CA THR A 45 4.90 10.19 -9.80
C THR A 45 3.87 9.12 -10.18
N LEU A 46 3.99 7.94 -9.60
CA LEU A 46 3.05 6.86 -9.86
C LEU A 46 1.83 6.99 -8.97
N LEU A 47 1.93 7.79 -7.93
CA LEU A 47 0.86 7.91 -6.95
C LEU A 47 -0.53 8.20 -7.55
N PRO A 48 -0.67 9.24 -8.40
CA PRO A 48 -2.04 9.42 -8.89
C PRO A 48 -2.44 8.36 -9.92
N ALA A 49 -1.44 7.78 -10.55
CA ALA A 49 -1.65 6.77 -11.57
C ALA A 49 -2.16 5.47 -10.93
N VAL A 50 -1.56 5.07 -9.81
CA VAL A 50 -2.01 3.87 -9.13
C VAL A 50 -3.32 4.12 -8.45
N VAL A 51 -3.53 5.29 -7.85
CA VAL A 51 -4.78 5.59 -7.12
C VAL A 51 -6.00 5.32 -7.96
N MET A 52 -5.96 5.73 -9.21
CA MET A 52 -7.07 5.50 -10.13
C MET A 52 -7.40 4.01 -10.24
N HIS A 53 -6.37 3.17 -10.28
CA HIS A 53 -6.54 1.73 -10.34
C HIS A 53 -6.81 1.12 -8.97
N LEU A 54 -6.20 1.66 -7.92
CA LEU A 54 -6.27 1.08 -6.59
C LEU A 54 -7.68 1.17 -6.03
N LYS A 55 -8.41 2.18 -6.49
CA LYS A 55 -9.78 2.39 -6.06
C LYS A 55 -10.80 1.57 -6.84
N LYS A 56 -10.34 0.67 -7.70
CA LYS A 56 -11.24 -0.24 -8.41
C LYS A 56 -11.72 -1.32 -7.45
N GLN A 57 -12.71 -0.94 -6.67
CA GLN A 57 -13.37 -1.83 -5.71
C GLN A 57 -14.04 -2.98 -6.48
N ASP A 58 -14.27 -2.79 -7.76
CA ASP A 58 -14.85 -3.83 -8.60
C ASP A 58 -13.99 -5.11 -8.46
N LEU A 59 -12.66 -4.96 -8.53
CA LEU A 59 -11.73 -6.06 -8.38
C LEU A 59 -11.08 -6.09 -6.98
N LYS A 60 -11.82 -5.69 -5.95
CA LYS A 60 -11.25 -5.60 -4.59
C LYS A 60 -10.56 -6.89 -4.14
N GLU A 61 -11.16 -8.04 -4.43
CA GLU A 61 -10.63 -9.33 -4.00
C GLU A 61 -9.35 -9.66 -4.74
N THR A 62 -9.30 -9.35 -6.03
CA THR A 62 -8.11 -9.62 -6.82
C THR A 62 -6.96 -8.79 -6.28
N PHE A 63 -7.22 -7.53 -5.96
CA PHE A 63 -6.17 -6.66 -5.42
C PHE A 63 -5.63 -7.20 -4.09
N ILE A 64 -6.54 -7.71 -3.26
CA ILE A 64 -6.18 -8.25 -1.96
C ILE A 64 -5.31 -9.49 -2.14
N ASP A 65 -5.72 -10.40 -3.02
CA ASP A 65 -5.00 -11.66 -3.24
C ASP A 65 -3.67 -11.46 -3.97
N SER A 66 -3.64 -10.49 -4.88
CA SER A 66 -2.41 -10.17 -5.64
C SER A 66 -1.34 -9.56 -4.73
N GLY A 67 -1.69 -9.30 -3.48
CA GLY A 67 -0.73 -8.79 -2.54
C GLY A 67 -0.50 -7.31 -2.66
N VAL A 68 -1.52 -6.54 -3.05
CA VAL A 68 -1.37 -5.09 -3.13
C VAL A 68 -0.95 -4.56 -1.78
N MET A 69 -1.41 -5.21 -0.72
CA MET A 69 -1.08 -4.80 0.64
C MET A 69 0.43 -4.86 0.88
N SER A 70 1.10 -5.77 0.19
CA SER A 70 2.55 -5.92 0.33
C SER A 70 3.25 -4.83 -0.47
N ALA A 71 2.71 -4.51 -1.64
CA ALA A 71 3.31 -3.47 -2.46
C ALA A 71 3.11 -2.09 -1.79
N ILE A 72 1.93 -1.87 -1.20
CA ILE A 72 1.66 -0.63 -0.48
C ILE A 72 2.57 -0.58 0.76
N LYS A 73 2.77 -1.72 1.40
CA LYS A 73 3.67 -1.77 2.57
C LYS A 73 5.08 -1.28 2.22
N GLU A 74 5.60 -1.63 1.05
CA GLU A 74 6.91 -1.12 0.64
C GLU A 74 6.83 0.34 0.25
N TRP A 75 5.69 0.79 -0.25
CA TRP A 75 5.54 2.19 -0.56
C TRP A 75 5.62 3.05 0.70
N LEU A 76 5.09 2.52 1.81
CA LEU A 76 5.14 3.21 3.10
C LEU A 76 6.56 3.25 3.64
N SER A 77 7.37 2.29 3.24
CA SER A 77 8.74 2.18 3.74
C SER A 77 9.61 3.34 3.24
N PRO A 78 10.20 4.11 4.18
CA PRO A 78 11.06 5.21 3.77
C PRO A 78 12.43 4.75 3.28
N LEU A 79 13.16 5.69 2.72
CA LEU A 79 14.46 5.42 2.12
C LEU A 79 15.57 5.62 3.15
N PRO A 80 16.79 5.08 2.88
CA PRO A 80 17.96 5.27 3.77
C PRO A 80 18.34 6.73 4.08
N ASP A 81 17.67 7.69 3.47
CA ASP A 81 17.90 9.12 3.71
C ASP A 81 17.30 9.57 5.06
N ARG A 82 16.71 8.62 5.79
CA ARG A 82 16.16 8.86 7.14
C ARG A 82 15.06 9.91 7.14
N SER A 83 14.46 10.07 5.97
CA SER A 83 13.38 11.01 5.75
C SER A 83 12.21 10.16 5.27
N LEU A 84 11.01 10.72 5.30
CA LEU A 84 9.83 9.98 4.86
C LEU A 84 9.24 10.61 3.58
N PRO A 85 9.84 10.34 2.41
CA PRO A 85 9.20 10.93 1.21
C PRO A 85 7.85 10.28 0.92
N ALA A 86 7.64 9.11 1.53
CA ALA A 86 6.40 8.37 1.41
C ALA A 86 5.24 9.10 2.07
N LEU A 87 5.51 10.14 2.84
CA LEU A 87 4.45 10.88 3.54
C LEU A 87 3.39 11.38 2.57
N LYS A 88 3.80 12.04 1.50
CA LYS A 88 2.85 12.59 0.53
C LYS A 88 2.07 11.52 -0.20
N ILE A 89 2.69 10.37 -0.37
CA ILE A 89 2.08 9.27 -1.09
C ILE A 89 1.07 8.57 -0.18
N ARG A 90 1.46 8.41 1.06
CA ARG A 90 0.60 7.78 2.06
C ARG A 90 -0.71 8.50 2.22
N GLU A 91 -0.70 9.81 2.05
CA GLU A 91 -1.92 10.60 2.22
C GLU A 91 -3.03 10.05 1.33
N GLU A 92 -2.72 9.72 0.08
CA GLU A 92 -3.71 9.08 -0.78
C GLU A 92 -3.82 7.57 -0.59
N LEU A 93 -2.69 6.88 -0.55
CA LEU A 93 -2.66 5.43 -0.44
C LEU A 93 -3.37 4.89 0.78
N LEU A 94 -3.23 5.54 1.91
CA LEU A 94 -3.78 5.01 3.13
C LEU A 94 -5.29 5.05 3.09
N LYS A 95 -5.86 6.00 2.35
CA LYS A 95 -7.32 6.06 2.21
C LYS A 95 -7.80 4.75 1.62
N ILE A 96 -7.08 4.25 0.62
CA ILE A 96 -7.42 3.02 -0.09
C ILE A 96 -7.48 1.82 0.85
N LEU A 97 -6.56 1.71 1.80
CA LEU A 97 -6.59 0.69 2.82
C LEU A 97 -7.89 0.67 3.63
N GLN A 98 -8.56 1.81 3.77
CA GLN A 98 -9.82 1.90 4.51
C GLN A 98 -11.00 1.56 3.60
N GLU A 99 -10.76 1.47 2.30
CA GLU A 99 -11.81 1.11 1.32
C GLU A 99 -11.92 -0.40 1.18
N LEU A 100 -10.94 -1.14 1.69
CA LEU A 100 -10.95 -2.58 1.59
C LEU A 100 -12.05 -3.17 2.46
N PRO A 101 -12.73 -4.23 1.96
CA PRO A 101 -13.79 -4.89 2.71
C PRO A 101 -13.23 -5.89 3.74
N SER A 102 -13.44 -7.17 3.48
CA SER A 102 -13.05 -8.23 4.39
C SER A 102 -11.70 -8.83 4.07
N VAL A 103 -10.72 -7.96 4.00
CA VAL A 103 -9.33 -8.42 3.78
C VAL A 103 -9.02 -9.28 4.99
N SER A 104 -8.46 -10.45 4.76
CA SER A 104 -8.18 -11.35 5.86
C SER A 104 -7.12 -10.72 6.75
N GLN A 105 -7.16 -11.02 8.03
CA GLN A 105 -6.18 -10.47 8.95
C GLN A 105 -4.85 -11.10 8.61
N GLU A 106 -4.90 -12.28 8.05
CA GLU A 106 -3.70 -12.96 7.58
C GLU A 106 -3.01 -12.17 6.48
N THR A 107 -3.76 -11.51 5.59
CA THR A 107 -3.15 -10.75 4.51
C THR A 107 -2.47 -9.54 5.11
N LEU A 108 -3.15 -8.86 6.03
CA LEU A 108 -2.59 -7.69 6.70
C LEU A 108 -1.33 -8.06 7.49
N LYS A 109 -1.35 -9.24 8.11
CA LYS A 109 -0.22 -9.76 8.87
C LYS A 109 0.97 -10.12 7.96
N HIS A 110 0.70 -10.89 6.92
CA HIS A 110 1.74 -11.37 6.02
C HIS A 110 2.39 -10.26 5.21
N SER A 111 1.58 -9.33 4.71
CA SER A 111 2.12 -8.19 3.99
C SER A 111 2.91 -7.31 4.95
N GLY A 112 2.46 -7.30 6.20
CA GLY A 112 3.09 -6.47 7.21
C GLY A 112 2.59 -5.05 7.14
N ILE A 113 1.53 -4.82 6.38
CA ILE A 113 0.99 -3.47 6.20
C ILE A 113 0.51 -2.88 7.54
N GLY A 114 -0.04 -3.71 8.42
CA GLY A 114 -0.47 -3.22 9.73
C GLY A 114 0.70 -2.66 10.49
N ARG A 115 1.82 -3.38 10.43
CA ARG A 115 3.05 -2.95 11.10
C ARG A 115 3.58 -1.68 10.45
N ALA A 116 3.45 -1.59 9.13
CA ALA A 116 3.94 -0.44 8.38
C ALA A 116 3.14 0.84 8.72
N VAL A 117 1.81 0.78 8.73
CA VAL A 117 1.04 1.98 9.07
C VAL A 117 1.30 2.36 10.52
N MET A 118 1.44 1.37 11.40
CA MET A 118 1.73 1.65 12.80
C MET A 118 3.08 2.36 12.95
N TYR A 119 4.08 1.95 12.19
CA TYR A 119 5.41 2.57 12.26
C TYR A 119 5.31 4.08 12.02
N LEU A 120 4.69 4.46 10.93
CA LEU A 120 4.56 5.88 10.58
C LEU A 120 3.64 6.63 11.54
N TYR A 121 2.59 5.96 11.99
CA TYR A 121 1.65 6.55 12.94
C TYR A 121 2.35 6.96 14.24
N LYS A 122 3.34 6.17 14.67
CA LYS A 122 4.09 6.51 15.89
C LYS A 122 5.29 7.42 15.58
N HIS A 123 5.66 7.49 14.32
CA HIS A 123 6.81 8.30 13.91
C HIS A 123 6.55 9.78 14.19
N PRO A 124 7.51 10.46 14.84
CA PRO A 124 7.25 11.86 15.22
C PRO A 124 7.26 12.87 14.07
N LYS A 125 7.72 12.46 12.89
CA LYS A 125 7.76 13.36 11.73
C LYS A 125 6.51 13.32 10.84
N GLU A 126 5.62 12.36 11.04
CA GLU A 126 4.42 12.29 10.21
C GLU A 126 3.37 13.36 10.59
N SER A 127 2.80 14.00 9.58
CA SER A 127 1.79 15.06 9.75
C SER A 127 0.52 14.57 10.44
N ARG A 128 -0.11 15.44 11.23
CA ARG A 128 -1.34 15.11 11.96
C ARG A 128 -2.46 14.61 11.04
N SER A 129 -2.60 15.21 9.87
CA SER A 129 -3.65 14.84 8.92
C SER A 129 -3.51 13.37 8.51
N ASN A 130 -2.28 12.97 8.22
CA ASN A 130 -1.98 11.60 7.83
C ASN A 130 -2.21 10.67 9.03
N LYS A 131 -1.77 11.09 10.21
CA LYS A 131 -1.92 10.29 11.43
C LYS A 131 -3.37 10.02 11.80
N ASP A 132 -4.27 10.94 11.50
CA ASP A 132 -5.68 10.75 11.82
C ASP A 132 -6.19 9.47 11.17
N MET A 133 -5.94 9.36 9.88
CA MET A 133 -6.40 8.19 9.13
C MET A 133 -5.55 6.98 9.50
N ALA A 134 -4.26 7.18 9.74
CA ALA A 134 -3.37 6.08 10.12
C ALA A 134 -3.84 5.41 11.42
N GLY A 135 -4.32 6.22 12.36
CA GLY A 135 -4.83 5.69 13.62
C GLY A 135 -6.16 4.97 13.43
N LYS A 136 -6.98 5.44 12.51
CA LYS A 136 -8.28 4.82 12.24
C LYS A 136 -8.10 3.42 11.72
N LEU A 137 -7.10 3.21 10.88
CA LEU A 137 -6.82 1.87 10.34
C LEU A 137 -6.56 0.86 11.45
N ILE A 138 -5.86 1.29 12.48
CA ILE A 138 -5.53 0.41 13.60
C ILE A 138 -6.82 0.06 14.36
N ASN A 139 -7.77 0.99 14.37
CA ASN A 139 -9.05 0.80 15.07
C ASN A 139 -10.08 0.00 14.28
N GLU A 140 -10.01 0.08 12.97
CA GLU A 140 -11.04 -0.47 12.10
C GLU A 140 -10.67 -1.80 11.44
N TRP A 141 -9.38 -2.08 11.32
CA TRP A 141 -8.94 -3.39 10.87
C TRP A 141 -9.05 -4.28 12.10
N SER A 142 -9.62 -5.48 11.94
CA SER A 142 -9.87 -6.40 13.04
C SER A 142 -10.79 -5.68 14.04
N ARG A 143 -10.63 -5.93 15.33
CA ARG A 143 -11.39 -5.18 16.33
C ARG A 143 -10.65 -5.07 17.65
N PRO A 144 -10.30 -3.84 18.07
CA PRO A 144 -9.66 -3.77 19.38
C PRO A 144 -10.66 -4.02 20.51
N ILE A 145 -10.18 -4.49 21.64
CA ILE A 145 -11.02 -4.74 22.80
C ILE A 145 -10.81 -3.58 23.77
N PHE A 146 -11.88 -2.85 24.04
CA PHE A 146 -11.81 -1.69 24.94
C PHE A 146 -11.56 -2.13 26.39
N GLY A 147 -12.09 -3.28 26.75
CA GLY A 147 -11.94 -3.78 28.11
C GLY A 147 -13.11 -3.30 28.94
N LEU A 148 -12.96 -3.35 30.26
CA LEU A 148 -13.97 -2.96 31.25
C LEU A 148 -15.18 -3.91 31.20
N GLY A 149 -16.07 -3.78 32.17
CA GLY A 149 -17.24 -4.63 32.27
C GLY A 149 -17.94 -4.31 33.56
N SER A 150 -18.94 -5.10 33.91
CA SER A 150 -19.68 -4.92 35.17
C SER A 150 -19.12 -5.87 36.22
N SER A 1 4.73 -13.99 -25.48
CA SER A 1 5.29 -15.34 -25.25
C SER A 1 5.03 -16.22 -26.46
N ASN A 2 5.65 -17.40 -26.53
CA ASN A 2 5.47 -18.30 -27.69
C ASN A 2 4.04 -18.84 -27.78
N ALA A 3 3.39 -18.92 -26.63
CA ALA A 3 2.01 -19.36 -26.53
C ALA A 3 1.42 -18.49 -25.43
N ALA A 4 0.10 -18.36 -25.39
CA ALA A 4 -0.57 -17.55 -24.39
C ALA A 4 -1.97 -18.11 -24.26
N SER A 5 -2.72 -17.63 -23.27
CA SER A 5 -4.09 -18.06 -23.04
C SER A 5 -4.76 -16.87 -22.35
N GLY A 6 -6.07 -16.93 -22.16
CA GLY A 6 -6.79 -15.86 -21.50
C GLY A 6 -8.16 -16.37 -21.17
N THR A 7 -8.88 -15.67 -20.30
CA THR A 7 -10.22 -16.08 -19.86
C THR A 7 -11.14 -14.86 -19.74
N PHE A 8 -10.77 -13.79 -20.44
CA PHE A 8 -11.47 -12.48 -20.46
C PHE A 8 -11.39 -11.70 -19.13
N ILE A 9 -11.58 -12.39 -18.01
CA ILE A 9 -11.40 -11.76 -16.69
C ILE A 9 -9.91 -11.48 -16.55
N SER A 10 -9.11 -12.30 -17.23
CA SER A 10 -7.66 -12.17 -17.23
C SER A 10 -7.20 -10.80 -17.71
N ASP A 11 -8.01 -10.17 -18.55
CA ASP A 11 -7.66 -8.88 -19.12
C ASP A 11 -7.56 -7.86 -17.99
N ALA A 12 -8.48 -7.95 -17.03
CA ALA A 12 -8.45 -7.08 -15.85
C ALA A 12 -7.39 -7.56 -14.86
N ASP A 13 -7.27 -8.87 -14.74
CA ASP A 13 -6.35 -9.50 -13.79
C ASP A 13 -4.90 -9.11 -14.08
N ASP A 14 -4.54 -9.14 -15.36
CA ASP A 14 -3.19 -8.76 -15.80
C ASP A 14 -2.89 -7.33 -15.42
N VAL A 15 -3.88 -6.45 -15.53
CA VAL A 15 -3.68 -5.04 -15.18
C VAL A 15 -3.49 -4.88 -13.68
N VAL A 16 -4.25 -5.62 -12.88
CA VAL A 16 -4.11 -5.54 -11.43
C VAL A 16 -2.74 -6.10 -11.03
N SER A 17 -2.36 -7.23 -11.60
CA SER A 17 -1.08 -7.84 -11.31
C SER A 17 0.05 -6.91 -11.72
N ALA A 18 -0.05 -6.35 -12.92
CA ALA A 18 0.95 -5.42 -13.41
C ALA A 18 1.04 -4.18 -12.53
N MET A 19 -0.09 -3.73 -11.99
CA MET A 19 -0.07 -2.59 -11.08
C MET A 19 0.73 -2.94 -9.83
N ILE A 20 0.48 -4.10 -9.23
CA ILE A 20 1.23 -4.55 -8.05
C ILE A 20 2.73 -4.61 -8.40
N VAL A 21 3.05 -5.17 -9.56
CA VAL A 21 4.44 -5.28 -9.99
C VAL A 21 5.05 -3.90 -10.14
N LYS A 22 4.40 -3.00 -10.85
CA LYS A 22 4.98 -1.66 -11.06
C LYS A 22 5.11 -0.88 -9.78
N MET A 23 4.18 -1.08 -8.85
CA MET A 23 4.34 -0.47 -7.53
C MET A 23 5.63 -0.98 -6.89
N ASN A 24 5.87 -2.29 -6.96
CA ASN A 24 7.09 -2.88 -6.39
C ASN A 24 8.34 -2.34 -7.05
N GLU A 25 8.34 -2.28 -8.37
CA GLU A 25 9.52 -1.79 -9.10
C GLU A 25 9.81 -0.34 -8.75
N ALA A 26 8.78 0.49 -8.69
CA ALA A 26 8.96 1.90 -8.31
C ALA A 26 9.51 2.01 -6.89
N ALA A 27 9.11 1.09 -6.03
CA ALA A 27 9.59 1.12 -4.65
C ALA A 27 11.09 0.85 -4.60
N GLU A 28 11.54 -0.14 -5.35
CA GLU A 28 12.95 -0.51 -5.38
C GLU A 28 13.79 0.52 -6.12
N GLU A 29 13.26 1.04 -7.21
CA GLU A 29 13.97 2.05 -7.98
C GLU A 29 14.29 3.25 -7.08
N ASP A 30 13.34 3.68 -6.27
CA ASP A 30 13.57 4.78 -5.36
C ASP A 30 14.73 4.49 -4.40
N ARG A 31 14.92 3.24 -3.98
CA ARG A 31 16.03 2.92 -3.09
C ARG A 31 17.36 3.01 -3.82
N GLN A 32 17.39 2.70 -5.10
CA GLN A 32 18.64 2.73 -5.86
C GLN A 32 18.99 4.16 -6.10
N LEU A 33 17.99 4.96 -6.40
CA LEU A 33 18.17 6.39 -6.63
C LEU A 33 18.72 7.02 -5.36
N ASN A 34 18.14 6.66 -4.21
CA ASN A 34 18.62 7.10 -2.93
C ASN A 34 20.05 6.63 -2.60
N ASN A 35 20.42 5.47 -3.12
CA ASN A 35 21.74 4.89 -2.89
C ASN A 35 22.78 5.77 -3.57
N GLN A 36 22.37 6.34 -4.69
CA GLN A 36 23.22 7.24 -5.47
C GLN A 36 23.01 8.70 -5.06
N LYS A 37 22.22 8.92 -4.01
CA LYS A 37 21.88 10.25 -3.49
C LYS A 37 21.26 11.15 -4.56
N LYS A 38 20.44 10.56 -5.42
CA LYS A 38 19.72 11.27 -6.45
C LYS A 38 18.28 11.38 -5.99
N PRO A 39 17.54 12.39 -6.45
CA PRO A 39 16.13 12.45 -6.05
C PRO A 39 15.38 11.18 -6.46
N ALA A 40 14.56 10.66 -5.56
CA ALA A 40 13.82 9.44 -5.81
C ALA A 40 12.33 9.78 -5.74
N LEU A 41 11.66 9.66 -6.88
CA LEU A 41 10.27 10.10 -7.03
C LEU A 41 9.43 9.11 -7.82
N LYS A 42 9.86 7.85 -7.89
CA LYS A 42 9.16 6.87 -8.69
C LYS A 42 7.80 6.57 -8.09
N LYS A 43 7.72 6.48 -6.77
CA LYS A 43 6.41 6.29 -6.11
C LYS A 43 5.55 7.53 -6.31
N LEU A 44 6.18 8.69 -6.42
CA LEU A 44 5.46 9.96 -6.56
C LEU A 44 4.83 10.11 -7.95
N THR A 45 5.59 9.82 -8.99
CA THR A 45 5.07 9.93 -10.36
C THR A 45 3.99 8.88 -10.62
N LEU A 46 4.06 7.79 -9.88
CA LEU A 46 3.16 6.67 -10.06
C LEU A 46 1.93 6.84 -9.16
N LEU A 47 2.00 7.78 -8.23
CA LEU A 47 0.92 8.01 -7.26
C LEU A 47 -0.47 8.25 -7.89
N PRO A 48 -0.62 9.21 -8.82
CA PRO A 48 -2.00 9.35 -9.30
C PRO A 48 -2.41 8.18 -10.21
N ALA A 49 -1.41 7.53 -10.78
CA ALA A 49 -1.65 6.41 -11.67
C ALA A 49 -2.14 5.20 -10.87
N VAL A 50 -1.57 4.97 -9.69
CA VAL A 50 -2.04 3.84 -8.88
C VAL A 50 -3.43 4.14 -8.36
N VAL A 51 -3.69 5.36 -7.89
CA VAL A 51 -4.98 5.70 -7.27
C VAL A 51 -6.14 5.41 -8.21
N MET A 52 -5.98 5.74 -9.48
CA MET A 52 -7.03 5.47 -10.46
C MET A 52 -7.37 3.97 -10.50
N HIS A 53 -6.36 3.12 -10.38
CA HIS A 53 -6.57 1.67 -10.36
C HIS A 53 -6.92 1.12 -8.98
N LEU A 54 -6.36 1.68 -7.91
CA LEU A 54 -6.53 1.14 -6.56
C LEU A 54 -7.96 1.29 -6.09
N LYS A 55 -8.66 2.26 -6.66
CA LYS A 55 -10.07 2.50 -6.30
C LYS A 55 -11.04 1.61 -7.05
N LYS A 56 -10.54 0.64 -7.81
CA LYS A 56 -11.40 -0.35 -8.47
C LYS A 56 -11.99 -1.32 -7.47
N GLN A 57 -13.08 -0.89 -6.83
CA GLN A 57 -13.82 -1.73 -5.88
C GLN A 57 -14.44 -2.93 -6.61
N ASP A 58 -14.55 -2.81 -7.92
CA ASP A 58 -15.04 -3.89 -8.77
C ASP A 58 -14.00 -5.01 -8.89
N LEU A 59 -12.74 -4.68 -8.60
CA LEU A 59 -11.63 -5.64 -8.64
C LEU A 59 -10.96 -5.78 -7.27
N LYS A 60 -11.67 -5.39 -6.23
CA LYS A 60 -11.13 -5.44 -4.85
C LYS A 60 -10.55 -6.80 -4.47
N GLU A 61 -11.22 -7.90 -4.82
CA GLU A 61 -10.70 -9.23 -4.50
C GLU A 61 -9.41 -9.53 -5.26
N THR A 62 -9.33 -9.11 -6.52
CA THR A 62 -8.15 -9.35 -7.33
C THR A 62 -6.96 -8.62 -6.73
N PHE A 63 -7.18 -7.40 -6.27
CA PHE A 63 -6.11 -6.61 -5.67
C PHE A 63 -5.60 -7.25 -4.37
N ILE A 64 -6.51 -7.79 -3.58
CA ILE A 64 -6.13 -8.41 -2.31
C ILE A 64 -5.32 -9.66 -2.59
N ASP A 65 -5.78 -10.49 -3.53
CA ASP A 65 -5.09 -11.75 -3.85
C ASP A 65 -3.73 -11.49 -4.50
N SER A 66 -3.65 -10.47 -5.33
CA SER A 66 -2.40 -10.07 -6.00
C SER A 66 -1.38 -9.50 -5.01
N GLY A 67 -1.81 -9.28 -3.76
CA GLY A 67 -0.90 -8.80 -2.76
C GLY A 67 -0.67 -7.31 -2.76
N VAL A 68 -1.68 -6.52 -3.13
CA VAL A 68 -1.54 -5.05 -3.12
C VAL A 68 -1.11 -4.57 -1.75
N MET A 69 -1.54 -5.28 -0.71
CA MET A 69 -1.20 -4.91 0.65
C MET A 69 0.30 -4.91 0.88
N SER A 70 1.00 -5.79 0.18
CA SER A 70 2.46 -5.90 0.30
C SER A 70 3.11 -4.78 -0.51
N ALA A 71 2.53 -4.48 -1.66
CA ALA A 71 3.07 -3.44 -2.52
C ALA A 71 2.88 -2.05 -1.88
N ILE A 72 1.73 -1.83 -1.24
CA ILE A 72 1.47 -0.58 -0.52
C ILE A 72 2.45 -0.50 0.65
N LYS A 73 2.68 -1.64 1.32
CA LYS A 73 3.62 -1.68 2.44
C LYS A 73 5.02 -1.25 2.00
N GLU A 74 5.44 -1.64 0.81
CA GLU A 74 6.73 -1.22 0.31
C GLU A 74 6.76 0.29 0.03
N TRP A 75 5.62 0.87 -0.31
CA TRP A 75 5.57 2.30 -0.54
C TRP A 75 5.66 3.03 0.79
N LEU A 76 5.13 2.41 1.83
CA LEU A 76 5.15 3.02 3.15
C LEU A 76 6.56 2.96 3.74
N SER A 77 7.35 1.99 3.31
CA SER A 77 8.72 1.86 3.77
C SER A 77 9.58 2.97 3.17
N PRO A 78 10.17 3.84 4.01
CA PRO A 78 10.99 4.90 3.44
C PRO A 78 12.37 4.44 2.99
N LEU A 79 13.15 5.40 2.52
CA LEU A 79 14.46 5.15 1.94
C LEU A 79 15.54 5.27 3.02
N PRO A 80 16.78 4.76 2.78
CA PRO A 80 17.82 4.85 3.82
C PRO A 80 18.29 6.27 4.18
N ASP A 81 17.72 7.29 3.55
CA ASP A 81 17.98 8.70 3.87
C ASP A 81 17.32 9.06 5.21
N ARG A 82 16.52 8.13 5.73
CA ARG A 82 15.83 8.25 7.03
C ARG A 82 14.85 9.42 7.08
N SER A 83 14.40 9.84 5.91
CA SER A 83 13.41 10.87 5.77
C SER A 83 12.22 10.18 5.13
N LEU A 84 11.08 10.84 5.07
CA LEU A 84 9.89 10.24 4.45
C LEU A 84 9.47 11.05 3.22
N PRO A 85 10.20 10.93 2.08
CA PRO A 85 9.74 11.70 0.92
C PRO A 85 8.43 11.15 0.36
N ALA A 86 8.09 9.95 0.79
CA ALA A 86 6.89 9.27 0.38
C ALA A 86 5.67 9.82 1.13
N LEU A 87 5.88 10.81 2.00
CA LEU A 87 4.80 11.38 2.81
C LEU A 87 3.61 11.80 1.96
N LYS A 88 3.88 12.45 0.84
CA LYS A 88 2.81 12.91 -0.04
C LYS A 88 1.93 11.81 -0.62
N ILE A 89 2.54 10.65 -0.80
CA ILE A 89 1.84 9.50 -1.37
C ILE A 89 0.95 8.84 -0.31
N ARG A 90 1.42 8.87 0.94
CA ARG A 90 0.67 8.27 2.06
C ARG A 90 -0.70 8.89 2.21
N GLU A 91 -0.81 10.16 1.85
CA GLU A 91 -2.06 10.91 1.98
C GLU A 91 -3.19 10.22 1.22
N GLU A 92 -2.85 9.62 0.08
CA GLU A 92 -3.83 8.84 -0.68
C GLU A 92 -3.87 7.38 -0.22
N LEU A 93 -2.70 6.76 -0.05
CA LEU A 93 -2.62 5.33 0.30
C LEU A 93 -3.35 4.95 1.58
N LEU A 94 -3.33 5.80 2.59
CA LEU A 94 -3.99 5.48 3.87
C LEU A 94 -5.44 5.30 3.65
N LYS A 95 -5.96 6.15 2.79
CA LYS A 95 -7.41 6.16 2.54
C LYS A 95 -7.85 4.86 1.91
N ILE A 96 -7.15 4.47 0.86
CA ILE A 96 -7.47 3.26 0.11
C ILE A 96 -7.47 2.01 1.01
N LEU A 97 -6.57 1.99 1.97
CA LEU A 97 -6.48 0.87 2.91
C LEU A 97 -7.76 0.70 3.75
N GLN A 98 -8.51 1.78 3.94
CA GLN A 98 -9.76 1.74 4.74
C GLN A 98 -10.95 1.42 3.82
N GLU A 99 -10.73 1.48 2.51
CA GLU A 99 -11.78 1.20 1.52
C GLU A 99 -11.90 -0.31 1.25
N LEU A 100 -11.00 -1.11 1.83
CA LEU A 100 -11.02 -2.55 1.63
C LEU A 100 -12.27 -3.21 2.26
N PRO A 101 -12.78 -4.28 1.64
CA PRO A 101 -14.00 -4.95 2.11
C PRO A 101 -13.89 -5.79 3.38
N SER A 102 -13.22 -6.93 3.26
CA SER A 102 -13.05 -7.87 4.36
C SER A 102 -11.74 -8.61 4.19
N VAL A 103 -10.67 -7.86 4.08
CA VAL A 103 -9.33 -8.43 3.96
C VAL A 103 -9.13 -9.27 5.23
N SER A 104 -8.62 -10.49 5.09
CA SER A 104 -8.48 -11.33 6.28
C SER A 104 -7.43 -10.68 7.14
N GLN A 105 -7.57 -10.78 8.45
CA GLN A 105 -6.65 -10.10 9.35
C GLN A 105 -5.22 -10.65 9.22
N GLU A 106 -5.13 -11.90 8.82
CA GLU A 106 -3.84 -12.52 8.60
C GLU A 106 -3.12 -11.91 7.39
N THR A 107 -3.87 -11.40 6.42
CA THR A 107 -3.27 -10.79 5.24
C THR A 107 -2.48 -9.55 5.66
N LEU A 108 -3.05 -8.72 6.55
CA LEU A 108 -2.36 -7.52 6.99
C LEU A 108 -1.10 -7.90 7.77
N LYS A 109 -1.19 -8.99 8.53
CA LYS A 109 -0.04 -9.48 9.30
C LYS A 109 1.07 -9.97 8.37
N HIS A 110 0.71 -10.79 7.40
CA HIS A 110 1.68 -11.38 6.47
C HIS A 110 2.32 -10.34 5.55
N SER A 111 1.52 -9.39 5.07
CA SER A 111 2.04 -8.34 4.21
C SER A 111 2.95 -7.39 4.98
N GLY A 112 2.74 -7.32 6.29
CA GLY A 112 3.52 -6.44 7.13
C GLY A 112 3.00 -5.02 7.09
N ILE A 113 1.90 -4.83 6.36
CA ILE A 113 1.30 -3.50 6.19
C ILE A 113 0.83 -2.95 7.55
N GLY A 114 0.35 -3.81 8.43
CA GLY A 114 -0.07 -3.35 9.75
C GLY A 114 1.08 -2.73 10.50
N ARG A 115 2.24 -3.38 10.44
CA ARG A 115 3.44 -2.89 11.10
C ARG A 115 3.90 -1.59 10.45
N ALA A 116 3.71 -1.47 9.15
CA ALA A 116 4.10 -0.26 8.43
C ALA A 116 3.22 0.94 8.83
N VAL A 117 1.92 0.73 9.01
CA VAL A 117 1.04 1.82 9.48
C VAL A 117 1.43 2.18 10.90
N MET A 118 1.64 1.17 11.74
CA MET A 118 2.02 1.39 13.14
C MET A 118 3.30 2.22 13.25
N TYR A 119 4.25 1.95 12.37
CA TYR A 119 5.51 2.70 12.35
C TYR A 119 5.26 4.19 12.13
N LEU A 120 4.41 4.51 11.17
CA LEU A 120 4.14 5.89 10.82
C LEU A 120 3.27 6.56 11.86
N TYR A 121 2.39 5.80 12.47
CA TYR A 121 1.52 6.33 13.50
C TYR A 121 2.33 6.85 14.69
N LYS A 122 3.44 6.18 14.98
CA LYS A 122 4.32 6.61 16.07
C LYS A 122 5.39 7.57 15.59
N HIS A 123 5.50 7.76 14.28
CA HIS A 123 6.51 8.63 13.71
C HIS A 123 6.17 10.10 13.92
N PRO A 124 7.11 10.91 14.46
CA PRO A 124 6.78 12.31 14.73
C PRO A 124 6.74 13.22 13.49
N LYS A 125 7.19 12.73 12.34
CA LYS A 125 7.19 13.53 11.11
C LYS A 125 5.95 13.32 10.26
N GLU A 126 5.10 12.37 10.65
CA GLU A 126 3.90 12.08 9.87
C GLU A 126 2.86 13.18 10.16
N SER A 127 2.18 13.66 9.11
CA SER A 127 1.22 14.77 9.25
C SER A 127 0.02 14.37 10.10
N ARG A 128 -0.62 15.35 10.75
CA ARG A 128 -1.77 15.08 11.62
C ARG A 128 -2.93 14.43 10.87
N SER A 129 -3.16 14.85 9.64
CA SER A 129 -4.24 14.28 8.84
C SER A 129 -3.97 12.80 8.58
N ASN A 130 -2.73 12.48 8.23
CA ASN A 130 -2.36 11.10 7.97
C ASN A 130 -2.42 10.30 9.26
N LYS A 131 -2.05 10.94 10.36
CA LYS A 131 -2.08 10.31 11.68
C LYS A 131 -3.49 9.89 12.07
N ASP A 132 -4.45 10.72 11.69
CA ASP A 132 -5.86 10.46 12.02
C ASP A 132 -6.32 9.16 11.38
N MET A 133 -6.00 8.99 10.11
CA MET A 133 -6.42 7.81 9.37
C MET A 133 -5.61 6.61 9.81
N ALA A 134 -4.33 6.82 10.09
CA ALA A 134 -3.45 5.75 10.54
C ALA A 134 -3.95 5.14 11.85
N GLY A 135 -4.46 5.98 12.74
CA GLY A 135 -4.97 5.48 14.00
C GLY A 135 -6.18 4.59 13.82
N LYS A 136 -7.08 4.97 12.91
CA LYS A 136 -8.28 4.18 12.63
C LYS A 136 -7.88 2.87 12.01
N LEU A 137 -6.94 2.95 11.09
CA LEU A 137 -6.48 1.81 10.34
C LEU A 137 -5.87 0.73 11.22
N ILE A 138 -5.21 1.12 12.31
CA ILE A 138 -4.70 0.14 13.27
C ILE A 138 -5.88 -0.51 14.02
N ASN A 139 -6.89 0.28 14.35
CA ASN A 139 -8.04 -0.18 15.11
C ASN A 139 -8.89 -1.20 14.37
N GLU A 140 -9.08 -0.97 13.08
CA GLU A 140 -9.92 -1.81 12.23
C GLU A 140 -9.19 -3.05 11.71
N TRP A 141 -7.87 -3.08 11.88
CA TRP A 141 -7.06 -4.21 11.47
C TRP A 141 -6.71 -5.06 12.70
N SER A 142 -6.10 -6.22 12.45
CA SER A 142 -5.67 -7.16 13.48
C SER A 142 -6.85 -7.68 14.33
N ARG A 143 -6.76 -7.65 15.65
CA ARG A 143 -7.81 -8.17 16.51
C ARG A 143 -7.86 -7.37 17.81
N PRO A 144 -9.04 -6.86 18.20
CA PRO A 144 -9.06 -6.15 19.48
C PRO A 144 -8.94 -7.13 20.65
N ILE A 145 -8.53 -6.60 21.80
CA ILE A 145 -8.34 -7.39 23.03
C ILE A 145 -7.49 -8.65 22.76
N PHE A 146 -6.40 -8.46 22.02
CA PHE A 146 -5.52 -9.57 21.65
C PHE A 146 -4.08 -9.09 21.57
N GLY A 147 -3.15 -9.91 22.04
CA GLY A 147 -1.73 -9.53 21.99
C GLY A 147 -1.37 -8.40 22.93
N LEU A 148 -2.09 -8.31 24.04
CA LEU A 148 -1.92 -7.25 25.04
C LEU A 148 -2.06 -5.86 24.39
N GLY A 149 -3.13 -5.72 23.63
CA GLY A 149 -3.44 -4.47 22.95
C GLY A 149 -4.85 -4.61 22.45
N SER A 150 -5.39 -3.56 21.84
CA SER A 150 -6.75 -3.57 21.31
C SER A 150 -6.81 -2.45 20.31
N SER A 1 -11.07 -25.37 -24.08
CA SER A 1 -12.54 -25.35 -24.25
C SER A 1 -12.90 -25.02 -25.69
N ASN A 2 -13.51 -25.97 -26.40
CA ASN A 2 -13.84 -25.81 -27.82
C ASN A 2 -14.82 -24.67 -28.10
N ALA A 3 -15.57 -24.25 -27.09
CA ALA A 3 -16.52 -23.15 -27.23
C ALA A 3 -15.82 -21.80 -27.41
N ALA A 4 -14.50 -21.78 -27.16
CA ALA A 4 -13.65 -20.57 -27.27
C ALA A 4 -14.11 -19.40 -26.39
N SER A 5 -15.00 -19.66 -25.44
CA SER A 5 -15.49 -18.64 -24.55
C SER A 5 -14.48 -18.35 -23.44
N GLY A 6 -14.45 -17.11 -22.98
CA GLY A 6 -13.55 -16.71 -21.91
C GLY A 6 -14.36 -16.13 -20.76
N THR A 7 -13.70 -15.54 -19.79
CA THR A 7 -14.38 -14.92 -18.65
C THR A 7 -14.85 -13.53 -19.07
N PHE A 8 -15.76 -12.95 -18.29
CA PHE A 8 -16.30 -11.62 -18.59
C PHE A 8 -15.25 -10.54 -18.30
N ILE A 9 -14.40 -10.81 -17.33
CA ILE A 9 -13.34 -9.89 -16.93
C ILE A 9 -12.00 -10.56 -17.20
N SER A 10 -11.05 -9.82 -17.74
CA SER A 10 -9.69 -10.32 -17.98
C SER A 10 -8.73 -9.15 -18.01
N ASP A 11 -9.14 -8.13 -18.75
CA ASP A 11 -8.36 -6.89 -18.91
C ASP A 11 -8.05 -6.22 -17.59
N ALA A 12 -9.04 -6.16 -16.71
CA ALA A 12 -8.90 -5.49 -15.45
C ALA A 12 -7.95 -6.25 -14.53
N ASP A 13 -8.01 -7.56 -14.58
CA ASP A 13 -7.17 -8.40 -13.73
C ASP A 13 -5.73 -8.31 -14.19
N ASP A 14 -5.53 -8.16 -15.50
CA ASP A 14 -4.21 -7.95 -16.06
C ASP A 14 -3.65 -6.62 -15.54
N VAL A 15 -4.49 -5.60 -15.50
CA VAL A 15 -4.10 -4.28 -14.97
C VAL A 15 -3.75 -4.39 -13.50
N VAL A 16 -4.54 -5.13 -12.73
CA VAL A 16 -4.25 -5.30 -11.30
C VAL A 16 -2.89 -5.97 -11.13
N SER A 17 -2.64 -7.01 -11.91
CA SER A 17 -1.38 -7.75 -11.82
C SER A 17 -0.22 -6.83 -12.17
N ALA A 18 -0.40 -6.03 -13.22
CA ALA A 18 0.61 -5.08 -13.65
C ALA A 18 0.81 -4.01 -12.57
N MET A 19 -0.24 -3.65 -11.87
CA MET A 19 -0.16 -2.60 -10.87
C MET A 19 0.75 -3.00 -9.73
N ILE A 20 0.56 -4.20 -9.20
CA ILE A 20 1.38 -4.66 -8.07
C ILE A 20 2.83 -4.76 -8.47
N VAL A 21 3.12 -5.37 -9.62
CA VAL A 21 4.52 -5.51 -10.01
C VAL A 21 5.14 -4.13 -10.24
N LYS A 22 4.43 -3.19 -10.87
CA LYS A 22 5.02 -1.87 -11.09
C LYS A 22 5.16 -1.06 -9.83
N MET A 23 4.26 -1.25 -8.89
CA MET A 23 4.39 -0.61 -7.58
C MET A 23 5.66 -1.13 -6.92
N ASN A 24 5.91 -2.43 -7.03
CA ASN A 24 7.15 -3.02 -6.50
C ASN A 24 8.38 -2.44 -7.17
N GLU A 25 8.35 -2.35 -8.49
CA GLU A 25 9.50 -1.81 -9.22
C GLU A 25 9.76 -0.37 -8.80
N ALA A 26 8.72 0.43 -8.69
CA ALA A 26 8.86 1.82 -8.28
C ALA A 26 9.41 1.92 -6.85
N ALA A 27 9.03 0.97 -6.01
CA ALA A 27 9.49 0.99 -4.62
C ALA A 27 11.00 0.75 -4.58
N GLU A 28 11.45 -0.25 -5.30
CA GLU A 28 12.85 -0.64 -5.34
C GLU A 28 13.75 0.26 -6.14
N GLU A 29 13.22 0.78 -7.22
CA GLU A 29 13.95 1.75 -8.04
C GLU A 29 14.41 2.89 -7.16
N ASP A 30 13.55 3.36 -6.27
CA ASP A 30 13.90 4.43 -5.36
C ASP A 30 15.10 4.07 -4.47
N ARG A 31 15.25 2.79 -4.12
CA ARG A 31 16.39 2.35 -3.31
C ARG A 31 17.67 2.50 -4.12
N GLN A 32 17.59 2.23 -5.41
CA GLN A 32 18.76 2.27 -6.28
C GLN A 32 19.13 3.71 -6.51
N LEU A 33 18.12 4.52 -6.69
CA LEU A 33 18.31 5.95 -6.87
C LEU A 33 19.00 6.50 -5.64
N ASN A 34 18.50 6.19 -4.45
CA ASN A 34 19.15 6.55 -3.22
C ASN A 34 20.58 5.99 -3.08
N ASN A 35 20.83 4.81 -3.65
CA ASN A 35 22.12 4.15 -3.55
C ASN A 35 23.14 4.93 -4.35
N GLN A 36 22.66 5.60 -5.38
CA GLN A 36 23.50 6.42 -6.24
C GLN A 36 23.37 7.91 -5.91
N LYS A 37 22.71 8.21 -4.80
CA LYS A 37 22.49 9.60 -4.32
C LYS A 37 21.78 10.46 -5.38
N LYS A 38 20.83 9.87 -6.07
CA LYS A 38 20.00 10.56 -7.05
C LYS A 38 18.64 10.73 -6.40
N PRO A 39 17.88 11.77 -6.79
CA PRO A 39 16.53 11.90 -6.20
C PRO A 39 15.68 10.66 -6.51
N ALA A 40 14.92 10.22 -5.53
CA ALA A 40 14.08 9.04 -5.69
C ALA A 40 12.63 9.42 -5.46
N LEU A 41 11.84 9.33 -6.53
CA LEU A 41 10.45 9.78 -6.52
C LEU A 41 9.53 8.90 -7.37
N LYS A 42 9.91 7.65 -7.64
CA LYS A 42 9.12 6.80 -8.51
C LYS A 42 7.72 6.58 -7.96
N LYS A 43 7.60 6.40 -6.65
CA LYS A 43 6.27 6.22 -6.03
C LYS A 43 5.40 7.47 -6.21
N LEU A 44 6.01 8.64 -6.28
CA LEU A 44 5.27 9.90 -6.39
C LEU A 44 4.71 10.07 -7.79
N THR A 45 5.51 9.78 -8.81
CA THR A 45 5.04 9.94 -10.18
C THR A 45 4.01 8.86 -10.53
N LEU A 46 4.05 7.75 -9.80
CA LEU A 46 3.11 6.66 -9.99
C LEU A 46 1.86 6.84 -9.14
N LEU A 47 1.92 7.76 -8.19
CA LEU A 47 0.84 7.95 -7.23
C LEU A 47 -0.52 8.19 -7.88
N PRO A 48 -0.66 9.15 -8.81
CA PRO A 48 -2.02 9.30 -9.33
C PRO A 48 -2.40 8.19 -10.30
N ALA A 49 -1.39 7.54 -10.87
CA ALA A 49 -1.60 6.48 -11.82
C ALA A 49 -2.17 5.24 -11.10
N VAL A 50 -1.60 4.91 -9.95
CA VAL A 50 -2.09 3.76 -9.21
C VAL A 50 -3.41 4.09 -8.54
N VAL A 51 -3.55 5.29 -7.97
CA VAL A 51 -4.78 5.66 -7.24
C VAL A 51 -6.01 5.44 -8.11
N MET A 52 -5.91 5.83 -9.37
CA MET A 52 -7.01 5.65 -10.31
C MET A 52 -7.49 4.19 -10.33
N HIS A 53 -6.56 3.25 -10.34
CA HIS A 53 -6.90 1.83 -10.31
C HIS A 53 -7.11 1.25 -8.90
N LEU A 54 -6.41 1.77 -7.91
CA LEU A 54 -6.43 1.19 -6.57
C LEU A 54 -7.81 1.28 -5.94
N LYS A 55 -8.55 2.30 -6.33
CA LYS A 55 -9.90 2.51 -5.81
C LYS A 55 -10.96 1.72 -6.55
N LYS A 56 -10.55 0.85 -7.48
CA LYS A 56 -11.49 -0.02 -8.17
C LYS A 56 -11.87 -1.17 -7.25
N GLN A 57 -12.85 -0.89 -6.40
CA GLN A 57 -13.39 -1.85 -5.45
C GLN A 57 -13.98 -3.05 -6.18
N ASP A 58 -14.28 -2.89 -7.46
CA ASP A 58 -14.85 -3.96 -8.27
C ASP A 58 -13.94 -5.21 -8.26
N LEU A 59 -12.64 -5.01 -8.48
CA LEU A 59 -11.66 -6.10 -8.54
C LEU A 59 -11.05 -6.34 -7.16
N LYS A 60 -11.86 -6.18 -6.12
CA LYS A 60 -11.35 -6.28 -4.74
C LYS A 60 -10.57 -7.53 -4.45
N GLU A 61 -11.07 -8.68 -4.86
CA GLU A 61 -10.39 -9.93 -4.56
C GLU A 61 -9.06 -10.03 -5.29
N THR A 62 -9.01 -9.58 -6.53
CA THR A 62 -7.78 -9.64 -7.30
C THR A 62 -6.70 -8.76 -6.67
N PHE A 63 -7.06 -7.56 -6.24
CA PHE A 63 -6.07 -6.68 -5.62
C PHE A 63 -5.54 -7.28 -4.32
N ILE A 64 -6.42 -7.88 -3.54
CA ILE A 64 -6.03 -8.46 -2.25
C ILE A 64 -5.15 -9.69 -2.49
N ASP A 65 -5.55 -10.57 -3.39
CA ASP A 65 -4.81 -11.81 -3.67
C ASP A 65 -3.46 -11.53 -4.31
N SER A 66 -3.41 -10.56 -5.21
CA SER A 66 -2.16 -10.18 -5.89
C SER A 66 -1.19 -9.51 -4.92
N GLY A 67 -1.62 -9.28 -3.69
CA GLY A 67 -0.73 -8.72 -2.68
C GLY A 67 -0.52 -7.22 -2.74
N VAL A 68 -1.53 -6.46 -3.15
CA VAL A 68 -1.40 -5.00 -3.20
C VAL A 68 -1.01 -4.47 -1.83
N MET A 69 -1.47 -5.12 -0.78
CA MET A 69 -1.18 -4.70 0.59
C MET A 69 0.32 -4.72 0.85
N SER A 70 1.04 -5.62 0.20
CA SER A 70 2.49 -5.73 0.37
C SER A 70 3.16 -4.62 -0.44
N ALA A 71 2.64 -4.37 -1.64
CA ALA A 71 3.22 -3.33 -2.48
C ALA A 71 3.00 -1.96 -1.83
N ILE A 72 1.85 -1.74 -1.21
CA ILE A 72 1.57 -0.50 -0.49
C ILE A 72 2.50 -0.42 0.72
N LYS A 73 2.70 -1.52 1.41
CA LYS A 73 3.62 -1.54 2.57
C LYS A 73 5.02 -1.10 2.17
N GLU A 74 5.50 -1.51 1.00
CA GLU A 74 6.81 -1.09 0.53
C GLU A 74 6.83 0.41 0.25
N TRP A 75 5.69 0.97 -0.15
CA TRP A 75 5.61 2.40 -0.42
C TRP A 75 5.63 3.20 0.88
N LEU A 76 5.15 2.58 1.95
CA LEU A 76 5.12 3.25 3.26
C LEU A 76 6.52 3.29 3.84
N SER A 77 7.35 2.34 3.42
CA SER A 77 8.71 2.20 3.91
C SER A 77 9.68 3.16 3.23
N PRO A 78 10.24 4.13 3.99
CA PRO A 78 11.14 5.10 3.34
C PRO A 78 12.55 4.56 3.09
N LEU A 79 13.38 5.40 2.50
CA LEU A 79 14.77 5.08 2.24
C LEU A 79 15.54 5.08 3.57
N PRO A 80 16.76 4.49 3.60
CA PRO A 80 17.56 4.52 4.85
C PRO A 80 18.03 5.93 5.23
N ASP A 81 17.68 6.90 4.40
CA ASP A 81 17.95 8.33 4.65
C ASP A 81 16.96 8.84 5.71
N ARG A 82 15.92 8.04 5.97
CA ARG A 82 14.89 8.28 7.01
C ARG A 82 13.97 9.47 6.75
N SER A 83 14.16 10.17 5.65
CA SER A 83 13.26 11.22 5.26
C SER A 83 12.09 10.48 4.68
N LEU A 84 10.95 11.10 4.79
CA LEU A 84 9.69 10.51 4.32
C LEU A 84 9.10 11.26 3.12
N PRO A 85 9.70 11.12 1.91
CA PRO A 85 9.07 11.81 0.78
C PRO A 85 7.74 11.17 0.38
N ALA A 86 7.52 9.97 0.90
CA ALA A 86 6.31 9.21 0.66
C ALA A 86 5.13 9.79 1.44
N LEU A 87 5.35 10.89 2.15
CA LEU A 87 4.29 11.55 2.91
C LEU A 87 3.09 11.88 2.03
N LYS A 88 3.34 12.46 0.86
CA LYS A 88 2.25 12.87 -0.02
C LYS A 88 1.49 11.69 -0.59
N ILE A 89 2.21 10.62 -0.82
CA ILE A 89 1.64 9.40 -1.36
C ILE A 89 0.78 8.72 -0.31
N ARG A 90 1.25 8.74 0.92
CA ARG A 90 0.54 8.12 2.04
C ARG A 90 -0.85 8.65 2.25
N GLU A 91 -1.07 9.91 1.93
CA GLU A 91 -2.37 10.56 2.11
C GLU A 91 -3.44 9.74 1.37
N GLU A 92 -3.13 9.30 0.17
CA GLU A 92 -4.05 8.47 -0.61
C GLU A 92 -3.98 7.00 -0.21
N LEU A 93 -2.78 6.49 0.02
CA LEU A 93 -2.64 5.08 0.39
C LEU A 93 -3.40 4.70 1.66
N LEU A 94 -3.36 5.55 2.68
CA LEU A 94 -4.06 5.28 3.95
C LEU A 94 -5.51 5.16 3.67
N LYS A 95 -5.94 5.99 2.76
CA LYS A 95 -7.34 6.05 2.40
C LYS A 95 -7.78 4.78 1.73
N ILE A 96 -7.02 4.35 0.72
CA ILE A 96 -7.36 3.14 -0.04
C ILE A 96 -7.54 1.92 0.86
N LEU A 97 -6.64 1.72 1.82
CA LEU A 97 -6.76 0.68 2.80
C LEU A 97 -8.07 0.61 3.58
N GLN A 98 -8.77 1.73 3.69
CA GLN A 98 -10.05 1.76 4.42
C GLN A 98 -11.21 1.45 3.48
N GLU A 99 -10.93 1.41 2.19
CA GLU A 99 -11.95 1.12 1.17
C GLU A 99 -12.00 -0.38 0.87
N LEU A 100 -11.06 -1.14 1.43
CA LEU A 100 -11.04 -2.58 1.27
C LEU A 100 -12.22 -3.23 2.00
N PRO A 101 -12.74 -4.35 1.47
CA PRO A 101 -13.89 -5.02 2.08
C PRO A 101 -13.61 -5.79 3.36
N SER A 102 -12.93 -6.91 3.24
CA SER A 102 -12.64 -7.79 4.37
C SER A 102 -11.35 -8.56 4.15
N VAL A 103 -10.31 -7.80 3.91
CA VAL A 103 -8.96 -8.37 3.75
C VAL A 103 -8.65 -9.13 5.05
N SER A 104 -8.14 -10.34 4.92
CA SER A 104 -7.89 -11.17 6.08
C SER A 104 -6.75 -10.62 6.92
N GLN A 105 -6.77 -10.94 8.20
CA GLN A 105 -5.71 -10.54 9.10
C GLN A 105 -4.40 -11.15 8.64
N GLU A 106 -4.47 -12.29 7.99
CA GLU A 106 -3.29 -12.95 7.48
C GLU A 106 -2.65 -12.17 6.34
N THR A 107 -3.43 -11.61 5.42
CA THR A 107 -2.84 -10.83 4.35
C THR A 107 -2.19 -9.60 4.96
N LEU A 108 -2.86 -8.99 5.92
CA LEU A 108 -2.33 -7.81 6.60
C LEU A 108 -1.03 -8.15 7.36
N LYS A 109 -0.98 -9.32 7.99
CA LYS A 109 0.22 -9.79 8.71
C LYS A 109 1.36 -10.09 7.75
N HIS A 110 1.05 -10.86 6.72
CA HIS A 110 2.05 -11.32 5.76
C HIS A 110 2.64 -10.13 4.99
N SER A 111 1.79 -9.18 4.64
CA SER A 111 2.25 -7.97 3.98
C SER A 111 3.03 -7.10 4.94
N GLY A 112 2.67 -7.15 6.22
CA GLY A 112 3.31 -6.30 7.22
C GLY A 112 2.77 -4.89 7.16
N ILE A 113 1.70 -4.69 6.42
CA ILE A 113 1.12 -3.36 6.22
C ILE A 113 0.67 -2.74 7.55
N GLY A 114 0.08 -3.52 8.44
CA GLY A 114 -0.35 -2.98 9.71
C GLY A 114 0.83 -2.47 10.53
N ARG A 115 1.97 -3.16 10.41
CA ARG A 115 3.18 -2.78 11.13
C ARG A 115 3.72 -1.48 10.56
N ALA A 116 3.63 -1.33 9.24
CA ALA A 116 4.09 -0.13 8.56
C ALA A 116 3.22 1.08 8.93
N VAL A 117 1.91 0.88 9.02
CA VAL A 117 1.01 1.96 9.45
C VAL A 117 1.37 2.35 10.89
N MET A 118 1.59 1.37 11.75
CA MET A 118 1.95 1.63 13.14
C MET A 118 3.24 2.47 13.23
N TYR A 119 4.22 2.15 12.41
CA TYR A 119 5.48 2.90 12.38
C TYR A 119 5.24 4.37 12.12
N LEU A 120 4.42 4.67 11.12
CA LEU A 120 4.14 6.04 10.73
C LEU A 120 3.25 6.76 11.74
N TYR A 121 2.34 6.02 12.34
CA TYR A 121 1.42 6.56 13.33
C TYR A 121 2.19 7.12 14.53
N LYS A 122 3.27 6.44 14.90
CA LYS A 122 4.10 6.90 16.02
C LYS A 122 5.17 7.89 15.58
N HIS A 123 5.43 7.97 14.28
CA HIS A 123 6.48 8.84 13.76
C HIS A 123 6.14 10.31 14.02
N PRO A 124 7.08 11.08 14.61
CA PRO A 124 6.76 12.47 14.94
C PRO A 124 6.69 13.43 13.74
N LYS A 125 7.04 12.95 12.56
CA LYS A 125 7.00 13.78 11.34
C LYS A 125 5.70 13.62 10.56
N GLU A 126 4.86 12.67 10.92
CA GLU A 126 3.60 12.49 10.19
C GLU A 126 2.55 13.55 10.55
N SER A 127 1.69 13.87 9.59
CA SER A 127 0.67 14.90 9.77
C SER A 127 -0.48 14.35 10.62
N ARG A 128 -1.18 15.22 11.34
CA ARG A 128 -2.29 14.75 12.19
C ARG A 128 -3.40 14.12 11.36
N SER A 129 -3.57 14.56 10.12
CA SER A 129 -4.61 14.02 9.26
C SER A 129 -4.28 12.58 8.88
N ASN A 130 -3.03 12.34 8.54
CA ASN A 130 -2.61 10.98 8.17
C ASN A 130 -2.65 10.10 9.41
N LYS A 131 -2.29 10.65 10.56
CA LYS A 131 -2.30 9.88 11.80
C LYS A 131 -3.69 9.49 12.21
N ASP A 132 -4.69 10.30 11.92
CA ASP A 132 -6.08 9.97 12.23
C ASP A 132 -6.45 8.67 11.53
N MET A 133 -6.17 8.62 10.24
CA MET A 133 -6.51 7.46 9.42
C MET A 133 -5.63 6.28 9.78
N ALA A 134 -4.39 6.56 10.16
CA ALA A 134 -3.47 5.52 10.58
C ALA A 134 -3.95 4.86 11.87
N GLY A 135 -4.40 5.67 12.82
CA GLY A 135 -4.89 5.16 14.08
C GLY A 135 -6.14 4.35 13.86
N LYS A 136 -7.00 4.85 12.98
CA LYS A 136 -8.21 4.14 12.60
C LYS A 136 -7.89 2.78 12.02
N LEU A 137 -6.96 2.72 11.08
CA LEU A 137 -6.59 1.46 10.46
C LEU A 137 -6.11 0.44 11.48
N ILE A 138 -5.28 0.87 12.41
CA ILE A 138 -4.78 -0.03 13.46
C ILE A 138 -5.94 -0.59 14.29
N ASN A 139 -6.99 0.19 14.49
CA ASN A 139 -8.14 -0.26 15.27
C ASN A 139 -9.10 -1.16 14.51
N GLU A 140 -9.38 -0.75 13.28
CA GLU A 140 -10.41 -1.39 12.48
C GLU A 140 -9.91 -2.65 11.76
N TRP A 141 -8.60 -2.76 11.59
CA TRP A 141 -8.00 -4.00 11.09
C TRP A 141 -7.80 -4.93 12.29
N SER A 142 -8.86 -5.58 12.73
CA SER A 142 -8.79 -6.49 13.87
C SER A 142 -9.68 -7.71 13.63
N ARG A 143 -9.96 -8.46 14.71
CA ARG A 143 -10.86 -9.63 14.70
C ARG A 143 -10.48 -10.79 13.76
N PRO A 144 -9.37 -11.50 14.04
CA PRO A 144 -9.08 -12.66 13.19
C PRO A 144 -10.07 -13.79 13.42
N ILE A 145 -10.24 -14.65 12.41
CA ILE A 145 -11.11 -15.80 12.49
C ILE A 145 -10.61 -16.81 11.45
N PHE A 146 -10.82 -18.10 11.73
CA PHE A 146 -10.46 -19.20 10.81
C PHE A 146 -8.98 -19.30 10.41
N GLY A 147 -8.11 -18.52 11.05
CA GLY A 147 -6.70 -18.53 10.71
C GLY A 147 -5.92 -17.60 11.61
N LEU A 148 -4.76 -17.17 11.12
CA LEU A 148 -3.81 -16.29 11.81
C LEU A 148 -3.07 -16.96 12.97
N GLY A 149 -2.02 -17.68 12.62
CA GLY A 149 -1.14 -18.25 13.62
C GLY A 149 -0.10 -17.19 13.98
N SER A 150 0.83 -17.53 14.87
CA SER A 150 1.88 -16.60 15.29
C SER A 150 2.77 -16.20 14.12
N SER A 1 -3.83 -13.13 -17.69
CA SER A 1 -4.94 -13.90 -18.31
C SER A 1 -4.53 -14.45 -19.66
N ASN A 2 -5.07 -15.61 -20.04
CA ASN A 2 -4.79 -16.20 -21.35
C ASN A 2 -6.03 -16.13 -22.25
N ALA A 3 -7.09 -15.52 -21.77
CA ALA A 3 -8.34 -15.41 -22.52
C ALA A 3 -8.25 -14.21 -23.47
N ALA A 4 -7.54 -14.39 -24.58
CA ALA A 4 -7.33 -13.33 -25.57
C ALA A 4 -8.63 -12.86 -26.24
N SER A 5 -9.66 -13.68 -26.15
CA SER A 5 -10.97 -13.35 -26.71
C SER A 5 -11.81 -12.52 -25.74
N GLY A 6 -11.29 -12.31 -24.53
CA GLY A 6 -12.02 -11.58 -23.50
C GLY A 6 -13.14 -12.42 -22.92
N THR A 7 -14.32 -12.28 -23.51
CA THR A 7 -15.57 -12.98 -23.12
C THR A 7 -16.16 -12.47 -21.79
N PHE A 8 -15.32 -12.41 -20.77
CA PHE A 8 -15.70 -11.93 -19.44
C PHE A 8 -14.49 -11.17 -18.91
N ILE A 9 -14.30 -11.15 -17.60
CA ILE A 9 -13.15 -10.48 -17.00
C ILE A 9 -11.89 -11.21 -17.47
N SER A 10 -10.98 -10.47 -18.08
CA SER A 10 -9.71 -11.03 -18.55
C SER A 10 -8.61 -9.98 -18.42
N ASP A 11 -8.75 -8.90 -19.17
CA ASP A 11 -7.76 -7.82 -19.17
C ASP A 11 -7.54 -7.21 -17.78
N ALA A 12 -8.61 -7.06 -17.02
CA ALA A 12 -8.54 -6.44 -15.71
C ALA A 12 -7.62 -7.21 -14.76
N ASP A 13 -7.55 -8.53 -14.90
CA ASP A 13 -6.71 -9.36 -14.05
C ASP A 13 -5.24 -9.00 -14.27
N ASP A 14 -4.87 -8.89 -15.53
CA ASP A 14 -3.50 -8.54 -15.90
C ASP A 14 -3.19 -7.12 -15.45
N VAL A 15 -4.15 -6.22 -15.55
CA VAL A 15 -3.95 -4.84 -15.14
C VAL A 15 -3.73 -4.75 -13.63
N VAL A 16 -4.47 -5.52 -12.86
CA VAL A 16 -4.29 -5.51 -11.40
C VAL A 16 -2.92 -6.09 -11.07
N SER A 17 -2.57 -7.20 -11.70
CA SER A 17 -1.29 -7.83 -11.43
C SER A 17 -0.15 -6.86 -11.80
N ALA A 18 -0.27 -6.25 -12.97
CA ALA A 18 0.72 -5.30 -13.45
C ALA A 18 0.81 -4.08 -12.54
N MET A 19 -0.30 -3.68 -11.94
CA MET A 19 -0.29 -2.54 -11.01
C MET A 19 0.56 -2.89 -9.79
N ILE A 20 0.34 -4.06 -9.20
CA ILE A 20 1.15 -4.53 -8.07
C ILE A 20 2.62 -4.56 -8.47
N VAL A 21 2.90 -5.07 -9.65
CA VAL A 21 4.27 -5.15 -10.14
C VAL A 21 4.85 -3.74 -10.28
N LYS A 22 4.15 -2.82 -10.93
CA LYS A 22 4.68 -1.45 -11.10
C LYS A 22 4.88 -0.77 -9.76
N MET A 23 4.04 -1.06 -8.80
CA MET A 23 4.24 -0.52 -7.46
C MET A 23 5.54 -1.10 -6.86
N ASN A 24 5.80 -2.38 -7.08
CA ASN A 24 7.05 -2.99 -6.60
C ASN A 24 8.26 -2.36 -7.25
N GLU A 25 8.22 -2.19 -8.56
CA GLU A 25 9.34 -1.61 -9.29
C GLU A 25 9.61 -0.19 -8.78
N ALA A 26 8.55 0.57 -8.56
CA ALA A 26 8.69 1.93 -8.05
C ALA A 26 9.33 1.94 -6.66
N ALA A 27 9.06 0.92 -5.86
CA ALA A 27 9.59 0.87 -4.52
C ALA A 27 11.08 0.56 -4.55
N GLU A 28 11.48 -0.38 -5.39
CA GLU A 28 12.89 -0.75 -5.50
C GLU A 28 13.71 0.26 -6.29
N GLU A 29 13.13 0.93 -7.27
CA GLU A 29 13.84 1.95 -8.03
C GLU A 29 14.25 3.07 -7.11
N ASP A 30 13.38 3.45 -6.18
CA ASP A 30 13.69 4.49 -5.23
C ASP A 30 14.93 4.11 -4.41
N ARG A 31 15.15 2.82 -4.19
CA ARG A 31 16.34 2.36 -3.46
C ARG A 31 17.60 2.58 -4.30
N GLN A 32 17.49 2.35 -5.60
CA GLN A 32 18.65 2.48 -6.50
C GLN A 32 19.02 3.94 -6.61
N LEU A 33 17.99 4.75 -6.72
CA LEU A 33 18.17 6.20 -6.81
C LEU A 33 18.85 6.70 -5.53
N ASN A 34 18.39 6.25 -4.39
CA ASN A 34 19.00 6.57 -3.12
C ASN A 34 20.43 6.04 -2.98
N ASN A 35 20.72 4.92 -3.64
CA ASN A 35 22.04 4.29 -3.59
C ASN A 35 23.03 5.21 -4.26
N GLN A 36 22.55 5.90 -5.28
CA GLN A 36 23.35 6.86 -6.04
C GLN A 36 23.21 8.27 -5.47
N LYS A 37 22.52 8.38 -4.33
CA LYS A 37 22.28 9.66 -3.64
C LYS A 37 21.57 10.68 -4.55
N LYS A 38 20.65 10.19 -5.36
CA LYS A 38 19.86 11.03 -6.24
C LYS A 38 18.46 11.10 -5.65
N PRO A 39 17.71 12.18 -5.94
CA PRO A 39 16.32 12.19 -5.45
C PRO A 39 15.56 11.00 -6.03
N ALA A 40 14.68 10.43 -5.23
CA ALA A 40 13.93 9.26 -5.63
C ALA A 40 12.43 9.60 -5.59
N LEU A 41 11.78 9.51 -6.75
CA LEU A 41 10.39 9.96 -6.88
C LEU A 41 9.52 8.97 -7.68
N LYS A 42 9.89 7.70 -7.73
CA LYS A 42 9.14 6.76 -8.57
C LYS A 42 7.74 6.54 -8.02
N LYS A 43 7.62 6.45 -6.72
CA LYS A 43 6.29 6.30 -6.08
C LYS A 43 5.45 7.56 -6.31
N LEU A 44 6.10 8.70 -6.42
CA LEU A 44 5.42 9.99 -6.57
C LEU A 44 4.82 10.15 -7.96
N THR A 45 5.59 9.80 -8.98
CA THR A 45 5.13 9.97 -10.36
C THR A 45 4.04 8.96 -10.68
N LEU A 46 4.01 7.89 -9.91
CA LEU A 46 3.02 6.85 -10.08
C LEU A 46 1.75 7.13 -9.28
N LEU A 47 1.81 8.09 -8.38
CA LEU A 47 0.67 8.38 -7.48
C LEU A 47 -0.66 8.56 -8.24
N PRO A 48 -0.72 9.44 -9.27
CA PRO A 48 -2.05 9.58 -9.91
C PRO A 48 -2.41 8.38 -10.78
N ALA A 49 -1.40 7.63 -11.19
CA ALA A 49 -1.60 6.47 -12.03
C ALA A 49 -2.16 5.30 -11.22
N VAL A 50 -1.60 5.07 -10.03
CA VAL A 50 -2.05 3.96 -9.21
C VAL A 50 -3.41 4.20 -8.61
N VAL A 51 -3.71 5.40 -8.13
CA VAL A 51 -5.01 5.65 -7.47
C VAL A 51 -6.17 5.32 -8.38
N MET A 52 -6.04 5.74 -9.62
CA MET A 52 -7.03 5.45 -10.66
C MET A 52 -7.36 3.95 -10.72
N HIS A 53 -6.36 3.10 -10.54
CA HIS A 53 -6.57 1.65 -10.50
C HIS A 53 -6.94 1.16 -9.09
N LEU A 54 -6.31 1.71 -8.06
CA LEU A 54 -6.51 1.25 -6.68
C LEU A 54 -7.95 1.49 -6.20
N LYS A 55 -8.63 2.46 -6.81
CA LYS A 55 -10.02 2.79 -6.48
C LYS A 55 -11.04 1.88 -7.17
N LYS A 56 -10.60 0.96 -8.01
CA LYS A 56 -11.53 0.05 -8.69
C LYS A 56 -12.04 -1.00 -7.71
N GLN A 57 -13.19 -0.72 -7.14
CA GLN A 57 -13.78 -1.58 -6.12
C GLN A 57 -14.07 -3.01 -6.57
N ASP A 58 -14.37 -3.17 -7.84
CA ASP A 58 -14.78 -4.46 -8.39
C ASP A 58 -13.67 -5.51 -8.33
N LEU A 59 -12.43 -5.09 -8.55
CA LEU A 59 -11.30 -6.01 -8.55
C LEU A 59 -10.59 -5.97 -7.23
N LYS A 60 -11.22 -5.50 -6.17
CA LYS A 60 -10.52 -5.39 -4.88
C LYS A 60 -10.10 -6.76 -4.38
N GLU A 61 -10.87 -7.79 -4.68
CA GLU A 61 -10.48 -9.15 -4.29
C GLU A 61 -9.21 -9.57 -5.04
N THR A 62 -9.14 -9.23 -6.33
CA THR A 62 -7.97 -9.53 -7.14
C THR A 62 -6.76 -8.77 -6.62
N PHE A 63 -6.98 -7.52 -6.22
CA PHE A 63 -5.92 -6.69 -5.68
C PHE A 63 -5.33 -7.29 -4.41
N ILE A 64 -6.20 -7.83 -3.57
CA ILE A 64 -5.77 -8.40 -2.31
C ILE A 64 -4.99 -9.70 -2.57
N ASP A 65 -5.48 -10.53 -3.48
CA ASP A 65 -4.80 -11.78 -3.82
C ASP A 65 -3.44 -11.53 -4.48
N SER A 66 -3.40 -10.51 -5.34
CA SER A 66 -2.16 -10.12 -6.02
C SER A 66 -1.14 -9.53 -5.05
N GLY A 67 -1.54 -9.29 -3.82
CA GLY A 67 -0.63 -8.76 -2.82
C GLY A 67 -0.47 -7.26 -2.80
N VAL A 68 -1.51 -6.51 -3.14
CA VAL A 68 -1.43 -5.04 -3.10
C VAL A 68 -1.03 -4.58 -1.71
N MET A 69 -1.45 -5.32 -0.69
CA MET A 69 -1.14 -4.96 0.69
C MET A 69 0.37 -4.96 0.93
N SER A 70 1.09 -5.82 0.23
CA SER A 70 2.53 -5.89 0.35
C SER A 70 3.18 -4.76 -0.42
N ALA A 71 2.62 -4.46 -1.59
CA ALA A 71 3.15 -3.39 -2.42
C ALA A 71 2.94 -2.02 -1.74
N ILE A 72 1.77 -1.81 -1.12
CA ILE A 72 1.52 -0.57 -0.39
C ILE A 72 2.50 -0.49 0.78
N LYS A 73 2.71 -1.62 1.46
CA LYS A 73 3.63 -1.67 2.61
C LYS A 73 5.04 -1.20 2.21
N GLU A 74 5.51 -1.58 1.04
CA GLU A 74 6.83 -1.14 0.60
C GLU A 74 6.84 0.35 0.26
N TRP A 75 5.72 0.90 -0.14
CA TRP A 75 5.68 2.33 -0.44
C TRP A 75 5.76 3.09 0.86
N LEU A 76 5.21 2.51 1.92
CA LEU A 76 5.24 3.12 3.23
C LEU A 76 6.64 3.07 3.83
N SER A 77 7.44 2.11 3.39
CA SER A 77 8.81 1.98 3.89
C SER A 77 9.70 3.09 3.29
N PRO A 78 10.25 3.97 4.14
CA PRO A 78 11.10 5.03 3.59
C PRO A 78 12.52 4.58 3.29
N LEU A 79 13.30 5.49 2.74
CA LEU A 79 14.68 5.23 2.35
C LEU A 79 15.59 5.41 3.57
N PRO A 80 16.82 4.85 3.54
CA PRO A 80 17.75 5.03 4.67
C PRO A 80 18.26 6.47 4.83
N ASP A 81 17.71 7.37 4.01
CA ASP A 81 17.97 8.80 4.07
C ASP A 81 17.30 9.40 5.32
N ARG A 82 16.46 8.57 5.96
CA ARG A 82 15.74 8.89 7.21
C ARG A 82 14.66 9.97 7.07
N SER A 83 14.46 10.43 5.85
CA SER A 83 13.38 11.35 5.55
C SER A 83 12.24 10.49 5.05
N LEU A 84 11.07 11.08 4.97
CA LEU A 84 9.90 10.38 4.43
C LEU A 84 9.43 11.09 3.14
N PRO A 85 10.15 10.93 2.02
CA PRO A 85 9.71 11.66 0.81
C PRO A 85 8.39 11.14 0.25
N ALA A 86 7.99 9.96 0.69
CA ALA A 86 6.77 9.33 0.24
C ALA A 86 5.55 9.90 1.00
N LEU A 87 5.78 10.88 1.87
CA LEU A 87 4.70 11.45 2.70
C LEU A 87 3.49 11.87 1.88
N LYS A 88 3.73 12.50 0.74
CA LYS A 88 2.61 12.99 -0.09
C LYS A 88 1.75 11.86 -0.62
N ILE A 89 2.35 10.70 -0.82
CA ILE A 89 1.65 9.55 -1.36
C ILE A 89 0.85 8.83 -0.27
N ARG A 90 1.35 8.87 0.96
CA ARG A 90 0.69 8.20 2.09
C ARG A 90 -0.71 8.71 2.28
N GLU A 91 -0.94 9.97 1.96
CA GLU A 91 -2.24 10.61 2.14
C GLU A 91 -3.33 9.82 1.41
N GLU A 92 -3.04 9.38 0.19
CA GLU A 92 -3.97 8.57 -0.58
C GLU A 92 -3.90 7.10 -0.21
N LEU A 93 -2.70 6.58 -0.01
CA LEU A 93 -2.54 5.16 0.33
C LEU A 93 -3.31 4.77 1.59
N LEU A 94 -3.34 5.64 2.60
CA LEU A 94 -4.09 5.34 3.82
C LEU A 94 -5.53 5.18 3.50
N LYS A 95 -6.00 6.05 2.63
CA LYS A 95 -7.42 6.07 2.26
C LYS A 95 -7.81 4.79 1.55
N ILE A 96 -6.95 4.34 0.66
CA ILE A 96 -7.17 3.12 -0.09
C ILE A 96 -7.24 1.91 0.86
N LEU A 97 -6.41 1.93 1.88
CA LEU A 97 -6.41 0.86 2.88
C LEU A 97 -7.73 0.80 3.68
N GLN A 98 -8.44 1.91 3.80
CA GLN A 98 -9.70 1.96 4.56
C GLN A 98 -10.92 1.51 3.76
N GLU A 99 -10.77 1.39 2.44
CA GLU A 99 -11.90 1.03 1.58
C GLU A 99 -11.84 -0.42 1.09
N LEU A 100 -10.92 -1.20 1.65
CA LEU A 100 -10.85 -2.61 1.35
C LEU A 100 -12.07 -3.31 1.94
N PRO A 101 -12.56 -4.39 1.30
CA PRO A 101 -13.77 -5.08 1.75
C PRO A 101 -13.60 -5.90 3.04
N SER A 102 -12.92 -7.01 2.93
CA SER A 102 -12.68 -7.90 4.07
C SER A 102 -11.34 -8.61 3.98
N VAL A 103 -10.28 -7.83 3.87
CA VAL A 103 -8.93 -8.39 3.81
C VAL A 103 -8.69 -9.15 5.13
N SER A 104 -8.22 -10.38 5.02
CA SER A 104 -8.00 -11.20 6.20
C SER A 104 -6.87 -10.65 7.05
N GLN A 105 -6.95 -10.88 8.35
CA GLN A 105 -5.90 -10.41 9.26
C GLN A 105 -4.59 -11.10 8.89
N GLU A 106 -4.67 -12.31 8.38
CA GLU A 106 -3.49 -13.03 7.95
C GLU A 106 -2.77 -12.30 6.81
N THR A 107 -3.52 -11.70 5.90
CA THR A 107 -2.90 -10.97 4.79
C THR A 107 -2.19 -9.75 5.35
N LEU A 108 -2.85 -9.06 6.27
CA LEU A 108 -2.28 -7.87 6.90
C LEU A 108 -1.00 -8.23 7.68
N LYS A 109 -1.05 -9.38 8.33
CA LYS A 109 0.07 -9.90 9.12
C LYS A 109 1.26 -10.28 8.24
N HIS A 110 0.99 -10.98 7.15
CA HIS A 110 2.03 -11.43 6.22
C HIS A 110 2.64 -10.27 5.45
N SER A 111 1.80 -9.37 4.97
CA SER A 111 2.28 -8.20 4.22
C SER A 111 3.06 -7.28 5.15
N GLY A 112 2.66 -7.25 6.41
CA GLY A 112 3.30 -6.39 7.38
C GLY A 112 2.79 -4.97 7.28
N ILE A 113 1.72 -4.79 6.53
CA ILE A 113 1.12 -3.47 6.32
C ILE A 113 0.66 -2.86 7.65
N GLY A 114 0.13 -3.69 8.55
CA GLY A 114 -0.29 -3.18 9.85
C GLY A 114 0.88 -2.57 10.60
N ARG A 115 2.04 -3.22 10.50
CA ARG A 115 3.24 -2.73 11.17
C ARG A 115 3.70 -1.43 10.52
N ALA A 116 3.57 -1.35 9.21
CA ALA A 116 3.99 -0.16 8.46
C ALA A 116 3.12 1.05 8.83
N VAL A 117 1.81 0.85 8.95
CA VAL A 117 0.92 1.93 9.37
C VAL A 117 1.28 2.36 10.79
N MET A 118 1.46 1.39 11.68
CA MET A 118 1.77 1.70 13.07
C MET A 118 3.12 2.43 13.19
N TYR A 119 4.08 2.08 12.35
CA TYR A 119 5.38 2.74 12.38
C TYR A 119 5.20 4.24 12.16
N LEU A 120 4.40 4.61 11.17
CA LEU A 120 4.18 6.01 10.83
C LEU A 120 3.31 6.70 11.86
N TYR A 121 2.39 5.95 12.45
CA TYR A 121 1.51 6.47 13.48
C TYR A 121 2.35 6.95 14.67
N LYS A 122 3.42 6.23 14.98
CA LYS A 122 4.31 6.61 16.06
C LYS A 122 5.40 7.58 15.59
N HIS A 123 5.64 7.65 14.29
CA HIS A 123 6.67 8.49 13.72
C HIS A 123 6.40 9.98 13.96
N PRO A 124 7.34 10.71 14.55
CA PRO A 124 7.03 12.12 14.87
C PRO A 124 6.95 13.07 13.68
N LYS A 125 7.48 12.67 12.52
CA LYS A 125 7.44 13.54 11.33
C LYS A 125 6.20 13.31 10.46
N GLU A 126 5.40 12.30 10.78
CA GLU A 126 4.21 12.01 9.99
C GLU A 126 3.15 13.09 10.25
N SER A 127 2.46 13.52 9.19
CA SER A 127 1.47 14.61 9.33
C SER A 127 0.32 14.17 10.23
N ARG A 128 -0.25 15.11 10.96
CA ARG A 128 -1.32 14.80 11.91
C ARG A 128 -2.55 14.23 11.22
N SER A 129 -2.87 14.73 10.03
CA SER A 129 -4.01 14.21 9.27
C SER A 129 -3.80 12.75 8.89
N ASN A 130 -2.57 12.40 8.52
CA ASN A 130 -2.28 11.02 8.15
C ASN A 130 -2.35 10.14 9.39
N LYS A 131 -1.95 10.66 10.53
CA LYS A 131 -2.00 9.90 11.79
C LYS A 131 -3.42 9.58 12.21
N ASP A 132 -4.36 10.46 11.90
CA ASP A 132 -5.76 10.21 12.23
C ASP A 132 -6.21 8.92 11.54
N MET A 133 -5.95 8.85 10.25
CA MET A 133 -6.37 7.71 9.46
C MET A 133 -5.54 6.49 9.81
N ALA A 134 -4.28 6.70 10.16
CA ALA A 134 -3.42 5.60 10.59
C ALA A 134 -3.95 4.97 11.88
N GLY A 135 -4.40 5.81 12.81
CA GLY A 135 -4.95 5.31 14.06
C GLY A 135 -6.26 4.58 13.83
N LYS A 136 -7.06 5.08 12.91
CA LYS A 136 -8.32 4.42 12.55
C LYS A 136 -8.04 3.07 11.93
N LEU A 137 -7.06 2.99 11.04
CA LEU A 137 -6.71 1.73 10.39
C LEU A 137 -6.33 0.65 11.39
N ILE A 138 -5.54 1.02 12.38
CA ILE A 138 -5.17 0.10 13.46
C ILE A 138 -6.42 -0.45 14.18
N ASN A 139 -7.48 0.33 14.25
CA ASN A 139 -8.71 -0.10 14.92
C ASN A 139 -9.77 -0.77 14.04
N GLU A 140 -9.83 -0.41 12.76
CA GLU A 140 -10.84 -0.98 11.86
C GLU A 140 -10.39 -2.33 11.31
N TRP A 141 -9.08 -2.56 11.27
CA TRP A 141 -8.52 -3.83 10.83
C TRP A 141 -8.60 -4.86 11.98
N SER A 142 -9.84 -5.19 12.34
CA SER A 142 -10.15 -6.13 13.43
C SER A 142 -9.66 -5.58 14.77
N ARG A 143 -9.47 -6.44 15.76
CA ARG A 143 -9.05 -5.99 17.09
C ARG A 143 -7.63 -6.46 17.41
N PRO A 144 -6.64 -5.56 17.33
CA PRO A 144 -5.30 -6.03 17.68
C PRO A 144 -5.16 -6.28 19.18
N ILE A 145 -4.33 -7.25 19.54
CA ILE A 145 -4.09 -7.59 20.94
C ILE A 145 -2.58 -7.56 21.11
N PHE A 146 -2.10 -6.89 22.15
CA PHE A 146 -0.68 -6.74 22.40
C PHE A 146 -0.31 -7.08 23.85
N GLY A 147 -1.28 -7.56 24.61
CA GLY A 147 -1.07 -7.90 26.00
C GLY A 147 -1.39 -9.36 26.25
N LEU A 148 -1.21 -9.80 27.48
CA LEU A 148 -1.52 -11.18 27.86
C LEU A 148 -3.04 -11.36 27.93
N GLY A 149 -3.48 -12.61 27.93
CA GLY A 149 -4.90 -12.91 28.02
C GLY A 149 -5.35 -12.99 29.46
N SER A 150 -6.57 -13.48 29.67
CA SER A 150 -7.15 -13.61 31.01
C SER A 150 -7.84 -14.95 31.04
N SER A 1 -9.90 -13.74 -12.93
CA SER A 1 -11.13 -14.23 -12.26
C SER A 1 -11.70 -15.38 -13.05
N ASN A 2 -12.73 -16.04 -12.51
CA ASN A 2 -13.40 -17.16 -13.19
C ASN A 2 -12.35 -18.19 -13.66
N ALA A 3 -12.39 -18.55 -14.93
CA ALA A 3 -11.43 -19.47 -15.53
C ALA A 3 -11.37 -19.08 -17.00
N ALA A 4 -10.28 -19.43 -17.69
CA ALA A 4 -10.12 -19.13 -19.12
C ALA A 4 -10.90 -20.12 -20.00
N SER A 5 -12.13 -20.44 -19.61
CA SER A 5 -12.97 -21.39 -20.32
C SER A 5 -13.92 -20.66 -21.28
N GLY A 6 -13.78 -19.34 -21.34
CA GLY A 6 -14.64 -18.52 -22.18
C GLY A 6 -14.32 -17.07 -21.89
N THR A 7 -15.11 -16.15 -22.41
CA THR A 7 -14.89 -14.74 -22.14
C THR A 7 -15.39 -14.44 -20.72
N PHE A 8 -14.47 -14.05 -19.85
CA PHE A 8 -14.78 -13.78 -18.44
C PHE A 8 -13.89 -12.63 -18.01
N ILE A 9 -14.00 -12.22 -16.76
CA ILE A 9 -13.16 -11.14 -16.25
C ILE A 9 -11.73 -11.68 -16.16
N SER A 10 -10.85 -11.08 -16.95
CA SER A 10 -9.44 -11.48 -16.98
C SER A 10 -8.58 -10.28 -17.36
N ASP A 11 -9.03 -9.51 -18.33
CA ASP A 11 -8.30 -8.33 -18.80
C ASP A 11 -8.05 -7.34 -17.66
N ALA A 12 -9.07 -7.16 -16.82
CA ALA A 12 -8.96 -6.24 -15.70
C ALA A 12 -7.95 -6.76 -14.68
N ASP A 13 -7.93 -8.07 -14.53
CA ASP A 13 -7.09 -8.70 -13.53
C ASP A 13 -5.63 -8.70 -13.94
N ASP A 14 -5.38 -8.75 -15.24
CA ASP A 14 -4.01 -8.65 -15.74
C ASP A 14 -3.49 -7.26 -15.37
N VAL A 15 -4.33 -6.27 -15.52
CA VAL A 15 -3.95 -4.90 -15.16
C VAL A 15 -3.72 -4.78 -13.65
N VAL A 16 -4.48 -5.50 -12.84
CA VAL A 16 -4.24 -5.49 -11.39
C VAL A 16 -2.89 -6.14 -11.10
N SER A 17 -2.59 -7.25 -11.76
CA SER A 17 -1.30 -7.92 -11.56
C SER A 17 -0.16 -6.99 -11.99
N ALA A 18 -0.35 -6.36 -13.13
CA ALA A 18 0.61 -5.41 -13.66
C ALA A 18 0.80 -4.26 -12.68
N MET A 19 -0.28 -3.82 -12.05
CA MET A 19 -0.20 -2.74 -11.08
C MET A 19 0.66 -3.10 -9.87
N ILE A 20 0.44 -4.27 -9.29
CA ILE A 20 1.24 -4.69 -8.13
C ILE A 20 2.71 -4.80 -8.51
N VAL A 21 3.02 -5.41 -9.64
CA VAL A 21 4.43 -5.55 -10.01
C VAL A 21 5.03 -4.18 -10.32
N LYS A 22 4.29 -3.26 -10.95
CA LYS A 22 4.84 -1.92 -11.23
C LYS A 22 5.08 -1.12 -9.97
N MET A 23 4.19 -1.24 -9.00
CA MET A 23 4.39 -0.62 -7.70
C MET A 23 5.69 -1.13 -7.08
N ASN A 24 6.01 -2.40 -7.26
CA ASN A 24 7.25 -2.96 -6.73
C ASN A 24 8.50 -2.32 -7.35
N GLU A 25 8.50 -2.15 -8.66
CA GLU A 25 9.64 -1.55 -9.35
C GLU A 25 9.84 -0.12 -8.87
N ALA A 26 8.75 0.62 -8.73
CA ALA A 26 8.82 2.00 -8.26
C ALA A 26 9.36 2.06 -6.83
N ALA A 27 9.05 1.04 -6.03
CA ALA A 27 9.50 1.01 -4.66
C ALA A 27 11.00 0.79 -4.62
N GLU A 28 11.49 -0.16 -5.41
CA GLU A 28 12.91 -0.44 -5.42
C GLU A 28 13.72 0.63 -6.15
N GLU A 29 13.13 1.28 -7.14
CA GLU A 29 13.83 2.31 -7.89
C GLU A 29 14.19 3.42 -6.96
N ASP A 30 13.27 3.80 -6.09
CA ASP A 30 13.55 4.86 -5.13
C ASP A 30 14.71 4.49 -4.23
N ARG A 31 14.85 3.21 -3.92
CA ARG A 31 15.97 2.72 -3.11
C ARG A 31 17.28 2.80 -3.90
N GLN A 32 17.24 2.57 -5.20
CA GLN A 32 18.44 2.60 -6.04
C GLN A 32 18.85 4.04 -6.23
N LEU A 33 17.87 4.90 -6.42
CA LEU A 33 18.12 6.33 -6.56
C LEU A 33 18.76 6.84 -5.28
N ASN A 34 18.24 6.43 -4.14
CA ASN A 34 18.83 6.74 -2.86
C ASN A 34 20.22 6.13 -2.67
N ASN A 35 20.47 4.99 -3.30
CA ASN A 35 21.76 4.31 -3.22
C ASN A 35 22.79 5.17 -3.94
N GLN A 36 22.34 5.89 -4.96
CA GLN A 36 23.18 6.80 -5.71
C GLN A 36 23.15 8.23 -5.13
N LYS A 37 22.45 8.38 -4.00
CA LYS A 37 22.29 9.67 -3.29
C LYS A 37 21.61 10.71 -4.20
N LYS A 38 20.69 10.25 -5.02
CA LYS A 38 19.90 11.12 -5.90
C LYS A 38 18.48 11.21 -5.34
N PRO A 39 17.74 12.29 -5.65
CA PRO A 39 16.35 12.34 -5.22
C PRO A 39 15.57 11.17 -5.81
N ALA A 40 14.59 10.68 -5.05
CA ALA A 40 13.83 9.51 -5.46
C ALA A 40 12.33 9.79 -5.35
N LEU A 41 11.63 9.71 -6.48
CA LEU A 41 10.21 10.06 -6.55
C LEU A 41 9.39 9.15 -7.49
N LYS A 42 9.78 7.89 -7.67
CA LYS A 42 9.06 7.02 -8.59
C LYS A 42 7.68 6.72 -8.04
N LYS A 43 7.58 6.56 -6.74
CA LYS A 43 6.26 6.35 -6.11
C LYS A 43 5.37 7.58 -6.28
N LEU A 44 6.00 8.75 -6.35
CA LEU A 44 5.25 10.02 -6.45
C LEU A 44 4.67 10.21 -7.84
N THR A 45 5.45 9.92 -8.87
CA THR A 45 4.97 10.10 -10.25
C THR A 45 3.93 9.04 -10.61
N LEU A 46 3.95 7.94 -9.86
CA LEU A 46 3.01 6.85 -10.05
C LEU A 46 1.76 7.04 -9.22
N LEU A 47 1.81 7.96 -8.27
CA LEU A 47 0.72 8.17 -7.32
C LEU A 47 -0.65 8.29 -8.02
N PRO A 48 -0.81 9.21 -8.99
CA PRO A 48 -2.17 9.27 -9.54
C PRO A 48 -2.50 8.10 -10.47
N ALA A 49 -1.45 7.51 -11.03
CA ALA A 49 -1.59 6.41 -11.96
C ALA A 49 -2.08 5.17 -11.20
N VAL A 50 -1.52 4.93 -10.02
CA VAL A 50 -1.96 3.79 -9.24
C VAL A 50 -3.29 4.06 -8.59
N VAL A 51 -3.52 5.26 -8.06
CA VAL A 51 -4.78 5.57 -7.37
C VAL A 51 -5.98 5.30 -8.26
N MET A 52 -5.89 5.70 -9.51
CA MET A 52 -6.96 5.45 -10.47
C MET A 52 -7.29 3.95 -10.54
N HIS A 53 -6.27 3.12 -10.46
CA HIS A 53 -6.45 1.67 -10.44
C HIS A 53 -6.82 1.13 -9.06
N LEU A 54 -6.24 1.70 -8.01
CA LEU A 54 -6.38 1.17 -6.66
C LEU A 54 -7.80 1.28 -6.16
N LYS A 55 -8.52 2.27 -6.67
CA LYS A 55 -9.90 2.51 -6.27
C LYS A 55 -10.93 1.71 -7.06
N LYS A 56 -10.47 0.81 -7.93
CA LYS A 56 -11.37 -0.12 -8.63
C LYS A 56 -11.77 -1.23 -7.64
N GLN A 57 -12.64 -0.86 -6.71
CA GLN A 57 -13.11 -1.71 -5.63
C GLN A 57 -13.83 -2.96 -6.15
N ASP A 58 -14.31 -2.91 -7.38
CA ASP A 58 -14.96 -4.08 -8.00
C ASP A 58 -13.99 -5.27 -8.03
N LEU A 59 -12.71 -4.95 -8.23
CA LEU A 59 -11.65 -5.94 -8.41
C LEU A 59 -10.97 -6.22 -7.07
N LYS A 60 -11.73 -5.95 -6.01
CA LYS A 60 -11.29 -6.17 -4.63
C LYS A 60 -10.58 -7.50 -4.40
N GLU A 61 -11.14 -8.58 -4.89
CA GLU A 61 -10.59 -9.90 -4.65
C GLU A 61 -9.24 -10.05 -5.34
N THR A 62 -9.11 -9.54 -6.56
CA THR A 62 -7.86 -9.63 -7.28
C THR A 62 -6.79 -8.80 -6.61
N PHE A 63 -7.12 -7.60 -6.17
CA PHE A 63 -6.13 -6.74 -5.53
C PHE A 63 -5.61 -7.34 -4.24
N ILE A 64 -6.50 -7.93 -3.45
CA ILE A 64 -6.11 -8.52 -2.18
C ILE A 64 -5.24 -9.76 -2.44
N ASP A 65 -5.66 -10.62 -3.36
CA ASP A 65 -4.91 -11.85 -3.66
C ASP A 65 -3.56 -11.58 -4.32
N SER A 66 -3.50 -10.55 -5.16
CA SER A 66 -2.26 -10.16 -5.84
C SER A 66 -1.26 -9.54 -4.86
N GLY A 67 -1.70 -9.31 -3.63
CA GLY A 67 -0.80 -8.78 -2.62
C GLY A 67 -0.58 -7.28 -2.70
N VAL A 68 -1.61 -6.52 -3.08
CA VAL A 68 -1.48 -5.05 -3.12
C VAL A 68 -1.06 -4.55 -1.75
N MET A 69 -1.51 -5.24 -0.71
CA MET A 69 -1.18 -4.87 0.67
C MET A 69 0.33 -4.84 0.89
N SER A 70 1.05 -5.72 0.20
CA SER A 70 2.49 -5.82 0.33
C SER A 70 3.14 -4.70 -0.45
N ALA A 71 2.59 -4.41 -1.62
CA ALA A 71 3.13 -3.36 -2.46
C ALA A 71 2.91 -1.99 -1.81
N ILE A 72 1.75 -1.78 -1.20
CA ILE A 72 1.46 -0.54 -0.48
C ILE A 72 2.43 -0.44 0.69
N LYS A 73 2.63 -1.54 1.41
CA LYS A 73 3.56 -1.57 2.55
C LYS A 73 4.96 -1.11 2.15
N GLU A 74 5.45 -1.56 1.01
CA GLU A 74 6.77 -1.13 0.54
C GLU A 74 6.77 0.36 0.23
N TRP A 75 5.64 0.91 -0.20
CA TRP A 75 5.58 2.32 -0.48
C TRP A 75 5.60 3.15 0.79
N LEU A 76 5.00 2.64 1.86
CA LEU A 76 4.95 3.38 3.12
C LEU A 76 6.32 3.44 3.73
N SER A 77 7.14 2.46 3.40
CA SER A 77 8.49 2.36 3.94
C SER A 77 9.41 3.41 3.31
N PRO A 78 10.12 4.18 4.15
CA PRO A 78 11.04 5.19 3.63
C PRO A 78 12.40 4.63 3.22
N LEU A 79 13.26 5.53 2.79
CA LEU A 79 14.58 5.18 2.27
C LEU A 79 15.62 5.27 3.39
N PRO A 80 16.82 4.68 3.21
CA PRO A 80 17.82 4.75 4.30
C PRO A 80 18.36 6.16 4.60
N ASP A 81 17.91 7.15 3.84
CA ASP A 81 18.24 8.55 4.11
C ASP A 81 17.42 9.08 5.31
N ARG A 82 16.55 8.21 5.84
CA ARG A 82 15.71 8.48 7.02
C ARG A 82 14.66 9.56 6.77
N SER A 83 14.66 10.11 5.58
CA SER A 83 13.69 11.08 5.16
C SER A 83 12.50 10.27 4.71
N LEU A 84 11.35 10.89 4.78
CA LEU A 84 10.09 10.26 4.38
C LEU A 84 9.52 10.93 3.11
N PRO A 85 10.15 10.72 1.93
CA PRO A 85 9.57 11.41 0.75
C PRO A 85 8.26 10.81 0.30
N ALA A 86 7.93 9.65 0.84
CA ALA A 86 6.72 8.92 0.52
C ALA A 86 5.54 9.49 1.28
N LEU A 87 5.79 10.51 2.10
CA LEU A 87 4.74 11.09 2.94
C LEU A 87 3.53 11.52 2.14
N LYS A 88 3.76 12.21 1.04
CA LYS A 88 2.66 12.68 0.20
C LYS A 88 1.84 11.58 -0.42
N ILE A 89 2.48 10.47 -0.70
CA ILE A 89 1.81 9.35 -1.35
C ILE A 89 0.92 8.63 -0.33
N ARG A 90 1.37 8.59 0.92
CA ARG A 90 0.61 7.93 1.99
C ARG A 90 -0.75 8.57 2.17
N GLU A 91 -0.87 9.84 1.86
CA GLU A 91 -2.14 10.56 2.05
C GLU A 91 -3.26 9.83 1.30
N GLU A 92 -3.00 9.47 0.05
CA GLU A 92 -3.96 8.70 -0.75
C GLU A 92 -3.90 7.21 -0.46
N LEU A 93 -2.70 6.66 -0.37
CA LEU A 93 -2.56 5.20 -0.18
C LEU A 93 -3.20 4.70 1.10
N LEU A 94 -3.07 5.46 2.17
CA LEU A 94 -3.55 5.00 3.44
C LEU A 94 -5.07 5.08 3.46
N LYS A 95 -5.62 6.00 2.68
CA LYS A 95 -7.07 6.03 2.51
C LYS A 95 -7.57 4.80 1.81
N ILE A 96 -6.87 4.38 0.76
CA ILE A 96 -7.27 3.21 -0.03
C ILE A 96 -7.32 1.96 0.84
N LEU A 97 -6.43 1.88 1.82
CA LEU A 97 -6.41 0.77 2.76
C LEU A 97 -7.71 0.67 3.57
N GLN A 98 -8.39 1.79 3.73
CA GLN A 98 -9.67 1.85 4.48
C GLN A 98 -10.85 1.48 3.57
N GLU A 99 -10.59 1.38 2.28
CA GLU A 99 -11.64 1.07 1.30
C GLU A 99 -11.70 -0.43 0.99
N LEU A 100 -10.83 -1.21 1.61
CA LEU A 100 -10.85 -2.65 1.41
C LEU A 100 -12.07 -3.26 2.12
N PRO A 101 -12.68 -4.30 1.52
CA PRO A 101 -13.88 -4.91 2.10
C PRO A 101 -13.66 -5.77 3.33
N SER A 102 -13.00 -6.90 3.13
CA SER A 102 -12.73 -7.85 4.19
C SER A 102 -11.41 -8.57 3.98
N VAL A 103 -10.36 -7.78 3.86
CA VAL A 103 -9.01 -8.34 3.72
C VAL A 103 -8.77 -9.14 5.02
N SER A 104 -8.27 -10.36 4.87
CA SER A 104 -8.08 -11.19 6.03
C SER A 104 -6.96 -10.63 6.91
N GLN A 105 -7.06 -10.88 8.20
CA GLN A 105 -6.05 -10.41 9.14
C GLN A 105 -4.70 -11.02 8.77
N GLU A 106 -4.73 -12.24 8.26
CA GLU A 106 -3.51 -12.90 7.85
C GLU A 106 -2.83 -12.17 6.69
N THR A 107 -3.59 -11.57 5.78
CA THR A 107 -3.00 -10.86 4.67
C THR A 107 -2.32 -9.61 5.22
N LEU A 108 -2.98 -8.94 6.15
CA LEU A 108 -2.43 -7.75 6.79
C LEU A 108 -1.13 -8.08 7.54
N LYS A 109 -1.10 -9.25 8.19
CA LYS A 109 0.09 -9.71 8.91
C LYS A 109 1.22 -10.09 7.97
N HIS A 110 0.93 -10.88 6.96
CA HIS A 110 1.94 -11.35 6.01
C HIS A 110 2.56 -10.21 5.21
N SER A 111 1.74 -9.27 4.78
CA SER A 111 2.24 -8.11 4.05
C SER A 111 3.01 -7.19 4.99
N GLY A 112 2.63 -7.21 6.27
CA GLY A 112 3.27 -6.35 7.24
C GLY A 112 2.72 -4.94 7.19
N ILE A 113 1.64 -4.75 6.43
CA ILE A 113 1.04 -3.41 6.26
C ILE A 113 0.58 -2.83 7.60
N GLY A 114 0.06 -3.67 8.48
CA GLY A 114 -0.38 -3.19 9.78
C GLY A 114 0.78 -2.59 10.53
N ARG A 115 1.92 -3.26 10.49
CA ARG A 115 3.12 -2.78 11.18
C ARG A 115 3.66 -1.52 10.51
N ALA A 116 3.54 -1.43 9.19
CA ALA A 116 3.98 -0.23 8.47
C ALA A 116 3.15 0.99 8.91
N VAL A 117 1.86 0.82 9.12
CA VAL A 117 1.02 1.91 9.61
C VAL A 117 1.43 2.25 11.06
N MET A 118 1.64 1.23 11.88
CA MET A 118 2.07 1.46 13.27
C MET A 118 3.39 2.20 13.35
N TYR A 119 4.30 1.93 12.42
CA TYR A 119 5.59 2.61 12.36
C TYR A 119 5.35 4.11 12.27
N LEU A 120 4.51 4.50 11.32
CA LEU A 120 4.24 5.91 11.05
C LEU A 120 3.41 6.55 12.15
N TYR A 121 2.52 5.79 12.74
CA TYR A 121 1.67 6.30 13.82
C TYR A 121 2.51 6.72 15.02
N LYS A 122 3.57 5.96 15.31
CA LYS A 122 4.45 6.29 16.42
C LYS A 122 5.58 7.24 15.99
N HIS A 123 5.76 7.39 14.69
CA HIS A 123 6.83 8.22 14.14
C HIS A 123 6.64 9.68 14.54
N PRO A 124 7.66 10.33 15.14
CA PRO A 124 7.44 11.70 15.63
C PRO A 124 7.34 12.76 14.53
N LYS A 125 7.83 12.47 13.33
CA LYS A 125 7.78 13.42 12.22
C LYS A 125 6.61 13.21 11.25
N GLU A 126 5.75 12.25 11.53
CA GLU A 126 4.61 12.00 10.62
C GLU A 126 3.55 13.07 10.80
N SER A 127 2.95 13.51 9.70
CA SER A 127 1.94 14.56 9.73
C SER A 127 0.70 14.13 10.52
N ARG A 128 0.04 15.09 11.17
CA ARG A 128 -1.15 14.79 11.96
C ARG A 128 -2.27 14.22 11.10
N SER A 129 -2.39 14.71 9.87
CA SER A 129 -3.41 14.21 8.95
C SER A 129 -3.22 12.73 8.70
N ASN A 130 -1.99 12.32 8.45
CA ASN A 130 -1.69 10.92 8.18
C ASN A 130 -1.96 10.12 9.43
N LYS A 131 -1.59 10.64 10.60
CA LYS A 131 -1.79 9.93 11.86
C LYS A 131 -3.26 9.73 12.21
N ASP A 132 -4.12 10.67 11.85
CA ASP A 132 -5.55 10.52 12.15
C ASP A 132 -6.09 9.27 11.47
N MET A 133 -5.82 9.16 10.20
CA MET A 133 -6.29 8.02 9.42
C MET A 133 -5.52 6.76 9.80
N ALA A 134 -4.25 6.91 10.16
CA ALA A 134 -3.43 5.78 10.59
C ALA A 134 -3.98 5.15 11.87
N GLY A 135 -4.39 5.98 12.82
CA GLY A 135 -4.94 5.49 14.07
C GLY A 135 -6.23 4.74 13.82
N LYS A 136 -7.03 5.25 12.90
CA LYS A 136 -8.29 4.60 12.54
C LYS A 136 -7.99 3.27 11.89
N LEU A 137 -7.02 3.23 10.99
CA LEU A 137 -6.64 1.98 10.31
C LEU A 137 -6.24 0.89 11.29
N ILE A 138 -5.47 1.24 12.30
CA ILE A 138 -5.05 0.27 13.31
C ILE A 138 -6.28 -0.31 14.03
N ASN A 139 -7.30 0.52 14.25
CA ASN A 139 -8.51 0.08 14.94
C ASN A 139 -9.49 -0.70 14.06
N GLU A 140 -9.72 -0.23 12.84
CA GLU A 140 -10.69 -0.85 11.94
C GLU A 140 -10.19 -2.20 11.40
N TRP A 141 -8.88 -2.38 11.35
CA TRP A 141 -8.27 -3.65 10.91
C TRP A 141 -8.28 -4.68 12.06
N SER A 142 -9.44 -4.81 12.70
CA SER A 142 -9.71 -5.72 13.83
C SER A 142 -9.06 -5.30 15.15
N ARG A 143 -9.69 -5.73 16.24
CA ARG A 143 -9.25 -5.41 17.62
C ARG A 143 -9.11 -3.91 17.89
N PRO A 144 -10.19 -3.14 17.72
CA PRO A 144 -10.02 -1.70 18.00
C PRO A 144 -9.69 -1.40 19.46
N ILE A 145 -8.82 -0.43 19.65
CA ILE A 145 -8.40 0.00 20.97
C ILE A 145 -9.25 1.20 21.38
N PHE A 146 -10.05 1.02 22.42
CA PHE A 146 -10.90 2.11 22.94
C PHE A 146 -10.28 2.68 24.21
N GLY A 147 -9.22 2.03 24.67
CA GLY A 147 -8.53 2.44 25.88
C GLY A 147 -7.59 1.32 26.23
N LEU A 148 -6.87 1.43 27.35
CA LEU A 148 -5.93 0.39 27.81
C LEU A 148 -4.87 0.02 26.75
N GLY A 149 -4.46 1.03 25.98
CA GLY A 149 -3.45 0.83 24.95
C GLY A 149 -2.22 1.68 25.23
N SER A 150 -1.23 1.60 24.36
CA SER A 150 0.03 2.35 24.51
C SER A 150 0.57 2.69 23.13
N SER A 1 -8.86 -13.17 -7.81
CA SER A 1 -8.50 -13.03 -9.24
C SER A 1 -9.35 -13.94 -10.10
N ASN A 2 -9.61 -13.52 -11.34
CA ASN A 2 -10.33 -14.31 -12.34
C ASN A 2 -11.72 -14.82 -11.89
N ALA A 3 -12.46 -13.98 -11.18
CA ALA A 3 -13.85 -14.29 -10.84
C ALA A 3 -14.72 -13.83 -12.03
N ALA A 4 -14.20 -14.10 -13.22
CA ALA A 4 -14.75 -13.62 -14.46
C ALA A 4 -16.16 -14.08 -14.79
N SER A 5 -16.57 -15.21 -14.22
CA SER A 5 -17.91 -15.78 -14.42
C SER A 5 -18.34 -15.82 -15.90
N GLY A 6 -17.38 -16.07 -16.79
CA GLY A 6 -17.65 -16.06 -18.22
C GLY A 6 -16.69 -15.18 -19.00
N THR A 7 -15.45 -15.08 -18.52
CA THR A 7 -14.37 -14.29 -19.16
C THR A 7 -14.61 -12.78 -19.21
N PHE A 8 -15.67 -12.29 -18.57
CA PHE A 8 -15.98 -10.87 -18.57
C PHE A 8 -14.91 -10.03 -17.87
N ILE A 9 -14.25 -10.61 -16.88
CA ILE A 9 -13.15 -9.96 -16.20
C ILE A 9 -11.88 -10.62 -16.71
N SER A 10 -11.09 -9.88 -17.46
CA SER A 10 -9.84 -10.40 -18.02
C SER A 10 -8.77 -9.31 -17.99
N ASP A 11 -8.93 -8.32 -18.86
CA ASP A 11 -8.00 -7.18 -18.92
C ASP A 11 -7.84 -6.52 -17.56
N ALA A 12 -8.95 -6.38 -16.85
CA ALA A 12 -8.94 -5.75 -15.53
C ALA A 12 -8.06 -6.53 -14.54
N ASP A 13 -8.02 -7.85 -14.65
CA ASP A 13 -7.25 -8.68 -13.74
C ASP A 13 -5.76 -8.49 -14.05
N ASP A 14 -5.45 -8.43 -15.34
CA ASP A 14 -4.07 -8.22 -15.79
C ASP A 14 -3.59 -6.83 -15.38
N VAL A 15 -4.46 -5.83 -15.44
CA VAL A 15 -4.11 -4.47 -15.02
C VAL A 15 -3.76 -4.46 -13.54
N VAL A 16 -4.51 -5.19 -12.72
CA VAL A 16 -4.20 -5.26 -11.30
C VAL A 16 -2.87 -5.98 -11.09
N SER A 17 -2.63 -7.06 -11.81
CA SER A 17 -1.38 -7.80 -11.69
C SER A 17 -0.20 -6.87 -12.05
N ALA A 18 -0.37 -6.14 -13.14
CA ALA A 18 0.64 -5.19 -13.60
C ALA A 18 0.84 -4.09 -12.57
N MET A 19 -0.23 -3.67 -11.92
CA MET A 19 -0.15 -2.62 -10.92
C MET A 19 0.73 -3.04 -9.75
N ILE A 20 0.50 -4.25 -9.21
CA ILE A 20 1.29 -4.72 -8.07
C ILE A 20 2.76 -4.83 -8.44
N VAL A 21 3.08 -5.44 -9.57
CA VAL A 21 4.48 -5.60 -9.92
C VAL A 21 5.14 -4.23 -10.16
N LYS A 22 4.46 -3.30 -10.83
CA LYS A 22 5.07 -2.00 -11.08
C LYS A 22 5.20 -1.15 -9.84
N MET A 23 4.28 -1.31 -8.90
CA MET A 23 4.40 -0.65 -7.61
C MET A 23 5.68 -1.15 -6.93
N ASN A 24 5.94 -2.45 -7.01
CA ASN A 24 7.15 -3.02 -6.44
C ASN A 24 8.41 -2.45 -7.11
N GLU A 25 8.42 -2.40 -8.43
CA GLU A 25 9.57 -1.89 -9.15
C GLU A 25 9.84 -0.43 -8.80
N ALA A 26 8.79 0.37 -8.70
CA ALA A 26 8.95 1.78 -8.33
C ALA A 26 9.55 1.90 -6.93
N ALA A 27 9.17 1.01 -6.03
CA ALA A 27 9.68 1.04 -4.67
C ALA A 27 11.17 0.72 -4.65
N GLU A 28 11.58 -0.27 -5.43
CA GLU A 28 12.98 -0.67 -5.48
C GLU A 28 13.85 0.30 -6.25
N GLU A 29 13.32 0.87 -7.32
CA GLU A 29 14.04 1.86 -8.08
C GLU A 29 14.39 3.04 -7.16
N ASP A 30 13.45 3.45 -6.31
CA ASP A 30 13.70 4.53 -5.36
C ASP A 30 14.88 4.20 -4.45
N ARG A 31 15.09 2.92 -4.12
CA ARG A 31 16.22 2.52 -3.28
C ARG A 31 17.52 2.77 -4.01
N GLN A 32 17.55 2.49 -5.31
CA GLN A 32 18.78 2.60 -6.10
C GLN A 32 19.11 4.04 -6.31
N LEU A 33 18.09 4.81 -6.60
CA LEU A 33 18.26 6.24 -6.82
C LEU A 33 18.83 6.87 -5.54
N ASN A 34 18.24 6.54 -4.41
CA ASN A 34 18.74 6.99 -3.12
C ASN A 34 20.13 6.47 -2.79
N ASN A 35 20.48 5.30 -3.31
CA ASN A 35 21.79 4.69 -3.07
C ASN A 35 22.84 5.56 -3.75
N GLN A 36 22.45 6.15 -4.87
CA GLN A 36 23.32 7.04 -5.63
C GLN A 36 23.14 8.50 -5.21
N LYS A 37 22.37 8.72 -4.15
CA LYS A 37 22.08 10.06 -3.60
C LYS A 37 21.42 10.96 -4.64
N LYS A 38 20.60 10.36 -5.49
CA LYS A 38 19.82 11.09 -6.48
C LYS A 38 18.39 11.16 -5.98
N PRO A 39 17.62 12.17 -6.39
CA PRO A 39 16.23 12.19 -5.95
C PRO A 39 15.49 10.95 -6.39
N ALA A 40 14.63 10.44 -5.53
CA ALA A 40 13.87 9.23 -5.82
C ALA A 40 12.40 9.57 -5.64
N LEU A 41 11.63 9.46 -6.72
CA LEU A 41 10.23 9.90 -6.73
C LEU A 41 9.38 8.95 -7.57
N LYS A 42 9.79 7.71 -7.71
CA LYS A 42 9.08 6.78 -8.56
C LYS A 42 7.69 6.52 -8.03
N LYS A 43 7.56 6.39 -6.73
CA LYS A 43 6.24 6.20 -6.10
C LYS A 43 5.36 7.43 -6.31
N LEU A 44 5.97 8.60 -6.39
CA LEU A 44 5.23 9.86 -6.53
C LEU A 44 4.67 10.01 -7.94
N THR A 45 5.48 9.71 -8.94
CA THR A 45 5.02 9.85 -10.33
C THR A 45 3.99 8.77 -10.65
N LEU A 46 4.03 7.67 -9.90
CA LEU A 46 3.06 6.59 -10.07
C LEU A 46 1.82 6.81 -9.22
N LEU A 47 1.89 7.74 -8.29
CA LEU A 47 0.81 7.97 -7.33
C LEU A 47 -0.55 8.20 -8.00
N PRO A 48 -0.66 9.16 -8.94
CA PRO A 48 -2.02 9.31 -9.48
C PRO A 48 -2.43 8.16 -10.39
N ALA A 49 -1.43 7.48 -10.95
CA ALA A 49 -1.67 6.39 -11.88
C ALA A 49 -2.23 5.20 -11.11
N VAL A 50 -1.63 4.88 -9.98
CA VAL A 50 -2.12 3.75 -9.19
C VAL A 50 -3.43 4.11 -8.51
N VAL A 51 -3.57 5.30 -7.97
CA VAL A 51 -4.78 5.69 -7.23
C VAL A 51 -6.04 5.47 -8.06
N MET A 52 -5.96 5.82 -9.33
CA MET A 52 -7.08 5.62 -10.23
C MET A 52 -7.55 4.17 -10.24
N HIS A 53 -6.60 3.23 -10.26
CA HIS A 53 -6.93 1.81 -10.23
C HIS A 53 -7.13 1.25 -8.82
N LEU A 54 -6.41 1.77 -7.84
CA LEU A 54 -6.43 1.21 -6.49
C LEU A 54 -7.84 1.34 -5.91
N LYS A 55 -8.57 2.31 -6.43
CA LYS A 55 -9.93 2.59 -5.99
C LYS A 55 -11.00 1.70 -6.62
N LYS A 56 -10.63 0.81 -7.53
CA LYS A 56 -11.57 -0.15 -8.11
C LYS A 56 -12.22 -1.01 -7.03
N GLN A 57 -13.42 -0.65 -6.60
CA GLN A 57 -14.14 -1.40 -5.59
C GLN A 57 -14.52 -2.75 -6.17
N ASP A 58 -14.74 -2.73 -7.48
CA ASP A 58 -15.10 -3.88 -8.28
C ASP A 58 -13.96 -4.90 -8.40
N LEU A 59 -12.72 -4.45 -8.23
CA LEU A 59 -11.56 -5.34 -8.34
C LEU A 59 -10.79 -5.51 -7.05
N LYS A 60 -11.39 -5.12 -5.93
CA LYS A 60 -10.70 -5.23 -4.63
C LYS A 60 -10.27 -6.65 -4.36
N GLU A 61 -11.05 -7.64 -4.77
CA GLU A 61 -10.68 -9.03 -4.54
C GLU A 61 -9.39 -9.36 -5.28
N THR A 62 -9.26 -8.92 -6.53
CA THR A 62 -8.05 -9.16 -7.31
C THR A 62 -6.88 -8.45 -6.66
N PHE A 63 -7.09 -7.24 -6.17
CA PHE A 63 -6.04 -6.47 -5.51
C PHE A 63 -5.55 -7.15 -4.23
N ILE A 64 -6.47 -7.74 -3.48
CA ILE A 64 -6.12 -8.43 -2.24
C ILE A 64 -5.38 -9.72 -2.59
N ASP A 65 -5.89 -10.45 -3.57
CA ASP A 65 -5.31 -11.73 -4.01
C ASP A 65 -3.89 -11.52 -4.56
N SER A 66 -3.70 -10.44 -5.31
CA SER A 66 -2.40 -10.09 -5.90
C SER A 66 -1.44 -9.53 -4.85
N GLY A 67 -1.91 -9.35 -3.63
CA GLY A 67 -1.03 -8.87 -2.57
C GLY A 67 -0.70 -7.39 -2.62
N VAL A 68 -1.62 -6.54 -3.06
CA VAL A 68 -1.39 -5.09 -3.11
C VAL A 68 -0.94 -4.56 -1.77
N MET A 69 -1.41 -5.16 -0.69
CA MET A 69 -1.05 -4.73 0.66
C MET A 69 0.46 -4.75 0.86
N SER A 70 1.14 -5.68 0.19
CA SER A 70 2.58 -5.80 0.31
C SER A 70 3.26 -4.70 -0.49
N ALA A 71 2.72 -4.39 -1.66
CA ALA A 71 3.30 -3.37 -2.50
C ALA A 71 3.08 -1.99 -1.85
N ILE A 72 1.91 -1.77 -1.25
CA ILE A 72 1.64 -0.52 -0.55
C ILE A 72 2.57 -0.43 0.66
N LYS A 73 2.76 -1.54 1.37
CA LYS A 73 3.66 -1.55 2.53
C LYS A 73 5.07 -1.11 2.13
N GLU A 74 5.54 -1.53 0.99
CA GLU A 74 6.87 -1.10 0.51
C GLU A 74 6.89 0.38 0.19
N TRP A 75 5.75 0.94 -0.21
CA TRP A 75 5.71 2.36 -0.52
C TRP A 75 5.77 3.14 0.78
N LEU A 76 5.23 2.56 1.85
CA LEU A 76 5.22 3.23 3.14
C LEU A 76 6.62 3.23 3.75
N SER A 77 7.44 2.27 3.37
CA SER A 77 8.80 2.18 3.87
C SER A 77 9.66 3.30 3.26
N PRO A 78 10.22 4.18 4.11
CA PRO A 78 11.06 5.25 3.56
C PRO A 78 12.46 4.79 3.18
N LEU A 79 13.23 5.73 2.66
CA LEU A 79 14.57 5.46 2.16
C LEU A 79 15.61 5.75 3.25
N PRO A 80 16.87 5.28 3.11
CA PRO A 80 17.89 5.55 4.13
C PRO A 80 18.35 7.02 4.22
N ASP A 81 17.62 7.89 3.55
CA ASP A 81 17.82 9.34 3.60
C ASP A 81 17.30 9.90 4.94
N ARG A 82 16.70 9.01 5.73
CA ARG A 82 16.16 9.30 7.07
C ARG A 82 15.02 10.33 7.04
N SER A 83 14.45 10.49 5.86
CA SER A 83 13.33 11.40 5.65
C SER A 83 12.19 10.55 5.13
N LEU A 84 11.01 11.14 5.01
CA LEU A 84 9.85 10.42 4.46
C LEU A 84 9.43 11.12 3.15
N PRO A 85 10.15 10.88 2.03
CA PRO A 85 9.74 11.58 0.81
C PRO A 85 8.44 11.04 0.23
N ALA A 86 8.01 9.92 0.78
CA ALA A 86 6.79 9.26 0.36
C ALA A 86 5.61 9.81 1.14
N LEU A 87 5.84 10.83 1.97
CA LEU A 87 4.79 11.38 2.84
C LEU A 87 3.54 11.75 2.05
N LYS A 88 3.72 12.39 0.91
CA LYS A 88 2.59 12.78 0.10
C LYS A 88 1.71 11.62 -0.31
N ILE A 89 2.35 10.59 -0.81
CA ILE A 89 1.69 9.39 -1.31
C ILE A 89 0.87 8.71 -0.20
N ARG A 90 1.29 8.87 1.04
CA ARG A 90 0.56 8.27 2.18
C ARG A 90 -0.83 8.85 2.29
N GLU A 91 -0.99 10.10 1.91
CA GLU A 91 -2.26 10.82 2.10
C GLU A 91 -3.37 10.06 1.39
N GLU A 92 -3.10 9.57 0.19
CA GLU A 92 -4.04 8.73 -0.52
C GLU A 92 -4.03 7.28 -0.09
N LEU A 93 -2.84 6.71 0.03
CA LEU A 93 -2.71 5.29 0.36
C LEU A 93 -3.41 4.85 1.64
N LEU A 94 -3.38 5.68 2.68
CA LEU A 94 -4.04 5.32 3.95
C LEU A 94 -5.49 5.10 3.72
N LYS A 95 -6.02 5.94 2.86
CA LYS A 95 -7.45 5.91 2.55
C LYS A 95 -7.82 4.69 1.77
N ILE A 96 -7.00 4.33 0.80
CA ILE A 96 -7.27 3.16 -0.04
C ILE A 96 -7.44 1.88 0.79
N LEU A 97 -6.61 1.70 1.81
CA LEU A 97 -6.74 0.62 2.74
C LEU A 97 -8.07 0.55 3.49
N GLN A 98 -8.75 1.68 3.65
CA GLN A 98 -10.03 1.73 4.37
C GLN A 98 -11.18 1.40 3.41
N GLU A 99 -10.86 1.37 2.12
CA GLU A 99 -11.83 1.00 1.08
C GLU A 99 -11.88 -0.52 0.91
N LEU A 100 -11.00 -1.26 1.58
CA LEU A 100 -10.99 -2.71 1.44
C LEU A 100 -12.18 -3.37 2.13
N PRO A 101 -12.74 -4.42 1.52
CA PRO A 101 -13.85 -5.18 2.12
C PRO A 101 -13.36 -6.17 3.21
N SER A 102 -13.30 -7.46 2.88
CA SER A 102 -12.93 -8.50 3.83
C SER A 102 -11.54 -9.06 3.61
N VAL A 103 -10.56 -8.18 3.63
CA VAL A 103 -9.16 -8.60 3.49
C VAL A 103 -8.86 -9.48 4.72
N SER A 104 -8.28 -10.64 4.49
CA SER A 104 -7.99 -11.56 5.58
C SER A 104 -6.91 -10.94 6.45
N GLN A 105 -6.94 -11.27 7.73
CA GLN A 105 -5.95 -10.75 8.68
C GLN A 105 -4.59 -11.28 8.25
N GLU A 106 -4.58 -12.46 7.67
CA GLU A 106 -3.37 -13.07 7.15
C GLU A 106 -2.72 -12.22 6.07
N THR A 107 -3.51 -11.61 5.19
CA THR A 107 -2.92 -10.77 4.14
C THR A 107 -2.26 -9.58 4.80
N LEU A 108 -2.94 -8.98 5.77
CA LEU A 108 -2.39 -7.85 6.51
C LEU A 108 -1.11 -8.23 7.29
N LYS A 109 -1.09 -9.45 7.83
CA LYS A 109 0.09 -9.96 8.56
C LYS A 109 1.26 -10.23 7.62
N HIS A 110 1.00 -10.94 6.53
CA HIS A 110 2.03 -11.33 5.57
C HIS A 110 2.65 -10.12 4.90
N SER A 111 1.82 -9.16 4.53
CA SER A 111 2.31 -7.93 3.92
C SER A 111 3.06 -7.10 4.95
N GLY A 112 2.61 -7.15 6.19
CA GLY A 112 3.21 -6.36 7.24
C GLY A 112 2.70 -4.93 7.20
N ILE A 113 1.64 -4.70 6.42
CA ILE A 113 1.06 -3.36 6.27
C ILE A 113 0.60 -2.80 7.63
N GLY A 114 0.10 -3.65 8.51
CA GLY A 114 -0.32 -3.19 9.83
C GLY A 114 0.83 -2.59 10.59
N ARG A 115 1.99 -3.22 10.50
CA ARG A 115 3.20 -2.74 11.17
C ARG A 115 3.71 -1.48 10.49
N ALA A 116 3.54 -1.39 9.18
CA ALA A 116 3.96 -0.20 8.44
C ALA A 116 3.11 1.01 8.85
N VAL A 117 1.81 0.81 9.03
CA VAL A 117 0.93 1.90 9.51
C VAL A 117 1.32 2.25 10.94
N MET A 118 1.53 1.24 11.79
CA MET A 118 1.92 1.48 13.18
C MET A 118 3.20 2.30 13.27
N TYR A 119 4.15 2.02 12.40
CA TYR A 119 5.42 2.76 12.37
C TYR A 119 5.16 4.25 12.20
N LEU A 120 4.30 4.58 11.25
CA LEU A 120 4.01 5.98 10.93
C LEU A 120 3.14 6.61 12.00
N TYR A 121 2.27 5.80 12.60
CA TYR A 121 1.38 6.27 13.65
C TYR A 121 2.16 6.75 14.87
N LYS A 122 3.35 6.20 15.07
CA LYS A 122 4.21 6.62 16.17
C LYS A 122 5.34 7.53 15.69
N HIS A 123 5.40 7.76 14.39
CA HIS A 123 6.45 8.61 13.82
C HIS A 123 6.15 10.08 14.12
N PRO A 124 7.10 10.81 14.73
CA PRO A 124 6.79 12.19 15.11
C PRO A 124 6.67 13.17 13.94
N LYS A 125 7.22 12.83 12.78
CA LYS A 125 7.15 13.72 11.62
C LYS A 125 5.89 13.51 10.78
N GLU A 126 5.12 12.49 11.10
CA GLU A 126 3.92 12.18 10.31
C GLU A 126 2.82 13.22 10.58
N SER A 127 2.16 13.70 9.53
CA SER A 127 1.16 14.77 9.64
C SER A 127 -0.05 14.36 10.46
N ARG A 128 -0.74 15.36 11.04
CA ARG A 128 -1.92 15.09 11.88
C ARG A 128 -3.02 14.37 11.11
N SER A 129 -3.26 14.78 9.87
CA SER A 129 -4.29 14.16 9.05
C SER A 129 -3.98 12.68 8.81
N ASN A 130 -2.73 12.38 8.51
CA ASN A 130 -2.34 11.00 8.28
C ASN A 130 -2.38 10.21 9.57
N LYS A 131 -2.11 10.87 10.69
CA LYS A 131 -2.16 10.23 12.00
C LYS A 131 -3.55 9.75 12.34
N ASP A 132 -4.55 10.54 11.98
CA ASP A 132 -5.94 10.19 12.24
C ASP A 132 -6.31 8.90 11.53
N MET A 133 -6.00 8.86 10.25
CA MET A 133 -6.36 7.70 9.43
C MET A 133 -5.52 6.49 9.78
N ALA A 134 -4.29 6.73 10.19
CA ALA A 134 -3.42 5.64 10.64
C ALA A 134 -4.01 5.02 11.91
N GLY A 135 -4.47 5.85 12.82
CA GLY A 135 -5.07 5.35 14.06
C GLY A 135 -6.34 4.59 13.80
N LYS A 136 -7.14 5.09 12.86
CA LYS A 136 -8.38 4.42 12.47
C LYS A 136 -8.08 3.06 11.87
N LEU A 137 -7.10 2.99 10.98
CA LEU A 137 -6.74 1.72 10.35
C LEU A 137 -6.34 0.66 11.35
N ILE A 138 -5.57 1.04 12.35
CA ILE A 138 -5.17 0.11 13.42
C ILE A 138 -6.41 -0.40 14.17
N ASN A 139 -7.43 0.44 14.32
CA ASN A 139 -8.65 0.06 15.03
C ASN A 139 -9.64 -0.76 14.18
N GLU A 140 -9.81 -0.40 12.93
CA GLU A 140 -10.78 -1.09 12.05
C GLU A 140 -10.25 -2.45 11.58
N TRP A 141 -8.94 -2.60 11.43
CA TRP A 141 -8.36 -3.87 11.01
C TRP A 141 -8.41 -4.87 12.17
N SER A 142 -9.18 -5.93 11.98
CA SER A 142 -9.35 -6.97 13.00
C SER A 142 -8.04 -7.62 13.41
N ARG A 143 -8.00 -8.09 14.65
CA ARG A 143 -6.79 -8.69 15.23
C ARG A 143 -7.20 -9.93 16.02
N PRO A 144 -6.28 -10.88 16.22
CA PRO A 144 -6.66 -12.06 17.01
C PRO A 144 -6.72 -11.74 18.51
N ILE A 145 -7.19 -12.70 19.29
CA ILE A 145 -7.22 -12.57 20.75
C ILE A 145 -5.76 -12.48 21.19
N PHE A 146 -5.44 -11.51 22.04
CA PHE A 146 -4.09 -11.31 22.53
C PHE A 146 -4.14 -10.82 23.96
N GLY A 147 -3.22 -11.29 24.78
CA GLY A 147 -3.13 -10.87 26.16
C GLY A 147 -1.94 -11.61 26.73
N LEU A 148 -1.59 -11.35 27.98
CA LEU A 148 -0.47 -12.02 28.64
C LEU A 148 -0.79 -12.09 30.12
N GLY A 149 -0.53 -13.23 30.74
CA GLY A 149 -0.80 -13.40 32.16
C GLY A 149 -0.29 -14.72 32.68
N SER A 150 0.64 -15.31 31.93
CA SER A 150 1.24 -16.60 32.22
C SER A 150 2.43 -16.61 31.30
N SER A 1 4.33 -30.33 -29.24
CA SER A 1 4.07 -28.87 -29.44
C SER A 1 3.83 -28.19 -28.11
N ASN A 2 4.23 -26.94 -27.97
CA ASN A 2 4.06 -26.22 -26.70
C ASN A 2 2.59 -25.89 -26.41
N ALA A 3 1.85 -25.59 -27.47
CA ALA A 3 0.44 -25.16 -27.39
C ALA A 3 0.36 -23.82 -26.63
N ALA A 4 -0.83 -23.46 -26.19
CA ALA A 4 -1.09 -22.21 -25.48
C ALA A 4 -2.33 -22.44 -24.63
N SER A 5 -2.63 -21.49 -23.74
CA SER A 5 -3.81 -21.57 -22.89
C SER A 5 -5.03 -21.07 -23.64
N GLY A 6 -6.20 -21.24 -23.05
CA GLY A 6 -7.43 -20.73 -23.64
C GLY A 6 -7.59 -19.26 -23.28
N THR A 7 -8.56 -18.59 -23.90
CA THR A 7 -8.83 -17.19 -23.60
C THR A 7 -9.75 -17.08 -22.39
N PHE A 8 -9.33 -16.30 -21.40
CA PHE A 8 -10.10 -16.09 -20.17
C PHE A 8 -10.07 -14.58 -19.88
N ILE A 9 -10.59 -14.17 -18.73
CA ILE A 9 -10.60 -12.75 -18.36
C ILE A 9 -9.19 -12.34 -17.94
N SER A 10 -8.44 -11.76 -18.85
CA SER A 10 -7.12 -11.23 -18.56
C SER A 10 -7.13 -9.71 -18.57
N ASP A 11 -8.13 -9.12 -19.21
CA ASP A 11 -8.20 -7.66 -19.33
C ASP A 11 -8.13 -6.97 -17.97
N ALA A 12 -8.91 -7.47 -17.02
CA ALA A 12 -8.89 -6.91 -15.67
C ALA A 12 -7.73 -7.48 -14.85
N ASP A 13 -7.49 -8.77 -15.03
CA ASP A 13 -6.53 -9.49 -14.20
C ASP A 13 -5.09 -9.02 -14.40
N ASP A 14 -4.69 -8.89 -15.66
CA ASP A 14 -3.33 -8.49 -16.01
C ASP A 14 -3.06 -7.10 -15.49
N VAL A 15 -4.06 -6.23 -15.54
CA VAL A 15 -3.89 -4.84 -15.09
C VAL A 15 -3.66 -4.79 -13.59
N VAL A 16 -4.39 -5.60 -12.82
CA VAL A 16 -4.19 -5.60 -11.37
C VAL A 16 -2.81 -6.20 -11.06
N SER A 17 -2.46 -7.29 -11.72
CA SER A 17 -1.16 -7.92 -11.49
C SER A 17 -0.04 -6.95 -11.85
N ALA A 18 -0.20 -6.27 -12.98
CA ALA A 18 0.78 -5.29 -13.42
C ALA A 18 0.87 -4.13 -12.43
N MET A 19 -0.26 -3.74 -11.86
CA MET A 19 -0.27 -2.65 -10.88
C MET A 19 0.58 -3.03 -9.67
N ILE A 20 0.37 -4.22 -9.12
CA ILE A 20 1.15 -4.66 -7.96
C ILE A 20 2.63 -4.72 -8.30
N VAL A 21 3.01 -5.32 -9.42
CA VAL A 21 4.43 -5.43 -9.73
C VAL A 21 5.03 -4.05 -10.00
N LYS A 22 4.33 -3.15 -10.70
CA LYS A 22 4.90 -1.82 -10.97
C LYS A 22 5.02 -1.01 -9.70
N MET A 23 4.09 -1.18 -8.77
CA MET A 23 4.24 -0.54 -7.47
C MET A 23 5.52 -1.07 -6.80
N ASN A 24 5.75 -2.38 -6.87
CA ASN A 24 6.97 -2.96 -6.31
C ASN A 24 8.23 -2.41 -6.98
N GLU A 25 8.23 -2.33 -8.30
CA GLU A 25 9.40 -1.84 -9.03
C GLU A 25 9.68 -0.39 -8.66
N ALA A 26 8.65 0.42 -8.52
CA ALA A 26 8.82 1.83 -8.15
C ALA A 26 9.47 1.94 -6.76
N ALA A 27 9.14 1.01 -5.88
CA ALA A 27 9.72 1.01 -4.54
C ALA A 27 11.19 0.62 -4.61
N GLU A 28 11.49 -0.40 -5.40
CA GLU A 28 12.86 -0.89 -5.57
C GLU A 28 13.72 0.17 -6.25
N GLU A 29 13.15 0.84 -7.23
CA GLU A 29 13.87 1.88 -7.95
C GLU A 29 14.22 3.05 -7.04
N ASP A 30 13.33 3.42 -6.14
CA ASP A 30 13.61 4.50 -5.22
C ASP A 30 14.81 4.14 -4.35
N ARG A 31 14.98 2.87 -4.02
CA ARG A 31 16.15 2.43 -3.24
C ARG A 31 17.42 2.62 -4.06
N GLN A 32 17.32 2.39 -5.36
CA GLN A 32 18.49 2.49 -6.24
C GLN A 32 18.84 3.95 -6.43
N LEU A 33 17.82 4.78 -6.58
CA LEU A 33 18.03 6.21 -6.74
C LEU A 33 18.70 6.76 -5.50
N ASN A 34 18.22 6.38 -4.33
CA ASN A 34 18.85 6.73 -3.08
C ASN A 34 20.29 6.22 -2.94
N ASN A 35 20.59 5.08 -3.56
CA ASN A 35 21.91 4.47 -3.49
C ASN A 35 22.89 5.37 -4.20
N GLN A 36 22.40 6.02 -5.24
CA GLN A 36 23.21 6.93 -6.05
C GLN A 36 23.06 8.38 -5.59
N LYS A 37 22.34 8.57 -4.48
CA LYS A 37 22.06 9.89 -3.89
C LYS A 37 21.36 10.83 -4.88
N LYS A 38 20.46 10.26 -5.67
CA LYS A 38 19.66 11.02 -6.61
C LYS A 38 18.26 11.09 -6.02
N PRO A 39 17.47 12.11 -6.38
CA PRO A 39 16.11 12.16 -5.84
C PRO A 39 15.31 10.92 -6.21
N ALA A 40 14.72 10.28 -5.21
CA ALA A 40 13.92 9.09 -5.43
C ALA A 40 12.45 9.47 -5.36
N LEU A 41 11.78 9.41 -6.49
CA LEU A 41 10.41 9.89 -6.62
C LEU A 41 9.53 8.99 -7.49
N LYS A 42 9.89 7.74 -7.66
CA LYS A 42 9.12 6.85 -8.51
C LYS A 42 7.73 6.63 -7.96
N LYS A 43 7.62 6.47 -6.65
CA LYS A 43 6.30 6.31 -6.02
C LYS A 43 5.46 7.57 -6.22
N LEU A 44 6.12 8.73 -6.30
CA LEU A 44 5.43 10.01 -6.45
C LEU A 44 4.87 10.17 -7.85
N THR A 45 5.64 9.82 -8.87
CA THR A 45 5.19 10.00 -10.25
C THR A 45 4.12 8.96 -10.59
N LEU A 46 4.15 7.85 -9.87
CA LEU A 46 3.14 6.80 -10.06
C LEU A 46 1.89 7.07 -9.24
N LEU A 47 1.98 7.98 -8.29
CA LEU A 47 0.87 8.24 -7.36
C LEU A 47 -0.47 8.52 -8.08
N PRO A 48 -0.52 9.46 -9.04
CA PRO A 48 -1.84 9.66 -9.66
C PRO A 48 -2.24 8.52 -10.60
N ALA A 49 -1.25 7.75 -11.05
CA ALA A 49 -1.49 6.64 -11.96
C ALA A 49 -2.06 5.43 -11.21
N VAL A 50 -1.52 5.13 -10.04
CA VAL A 50 -1.99 3.98 -9.28
C VAL A 50 -3.34 4.21 -8.66
N VAL A 51 -3.60 5.40 -8.13
CA VAL A 51 -4.87 5.65 -7.41
C VAL A 51 -6.09 5.39 -8.27
N MET A 52 -6.00 5.83 -9.50
CA MET A 52 -7.05 5.61 -10.51
C MET A 52 -7.43 4.12 -10.57
N HIS A 53 -6.44 3.25 -10.46
CA HIS A 53 -6.66 1.81 -10.44
C HIS A 53 -6.99 1.29 -9.03
N LEU A 54 -6.31 1.82 -8.02
CA LEU A 54 -6.48 1.34 -6.64
C LEU A 54 -7.88 1.61 -6.08
N LYS A 55 -8.56 2.61 -6.63
CA LYS A 55 -9.94 2.93 -6.20
C LYS A 55 -10.98 2.01 -6.86
N LYS A 56 -10.54 1.11 -7.74
CA LYS A 56 -11.47 0.18 -8.40
C LYS A 56 -11.81 -0.98 -7.48
N GLN A 57 -12.73 -0.72 -6.58
CA GLN A 57 -13.21 -1.69 -5.61
C GLN A 57 -13.82 -2.91 -6.29
N ASP A 58 -14.21 -2.79 -7.55
CA ASP A 58 -14.78 -3.92 -8.29
C ASP A 58 -13.83 -5.12 -8.29
N LEU A 59 -12.53 -4.87 -8.47
CA LEU A 59 -11.52 -5.92 -8.53
C LEU A 59 -10.92 -6.15 -7.14
N LYS A 60 -11.71 -5.90 -6.10
CA LYS A 60 -11.25 -6.03 -4.72
C LYS A 60 -10.58 -7.36 -4.44
N GLU A 61 -11.13 -8.44 -4.97
CA GLU A 61 -10.59 -9.76 -4.68
C GLU A 61 -9.25 -9.94 -5.37
N THR A 62 -9.14 -9.49 -6.60
CA THR A 62 -7.89 -9.60 -7.34
C THR A 62 -6.80 -8.78 -6.66
N PHE A 63 -7.14 -7.58 -6.21
CA PHE A 63 -6.16 -6.73 -5.54
C PHE A 63 -5.64 -7.34 -4.24
N ILE A 64 -6.56 -7.94 -3.48
CA ILE A 64 -6.19 -8.54 -2.20
C ILE A 64 -5.33 -9.79 -2.44
N ASP A 65 -5.73 -10.62 -3.40
CA ASP A 65 -5.00 -11.86 -3.69
C ASP A 65 -3.62 -11.58 -4.30
N SER A 66 -3.55 -10.60 -5.19
CA SER A 66 -2.28 -10.22 -5.83
C SER A 66 -1.32 -9.59 -4.83
N GLY A 67 -1.80 -9.31 -3.63
CA GLY A 67 -0.93 -8.78 -2.59
C GLY A 67 -0.68 -7.29 -2.66
N VAL A 68 -1.68 -6.50 -3.06
CA VAL A 68 -1.53 -5.04 -3.09
C VAL A 68 -1.09 -4.53 -1.73
N MET A 69 -1.51 -5.21 -0.67
CA MET A 69 -1.15 -4.84 0.69
C MET A 69 0.37 -4.82 0.88
N SER A 70 1.07 -5.70 0.18
CA SER A 70 2.53 -5.79 0.29
C SER A 70 3.14 -4.66 -0.52
N ALA A 71 2.57 -4.39 -1.68
CA ALA A 71 3.09 -3.33 -2.53
C ALA A 71 2.90 -1.96 -1.85
N ILE A 72 1.76 -1.77 -1.18
CA ILE A 72 1.50 -0.53 -0.45
C ILE A 72 2.49 -0.46 0.72
N LYS A 73 2.73 -1.58 1.39
CA LYS A 73 3.67 -1.62 2.52
C LYS A 73 5.07 -1.17 2.08
N GLU A 74 5.50 -1.56 0.89
CA GLU A 74 6.80 -1.13 0.38
C GLU A 74 6.81 0.37 0.09
N TRP A 75 5.66 0.94 -0.25
CA TRP A 75 5.60 2.37 -0.53
C TRP A 75 5.69 3.13 0.76
N LEU A 76 5.13 2.57 1.82
CA LEU A 76 5.15 3.21 3.12
C LEU A 76 6.54 3.18 3.72
N SER A 77 7.35 2.23 3.33
CA SER A 77 8.71 2.13 3.84
C SER A 77 9.60 3.21 3.23
N PRO A 78 10.14 4.13 4.07
CA PRO A 78 11.02 5.15 3.49
C PRO A 78 12.43 4.65 3.23
N LEU A 79 13.22 5.47 2.57
CA LEU A 79 14.59 5.15 2.25
C LEU A 79 15.46 5.19 3.51
N PRO A 80 16.67 4.58 3.48
CA PRO A 80 17.56 4.64 4.66
C PRO A 80 18.08 6.05 4.97
N ASP A 81 17.67 7.01 4.15
CA ASP A 81 17.94 8.44 4.35
C ASP A 81 17.11 8.94 5.55
N ARG A 82 16.10 8.15 5.91
CA ARG A 82 15.21 8.37 7.08
C ARG A 82 14.28 9.58 6.96
N SER A 83 14.27 10.21 5.80
CA SER A 83 13.32 11.26 5.54
C SER A 83 12.12 10.53 4.97
N LEU A 84 10.98 11.19 4.96
CA LEU A 84 9.76 10.61 4.40
C LEU A 84 9.29 11.39 3.17
N PRO A 85 10.01 11.29 2.03
CA PRO A 85 9.50 12.03 0.86
C PRO A 85 8.21 11.43 0.32
N ALA A 86 7.93 10.21 0.77
CA ALA A 86 6.74 9.49 0.38
C ALA A 86 5.50 10.02 1.11
N LEU A 87 5.67 11.01 1.97
CA LEU A 87 4.57 11.56 2.78
C LEU A 87 3.36 11.93 1.94
N LYS A 88 3.60 12.56 0.80
CA LYS A 88 2.51 12.99 -0.08
C LYS A 88 1.68 11.83 -0.63
N ILE A 89 2.33 10.72 -0.84
CA ILE A 89 1.69 9.52 -1.37
C ILE A 89 0.85 8.85 -0.28
N ARG A 90 1.33 8.92 0.96
CA ARG A 90 0.64 8.28 2.10
C ARG A 90 -0.77 8.81 2.25
N GLU A 91 -0.95 10.08 1.91
CA GLU A 91 -2.25 10.75 2.05
C GLU A 91 -3.33 9.95 1.33
N GLU A 92 -3.04 9.47 0.13
CA GLU A 92 -3.97 8.62 -0.62
C GLU A 92 -3.90 7.15 -0.25
N LEU A 93 -2.68 6.63 -0.07
CA LEU A 93 -2.53 5.22 0.27
C LEU A 93 -3.30 4.81 1.52
N LEU A 94 -3.33 5.67 2.53
CA LEU A 94 -4.08 5.37 3.75
C LEU A 94 -5.53 5.23 3.42
N LYS A 95 -5.98 6.09 2.54
CA LYS A 95 -7.42 6.12 2.15
C LYS A 95 -7.80 4.82 1.50
N ILE A 96 -6.93 4.34 0.62
CA ILE A 96 -7.15 3.09 -0.10
C ILE A 96 -7.19 1.92 0.89
N LEU A 97 -6.34 1.95 1.90
CA LEU A 97 -6.34 0.92 2.92
C LEU A 97 -7.65 0.88 3.72
N GLN A 98 -8.36 2.01 3.79
CA GLN A 98 -9.63 2.10 4.55
C GLN A 98 -10.85 1.67 3.74
N GLU A 99 -10.69 1.50 2.43
CA GLU A 99 -11.84 1.15 1.57
C GLU A 99 -11.81 -0.31 1.15
N LEU A 100 -10.87 -1.07 1.70
CA LEU A 100 -10.83 -2.50 1.48
C LEU A 100 -12.05 -3.13 2.16
N PRO A 101 -12.65 -4.15 1.54
CA PRO A 101 -13.86 -4.79 2.09
C PRO A 101 -13.65 -5.69 3.29
N SER A 102 -12.95 -6.79 3.05
CA SER A 102 -12.67 -7.79 4.07
C SER A 102 -11.35 -8.49 3.81
N VAL A 103 -10.29 -7.70 3.74
CA VAL A 103 -8.95 -8.25 3.54
C VAL A 103 -8.67 -9.18 4.72
N SER A 104 -8.15 -10.36 4.43
CA SER A 104 -7.90 -11.34 5.49
C SER A 104 -6.83 -10.81 6.41
N GLN A 105 -6.92 -11.19 7.68
CA GLN A 105 -5.95 -10.79 8.67
C GLN A 105 -4.60 -11.39 8.30
N GLU A 106 -4.63 -12.52 7.61
CA GLU A 106 -3.41 -13.15 7.17
C GLU A 106 -2.75 -12.37 6.04
N THR A 107 -3.53 -11.68 5.22
CA THR A 107 -2.94 -10.88 4.15
C THR A 107 -2.23 -9.71 4.80
N LEU A 108 -2.86 -9.12 5.81
CA LEU A 108 -2.26 -8.01 6.57
C LEU A 108 -0.98 -8.49 7.26
N LYS A 109 -1.01 -9.71 7.78
CA LYS A 109 0.14 -10.34 8.44
C LYS A 109 1.29 -10.58 7.46
N HIS A 110 0.99 -11.21 6.34
CA HIS A 110 2.00 -11.55 5.34
C HIS A 110 2.65 -10.32 4.73
N SER A 111 1.85 -9.32 4.43
CA SER A 111 2.36 -8.09 3.84
C SER A 111 3.14 -7.27 4.86
N GLY A 112 2.75 -7.34 6.12
CA GLY A 112 3.40 -6.54 7.15
C GLY A 112 2.91 -5.11 7.11
N ILE A 113 1.82 -4.88 6.39
CA ILE A 113 1.24 -3.55 6.24
C ILE A 113 0.86 -2.93 7.59
N GLY A 114 0.43 -3.75 8.54
CA GLY A 114 0.07 -3.24 9.85
C GLY A 114 1.27 -2.57 10.51
N ARG A 115 2.42 -3.20 10.44
CA ARG A 115 3.65 -2.64 11.03
C ARG A 115 4.01 -1.34 10.33
N ALA A 116 3.82 -1.29 9.03
CA ALA A 116 4.16 -0.10 8.25
C ALA A 116 3.28 1.09 8.69
N VAL A 117 2.00 0.86 8.91
CA VAL A 117 1.10 1.91 9.38
C VAL A 117 1.45 2.31 10.82
N MET A 118 1.68 1.33 11.68
CA MET A 118 2.02 1.61 13.08
C MET A 118 3.28 2.44 13.17
N TYR A 119 4.26 2.15 12.32
CA TYR A 119 5.51 2.92 12.31
C TYR A 119 5.23 4.40 12.11
N LEU A 120 4.38 4.72 11.15
CA LEU A 120 4.08 6.11 10.82
C LEU A 120 3.20 6.76 11.86
N TYR A 121 2.33 5.97 12.47
CA TYR A 121 1.44 6.47 13.51
C TYR A 121 2.26 7.00 14.69
N LYS A 122 3.34 6.31 15.01
CA LYS A 122 4.22 6.75 16.11
C LYS A 122 5.20 7.82 15.63
N HIS A 123 5.40 7.91 14.32
CA HIS A 123 6.40 8.82 13.76
C HIS A 123 6.05 10.30 13.96
N PRO A 124 6.95 11.08 14.58
CA PRO A 124 6.60 12.48 14.85
C PRO A 124 6.56 13.41 13.63
N LYS A 125 7.08 12.95 12.50
CA LYS A 125 7.06 13.76 11.27
C LYS A 125 5.79 13.54 10.44
N GLU A 126 4.99 12.56 10.81
CA GLU A 126 3.78 12.24 10.05
C GLU A 126 2.69 13.27 10.38
N SER A 127 1.97 13.73 9.36
CA SER A 127 0.94 14.74 9.55
C SER A 127 -0.21 14.19 10.40
N ARG A 128 -0.86 15.06 11.17
CA ARG A 128 -1.93 14.60 12.06
C ARG A 128 -3.11 14.00 11.29
N SER A 129 -3.37 14.47 10.08
CA SER A 129 -4.47 13.93 9.28
C SER A 129 -4.15 12.50 8.87
N ASN A 130 -2.89 12.26 8.51
CA ASN A 130 -2.47 10.93 8.12
C ASN A 130 -2.51 10.03 9.34
N LYS A 131 -2.12 10.57 10.50
CA LYS A 131 -2.17 9.80 11.74
C LYS A 131 -3.57 9.44 12.14
N ASP A 132 -4.54 10.31 11.85
CA ASP A 132 -5.93 10.04 12.17
C ASP A 132 -6.36 8.76 11.45
N MET A 133 -6.01 8.66 10.18
CA MET A 133 -6.39 7.49 9.39
C MET A 133 -5.53 6.30 9.77
N ALA A 134 -4.27 6.54 10.09
CA ALA A 134 -3.39 5.47 10.53
C ALA A 134 -3.95 4.83 11.81
N GLY A 135 -4.47 5.67 12.70
CA GLY A 135 -5.09 5.18 13.93
C GLY A 135 -6.33 4.37 13.62
N LYS A 136 -7.13 4.81 12.66
CA LYS A 136 -8.31 4.04 12.27
C LYS A 136 -7.93 2.68 11.73
N LEU A 137 -6.87 2.61 10.92
CA LEU A 137 -6.44 1.32 10.38
C LEU A 137 -6.08 0.34 11.47
N ILE A 138 -5.32 0.81 12.45
CA ILE A 138 -4.96 -0.02 13.61
C ILE A 138 -6.23 -0.52 14.33
N ASN A 139 -7.30 0.28 14.30
CA ASN A 139 -8.56 -0.10 14.94
C ASN A 139 -9.44 -1.05 14.13
N GLU A 140 -9.51 -0.80 12.83
CA GLU A 140 -10.43 -1.51 11.95
C GLU A 140 -9.84 -2.81 11.43
N TRP A 141 -8.52 -2.90 11.43
CA TRP A 141 -7.83 -4.14 11.05
C TRP A 141 -7.77 -5.04 12.31
N SER A 142 -8.95 -5.37 12.80
CA SER A 142 -9.18 -6.19 14.00
C SER A 142 -8.76 -5.47 15.30
N ARG A 143 -9.07 -6.10 16.42
CA ARG A 143 -8.79 -5.55 17.76
C ARG A 143 -9.31 -4.09 17.97
N PRO A 144 -10.58 -3.80 17.62
CA PRO A 144 -10.98 -2.40 17.81
C PRO A 144 -11.11 -2.03 19.28
N ILE A 145 -10.63 -0.82 19.61
CA ILE A 145 -10.65 -0.22 20.96
C ILE A 145 -10.47 -1.18 22.17
N PHE A 146 -9.71 -2.25 21.97
CA PHE A 146 -9.52 -3.27 23.00
C PHE A 146 -8.62 -2.80 24.15
N GLY A 147 -7.90 -1.72 23.91
CA GLY A 147 -6.99 -1.19 24.91
C GLY A 147 -6.04 -0.24 24.24
N LEU A 148 -5.01 0.18 24.95
CA LEU A 148 -4.03 1.11 24.39
C LEU A 148 -3.38 0.49 23.15
N GLY A 149 -3.18 1.31 22.14
CA GLY A 149 -2.51 0.87 20.93
C GLY A 149 -1.02 1.08 21.09
N SER A 150 -0.41 0.30 21.97
CA SER A 150 1.02 0.42 22.26
C SER A 150 1.84 0.07 21.02
N SER A 1 -7.55 -12.71 -9.22
CA SER A 1 -8.76 -12.96 -8.38
C SER A 1 -8.82 -14.42 -7.96
N ASN A 2 -8.99 -15.33 -8.90
CA ASN A 2 -9.03 -16.76 -8.58
C ASN A 2 -8.25 -17.50 -9.66
N ALA A 3 -7.67 -18.63 -9.31
CA ALA A 3 -6.95 -19.47 -10.27
C ALA A 3 -7.94 -20.38 -11.02
N ALA A 4 -8.97 -19.79 -11.60
CA ALA A 4 -10.02 -20.53 -12.30
C ALA A 4 -10.61 -19.64 -13.38
N SER A 5 -11.23 -20.25 -14.38
CA SER A 5 -11.88 -19.51 -15.46
C SER A 5 -13.34 -19.28 -15.08
N GLY A 6 -14.01 -18.37 -15.80
CA GLY A 6 -15.41 -18.09 -15.53
C GLY A 6 -15.61 -17.00 -14.50
N THR A 7 -14.50 -16.43 -14.05
CA THR A 7 -14.50 -15.37 -13.04
C THR A 7 -15.00 -14.03 -13.56
N PHE A 8 -15.14 -13.93 -14.88
CA PHE A 8 -15.51 -12.70 -15.63
C PHE A 8 -14.36 -11.68 -15.62
N ILE A 9 -13.71 -11.52 -14.47
CA ILE A 9 -12.53 -10.69 -14.37
C ILE A 9 -11.41 -11.50 -15.03
N SER A 10 -10.81 -10.93 -16.07
CA SER A 10 -9.72 -11.60 -16.79
C SER A 10 -8.73 -10.57 -17.30
N ASP A 11 -9.16 -9.73 -18.23
CA ASP A 11 -8.30 -8.67 -18.78
C ASP A 11 -7.81 -7.75 -17.67
N ALA A 12 -8.70 -7.44 -16.76
CA ALA A 12 -8.39 -6.56 -15.64
C ALA A 12 -7.51 -7.25 -14.60
N ASP A 13 -7.51 -8.58 -14.57
CA ASP A 13 -6.72 -9.32 -13.59
C ASP A 13 -5.25 -9.09 -13.89
N ASP A 14 -4.90 -9.10 -15.17
CA ASP A 14 -3.54 -8.82 -15.61
C ASP A 14 -3.14 -7.40 -15.25
N VAL A 15 -4.05 -6.46 -15.43
CA VAL A 15 -3.77 -5.06 -15.12
C VAL A 15 -3.51 -4.89 -13.64
N VAL A 16 -4.27 -5.58 -12.80
CA VAL A 16 -4.06 -5.48 -11.36
C VAL A 16 -2.73 -6.13 -10.99
N SER A 17 -2.43 -7.28 -11.57
CA SER A 17 -1.16 -7.94 -11.32
C SER A 17 -0.02 -7.00 -11.71
N ALA A 18 -0.11 -6.44 -12.91
CA ALA A 18 0.89 -5.52 -13.42
C ALA A 18 1.00 -4.27 -12.54
N MET A 19 -0.12 -3.80 -12.00
CA MET A 19 -0.11 -2.66 -11.09
C MET A 19 0.74 -2.98 -9.87
N ILE A 20 0.51 -4.14 -9.27
CA ILE A 20 1.28 -4.58 -8.10
C ILE A 20 2.75 -4.65 -8.46
N VAL A 21 3.05 -5.19 -9.63
CA VAL A 21 4.43 -5.32 -10.07
C VAL A 21 5.05 -3.95 -10.24
N LYS A 22 4.40 -3.03 -10.96
CA LYS A 22 4.98 -1.71 -11.17
C LYS A 22 5.17 -0.98 -9.86
N MET A 23 4.27 -1.19 -8.92
CA MET A 23 4.43 -0.61 -7.58
C MET A 23 5.69 -1.17 -6.93
N ASN A 24 5.96 -2.45 -7.07
CA ASN A 24 7.18 -3.06 -6.51
C ASN A 24 8.43 -2.45 -7.11
N GLU A 25 8.47 -2.38 -8.43
CA GLU A 25 9.64 -1.83 -9.11
C GLU A 25 9.90 -0.38 -8.71
N ALA A 26 8.85 0.42 -8.69
CA ALA A 26 8.97 1.82 -8.31
C ALA A 26 9.43 1.95 -6.87
N ALA A 27 9.02 1.01 -6.03
CA ALA A 27 9.37 1.04 -4.63
C ALA A 27 10.87 0.83 -4.48
N GLU A 28 11.42 -0.14 -5.17
CA GLU A 28 12.84 -0.41 -5.04
C GLU A 28 13.65 0.64 -5.78
N GLU A 29 13.11 1.19 -6.84
CA GLU A 29 13.84 2.17 -7.64
C GLU A 29 14.16 3.36 -6.78
N ASP A 30 13.18 3.86 -6.04
CA ASP A 30 13.40 4.99 -5.17
C ASP A 30 14.49 4.68 -4.15
N ARG A 31 14.58 3.44 -3.70
CA ARG A 31 15.60 3.03 -2.75
C ARG A 31 16.97 3.01 -3.42
N GLN A 32 17.04 2.64 -4.69
CA GLN A 32 18.31 2.58 -5.43
C GLN A 32 18.76 3.99 -5.75
N LEU A 33 17.81 4.83 -6.13
CA LEU A 33 18.11 6.22 -6.42
C LEU A 33 18.66 6.90 -5.18
N ASN A 34 18.02 6.67 -4.05
CA ASN A 34 18.51 7.14 -2.78
C ASN A 34 19.86 6.55 -2.37
N ASN A 35 20.15 5.34 -2.81
CA ASN A 35 21.41 4.66 -2.52
C ASN A 35 22.53 5.41 -3.22
N GLN A 36 22.19 6.01 -4.35
CA GLN A 36 23.12 6.81 -5.13
C GLN A 36 23.02 8.30 -4.78
N LYS A 37 22.24 8.61 -3.75
CA LYS A 37 22.00 9.99 -3.27
C LYS A 37 21.44 10.89 -4.38
N LYS A 38 20.55 10.32 -5.19
CA LYS A 38 19.87 11.07 -6.25
C LYS A 38 18.42 11.24 -5.81
N PRO A 39 17.73 12.27 -6.32
CA PRO A 39 16.31 12.41 -5.97
C PRO A 39 15.54 11.16 -6.42
N ALA A 40 14.54 10.78 -5.64
CA ALA A 40 13.77 9.57 -5.92
C ALA A 40 12.28 9.91 -5.84
N LEU A 41 11.57 9.72 -6.95
CA LEU A 41 10.17 10.10 -7.06
C LEU A 41 9.31 9.10 -7.85
N LYS A 42 9.77 7.85 -7.99
CA LYS A 42 9.03 6.88 -8.77
C LYS A 42 7.68 6.57 -8.15
N LYS A 43 7.63 6.39 -6.83
CA LYS A 43 6.34 6.16 -6.16
C LYS A 43 5.45 7.39 -6.29
N LEU A 44 6.06 8.57 -6.32
CA LEU A 44 5.32 9.84 -6.38
C LEU A 44 4.69 10.03 -7.75
N THR A 45 5.43 9.78 -8.82
CA THR A 45 4.89 9.94 -10.17
C THR A 45 3.88 8.85 -10.48
N LEU A 46 3.98 7.71 -9.82
CA LEU A 46 3.05 6.62 -10.01
C LEU A 46 1.82 6.79 -9.12
N LEU A 47 1.92 7.66 -8.14
CA LEU A 47 0.85 7.85 -7.15
C LEU A 47 -0.52 8.10 -7.78
N PRO A 48 -0.67 9.09 -8.68
CA PRO A 48 -2.04 9.25 -9.19
C PRO A 48 -2.43 8.15 -10.18
N ALA A 49 -1.43 7.53 -10.78
CA ALA A 49 -1.65 6.50 -11.77
C ALA A 49 -2.20 5.25 -11.09
N VAL A 50 -1.60 4.86 -9.98
CA VAL A 50 -2.09 3.71 -9.25
C VAL A 50 -3.41 4.07 -8.59
N VAL A 51 -3.53 5.26 -8.00
CA VAL A 51 -4.75 5.64 -7.27
C VAL A 51 -5.99 5.41 -8.09
N MET A 52 -5.97 5.84 -9.34
CA MET A 52 -7.13 5.67 -10.21
C MET A 52 -7.58 4.21 -10.24
N HIS A 53 -6.62 3.29 -10.31
CA HIS A 53 -6.92 1.87 -10.28
C HIS A 53 -7.17 1.35 -8.87
N LEU A 54 -6.47 1.89 -7.87
CA LEU A 54 -6.57 1.40 -6.50
C LEU A 54 -7.99 1.63 -5.97
N LYS A 55 -8.71 2.58 -6.55
CA LYS A 55 -10.10 2.83 -6.18
C LYS A 55 -11.07 1.78 -6.72
N LYS A 56 -10.64 0.92 -7.64
CA LYS A 56 -11.51 -0.12 -8.19
C LYS A 56 -12.05 -1.09 -7.14
N GLN A 57 -13.22 -0.81 -6.60
CA GLN A 57 -13.84 -1.69 -5.61
C GLN A 57 -14.31 -2.96 -6.31
N ASP A 58 -14.54 -2.84 -7.60
CA ASP A 58 -14.95 -3.93 -8.48
C ASP A 58 -13.80 -4.91 -8.68
N LEU A 59 -12.59 -4.45 -8.40
CA LEU A 59 -11.40 -5.29 -8.51
C LEU A 59 -10.66 -5.38 -7.19
N LYS A 60 -11.29 -4.97 -6.11
CA LYS A 60 -10.59 -4.99 -4.82
C LYS A 60 -10.27 -6.41 -4.40
N GLU A 61 -11.11 -7.36 -4.79
CA GLU A 61 -10.80 -8.76 -4.51
C GLU A 61 -9.52 -9.14 -5.26
N THR A 62 -9.38 -8.67 -6.50
CA THR A 62 -8.21 -8.95 -7.31
C THR A 62 -6.98 -8.30 -6.69
N PHE A 63 -7.13 -7.08 -6.23
CA PHE A 63 -6.02 -6.36 -5.60
C PHE A 63 -5.54 -7.07 -4.34
N ILE A 64 -6.47 -7.65 -3.58
CA ILE A 64 -6.12 -8.38 -2.37
C ILE A 64 -5.40 -9.67 -2.77
N ASP A 65 -5.92 -10.36 -3.78
CA ASP A 65 -5.32 -11.61 -4.28
C ASP A 65 -3.91 -11.40 -4.85
N SER A 66 -3.76 -10.35 -5.64
CA SER A 66 -2.46 -10.02 -6.24
C SER A 66 -1.44 -9.49 -5.22
N GLY A 67 -1.89 -9.27 -3.99
CA GLY A 67 -0.97 -8.83 -2.95
C GLY A 67 -0.68 -7.34 -2.88
N VAL A 68 -1.64 -6.50 -3.23
CA VAL A 68 -1.47 -5.04 -3.17
C VAL A 68 -1.01 -4.60 -1.79
N MET A 69 -1.48 -5.30 -0.77
CA MET A 69 -1.13 -4.98 0.61
C MET A 69 0.38 -4.97 0.82
N SER A 70 1.09 -5.82 0.08
CA SER A 70 2.54 -5.92 0.19
C SER A 70 3.16 -4.75 -0.54
N ALA A 71 2.63 -4.43 -1.71
CA ALA A 71 3.17 -3.34 -2.51
C ALA A 71 2.94 -1.98 -1.82
N ILE A 72 1.77 -1.77 -1.24
CA ILE A 72 1.50 -0.55 -0.46
C ILE A 72 2.45 -0.51 0.74
N LYS A 73 2.67 -1.65 1.38
CA LYS A 73 3.59 -1.71 2.53
C LYS A 73 4.99 -1.25 2.13
N GLU A 74 5.46 -1.64 0.96
CA GLU A 74 6.79 -1.20 0.49
C GLU A 74 6.78 0.31 0.20
N TRP A 75 5.63 0.84 -0.20
CA TRP A 75 5.54 2.26 -0.46
C TRP A 75 5.59 3.08 0.82
N LEU A 76 5.05 2.54 1.91
CA LEU A 76 5.07 3.20 3.20
C LEU A 76 6.47 3.26 3.78
N SER A 77 7.32 2.32 3.38
CA SER A 77 8.69 2.30 3.86
C SER A 77 9.46 3.47 3.27
N PRO A 78 10.10 4.29 4.13
CA PRO A 78 10.92 5.38 3.60
C PRO A 78 12.25 4.89 3.07
N LEU A 79 13.05 5.82 2.60
CA LEU A 79 14.32 5.54 1.97
C LEU A 79 15.45 5.70 3.00
N PRO A 80 16.68 5.19 2.70
CA PRO A 80 17.84 5.33 3.62
C PRO A 80 18.20 6.76 4.08
N ASP A 81 17.58 7.77 3.48
CA ASP A 81 17.77 9.18 3.85
C ASP A 81 17.04 9.50 5.17
N ARG A 82 16.17 8.58 5.59
CA ARG A 82 15.42 8.63 6.86
C ARG A 82 14.34 9.71 6.91
N SER A 83 14.19 10.46 5.84
CA SER A 83 13.09 11.37 5.69
C SER A 83 12.00 10.50 5.11
N LEU A 84 10.79 11.00 5.15
CA LEU A 84 9.63 10.26 4.64
C LEU A 84 9.07 10.89 3.36
N PRO A 85 9.69 10.62 2.19
CA PRO A 85 9.07 11.23 0.98
C PRO A 85 7.73 10.56 0.65
N ALA A 86 7.50 9.42 1.28
CA ALA A 86 6.28 8.67 1.13
C ALA A 86 5.10 9.38 1.77
N LEU A 87 5.36 10.44 2.53
CA LEU A 87 4.31 11.19 3.22
C LEU A 87 3.19 11.58 2.27
N LYS A 88 3.53 12.20 1.15
CA LYS A 88 2.53 12.63 0.18
C LYS A 88 1.78 11.51 -0.48
N ILE A 89 2.46 10.43 -0.75
CA ILE A 89 1.87 9.29 -1.40
C ILE A 89 0.90 8.62 -0.43
N ARG A 90 1.31 8.56 0.83
CA ARG A 90 0.49 7.97 1.87
C ARG A 90 -0.82 8.66 2.07
N GLU A 91 -0.89 9.95 1.75
CA GLU A 91 -2.12 10.71 1.91
C GLU A 91 -3.24 9.99 1.15
N GLU A 92 -2.95 9.53 -0.06
CA GLU A 92 -3.93 8.75 -0.81
C GLU A 92 -3.96 7.27 -0.43
N LEU A 93 -2.79 6.65 -0.38
CA LEU A 93 -2.69 5.20 -0.14
C LEU A 93 -3.35 4.73 1.12
N LEU A 94 -3.21 5.50 2.18
CA LEU A 94 -3.67 5.07 3.47
C LEU A 94 -5.19 5.09 3.52
N LYS A 95 -5.81 5.97 2.75
CA LYS A 95 -7.27 5.98 2.61
C LYS A 95 -7.71 4.70 1.91
N ILE A 96 -7.02 4.32 0.85
CA ILE A 96 -7.36 3.13 0.07
C ILE A 96 -7.34 1.87 0.95
N LEU A 97 -6.43 1.84 1.89
CA LEU A 97 -6.32 0.73 2.84
C LEU A 97 -7.58 0.55 3.71
N GLN A 98 -8.35 1.62 3.91
CA GLN A 98 -9.57 1.54 4.73
C GLN A 98 -10.78 1.16 3.87
N GLU A 99 -10.62 1.24 2.56
CA GLU A 99 -11.69 0.91 1.61
C GLU A 99 -11.79 -0.59 1.32
N LEU A 100 -10.86 -1.39 1.83
CA LEU A 100 -10.84 -2.81 1.53
C LEU A 100 -12.02 -3.55 2.19
N PRO A 101 -12.65 -4.49 1.45
CA PRO A 101 -13.83 -5.22 1.95
C PRO A 101 -13.56 -6.30 3.00
N SER A 102 -13.03 -7.43 2.56
CA SER A 102 -12.81 -8.59 3.43
C SER A 102 -11.41 -9.16 3.34
N VAL A 103 -10.42 -8.29 3.30
CA VAL A 103 -9.02 -8.72 3.29
C VAL A 103 -8.83 -9.53 4.57
N SER A 104 -8.22 -10.70 4.47
CA SER A 104 -8.04 -11.54 5.64
C SER A 104 -7.08 -10.83 6.58
N GLN A 105 -7.25 -11.06 7.87
CA GLN A 105 -6.38 -10.44 8.85
C GLN A 105 -4.99 -11.04 8.67
N GLU A 106 -4.95 -12.27 8.19
CA GLU A 106 -3.70 -12.95 7.89
C GLU A 106 -2.96 -12.28 6.72
N THR A 107 -3.69 -11.67 5.78
CA THR A 107 -3.04 -10.99 4.66
C THR A 107 -2.38 -9.72 5.20
N LEU A 108 -3.07 -9.03 6.09
CA LEU A 108 -2.55 -7.81 6.71
C LEU A 108 -1.30 -8.16 7.53
N LYS A 109 -1.36 -9.30 8.20
CA LYS A 109 -0.26 -9.81 9.01
C LYS A 109 0.95 -10.19 8.17
N HIS A 110 0.73 -10.97 7.12
CA HIS A 110 1.82 -11.42 6.25
C HIS A 110 2.48 -10.28 5.49
N SER A 111 1.69 -9.35 4.98
CA SER A 111 2.25 -8.21 4.25
C SER A 111 2.98 -7.28 5.21
N GLY A 112 2.55 -7.27 6.46
CA GLY A 112 3.16 -6.41 7.46
C GLY A 112 2.66 -4.98 7.34
N ILE A 113 1.61 -4.78 6.56
CA ILE A 113 1.05 -3.44 6.33
C ILE A 113 0.61 -2.77 7.64
N GLY A 114 0.04 -3.54 8.57
CA GLY A 114 -0.38 -2.96 9.84
C GLY A 114 0.81 -2.41 10.60
N ARG A 115 1.90 -3.17 10.60
CA ARG A 115 3.14 -2.75 11.28
C ARG A 115 3.73 -1.52 10.59
N ALA A 116 3.61 -1.46 9.27
CA ALA A 116 4.12 -0.33 8.52
C ALA A 116 3.34 0.94 8.92
N VAL A 117 2.03 0.85 9.02
CA VAL A 117 1.22 2.00 9.45
C VAL A 117 1.62 2.40 10.86
N MET A 118 1.78 1.43 11.74
CA MET A 118 2.15 1.70 13.13
C MET A 118 3.49 2.43 13.22
N TYR A 119 4.44 2.07 12.37
CA TYR A 119 5.75 2.74 12.33
C TYR A 119 5.57 4.24 12.07
N LEU A 120 4.86 4.57 11.02
CA LEU A 120 4.68 5.98 10.64
C LEU A 120 3.80 6.72 11.62
N TYR A 121 2.85 6.03 12.21
CA TYR A 121 1.95 6.64 13.19
C TYR A 121 2.73 7.15 14.40
N LYS A 122 3.80 6.45 14.78
CA LYS A 122 4.64 6.90 15.89
C LYS A 122 5.77 7.81 15.42
N HIS A 123 6.05 7.82 14.13
CA HIS A 123 7.12 8.61 13.56
C HIS A 123 6.84 10.11 13.72
N PRO A 124 7.83 10.88 14.21
CA PRO A 124 7.57 12.31 14.44
C PRO A 124 7.49 13.17 13.18
N LYS A 125 7.98 12.66 12.05
CA LYS A 125 7.92 13.41 10.78
C LYS A 125 6.57 13.26 10.08
N GLU A 126 5.74 12.33 10.51
CA GLU A 126 4.46 12.09 9.84
C GLU A 126 3.43 13.18 10.21
N SER A 127 2.71 13.68 9.23
CA SER A 127 1.73 14.75 9.44
C SER A 127 0.56 14.29 10.30
N ARG A 128 0.00 15.19 11.10
CA ARG A 128 -1.13 14.83 11.99
C ARG A 128 -2.38 14.42 11.23
N SER A 129 -2.49 14.82 9.97
CA SER A 129 -3.64 14.46 9.14
C SER A 129 -3.53 12.97 8.80
N ASN A 130 -2.36 12.56 8.34
CA ASN A 130 -2.15 11.17 8.01
C ASN A 130 -2.19 10.32 9.25
N LYS A 131 -1.73 10.85 10.37
CA LYS A 131 -1.76 10.10 11.64
C LYS A 131 -3.18 9.83 12.10
N ASP A 132 -4.11 10.72 11.80
CA ASP A 132 -5.51 10.52 12.19
C ASP A 132 -6.04 9.27 11.49
N MET A 133 -5.84 9.22 10.18
CA MET A 133 -6.30 8.08 9.39
C MET A 133 -5.49 6.83 9.74
N ALA A 134 -4.21 7.01 10.08
CA ALA A 134 -3.37 5.89 10.48
C ALA A 134 -3.92 5.29 11.77
N GLY A 135 -4.38 6.15 12.68
CA GLY A 135 -4.98 5.70 13.91
C GLY A 135 -6.21 4.86 13.64
N LYS A 136 -7.00 5.23 12.63
CA LYS A 136 -8.18 4.44 12.28
C LYS A 136 -7.74 3.04 11.86
N LEU A 137 -6.77 2.97 10.97
CA LEU A 137 -6.30 1.68 10.46
C LEU A 137 -5.83 0.75 11.58
N ILE A 138 -5.07 1.29 12.52
CA ILE A 138 -4.59 0.49 13.65
C ILE A 138 -5.75 -0.06 14.48
N ASN A 139 -6.86 0.67 14.55
CA ASN A 139 -8.02 0.23 15.32
C ASN A 139 -9.04 -0.61 14.54
N GLU A 140 -9.08 -0.47 13.21
CA GLU A 140 -10.06 -1.19 12.39
C GLU A 140 -9.49 -2.46 11.75
N TRP A 141 -8.17 -2.54 11.66
CA TRP A 141 -7.49 -3.76 11.24
C TRP A 141 -7.14 -4.48 12.54
N SER A 142 -7.12 -5.82 12.53
CA SER A 142 -6.72 -6.62 13.69
C SER A 142 -7.46 -6.22 14.98
N ARG A 143 -8.77 -6.05 14.87
CA ARG A 143 -9.59 -5.61 16.01
C ARG A 143 -9.55 -6.48 17.29
N PRO A 144 -9.50 -7.84 17.16
CA PRO A 144 -9.44 -8.51 18.47
C PRO A 144 -8.08 -8.32 19.16
N ILE A 145 -8.10 -8.33 20.49
CA ILE A 145 -6.91 -8.11 21.32
C ILE A 145 -6.32 -6.74 20.98
N PHE A 146 -7.20 -5.75 20.98
CA PHE A 146 -6.80 -4.38 20.68
C PHE A 146 -5.93 -3.82 21.79
N GLY A 147 -5.07 -2.87 21.44
CA GLY A 147 -4.18 -2.23 22.40
C GLY A 147 -4.49 -0.77 22.59
N LEU A 148 -5.67 -0.36 22.12
CA LEU A 148 -6.12 1.03 22.21
C LEU A 148 -7.60 0.99 22.54
N GLY A 149 -8.10 2.03 23.20
CA GLY A 149 -9.51 2.09 23.55
C GLY A 149 -9.71 1.84 25.03
N SER A 150 -10.96 1.68 25.44
CA SER A 150 -11.34 1.42 26.82
C SER A 150 -12.73 0.83 26.73
N SER A 1 -3.58 -15.95 -5.74
CA SER A 1 -3.67 -17.39 -5.38
C SER A 1 -3.82 -18.24 -6.63
N ASN A 2 -3.80 -19.55 -6.49
CA ASN A 2 -4.01 -20.43 -7.64
C ASN A 2 -5.52 -20.56 -7.80
N ALA A 3 -5.99 -20.65 -9.03
CA ALA A 3 -7.41 -20.78 -9.30
C ALA A 3 -7.56 -21.69 -10.52
N ALA A 4 -8.77 -22.17 -10.76
CA ALA A 4 -9.03 -23.05 -11.90
C ALA A 4 -8.93 -22.30 -13.23
N SER A 5 -9.19 -20.99 -13.17
CA SER A 5 -9.22 -20.11 -14.34
C SER A 5 -10.30 -20.55 -15.34
N GLY A 6 -10.34 -19.90 -16.49
CA GLY A 6 -11.34 -20.21 -17.51
C GLY A 6 -11.72 -18.92 -18.21
N THR A 7 -12.87 -18.91 -18.87
CA THR A 7 -13.35 -17.71 -19.57
C THR A 7 -14.01 -16.76 -18.59
N PHE A 8 -13.21 -16.25 -17.66
CA PHE A 8 -13.67 -15.32 -16.64
C PHE A 8 -12.97 -13.99 -16.88
N ILE A 9 -13.18 -13.02 -16.00
CA ILE A 9 -12.55 -11.71 -16.13
C ILE A 9 -11.03 -11.90 -16.02
N SER A 10 -10.34 -11.76 -17.14
CA SER A 10 -8.89 -11.96 -17.19
C SER A 10 -8.13 -10.69 -17.53
N ASP A 11 -8.72 -9.85 -18.38
CA ASP A 11 -8.07 -8.61 -18.80
C ASP A 11 -7.77 -7.71 -17.60
N ALA A 12 -8.72 -7.63 -16.68
CA ALA A 12 -8.55 -6.78 -15.51
C ALA A 12 -7.58 -7.43 -14.52
N ASP A 13 -7.55 -8.75 -14.49
CA ASP A 13 -6.70 -9.48 -13.54
C ASP A 13 -5.23 -9.22 -13.86
N ASP A 14 -4.90 -9.24 -15.15
CA ASP A 14 -3.54 -8.94 -15.59
C ASP A 14 -3.16 -7.52 -15.20
N VAL A 15 -4.06 -6.58 -15.41
CA VAL A 15 -3.78 -5.18 -15.09
C VAL A 15 -3.58 -4.99 -13.58
N VAL A 16 -4.36 -5.67 -12.77
CA VAL A 16 -4.20 -5.59 -11.31
C VAL A 16 -2.86 -6.18 -10.93
N SER A 17 -2.52 -7.33 -11.48
CA SER A 17 -1.25 -7.98 -11.15
C SER A 17 -0.09 -7.10 -11.60
N ALA A 18 -0.19 -6.53 -12.79
CA ALA A 18 0.83 -5.62 -13.33
C ALA A 18 0.95 -4.38 -12.45
N MET A 19 -0.16 -3.91 -11.90
CA MET A 19 -0.12 -2.75 -11.00
C MET A 19 0.70 -3.07 -9.75
N ILE A 20 0.46 -4.24 -9.16
CA ILE A 20 1.24 -4.68 -8.00
C ILE A 20 2.72 -4.69 -8.36
N VAL A 21 3.04 -5.21 -9.53
CA VAL A 21 4.43 -5.29 -9.97
C VAL A 21 4.99 -3.88 -10.15
N LYS A 22 4.28 -2.99 -10.83
CA LYS A 22 4.79 -1.63 -11.03
C LYS A 22 4.98 -0.87 -9.74
N MET A 23 4.10 -1.10 -8.77
CA MET A 23 4.29 -0.51 -7.46
C MET A 23 5.59 -1.04 -6.83
N ASN A 24 5.84 -2.35 -6.94
CA ASN A 24 7.08 -2.92 -6.42
C ASN A 24 8.31 -2.34 -7.11
N GLU A 25 8.25 -2.23 -8.42
CA GLU A 25 9.38 -1.68 -9.17
C GLU A 25 9.68 -0.25 -8.75
N ALA A 26 8.65 0.55 -8.54
CA ALA A 26 8.83 1.94 -8.13
C ALA A 26 9.51 2.01 -6.76
N ALA A 27 9.22 1.06 -5.90
CA ALA A 27 9.81 1.04 -4.57
C ALA A 27 11.31 0.71 -4.67
N GLU A 28 11.65 -0.28 -5.47
CA GLU A 28 13.05 -0.66 -5.66
C GLU A 28 13.83 0.44 -6.35
N GLU A 29 13.19 1.09 -7.32
CA GLU A 29 13.84 2.18 -8.04
C GLU A 29 14.21 3.33 -7.12
N ASP A 30 13.35 3.64 -6.17
CA ASP A 30 13.65 4.70 -5.23
C ASP A 30 14.89 4.34 -4.39
N ARG A 31 15.08 3.06 -4.12
CA ARG A 31 16.27 2.63 -3.38
C ARG A 31 17.51 2.78 -4.26
N GLN A 32 17.36 2.55 -5.56
CA GLN A 32 18.49 2.64 -6.48
C GLN A 32 18.91 4.09 -6.58
N LEU A 33 17.93 4.98 -6.69
CA LEU A 33 18.20 6.40 -6.80
C LEU A 33 18.87 6.91 -5.55
N ASN A 34 18.36 6.52 -4.39
CA ASN A 34 18.97 6.86 -3.13
C ASN A 34 20.40 6.32 -2.97
N ASN A 35 20.69 5.18 -3.59
CA ASN A 35 22.01 4.57 -3.52
C ASN A 35 23.00 5.49 -4.18
N GLN A 36 22.53 6.16 -5.22
CA GLN A 36 23.35 7.09 -5.98
C GLN A 36 23.22 8.53 -5.47
N LYS A 37 22.53 8.69 -4.35
CA LYS A 37 22.28 10.01 -3.72
C LYS A 37 21.57 10.96 -4.70
N LYS A 38 20.66 10.40 -5.48
CA LYS A 38 19.84 11.18 -6.41
C LYS A 38 18.44 11.22 -5.82
N PRO A 39 17.65 12.26 -6.13
CA PRO A 39 16.28 12.28 -5.60
C PRO A 39 15.50 11.04 -6.02
N ALA A 40 14.74 10.49 -5.08
CA ALA A 40 13.96 9.27 -5.35
C ALA A 40 12.47 9.58 -5.19
N LEU A 41 11.77 9.56 -6.31
CA LEU A 41 10.36 9.94 -6.36
C LEU A 41 9.53 9.07 -7.32
N LYS A 42 9.92 7.82 -7.54
CA LYS A 42 9.18 6.96 -8.46
C LYS A 42 7.79 6.68 -7.92
N LYS A 43 7.68 6.51 -6.61
CA LYS A 43 6.36 6.31 -6.00
C LYS A 43 5.47 7.54 -6.19
N LEU A 44 6.10 8.71 -6.26
CA LEU A 44 5.36 9.98 -6.38
C LEU A 44 4.81 10.18 -7.79
N THR A 45 5.62 9.88 -8.80
CA THR A 45 5.20 10.08 -10.20
C THR A 45 4.14 9.05 -10.59
N LEU A 46 4.02 8.01 -9.79
CA LEU A 46 3.05 6.95 -10.00
C LEU A 46 1.82 7.15 -9.15
N LEU A 47 1.88 8.10 -8.23
CA LEU A 47 0.79 8.31 -7.26
C LEU A 47 -0.60 8.42 -7.93
N PRO A 48 -0.78 9.34 -8.91
CA PRO A 48 -2.16 9.38 -9.43
C PRO A 48 -2.50 8.18 -10.31
N ALA A 49 -1.48 7.59 -10.91
CA ALA A 49 -1.65 6.48 -11.82
C ALA A 49 -2.13 5.25 -11.05
N VAL A 50 -1.54 5.00 -9.88
CA VAL A 50 -1.96 3.85 -9.10
C VAL A 50 -3.32 4.11 -8.48
N VAL A 51 -3.56 5.31 -7.97
CA VAL A 51 -4.84 5.63 -7.31
C VAL A 51 -6.01 5.35 -8.26
N MET A 52 -5.86 5.73 -9.51
CA MET A 52 -6.91 5.50 -10.51
C MET A 52 -7.30 4.01 -10.57
N HIS A 53 -6.31 3.13 -10.44
CA HIS A 53 -6.55 1.70 -10.43
C HIS A 53 -6.95 1.18 -9.04
N LEU A 54 -6.34 1.73 -7.98
CA LEU A 54 -6.55 1.24 -6.62
C LEU A 54 -7.98 1.51 -6.16
N LYS A 55 -8.64 2.46 -6.80
CA LYS A 55 -10.04 2.79 -6.48
C LYS A 55 -11.07 1.92 -7.18
N LYS A 56 -10.64 0.94 -7.96
CA LYS A 56 -11.58 0.02 -8.62
C LYS A 56 -12.10 -0.98 -7.59
N GLN A 57 -13.15 -0.61 -6.88
CA GLN A 57 -13.73 -1.45 -5.83
C GLN A 57 -14.27 -2.76 -6.39
N ASP A 58 -14.59 -2.78 -7.66
CA ASP A 58 -15.08 -4.01 -8.31
C ASP A 58 -13.97 -5.07 -8.33
N LEU A 59 -12.72 -4.61 -8.24
CA LEU A 59 -11.55 -5.48 -8.31
C LEU A 59 -10.82 -5.56 -6.98
N LYS A 60 -11.48 -5.12 -5.90
CA LYS A 60 -10.82 -5.13 -4.58
C LYS A 60 -10.44 -6.55 -4.18
N GLU A 61 -11.21 -7.53 -4.63
CA GLU A 61 -10.90 -8.93 -4.35
C GLU A 61 -9.59 -9.32 -5.04
N THR A 62 -9.45 -8.92 -6.30
CA THR A 62 -8.25 -9.22 -7.08
C THR A 62 -7.04 -8.54 -6.47
N PHE A 63 -7.22 -7.29 -6.05
CA PHE A 63 -6.12 -6.55 -5.44
C PHE A 63 -5.61 -7.20 -4.16
N ILE A 64 -6.51 -7.74 -3.36
CA ILE A 64 -6.12 -8.39 -2.11
C ILE A 64 -5.36 -9.67 -2.42
N ASP A 65 -5.88 -10.46 -3.35
CA ASP A 65 -5.27 -11.74 -3.71
C ASP A 65 -3.91 -11.58 -4.42
N SER A 66 -3.78 -10.51 -5.19
CA SER A 66 -2.53 -10.20 -5.90
C SER A 66 -1.48 -9.65 -4.95
N GLY A 67 -1.88 -9.36 -3.72
CA GLY A 67 -0.94 -8.87 -2.72
C GLY A 67 -0.67 -7.39 -2.75
N VAL A 68 -1.65 -6.57 -3.10
CA VAL A 68 -1.48 -5.12 -3.12
C VAL A 68 -1.03 -4.61 -1.76
N MET A 69 -1.43 -5.31 -0.70
CA MET A 69 -1.08 -4.93 0.66
C MET A 69 0.43 -4.93 0.85
N SER A 70 1.13 -5.81 0.14
CA SER A 70 2.57 -5.91 0.24
C SER A 70 3.22 -4.79 -0.56
N ALA A 71 2.62 -4.47 -1.69
CA ALA A 71 3.15 -3.43 -2.55
C ALA A 71 2.97 -2.06 -1.89
N ILE A 72 1.82 -1.85 -1.23
CA ILE A 72 1.58 -0.60 -0.51
C ILE A 72 2.55 -0.54 0.68
N LYS A 73 2.79 -1.67 1.34
CA LYS A 73 3.73 -1.71 2.47
C LYS A 73 5.10 -1.17 2.07
N GLU A 74 5.60 -1.55 0.91
CA GLU A 74 6.91 -1.05 0.46
C GLU A 74 6.87 0.44 0.19
N TRP A 75 5.72 0.96 -0.20
CA TRP A 75 5.61 2.38 -0.49
C TRP A 75 5.62 3.18 0.79
N LEU A 76 5.09 2.61 1.86
CA LEU A 76 5.05 3.30 3.16
C LEU A 76 6.45 3.39 3.75
N SER A 77 7.31 2.46 3.39
CA SER A 77 8.68 2.41 3.90
C SER A 77 9.58 3.47 3.25
N PRO A 78 10.26 4.29 4.08
CA PRO A 78 11.19 5.28 3.50
C PRO A 78 12.57 4.71 3.18
N LEU A 79 13.35 5.50 2.48
CA LEU A 79 14.72 5.14 2.13
C LEU A 79 15.64 5.31 3.35
N PRO A 80 16.85 4.71 3.33
CA PRO A 80 17.77 4.87 4.48
C PRO A 80 18.34 6.29 4.67
N ASP A 81 17.87 7.22 3.83
CA ASP A 81 18.24 8.64 3.91
C ASP A 81 17.54 9.33 5.10
N ARG A 82 16.84 8.53 5.90
CA ARG A 82 16.13 8.99 7.12
C ARG A 82 15.14 10.12 6.82
N SER A 83 14.66 10.15 5.59
CA SER A 83 13.72 11.16 5.15
C SER A 83 12.49 10.42 4.67
N LEU A 84 11.32 11.07 4.75
CA LEU A 84 10.06 10.45 4.36
C LEU A 84 9.47 11.11 3.09
N PRO A 85 10.06 10.87 1.91
CA PRO A 85 9.46 11.53 0.74
C PRO A 85 8.10 10.93 0.36
N ALA A 86 7.85 9.74 0.88
CA ALA A 86 6.62 9.01 0.61
C ALA A 86 5.43 9.63 1.35
N LEU A 87 5.68 10.68 2.11
CA LEU A 87 4.64 11.32 2.91
C LEU A 87 3.47 11.75 2.06
N LYS A 88 3.75 12.40 0.94
CA LYS A 88 2.71 12.87 0.03
C LYS A 88 1.86 11.77 -0.57
N ILE A 89 2.44 10.60 -0.72
CA ILE A 89 1.74 9.48 -1.32
C ILE A 89 0.82 8.83 -0.28
N ARG A 90 1.26 8.80 0.97
CA ARG A 90 0.47 8.23 2.06
C ARG A 90 -0.85 8.94 2.21
N GLU A 91 -0.88 10.22 1.87
CA GLU A 91 -2.09 11.02 2.00
C GLU A 91 -3.24 10.34 1.27
N GLU A 92 -2.98 9.77 0.10
CA GLU A 92 -3.98 9.01 -0.65
C GLU A 92 -4.06 7.53 -0.25
N LEU A 93 -2.90 6.88 -0.11
CA LEU A 93 -2.86 5.44 0.20
C LEU A 93 -3.61 5.04 1.46
N LEU A 94 -3.59 5.88 2.48
CA LEU A 94 -4.27 5.53 3.74
C LEU A 94 -5.73 5.37 3.49
N LYS A 95 -6.25 6.21 2.62
CA LYS A 95 -7.68 6.19 2.29
C LYS A 95 -8.06 4.88 1.65
N ILE A 96 -7.27 4.48 0.66
CA ILE A 96 -7.52 3.27 -0.09
C ILE A 96 -7.56 2.04 0.81
N LEU A 97 -6.69 2.01 1.81
CA LEU A 97 -6.64 0.90 2.75
C LEU A 97 -7.93 0.74 3.57
N GLN A 98 -8.69 1.82 3.74
CA GLN A 98 -9.95 1.78 4.51
C GLN A 98 -11.12 1.38 3.60
N GLU A 99 -10.87 1.35 2.29
CA GLU A 99 -11.92 0.98 1.32
C GLU A 99 -11.94 -0.53 1.08
N LEU A 100 -11.03 -1.25 1.73
CA LEU A 100 -11.00 -2.69 1.61
C LEU A 100 -12.21 -3.28 2.35
N PRO A 101 -12.76 -4.39 1.86
CA PRO A 101 -13.97 -4.98 2.47
C PRO A 101 -13.73 -5.69 3.80
N SER A 102 -13.05 -6.82 3.73
CA SER A 102 -12.74 -7.63 4.90
C SER A 102 -11.46 -8.41 4.66
N VAL A 103 -10.39 -7.67 4.40
CA VAL A 103 -9.07 -8.28 4.18
C VAL A 103 -8.72 -9.10 5.42
N SER A 104 -8.26 -10.33 5.21
CA SER A 104 -7.95 -11.21 6.32
C SER A 104 -6.80 -10.63 7.13
N GLN A 105 -6.83 -10.89 8.43
CA GLN A 105 -5.78 -10.40 9.33
C GLN A 105 -4.47 -11.04 8.93
N GLU A 106 -4.53 -12.27 8.45
CA GLU A 106 -3.34 -12.96 8.00
C GLU A 106 -2.71 -12.25 6.80
N THR A 107 -3.52 -11.66 5.93
CA THR A 107 -2.98 -10.96 4.77
C THR A 107 -2.25 -9.71 5.26
N LEU A 108 -2.84 -9.01 6.20
CA LEU A 108 -2.25 -7.80 6.76
C LEU A 108 -0.93 -8.13 7.49
N LYS A 109 -0.95 -9.27 8.16
CA LYS A 109 0.20 -9.80 8.91
C LYS A 109 1.33 -10.27 8.00
N HIS A 110 0.98 -10.98 6.94
CA HIS A 110 1.98 -11.50 5.98
C HIS A 110 2.62 -10.37 5.21
N SER A 111 1.82 -9.45 4.69
CA SER A 111 2.34 -8.31 3.93
C SER A 111 3.11 -7.36 4.83
N GLY A 112 2.72 -7.32 6.09
CA GLY A 112 3.38 -6.44 7.04
C GLY A 112 2.84 -5.03 6.96
N ILE A 113 1.76 -4.84 6.22
CA ILE A 113 1.16 -3.52 6.07
C ILE A 113 0.72 -2.98 7.44
N GLY A 114 0.25 -3.86 8.33
CA GLY A 114 -0.13 -3.44 9.66
C GLY A 114 1.04 -2.83 10.40
N ARG A 115 2.21 -3.47 10.25
CA ARG A 115 3.44 -3.00 10.90
C ARG A 115 3.82 -1.65 10.33
N ALA A 116 3.62 -1.47 9.03
CA ALA A 116 3.96 -0.23 8.36
C ALA A 116 3.04 0.95 8.76
N VAL A 117 1.74 0.70 8.89
CA VAL A 117 0.82 1.76 9.34
C VAL A 117 1.21 2.14 10.77
N MET A 118 1.47 1.14 11.60
CA MET A 118 1.85 1.40 12.98
C MET A 118 3.16 2.20 13.09
N TYR A 119 4.13 1.89 12.23
CA TYR A 119 5.41 2.61 12.24
C TYR A 119 5.17 4.09 12.06
N LEU A 120 4.36 4.45 11.09
CA LEU A 120 4.11 5.85 10.77
C LEU A 120 3.21 6.50 11.80
N TYR A 121 2.29 5.75 12.38
CA TYR A 121 1.41 6.27 13.40
C TYR A 121 2.22 6.70 14.62
N LYS A 122 3.30 5.97 14.92
CA LYS A 122 4.18 6.31 16.03
C LYS A 122 5.26 7.33 15.62
N HIS A 123 5.50 7.46 14.33
CA HIS A 123 6.56 8.36 13.85
C HIS A 123 6.20 9.82 14.11
N PRO A 124 7.01 10.54 14.91
CA PRO A 124 6.56 11.90 15.26
C PRO A 124 6.52 12.89 14.11
N LYS A 125 7.37 12.71 13.11
CA LYS A 125 7.43 13.57 11.95
C LYS A 125 6.26 13.37 10.97
N GLU A 126 5.47 12.33 11.17
CA GLU A 126 4.34 12.06 10.27
C GLU A 126 3.28 13.14 10.45
N SER A 127 2.65 13.58 9.36
CA SER A 127 1.65 14.64 9.43
C SER A 127 0.46 14.19 10.28
N ARG A 128 -0.17 15.12 10.97
CA ARG A 128 -1.29 14.78 11.86
C ARG A 128 -2.45 14.20 11.07
N SER A 129 -2.71 14.71 9.88
CA SER A 129 -3.79 14.19 9.05
C SER A 129 -3.57 12.72 8.71
N ASN A 130 -2.33 12.37 8.40
CA ASN A 130 -2.02 10.98 8.06
C ASN A 130 -2.18 10.11 9.29
N LYS A 131 -1.76 10.61 10.45
CA LYS A 131 -1.89 9.86 11.70
C LYS A 131 -3.35 9.62 12.04
N ASP A 132 -4.21 10.57 11.76
CA ASP A 132 -5.62 10.44 12.08
C ASP A 132 -6.24 9.26 11.34
N MET A 133 -5.93 9.13 10.07
CA MET A 133 -6.46 8.02 9.29
C MET A 133 -5.74 6.74 9.68
N ALA A 134 -4.45 6.83 9.97
CA ALA A 134 -3.68 5.66 10.39
C ALA A 134 -4.24 5.08 11.69
N GLY A 135 -4.64 5.93 12.62
CA GLY A 135 -5.22 5.46 13.87
C GLY A 135 -6.52 4.72 13.64
N LYS A 136 -7.33 5.21 12.71
CA LYS A 136 -8.61 4.57 12.39
C LYS A 136 -8.33 3.23 11.73
N LEU A 137 -7.32 3.24 10.87
CA LEU A 137 -6.95 2.05 10.11
C LEU A 137 -6.47 0.92 11.01
N ILE A 138 -5.71 1.25 12.05
CA ILE A 138 -5.29 0.25 13.04
C ILE A 138 -6.53 -0.23 13.82
N ASN A 139 -7.45 0.68 14.11
CA ASN A 139 -8.65 0.35 14.87
C ASN A 139 -9.57 -0.63 14.13
N GLU A 140 -9.78 -0.41 12.84
CA GLU A 140 -10.65 -1.27 12.05
C GLU A 140 -9.98 -2.60 11.68
N TRP A 141 -8.66 -2.60 11.51
CA TRP A 141 -7.94 -3.83 11.18
C TRP A 141 -7.75 -4.70 12.42
N SER A 142 -6.91 -4.24 13.33
CA SER A 142 -6.58 -5.01 14.53
C SER A 142 -6.04 -4.11 15.63
N ARG A 143 -6.86 -3.85 16.64
CA ARG A 143 -6.43 -3.04 17.78
C ARG A 143 -5.32 -3.79 18.50
N PRO A 144 -4.30 -3.07 19.00
CA PRO A 144 -3.23 -3.83 19.67
C PRO A 144 -3.70 -4.40 21.00
N ILE A 145 -3.07 -5.47 21.44
CA ILE A 145 -3.42 -6.08 22.71
C ILE A 145 -3.17 -5.04 23.81
N PHE A 146 -4.05 -5.04 24.81
CA PHE A 146 -4.07 -4.07 25.91
C PHE A 146 -4.31 -2.61 25.47
N GLY A 147 -4.48 -2.39 24.17
CA GLY A 147 -4.72 -1.07 23.64
C GLY A 147 -6.06 -0.99 22.92
N LEU A 148 -7.02 -1.76 23.39
CA LEU A 148 -8.36 -1.80 22.81
C LEU A 148 -9.16 -0.56 23.21
N GLY A 149 -8.68 0.15 24.23
CA GLY A 149 -9.36 1.33 24.74
C GLY A 149 -8.36 2.45 24.98
N SER A 150 -7.55 2.73 23.97
CA SER A 150 -6.55 3.80 24.04
C SER A 150 -7.05 5.04 23.32
N SER A 1 5.96 -18.30 -19.62
CA SER A 1 4.70 -18.68 -18.92
C SER A 1 3.72 -19.25 -19.91
N ASN A 2 2.59 -19.74 -19.44
CA ASN A 2 1.55 -20.25 -20.35
C ASN A 2 0.82 -19.02 -20.86
N ALA A 3 0.24 -19.11 -22.05
CA ALA A 3 -0.52 -18.01 -22.61
C ALA A 3 -1.89 -18.00 -21.90
N ALA A 4 -2.41 -16.81 -21.64
CA ALA A 4 -3.72 -16.67 -21.03
C ALA A 4 -4.76 -16.53 -22.14
N SER A 5 -5.95 -17.04 -21.91
CA SER A 5 -7.04 -16.90 -22.87
C SER A 5 -7.81 -15.64 -22.53
N GLY A 6 -7.95 -14.73 -23.49
CA GLY A 6 -8.69 -13.49 -23.27
C GLY A 6 -10.20 -13.73 -23.23
N THR A 7 -10.69 -14.14 -22.07
CA THR A 7 -12.10 -14.42 -21.86
C THR A 7 -12.32 -14.35 -20.35
N PHE A 8 -13.58 -14.20 -19.95
CA PHE A 8 -13.95 -14.07 -18.54
C PHE A 8 -13.10 -12.98 -17.86
N ILE A 9 -12.54 -13.27 -16.69
CA ILE A 9 -11.69 -12.33 -15.99
C ILE A 9 -10.24 -12.71 -16.25
N SER A 10 -9.66 -12.11 -17.28
CA SER A 10 -8.25 -12.34 -17.61
C SER A 10 -7.54 -11.01 -17.81
N ASP A 11 -8.07 -10.19 -18.70
CA ASP A 11 -7.51 -8.88 -19.00
C ASP A 11 -7.41 -8.02 -17.74
N ALA A 12 -8.46 -8.08 -16.91
CA ALA A 12 -8.50 -7.28 -15.68
C ALA A 12 -7.47 -7.80 -14.67
N ASP A 13 -7.26 -9.11 -14.65
CA ASP A 13 -6.34 -9.71 -13.70
C ASP A 13 -4.91 -9.31 -14.04
N ASP A 14 -4.61 -9.27 -15.33
CA ASP A 14 -3.29 -8.86 -15.79
C ASP A 14 -3.02 -7.42 -15.37
N VAL A 15 -4.02 -6.56 -15.51
CA VAL A 15 -3.87 -5.15 -15.12
C VAL A 15 -3.61 -5.03 -13.62
N VAL A 16 -4.32 -5.79 -12.80
CA VAL A 16 -4.11 -5.75 -11.36
C VAL A 16 -2.71 -6.27 -11.04
N SER A 17 -2.33 -7.39 -11.66
CA SER A 17 -1.01 -7.97 -11.42
C SER A 17 0.09 -7.01 -11.87
N ALA A 18 -0.12 -6.37 -13.01
CA ALA A 18 0.83 -5.39 -13.53
C ALA A 18 0.93 -4.23 -12.56
N MET A 19 -0.19 -3.83 -11.97
CA MET A 19 -0.16 -2.73 -11.02
C MET A 19 0.67 -3.09 -9.79
N ILE A 20 0.45 -4.26 -9.20
CA ILE A 20 1.22 -4.69 -8.03
C ILE A 20 2.71 -4.76 -8.38
N VAL A 21 3.06 -5.39 -9.50
CA VAL A 21 4.47 -5.52 -9.81
C VAL A 21 5.09 -4.15 -10.08
N LYS A 22 4.42 -3.25 -10.79
CA LYS A 22 5.02 -1.94 -11.06
C LYS A 22 5.15 -1.10 -9.80
N MET A 23 4.22 -1.24 -8.88
CA MET A 23 4.35 -0.58 -7.58
C MET A 23 5.63 -1.06 -6.88
N ASN A 24 5.95 -2.34 -7.01
CA ASN A 24 7.17 -2.89 -6.42
C ASN A 24 8.42 -2.28 -7.04
N GLU A 25 8.46 -2.21 -8.37
CA GLU A 25 9.63 -1.67 -9.06
C GLU A 25 9.84 -0.22 -8.68
N ALA A 26 8.74 0.53 -8.57
CA ALA A 26 8.82 1.93 -8.18
C ALA A 26 9.38 2.08 -6.77
N ALA A 27 9.07 1.13 -5.91
CA ALA A 27 9.49 1.19 -4.53
C ALA A 27 10.99 0.95 -4.42
N GLU A 28 11.48 -0.07 -5.11
CA GLU A 28 12.89 -0.42 -5.05
C GLU A 28 13.76 0.57 -5.83
N GLU A 29 13.24 1.13 -6.92
CA GLU A 29 14.00 2.09 -7.69
C GLU A 29 14.31 3.33 -6.87
N ASP A 30 13.35 3.77 -6.07
CA ASP A 30 13.58 4.92 -5.22
C ASP A 30 14.72 4.65 -4.25
N ARG A 31 14.91 3.40 -3.84
CA ARG A 31 16.03 3.04 -2.97
C ARG A 31 17.35 3.11 -3.73
N GLN A 32 17.34 2.77 -5.01
CA GLN A 32 18.56 2.78 -5.82
C GLN A 32 18.94 4.22 -6.10
N LEU A 33 17.94 5.02 -6.39
CA LEU A 33 18.16 6.44 -6.65
C LEU A 33 18.75 7.07 -5.41
N ASN A 34 18.19 6.75 -4.25
CA ASN A 34 18.73 7.21 -2.99
C ASN A 34 20.16 6.69 -2.73
N ASN A 35 20.46 5.50 -3.23
CA ASN A 35 21.78 4.87 -3.07
C ASN A 35 22.81 5.66 -3.86
N GLN A 36 22.35 6.25 -4.95
CA GLN A 36 23.20 7.07 -5.82
C GLN A 36 23.06 8.56 -5.50
N LYS A 37 22.35 8.87 -4.42
CA LYS A 37 22.11 10.27 -3.97
C LYS A 37 21.45 11.12 -5.06
N LYS A 38 20.52 10.51 -5.77
CA LYS A 38 19.73 11.19 -6.80
C LYS A 38 18.32 11.34 -6.25
N PRO A 39 17.56 12.34 -6.72
CA PRO A 39 16.17 12.43 -6.25
C PRO A 39 15.41 11.16 -6.62
N ALA A 40 14.56 10.71 -5.71
CA ALA A 40 13.80 9.49 -5.91
C ALA A 40 12.31 9.81 -5.84
N LEU A 41 11.62 9.61 -6.96
CA LEU A 41 10.22 10.00 -7.11
C LEU A 41 9.38 8.97 -7.87
N LYS A 42 9.81 7.73 -7.97
CA LYS A 42 9.06 6.74 -8.75
C LYS A 42 7.71 6.47 -8.11
N LYS A 43 7.66 6.35 -6.78
CA LYS A 43 6.36 6.16 -6.10
C LYS A 43 5.48 7.40 -6.30
N LEU A 44 6.10 8.56 -6.31
CA LEU A 44 5.39 9.84 -6.41
C LEU A 44 4.75 10.03 -7.77
N THR A 45 5.49 9.71 -8.82
CA THR A 45 4.98 9.90 -10.18
C THR A 45 3.94 8.83 -10.51
N LEU A 46 3.97 7.72 -9.78
CA LEU A 46 3.01 6.65 -9.96
C LEU A 46 1.75 6.90 -9.17
N LEU A 47 1.81 7.81 -8.21
CA LEU A 47 0.68 8.09 -7.33
C LEU A 47 -0.65 8.28 -8.09
N PRO A 48 -0.72 9.22 -9.06
CA PRO A 48 -2.06 9.34 -9.67
C PRO A 48 -2.41 8.18 -10.58
N ALA A 49 -1.38 7.51 -11.08
CA ALA A 49 -1.55 6.39 -11.97
C ALA A 49 -2.11 5.18 -11.20
N VAL A 50 -1.57 4.92 -10.02
CA VAL A 50 -2.06 3.80 -9.22
C VAL A 50 -3.43 4.13 -8.67
N VAL A 51 -3.66 5.36 -8.21
CA VAL A 51 -4.97 5.74 -7.64
C VAL A 51 -6.11 5.37 -8.57
N MET A 52 -5.95 5.65 -9.85
CA MET A 52 -6.98 5.31 -10.83
C MET A 52 -7.31 3.81 -10.82
N HIS A 53 -6.28 2.99 -10.68
CA HIS A 53 -6.45 1.54 -10.62
C HIS A 53 -6.87 1.06 -9.22
N LEU A 54 -6.34 1.70 -8.18
CA LEU A 54 -6.61 1.31 -6.80
C LEU A 54 -8.09 1.56 -6.48
N LYS A 55 -8.73 2.43 -7.26
CA LYS A 55 -10.16 2.74 -7.13
C LYS A 55 -11.08 1.70 -7.77
N LYS A 56 -10.54 0.68 -8.40
CA LYS A 56 -11.36 -0.37 -9.04
C LYS A 56 -11.90 -1.33 -7.99
N GLN A 57 -12.94 -0.90 -7.29
CA GLN A 57 -13.59 -1.73 -6.28
C GLN A 57 -14.18 -2.99 -6.89
N ASP A 58 -14.40 -2.97 -8.19
CA ASP A 58 -14.93 -4.13 -8.90
C ASP A 58 -13.95 -5.30 -8.82
N LEU A 59 -12.68 -4.97 -8.60
CA LEU A 59 -11.58 -5.93 -8.58
C LEU A 59 -10.94 -5.99 -7.19
N LYS A 60 -11.69 -5.56 -6.19
CA LYS A 60 -11.20 -5.52 -4.80
C LYS A 60 -10.60 -6.87 -4.34
N GLU A 61 -11.23 -7.98 -4.69
CA GLU A 61 -10.72 -9.29 -4.28
C GLU A 61 -9.41 -9.63 -4.98
N THR A 62 -9.28 -9.26 -6.25
CA THR A 62 -8.07 -9.52 -7.01
C THR A 62 -6.93 -8.71 -6.41
N PHE A 63 -7.18 -7.45 -6.09
CA PHE A 63 -6.15 -6.60 -5.50
C PHE A 63 -5.67 -7.17 -4.17
N ILE A 64 -6.58 -7.70 -3.39
CA ILE A 64 -6.25 -8.29 -2.10
C ILE A 64 -5.38 -9.54 -2.30
N ASP A 65 -5.77 -10.41 -3.23
CA ASP A 65 -5.06 -11.66 -3.45
C ASP A 65 -3.70 -11.47 -4.14
N SER A 66 -3.64 -10.56 -5.10
CA SER A 66 -2.39 -10.24 -5.81
C SER A 66 -1.38 -9.59 -4.87
N GLY A 67 -1.83 -9.21 -3.69
CA GLY A 67 -0.92 -8.68 -2.70
C GLY A 67 -0.67 -7.19 -2.78
N VAL A 68 -1.67 -6.40 -3.15
CA VAL A 68 -1.51 -4.95 -3.19
C VAL A 68 -1.08 -4.43 -1.82
N MET A 69 -1.54 -5.09 -0.77
CA MET A 69 -1.19 -4.72 0.59
C MET A 69 0.32 -4.78 0.82
N SER A 70 1.00 -5.67 0.10
CA SER A 70 2.45 -5.82 0.22
C SER A 70 3.13 -4.70 -0.54
N ALA A 71 2.57 -4.35 -1.70
CA ALA A 71 3.15 -3.31 -2.51
C ALA A 71 2.97 -1.94 -1.83
N ILE A 72 1.79 -1.68 -1.26
CA ILE A 72 1.56 -0.46 -0.50
C ILE A 72 2.50 -0.44 0.72
N LYS A 73 2.68 -1.59 1.36
CA LYS A 73 3.60 -1.68 2.51
C LYS A 73 5.01 -1.23 2.12
N GLU A 74 5.46 -1.58 0.93
CA GLU A 74 6.78 -1.14 0.46
C GLU A 74 6.79 0.36 0.22
N TRP A 75 5.65 0.94 -0.14
CA TRP A 75 5.59 2.36 -0.37
C TRP A 75 5.67 3.10 0.97
N LEU A 76 5.14 2.48 2.01
CA LEU A 76 5.14 3.07 3.36
C LEU A 76 6.55 3.09 3.94
N SER A 77 7.37 2.17 3.48
CA SER A 77 8.75 2.08 3.94
C SER A 77 9.60 3.20 3.31
N PRO A 78 10.20 4.06 4.13
CA PRO A 78 11.01 5.15 3.57
C PRO A 78 12.41 4.72 3.14
N LEU A 79 13.16 5.68 2.64
CA LEU A 79 14.50 5.47 2.11
C LEU A 79 15.54 5.66 3.23
N PRO A 80 16.80 5.18 3.04
CA PRO A 80 17.81 5.36 4.10
C PRO A 80 18.25 6.82 4.32
N ASP A 81 17.61 7.75 3.61
CA ASP A 81 17.82 9.19 3.78
C ASP A 81 17.11 9.65 5.06
N ARG A 82 16.33 8.75 5.65
CA ARG A 82 15.62 8.93 6.93
C ARG A 82 14.46 9.92 6.86
N SER A 83 14.24 10.51 5.68
CA SER A 83 13.12 11.36 5.45
C SER A 83 12.00 10.44 5.00
N LEU A 84 10.79 10.94 5.05
CA LEU A 84 9.61 10.20 4.61
C LEU A 84 9.04 10.83 3.33
N PRO A 85 9.64 10.56 2.14
CA PRO A 85 9.03 11.17 0.95
C PRO A 85 7.67 10.56 0.64
N ALA A 86 7.42 9.40 1.25
CA ALA A 86 6.17 8.67 1.11
C ALA A 86 5.00 9.42 1.74
N LEU A 87 5.27 10.45 2.52
CA LEU A 87 4.21 11.18 3.23
C LEU A 87 3.13 11.69 2.27
N LYS A 88 3.53 12.28 1.15
CA LYS A 88 2.57 12.77 0.18
C LYS A 88 1.74 11.68 -0.48
N ILE A 89 2.37 10.54 -0.70
CA ILE A 89 1.70 9.43 -1.36
C ILE A 89 0.73 8.79 -0.38
N ARG A 90 1.12 8.75 0.87
CA ARG A 90 0.28 8.20 1.92
C ARG A 90 -1.04 8.94 2.08
N GLU A 91 -1.09 10.20 1.66
CA GLU A 91 -2.32 10.99 1.79
C GLU A 91 -3.47 10.24 1.11
N GLU A 92 -3.23 9.63 -0.05
CA GLU A 92 -4.24 8.75 -0.65
C GLU A 92 -4.14 7.31 -0.17
N LEU A 93 -2.94 6.74 -0.09
CA LEU A 93 -2.80 5.32 0.30
C LEU A 93 -3.46 4.92 1.61
N LEU A 94 -3.39 5.77 2.64
CA LEU A 94 -3.97 5.44 3.96
C LEU A 94 -5.41 5.18 3.82
N LYS A 95 -5.99 5.95 2.93
CA LYS A 95 -7.43 5.91 2.69
C LYS A 95 -7.84 4.63 1.99
N ILE A 96 -7.12 4.27 0.95
CA ILE A 96 -7.45 3.07 0.16
C ILE A 96 -7.54 1.83 1.05
N LEU A 97 -6.61 1.67 1.99
CA LEU A 97 -6.64 0.61 2.95
C LEU A 97 -7.92 0.49 3.79
N GLN A 98 -8.65 1.59 3.97
CA GLN A 98 -9.89 1.60 4.76
C GLN A 98 -11.10 1.36 3.83
N GLU A 99 -10.86 1.40 2.53
CA GLU A 99 -11.91 1.15 1.54
C GLU A 99 -12.04 -0.34 1.26
N LEU A 100 -11.11 -1.14 1.77
CA LEU A 100 -11.12 -2.57 1.55
C LEU A 100 -12.34 -3.21 2.25
N PRO A 101 -12.94 -4.24 1.61
CA PRO A 101 -14.14 -4.87 2.16
C PRO A 101 -13.91 -5.73 3.39
N SER A 102 -13.23 -6.85 3.19
CA SER A 102 -12.93 -7.80 4.25
C SER A 102 -11.62 -8.51 3.96
N VAL A 103 -10.58 -7.72 3.82
CA VAL A 103 -9.23 -8.24 3.60
C VAL A 103 -8.93 -9.13 4.81
N SER A 104 -8.41 -10.32 4.55
CA SER A 104 -8.14 -11.24 5.65
C SER A 104 -7.07 -10.65 6.54
N GLN A 105 -7.13 -10.98 7.81
CA GLN A 105 -6.15 -10.50 8.78
C GLN A 105 -4.82 -11.12 8.42
N GLU A 106 -4.87 -12.30 7.82
CA GLU A 106 -3.66 -12.98 7.37
C GLU A 106 -3.00 -12.24 6.21
N THR A 107 -3.77 -11.58 5.35
CA THR A 107 -3.18 -10.83 4.24
C THR A 107 -2.44 -9.64 4.82
N LEU A 108 -3.08 -8.96 5.78
CA LEU A 108 -2.48 -7.82 6.46
C LEU A 108 -1.21 -8.25 7.21
N LYS A 109 -1.26 -9.44 7.80
CA LYS A 109 -0.13 -10.01 8.53
C LYS A 109 1.02 -10.42 7.60
N HIS A 110 0.70 -11.03 6.46
CA HIS A 110 1.71 -11.44 5.48
C HIS A 110 2.41 -10.23 4.91
N SER A 111 1.63 -9.26 4.43
CA SER A 111 2.17 -8.06 3.82
C SER A 111 2.95 -7.26 4.85
N GLY A 112 2.44 -7.21 6.07
CA GLY A 112 3.06 -6.44 7.11
C GLY A 112 2.60 -5.00 7.05
N ILE A 113 1.54 -4.74 6.31
CA ILE A 113 1.00 -3.38 6.19
C ILE A 113 0.56 -2.88 7.57
N GLY A 114 0.07 -3.77 8.42
CA GLY A 114 -0.32 -3.38 9.77
C GLY A 114 0.89 -2.95 10.57
N ARG A 115 2.02 -3.59 10.35
CA ARG A 115 3.26 -3.22 11.06
C ARG A 115 3.77 -1.89 10.51
N ALA A 116 3.64 -1.71 9.21
CA ALA A 116 4.10 -0.49 8.55
C ALA A 116 3.32 0.75 9.01
N VAL A 117 2.00 0.64 9.12
CA VAL A 117 1.20 1.79 9.55
C VAL A 117 1.52 2.13 11.02
N MET A 118 1.80 1.13 11.85
CA MET A 118 2.14 1.38 13.24
C MET A 118 3.49 2.10 13.36
N TYR A 119 4.44 1.75 12.49
CA TYR A 119 5.75 2.42 12.49
C TYR A 119 5.56 3.90 12.27
N LEU A 120 4.74 4.24 11.28
CA LEU A 120 4.51 5.62 10.90
C LEU A 120 3.69 6.36 11.95
N TYR A 121 2.70 5.71 12.51
CA TYR A 121 1.87 6.33 13.55
C TYR A 121 2.71 6.77 14.74
N LYS A 122 3.78 6.04 15.02
CA LYS A 122 4.68 6.40 16.11
C LYS A 122 5.86 7.26 15.65
N HIS A 123 5.93 7.62 14.37
CA HIS A 123 7.05 8.39 13.88
C HIS A 123 6.97 9.81 14.44
N PRO A 124 8.05 10.31 15.08
CA PRO A 124 7.95 11.63 15.70
C PRO A 124 7.98 12.81 14.73
N LYS A 125 8.37 12.58 13.48
CA LYS A 125 8.49 13.66 12.50
C LYS A 125 7.30 13.82 11.55
N GLU A 126 6.35 12.91 11.57
CA GLU A 126 5.27 12.99 10.58
C GLU A 126 4.07 13.85 10.99
N SER A 127 3.40 14.41 10.00
CA SER A 127 2.27 15.29 10.21
C SER A 127 1.07 14.62 10.89
N ARG A 128 0.41 15.36 11.79
CA ARG A 128 -0.74 14.84 12.53
C ARG A 128 -1.90 14.39 11.64
N SER A 129 -2.06 15.01 10.49
CA SER A 129 -3.13 14.65 9.57
C SER A 129 -2.97 13.23 9.04
N ASN A 130 -1.72 12.84 8.80
CA ASN A 130 -1.43 11.49 8.31
C ASN A 130 -1.68 10.50 9.44
N LYS A 131 -1.32 10.90 10.66
CA LYS A 131 -1.53 10.05 11.83
C LYS A 131 -2.98 9.79 12.12
N ASP A 132 -3.86 10.73 11.81
CA ASP A 132 -5.28 10.53 12.08
C ASP A 132 -5.81 9.29 11.39
N MET A 133 -5.54 9.18 10.11
CA MET A 133 -6.03 8.05 9.33
C MET A 133 -5.23 6.80 9.65
N ALA A 134 -3.96 6.97 9.96
CA ALA A 134 -3.12 5.85 10.38
C ALA A 134 -3.67 5.24 11.68
N GLY A 135 -4.19 6.10 12.54
CA GLY A 135 -4.77 5.65 13.79
C GLY A 135 -6.05 4.87 13.58
N LYS A 136 -6.85 5.27 12.60
CA LYS A 136 -8.10 4.54 12.30
C LYS A 136 -7.73 3.13 11.88
N LEU A 137 -6.72 3.02 11.02
CA LEU A 137 -6.27 1.73 10.54
C LEU A 137 -5.83 0.80 11.67
N ILE A 138 -5.15 1.33 12.68
CA ILE A 138 -4.72 0.51 13.80
C ILE A 138 -5.93 -0.07 14.57
N ASN A 139 -7.03 0.67 14.60
CA ASN A 139 -8.23 0.21 15.30
C ASN A 139 -9.04 -0.81 14.49
N GLU A 140 -9.23 -0.54 13.20
CA GLU A 140 -10.01 -1.45 12.35
C GLU A 140 -9.24 -2.73 12.03
N TRP A 141 -7.92 -2.63 11.92
CA TRP A 141 -7.08 -3.80 11.69
C TRP A 141 -6.74 -4.39 13.06
N SER A 142 -7.62 -5.27 13.55
CA SER A 142 -7.47 -5.90 14.87
C SER A 142 -6.12 -6.56 15.13
N ARG A 143 -5.43 -6.93 14.05
CA ARG A 143 -4.07 -7.51 14.11
C ARG A 143 -3.90 -8.63 15.15
N PRO A 144 -4.46 -9.82 14.87
CA PRO A 144 -4.31 -10.92 15.83
C PRO A 144 -2.84 -11.31 16.01
N ILE A 145 -2.55 -11.92 17.16
CA ILE A 145 -1.17 -12.26 17.56
C ILE A 145 -0.46 -10.90 17.67
N PHE A 146 -1.09 -10.01 18.40
CA PHE A 146 -0.61 -8.64 18.61
C PHE A 146 0.76 -8.64 19.29
N GLY A 147 0.95 -9.62 20.17
CA GLY A 147 2.20 -9.78 20.88
C GLY A 147 2.14 -11.07 21.68
N LEU A 148 2.67 -12.15 21.12
CA LEU A 148 2.67 -13.46 21.79
C LEU A 148 3.77 -13.51 22.84
N GLY A 149 4.84 -12.77 22.59
CA GLY A 149 5.98 -12.72 23.46
C GLY A 149 6.90 -11.73 22.79
N SER A 150 8.15 -11.63 23.21
CA SER A 150 9.12 -10.72 22.61
C SER A 150 10.47 -11.38 22.76
N SER A 1 -8.93 -25.19 -16.72
CA SER A 1 -9.95 -25.48 -17.75
C SER A 1 -11.02 -24.41 -17.76
N ASN A 2 -11.67 -24.19 -18.89
CA ASN A 2 -12.72 -23.19 -18.99
C ASN A 2 -13.90 -23.63 -18.14
N ALA A 3 -14.64 -22.68 -17.59
CA ALA A 3 -15.84 -22.98 -16.82
C ALA A 3 -16.96 -23.16 -17.85
N ALA A 4 -18.12 -23.63 -17.41
CA ALA A 4 -19.26 -23.80 -18.30
C ALA A 4 -19.68 -22.45 -18.92
N SER A 5 -19.43 -21.37 -18.18
CA SER A 5 -19.75 -20.02 -18.63
C SER A 5 -18.56 -19.32 -19.27
N GLY A 6 -17.49 -20.05 -19.57
CA GLY A 6 -16.30 -19.43 -20.13
C GLY A 6 -15.50 -18.76 -19.02
N THR A 7 -15.20 -17.48 -19.21
CA THR A 7 -14.49 -16.68 -18.21
C THR A 7 -15.23 -15.34 -18.19
N PHE A 8 -15.00 -14.53 -17.16
CA PHE A 8 -15.66 -13.23 -17.06
C PHE A 8 -14.66 -12.15 -16.66
N ILE A 9 -13.77 -12.48 -15.74
CA ILE A 9 -12.71 -11.56 -15.31
C ILE A 9 -11.42 -12.19 -15.80
N SER A 10 -10.66 -11.44 -16.59
CA SER A 10 -9.36 -11.89 -17.09
C SER A 10 -8.48 -10.68 -17.37
N ASP A 11 -8.93 -9.84 -18.30
CA ASP A 11 -8.21 -8.62 -18.67
C ASP A 11 -7.93 -7.73 -17.48
N ALA A 12 -8.92 -7.64 -16.59
CA ALA A 12 -8.79 -6.80 -15.40
C ALA A 12 -7.76 -7.37 -14.42
N ASP A 13 -7.62 -8.69 -14.40
CA ASP A 13 -6.70 -9.34 -13.48
C ASP A 13 -5.27 -9.07 -13.91
N ASP A 14 -5.05 -9.09 -15.22
CA ASP A 14 -3.74 -8.76 -15.78
C ASP A 14 -3.37 -7.33 -15.38
N VAL A 15 -4.34 -6.43 -15.40
CA VAL A 15 -4.10 -5.04 -15.01
C VAL A 15 -3.80 -4.92 -13.52
N VAL A 16 -4.51 -5.66 -12.69
CA VAL A 16 -4.25 -5.64 -11.24
C VAL A 16 -2.85 -6.18 -11.00
N SER A 17 -2.51 -7.29 -11.62
CA SER A 17 -1.19 -7.89 -11.44
C SER A 17 -0.09 -6.95 -11.94
N ALA A 18 -0.35 -6.29 -13.06
CA ALA A 18 0.60 -5.33 -13.61
C ALA A 18 0.77 -4.16 -12.64
N MET A 19 -0.31 -3.76 -11.99
CA MET A 19 -0.23 -2.67 -11.03
C MET A 19 0.65 -3.03 -9.84
N ILE A 20 0.46 -4.20 -9.24
CA ILE A 20 1.29 -4.62 -8.11
C ILE A 20 2.76 -4.69 -8.51
N VAL A 21 3.08 -5.29 -9.65
CA VAL A 21 4.48 -5.38 -10.02
C VAL A 21 5.07 -4.00 -10.31
N LYS A 22 4.33 -3.08 -10.93
CA LYS A 22 4.88 -1.75 -11.21
C LYS A 22 5.04 -0.92 -9.94
N MET A 23 4.16 -1.11 -8.98
CA MET A 23 4.33 -0.48 -7.67
C MET A 23 5.64 -0.98 -7.06
N ASN A 24 5.94 -2.26 -7.22
CA ASN A 24 7.18 -2.83 -6.71
C ASN A 24 8.40 -2.24 -7.41
N GLU A 25 8.35 -2.13 -8.73
CA GLU A 25 9.48 -1.58 -9.48
C GLU A 25 9.76 -0.15 -9.07
N ALA A 26 8.71 0.64 -8.89
CA ALA A 26 8.87 2.03 -8.44
C ALA A 26 9.50 2.08 -7.05
N ALA A 27 9.11 1.15 -6.19
CA ALA A 27 9.65 1.12 -4.84
C ALA A 27 11.15 0.80 -4.88
N GLU A 28 11.55 -0.18 -5.68
CA GLU A 28 12.95 -0.56 -5.79
C GLU A 28 13.79 0.49 -6.47
N GLU A 29 13.25 1.11 -7.51
CA GLU A 29 13.98 2.15 -8.20
C GLU A 29 14.31 3.29 -7.24
N ASP A 30 13.37 3.65 -6.37
CA ASP A 30 13.60 4.70 -5.40
C ASP A 30 14.78 4.34 -4.49
N ARG A 31 14.93 3.08 -4.14
CA ARG A 31 16.06 2.62 -3.31
C ARG A 31 17.38 2.80 -4.05
N GLN A 32 17.37 2.64 -5.37
CA GLN A 32 18.60 2.73 -6.16
C GLN A 32 19.02 4.18 -6.25
N LEU A 33 18.03 5.01 -6.53
CA LEU A 33 18.24 6.45 -6.64
C LEU A 33 18.76 6.99 -5.32
N ASN A 34 18.16 6.57 -4.23
CA ASN A 34 18.60 6.93 -2.90
C ASN A 34 20.00 6.42 -2.56
N ASN A 35 20.40 5.29 -3.13
CA ASN A 35 21.72 4.72 -2.89
C ASN A 35 22.76 5.66 -3.48
N GLN A 36 22.37 6.31 -4.56
CA GLN A 36 23.24 7.27 -5.25
C GLN A 36 23.05 8.68 -4.68
N LYS A 37 22.25 8.78 -3.63
CA LYS A 37 21.91 10.05 -2.95
C LYS A 37 21.32 11.06 -3.93
N LYS A 38 20.48 10.56 -4.83
CA LYS A 38 19.76 11.40 -5.78
C LYS A 38 18.32 11.40 -5.34
N PRO A 39 17.56 12.46 -5.69
CA PRO A 39 16.14 12.44 -5.33
C PRO A 39 15.44 11.22 -5.94
N ALA A 40 14.54 10.62 -5.17
CA ALA A 40 13.84 9.43 -5.61
C ALA A 40 12.35 9.74 -5.48
N LEU A 41 11.62 9.65 -6.58
CA LEU A 41 10.22 10.07 -6.61
C LEU A 41 9.39 9.13 -7.48
N LYS A 42 9.81 7.89 -7.63
CA LYS A 42 9.12 6.96 -8.50
C LYS A 42 7.75 6.63 -7.95
N LYS A 43 7.66 6.40 -6.64
CA LYS A 43 6.35 6.15 -6.02
C LYS A 43 5.48 7.41 -6.16
N LEU A 44 6.10 8.57 -6.09
CA LEU A 44 5.38 9.85 -6.15
C LEU A 44 4.80 10.10 -7.54
N THR A 45 5.57 9.83 -8.58
CA THR A 45 5.09 10.05 -9.96
C THR A 45 4.05 8.99 -10.34
N LEU A 46 4.10 7.85 -9.67
CA LEU A 46 3.15 6.78 -9.91
C LEU A 46 1.87 6.99 -9.10
N LEU A 47 1.95 7.82 -8.08
CA LEU A 47 0.82 8.07 -7.19
C LEU A 47 -0.51 8.34 -7.92
N PRO A 48 -0.58 9.33 -8.84
CA PRO A 48 -1.92 9.50 -9.43
C PRO A 48 -2.30 8.38 -10.40
N ALA A 49 -1.28 7.71 -10.93
CA ALA A 49 -1.47 6.64 -11.87
C ALA A 49 -2.02 5.39 -11.17
N VAL A 50 -1.49 5.07 -10.00
CA VAL A 50 -1.97 3.91 -9.25
C VAL A 50 -3.32 4.21 -8.66
N VAL A 51 -3.55 5.44 -8.18
CA VAL A 51 -4.83 5.81 -7.57
C VAL A 51 -6.00 5.43 -8.44
N MET A 52 -5.90 5.72 -9.73
CA MET A 52 -6.98 5.40 -10.67
C MET A 52 -7.31 3.90 -10.66
N HIS A 53 -6.27 3.08 -10.57
CA HIS A 53 -6.44 1.63 -10.53
C HIS A 53 -6.81 1.13 -9.13
N LEU A 54 -6.22 1.73 -8.11
CA LEU A 54 -6.41 1.28 -6.73
C LEU A 54 -7.86 1.52 -6.31
N LYS A 55 -8.52 2.47 -6.95
CA LYS A 55 -9.92 2.77 -6.70
C LYS A 55 -10.90 1.73 -7.22
N LYS A 56 -10.42 0.70 -7.91
CA LYS A 56 -11.30 -0.35 -8.42
C LYS A 56 -11.76 -1.28 -7.32
N GLN A 57 -12.78 -0.85 -6.60
CA GLN A 57 -13.42 -1.65 -5.56
C GLN A 57 -14.11 -2.83 -6.25
N ASP A 58 -14.36 -2.67 -7.54
CA ASP A 58 -14.92 -3.73 -8.38
C ASP A 58 -14.02 -4.97 -8.38
N LEU A 59 -12.73 -4.73 -8.11
CA LEU A 59 -11.69 -5.75 -8.14
C LEU A 59 -10.97 -5.86 -6.80
N LYS A 60 -11.62 -5.41 -5.74
CA LYS A 60 -11.02 -5.39 -4.39
C LYS A 60 -10.45 -6.74 -3.97
N GLU A 61 -11.13 -7.82 -4.33
CA GLU A 61 -10.69 -9.16 -3.94
C GLU A 61 -9.43 -9.55 -4.69
N THR A 62 -9.38 -9.22 -5.97
CA THR A 62 -8.22 -9.51 -6.79
C THR A 62 -7.02 -8.72 -6.25
N PHE A 63 -7.25 -7.47 -5.89
CA PHE A 63 -6.19 -6.62 -5.35
C PHE A 63 -5.62 -7.19 -4.05
N ILE A 64 -6.48 -7.74 -3.21
CA ILE A 64 -6.03 -8.31 -1.94
C ILE A 64 -5.21 -9.57 -2.20
N ASP A 65 -5.71 -10.46 -3.07
CA ASP A 65 -5.04 -11.73 -3.35
C ASP A 65 -3.70 -11.56 -4.10
N SER A 66 -3.66 -10.58 -4.99
CA SER A 66 -2.44 -10.28 -5.76
C SER A 66 -1.39 -9.58 -4.90
N GLY A 67 -1.72 -9.29 -3.65
CA GLY A 67 -0.76 -8.72 -2.73
C GLY A 67 -0.56 -7.23 -2.81
N VAL A 68 -1.58 -6.46 -3.16
CA VAL A 68 -1.45 -5.00 -3.17
C VAL A 68 -1.04 -4.53 -1.79
N MET A 69 -1.49 -5.24 -0.77
CA MET A 69 -1.17 -4.92 0.61
C MET A 69 0.34 -4.92 0.84
N SER A 70 1.04 -5.80 0.14
CA SER A 70 2.49 -5.91 0.27
C SER A 70 3.16 -4.77 -0.50
N ALA A 71 2.60 -4.44 -1.65
CA ALA A 71 3.17 -3.37 -2.46
C ALA A 71 2.98 -2.01 -1.77
N ILE A 72 1.80 -1.79 -1.19
CA ILE A 72 1.54 -0.56 -0.43
C ILE A 72 2.47 -0.52 0.78
N LYS A 73 2.69 -1.67 1.42
CA LYS A 73 3.61 -1.75 2.56
C LYS A 73 5.01 -1.27 2.16
N GLU A 74 5.51 -1.69 1.00
CA GLU A 74 6.82 -1.23 0.55
C GLU A 74 6.79 0.26 0.23
N TRP A 75 5.66 0.76 -0.22
CA TRP A 75 5.53 2.18 -0.50
C TRP A 75 5.63 3.02 0.75
N LEU A 76 5.08 2.54 1.86
CA LEU A 76 5.13 3.25 3.13
C LEU A 76 6.54 3.28 3.70
N SER A 77 7.33 2.30 3.35
CA SER A 77 8.67 2.17 3.88
C SER A 77 9.59 3.27 3.33
N PRO A 78 10.23 4.04 4.21
CA PRO A 78 11.14 5.08 3.72
C PRO A 78 12.46 4.53 3.24
N LEU A 79 13.23 5.40 2.61
CA LEU A 79 14.49 5.05 1.99
C LEU A 79 15.62 5.22 3.02
N PRO A 80 16.85 4.69 2.76
CA PRO A 80 17.91 4.82 3.77
C PRO A 80 18.39 6.25 4.09
N ASP A 81 17.83 7.24 3.42
CA ASP A 81 18.10 8.64 3.74
C ASP A 81 17.35 9.03 5.03
N ARG A 82 16.47 8.13 5.48
CA ARG A 82 15.67 8.25 6.72
C ARG A 82 14.62 9.36 6.69
N SER A 83 14.52 10.07 5.57
CA SER A 83 13.48 11.03 5.36
C SER A 83 12.32 10.17 4.91
N LEU A 84 11.13 10.71 5.04
CA LEU A 84 9.90 10.00 4.66
C LEU A 84 9.25 10.59 3.39
N PRO A 85 9.80 10.28 2.19
CA PRO A 85 9.10 10.85 1.02
C PRO A 85 7.73 10.22 0.83
N ALA A 86 7.56 9.04 1.42
CA ALA A 86 6.32 8.29 1.37
C ALA A 86 5.16 9.02 2.06
N LEU A 87 5.46 10.03 2.87
CA LEU A 87 4.41 10.72 3.61
C LEU A 87 3.34 11.28 2.68
N LYS A 88 3.76 11.94 1.59
CA LYS A 88 2.81 12.48 0.63
C LYS A 88 2.01 11.44 -0.10
N ILE A 89 2.61 10.29 -0.39
CA ILE A 89 1.91 9.25 -1.12
C ILE A 89 0.91 8.60 -0.18
N ARG A 90 1.30 8.46 1.08
CA ARG A 90 0.41 7.92 2.10
C ARG A 90 -0.89 8.70 2.22
N GLU A 91 -0.89 9.98 1.88
CA GLU A 91 -2.10 10.78 2.02
C GLU A 91 -3.27 10.14 1.26
N GLU A 92 -3.03 9.60 0.06
CA GLU A 92 -4.06 8.81 -0.61
C GLU A 92 -4.06 7.33 -0.22
N LEU A 93 -2.88 6.72 -0.10
CA LEU A 93 -2.81 5.28 0.22
C LEU A 93 -3.55 4.88 1.49
N LEU A 94 -3.50 5.71 2.52
CA LEU A 94 -4.16 5.39 3.79
C LEU A 94 -5.62 5.24 3.56
N LYS A 95 -6.11 6.07 2.68
CA LYS A 95 -7.54 6.10 2.36
C LYS A 95 -7.94 4.82 1.67
N ILE A 96 -7.20 4.44 0.63
CA ILE A 96 -7.52 3.24 -0.14
C ILE A 96 -7.49 2.00 0.76
N LEU A 97 -6.58 1.98 1.72
CA LEU A 97 -6.47 0.88 2.67
C LEU A 97 -7.74 0.68 3.52
N GLN A 98 -8.53 1.73 3.71
CA GLN A 98 -9.77 1.63 4.50
C GLN A 98 -10.96 1.25 3.61
N GLU A 99 -10.76 1.28 2.31
CA GLU A 99 -11.83 0.94 1.34
C GLU A 99 -11.92 -0.57 1.13
N LEU A 100 -10.95 -1.31 1.67
CA LEU A 100 -10.95 -2.75 1.56
C LEU A 100 -12.07 -3.34 2.42
N PRO A 101 -12.72 -4.41 1.96
CA PRO A 101 -13.85 -4.99 2.69
C PRO A 101 -13.50 -5.76 3.97
N SER A 102 -13.03 -6.99 3.82
CA SER A 102 -12.71 -7.85 4.95
C SER A 102 -11.38 -8.54 4.76
N VAL A 103 -10.35 -7.75 4.47
CA VAL A 103 -9.00 -8.29 4.36
C VAL A 103 -8.70 -8.83 5.76
N SER A 104 -8.26 -10.07 5.83
CA SER A 104 -8.06 -10.71 7.12
C SER A 104 -6.86 -10.10 7.81
N GLN A 105 -6.82 -10.22 9.12
CA GLN A 105 -5.68 -9.74 9.89
C GLN A 105 -4.47 -10.49 9.40
N GLU A 106 -4.65 -11.74 9.03
CA GLU A 106 -3.55 -12.56 8.52
C GLU A 106 -2.84 -11.93 7.32
N THR A 107 -3.59 -11.39 6.36
CA THR A 107 -2.95 -10.76 5.21
C THR A 107 -2.20 -9.52 5.66
N LEU A 108 -2.83 -8.74 6.52
CA LEU A 108 -2.22 -7.51 7.04
C LEU A 108 -0.96 -7.80 7.86
N LYS A 109 -1.00 -8.91 8.58
CA LYS A 109 0.10 -9.41 9.42
C LYS A 109 1.26 -9.93 8.58
N HIS A 110 0.94 -10.71 7.55
CA HIS A 110 1.95 -11.29 6.67
C HIS A 110 2.59 -10.28 5.73
N SER A 111 1.79 -9.41 5.13
CA SER A 111 2.33 -8.35 4.27
C SER A 111 3.10 -7.36 5.14
N GLY A 112 2.70 -7.28 6.40
CA GLY A 112 3.35 -6.36 7.33
C GLY A 112 2.80 -4.96 7.19
N ILE A 113 1.76 -4.79 6.38
CA ILE A 113 1.18 -3.46 6.15
C ILE A 113 0.64 -2.87 7.45
N GLY A 114 0.03 -3.69 8.30
CA GLY A 114 -0.48 -3.19 9.57
C GLY A 114 0.64 -2.62 10.42
N ARG A 115 1.77 -3.32 10.40
CA ARG A 115 2.94 -2.90 11.16
C ARG A 115 3.58 -1.65 10.53
N ALA A 116 3.53 -1.56 9.21
CA ALA A 116 4.07 -0.39 8.50
C ALA A 116 3.22 0.84 8.84
N VAL A 117 1.90 0.70 8.87
CA VAL A 117 1.02 1.80 9.24
C VAL A 117 1.36 2.22 10.66
N MET A 118 1.53 1.25 11.56
CA MET A 118 1.85 1.55 12.95
C MET A 118 3.17 2.31 13.10
N TYR A 119 4.17 1.97 12.31
CA TYR A 119 5.46 2.68 12.35
C TYR A 119 5.26 4.18 12.10
N LEU A 120 4.59 4.51 11.00
CA LEU A 120 4.37 5.90 10.66
C LEU A 120 3.33 6.57 11.56
N TYR A 121 2.44 5.78 12.13
CA TYR A 121 1.44 6.31 13.05
C TYR A 121 2.11 6.84 14.31
N LYS A 122 3.09 6.11 14.81
CA LYS A 122 3.80 6.52 16.03
C LYS A 122 5.01 7.39 15.72
N HIS A 123 5.07 7.94 14.51
CA HIS A 123 6.23 8.71 14.09
C HIS A 123 6.13 10.14 14.60
N PRO A 124 7.22 10.73 15.09
CA PRO A 124 7.17 12.12 15.55
C PRO A 124 7.28 13.18 14.45
N LYS A 125 7.35 12.74 13.20
CA LYS A 125 7.52 13.67 12.05
C LYS A 125 6.43 13.61 10.98
N GLU A 126 5.33 12.93 11.24
CA GLU A 126 4.24 12.82 10.25
C GLU A 126 3.37 14.11 10.23
N SER A 127 2.34 14.14 9.40
CA SER A 127 1.40 15.28 9.38
C SER A 127 0.09 14.81 10.05
N ARG A 128 -0.61 15.72 10.71
CA ARG A 128 -1.80 15.35 11.51
C ARG A 128 -2.83 14.44 10.82
N SER A 129 -3.26 14.79 9.63
CA SER A 129 -4.26 13.99 8.92
C SER A 129 -3.74 12.60 8.57
N ASN A 130 -2.44 12.53 8.33
CA ASN A 130 -1.79 11.28 7.99
C ASN A 130 -1.78 10.36 9.22
N LYS A 131 -1.61 10.95 10.40
CA LYS A 131 -1.65 10.22 11.67
C LYS A 131 -3.06 9.74 11.96
N ASP A 132 -4.05 10.57 11.69
CA ASP A 132 -5.43 10.23 11.99
C ASP A 132 -5.91 8.97 11.28
N MET A 133 -5.70 8.92 9.97
CA MET A 133 -6.18 7.78 9.19
C MET A 133 -5.36 6.56 9.51
N ALA A 134 -4.09 6.77 9.83
CA ALA A 134 -3.23 5.67 10.25
C ALA A 134 -3.78 5.06 11.55
N GLY A 135 -4.28 5.91 12.44
CA GLY A 135 -4.86 5.44 13.68
C GLY A 135 -6.15 4.68 13.45
N LYS A 136 -6.98 5.15 12.53
CA LYS A 136 -8.23 4.46 12.22
C LYS A 136 -7.95 3.07 11.70
N LEU A 137 -6.96 2.97 10.81
CA LEU A 137 -6.64 1.70 10.17
C LEU A 137 -6.30 0.63 11.16
N ILE A 138 -5.44 0.93 12.12
CA ILE A 138 -5.05 -0.04 13.13
C ILE A 138 -6.29 -0.57 13.88
N ASN A 139 -7.28 0.27 14.08
CA ASN A 139 -8.50 -0.11 14.78
C ASN A 139 -9.52 -0.87 13.92
N GLU A 140 -9.78 -0.37 12.73
CA GLU A 140 -10.83 -0.91 11.88
C GLU A 140 -10.44 -2.19 11.15
N TRP A 141 -9.15 -2.47 11.09
CA TRP A 141 -8.63 -3.68 10.47
C TRP A 141 -8.66 -4.88 11.44
N SER A 142 -9.45 -4.78 12.50
CA SER A 142 -9.57 -5.87 13.48
C SER A 142 -10.44 -7.03 12.95
N ARG A 143 -9.99 -7.66 11.87
CA ARG A 143 -10.74 -8.71 11.19
C ARG A 143 -10.04 -10.07 11.05
N PRO A 144 -9.66 -10.71 12.18
CA PRO A 144 -9.05 -12.03 11.95
C PRO A 144 -10.09 -13.09 11.59
N ILE A 145 -9.70 -14.09 10.81
CA ILE A 145 -10.60 -15.22 10.51
C ILE A 145 -9.88 -16.53 10.81
N PHE A 146 -8.60 -16.61 10.49
CA PHE A 146 -7.77 -17.76 10.84
C PHE A 146 -6.48 -17.21 11.47
N GLY A 147 -6.62 -16.10 12.18
CA GLY A 147 -5.48 -15.44 12.78
C GLY A 147 -4.75 -16.26 13.81
N LEU A 148 -5.52 -17.03 14.60
CA LEU A 148 -5.04 -17.92 15.68
C LEU A 148 -4.25 -17.25 16.83
N GLY A 149 -3.64 -16.11 16.60
CA GLY A 149 -2.91 -15.39 17.63
C GLY A 149 -2.51 -14.02 17.11
N SER A 150 -1.85 -13.23 17.95
CA SER A 150 -1.43 -11.87 17.61
C SER A 150 -0.25 -11.91 16.62
N SER A 1 2.42 -16.71 -23.89
CA SER A 1 2.31 -15.24 -23.85
C SER A 1 1.93 -14.70 -25.21
N ASN A 2 1.69 -13.39 -25.30
CA ASN A 2 1.40 -12.70 -26.58
C ASN A 2 0.25 -13.34 -27.37
N ALA A 3 -0.75 -13.86 -26.64
CA ALA A 3 -1.92 -14.55 -27.22
C ALA A 3 -1.59 -15.84 -28.01
N ALA A 4 -0.32 -16.16 -28.18
CA ALA A 4 0.11 -17.36 -28.90
C ALA A 4 -0.21 -18.62 -28.08
N SER A 5 -0.48 -18.40 -26.80
CA SER A 5 -0.85 -19.47 -25.88
C SER A 5 -2.30 -19.26 -25.45
N GLY A 6 -3.00 -18.43 -26.19
CA GLY A 6 -4.35 -18.04 -25.81
C GLY A 6 -4.27 -16.99 -24.72
N THR A 7 -5.40 -16.68 -24.13
CA THR A 7 -5.47 -15.72 -23.03
C THR A 7 -6.32 -16.38 -21.94
N PHE A 8 -5.80 -16.45 -20.73
CA PHE A 8 -6.51 -17.10 -19.61
C PHE A 8 -6.81 -16.12 -18.48
N ILE A 9 -5.92 -15.14 -18.32
CA ILE A 9 -6.07 -14.12 -17.30
C ILE A 9 -6.93 -13.04 -17.95
N SER A 10 -7.93 -12.51 -17.25
CA SER A 10 -8.78 -11.48 -17.85
C SER A 10 -8.01 -10.17 -17.91
N ASP A 11 -8.45 -9.26 -18.77
CA ASP A 11 -7.81 -7.96 -18.93
C ASP A 11 -7.74 -7.23 -17.59
N ALA A 12 -8.81 -7.34 -16.81
CA ALA A 12 -8.88 -6.67 -15.52
C ALA A 12 -7.84 -7.23 -14.55
N ASP A 13 -7.76 -8.55 -14.48
CA ASP A 13 -6.86 -9.22 -13.55
C ASP A 13 -5.41 -8.99 -13.94
N ASP A 14 -5.15 -8.93 -15.24
CA ASP A 14 -3.80 -8.68 -15.73
C ASP A 14 -3.37 -7.27 -15.35
N VAL A 15 -4.28 -6.31 -15.49
CA VAL A 15 -3.97 -4.92 -15.12
C VAL A 15 -3.76 -4.80 -13.61
N VAL A 16 -4.52 -5.53 -12.81
CA VAL A 16 -4.31 -5.51 -11.36
C VAL A 16 -2.93 -6.08 -11.05
N SER A 17 -2.59 -7.19 -11.69
CA SER A 17 -1.30 -7.84 -11.45
C SER A 17 -0.16 -6.93 -11.90
N ALA A 18 -0.34 -6.27 -13.04
CA ALA A 18 0.64 -5.35 -13.58
C ALA A 18 0.81 -4.17 -12.63
N MET A 19 -0.26 -3.75 -11.99
CA MET A 19 -0.19 -2.63 -11.05
C MET A 19 0.67 -3.00 -9.84
N ILE A 20 0.43 -4.15 -9.23
CA ILE A 20 1.22 -4.57 -8.08
C ILE A 20 2.69 -4.66 -8.45
N VAL A 21 3.02 -5.30 -9.56
CA VAL A 21 4.43 -5.43 -9.90
C VAL A 21 5.02 -4.04 -10.20
N LYS A 22 4.31 -3.16 -10.88
CA LYS A 22 4.87 -1.83 -11.17
C LYS A 22 5.08 -1.03 -9.90
N MET A 23 4.16 -1.13 -8.94
CA MET A 23 4.35 -0.49 -7.65
C MET A 23 5.64 -1.03 -7.01
N ASN A 24 5.86 -2.33 -7.10
CA ASN A 24 7.08 -2.93 -6.56
C ASN A 24 8.33 -2.36 -7.23
N GLU A 25 8.35 -2.32 -8.54
CA GLU A 25 9.53 -1.81 -9.26
C GLU A 25 9.81 -0.37 -8.89
N ALA A 26 8.76 0.41 -8.71
CA ALA A 26 8.91 1.81 -8.33
C ALA A 26 9.55 1.92 -6.94
N ALA A 27 9.16 1.03 -6.04
CA ALA A 27 9.70 1.04 -4.68
C ALA A 27 11.18 0.62 -4.71
N GLU A 28 11.52 -0.35 -5.54
CA GLU A 28 12.89 -0.83 -5.67
C GLU A 28 13.78 0.22 -6.32
N GLU A 29 13.27 0.89 -7.34
CA GLU A 29 14.03 1.91 -8.03
C GLU A 29 14.46 2.99 -7.07
N ASP A 30 13.55 3.37 -6.18
CA ASP A 30 13.83 4.38 -5.20
C ASP A 30 15.00 4.00 -4.29
N ARG A 31 15.18 2.71 -3.98
CA ARG A 31 16.33 2.29 -3.18
C ARG A 31 17.62 2.45 -3.97
N GLN A 32 17.55 2.27 -5.28
CA GLN A 32 18.75 2.35 -6.11
C GLN A 32 19.13 3.79 -6.23
N LEU A 33 18.12 4.62 -6.41
CA LEU A 33 18.30 6.05 -6.51
C LEU A 33 18.95 6.56 -5.22
N ASN A 34 18.40 6.17 -4.08
CA ASN A 34 18.99 6.48 -2.79
C ASN A 34 20.43 5.99 -2.62
N ASN A 35 20.79 4.89 -3.29
CA ASN A 35 22.12 4.30 -3.18
C ASN A 35 23.14 5.22 -3.81
N GLN A 36 22.69 6.00 -4.78
CA GLN A 36 23.54 6.93 -5.51
C GLN A 36 23.27 8.35 -5.05
N LYS A 37 22.47 8.46 -3.98
CA LYS A 37 22.10 9.73 -3.33
C LYS A 37 21.37 10.66 -4.28
N LYS A 38 20.64 10.06 -5.20
CA LYS A 38 19.82 10.79 -6.16
C LYS A 38 18.43 10.89 -5.56
N PRO A 39 17.67 11.94 -5.91
CA PRO A 39 16.30 11.99 -5.40
C PRO A 39 15.52 10.76 -5.85
N ALA A 40 14.74 10.19 -4.96
CA ALA A 40 13.97 9.00 -5.26
C ALA A 40 12.49 9.30 -5.08
N LEU A 41 11.78 9.27 -6.20
CA LEU A 41 10.37 9.67 -6.26
C LEU A 41 9.55 8.82 -7.23
N LYS A 42 9.95 7.58 -7.48
CA LYS A 42 9.21 6.74 -8.43
C LYS A 42 7.81 6.41 -7.90
N LYS A 43 7.69 6.19 -6.60
CA LYS A 43 6.36 6.01 -6.00
C LYS A 43 5.53 7.31 -6.10
N LEU A 44 6.18 8.46 -6.09
CA LEU A 44 5.46 9.75 -6.20
C LEU A 44 4.89 9.95 -7.60
N THR A 45 5.69 9.70 -8.63
CA THR A 45 5.22 9.90 -10.01
C THR A 45 4.14 8.90 -10.40
N LEU A 46 4.14 7.77 -9.73
CA LEU A 46 3.23 6.68 -10.05
C LEU A 46 1.97 6.80 -9.20
N LEU A 47 1.99 7.66 -8.20
CA LEU A 47 0.84 7.86 -7.30
C LEU A 47 -0.48 8.18 -8.04
N PRO A 48 -0.51 9.19 -8.93
CA PRO A 48 -1.83 9.48 -9.53
C PRO A 48 -2.25 8.39 -10.51
N ALA A 49 -1.29 7.60 -10.94
CA ALA A 49 -1.52 6.50 -11.84
C ALA A 49 -2.08 5.28 -11.07
N VAL A 50 -1.58 5.02 -9.88
CA VAL A 50 -2.08 3.88 -9.11
C VAL A 50 -3.49 4.12 -8.60
N VAL A 51 -3.78 5.30 -8.08
CA VAL A 51 -5.09 5.55 -7.44
C VAL A 51 -6.27 5.25 -8.34
N MET A 52 -6.15 5.65 -9.59
CA MET A 52 -7.18 5.39 -10.59
C MET A 52 -7.49 3.88 -10.65
N HIS A 53 -6.46 3.06 -10.54
CA HIS A 53 -6.61 1.61 -10.52
C HIS A 53 -7.03 1.10 -9.14
N LEU A 54 -6.46 1.67 -8.09
CA LEU A 54 -6.71 1.21 -6.72
C LEU A 54 -8.15 1.46 -6.29
N LYS A 55 -8.78 2.46 -6.88
CA LYS A 55 -10.19 2.79 -6.57
C LYS A 55 -11.18 1.83 -7.22
N LYS A 56 -10.70 0.90 -8.05
CA LYS A 56 -11.57 -0.06 -8.71
C LYS A 56 -11.92 -1.19 -7.75
N GLN A 57 -12.87 -0.89 -6.88
CA GLN A 57 -13.39 -1.84 -5.88
C GLN A 57 -13.96 -3.09 -6.53
N ASP A 58 -14.28 -3.00 -7.81
CA ASP A 58 -14.85 -4.12 -8.54
C ASP A 58 -13.93 -5.35 -8.43
N LEU A 59 -12.62 -5.15 -8.51
CA LEU A 59 -11.63 -6.21 -8.41
C LEU A 59 -10.98 -6.28 -7.03
N LYS A 60 -11.70 -5.89 -5.99
CA LYS A 60 -11.12 -5.84 -4.62
C LYS A 60 -10.45 -7.16 -4.20
N GLU A 61 -11.04 -8.29 -4.55
CA GLU A 61 -10.50 -9.58 -4.14
C GLU A 61 -9.22 -9.88 -4.90
N THR A 62 -9.18 -9.54 -6.17
CA THR A 62 -7.97 -9.74 -6.97
C THR A 62 -6.87 -8.87 -6.40
N PHE A 63 -7.18 -7.65 -6.03
CA PHE A 63 -6.18 -6.74 -5.45
C PHE A 63 -5.62 -7.30 -4.14
N ILE A 64 -6.48 -7.89 -3.33
CA ILE A 64 -6.06 -8.46 -2.05
C ILE A 64 -5.15 -9.67 -2.28
N ASP A 65 -5.55 -10.56 -3.17
CA ASP A 65 -4.79 -11.79 -3.43
C ASP A 65 -3.46 -11.53 -4.15
N SER A 66 -3.46 -10.57 -5.06
CA SER A 66 -2.25 -10.20 -5.81
C SER A 66 -1.23 -9.50 -4.92
N GLY A 67 -1.60 -9.20 -3.70
CA GLY A 67 -0.66 -8.63 -2.76
C GLY A 67 -0.50 -7.12 -2.83
N VAL A 68 -1.55 -6.39 -3.17
CA VAL A 68 -1.49 -4.93 -3.19
C VAL A 68 -1.07 -4.43 -1.80
N MET A 69 -1.49 -5.16 -0.78
CA MET A 69 -1.15 -4.84 0.59
C MET A 69 0.35 -4.78 0.82
N SER A 70 1.08 -5.62 0.10
CA SER A 70 2.52 -5.69 0.23
C SER A 70 3.15 -4.54 -0.52
N ALA A 71 2.57 -4.22 -1.66
CA ALA A 71 3.11 -3.14 -2.47
C ALA A 71 2.84 -1.78 -1.78
N ILE A 72 1.66 -1.61 -1.18
CA ILE A 72 1.36 -0.39 -0.44
C ILE A 72 2.30 -0.30 0.76
N LYS A 73 2.56 -1.42 1.41
CA LYS A 73 3.48 -1.47 2.56
C LYS A 73 4.86 -0.94 2.16
N GLU A 74 5.36 -1.34 1.00
CA GLU A 74 6.66 -0.86 0.55
C GLU A 74 6.63 0.62 0.20
N TRP A 75 5.47 1.11 -0.25
CA TRP A 75 5.34 2.52 -0.58
C TRP A 75 5.30 3.39 0.68
N LEU A 76 4.70 2.90 1.74
CA LEU A 76 4.65 3.61 3.00
C LEU A 76 6.03 3.64 3.64
N SER A 77 6.86 2.66 3.30
CA SER A 77 8.19 2.58 3.85
C SER A 77 9.14 3.56 3.16
N PRO A 78 9.84 4.40 3.93
CA PRO A 78 10.82 5.30 3.34
C PRO A 78 12.14 4.59 3.07
N LEU A 79 13.05 5.32 2.44
CA LEU A 79 14.39 4.84 2.16
C LEU A 79 15.20 4.83 3.47
N PRO A 80 16.36 4.13 3.51
CA PRO A 80 17.16 4.12 4.75
C PRO A 80 17.75 5.48 5.14
N ASP A 81 17.48 6.50 4.35
CA ASP A 81 17.87 7.86 4.67
C ASP A 81 16.96 8.44 5.76
N ARG A 82 15.92 7.68 6.13
CA ARG A 82 14.96 8.01 7.20
C ARG A 82 14.16 9.29 6.96
N SER A 83 14.33 9.88 5.79
CA SER A 83 13.58 11.02 5.38
C SER A 83 12.33 10.41 4.82
N LEU A 84 11.26 11.16 4.84
CA LEU A 84 9.96 10.66 4.40
C LEU A 84 9.42 11.36 3.13
N PRO A 85 10.07 11.20 1.96
CA PRO A 85 9.49 11.86 0.78
C PRO A 85 8.21 11.16 0.32
N ALA A 86 7.96 9.99 0.88
CA ALA A 86 6.80 9.18 0.56
C ALA A 86 5.57 9.67 1.31
N LEU A 87 5.73 10.72 2.10
CA LEU A 87 4.64 11.22 2.92
C LEU A 87 3.40 11.55 2.11
N LYS A 88 3.60 12.26 1.01
CA LYS A 88 2.49 12.65 0.14
C LYS A 88 1.70 11.50 -0.45
N ILE A 89 2.37 10.39 -0.67
CA ILE A 89 1.74 9.24 -1.29
C ILE A 89 0.82 8.54 -0.28
N ARG A 90 1.25 8.55 0.97
CA ARG A 90 0.47 7.91 2.04
C ARG A 90 -0.87 8.55 2.21
N GLU A 91 -0.98 9.83 1.87
CA GLU A 91 -2.24 10.56 2.04
C GLU A 91 -3.35 9.82 1.29
N GLU A 92 -3.07 9.40 0.07
CA GLU A 92 -4.02 8.62 -0.72
C GLU A 92 -3.98 7.14 -0.37
N LEU A 93 -2.79 6.56 -0.34
CA LEU A 93 -2.68 5.11 -0.14
C LEU A 93 -3.21 4.62 1.19
N LEU A 94 -3.04 5.39 2.25
CA LEU A 94 -3.48 4.94 3.55
C LEU A 94 -5.00 5.01 3.60
N LYS A 95 -5.61 5.91 2.84
CA LYS A 95 -7.06 5.94 2.73
C LYS A 95 -7.56 4.68 2.05
N ILE A 96 -6.91 4.30 0.96
CA ILE A 96 -7.30 3.12 0.18
C ILE A 96 -7.33 1.86 1.05
N LEU A 97 -6.40 1.78 2.00
CA LEU A 97 -6.34 0.66 2.93
C LEU A 97 -7.63 0.50 3.77
N GLN A 98 -8.35 1.59 3.96
CA GLN A 98 -9.59 1.59 4.74
C GLN A 98 -10.80 1.24 3.87
N GLU A 99 -10.58 1.19 2.56
CA GLU A 99 -11.66 0.91 1.60
C GLU A 99 -11.74 -0.59 1.29
N LEU A 100 -10.79 -1.35 1.80
CA LEU A 100 -10.76 -2.78 1.58
C LEU A 100 -11.79 -3.46 2.48
N PRO A 101 -12.44 -4.52 1.98
CA PRO A 101 -13.46 -5.26 2.72
C PRO A 101 -12.85 -6.32 3.68
N SER A 102 -13.08 -7.58 3.36
CA SER A 102 -12.68 -8.71 4.20
C SER A 102 -11.31 -9.26 3.86
N VAL A 103 -10.33 -8.37 3.83
CA VAL A 103 -8.94 -8.78 3.61
C VAL A 103 -8.62 -9.69 4.79
N SER A 104 -8.01 -10.84 4.53
CA SER A 104 -7.75 -11.78 5.60
C SER A 104 -6.71 -11.17 6.53
N GLN A 105 -6.77 -11.54 7.79
CA GLN A 105 -5.83 -11.00 8.77
C GLN A 105 -4.44 -11.51 8.43
N GLU A 106 -4.39 -12.66 7.78
CA GLU A 106 -3.12 -13.22 7.34
C GLU A 106 -2.50 -12.38 6.23
N THR A 107 -3.30 -11.76 5.37
CA THR A 107 -2.75 -10.94 4.30
C THR A 107 -2.12 -9.70 4.94
N LEU A 108 -2.82 -9.14 5.92
CA LEU A 108 -2.31 -7.97 6.63
C LEU A 108 -1.00 -8.31 7.37
N LYS A 109 -0.97 -9.52 7.93
CA LYS A 109 0.21 -10.01 8.65
C LYS A 109 1.40 -10.26 7.72
N HIS A 110 1.16 -11.00 6.65
CA HIS A 110 2.21 -11.37 5.70
C HIS A 110 2.76 -10.16 4.97
N SER A 111 1.90 -9.24 4.57
CA SER A 111 2.36 -8.02 3.90
C SER A 111 3.12 -7.14 4.88
N GLY A 112 2.74 -7.21 6.15
CA GLY A 112 3.39 -6.39 7.16
C GLY A 112 2.84 -4.98 7.13
N ILE A 113 1.72 -4.79 6.45
CA ILE A 113 1.09 -3.47 6.32
C ILE A 113 0.68 -2.92 7.70
N GLY A 114 0.29 -3.79 8.61
CA GLY A 114 -0.08 -3.34 9.96
C GLY A 114 1.12 -2.67 10.61
N ARG A 115 2.30 -3.26 10.45
CA ARG A 115 3.52 -2.71 11.01
C ARG A 115 3.88 -1.41 10.28
N ALA A 116 3.60 -1.34 8.99
CA ALA A 116 3.91 -0.15 8.21
C ALA A 116 3.09 1.06 8.68
N VAL A 117 1.80 0.88 8.92
CA VAL A 117 0.98 2.00 9.40
C VAL A 117 1.35 2.33 10.85
N MET A 118 1.67 1.32 11.64
CA MET A 118 2.05 1.54 13.04
C MET A 118 3.33 2.36 13.12
N TYR A 119 4.27 2.08 12.22
CA TYR A 119 5.53 2.81 12.16
C TYR A 119 5.26 4.30 12.04
N LEU A 120 4.38 4.65 11.13
CA LEU A 120 4.07 6.04 10.83
C LEU A 120 3.24 6.69 11.92
N TYR A 121 2.31 5.93 12.47
CA TYR A 121 1.44 6.45 13.53
C TYR A 121 2.24 6.90 14.74
N LYS A 122 3.34 6.21 15.02
CA LYS A 122 4.20 6.56 16.15
C LYS A 122 5.37 7.46 15.73
N HIS A 123 5.57 7.63 14.44
CA HIS A 123 6.67 8.44 13.92
C HIS A 123 6.49 9.91 14.33
N PRO A 124 7.53 10.52 14.92
CA PRO A 124 7.35 11.91 15.40
C PRO A 124 7.26 12.98 14.31
N LYS A 125 7.63 12.63 13.08
CA LYS A 125 7.58 13.59 11.95
C LYS A 125 6.40 13.35 11.00
N GLU A 126 5.52 12.41 11.31
CA GLU A 126 4.37 12.14 10.44
C GLU A 126 3.31 13.21 10.65
N SER A 127 2.67 13.65 9.57
CA SER A 127 1.65 14.69 9.63
C SER A 127 0.44 14.25 10.44
N ARG A 128 -0.21 15.19 11.12
CA ARG A 128 -1.38 14.89 11.96
C ARG A 128 -2.50 14.28 11.14
N SER A 129 -2.68 14.76 9.92
CA SER A 129 -3.71 14.24 9.03
C SER A 129 -3.50 12.76 8.76
N ASN A 130 -2.26 12.39 8.45
CA ASN A 130 -1.94 10.99 8.16
C ASN A 130 -2.15 10.17 9.42
N LYS A 131 -1.77 10.71 10.56
CA LYS A 131 -1.90 10.00 11.83
C LYS A 131 -3.35 9.73 12.22
N ASP A 132 -4.26 10.61 11.84
CA ASP A 132 -5.68 10.40 12.17
C ASP A 132 -6.16 9.10 11.53
N MET A 133 -5.89 8.98 10.23
CA MET A 133 -6.30 7.82 9.47
C MET A 133 -5.47 6.61 9.86
N ALA A 134 -4.22 6.84 10.23
CA ALA A 134 -3.34 5.75 10.67
C ALA A 134 -3.87 5.12 11.96
N GLY A 135 -4.37 5.96 12.86
CA GLY A 135 -4.94 5.46 14.09
C GLY A 135 -6.17 4.63 13.81
N LYS A 136 -7.01 5.10 12.90
CA LYS A 136 -8.20 4.37 12.52
C LYS A 136 -7.86 3.00 11.99
N LEU A 137 -6.86 2.93 11.12
CA LEU A 137 -6.47 1.67 10.49
C LEU A 137 -6.08 0.60 11.49
N ILE A 138 -5.37 1.00 12.52
CA ILE A 138 -4.91 0.04 13.54
C ILE A 138 -6.11 -0.55 14.29
N ASN A 139 -7.17 0.23 14.47
CA ASN A 139 -8.34 -0.23 15.21
C ASN A 139 -9.40 -0.91 14.32
N GLU A 140 -9.50 -0.53 13.06
CA GLU A 140 -10.51 -1.13 12.16
C GLU A 140 -10.00 -2.41 11.51
N TRP A 141 -8.69 -2.57 11.42
CA TRP A 141 -8.12 -3.83 10.99
C TRP A 141 -8.10 -4.71 12.24
N SER A 142 -8.25 -6.02 12.06
CA SER A 142 -8.30 -6.96 13.18
C SER A 142 -9.37 -6.51 14.18
N ARG A 143 -9.00 -6.28 15.43
CA ARG A 143 -9.92 -5.79 16.46
C ARG A 143 -9.08 -5.04 17.48
N PRO A 144 -9.61 -3.98 18.10
CA PRO A 144 -8.84 -3.36 19.19
C PRO A 144 -8.86 -4.27 20.42
N ILE A 145 -8.05 -3.95 21.41
CA ILE A 145 -8.00 -4.74 22.65
C ILE A 145 -8.57 -3.90 23.78
N PHE A 146 -8.95 -4.55 24.87
CA PHE A 146 -9.52 -3.85 26.01
C PHE A 146 -8.44 -3.00 26.68
N GLY A 147 -8.79 -1.76 26.99
CA GLY A 147 -7.88 -0.83 27.63
C GLY A 147 -8.63 0.47 27.71
N LEU A 148 -7.95 1.56 28.01
CA LEU A 148 -8.61 2.87 28.05
C LEU A 148 -8.77 3.34 26.60
N GLY A 149 -9.87 4.03 26.32
CA GLY A 149 -10.14 4.49 24.97
C GLY A 149 -11.04 3.50 24.24
N SER A 150 -10.97 3.50 22.92
CA SER A 150 -11.77 2.60 22.07
C SER A 150 -11.02 2.53 20.75
N SER A 1 4.51 -19.49 -19.98
CA SER A 1 3.06 -19.40 -20.20
C SER A 1 2.64 -17.94 -20.26
N ASN A 2 1.36 -17.69 -20.45
CA ASN A 2 0.81 -16.34 -20.53
C ASN A 2 -0.57 -16.45 -19.93
N ALA A 3 -1.16 -15.31 -19.56
CA ALA A 3 -2.51 -15.33 -19.02
C ALA A 3 -3.47 -15.65 -20.16
N ALA A 4 -4.50 -16.42 -19.86
CA ALA A 4 -5.52 -16.80 -20.83
C ALA A 4 -6.84 -17.01 -20.09
N SER A 5 -6.92 -16.39 -18.91
CA SER A 5 -8.05 -16.50 -17.97
C SER A 5 -8.38 -17.89 -17.41
N GLY A 6 -8.72 -18.82 -18.28
CA GLY A 6 -9.15 -20.14 -17.86
C GLY A 6 -10.64 -20.17 -17.58
N THR A 7 -11.25 -18.99 -17.51
CA THR A 7 -12.69 -18.85 -17.26
C THR A 7 -13.33 -17.90 -18.26
N PHE A 8 -13.03 -16.61 -18.15
CA PHE A 8 -13.56 -15.59 -19.05
C PHE A 8 -12.73 -14.29 -19.02
N ILE A 9 -12.54 -13.73 -17.83
CA ILE A 9 -11.80 -12.46 -17.68
C ILE A 9 -10.30 -12.70 -17.53
N SER A 10 -9.52 -12.06 -18.38
CA SER A 10 -8.05 -12.07 -18.26
C SER A 10 -7.56 -10.63 -18.15
N ASP A 11 -8.17 -9.76 -18.94
CA ASP A 11 -7.77 -8.36 -19.05
C ASP A 11 -7.64 -7.64 -17.71
N ALA A 12 -8.63 -7.81 -16.85
CA ALA A 12 -8.62 -7.13 -15.56
C ALA A 12 -7.53 -7.71 -14.67
N ASP A 13 -7.36 -9.03 -14.74
CA ASP A 13 -6.38 -9.72 -13.89
C ASP A 13 -4.97 -9.27 -14.26
N ASP A 14 -4.72 -9.22 -15.56
CA ASP A 14 -3.42 -8.80 -16.09
C ASP A 14 -3.09 -7.37 -15.63
N VAL A 15 -4.08 -6.49 -15.66
CA VAL A 15 -3.87 -5.10 -15.24
C VAL A 15 -3.63 -4.99 -13.75
N VAL A 16 -4.38 -5.72 -12.94
CA VAL A 16 -4.20 -5.66 -11.48
C VAL A 16 -2.82 -6.22 -11.12
N SER A 17 -2.45 -7.32 -11.75
CA SER A 17 -1.15 -7.92 -11.50
C SER A 17 -0.06 -6.92 -11.86
N ALA A 18 -0.17 -6.32 -13.03
CA ALA A 18 0.78 -5.32 -13.50
C ALA A 18 0.84 -4.13 -12.55
N MET A 19 -0.29 -3.74 -11.99
CA MET A 19 -0.33 -2.63 -11.04
C MET A 19 0.56 -2.91 -9.84
N ILE A 20 0.43 -4.10 -9.28
CA ILE A 20 1.21 -4.50 -8.12
C ILE A 20 2.68 -4.55 -8.49
N VAL A 21 2.97 -5.11 -9.66
CA VAL A 21 4.33 -5.24 -10.13
C VAL A 21 4.96 -3.87 -10.26
N LYS A 22 4.29 -2.95 -10.93
CA LYS A 22 4.87 -1.62 -11.13
C LYS A 22 5.03 -0.86 -9.82
N MET A 23 4.14 -1.08 -8.87
CA MET A 23 4.30 -0.51 -7.54
C MET A 23 5.60 -1.04 -6.93
N ASN A 24 5.85 -2.34 -7.05
CA ASN A 24 7.09 -2.93 -6.54
C ASN A 24 8.32 -2.36 -7.21
N GLU A 25 8.31 -2.28 -8.53
CA GLU A 25 9.46 -1.75 -9.26
C GLU A 25 9.75 -0.31 -8.87
N ALA A 26 8.72 0.51 -8.75
CA ALA A 26 8.89 1.91 -8.37
C ALA A 26 9.46 2.02 -6.95
N ALA A 27 9.08 1.09 -6.09
CA ALA A 27 9.56 1.11 -4.72
C ALA A 27 11.05 0.83 -4.67
N GLU A 28 11.48 -0.17 -5.42
CA GLU A 28 12.90 -0.53 -5.48
C GLU A 28 13.71 0.52 -6.19
N GLU A 29 13.15 1.09 -7.24
CA GLU A 29 13.86 2.11 -8.03
C GLU A 29 14.25 3.28 -7.16
N ASP A 30 13.33 3.75 -6.33
CA ASP A 30 13.61 4.85 -5.45
C ASP A 30 14.76 4.53 -4.50
N ARG A 31 14.89 3.27 -4.10
CA ARG A 31 15.98 2.82 -3.24
C ARG A 31 17.31 2.83 -3.98
N GLN A 32 17.28 2.57 -5.29
CA GLN A 32 18.51 2.55 -6.09
C GLN A 32 18.95 3.97 -6.26
N LEU A 33 17.99 4.81 -6.58
CA LEU A 33 18.24 6.23 -6.77
C LEU A 33 18.83 6.82 -5.50
N ASN A 34 18.23 6.52 -4.37
CA ASN A 34 18.74 6.94 -3.08
C ASN A 34 20.15 6.43 -2.78
N ASN A 35 20.50 5.27 -3.32
CA ASN A 35 21.81 4.67 -3.07
C ASN A 35 22.86 5.49 -3.78
N GLN A 36 22.49 6.13 -4.87
CA GLN A 36 23.38 6.99 -5.63
C GLN A 36 23.22 8.45 -5.21
N LYS A 37 22.42 8.66 -4.17
CA LYS A 37 22.12 10.01 -3.60
C LYS A 37 21.44 10.90 -4.64
N LYS A 38 20.67 10.27 -5.53
CA LYS A 38 19.93 10.99 -6.55
C LYS A 38 18.50 11.16 -6.04
N PRO A 39 17.80 12.21 -6.49
CA PRO A 39 16.40 12.32 -6.07
C PRO A 39 15.61 11.10 -6.51
N ALA A 40 14.69 10.66 -5.67
CA ALA A 40 13.91 9.46 -5.94
C ALA A 40 12.43 9.81 -5.81
N LEU A 41 11.70 9.68 -6.91
CA LEU A 41 10.30 10.09 -6.97
C LEU A 41 9.43 9.13 -7.79
N LYS A 42 9.85 7.88 -7.97
CA LYS A 42 9.07 6.95 -8.77
C LYS A 42 7.74 6.66 -8.11
N LYS A 43 7.70 6.47 -6.80
CA LYS A 43 6.41 6.26 -6.11
C LYS A 43 5.54 7.50 -6.24
N LEU A 44 6.16 8.68 -6.29
CA LEU A 44 5.44 9.95 -6.37
C LEU A 44 4.77 10.13 -7.72
N THR A 45 5.49 9.85 -8.79
CA THR A 45 4.94 10.02 -10.13
C THR A 45 3.92 8.93 -10.46
N LEU A 46 4.00 7.81 -9.76
CA LEU A 46 3.08 6.71 -9.94
C LEU A 46 1.86 6.85 -9.06
N LEU A 47 1.95 7.74 -8.09
CA LEU A 47 0.89 7.92 -7.10
C LEU A 47 -0.50 8.12 -7.72
N PRO A 48 -0.69 9.10 -8.61
CA PRO A 48 -2.07 9.22 -9.11
C PRO A 48 -2.43 8.11 -10.09
N ALA A 49 -1.41 7.54 -10.72
CA ALA A 49 -1.61 6.50 -11.71
C ALA A 49 -2.12 5.24 -11.02
N VAL A 50 -1.56 4.90 -9.87
CA VAL A 50 -2.03 3.73 -9.14
C VAL A 50 -3.33 4.05 -8.46
N VAL A 51 -3.48 5.22 -7.85
CA VAL A 51 -4.72 5.55 -7.11
C VAL A 51 -5.96 5.32 -7.95
N MET A 52 -5.91 5.76 -9.20
CA MET A 52 -7.03 5.56 -10.11
C MET A 52 -7.42 4.07 -10.19
N HIS A 53 -6.43 3.20 -10.27
CA HIS A 53 -6.66 1.77 -10.32
C HIS A 53 -6.91 1.15 -8.93
N LEU A 54 -6.27 1.69 -7.91
CA LEU A 54 -6.35 1.13 -6.56
C LEU A 54 -7.75 1.23 -6.01
N LYS A 55 -8.49 2.23 -6.47
CA LYS A 55 -9.86 2.46 -6.04
C LYS A 55 -10.87 1.64 -6.83
N LYS A 56 -10.41 0.76 -7.72
CA LYS A 56 -11.30 -0.12 -8.46
C LYS A 56 -11.75 -1.26 -7.55
N GLN A 57 -12.74 -0.96 -6.72
CA GLN A 57 -13.34 -1.90 -5.80
C GLN A 57 -13.97 -3.05 -6.58
N ASP A 58 -14.23 -2.85 -7.86
CA ASP A 58 -14.79 -3.90 -8.69
C ASP A 58 -13.90 -5.15 -8.60
N LEU A 59 -12.57 -4.96 -8.65
CA LEU A 59 -11.60 -6.03 -8.53
C LEU A 59 -10.96 -6.10 -7.13
N LYS A 60 -11.70 -5.72 -6.10
CA LYS A 60 -11.12 -5.66 -4.73
C LYS A 60 -10.43 -6.94 -4.30
N GLU A 61 -11.03 -8.09 -4.60
CA GLU A 61 -10.49 -9.38 -4.17
C GLU A 61 -9.21 -9.69 -4.94
N THR A 62 -9.18 -9.37 -6.22
CA THR A 62 -8.01 -9.62 -7.04
C THR A 62 -6.85 -8.78 -6.51
N PHE A 63 -7.12 -7.53 -6.16
CA PHE A 63 -6.08 -6.65 -5.63
C PHE A 63 -5.51 -7.21 -4.33
N ILE A 64 -6.39 -7.70 -3.46
CA ILE A 64 -5.96 -8.24 -2.17
C ILE A 64 -5.10 -9.49 -2.39
N ASP A 65 -5.55 -10.39 -3.25
CA ASP A 65 -4.82 -11.65 -3.50
C ASP A 65 -3.50 -11.43 -4.24
N SER A 66 -3.48 -10.44 -5.13
CA SER A 66 -2.26 -10.09 -5.89
C SER A 66 -1.21 -9.48 -4.97
N GLY A 67 -1.58 -9.23 -3.72
CA GLY A 67 -0.63 -8.71 -2.76
C GLY A 67 -0.49 -7.20 -2.80
N VAL A 68 -1.56 -6.47 -3.12
CA VAL A 68 -1.49 -5.01 -3.12
C VAL A 68 -1.09 -4.53 -1.73
N MET A 69 -1.49 -5.27 -0.71
CA MET A 69 -1.17 -4.91 0.67
C MET A 69 0.34 -4.91 0.88
N SER A 70 1.04 -5.77 0.17
CA SER A 70 2.49 -5.88 0.28
C SER A 70 3.12 -4.75 -0.50
N ALA A 71 2.57 -4.46 -1.68
CA ALA A 71 3.12 -3.42 -2.52
C ALA A 71 2.92 -2.03 -1.86
N ILE A 72 1.78 -1.83 -1.20
CA ILE A 72 1.54 -0.57 -0.49
C ILE A 72 2.52 -0.52 0.70
N LYS A 73 2.73 -1.64 1.37
CA LYS A 73 3.66 -1.69 2.50
C LYS A 73 5.07 -1.29 2.06
N GLU A 74 5.49 -1.70 0.87
CA GLU A 74 6.81 -1.30 0.37
C GLU A 74 6.85 0.21 0.15
N TRP A 75 5.72 0.82 -0.20
CA TRP A 75 5.68 2.26 -0.39
C TRP A 75 5.76 2.98 0.93
N LEU A 76 5.18 2.39 1.97
CA LEU A 76 5.16 3.01 3.31
C LEU A 76 6.54 2.97 3.90
N SER A 77 7.33 2.00 3.46
CA SER A 77 8.70 1.87 3.93
C SER A 77 9.57 2.94 3.27
N PRO A 78 10.18 3.84 4.08
CA PRO A 78 10.98 4.90 3.47
C PRO A 78 12.35 4.44 3.00
N LEU A 79 13.10 5.39 2.46
CA LEU A 79 14.42 5.14 1.91
C LEU A 79 15.46 5.23 3.05
N PRO A 80 16.70 4.72 2.84
CA PRO A 80 17.69 4.81 3.91
C PRO A 80 18.17 6.23 4.25
N ASP A 81 17.59 7.23 3.59
CA ASP A 81 17.83 8.64 3.86
C ASP A 81 17.09 9.04 5.16
N ARG A 82 16.25 8.12 5.64
CA ARG A 82 15.50 8.25 6.91
C ARG A 82 14.44 9.35 6.93
N SER A 83 14.28 10.05 5.82
CA SER A 83 13.22 11.00 5.67
C SER A 83 12.06 10.16 5.17
N LEU A 84 10.89 10.77 5.12
CA LEU A 84 9.71 10.07 4.63
C LEU A 84 9.18 10.75 3.36
N PRO A 85 9.80 10.48 2.19
CA PRO A 85 9.23 11.12 0.99
C PRO A 85 7.86 10.54 0.65
N ALA A 86 7.57 9.40 1.24
CA ALA A 86 6.30 8.72 1.05
C ALA A 86 5.16 9.43 1.75
N LEU A 87 5.45 10.48 2.52
CA LEU A 87 4.41 11.19 3.26
C LEU A 87 3.30 11.71 2.35
N LYS A 88 3.67 12.32 1.22
CA LYS A 88 2.66 12.87 0.31
C LYS A 88 1.85 11.78 -0.36
N ILE A 89 2.52 10.69 -0.65
CA ILE A 89 1.90 9.56 -1.33
C ILE A 89 0.93 8.87 -0.39
N ARG A 90 1.34 8.80 0.88
CA ARG A 90 0.54 8.17 1.92
C ARG A 90 -0.82 8.79 2.11
N GLU A 91 -0.95 10.07 1.80
CA GLU A 91 -2.23 10.75 1.95
C GLU A 91 -3.31 9.98 1.19
N GLU A 92 -3.03 9.62 -0.06
CA GLU A 92 -3.98 8.83 -0.84
C GLU A 92 -3.91 7.34 -0.55
N LEU A 93 -2.71 6.81 -0.43
CA LEU A 93 -2.55 5.37 -0.20
C LEU A 93 -3.21 4.87 1.06
N LEU A 94 -3.09 5.63 2.14
CA LEU A 94 -3.60 5.18 3.39
C LEU A 94 -5.11 5.27 3.38
N LYS A 95 -5.66 6.18 2.61
CA LYS A 95 -7.10 6.23 2.41
C LYS A 95 -7.58 4.95 1.76
N ILE A 96 -6.90 4.51 0.73
CA ILE A 96 -7.27 3.30 -0.01
C ILE A 96 -7.30 2.07 0.92
N LEU A 97 -6.38 2.04 1.89
CA LEU A 97 -6.34 0.95 2.86
C LEU A 97 -7.63 0.86 3.69
N GLN A 98 -8.34 1.98 3.83
CA GLN A 98 -9.60 2.02 4.60
C GLN A 98 -10.78 1.63 3.71
N GLU A 99 -10.54 1.53 2.41
CA GLU A 99 -11.59 1.20 1.44
C GLU A 99 -11.68 -0.30 1.17
N LEU A 100 -10.76 -1.06 1.74
CA LEU A 100 -10.75 -2.49 1.54
C LEU A 100 -11.84 -3.16 2.38
N PRO A 101 -12.46 -4.24 1.85
CA PRO A 101 -13.51 -4.97 2.55
C PRO A 101 -12.96 -5.96 3.59
N SER A 102 -13.10 -7.24 3.30
CA SER A 102 -12.73 -8.31 4.22
C SER A 102 -11.36 -8.89 3.99
N VAL A 103 -10.37 -8.03 3.95
CA VAL A 103 -8.98 -8.48 3.83
C VAL A 103 -8.72 -9.26 5.12
N SER A 104 -8.18 -10.46 4.99
CA SER A 104 -7.98 -11.29 6.16
C SER A 104 -6.88 -10.69 7.04
N GLN A 105 -6.96 -10.97 8.34
CA GLN A 105 -5.95 -10.52 9.27
C GLN A 105 -4.62 -11.10 8.83
N GLU A 106 -4.65 -12.30 8.28
CA GLU A 106 -3.45 -12.96 7.81
C GLU A 106 -2.77 -12.19 6.68
N THR A 107 -3.53 -11.59 5.76
CA THR A 107 -2.92 -10.84 4.68
C THR A 107 -2.25 -9.61 5.26
N LEU A 108 -2.93 -8.94 6.18
CA LEU A 108 -2.39 -7.75 6.83
C LEU A 108 -1.12 -8.08 7.63
N LYS A 109 -1.12 -9.24 8.25
CA LYS A 109 0.00 -9.75 9.05
C LYS A 109 1.18 -10.13 8.17
N HIS A 110 0.92 -10.87 7.11
CA HIS A 110 1.97 -11.36 6.22
C HIS A 110 2.61 -10.25 5.40
N SER A 111 1.80 -9.34 4.86
CA SER A 111 2.33 -8.20 4.12
C SER A 111 3.09 -7.30 5.07
N GLY A 112 2.61 -7.25 6.31
CA GLY A 112 3.22 -6.40 7.32
C GLY A 112 2.71 -4.99 7.24
N ILE A 113 1.66 -4.78 6.45
CA ILE A 113 1.08 -3.46 6.28
C ILE A 113 0.60 -2.89 7.63
N GLY A 114 0.08 -3.76 8.50
CA GLY A 114 -0.36 -3.30 9.82
C GLY A 114 0.79 -2.69 10.60
N ARG A 115 1.94 -3.35 10.54
CA ARG A 115 3.13 -2.86 11.26
C ARG A 115 3.63 -1.58 10.62
N ALA A 116 3.51 -1.47 9.30
CA ALA A 116 3.93 -0.26 8.59
C ALA A 116 3.05 0.94 8.98
N VAL A 117 1.74 0.74 9.10
CA VAL A 117 0.84 1.83 9.53
C VAL A 117 1.23 2.25 10.94
N MET A 118 1.42 1.29 11.83
CA MET A 118 1.77 1.58 13.22
C MET A 118 3.11 2.32 13.33
N TYR A 119 4.08 1.93 12.51
CA TYR A 119 5.38 2.60 12.49
C TYR A 119 5.21 4.08 12.23
N LEU A 120 4.46 4.41 11.20
CA LEU A 120 4.28 5.81 10.81
C LEU A 120 3.34 6.55 11.75
N TYR A 121 2.40 5.84 12.36
CA TYR A 121 1.47 6.43 13.32
C TYR A 121 2.23 7.00 14.51
N LYS A 122 3.29 6.32 14.94
CA LYS A 122 4.10 6.81 16.05
C LYS A 122 5.26 7.69 15.59
N HIS A 123 5.57 7.67 14.30
CA HIS A 123 6.69 8.44 13.77
C HIS A 123 6.46 9.94 13.99
N PRO A 124 7.46 10.66 14.55
CA PRO A 124 7.23 12.07 14.87
C PRO A 124 7.20 13.02 13.67
N LYS A 125 7.58 12.54 12.49
CA LYS A 125 7.58 13.36 11.28
C LYS A 125 6.30 13.18 10.45
N GLU A 126 5.44 12.25 10.84
CA GLU A 126 4.21 11.99 10.11
C GLU A 126 3.18 13.09 10.37
N SER A 127 2.49 13.54 9.34
CA SER A 127 1.52 14.63 9.44
C SER A 127 0.29 14.23 10.28
N ARG A 128 -0.31 15.20 10.94
CA ARG A 128 -1.48 14.96 11.79
C ARG A 128 -2.64 14.35 11.00
N SER A 129 -2.84 14.82 9.77
CA SER A 129 -3.92 14.32 8.93
C SER A 129 -3.74 12.83 8.67
N ASN A 130 -2.52 12.45 8.30
CA ASN A 130 -2.25 11.05 8.03
C ASN A 130 -2.35 10.21 9.29
N LYS A 131 -1.93 10.77 10.42
CA LYS A 131 -2.00 10.05 11.69
C LYS A 131 -3.44 9.80 12.11
N ASP A 132 -4.34 10.72 11.81
CA ASP A 132 -5.74 10.55 12.16
C ASP A 132 -6.28 9.30 11.48
N MET A 133 -6.06 9.22 10.18
CA MET A 133 -6.52 8.05 9.41
C MET A 133 -5.77 6.80 9.84
N ALA A 134 -4.48 6.94 10.12
CA ALA A 134 -3.66 5.81 10.54
C ALA A 134 -4.19 5.20 11.85
N GLY A 135 -4.61 6.05 12.77
CA GLY A 135 -5.16 5.57 14.04
C GLY A 135 -6.43 4.77 13.83
N LYS A 136 -7.25 5.21 12.88
CA LYS A 136 -8.50 4.51 12.58
C LYS A 136 -8.17 3.19 11.92
N LEU A 137 -7.19 3.22 11.04
CA LEU A 137 -6.79 2.07 10.26
C LEU A 137 -6.31 0.91 11.14
N ILE A 138 -5.58 1.23 12.19
CA ILE A 138 -5.13 0.21 13.15
C ILE A 138 -6.34 -0.41 13.84
N ASN A 139 -7.34 0.41 14.15
CA ASN A 139 -8.53 -0.02 14.89
C ASN A 139 -9.59 -0.75 14.06
N GLU A 140 -9.70 -0.40 12.78
CA GLU A 140 -10.73 -0.98 11.92
C GLU A 140 -10.27 -2.27 11.25
N TRP A 141 -8.98 -2.54 11.30
CA TRP A 141 -8.41 -3.78 10.74
C TRP A 141 -8.55 -4.93 11.76
N SER A 142 -9.80 -5.13 12.20
CA SER A 142 -10.20 -6.17 13.16
C SER A 142 -9.65 -5.92 14.57
N ARG A 143 -9.95 -6.86 15.47
CA ARG A 143 -9.60 -6.81 16.92
C ARG A 143 -10.37 -5.70 17.64
N PRO A 144 -10.44 -5.74 18.99
CA PRO A 144 -11.13 -4.58 19.58
C PRO A 144 -10.31 -3.32 19.38
N ILE A 145 -10.99 -2.19 19.23
CA ILE A 145 -10.31 -0.92 19.00
C ILE A 145 -9.47 -0.53 20.22
N PHE A 146 -8.36 0.13 19.95
CA PHE A 146 -7.47 0.59 21.01
C PHE A 146 -7.98 1.94 21.51
N GLY A 147 -7.86 2.17 22.80
CA GLY A 147 -8.26 3.42 23.40
C GLY A 147 -7.25 3.75 24.47
N LEU A 148 -7.12 5.04 24.80
CA LEU A 148 -6.12 5.52 25.78
C LEU A 148 -4.74 5.01 25.32
N GLY A 149 -3.86 4.66 26.25
CA GLY A 149 -2.54 4.13 25.91
C GLY A 149 -1.50 5.13 25.44
N SER A 150 -1.92 6.05 24.57
CA SER A 150 -1.07 7.11 23.97
C SER A 150 -0.15 6.52 22.90
N SER A 1 -7.03 -9.87 -21.57
CA SER A 1 -7.64 -9.58 -22.90
C SER A 1 -9.14 -9.34 -22.77
N ASN A 2 -9.55 -8.08 -22.98
CA ASN A 2 -10.94 -7.55 -22.85
C ASN A 2 -11.24 -7.23 -21.38
N ALA A 3 -11.68 -6.00 -21.14
CA ALA A 3 -11.95 -5.53 -19.78
C ALA A 3 -13.44 -5.62 -19.44
N ALA A 4 -13.73 -6.13 -18.26
CA ALA A 4 -15.09 -6.26 -17.76
C ALA A 4 -14.93 -6.43 -16.25
N SER A 5 -16.03 -6.51 -15.53
CA SER A 5 -16.01 -6.73 -14.08
C SER A 5 -17.18 -7.63 -13.73
N GLY A 6 -17.07 -8.35 -12.63
CA GLY A 6 -18.11 -9.29 -12.21
C GLY A 6 -18.02 -10.61 -12.97
N THR A 7 -18.02 -10.53 -14.29
CA THR A 7 -17.90 -11.69 -15.18
C THR A 7 -17.06 -11.21 -16.34
N PHE A 8 -16.55 -12.13 -17.16
CA PHE A 8 -15.73 -11.84 -18.38
C PHE A 8 -14.41 -11.12 -18.16
N ILE A 9 -14.14 -10.88 -16.90
CA ILE A 9 -12.94 -10.21 -16.42
C ILE A 9 -11.66 -10.84 -16.97
N SER A 10 -10.81 -10.01 -17.56
CA SER A 10 -9.51 -10.49 -18.05
C SER A 10 -8.48 -9.35 -18.09
N ASP A 11 -8.67 -8.34 -18.96
CA ASP A 11 -7.70 -7.22 -19.03
C ASP A 11 -7.63 -6.52 -17.69
N ALA A 12 -8.75 -6.47 -16.99
CA ALA A 12 -8.80 -5.81 -15.71
C ALA A 12 -7.84 -6.48 -14.73
N ASP A 13 -7.85 -7.81 -14.70
CA ASP A 13 -6.99 -8.55 -13.77
C ASP A 13 -5.54 -8.51 -14.25
N ASP A 14 -5.34 -8.49 -15.56
CA ASP A 14 -4.00 -8.37 -16.14
C ASP A 14 -3.39 -7.06 -15.63
N VAL A 15 -4.20 -6.01 -15.63
CA VAL A 15 -3.78 -4.69 -15.17
C VAL A 15 -3.60 -4.67 -13.65
N VAL A 16 -4.43 -5.38 -12.89
CA VAL A 16 -4.25 -5.43 -11.43
C VAL A 16 -2.90 -6.06 -11.12
N SER A 17 -2.57 -7.14 -11.80
CA SER A 17 -1.30 -7.83 -11.58
C SER A 17 -0.18 -6.85 -11.88
N ALA A 18 -0.28 -6.21 -13.04
CA ALA A 18 0.70 -5.23 -13.48
C ALA A 18 0.81 -4.06 -12.49
N MET A 19 -0.29 -3.66 -11.88
CA MET A 19 -0.29 -2.58 -10.93
C MET A 19 0.60 -2.90 -9.75
N ILE A 20 0.44 -4.09 -9.20
CA ILE A 20 1.21 -4.52 -8.06
C ILE A 20 2.68 -4.58 -8.46
N VAL A 21 2.93 -5.17 -9.61
CA VAL A 21 4.28 -5.34 -10.12
C VAL A 21 4.94 -3.98 -10.28
N LYS A 22 4.29 -3.04 -10.94
CA LYS A 22 4.91 -1.74 -11.16
C LYS A 22 5.08 -0.95 -9.88
N MET A 23 4.16 -1.11 -8.94
CA MET A 23 4.34 -0.50 -7.64
C MET A 23 5.62 -1.06 -7.00
N ASN A 24 5.82 -2.37 -7.08
CA ASN A 24 7.04 -2.99 -6.54
C ASN A 24 8.29 -2.47 -7.23
N GLU A 25 8.27 -2.44 -8.55
CA GLU A 25 9.44 -1.95 -9.30
C GLU A 25 9.74 -0.49 -8.95
N ALA A 26 8.71 0.32 -8.83
CA ALA A 26 8.89 1.74 -8.48
C ALA A 26 9.46 1.89 -7.07
N ALA A 27 9.07 1.00 -6.17
CA ALA A 27 9.55 1.06 -4.80
C ALA A 27 11.04 0.76 -4.77
N GLU A 28 11.44 -0.28 -5.49
CA GLU A 28 12.84 -0.68 -5.54
C GLU A 28 13.70 0.29 -6.31
N GLU A 29 13.14 0.85 -7.37
CA GLU A 29 13.86 1.88 -8.12
C GLU A 29 14.25 3.00 -7.17
N ASP A 30 13.33 3.43 -6.32
CA ASP A 30 13.61 4.47 -5.36
C ASP A 30 14.72 4.05 -4.38
N ARG A 31 14.84 2.76 -4.07
CA ARG A 31 15.92 2.27 -3.20
C ARG A 31 17.27 2.45 -3.90
N GLN A 32 17.30 2.24 -5.21
CA GLN A 32 18.53 2.29 -5.98
C GLN A 32 18.95 3.72 -6.09
N LEU A 33 18.00 4.54 -6.45
CA LEU A 33 18.22 5.97 -6.62
C LEU A 33 18.77 6.54 -5.33
N ASN A 34 18.14 6.20 -4.21
CA ASN A 34 18.63 6.59 -2.90
C ASN A 34 20.01 6.07 -2.54
N ASN A 35 20.40 4.92 -3.08
CA ASN A 35 21.69 4.33 -2.76
C ASN A 35 22.76 5.17 -3.42
N GLN A 36 22.40 5.76 -4.55
CA GLN A 36 23.30 6.63 -5.28
C GLN A 36 23.12 8.10 -4.85
N LYS A 37 22.28 8.32 -3.85
CA LYS A 37 21.96 9.65 -3.29
C LYS A 37 21.34 10.58 -4.35
N LYS A 38 20.58 10.00 -5.25
CA LYS A 38 19.85 10.73 -6.28
C LYS A 38 18.44 10.91 -5.76
N PRO A 39 17.74 11.96 -6.21
CA PRO A 39 16.33 12.07 -5.81
C PRO A 39 15.56 10.84 -6.29
N ALA A 40 14.66 10.35 -5.46
CA ALA A 40 13.89 9.16 -5.79
C ALA A 40 12.40 9.49 -5.67
N LEU A 41 11.70 9.40 -6.79
CA LEU A 41 10.29 9.80 -6.89
C LEU A 41 9.46 8.86 -7.75
N LYS A 42 9.88 7.62 -7.94
CA LYS A 42 9.13 6.70 -8.80
C LYS A 42 7.78 6.37 -8.17
N LYS A 43 7.73 6.25 -6.86
CA LYS A 43 6.44 6.06 -6.18
C LYS A 43 5.57 7.30 -6.34
N LEU A 44 6.18 8.48 -6.40
CA LEU A 44 5.43 9.75 -6.48
C LEU A 44 4.79 9.93 -7.85
N THR A 45 5.55 9.70 -8.91
CA THR A 45 5.02 9.85 -10.27
C THR A 45 3.93 8.82 -10.54
N LEU A 46 4.04 7.69 -9.86
CA LEU A 46 3.14 6.58 -10.07
C LEU A 46 1.93 6.67 -9.13
N LEU A 47 2.01 7.54 -8.16
CA LEU A 47 0.96 7.70 -7.15
C LEU A 47 -0.44 8.00 -7.72
N PRO A 48 -0.59 9.03 -8.59
CA PRO A 48 -1.98 9.22 -9.04
C PRO A 48 -2.43 8.15 -10.01
N ALA A 49 -1.46 7.51 -10.66
CA ALA A 49 -1.73 6.46 -11.61
C ALA A 49 -2.24 5.22 -10.87
N VAL A 50 -1.64 4.88 -9.74
CA VAL A 50 -2.13 3.72 -8.99
C VAL A 50 -3.45 4.05 -8.36
N VAL A 51 -3.60 5.24 -7.79
CA VAL A 51 -4.84 5.61 -7.07
C VAL A 51 -6.08 5.31 -7.89
N MET A 52 -6.05 5.69 -9.16
CA MET A 52 -7.18 5.47 -10.04
C MET A 52 -7.50 3.97 -10.16
N HIS A 53 -6.48 3.12 -10.23
CA HIS A 53 -6.69 1.68 -10.32
C HIS A 53 -6.96 1.05 -8.95
N LEU A 54 -6.35 1.58 -7.90
CA LEU A 54 -6.46 0.99 -6.57
C LEU A 54 -7.89 1.06 -6.05
N LYS A 55 -8.63 2.05 -6.51
CA LYS A 55 -10.01 2.24 -6.11
C LYS A 55 -11.01 1.46 -6.96
N LYS A 56 -10.53 0.53 -7.77
CA LYS A 56 -11.44 -0.35 -8.53
C LYS A 56 -12.00 -1.39 -7.55
N GLN A 57 -13.09 -1.02 -6.90
CA GLN A 57 -13.75 -1.91 -5.93
C GLN A 57 -14.28 -3.14 -6.65
N ASP A 58 -14.42 -3.01 -7.96
CA ASP A 58 -14.91 -4.07 -8.82
C ASP A 58 -13.90 -5.21 -8.91
N LEU A 59 -12.69 -4.90 -8.50
CA LEU A 59 -11.54 -5.82 -8.54
C LEU A 59 -10.80 -5.84 -7.20
N LYS A 60 -11.46 -5.41 -6.13
CA LYS A 60 -10.81 -5.32 -4.81
C LYS A 60 -10.29 -6.68 -4.38
N GLU A 61 -11.00 -7.72 -4.75
CA GLU A 61 -10.62 -9.09 -4.38
C GLU A 61 -9.33 -9.47 -5.09
N THR A 62 -9.23 -9.15 -6.37
CA THR A 62 -8.03 -9.46 -7.14
C THR A 62 -6.85 -8.68 -6.57
N PHE A 63 -7.08 -7.43 -6.21
CA PHE A 63 -6.02 -6.59 -5.65
C PHE A 63 -5.47 -7.14 -4.35
N ILE A 64 -6.36 -7.60 -3.47
CA ILE A 64 -5.93 -8.13 -2.18
C ILE A 64 -5.12 -9.40 -2.40
N ASP A 65 -5.61 -10.29 -3.25
CA ASP A 65 -4.95 -11.57 -3.50
C ASP A 65 -3.60 -11.39 -4.21
N SER A 66 -3.53 -10.39 -5.10
CA SER A 66 -2.30 -10.07 -5.82
C SER A 66 -1.24 -9.46 -4.91
N GLY A 67 -1.60 -9.20 -3.67
CA GLY A 67 -0.63 -8.67 -2.71
C GLY A 67 -0.45 -7.18 -2.76
N VAL A 68 -1.49 -6.42 -3.12
CA VAL A 68 -1.40 -4.95 -3.13
C VAL A 68 -0.98 -4.45 -1.77
N MET A 69 -1.41 -5.14 -0.72
CA MET A 69 -1.06 -4.77 0.64
C MET A 69 0.45 -4.75 0.85
N SER A 70 1.16 -5.62 0.14
CA SER A 70 2.61 -5.70 0.28
C SER A 70 3.25 -4.56 -0.49
N ALA A 71 2.68 -4.25 -1.64
CA ALA A 71 3.21 -3.16 -2.45
C ALA A 71 2.95 -1.81 -1.75
N ILE A 72 1.79 -1.65 -1.11
CA ILE A 72 1.47 -0.43 -0.36
C ILE A 72 2.43 -0.35 0.83
N LYS A 73 2.68 -1.47 1.48
CA LYS A 73 3.60 -1.51 2.62
C LYS A 73 4.98 -0.99 2.22
N GLU A 74 5.46 -1.37 1.04
CA GLU A 74 6.76 -0.90 0.58
C GLU A 74 6.71 0.59 0.28
N TRP A 75 5.58 1.07 -0.22
CA TRP A 75 5.44 2.48 -0.54
C TRP A 75 5.40 3.35 0.72
N LEU A 76 4.77 2.86 1.79
CA LEU A 76 4.71 3.58 3.05
C LEU A 76 6.07 3.64 3.73
N SER A 77 6.91 2.67 3.43
CA SER A 77 8.22 2.59 4.04
C SER A 77 9.18 3.59 3.39
N PRO A 78 9.89 4.39 4.22
CA PRO A 78 10.85 5.34 3.69
C PRO A 78 12.16 4.70 3.26
N LEU A 79 13.00 5.51 2.64
CA LEU A 79 14.27 5.06 2.08
C LEU A 79 15.36 5.16 3.16
N PRO A 80 16.54 4.50 2.96
CA PRO A 80 17.59 4.56 3.99
C PRO A 80 18.22 5.93 4.25
N ASP A 81 17.75 6.96 3.55
CA ASP A 81 18.16 8.35 3.76
C ASP A 81 17.52 8.89 5.05
N ARG A 82 16.62 8.08 5.62
CA ARG A 82 15.91 8.34 6.89
C ARG A 82 14.92 9.50 6.83
N SER A 83 14.81 10.12 5.66
CA SER A 83 13.82 11.12 5.43
C SER A 83 12.60 10.37 4.98
N LEU A 84 11.48 11.05 4.96
CA LEU A 84 10.22 10.45 4.52
C LEU A 84 9.73 11.10 3.20
N PRO A 85 10.43 10.87 2.06
CA PRO A 85 9.93 11.55 0.86
C PRO A 85 8.64 10.94 0.32
N ALA A 86 8.31 9.76 0.84
CA ALA A 86 7.14 9.02 0.44
C ALA A 86 5.90 9.53 1.20
N LEU A 87 6.09 10.57 1.99
CA LEU A 87 5.03 11.11 2.83
C LEU A 87 3.78 11.47 2.04
N LYS A 88 3.98 12.15 0.92
CA LYS A 88 2.84 12.64 0.11
C LYS A 88 2.02 11.51 -0.48
N ILE A 89 2.69 10.41 -0.77
CA ILE A 89 2.05 9.23 -1.34
C ILE A 89 1.15 8.54 -0.32
N ARG A 90 1.61 8.48 0.92
CA ARG A 90 0.85 7.82 1.99
C ARG A 90 -0.50 8.45 2.20
N GLU A 91 -0.57 9.75 1.98
CA GLU A 91 -1.80 10.50 2.18
C GLU A 91 -2.92 9.88 1.36
N GLU A 92 -2.63 9.51 0.12
CA GLU A 92 -3.62 8.84 -0.70
C GLU A 92 -3.71 7.35 -0.46
N LEU A 93 -2.57 6.67 -0.41
CA LEU A 93 -2.55 5.22 -0.28
C LEU A 93 -3.17 4.67 0.98
N LEU A 94 -3.06 5.39 2.08
CA LEU A 94 -3.58 4.90 3.33
C LEU A 94 -5.10 4.97 3.33
N LYS A 95 -5.66 5.92 2.58
CA LYS A 95 -7.13 6.00 2.43
C LYS A 95 -7.62 4.68 1.86
N ILE A 96 -6.95 4.23 0.81
CA ILE A 96 -7.31 3.01 0.08
C ILE A 96 -7.31 1.79 1.01
N LEU A 97 -6.41 1.77 1.99
CA LEU A 97 -6.36 0.68 2.96
C LEU A 97 -7.65 0.59 3.79
N GLN A 98 -8.35 1.71 3.97
CA GLN A 98 -9.61 1.74 4.73
C GLN A 98 -10.77 1.35 3.82
N GLU A 99 -10.54 1.34 2.51
CA GLU A 99 -11.57 1.00 1.53
C GLU A 99 -11.65 -0.51 1.31
N LEU A 100 -10.67 -1.25 1.82
CA LEU A 100 -10.68 -2.69 1.66
C LEU A 100 -11.83 -3.31 2.48
N PRO A 101 -12.54 -4.30 1.91
CA PRO A 101 -13.73 -4.86 2.57
C PRO A 101 -13.47 -5.71 3.81
N SER A 102 -12.91 -6.88 3.60
CA SER A 102 -12.62 -7.82 4.67
C SER A 102 -11.38 -8.61 4.36
N VAL A 103 -10.31 -7.88 4.16
CA VAL A 103 -9.01 -8.48 3.88
C VAL A 103 -8.66 -9.37 5.07
N SER A 104 -8.16 -10.57 4.79
CA SER A 104 -7.86 -11.53 5.85
C SER A 104 -6.74 -11.03 6.74
N GLN A 105 -6.77 -11.48 7.98
CA GLN A 105 -5.74 -11.14 8.95
C GLN A 105 -4.41 -11.65 8.43
N GLU A 106 -4.46 -12.77 7.71
CA GLU A 106 -3.25 -13.37 7.16
C GLU A 106 -2.58 -12.48 6.11
N THR A 107 -3.37 -11.82 5.25
CA THR A 107 -2.77 -10.94 4.24
C THR A 107 -2.14 -9.75 4.94
N LEU A 108 -2.87 -9.18 5.91
CA LEU A 108 -2.37 -8.03 6.66
C LEU A 108 -1.07 -8.39 7.40
N LYS A 109 -1.02 -9.61 7.93
CA LYS A 109 0.17 -10.13 8.63
C LYS A 109 1.33 -10.37 7.68
N HIS A 110 1.09 -11.09 6.60
CA HIS A 110 2.14 -11.46 5.65
C HIS A 110 2.74 -10.26 4.94
N SER A 111 1.91 -9.31 4.55
CA SER A 111 2.41 -8.10 3.89
C SER A 111 3.17 -7.23 4.88
N GLY A 112 2.82 -7.33 6.17
CA GLY A 112 3.45 -6.52 7.18
C GLY A 112 2.87 -5.11 7.19
N ILE A 113 1.79 -4.92 6.44
CA ILE A 113 1.16 -3.61 6.30
C ILE A 113 0.68 -3.06 7.65
N GLY A 114 0.25 -3.94 8.55
CA GLY A 114 -0.18 -3.50 9.86
C GLY A 114 0.94 -2.76 10.57
N ARG A 115 2.14 -3.31 10.49
CA ARG A 115 3.30 -2.69 11.13
C ARG A 115 3.70 -1.41 10.40
N ALA A 116 3.49 -1.36 9.09
CA ALA A 116 3.80 -0.16 8.32
C ALA A 116 2.92 1.01 8.80
N VAL A 117 1.64 0.74 9.06
CA VAL A 117 0.75 1.79 9.56
C VAL A 117 1.19 2.18 10.97
N MET A 118 1.49 1.21 11.82
CA MET A 118 1.92 1.49 13.19
C MET A 118 3.19 2.34 13.22
N TYR A 119 4.13 2.06 12.31
CA TYR A 119 5.38 2.81 12.23
C TYR A 119 5.08 4.29 12.08
N LEU A 120 4.25 4.59 11.10
CA LEU A 120 3.94 5.96 10.76
C LEU A 120 3.04 6.61 11.80
N TYR A 121 2.14 5.84 12.38
CA TYR A 121 1.23 6.36 13.38
C TYR A 121 1.97 6.85 14.62
N LYS A 122 3.03 6.16 15.00
CA LYS A 122 3.82 6.57 16.16
C LYS A 122 4.95 7.52 15.77
N HIS A 123 5.13 7.73 14.47
CA HIS A 123 6.20 8.61 14.00
C HIS A 123 5.89 10.07 14.32
N PRO A 124 6.79 10.76 15.04
CA PRO A 124 6.44 12.15 15.43
C PRO A 124 6.46 13.15 14.29
N LYS A 125 7.09 12.81 13.17
CA LYS A 125 7.14 13.71 12.01
C LYS A 125 5.99 13.50 11.02
N GLU A 126 5.13 12.54 11.28
CA GLU A 126 4.04 12.24 10.35
C GLU A 126 2.88 13.24 10.44
N SER A 127 2.22 13.46 9.31
CA SER A 127 1.16 14.45 9.17
C SER A 127 -0.06 14.19 10.05
N ARG A 128 -0.70 15.26 10.50
CA ARG A 128 -1.91 15.16 11.33
C ARG A 128 -3.04 14.47 10.57
N SER A 129 -3.12 14.72 9.27
CA SER A 129 -4.13 14.07 8.43
C SER A 129 -3.91 12.57 8.39
N ASN A 130 -2.67 12.16 8.18
CA ASN A 130 -2.33 10.74 8.11
C ASN A 130 -2.57 10.08 9.44
N LYS A 131 -2.30 10.79 10.53
CA LYS A 131 -2.51 10.27 11.88
C LYS A 131 -3.97 9.93 12.11
N ASP A 132 -4.86 10.74 11.58
CA ASP A 132 -6.30 10.53 11.76
C ASP A 132 -6.71 9.19 11.18
N MET A 133 -6.31 8.95 9.94
CA MET A 133 -6.67 7.73 9.25
C MET A 133 -5.91 6.53 9.81
N ALA A 134 -4.64 6.72 10.11
CA ALA A 134 -3.80 5.63 10.63
C ALA A 134 -4.32 5.09 11.96
N GLY A 135 -4.79 5.97 12.83
CA GLY A 135 -5.31 5.54 14.12
C GLY A 135 -6.52 4.65 13.98
N LYS A 136 -7.35 4.95 12.99
CA LYS A 136 -8.55 4.15 12.73
C LYS A 136 -8.14 2.83 12.15
N LEU A 137 -7.24 2.89 11.18
CA LEU A 137 -6.80 1.71 10.42
C LEU A 137 -6.25 0.58 11.27
N ILE A 138 -5.50 0.93 12.30
CA ILE A 138 -4.93 -0.07 13.22
C ILE A 138 -6.06 -0.82 13.96
N ASN A 139 -7.16 -0.14 14.20
CA ASN A 139 -8.25 -0.71 14.99
C ASN A 139 -9.42 -1.28 14.18
N GLU A 140 -9.67 -0.75 12.99
CA GLU A 140 -10.77 -1.22 12.15
C GLU A 140 -10.37 -2.48 11.41
N TRP A 141 -9.07 -2.68 11.23
CA TRP A 141 -8.59 -3.92 10.63
C TRP A 141 -8.72 -5.01 11.68
N SER A 142 -9.54 -6.01 11.34
CA SER A 142 -9.82 -7.18 12.21
C SER A 142 -10.63 -6.81 13.45
N ARG A 143 -9.98 -6.30 14.49
CA ARG A 143 -10.63 -5.94 15.76
C ARG A 143 -9.80 -4.84 16.42
N PRO A 144 -10.44 -3.97 17.22
CA PRO A 144 -9.62 -2.93 17.85
C PRO A 144 -8.66 -3.49 18.89
N ILE A 145 -7.50 -2.85 19.01
CA ILE A 145 -6.50 -3.25 20.01
C ILE A 145 -6.90 -2.65 21.36
N PHE A 146 -7.82 -1.68 21.30
CA PHE A 146 -8.42 -1.05 22.50
C PHE A 146 -7.39 -0.43 23.46
N GLY A 147 -6.30 0.08 22.92
CA GLY A 147 -5.28 0.70 23.76
C GLY A 147 -4.19 1.29 22.90
N LEU A 148 -3.11 1.76 23.52
CA LEU A 148 -1.99 2.34 22.80
C LEU A 148 -0.72 2.01 23.57
N GLY A 149 0.36 1.74 22.85
CA GLY A 149 1.62 1.39 23.46
C GLY A 149 2.67 1.45 22.37
N SER A 150 3.88 0.97 22.66
CA SER A 150 5.01 0.98 21.72
C SER A 150 5.27 2.41 21.24
#